data_9C22
#
_entry.id   9C22
#
_cell.length_a   182.433
_cell.length_b   194.500
_cell.length_c   214.733
_cell.angle_alpha   90.00
_cell.angle_beta   90.00
_cell.angle_gamma   90.00
#
_symmetry.space_group_name_H-M   'P 21 21 21'
#
loop_
_entity.id
_entity.type
_entity.pdbx_description
1 polymer Hemagglutinin
2 polymer 'Antibody 3E1 Fab light chain'
3 polymer 'Antibody 3E1 Fab heavy chain'
4 branched 2-acetamido-2-deoxy-beta-D-glucopyranose-(1-4)-2-acetamido-2-deoxy-beta-D-glucopyranose
5 branched beta-D-mannopyranose-(1-4)-2-acetamido-2-deoxy-beta-D-glucopyranose-(1-4)-2-acetamido-2-deoxy-beta-D-glucopyranose
6 non-polymer 2-acetamido-2-deoxy-beta-D-glucopyranose
#
loop_
_entity_poly.entity_id
_entity_poly.type
_entity_poly.pdbx_seq_one_letter_code
_entity_poly.pdbx_strand_id
1 'polypeptide(L)'
;GDTLCIGYHANNSTDTVDTLLEKNVTVTHSVNLLEDKHNGKLCSINGKQPISLGDCSFAGWILGNPMCDDLIGKTSWSYI
VEKPNPTNGICYPGTLEDEEELRLKFSGVLEFSKFEAFTSNGWGAVNSGAGVTAACKFGSSNSFFRNMVWLIHQSGTYPV
IKRTFNNTKGRDVLIVWGIHHPATLKEHQDLYKKDSSYVAVGSETYNRRFTPEISTRPNVNGQAGRMTFYWTMVKPGESI
TFESNGAFLAPRYAFEIVSVGNGKLFRSELSIESCNTTCQTPKGAINTSLPFQNIHPITIGKCPKYVKSTKLRLATGLRN
VPSIQSRGLFGAIAGFIEGGWTGMVDGWYGYHHQNEQGSGYAADLKSTQNAIDGITNKVNSVIEKMNTQFTAVGKEFNHL
EKRIENLNKKVDDGFLDIWTYNAELLVLLENERTLDYHDSNVKNLYEKVRSQLKNNAKEIGNGCFEFYHKCDNTCMESVK
NGTYDYPKYSEEAKLNREEIDSGR
;
B,C,H,I,L,P,Q,U,V,Y,a,b
2 'polypeptide(L)'
;DIQMTQSPATLSASVGDRVSITCRASQSISSWLAWYQQKPGKAPKLLIYKASSLESGVPSRFSGSGSGSEFTLTISSLQP
DDFAIYYCQQYNSYPWTFGQGTKVEIKRTVAAPSVFIFPPSDEQLKSGTASVVCLLNNFYPREAKVQWKVDNALQSGNSQ
ESVTEQDSKDSTYSLSSTLTLSKADYEKHKVYACEVTHQGLSSPVTKSFNRGEC
;
D,J,M,R,W,c
3 'polypeptide(L)'
;QVQLQESGPGLVKPSETLSLTCSVSGASISSYYWIWIRQPAGKGLEWIGRFYTSGSPNYNPSLRSRVTMSVDTSKNQFSL
KLTSVTAADTAVYYCAREEHITFGGVIVRYWGQGTLVTVSSASTKGPSVFPLAPSSKSTSGGTAALGCLVKDYFPEPVTV
SWNSGALTSGVHTFPAVLQSSGLYSLSSVVTVPSSSLGTQTYICNVNHKPSNTKVDKRVEPKSC
;
E,K,N,S,X,d
#
loop_
_chem_comp.id
_chem_comp.type
_chem_comp.name
_chem_comp.formula
BMA D-saccharide, beta linking beta-D-mannopyranose 'C6 H12 O6'
NAG D-saccharide, beta linking 2-acetamido-2-deoxy-beta-D-glucopyranose 'C8 H15 N O6'
#
# COMPACT_ATOMS: atom_id res chain seq x y z
N ALA A 334 35.78 -37.88 23.81
CA ALA A 334 35.19 -37.57 25.11
C ALA A 334 35.76 -38.49 26.18
N GLY A 335 35.34 -39.75 26.15
CA GLY A 335 35.83 -40.71 27.12
C GLY A 335 37.26 -41.09 26.85
N PHE A 336 38.17 -40.76 27.77
CA PHE A 336 39.59 -41.08 27.64
C PHE A 336 40.02 -41.82 28.89
N ILE A 337 40.04 -43.15 28.82
CA ILE A 337 40.43 -43.98 29.95
C ILE A 337 41.30 -45.14 29.46
N GLU A 338 42.28 -45.51 30.29
CA GLU A 338 43.12 -46.69 30.05
C GLU A 338 43.12 -47.60 31.27
N GLY A 339 43.45 -47.03 32.42
CA GLY A 339 43.47 -47.77 33.66
C GLY A 339 43.84 -46.86 34.80
N GLY A 340 43.49 -47.30 36.00
CA GLY A 340 43.69 -46.52 37.20
C GLY A 340 44.88 -46.96 38.02
N TRP A 341 45.37 -46.03 38.85
CA TRP A 341 46.48 -46.28 39.76
C TRP A 341 46.01 -46.11 41.19
N THR A 342 45.86 -47.23 41.90
CA THR A 342 45.51 -47.17 43.32
C THR A 342 46.68 -46.73 44.20
N GLY A 343 47.90 -46.73 43.67
CA GLY A 343 49.07 -46.41 44.46
C GLY A 343 49.43 -44.95 44.50
N MET A 344 48.93 -44.16 43.55
CA MET A 344 49.16 -42.72 43.53
C MET A 344 48.10 -42.08 44.42
N VAL A 345 48.51 -41.68 45.63
CA VAL A 345 47.59 -41.23 46.66
C VAL A 345 47.74 -39.74 46.94
N ASP A 346 48.46 -39.00 46.11
CA ASP A 346 48.71 -37.59 46.37
C ASP A 346 48.17 -36.67 45.28
N GLY A 347 47.19 -37.13 44.51
CA GLY A 347 46.57 -36.28 43.51
C GLY A 347 45.70 -36.99 42.50
N TRP A 348 44.80 -36.24 41.86
CA TRP A 348 43.93 -36.83 40.84
C TRP A 348 44.73 -37.37 39.67
N TYR A 349 45.74 -36.61 39.24
CA TYR A 349 46.50 -36.93 38.06
C TYR A 349 47.98 -36.97 38.41
N GLY A 350 48.77 -37.63 37.58
CA GLY A 350 50.20 -37.64 37.84
C GLY A 350 50.95 -38.56 36.91
N TYR A 351 52.10 -39.02 37.40
CA TYR A 351 53.08 -39.72 36.60
C TYR A 351 53.50 -40.98 37.35
N HIS A 352 53.88 -42.00 36.58
CA HIS A 352 54.60 -43.15 37.11
C HIS A 352 55.96 -43.18 36.42
N HIS A 353 57.01 -42.87 37.17
CA HIS A 353 58.35 -42.82 36.62
C HIS A 353 59.09 -44.12 36.93
N GLN A 354 59.96 -44.52 36.00
CA GLN A 354 60.79 -45.71 36.14
C GLN A 354 62.13 -45.39 35.46
N ASN A 355 63.13 -45.07 36.27
CA ASN A 355 64.48 -44.89 35.77
C ASN A 355 65.45 -45.73 36.58
N GLU A 356 66.75 -45.57 36.33
CA GLU A 356 67.73 -46.37 37.04
C GLU A 356 67.80 -46.04 38.53
N GLN A 357 67.24 -44.91 38.95
CA GLN A 357 67.12 -44.58 40.36
C GLN A 357 65.84 -45.12 41.00
N GLY A 358 65.15 -46.03 40.32
CA GLY A 358 63.96 -46.65 40.86
C GLY A 358 62.70 -46.21 40.15
N SER A 359 61.57 -46.58 40.74
CA SER A 359 60.26 -46.30 40.19
C SER A 359 59.36 -45.71 41.28
N GLY A 360 58.32 -45.00 40.84
CA GLY A 360 57.40 -44.42 41.81
C GLY A 360 56.29 -43.64 41.15
N TYR A 361 55.25 -43.37 41.96
CA TYR A 361 54.11 -42.55 41.57
C TYR A 361 54.31 -41.14 42.11
N ALA A 362 53.87 -40.14 41.32
CA ALA A 362 54.05 -38.74 41.71
C ALA A 362 52.97 -37.90 41.04
N ALA A 363 52.10 -37.29 41.83
CA ALA A 363 50.95 -36.59 41.28
C ALA A 363 51.34 -35.25 40.67
N ASP A 364 50.67 -34.90 39.57
CA ASP A 364 50.82 -33.59 38.94
C ASP A 364 49.95 -32.59 39.68
N LEU A 365 50.55 -31.73 40.49
CA LEU A 365 49.78 -30.82 41.33
C LEU A 365 49.13 -29.71 40.53
N LYS A 366 49.65 -29.36 39.36
CA LYS A 366 49.09 -28.26 38.58
C LYS A 366 47.73 -28.61 38.01
N SER A 367 47.66 -29.70 37.22
CA SER A 367 46.40 -30.09 36.60
C SER A 367 45.39 -30.55 37.65
N THR A 368 45.85 -31.35 38.63
CA THR A 368 44.99 -31.71 39.75
C THR A 368 44.43 -30.47 40.45
N GLN A 369 45.27 -29.43 40.59
CA GLN A 369 44.84 -28.22 41.28
C GLN A 369 43.78 -27.49 40.49
N ASN A 370 44.01 -27.34 39.18
CA ASN A 370 43.01 -26.72 38.32
C ASN A 370 41.70 -27.48 38.38
N ALA A 371 41.76 -28.82 38.37
CA ALA A 371 40.55 -29.62 38.41
C ALA A 371 39.80 -29.43 39.72
N ILE A 372 40.52 -29.42 40.85
CA ILE A 372 39.84 -29.24 42.13
C ILE A 372 39.21 -27.86 42.22
N ASP A 373 39.93 -26.82 41.78
CA ASP A 373 39.35 -25.48 41.73
C ASP A 373 38.05 -25.47 40.94
N GLY A 374 38.10 -26.00 39.71
CA GLY A 374 36.93 -25.96 38.85
C GLY A 374 35.76 -26.73 39.43
N ILE A 375 36.01 -27.94 39.93
CA ILE A 375 34.92 -28.76 40.46
C ILE A 375 34.33 -28.12 41.71
N THR A 376 35.18 -27.54 42.57
CA THR A 376 34.68 -26.86 43.76
C THR A 376 33.79 -25.69 43.37
N ASN A 377 34.24 -24.86 42.43
CA ASN A 377 33.43 -23.72 42.01
C ASN A 377 32.13 -24.17 41.37
N LYS A 378 32.18 -25.22 40.56
CA LYS A 378 30.97 -25.75 39.93
C LYS A 378 29.97 -26.24 40.96
N VAL A 379 30.43 -27.05 41.92
CA VAL A 379 29.54 -27.57 42.97
C VAL A 379 28.93 -26.43 43.76
N ASN A 380 29.77 -25.46 44.16
CA ASN A 380 29.28 -24.36 44.98
C ASN A 380 28.26 -23.51 44.21
N SER A 381 28.52 -23.27 42.92
CA SER A 381 27.56 -22.51 42.11
C SER A 381 26.24 -23.24 42.00
N VAL A 382 26.27 -24.54 41.71
CA VAL A 382 25.03 -25.29 41.52
C VAL A 382 24.23 -25.34 42.82
N ILE A 383 24.90 -25.56 43.94
CA ILE A 383 24.18 -25.66 45.22
C ILE A 383 23.65 -24.30 45.65
N GLU A 384 24.51 -23.28 45.66
CA GLU A 384 24.13 -21.99 46.23
C GLU A 384 23.10 -21.25 45.38
N LYS A 385 22.98 -21.58 44.10
CA LYS A 385 21.86 -21.04 43.32
C LYS A 385 20.49 -21.44 43.84
N MET A 386 20.39 -22.61 44.47
CA MET A 386 19.13 -23.06 45.06
C MET A 386 19.05 -22.43 46.45
N ASN A 387 18.45 -21.25 46.51
CA ASN A 387 18.30 -20.51 47.75
C ASN A 387 16.87 -20.70 48.23
N THR A 388 16.63 -20.36 49.50
CA THR A 388 15.37 -20.66 50.16
C THR A 388 14.63 -19.38 50.55
N GLN A 389 13.31 -19.40 50.35
CA GLN A 389 12.42 -18.31 50.71
C GLN A 389 11.68 -18.64 52.00
N PHE A 390 10.83 -17.72 52.44
CA PHE A 390 10.01 -17.90 53.65
C PHE A 390 8.59 -18.24 53.25
N THR A 391 8.28 -19.54 53.21
CA THR A 391 6.95 -20.02 52.82
C THR A 391 6.55 -21.19 53.70
N ALA A 392 5.78 -20.92 54.75
CA ALA A 392 5.11 -22.00 55.48
C ALA A 392 4.27 -22.60 54.36
N VAL A 393 4.46 -23.90 54.12
CA VAL A 393 4.16 -24.49 52.81
C VAL A 393 2.64 -24.62 52.78
N GLY A 394 2.08 -25.41 53.68
CA GLY A 394 0.69 -25.79 53.57
C GLY A 394 -0.28 -24.67 53.93
N LYS A 395 -1.50 -24.82 53.42
CA LYS A 395 -2.60 -23.91 53.70
C LYS A 395 -3.80 -24.84 53.83
N GLU A 396 -4.75 -24.47 54.68
CA GLU A 396 -5.96 -25.24 54.91
C GLU A 396 -7.14 -24.26 54.78
N PHE A 397 -7.97 -24.48 53.78
CA PHE A 397 -9.01 -23.52 53.45
C PHE A 397 -10.35 -24.10 53.91
N ASN A 398 -11.37 -23.25 53.93
CA ASN A 398 -12.67 -23.63 54.44
C ASN A 398 -13.55 -24.20 53.32
N HIS A 399 -14.80 -24.49 53.65
CA HIS A 399 -15.72 -25.16 52.73
C HIS A 399 -16.20 -24.24 51.60
N LEU A 400 -16.01 -22.94 51.71
CA LEU A 400 -16.34 -22.01 50.63
C LEU A 400 -15.10 -21.53 49.87
N GLU A 401 -14.02 -22.30 49.93
CA GLU A 401 -12.75 -21.94 49.30
C GLU A 401 -12.08 -23.17 48.71
N LYS A 402 -12.88 -24.08 48.16
CA LYS A 402 -12.36 -25.36 47.66
C LYS A 402 -11.44 -25.17 46.46
N ARG A 403 -11.84 -24.32 45.52
CA ARG A 403 -11.06 -24.15 44.30
C ARG A 403 -9.81 -23.38 44.71
N ILE A 404 -9.93 -22.47 45.67
CA ILE A 404 -8.73 -21.84 46.24
C ILE A 404 -7.75 -22.91 46.72
N GLU A 405 -8.26 -23.83 47.53
CA GLU A 405 -7.47 -24.92 48.07
C GLU A 405 -6.77 -25.84 47.08
N ASN A 406 -7.48 -26.24 46.03
CA ASN A 406 -6.85 -27.05 45.00
C ASN A 406 -5.79 -26.26 44.23
N LEU A 407 -6.01 -24.96 44.01
CA LEU A 407 -4.98 -24.12 43.40
C LEU A 407 -3.71 -24.11 44.25
N ASN A 408 -3.87 -24.01 45.58
CA ASN A 408 -2.71 -23.93 46.46
C ASN A 408 -1.96 -25.25 46.53
N LYS A 409 -2.70 -26.37 46.58
CA LYS A 409 -2.05 -27.68 46.52
C LYS A 409 -1.35 -27.87 45.18
N LYS A 410 -1.96 -27.40 44.10
CA LYS A 410 -1.34 -27.46 42.78
C LYS A 410 -0.05 -26.65 42.76
N VAL A 411 -0.03 -25.50 43.44
CA VAL A 411 1.17 -24.67 43.47
C VAL A 411 2.27 -25.35 44.25
N ASP A 412 1.93 -25.92 45.41
CA ASP A 412 2.90 -26.67 46.20
C ASP A 412 3.51 -27.79 45.38
N ASP A 413 2.66 -28.63 44.78
CA ASP A 413 3.14 -29.77 44.00
C ASP A 413 3.90 -29.31 42.76
N GLY A 414 3.53 -28.16 42.19
CA GLY A 414 4.24 -27.68 41.01
C GLY A 414 5.65 -27.21 41.34
N PHE A 415 5.80 -26.46 42.43
CA PHE A 415 7.15 -26.08 42.86
C PHE A 415 7.95 -27.32 43.26
N LEU A 416 7.31 -28.28 43.91
CA LEU A 416 7.94 -29.56 44.20
C LEU A 416 8.50 -30.20 42.94
N ASP A 417 7.64 -30.37 41.93
CA ASP A 417 8.05 -31.05 40.71
C ASP A 417 9.13 -30.27 39.98
N ILE A 418 9.03 -28.94 39.95
CA ILE A 418 10.01 -28.13 39.23
C ILE A 418 11.38 -28.25 39.87
N TRP A 419 11.43 -28.12 41.21
CA TRP A 419 12.72 -28.20 41.89
C TRP A 419 13.29 -29.61 41.83
N THR A 420 12.43 -30.63 41.94
CA THR A 420 12.88 -32.01 41.78
C THR A 420 13.46 -32.25 40.39
N TYR A 421 12.74 -31.79 39.37
CA TYR A 421 13.17 -31.93 37.98
C TYR A 421 14.53 -31.26 37.76
N ASN A 422 14.66 -30.02 38.23
CA ASN A 422 15.91 -29.29 38.08
C ASN A 422 17.06 -30.02 38.77
N ALA A 423 16.86 -30.42 40.03
CA ALA A 423 17.92 -31.11 40.76
C ALA A 423 18.33 -32.40 40.05
N GLU A 424 17.35 -33.25 39.70
CA GLU A 424 17.65 -34.52 39.04
C GLU A 424 18.45 -34.29 37.76
N LEU A 425 17.95 -33.43 36.88
CA LEU A 425 18.60 -33.26 35.58
C LEU A 425 19.97 -32.63 35.72
N LEU A 426 20.11 -31.63 36.59
CA LEU A 426 21.42 -31.01 36.76
C LEU A 426 22.42 -32.00 37.32
N VAL A 427 22.02 -32.83 38.29
CA VAL A 427 22.93 -33.84 38.82
C VAL A 427 23.36 -34.81 37.73
N LEU A 428 22.41 -35.31 36.95
CA LEU A 428 22.73 -36.24 35.87
C LEU A 428 23.71 -35.62 34.88
N LEU A 429 23.29 -34.51 34.26
CA LEU A 429 24.12 -33.78 33.30
C LEU A 429 25.50 -33.45 33.85
N GLU A 430 25.57 -32.99 35.09
CA GLU A 430 26.83 -32.48 35.59
C GLU A 430 27.76 -33.59 36.07
N ASN A 431 27.22 -34.75 36.46
CA ASN A 431 28.07 -35.90 36.66
C ASN A 431 28.69 -36.35 35.35
N GLU A 432 27.87 -36.42 34.30
CA GLU A 432 28.39 -36.68 32.96
C GLU A 432 29.51 -35.71 32.60
N ARG A 433 29.25 -34.41 32.78
CA ARG A 433 30.22 -33.39 32.40
C ARG A 433 31.45 -33.42 33.27
N THR A 434 31.32 -33.78 34.55
CA THR A 434 32.47 -33.88 35.44
C THR A 434 33.40 -34.98 34.96
N LEU A 435 32.84 -36.15 34.66
CA LEU A 435 33.67 -37.24 34.15
C LEU A 435 34.34 -36.86 32.84
N ASP A 436 33.61 -36.17 31.96
CA ASP A 436 34.19 -35.78 30.68
C ASP A 436 35.31 -34.74 30.86
N TYR A 437 35.10 -33.77 31.76
CA TYR A 437 36.13 -32.80 32.12
C TYR A 437 37.39 -33.49 32.60
N HIS A 438 37.21 -34.49 33.48
CA HIS A 438 38.37 -35.22 33.98
C HIS A 438 39.10 -35.97 32.86
N ASP A 439 38.33 -36.58 31.95
CA ASP A 439 38.93 -37.25 30.80
C ASP A 439 39.77 -36.29 29.97
N SER A 440 39.24 -35.08 29.72
CA SER A 440 39.99 -34.10 28.94
C SER A 440 41.22 -33.62 29.68
N ASN A 441 41.18 -33.57 31.03
CA ASN A 441 42.39 -33.27 31.79
C ASN A 441 43.47 -34.32 31.56
N VAL A 442 43.07 -35.62 31.64
CA VAL A 442 43.99 -36.71 31.28
C VAL A 442 44.63 -36.43 29.92
N LYS A 443 43.77 -36.18 28.92
CA LYS A 443 44.24 -36.02 27.55
C LYS A 443 45.21 -34.84 27.44
N ASN A 444 44.91 -33.75 28.13
CA ASN A 444 45.77 -32.55 28.05
C ASN A 444 47.13 -32.81 28.70
N LEU A 445 47.15 -33.49 29.84
CA LEU A 445 48.43 -33.83 30.47
C LEU A 445 49.28 -34.70 29.55
N TYR A 446 48.65 -35.71 28.94
CA TYR A 446 49.41 -36.62 28.08
C TYR A 446 49.88 -35.90 26.82
N GLU A 447 49.09 -34.93 26.34
CA GLU A 447 49.54 -34.06 25.25
C GLU A 447 50.74 -33.22 25.64
N LYS A 448 50.73 -32.67 26.85
CA LYS A 448 51.88 -31.89 27.31
C LYS A 448 53.16 -32.72 27.31
N VAL A 449 53.07 -33.94 27.86
CA VAL A 449 54.25 -34.80 27.90
C VAL A 449 54.67 -35.20 26.48
N ARG A 450 53.68 -35.43 25.61
CA ARG A 450 53.93 -35.60 24.18
C ARG A 450 54.76 -34.45 23.61
N SER A 451 54.38 -33.22 23.92
CA SER A 451 55.00 -32.06 23.28
C SER A 451 56.42 -31.86 23.78
N GLN A 452 56.66 -32.03 25.07
CA GLN A 452 58.03 -31.90 25.56
C GLN A 452 58.94 -32.95 24.95
N LEU A 453 58.40 -34.12 24.61
CA LEU A 453 59.18 -35.29 24.21
C LEU A 453 58.60 -35.87 22.91
N LYS A 454 59.07 -35.34 21.78
CA LYS A 454 58.59 -35.81 20.48
C LYS A 454 59.27 -37.05 19.90
N ASN A 455 60.58 -36.97 19.68
CA ASN A 455 61.34 -38.07 19.10
C ASN A 455 62.35 -38.58 20.11
N ASN A 456 62.55 -37.86 21.22
CA ASN A 456 63.44 -38.34 22.26
C ASN A 456 62.85 -39.49 23.05
N ALA A 457 61.60 -39.86 22.78
CA ALA A 457 60.95 -40.99 23.42
C ALA A 457 60.01 -41.66 22.43
N LYS A 458 59.58 -42.86 22.78
CA LYS A 458 58.70 -43.68 21.96
C LYS A 458 57.39 -43.90 22.72
N GLU A 459 56.27 -43.58 22.07
CA GLU A 459 54.97 -43.72 22.68
C GLU A 459 54.53 -45.18 22.68
N ILE A 460 53.79 -45.55 23.72
CA ILE A 460 53.30 -46.96 23.84
C ILE A 460 51.78 -46.93 23.93
N GLY A 461 51.11 -47.97 23.41
CA GLY A 461 49.64 -48.03 23.44
C GLY A 461 49.06 -48.04 24.85
N ASN A 462 49.90 -48.26 25.86
CA ASN A 462 49.44 -48.29 27.27
C ASN A 462 49.65 -46.85 27.76
N GLY A 463 49.53 -45.87 26.85
CA GLY A 463 49.67 -44.46 27.24
C GLY A 463 50.92 -44.23 28.07
N CYS A 464 52.08 -44.66 27.57
CA CYS A 464 53.34 -44.37 28.30
C CYS A 464 54.44 -43.98 27.31
N PHE A 465 55.62 -43.69 27.83
CA PHE A 465 56.78 -43.34 27.00
C PHE A 465 58.00 -44.13 27.44
N GLU A 466 58.74 -44.66 26.46
CA GLU A 466 60.07 -45.20 26.71
C GLU A 466 61.10 -44.26 26.11
N PHE A 467 62.00 -43.74 26.93
CA PHE A 467 63.01 -42.83 26.44
C PHE A 467 64.02 -43.57 25.57
N TYR A 468 64.36 -42.95 24.44
CA TYR A 468 65.52 -43.40 23.66
C TYR A 468 66.83 -42.94 24.28
N HIS A 469 66.79 -42.39 25.48
CA HIS A 469 67.96 -41.93 26.20
C HIS A 469 67.76 -42.20 27.68
N LYS A 470 68.72 -41.79 28.50
CA LYS A 470 68.65 -41.97 29.93
C LYS A 470 68.04 -40.71 30.56
N CYS A 471 66.86 -40.87 31.15
CA CYS A 471 66.17 -39.79 31.88
C CYS A 471 66.32 -40.08 33.37
N ASP A 472 67.20 -39.34 34.02
CA ASP A 472 67.41 -39.48 35.46
C ASP A 472 66.34 -38.70 36.22
N ASN A 473 66.53 -38.56 37.54
CA ASN A 473 65.54 -37.88 38.36
C ASN A 473 65.40 -36.41 37.95
N THR A 474 66.51 -35.75 37.63
CA THR A 474 66.45 -34.35 37.23
C THR A 474 65.70 -34.19 35.91
N CYS A 475 65.99 -35.06 34.94
CA CYS A 475 65.23 -35.07 33.69
C CYS A 475 63.74 -35.28 33.94
N MET A 476 63.41 -36.25 34.80
CA MET A 476 62.02 -36.52 35.12
C MET A 476 61.34 -35.28 35.69
N GLU A 477 62.01 -34.61 36.64
CA GLU A 477 61.43 -33.42 37.25
C GLU A 477 61.27 -32.30 36.24
N SER A 478 62.24 -32.17 35.33
CA SER A 478 62.14 -31.15 34.29
C SER A 478 60.95 -31.40 33.39
N VAL A 479 60.64 -32.66 33.11
CA VAL A 479 59.43 -32.96 32.33
C VAL A 479 58.19 -32.68 33.17
N LYS A 480 58.25 -32.94 34.48
CA LYS A 480 57.05 -32.82 35.30
C LYS A 480 56.64 -31.37 35.51
N ASN A 481 57.61 -30.45 35.63
CA ASN A 481 57.30 -29.03 35.73
C ASN A 481 57.40 -28.31 34.38
N GLY A 482 57.26 -29.04 33.29
CA GLY A 482 57.14 -28.45 31.97
C GLY A 482 58.35 -27.69 31.49
N THR A 483 59.55 -28.18 31.81
CA THR A 483 60.79 -27.51 31.42
C THR A 483 61.80 -28.49 30.83
N TYR A 484 61.33 -29.52 30.13
CA TYR A 484 62.25 -30.47 29.54
C TYR A 484 63.04 -29.83 28.41
N ASP A 485 64.25 -30.35 28.20
CA ASP A 485 65.20 -29.80 27.22
C ASP A 485 65.40 -30.82 26.12
N TYR A 486 64.70 -30.64 24.99
CA TYR A 486 64.82 -31.59 23.89
C TYR A 486 66.21 -31.58 23.26
N PRO A 487 66.81 -30.44 22.93
CA PRO A 487 68.18 -30.49 22.36
C PRO A 487 69.21 -31.09 23.31
N LYS A 488 68.96 -31.08 24.62
CA LYS A 488 69.90 -31.65 25.57
C LYS A 488 70.12 -33.14 25.30
N TYR A 489 69.04 -33.88 25.02
CA TYR A 489 69.11 -35.31 24.81
C TYR A 489 68.85 -35.70 23.36
N SER A 490 68.73 -34.73 22.46
CA SER A 490 68.38 -35.02 21.07
C SER A 490 69.41 -35.95 20.43
N GLU A 491 70.70 -35.72 20.72
CA GLU A 491 71.74 -36.51 20.07
C GLU A 491 71.76 -37.95 20.61
N GLU A 492 71.71 -38.11 21.93
CA GLU A 492 71.67 -39.44 22.52
C GLU A 492 70.46 -40.23 22.03
N ALA A 493 69.29 -39.58 22.03
CA ALA A 493 68.08 -40.24 21.56
C ALA A 493 68.15 -40.56 20.08
N LYS A 494 68.72 -39.66 19.28
CA LYS A 494 68.93 -39.92 17.86
C LYS A 494 69.76 -41.18 17.68
N LEU A 495 70.88 -41.28 18.40
CA LEU A 495 71.77 -42.42 18.26
C LEU A 495 71.05 -43.72 18.61
N ASN A 496 70.42 -43.77 19.79
CA ASN A 496 69.77 -45.01 20.21
C ASN A 496 68.58 -45.36 19.31
N ARG A 497 67.80 -44.35 18.92
CA ARG A 497 66.63 -44.56 18.07
C ARG A 497 67.04 -45.15 16.74
N GLU A 498 68.07 -44.59 16.11
CA GLU A 498 68.60 -45.18 14.88
C GLU A 498 69.22 -46.55 15.14
N GLU A 499 69.73 -46.76 16.36
CA GLU A 499 70.33 -48.05 16.71
C GLU A 499 69.29 -49.17 16.71
N ILE A 500 68.06 -48.86 17.14
CA ILE A 500 67.01 -49.89 17.15
C ILE A 500 66.90 -50.55 15.78
N ASP A 501 67.08 -49.79 14.71
CA ASP A 501 67.02 -50.34 13.36
C ASP A 501 68.33 -50.09 12.61
N GLY B 1 64.64 -49.78 29.44
CA GLY B 1 65.26 -48.49 29.68
C GLY B 1 64.50 -47.62 30.66
N ASP B 2 64.69 -46.31 30.55
CA ASP B 2 63.95 -45.38 31.41
C ASP B 2 62.57 -45.13 30.82
N THR B 3 61.55 -45.24 31.67
CA THR B 3 60.16 -45.09 31.25
C THR B 3 59.45 -44.11 32.16
N LEU B 4 58.35 -43.55 31.67
CA LEU B 4 57.55 -42.57 32.40
C LEU B 4 56.11 -42.67 31.91
N CYS B 5 55.16 -42.73 32.83
CA CYS B 5 53.77 -43.02 32.50
C CYS B 5 52.83 -41.95 33.04
N ILE B 6 51.64 -41.91 32.44
CA ILE B 6 50.57 -40.98 32.81
C ILE B 6 49.41 -41.80 33.35
N GLY B 7 48.80 -41.31 34.44
CA GLY B 7 47.71 -42.04 35.05
C GLY B 7 46.92 -41.16 36.00
N TYR B 8 45.91 -41.77 36.60
CA TYR B 8 44.97 -41.06 37.48
C TYR B 8 44.63 -41.93 38.68
N HIS B 9 43.93 -41.32 39.63
CA HIS B 9 43.71 -41.94 40.94
C HIS B 9 42.61 -42.99 40.90
N ALA B 10 42.74 -43.96 41.81
CA ALA B 10 41.70 -44.94 42.09
C ALA B 10 41.84 -45.35 43.56
N ASN B 11 40.74 -45.82 44.14
CA ASN B 11 40.71 -46.13 45.57
C ASN B 11 39.73 -47.27 45.79
N ASN B 12 39.20 -47.37 47.02
CA ASN B 12 38.24 -48.41 47.36
C ASN B 12 36.81 -47.88 47.51
N SER B 13 36.55 -46.66 47.04
CA SER B 13 35.22 -46.08 47.17
C SER B 13 34.24 -46.79 46.24
N THR B 14 33.07 -47.14 46.78
CA THR B 14 31.99 -47.74 46.00
C THR B 14 30.87 -46.75 45.72
N ASP B 15 31.15 -45.45 45.86
CA ASP B 15 30.14 -44.41 45.67
C ASP B 15 29.66 -44.39 44.23
N THR B 16 28.39 -44.75 44.02
CA THR B 16 27.80 -44.77 42.70
C THR B 16 26.95 -43.52 42.48
N VAL B 17 27.10 -42.91 41.32
CA VAL B 17 26.29 -41.77 40.91
C VAL B 17 25.66 -42.10 39.56
N ASP B 18 24.64 -41.34 39.21
CA ASP B 18 23.94 -41.54 37.95
C ASP B 18 24.24 -40.38 37.01
N THR B 19 24.51 -40.71 35.74
CA THR B 19 24.52 -39.77 34.65
C THR B 19 23.33 -40.10 33.74
N LEU B 20 23.16 -39.30 32.69
CA LEU B 20 22.14 -39.63 31.70
C LEU B 20 22.58 -40.73 30.74
N LEU B 21 23.85 -40.72 30.35
CA LEU B 21 24.34 -41.78 29.46
C LEU B 21 24.45 -43.12 30.16
N GLU B 22 24.62 -43.12 31.47
CA GLU B 22 24.99 -44.32 32.20
C GLU B 22 24.62 -44.14 33.66
N LYS B 23 24.17 -45.22 34.29
CA LYS B 23 23.74 -45.19 35.68
C LYS B 23 24.59 -46.17 36.50
N ASN B 24 24.64 -45.91 37.80
CA ASN B 24 25.51 -46.65 38.73
C ASN B 24 26.97 -46.63 38.25
N VAL B 25 27.49 -45.42 38.09
CA VAL B 25 28.90 -45.22 37.75
C VAL B 25 29.67 -45.02 39.05
N THR B 26 30.51 -45.98 39.40
CA THR B 26 31.32 -45.86 40.60
C THR B 26 32.39 -44.79 40.41
N VAL B 27 32.49 -43.87 41.37
CA VAL B 27 33.40 -42.74 41.28
C VAL B 27 34.29 -42.71 42.51
N THR B 28 35.49 -42.16 42.35
CA THR B 28 36.44 -42.09 43.46
C THR B 28 35.93 -41.20 44.58
N HIS B 29 35.36 -40.05 44.24
CA HIS B 29 34.97 -39.06 45.24
C HIS B 29 33.67 -38.39 44.82
N SER B 30 32.74 -38.27 45.76
CA SER B 30 31.43 -37.69 45.49
C SER B 30 30.91 -37.07 46.79
N VAL B 31 29.77 -36.40 46.69
CA VAL B 31 29.13 -35.76 47.83
C VAL B 31 27.63 -35.99 47.73
N ASN B 32 27.03 -36.49 48.81
CA ASN B 32 25.59 -36.69 48.86
C ASN B 32 24.94 -35.38 49.33
N LEU B 33 24.04 -34.85 48.52
CA LEU B 33 23.34 -33.62 48.85
C LEU B 33 21.99 -33.85 49.51
N LEU B 34 21.54 -35.10 49.55
CA LEU B 34 20.22 -35.46 50.04
C LEU B 34 20.34 -36.07 51.43
N GLU B 35 19.66 -35.46 52.40
CA GLU B 35 19.51 -36.07 53.72
C GLU B 35 18.19 -36.84 53.75
N ASP B 36 18.26 -38.11 54.17
CA ASP B 36 17.14 -39.02 54.01
C ASP B 36 16.86 -39.82 55.27
N LYS B 37 17.23 -39.29 56.44
CA LYS B 37 16.98 -39.98 57.70
C LYS B 37 16.67 -38.97 58.79
N HIS B 38 15.82 -39.38 59.73
CA HIS B 38 15.43 -38.57 60.87
C HIS B 38 15.51 -39.41 62.14
N ASN B 39 15.53 -38.73 63.28
CA ASN B 39 15.69 -39.41 64.57
C ASN B 39 14.38 -39.80 65.22
N GLY B 40 13.23 -39.48 64.62
CA GLY B 40 11.97 -39.82 65.21
C GLY B 40 11.71 -39.14 66.54
N LYS B 41 12.29 -37.98 66.75
CA LYS B 41 12.17 -37.22 67.98
C LYS B 41 11.63 -35.82 67.68
N LEU B 42 10.72 -35.36 68.53
CA LEU B 42 10.15 -34.02 68.40
C LEU B 42 10.92 -33.06 69.31
N CYS B 43 11.59 -32.09 68.69
CA CYS B 43 12.42 -31.15 69.44
C CYS B 43 12.46 -29.82 68.71
N SER B 44 13.19 -28.86 69.28
CA SER B 44 13.31 -27.52 68.71
C SER B 44 14.79 -27.16 68.58
N ILE B 45 15.05 -26.11 67.79
CA ILE B 45 16.44 -25.70 67.55
C ILE B 45 17.15 -25.44 68.87
N ASN B 46 16.65 -24.48 69.64
CA ASN B 46 17.08 -24.32 71.02
C ASN B 46 16.47 -25.37 71.94
N GLY B 47 15.49 -26.13 71.44
CA GLY B 47 14.82 -27.10 72.25
C GLY B 47 13.62 -26.59 73.01
N LYS B 48 13.20 -25.35 72.77
CA LYS B 48 11.98 -24.81 73.36
C LYS B 48 10.96 -25.93 73.14
N GLN B 49 10.39 -26.42 74.22
CA GLN B 49 9.67 -27.69 74.18
C GLN B 49 8.34 -27.39 73.50
N PRO B 50 7.96 -28.14 72.48
CA PRO B 50 6.67 -27.90 71.83
C PRO B 50 5.51 -28.24 72.75
N ILE B 51 4.40 -27.54 72.57
CA ILE B 51 3.21 -27.72 73.39
C ILE B 51 2.24 -28.61 72.63
N SER B 52 2.35 -29.92 72.87
CA SER B 52 1.34 -30.85 72.38
C SER B 52 -0.01 -30.51 72.98
N LEU B 53 -1.05 -30.61 72.15
CA LEU B 53 -2.41 -30.40 72.64
C LEU B 53 -3.04 -31.66 73.20
N GLY B 54 -2.35 -32.79 73.11
CA GLY B 54 -2.92 -34.03 73.59
C GLY B 54 -4.15 -34.39 72.78
N ASP B 55 -5.25 -34.66 73.49
CA ASP B 55 -6.52 -34.98 72.87
C ASP B 55 -7.43 -33.76 72.76
N CYS B 56 -6.86 -32.58 72.55
CA CYS B 56 -7.62 -31.36 72.33
C CYS B 56 -7.41 -30.88 70.91
N SER B 57 -8.51 -30.61 70.22
CA SER B 57 -8.42 -29.90 68.94
C SER B 57 -7.95 -28.48 69.19
N PHE B 58 -7.49 -27.83 68.11
CA PHE B 58 -7.12 -26.42 68.19
C PHE B 58 -8.25 -25.58 68.77
N ALA B 59 -9.48 -25.84 68.32
CA ALA B 59 -10.64 -25.11 68.83
C ALA B 59 -10.89 -25.42 70.31
N GLY B 60 -10.79 -26.69 70.69
CA GLY B 60 -10.97 -27.04 72.09
C GLY B 60 -9.91 -26.43 72.98
N TRP B 61 -8.69 -26.26 72.46
CA TRP B 61 -7.63 -25.63 73.23
C TRP B 61 -7.88 -24.13 73.37
N ILE B 62 -8.32 -23.48 72.29
CA ILE B 62 -8.48 -22.02 72.32
C ILE B 62 -9.70 -21.63 73.15
N LEU B 63 -10.82 -22.35 72.98
CA LEU B 63 -12.06 -21.98 73.66
C LEU B 63 -12.09 -22.41 75.13
N GLY B 64 -11.15 -23.23 75.58
CA GLY B 64 -11.11 -23.62 76.97
C GLY B 64 -12.01 -24.79 77.31
N ASN B 65 -11.99 -25.82 76.48
CA ASN B 65 -12.72 -27.05 76.74
C ASN B 65 -12.39 -27.57 78.14
N PRO B 66 -13.39 -27.83 78.99
CA PRO B 66 -13.10 -28.18 80.39
C PRO B 66 -12.22 -29.40 80.58
N MET B 67 -12.12 -30.31 79.61
CA MET B 67 -11.19 -31.41 79.69
C MET B 67 -9.82 -31.09 79.12
N CYS B 68 -9.56 -29.81 78.81
CA CYS B 68 -8.27 -29.37 78.32
C CYS B 68 -7.58 -28.49 79.36
N ASP B 69 -7.75 -28.84 80.63
CA ASP B 69 -7.13 -28.11 81.74
C ASP B 69 -5.75 -28.64 82.10
N ASP B 70 -5.34 -29.79 81.54
CA ASP B 70 -3.95 -30.20 81.67
C ASP B 70 -3.02 -29.20 81.00
N LEU B 71 -3.53 -28.40 80.07
CA LEU B 71 -2.78 -27.39 79.33
C LEU B 71 -3.37 -26.02 79.65
N ILE B 72 -3.06 -25.52 80.84
CA ILE B 72 -3.45 -24.17 81.26
C ILE B 72 -2.24 -23.25 81.34
N GLY B 73 -1.16 -23.71 81.96
CA GLY B 73 -0.06 -22.84 82.29
C GLY B 73 1.10 -22.75 81.33
N LYS B 74 1.05 -23.47 80.20
CA LYS B 74 2.14 -23.47 79.23
C LYS B 74 1.85 -22.50 78.10
N THR B 75 2.68 -21.46 77.99
CA THR B 75 2.58 -20.50 76.89
C THR B 75 3.97 -20.17 76.36
N SER B 76 4.82 -21.18 76.23
CA SER B 76 6.16 -20.99 75.66
C SER B 76 6.54 -22.27 74.94
N TRP B 77 6.71 -22.17 73.62
CA TRP B 77 6.98 -23.35 72.82
C TRP B 77 7.81 -22.94 71.62
N SER B 78 7.81 -23.77 70.60
CA SER B 78 8.38 -23.51 69.29
C SER B 78 7.44 -23.92 68.16
N TYR B 79 6.82 -25.10 68.27
CA TYR B 79 5.74 -25.52 67.40
C TYR B 79 4.67 -26.16 68.28
N ILE B 80 3.48 -26.35 67.71
CA ILE B 80 2.37 -26.97 68.42
C ILE B 80 2.07 -28.30 67.75
N VAL B 81 1.88 -29.33 68.57
CA VAL B 81 1.57 -30.68 68.12
C VAL B 81 0.10 -30.94 68.35
N GLU B 82 -0.60 -31.35 67.30
CA GLU B 82 -2.02 -31.65 67.34
C GLU B 82 -2.21 -33.10 66.94
N LYS B 83 -3.39 -33.62 67.21
CA LYS B 83 -3.75 -34.98 66.83
C LYS B 83 -4.67 -34.96 65.62
N PRO B 84 -4.50 -35.90 64.68
CA PRO B 84 -5.49 -36.04 63.60
C PRO B 84 -6.90 -36.32 64.10
N ASN B 85 -7.05 -36.86 65.31
CA ASN B 85 -8.36 -37.14 65.89
C ASN B 85 -8.31 -36.95 67.40
N PRO B 86 -8.33 -35.71 67.86
CA PRO B 86 -8.46 -35.46 69.30
C PRO B 86 -9.87 -35.75 69.77
N THR B 87 -9.98 -36.02 71.07
CA THR B 87 -11.27 -36.38 71.66
C THR B 87 -12.05 -35.16 72.14
N ASN B 88 -11.36 -34.12 72.61
CA ASN B 88 -11.99 -32.96 73.20
C ASN B 88 -11.86 -31.78 72.26
N GLY B 89 -12.95 -31.42 71.60
CA GLY B 89 -12.96 -30.26 70.74
C GLY B 89 -13.96 -29.23 71.20
N ILE B 90 -14.92 -28.90 70.33
CA ILE B 90 -16.04 -28.04 70.71
C ILE B 90 -17.13 -28.98 71.23
N CYS B 91 -17.11 -29.21 72.55
CA CYS B 91 -17.96 -30.24 73.13
C CYS B 91 -19.44 -29.97 72.87
N TYR B 92 -19.93 -28.80 73.26
CA TYR B 92 -21.26 -28.42 72.81
C TYR B 92 -21.16 -28.17 71.31
N PRO B 93 -21.88 -28.94 70.49
CA PRO B 93 -21.57 -28.95 69.05
C PRO B 93 -21.71 -27.58 68.41
N GLY B 94 -20.77 -27.27 67.53
CA GLY B 94 -20.77 -25.99 66.86
C GLY B 94 -19.47 -25.80 66.09
N THR B 95 -19.30 -24.59 65.58
CA THR B 95 -18.13 -24.24 64.78
C THR B 95 -17.50 -22.97 65.32
N LEU B 96 -16.21 -22.81 65.03
CA LEU B 96 -15.49 -21.56 65.21
C LEU B 96 -15.28 -20.97 63.82
N GLU B 97 -16.01 -19.90 63.49
CA GLU B 97 -15.86 -19.27 62.20
C GLU B 97 -14.41 -18.91 61.96
N ASP B 98 -13.94 -19.17 60.73
CA ASP B 98 -12.60 -18.79 60.32
C ASP B 98 -11.55 -19.45 61.19
N GLU B 99 -11.88 -20.62 61.73
CA GLU B 99 -10.90 -21.40 62.50
C GLU B 99 -9.62 -21.59 61.72
N GLU B 100 -9.72 -21.78 60.40
CA GLU B 100 -8.55 -21.99 59.58
C GLU B 100 -7.70 -20.73 59.47
N GLU B 101 -8.34 -19.56 59.44
CA GLU B 101 -7.58 -18.32 59.45
C GLU B 101 -6.80 -18.18 60.74
N LEU B 102 -7.42 -18.49 61.87
CA LEU B 102 -6.73 -18.46 63.16
C LEU B 102 -5.70 -19.58 63.28
N ARG B 103 -5.85 -20.66 62.50
CA ARG B 103 -4.81 -21.67 62.45
C ARG B 103 -3.70 -21.06 61.61
N LEU B 104 -4.06 -20.37 60.52
CA LEU B 104 -3.05 -19.64 59.75
C LEU B 104 -2.26 -18.63 60.61
N LYS B 105 -2.98 -17.94 61.51
CA LYS B 105 -2.31 -17.11 62.49
C LYS B 105 -1.58 -17.77 63.65
N PHE B 106 -2.00 -18.97 64.06
CA PHE B 106 -1.30 -19.76 65.05
C PHE B 106 -0.22 -20.64 64.43
N SER B 107 -0.33 -20.93 63.14
CA SER B 107 0.87 -21.08 62.33
C SER B 107 1.57 -19.73 62.29
N GLY B 108 2.89 -19.74 62.46
CA GLY B 108 3.59 -18.48 62.46
C GLY B 108 3.22 -17.54 63.59
N VAL B 109 3.27 -18.02 64.83
CA VAL B 109 3.18 -17.15 66.00
C VAL B 109 3.72 -17.94 67.19
N LEU B 110 4.17 -17.23 68.22
CA LEU B 110 4.78 -17.89 69.36
C LEU B 110 4.61 -17.02 70.60
N GLU B 111 3.36 -16.84 71.04
CA GLU B 111 3.04 -15.82 72.03
C GLU B 111 3.11 -16.38 73.44
N PHE B 112 2.96 -15.48 74.41
CA PHE B 112 2.80 -15.82 75.82
C PHE B 112 1.43 -15.28 76.26
N SER B 113 0.38 -15.96 75.82
CA SER B 113 -1.00 -15.49 75.98
C SER B 113 -1.53 -15.95 77.32
N LYS B 114 -1.50 -15.06 78.32
CA LYS B 114 -1.95 -15.34 79.69
C LYS B 114 -2.53 -14.06 80.31
N PHE B 115 -3.70 -13.62 79.83
CA PHE B 115 -4.35 -12.47 80.42
C PHE B 115 -5.85 -12.65 80.39
N GLU B 116 -6.56 -11.74 81.07
CA GLU B 116 -8.05 -11.84 81.14
C GLU B 116 -8.65 -10.43 81.27
N ALA B 117 -9.92 -10.27 80.89
CA ALA B 117 -10.60 -8.96 81.01
C ALA B 117 -11.88 -8.86 81.85
N PHE B 118 -13.04 -9.05 81.22
CA PHE B 118 -14.33 -8.88 81.94
C PHE B 118 -14.44 -9.88 83.10
N THR B 119 -15.26 -9.55 84.09
CA THR B 119 -15.47 -10.47 85.28
C THR B 119 -16.57 -11.42 84.85
N SER B 120 -16.67 -12.55 85.55
CA SER B 120 -17.68 -13.61 85.21
C SER B 120 -19.00 -12.94 85.64
N ASN B 121 -18.99 -12.22 86.77
CA ASN B 121 -20.25 -11.65 87.30
C ASN B 121 -20.31 -10.13 87.11
N GLY B 122 -19.35 -9.55 86.39
CA GLY B 122 -19.42 -8.10 86.11
C GLY B 122 -20.71 -7.74 85.40
N TRP B 123 -21.22 -8.68 84.59
CA TRP B 123 -22.51 -8.45 83.88
C TRP B 123 -23.64 -8.29 84.91
N GLY B 124 -24.52 -7.32 84.70
CA GLY B 124 -25.57 -7.03 85.66
C GLY B 124 -26.83 -7.86 85.46
N ALA B 125 -27.46 -8.21 86.59
CA ALA B 125 -28.80 -8.79 86.64
C ALA B 125 -28.96 -9.96 85.66
N VAL B 126 -27.96 -10.84 85.63
CA VAL B 126 -28.06 -12.10 84.90
C VAL B 126 -27.49 -13.19 85.79
N ASN B 127 -28.10 -14.38 85.73
CA ASN B 127 -27.49 -15.56 86.34
C ASN B 127 -26.05 -15.67 85.87
N SER B 128 -25.10 -15.51 86.79
CA SER B 128 -23.70 -15.38 86.43
C SER B 128 -22.87 -16.58 86.89
N GLY B 129 -23.49 -17.69 87.24
CA GLY B 129 -22.73 -18.86 87.67
C GLY B 129 -23.43 -20.18 87.46
N ALA B 130 -24.12 -20.33 86.33
CA ALA B 130 -24.89 -21.54 86.07
C ALA B 130 -24.52 -22.18 84.73
N GLY B 131 -23.26 -22.07 84.33
CA GLY B 131 -22.81 -22.60 83.06
C GLY B 131 -22.49 -24.08 83.10
N VAL B 132 -23.51 -24.92 83.33
CA VAL B 132 -23.35 -26.37 83.30
C VAL B 132 -23.94 -26.89 82.01
N THR B 133 -23.21 -27.79 81.35
CA THR B 133 -23.69 -28.47 80.15
C THR B 133 -23.22 -29.92 80.16
N ALA B 134 -24.12 -30.83 79.77
CA ALA B 134 -23.77 -32.24 79.64
C ALA B 134 -22.90 -32.53 78.43
N ALA B 135 -22.63 -31.52 77.60
CA ALA B 135 -21.69 -31.70 76.49
C ALA B 135 -20.26 -31.38 76.91
N CYS B 136 -20.06 -30.29 77.63
CA CYS B 136 -18.75 -29.92 78.16
C CYS B 136 -18.54 -30.46 79.57
N LYS B 137 -18.87 -31.73 79.77
CA LYS B 137 -18.76 -32.34 81.10
C LYS B 137 -17.32 -32.28 81.60
N PHE B 138 -17.13 -31.69 82.78
CA PHE B 138 -15.84 -31.72 83.45
C PHE B 138 -15.70 -33.08 84.15
N GLY B 139 -15.39 -34.09 83.35
CA GLY B 139 -15.29 -35.44 83.87
C GLY B 139 -16.64 -35.91 84.40
N SER B 140 -16.68 -36.23 85.69
CA SER B 140 -17.92 -36.73 86.30
C SER B 140 -18.94 -35.62 86.47
N SER B 141 -18.49 -34.37 86.62
CA SER B 141 -19.39 -33.25 86.81
C SER B 141 -19.73 -32.61 85.47
N ASN B 142 -20.62 -31.62 85.52
CA ASN B 142 -21.06 -30.88 84.34
C ASN B 142 -20.51 -29.46 84.39
N SER B 143 -20.08 -28.95 83.24
CA SER B 143 -19.49 -27.62 83.16
C SER B 143 -19.51 -27.17 81.70
N PHE B 144 -18.78 -26.08 81.42
CA PHE B 144 -18.73 -25.47 80.11
C PHE B 144 -17.33 -24.92 79.89
N PHE B 145 -17.04 -24.54 78.64
CA PHE B 145 -15.76 -23.91 78.27
C PHE B 145 -15.36 -22.87 79.30
N ARG B 146 -14.06 -22.82 79.59
CA ARG B 146 -13.58 -21.93 80.64
C ARG B 146 -13.37 -20.51 80.15
N ASN B 147 -12.88 -20.34 78.92
CA ASN B 147 -12.68 -19.00 78.37
C ASN B 147 -14.00 -18.31 78.02
N MET B 148 -15.14 -18.95 78.30
CA MET B 148 -16.45 -18.46 77.88
C MET B 148 -17.45 -18.66 79.01
N VAL B 149 -18.27 -17.64 79.27
CA VAL B 149 -19.30 -17.71 80.31
C VAL B 149 -20.65 -17.75 79.65
N TRP B 150 -21.48 -18.72 80.03
CA TRP B 150 -22.79 -18.91 79.40
C TRP B 150 -23.86 -18.34 80.34
N LEU B 151 -24.48 -17.24 79.92
CA LEU B 151 -25.32 -16.42 80.79
C LEU B 151 -26.80 -16.74 80.59
N ILE B 152 -27.53 -16.77 81.69
CA ILE B 152 -28.95 -17.08 81.72
C ILE B 152 -29.69 -15.90 82.37
N HIS B 153 -31.02 -15.95 82.26
CA HIS B 153 -31.86 -14.95 82.91
C HIS B 153 -31.60 -14.92 84.41
N GLN B 154 -31.82 -13.76 85.02
CA GLN B 154 -31.71 -13.60 86.46
C GLN B 154 -33.10 -13.36 87.02
N SER B 155 -33.57 -14.30 87.84
CA SER B 155 -34.89 -14.22 88.45
C SER B 155 -35.97 -13.99 87.39
N GLY B 156 -35.86 -14.74 86.30
CA GLY B 156 -36.77 -14.59 85.19
C GLY B 156 -36.60 -13.31 84.41
N THR B 157 -35.38 -12.77 84.36
CA THR B 157 -35.15 -11.48 83.71
C THR B 157 -33.77 -11.50 83.07
N TYR B 158 -33.72 -11.48 81.74
CA TYR B 158 -32.45 -11.36 81.01
C TYR B 158 -32.43 -10.00 80.33
N PRO B 159 -31.85 -8.99 80.95
CA PRO B 159 -31.88 -7.63 80.40
C PRO B 159 -30.85 -7.45 79.30
N VAL B 160 -30.83 -6.25 78.72
CA VAL B 160 -29.86 -5.90 77.70
C VAL B 160 -28.55 -5.55 78.41
N ILE B 161 -27.58 -6.44 78.31
CA ILE B 161 -26.29 -6.27 78.97
C ILE B 161 -25.27 -5.78 77.96
N LYS B 162 -24.21 -5.15 78.48
CA LYS B 162 -23.26 -4.41 77.64
C LYS B 162 -21.98 -4.06 78.38
N ARG B 163 -20.83 -4.41 77.83
CA ARG B 163 -19.55 -4.03 78.40
C ARG B 163 -18.56 -3.69 77.28
N THR B 164 -17.46 -3.04 77.68
CA THR B 164 -16.46 -2.55 76.74
C THR B 164 -15.07 -2.83 77.31
N PHE B 165 -14.15 -3.23 76.43
CA PHE B 165 -12.76 -3.44 76.79
C PHE B 165 -11.87 -2.50 75.98
N ASN B 166 -11.06 -1.71 76.68
CA ASN B 166 -10.00 -0.91 76.08
C ASN B 166 -8.70 -1.72 76.16
N ASN B 167 -8.06 -1.94 75.00
CA ASN B 167 -6.83 -2.72 74.96
C ASN B 167 -5.64 -1.79 75.24
N THR B 168 -5.39 -1.57 76.53
CA THR B 168 -4.23 -0.81 76.96
C THR B 168 -3.01 -1.70 77.18
N LYS B 169 -3.05 -2.95 76.70
CA LYS B 169 -1.89 -3.82 76.78
C LYS B 169 -0.81 -3.44 75.78
N GLY B 170 -1.18 -2.77 74.68
CA GLY B 170 -0.23 -2.37 73.68
C GLY B 170 0.11 -3.44 72.66
N ARG B 171 -0.67 -4.52 72.60
CA ARG B 171 -0.38 -5.61 71.68
C ARG B 171 -1.69 -6.30 71.32
N ASP B 172 -1.65 -7.07 70.23
CA ASP B 172 -2.85 -7.75 69.76
C ASP B 172 -3.38 -8.74 70.81
N VAL B 173 -4.68 -8.68 71.06
CA VAL B 173 -5.33 -9.50 72.06
C VAL B 173 -6.41 -10.33 71.37
N LEU B 174 -6.27 -11.65 71.41
CA LEU B 174 -7.23 -12.54 70.77
C LEU B 174 -8.39 -12.79 71.71
N ILE B 175 -9.55 -12.21 71.40
CA ILE B 175 -10.77 -12.39 72.18
C ILE B 175 -11.68 -13.36 71.43
N VAL B 176 -12.19 -14.35 72.16
CA VAL B 176 -13.14 -15.31 71.62
C VAL B 176 -14.49 -15.10 72.31
N TRP B 177 -15.57 -15.24 71.56
CA TRP B 177 -16.90 -15.31 72.15
C TRP B 177 -17.72 -16.31 71.34
N GLY B 178 -18.99 -16.49 71.72
CA GLY B 178 -19.84 -17.47 71.08
C GLY B 178 -21.29 -17.08 71.17
N ILE B 179 -22.11 -17.79 70.40
CA ILE B 179 -23.54 -17.49 70.31
C ILE B 179 -24.31 -18.80 70.21
N HIS B 180 -25.37 -18.91 71.00
CA HIS B 180 -26.15 -20.13 71.14
C HIS B 180 -27.30 -20.14 70.14
N HIS B 181 -27.43 -21.26 69.42
CA HIS B 181 -28.54 -21.49 68.51
C HIS B 181 -29.43 -22.57 69.11
N PRO B 182 -30.49 -22.21 69.81
CA PRO B 182 -31.29 -23.21 70.54
C PRO B 182 -32.04 -24.15 69.60
N ALA B 183 -32.46 -25.28 70.16
CA ALA B 183 -33.17 -26.28 69.38
C ALA B 183 -34.66 -25.93 69.24
N THR B 184 -35.27 -25.40 70.30
CA THR B 184 -36.67 -25.02 70.29
C THR B 184 -36.81 -23.61 70.84
N LEU B 185 -37.96 -22.99 70.54
CA LEU B 185 -38.27 -21.69 71.11
C LEU B 185 -38.39 -21.76 72.63
N LYS B 186 -38.80 -22.92 73.15
CA LYS B 186 -38.98 -23.08 74.58
C LYS B 186 -37.66 -22.99 75.33
N GLU B 187 -36.59 -23.52 74.74
CA GLU B 187 -35.27 -23.41 75.37
C GLU B 187 -34.84 -21.94 75.45
N HIS B 188 -35.06 -21.18 74.37
CA HIS B 188 -34.74 -19.76 74.38
C HIS B 188 -35.54 -19.02 75.44
N GLN B 189 -36.81 -19.38 75.62
CA GLN B 189 -37.60 -18.74 76.68
C GLN B 189 -37.10 -19.14 78.06
N ASP B 190 -36.76 -20.40 78.25
CA ASP B 190 -36.29 -20.86 79.56
C ASP B 190 -34.97 -20.20 79.94
N LEU B 191 -34.14 -19.87 78.95
CA LEU B 191 -32.80 -19.38 79.24
C LEU B 191 -32.69 -17.86 79.20
N TYR B 192 -33.31 -17.20 78.22
CA TYR B 192 -33.18 -15.76 78.08
C TYR B 192 -34.49 -15.02 78.28
N LYS B 193 -35.56 -15.74 78.64
CA LYS B 193 -36.87 -15.18 78.97
C LYS B 193 -37.38 -14.22 77.90
N LYS B 194 -37.01 -14.48 76.65
CA LYS B 194 -37.59 -13.81 75.49
C LYS B 194 -37.65 -14.82 74.35
N ASP B 195 -38.36 -14.46 73.29
CA ASP B 195 -38.46 -15.33 72.13
C ASP B 195 -37.29 -15.15 71.17
N SER B 196 -36.81 -13.92 71.01
CA SER B 196 -35.71 -13.63 70.11
C SER B 196 -34.74 -12.68 70.79
N SER B 197 -33.51 -12.66 70.28
CA SER B 197 -32.45 -11.86 70.86
C SER B 197 -31.40 -11.54 69.79
N TYR B 198 -30.35 -10.86 70.21
CA TYR B 198 -29.27 -10.47 69.31
C TYR B 198 -27.97 -10.39 70.08
N VAL B 199 -26.87 -10.36 69.34
CA VAL B 199 -25.53 -10.14 69.89
C VAL B 199 -24.85 -9.11 68.99
N ALA B 200 -24.75 -7.88 69.46
CA ALA B 200 -24.13 -6.78 68.73
C ALA B 200 -22.71 -6.58 69.27
N VAL B 201 -21.72 -6.75 68.41
CA VAL B 201 -20.31 -6.60 68.78
C VAL B 201 -19.69 -5.58 67.85
N GLY B 202 -18.93 -4.64 68.44
CA GLY B 202 -18.32 -3.61 67.61
C GLY B 202 -17.15 -2.85 68.20
N SER B 203 -16.18 -2.50 67.37
CA SER B 203 -14.98 -1.79 67.82
C SER B 203 -14.65 -0.72 66.78
N GLU B 204 -13.39 -0.26 66.79
CA GLU B 204 -12.91 0.60 65.70
C GLU B 204 -12.72 -0.17 64.40
N THR B 205 -12.87 -1.49 64.42
CA THR B 205 -12.70 -2.33 63.24
C THR B 205 -13.88 -3.26 63.00
N TYR B 206 -14.48 -3.80 64.05
CA TYR B 206 -15.46 -4.87 63.93
C TYR B 206 -16.89 -4.32 64.02
N ASN B 207 -17.82 -5.03 63.39
CA ASN B 207 -19.22 -4.58 63.31
C ASN B 207 -20.06 -5.79 62.91
N ARG B 208 -20.67 -6.46 63.89
CA ARG B 208 -21.48 -7.64 63.57
C ARG B 208 -22.63 -7.75 64.56
N ARG B 209 -23.87 -7.75 64.04
CA ARG B 209 -25.05 -8.17 64.79
C ARG B 209 -25.38 -9.60 64.40
N PHE B 210 -25.28 -10.51 65.35
CA PHE B 210 -25.72 -11.87 65.15
C PHE B 210 -27.07 -12.06 65.82
N THR B 211 -27.75 -13.14 65.43
CA THR B 211 -29.00 -13.55 66.05
C THR B 211 -28.99 -15.06 66.19
N PRO B 212 -29.61 -15.60 67.23
CA PRO B 212 -29.74 -17.05 67.33
C PRO B 212 -30.68 -17.45 66.21
N GLU B 213 -30.54 -18.70 65.79
CA GLU B 213 -31.38 -19.29 64.75
C GLU B 213 -31.85 -20.64 65.31
N ILE B 214 -33.16 -20.75 65.56
CA ILE B 214 -33.72 -21.83 66.35
C ILE B 214 -34.21 -22.91 65.38
N SER B 215 -33.86 -24.17 65.66
CA SER B 215 -34.27 -25.32 64.89
C SER B 215 -33.75 -26.57 65.58
N THR B 216 -34.52 -27.65 65.50
CA THR B 216 -34.13 -28.92 66.09
C THR B 216 -33.26 -29.70 65.11
N ARG B 217 -32.12 -30.17 65.58
CA ARG B 217 -31.11 -30.87 64.80
C ARG B 217 -30.74 -32.16 65.50
N PRO B 218 -30.20 -33.13 64.76
CA PRO B 218 -29.75 -34.38 65.39
C PRO B 218 -28.73 -34.11 66.49
N ASN B 219 -28.80 -34.93 67.53
CA ASN B 219 -28.01 -34.68 68.74
C ASN B 219 -26.54 -34.98 68.51
N VAL B 220 -25.69 -34.05 68.94
CA VAL B 220 -24.25 -34.25 69.02
C VAL B 220 -23.84 -33.95 70.46
N ASN B 221 -23.27 -34.94 71.15
CA ASN B 221 -23.04 -34.88 72.59
C ASN B 221 -24.35 -34.68 73.35
N GLY B 222 -25.46 -35.16 72.78
CA GLY B 222 -26.74 -35.07 73.43
C GLY B 222 -27.43 -33.72 73.32
N GLN B 223 -27.02 -32.88 72.38
CA GLN B 223 -27.55 -31.54 72.23
C GLN B 223 -28.13 -31.35 70.84
N ALA B 224 -29.38 -30.89 70.77
CA ALA B 224 -30.01 -30.56 69.50
C ALA B 224 -29.79 -29.10 69.11
N GLY B 225 -29.21 -28.29 69.99
CA GLY B 225 -28.82 -26.94 69.65
C GLY B 225 -27.33 -26.85 69.36
N ARG B 226 -26.93 -25.73 68.76
CA ARG B 226 -25.55 -25.55 68.35
C ARG B 226 -25.01 -24.25 68.94
N MET B 227 -23.75 -23.95 68.59
CA MET B 227 -23.07 -22.77 69.10
C MET B 227 -22.04 -22.32 68.08
N THR B 228 -22.23 -21.14 67.50
CA THR B 228 -21.24 -20.59 66.58
C THR B 228 -20.30 -19.68 67.35
N PHE B 229 -19.01 -19.98 67.30
CA PHE B 229 -17.98 -19.25 68.02
C PHE B 229 -17.22 -18.33 67.07
N TYR B 230 -16.88 -17.15 67.57
CA TYR B 230 -16.23 -16.12 66.78
C TYR B 230 -14.99 -15.65 67.53
N TRP B 231 -13.99 -15.21 66.77
CA TRP B 231 -12.74 -14.73 67.34
C TRP B 231 -12.35 -13.45 66.62
N THR B 232 -11.76 -12.52 67.37
CA THR B 232 -11.28 -11.27 66.83
C THR B 232 -10.01 -10.85 67.56
N MET B 233 -9.10 -10.21 66.83
CA MET B 233 -7.86 -9.70 67.42
C MET B 233 -8.02 -8.19 67.64
N VAL B 234 -8.20 -7.81 68.90
CA VAL B 234 -8.22 -6.39 69.28
C VAL B 234 -6.80 -5.85 69.15
N LYS B 235 -6.61 -4.92 68.23
CA LYS B 235 -5.32 -4.28 68.04
C LYS B 235 -5.05 -3.33 69.19
N PRO B 236 -3.79 -2.92 69.40
CA PRO B 236 -3.47 -2.11 70.58
C PRO B 236 -4.24 -0.79 70.60
N GLY B 237 -4.82 -0.49 71.77
CA GLY B 237 -5.58 0.73 72.03
C GLY B 237 -6.89 0.79 71.25
N GLU B 238 -7.41 -0.36 70.85
CA GLU B 238 -8.76 -0.46 70.32
C GLU B 238 -9.74 -0.70 71.47
N SER B 239 -11.00 -0.31 71.26
CA SER B 239 -12.06 -0.48 72.23
C SER B 239 -13.18 -1.29 71.61
N ILE B 240 -13.48 -2.44 72.20
CA ILE B 240 -14.51 -3.33 71.66
C ILE B 240 -15.66 -3.41 72.66
N THR B 241 -16.88 -3.35 72.14
CA THR B 241 -18.10 -3.36 72.94
C THR B 241 -18.92 -4.60 72.58
N PHE B 242 -19.36 -5.31 73.61
CA PHE B 242 -20.26 -6.44 73.50
C PHE B 242 -21.61 -6.04 74.11
N GLU B 243 -22.69 -6.33 73.39
CA GLU B 243 -24.03 -5.96 73.79
C GLU B 243 -24.98 -7.08 73.38
N SER B 244 -25.94 -7.40 74.25
CA SER B 244 -26.80 -8.54 73.93
C SER B 244 -28.02 -8.58 74.85
N ASN B 245 -29.02 -9.35 74.42
CA ASN B 245 -30.20 -9.66 75.23
C ASN B 245 -30.60 -11.12 75.11
N GLY B 246 -29.66 -12.00 74.83
CA GLY B 246 -29.92 -13.43 74.78
C GLY B 246 -28.95 -14.14 73.87
N ALA B 247 -28.90 -15.47 74.04
CA ALA B 247 -28.08 -16.36 73.19
C ALA B 247 -26.63 -15.90 73.14
N PHE B 248 -26.14 -15.40 74.26
CA PHE B 248 -24.85 -14.72 74.30
C PHE B 248 -23.89 -15.48 75.20
N LEU B 249 -22.83 -16.01 74.58
CA LEU B 249 -21.69 -16.53 75.32
C LEU B 249 -20.72 -15.37 75.54
N ALA B 250 -20.54 -15.00 76.80
CA ALA B 250 -19.77 -13.83 77.19
C ALA B 250 -18.28 -14.13 77.16
N PRO B 251 -17.47 -13.28 76.54
CA PRO B 251 -16.02 -13.45 76.62
C PRO B 251 -15.53 -13.23 78.05
N ARG B 252 -14.67 -14.15 78.51
CA ARG B 252 -14.05 -14.03 79.82
C ARG B 252 -12.53 -14.02 79.74
N TYR B 253 -11.92 -14.99 79.06
CA TYR B 253 -10.48 -15.14 79.03
C TYR B 253 -9.98 -14.88 77.61
N ALA B 254 -9.27 -13.76 77.43
CA ALA B 254 -8.67 -13.40 76.16
C ALA B 254 -7.21 -13.82 76.14
N PHE B 255 -6.56 -13.56 75.01
CA PHE B 255 -5.17 -13.97 74.79
C PHE B 255 -4.38 -12.80 74.22
N GLU B 256 -3.52 -12.21 75.04
CA GLU B 256 -2.59 -11.19 74.56
C GLU B 256 -1.41 -11.86 73.87
N ILE B 257 -1.26 -11.57 72.58
CA ILE B 257 -0.21 -12.21 71.78
C ILE B 257 1.11 -11.46 72.01
N VAL B 258 2.09 -12.16 72.59
CA VAL B 258 3.34 -11.53 73.00
C VAL B 258 4.35 -11.55 71.87
N SER B 259 4.85 -12.74 71.52
CA SER B 259 5.92 -12.88 70.54
C SER B 259 5.33 -13.40 69.23
N VAL B 260 5.04 -12.48 68.30
CA VAL B 260 4.54 -12.86 66.99
C VAL B 260 5.68 -13.45 66.18
N GLY B 261 5.79 -14.78 66.17
CA GLY B 261 6.90 -15.45 65.51
C GLY B 261 6.51 -16.19 64.25
N ASN B 262 7.17 -17.31 63.98
CA ASN B 262 6.92 -18.13 62.78
C ASN B 262 6.94 -19.63 63.13
N GLY B 263 6.08 -20.02 64.07
CA GLY B 263 5.92 -21.42 64.46
C GLY B 263 4.60 -21.97 63.96
N LYS B 264 4.61 -23.24 63.55
CA LYS B 264 3.51 -23.82 62.80
C LYS B 264 2.65 -24.75 63.67
N LEU B 265 1.80 -25.54 63.01
CA LEU B 265 0.84 -26.43 63.67
C LEU B 265 0.90 -27.80 63.01
N PHE B 266 1.58 -28.76 63.65
CA PHE B 266 1.63 -30.11 63.11
C PHE B 266 0.39 -30.88 63.51
N ARG B 267 0.00 -31.82 62.66
CA ARG B 267 -0.82 -32.97 63.05
C ARG B 267 0.13 -34.17 63.09
N SER B 268 0.66 -34.46 64.27
CA SER B 268 1.68 -35.49 64.43
C SER B 268 1.37 -36.34 65.65
N GLU B 269 1.66 -37.64 65.54
CA GLU B 269 1.36 -38.61 66.59
C GLU B 269 2.66 -39.04 67.26
N LEU B 270 3.27 -38.10 67.98
CA LEU B 270 4.57 -38.35 68.62
C LEU B 270 4.54 -37.71 70.01
N SER B 271 5.72 -37.55 70.60
CA SER B 271 5.87 -37.02 71.95
C SER B 271 7.05 -36.06 71.99
N ILE B 272 7.04 -35.18 73.00
CA ILE B 272 8.17 -34.21 73.16
C ILE B 272 9.43 -35.02 73.48
N GLU B 273 10.61 -34.50 73.11
CA GLU B 273 11.85 -35.30 73.32
C GLU B 273 13.03 -34.58 73.94
N SER B 274 13.77 -33.77 73.17
CA SER B 274 15.02 -33.14 73.70
C SER B 274 15.14 -31.75 73.08
N CYS B 275 16.17 -31.01 73.47
CA CYS B 275 16.40 -29.64 72.95
C CYS B 275 17.49 -29.55 71.89
N ASN B 276 18.11 -30.69 71.55
CA ASN B 276 19.23 -30.70 70.61
C ASN B 276 18.69 -30.98 69.21
N THR B 277 18.54 -29.93 68.41
CA THR B 277 18.01 -30.05 67.06
C THR B 277 18.46 -28.85 66.22
N THR B 278 18.59 -29.08 64.92
CA THR B 278 18.76 -27.99 63.96
C THR B 278 17.57 -27.83 63.01
N CYS B 279 16.82 -28.91 62.73
CA CYS B 279 15.61 -28.78 61.94
C CYS B 279 14.59 -29.81 62.40
N GLN B 280 13.31 -29.44 62.36
CA GLN B 280 12.24 -30.30 62.86
C GLN B 280 11.18 -30.55 61.80
N THR B 281 10.74 -31.80 61.71
CA THR B 281 9.73 -32.30 60.78
C THR B 281 8.70 -33.11 61.55
N PRO B 282 7.48 -33.24 61.01
CA PRO B 282 6.41 -33.93 61.77
C PRO B 282 6.79 -35.30 62.30
N LYS B 283 7.58 -36.10 61.57
CA LYS B 283 7.95 -37.42 62.07
C LYS B 283 9.25 -37.44 62.86
N GLY B 284 10.09 -36.40 62.75
CA GLY B 284 11.35 -36.47 63.48
C GLY B 284 12.21 -35.24 63.24
N ALA B 285 13.34 -35.22 63.94
CA ALA B 285 14.30 -34.15 63.82
C ALA B 285 15.44 -34.56 62.90
N ILE B 286 16.09 -33.56 62.32
CA ILE B 286 17.12 -33.74 61.31
C ILE B 286 18.20 -32.68 61.52
N ASN B 287 19.47 -33.09 61.40
CA ASN B 287 20.63 -32.28 61.80
C ASN B 287 21.71 -32.38 60.72
N THR B 288 21.53 -31.63 59.63
CA THR B 288 22.57 -31.46 58.61
C THR B 288 22.48 -30.06 58.05
N SER B 289 23.56 -29.65 57.38
CA SER B 289 23.55 -28.47 56.53
C SER B 289 23.58 -28.84 55.06
N LEU B 290 23.28 -30.10 54.72
CA LEU B 290 23.08 -30.54 53.35
C LEU B 290 21.99 -29.68 52.71
N PRO B 291 21.98 -29.53 51.38
CA PRO B 291 21.00 -28.62 50.77
C PRO B 291 19.62 -29.20 50.54
N PHE B 292 19.47 -30.52 50.51
CA PHE B 292 18.20 -31.14 50.11
C PHE B 292 17.77 -32.24 51.08
N GLN B 293 16.45 -32.41 51.16
CA GLN B 293 15.82 -33.43 51.98
C GLN B 293 14.59 -34.00 51.30
N ASN B 294 14.36 -35.29 51.48
CA ASN B 294 13.14 -35.94 51.03
C ASN B 294 12.35 -36.34 52.26
N ILE B 295 12.56 -35.64 53.37
CA ILE B 295 11.82 -35.94 54.58
C ILE B 295 10.33 -35.58 54.57
N HIS B 296 9.99 -34.31 54.41
CA HIS B 296 8.67 -33.80 54.26
C HIS B 296 8.81 -32.31 54.00
N PRO B 297 7.85 -31.68 53.31
CA PRO B 297 7.90 -30.22 53.16
C PRO B 297 7.69 -29.33 54.38
N ILE B 298 6.84 -29.75 55.32
CA ILE B 298 6.56 -28.96 56.52
C ILE B 298 7.75 -29.12 57.46
N THR B 299 8.52 -28.05 57.61
CA THR B 299 9.74 -28.08 58.43
C THR B 299 9.84 -26.75 59.18
N ILE B 300 10.46 -26.79 60.36
CA ILE B 300 10.74 -25.57 61.12
C ILE B 300 12.20 -25.56 61.54
N GLY B 301 12.82 -24.38 61.41
CA GLY B 301 14.22 -24.21 61.74
C GLY B 301 15.03 -23.81 60.52
N LYS B 302 16.35 -23.87 60.62
CA LYS B 302 17.22 -23.72 59.45
C LYS B 302 17.24 -25.08 58.76
N CYS B 303 16.42 -25.23 57.73
CA CYS B 303 16.13 -26.54 57.17
C CYS B 303 16.55 -26.63 55.71
N PRO B 304 17.05 -27.79 55.28
CA PRO B 304 17.26 -28.01 53.85
C PRO B 304 15.93 -28.13 53.12
N LYS B 305 16.03 -28.09 51.79
CA LYS B 305 14.86 -28.01 50.94
C LYS B 305 14.26 -29.39 50.70
N TYR B 306 12.93 -29.45 50.67
CA TYR B 306 12.23 -30.72 50.49
C TYR B 306 12.05 -31.03 49.00
N VAL B 307 12.36 -32.26 48.62
CA VAL B 307 12.30 -32.70 47.24
C VAL B 307 11.77 -34.14 47.18
N LYS B 308 11.32 -34.53 45.99
CA LYS B 308 10.85 -35.88 45.74
C LYS B 308 11.97 -36.89 45.52
N SER B 309 13.19 -36.43 45.31
CA SER B 309 14.27 -37.30 44.85
C SER B 309 14.57 -38.39 45.88
N THR B 310 14.99 -39.55 45.38
CA THR B 310 15.47 -40.64 46.21
C THR B 310 16.97 -40.66 46.36
N LYS B 311 17.71 -40.08 45.41
CA LYS B 311 19.17 -40.06 45.46
C LYS B 311 19.67 -38.84 44.71
N LEU B 312 20.47 -38.02 45.38
CA LEU B 312 21.06 -36.81 44.79
C LEU B 312 22.55 -36.76 45.06
N ARG B 313 23.22 -37.89 44.85
CA ARG B 313 24.67 -37.94 44.99
C ARG B 313 25.33 -37.30 43.77
N LEU B 314 26.19 -36.32 44.01
CA LEU B 314 26.86 -35.57 42.96
C LEU B 314 28.32 -36.01 42.88
N ALA B 315 28.77 -36.35 41.67
CA ALA B 315 30.13 -36.83 41.47
C ALA B 315 31.10 -35.66 41.50
N THR B 316 32.00 -35.65 42.48
CA THR B 316 33.07 -34.66 42.51
C THR B 316 34.32 -35.14 41.79
N GLY B 317 34.43 -36.43 41.49
CA GLY B 317 35.65 -36.93 40.92
C GLY B 317 35.57 -38.03 39.88
N LEU B 318 36.69 -38.68 39.64
CA LEU B 318 36.83 -39.68 38.59
C LEU B 318 36.09 -40.96 38.90
N ARG B 319 35.79 -41.70 37.82
CA ARG B 319 35.41 -43.09 37.93
C ARG B 319 36.51 -43.85 38.67
N ASN B 320 36.10 -44.80 39.49
CA ASN B 320 37.05 -45.64 40.21
C ASN B 320 37.34 -46.88 39.37
N VAL B 321 38.58 -47.01 38.90
CA VAL B 321 38.99 -48.14 38.08
C VAL B 321 40.23 -48.80 38.68
N PRO B 322 40.05 -49.66 39.69
CA PRO B 322 41.21 -50.35 40.27
C PRO B 322 41.77 -51.38 39.30
N SER B 323 43.10 -51.43 39.23
CA SER B 323 43.83 -52.38 38.39
C SER B 323 43.41 -52.29 36.92
N ASP C 1 59.41 -20.52 49.29
CA ASP C 1 58.74 -19.92 48.14
C ASP C 1 57.77 -18.79 48.48
N ILE C 2 56.90 -19.04 49.45
CA ILE C 2 55.73 -18.21 49.71
C ILE C 2 55.85 -17.77 51.16
N GLN C 3 56.15 -16.50 51.38
CA GLN C 3 56.32 -15.96 52.72
C GLN C 3 54.95 -15.64 53.32
N MET C 4 54.89 -15.68 54.66
CA MET C 4 53.62 -15.64 55.38
C MET C 4 53.58 -14.52 56.39
N THR C 5 52.57 -13.64 56.25
CA THR C 5 52.31 -12.58 57.22
C THR C 5 51.03 -12.92 57.95
N GLN C 6 51.14 -13.20 59.25
CA GLN C 6 49.97 -13.56 60.06
C GLN C 6 49.79 -12.49 61.13
N SER C 7 48.80 -11.61 60.92
CA SER C 7 48.58 -10.53 61.85
C SER C 7 47.30 -10.76 62.66
N PRO C 8 47.29 -10.38 63.95
CA PRO C 8 48.42 -9.84 64.69
C PRO C 8 49.11 -10.87 65.58
N ALA C 9 50.35 -10.60 65.97
CA ALA C 9 51.16 -11.61 66.65
C ALA C 9 50.54 -12.06 67.97
N THR C 10 49.97 -11.12 68.73
CA THR C 10 49.42 -11.43 70.04
C THR C 10 48.07 -10.74 70.21
N LEU C 11 47.09 -11.48 70.73
CA LEU C 11 45.78 -10.94 71.06
C LEU C 11 45.37 -11.33 72.47
N SER C 12 44.54 -10.50 73.06
CA SER C 12 43.82 -10.82 74.29
C SER C 12 42.42 -10.24 74.16
N ALA C 13 41.41 -11.08 74.33
CA ALA C 13 40.03 -10.66 74.14
C ALA C 13 39.14 -11.39 75.14
N SER C 14 38.14 -10.69 75.64
CA SER C 14 37.25 -11.26 76.64
C SER C 14 36.41 -12.40 76.03
N VAL C 15 35.76 -13.15 76.92
CA VAL C 15 34.96 -14.30 76.50
C VAL C 15 33.75 -13.81 75.72
N GLY C 16 33.39 -14.57 74.68
CA GLY C 16 32.28 -14.23 73.82
C GLY C 16 32.61 -13.28 72.69
N ASP C 17 33.72 -12.57 72.78
CA ASP C 17 34.08 -11.61 71.74
C ASP C 17 34.50 -12.32 70.46
N ARG C 18 34.04 -11.81 69.33
CA ARG C 18 34.50 -12.30 68.04
C ARG C 18 35.99 -11.98 67.87
N VAL C 19 36.72 -12.90 67.27
CA VAL C 19 38.15 -12.75 67.06
C VAL C 19 38.46 -12.98 65.59
N SER C 20 39.30 -12.12 65.01
CA SER C 20 39.64 -12.19 63.59
C SER C 20 41.16 -12.17 63.43
N ILE C 21 41.70 -13.22 62.82
CA ILE C 21 43.13 -13.33 62.54
C ILE C 21 43.32 -13.33 61.03
N THR C 22 44.14 -12.41 60.54
CA THR C 22 44.38 -12.25 59.11
C THR C 22 45.66 -12.97 58.71
N CYS C 23 45.60 -13.67 57.58
CA CYS C 23 46.73 -14.44 57.05
C CYS C 23 46.89 -14.01 55.59
N ARG C 24 47.94 -13.22 55.33
CA ARG C 24 48.27 -12.75 54.00
C ARG C 24 49.49 -13.51 53.48
N ALA C 25 49.48 -13.77 52.17
CA ALA C 25 50.47 -14.61 51.53
C ALA C 25 51.32 -13.86 50.52
N SER C 26 52.47 -14.46 50.19
CA SER C 26 53.37 -13.86 49.20
C SER C 26 52.82 -13.82 47.78
N GLN C 27 52.23 -14.92 47.32
CA GLN C 27 51.62 -15.04 46.02
C GLN C 27 50.23 -15.64 46.14
N SER C 28 49.64 -16.05 45.02
CA SER C 28 48.32 -16.67 45.04
C SER C 28 48.24 -18.09 45.55
N ILE C 29 47.37 -18.33 46.52
CA ILE C 29 47.18 -19.64 47.13
C ILE C 29 45.83 -20.25 46.78
N SER C 30 45.02 -19.55 45.99
CA SER C 30 43.64 -19.95 45.73
C SER C 30 42.95 -20.12 47.08
N SER C 31 42.38 -21.30 47.34
CA SER C 31 41.75 -21.55 48.63
C SER C 31 42.47 -22.63 49.41
N TRP C 32 43.77 -22.79 49.19
CA TRP C 32 44.53 -23.89 49.79
C TRP C 32 45.32 -23.42 51.01
N LEU C 33 44.56 -22.98 52.00
CA LEU C 33 45.08 -22.63 53.32
C LEU C 33 44.50 -23.57 54.36
N ALA C 34 45.33 -23.89 55.35
CA ALA C 34 44.92 -24.66 56.51
C ALA C 34 45.12 -23.81 57.75
N TRP C 35 44.47 -24.23 58.84
CA TRP C 35 44.48 -23.47 60.08
C TRP C 35 44.50 -24.44 61.25
N TYR C 36 45.51 -24.25 62.11
CA TYR C 36 45.84 -25.15 63.20
C TYR C 36 45.83 -24.40 64.52
N GLN C 37 45.30 -25.04 65.55
CA GLN C 37 45.33 -24.54 66.92
C GLN C 37 46.36 -25.36 67.69
N GLN C 38 47.55 -24.81 67.87
CA GLN C 38 48.56 -25.45 68.70
C GLN C 38 48.33 -25.00 70.14
N LYS C 39 47.82 -25.91 70.95
CA LYS C 39 47.72 -25.67 72.38
C LYS C 39 49.12 -25.81 73.00
N PRO C 40 49.32 -25.26 74.20
CA PRO C 40 50.68 -25.20 74.76
C PRO C 40 51.33 -26.57 74.88
N GLY C 41 52.50 -26.70 74.26
CA GLY C 41 53.30 -27.90 74.39
C GLY C 41 52.67 -29.16 73.83
N LYS C 42 51.71 -29.01 72.92
CA LYS C 42 50.97 -30.13 72.36
C LYS C 42 51.09 -30.10 70.84
N ALA C 43 50.62 -31.17 70.21
CA ALA C 43 50.60 -31.22 68.75
C ALA C 43 49.56 -30.25 68.22
N PRO C 44 49.81 -29.62 67.07
CA PRO C 44 48.83 -28.70 66.50
C PRO C 44 47.62 -29.45 65.96
N LYS C 45 46.45 -28.85 66.13
CA LYS C 45 45.17 -29.45 65.79
C LYS C 45 44.57 -28.69 64.62
N LEU C 46 44.35 -29.39 63.50
CA LEU C 46 43.86 -28.75 62.28
C LEU C 46 42.45 -28.21 62.51
N LEU C 47 42.32 -26.88 62.50
CA LEU C 47 41.00 -26.28 62.64
C LEU C 47 40.24 -26.31 61.33
N ILE C 48 40.85 -25.78 60.26
CA ILE C 48 40.13 -25.59 59.00
C ILE C 48 41.05 -25.95 57.84
N TYR C 49 40.49 -26.64 56.84
CA TYR C 49 41.17 -26.92 55.58
C TYR C 49 40.45 -26.24 54.43
N LYS C 50 41.06 -26.30 53.25
CA LYS C 50 40.39 -25.74 52.04
C LYS C 50 39.91 -24.33 52.38
N ALA C 51 40.43 -23.73 53.45
CA ALA C 51 40.09 -22.35 53.82
C ALA C 51 38.65 -22.25 54.33
N SER C 52 37.69 -22.80 53.59
CA SER C 52 36.26 -22.65 53.99
C SER C 52 35.68 -24.02 54.34
N SER C 53 36.48 -24.88 54.96
CA SER C 53 36.01 -26.22 55.30
C SER C 53 36.33 -26.50 56.76
N LEU C 54 35.29 -26.62 57.58
CA LEU C 54 35.46 -26.96 58.98
C LEU C 54 35.70 -28.46 59.12
N GLU C 55 36.77 -28.82 59.82
CA GLU C 55 37.03 -30.24 60.06
C GLU C 55 35.98 -30.80 61.02
N SER C 56 35.77 -32.12 60.91
CA SER C 56 34.84 -32.80 61.81
C SER C 56 35.30 -32.65 63.25
N GLY C 57 34.33 -32.41 64.14
CA GLY C 57 34.61 -32.30 65.56
C GLY C 57 35.09 -30.94 66.01
N VAL C 58 35.01 -29.92 65.16
CA VAL C 58 35.45 -28.58 65.52
C VAL C 58 34.22 -27.73 65.81
N PRO C 59 34.23 -26.91 66.87
CA PRO C 59 33.05 -26.08 67.16
C PRO C 59 32.74 -25.14 66.01
N SER C 60 31.44 -25.00 65.71
CA SER C 60 30.97 -24.16 64.61
C SER C 60 31.27 -22.68 64.81
N ARG C 61 31.81 -22.28 65.96
CA ARG C 61 32.22 -20.90 66.15
C ARG C 61 33.38 -20.53 65.24
N PHE C 62 34.18 -21.51 64.84
CA PHE C 62 35.31 -21.27 63.96
C PHE C 62 34.82 -21.19 62.51
N SER C 63 35.16 -20.11 61.83
CA SER C 63 34.81 -19.90 60.44
C SER C 63 36.03 -19.43 59.67
N GLY C 64 36.10 -19.80 58.41
CA GLY C 64 37.23 -19.39 57.59
C GLY C 64 36.81 -18.76 56.29
N SER C 65 37.29 -17.55 56.02
CA SER C 65 36.84 -16.80 54.84
C SER C 65 38.05 -16.25 54.09
N GLY C 66 38.17 -16.60 52.83
CA GLY C 66 39.20 -16.02 51.99
C GLY C 66 39.65 -16.92 50.85
N SER C 67 40.06 -16.28 49.76
CA SER C 67 40.71 -16.95 48.64
C SER C 67 41.77 -16.00 48.09
N GLY C 68 42.66 -16.56 47.26
CA GLY C 68 43.74 -15.77 46.72
C GLY C 68 44.88 -15.58 47.70
N SER C 69 45.17 -14.33 48.07
CA SER C 69 46.29 -14.02 48.95
C SER C 69 45.85 -13.67 50.37
N GLU C 70 44.63 -13.18 50.55
CA GLU C 70 44.13 -12.77 51.87
C GLU C 70 43.22 -13.85 52.43
N PHE C 71 43.30 -14.06 53.75
CA PHE C 71 42.37 -14.95 54.41
C PHE C 71 42.15 -14.45 55.83
N THR C 72 41.02 -14.85 56.43
CA THR C 72 40.74 -14.53 57.82
C THR C 72 40.07 -15.70 58.52
N LEU C 73 40.63 -16.07 59.68
CA LEU C 73 40.01 -17.00 60.62
C LEU C 73 39.21 -16.19 61.63
N THR C 74 37.93 -16.57 61.82
CA THR C 74 37.02 -15.82 62.67
C THR C 74 36.39 -16.76 63.69
N ILE C 75 36.61 -16.48 64.97
CA ILE C 75 35.93 -17.17 66.06
C ILE C 75 34.74 -16.33 66.48
N SER C 76 33.53 -16.91 66.35
CA SER C 76 32.31 -16.16 66.60
C SER C 76 32.15 -15.83 68.08
N SER C 77 32.36 -16.82 68.96
CA SER C 77 32.28 -16.62 70.39
C SER C 77 33.52 -17.23 71.04
N LEU C 78 34.45 -16.37 71.44
CA LEU C 78 35.69 -16.84 72.05
C LEU C 78 35.41 -17.47 73.41
N GLN C 79 35.90 -18.68 73.60
CA GLN C 79 35.71 -19.46 74.81
C GLN C 79 37.01 -19.67 75.56
N PRO C 80 36.94 -20.04 76.85
CA PRO C 80 38.19 -20.26 77.62
C PRO C 80 39.16 -21.23 76.98
N ASP C 81 38.67 -22.36 76.46
CA ASP C 81 39.53 -23.39 75.88
C ASP C 81 40.22 -22.94 74.60
N ASP C 82 39.78 -21.84 74.00
CA ASP C 82 40.35 -21.37 72.74
C ASP C 82 41.63 -20.56 72.93
N PHE C 83 42.27 -20.65 74.11
CA PHE C 83 43.57 -20.05 74.33
C PHE C 83 44.65 -20.96 73.76
N ALA C 84 45.37 -20.47 72.75
CA ALA C 84 46.43 -21.24 72.12
C ALA C 84 47.19 -20.32 71.18
N ILE C 85 47.98 -20.93 70.28
CA ILE C 85 48.66 -20.21 69.21
C ILE C 85 48.13 -20.78 67.90
N TYR C 86 47.66 -19.90 67.02
CA TYR C 86 46.95 -20.28 65.81
C TYR C 86 47.84 -20.03 64.60
N TYR C 87 48.08 -21.06 63.81
CA TYR C 87 48.90 -20.97 62.61
C TYR C 87 48.05 -21.14 61.37
N CYS C 88 48.49 -20.53 60.27
CA CYS C 88 47.93 -20.74 58.95
C CYS C 88 48.98 -21.38 58.07
N GLN C 89 48.66 -22.54 57.52
CA GLN C 89 49.53 -23.33 56.66
C GLN C 89 49.15 -23.15 55.20
N GLN C 90 50.12 -23.33 54.33
CA GLN C 90 49.94 -23.25 52.89
C GLN C 90 50.36 -24.57 52.24
N TYR C 91 49.40 -25.24 51.60
CA TYR C 91 49.72 -26.44 50.84
C TYR C 91 49.44 -26.28 49.36
N ASN C 92 49.28 -25.03 48.89
CA ASN C 92 49.11 -24.80 47.46
C ASN C 92 50.36 -25.19 46.69
N SER C 93 51.53 -25.06 47.29
CA SER C 93 52.79 -25.43 46.63
C SER C 93 53.84 -25.69 47.70
N TYR C 94 54.91 -26.36 47.28
CA TYR C 94 56.04 -26.68 48.14
C TYR C 94 57.15 -25.65 47.96
N PRO C 95 57.88 -25.28 49.03
CA PRO C 95 57.71 -25.82 50.39
C PRO C 95 56.50 -25.28 51.13
N TRP C 96 55.82 -26.17 51.86
CA TRP C 96 54.71 -25.77 52.71
C TRP C 96 55.29 -24.91 53.82
N THR C 97 54.76 -23.70 53.97
CA THR C 97 55.23 -22.77 54.97
C THR C 97 54.06 -22.36 55.84
N PHE C 98 54.33 -22.14 57.12
CA PHE C 98 53.34 -21.65 58.06
C PHE C 98 53.54 -20.17 58.35
N GLY C 99 52.50 -19.55 58.90
CA GLY C 99 52.65 -18.22 59.45
C GLY C 99 53.44 -18.25 60.74
N GLN C 100 53.84 -17.05 61.18
CA GLN C 100 54.53 -16.94 62.46
C GLN C 100 53.63 -17.31 63.64
N GLY C 101 52.33 -17.43 63.43
CA GLY C 101 51.42 -17.78 64.51
C GLY C 101 50.89 -16.55 65.23
N THR C 102 49.63 -16.62 65.64
CA THR C 102 49.00 -15.57 66.43
C THR C 102 48.64 -16.06 67.82
N LYS C 103 49.07 -15.33 68.84
CA LYS C 103 48.88 -15.76 70.23
C LYS C 103 47.59 -15.22 70.83
N VAL C 104 46.59 -16.08 71.00
CA VAL C 104 45.27 -15.66 71.43
C VAL C 104 45.15 -15.81 72.95
N GLU C 105 45.13 -14.69 73.66
CA GLU C 105 44.85 -14.62 75.09
C GLU C 105 43.43 -14.17 75.35
N ILE C 106 43.06 -14.12 76.63
CA ILE C 106 41.69 -13.86 77.04
C ILE C 106 41.72 -12.80 78.12
N LYS C 107 41.09 -11.65 77.85
CA LYS C 107 40.93 -10.61 78.86
C LYS C 107 39.88 -11.04 79.88
N ARG C 108 40.25 -10.99 81.16
CA ARG C 108 39.34 -11.37 82.22
C ARG C 108 39.49 -10.40 83.39
N THR C 109 38.62 -10.59 84.39
CA THR C 109 38.65 -9.75 85.58
C THR C 109 39.96 -9.94 86.32
N VAL C 110 40.45 -8.84 86.91
CA VAL C 110 41.72 -8.87 87.62
C VAL C 110 41.56 -9.71 88.88
N ALA C 111 42.36 -10.76 89.00
CA ALA C 111 42.26 -11.72 90.10
C ALA C 111 43.51 -11.66 90.95
N ALA C 112 43.33 -11.59 92.26
CA ALA C 112 44.46 -11.59 93.19
C ALA C 112 45.08 -12.97 93.28
N PRO C 113 46.38 -13.06 93.52
CA PRO C 113 47.05 -14.36 93.60
C PRO C 113 46.89 -14.99 94.97
N SER C 114 47.36 -16.23 95.09
CA SER C 114 47.55 -16.89 96.36
C SER C 114 49.03 -17.24 96.51
N VAL C 115 49.64 -16.84 97.61
CA VAL C 115 51.09 -16.87 97.79
C VAL C 115 51.47 -17.95 98.79
N PHE C 116 52.49 -18.75 98.44
CA PHE C 116 52.98 -19.82 99.29
C PHE C 116 54.49 -19.88 99.18
N ILE C 117 55.19 -20.01 100.31
CA ILE C 117 56.65 -20.04 100.32
C ILE C 117 57.11 -21.46 100.60
N PHE C 118 58.14 -21.90 99.87
CA PHE C 118 58.75 -23.21 100.06
C PHE C 118 60.21 -23.03 100.45
N PRO C 119 60.59 -23.47 101.64
CA PRO C 119 61.99 -23.36 102.08
C PRO C 119 62.88 -24.31 101.31
N PRO C 120 64.20 -24.16 101.41
CA PRO C 120 65.10 -25.07 100.69
C PRO C 120 65.18 -26.42 101.39
N SER C 121 65.17 -27.49 100.59
CA SER C 121 65.27 -28.82 101.15
C SER C 121 66.65 -29.04 101.76
N ASP C 122 66.67 -29.59 102.97
CA ASP C 122 67.95 -29.86 103.63
C ASP C 122 68.81 -30.82 102.83
N GLU C 123 68.17 -31.75 102.11
CA GLU C 123 68.90 -32.62 101.20
C GLU C 123 69.70 -31.80 100.19
N GLN C 124 69.06 -30.81 99.57
CA GLN C 124 69.76 -29.89 98.69
C GLN C 124 70.86 -29.13 99.44
N LEU C 125 70.58 -28.72 100.67
CA LEU C 125 71.57 -27.99 101.46
C LEU C 125 72.83 -28.81 101.68
N LYS C 126 72.70 -30.13 101.75
CA LYS C 126 73.87 -30.99 101.89
C LYS C 126 74.72 -31.03 100.62
N SER C 127 74.14 -30.73 99.46
CA SER C 127 74.88 -30.71 98.21
C SER C 127 75.58 -29.38 97.95
N GLY C 128 75.51 -28.44 98.90
CA GLY C 128 76.18 -27.17 98.77
C GLY C 128 75.41 -26.10 98.04
N THR C 129 74.09 -26.27 97.87
CA THR C 129 73.25 -25.29 97.18
C THR C 129 71.97 -25.06 97.98
N ALA C 130 71.35 -23.91 97.73
CA ALA C 130 70.15 -23.52 98.47
C ALA C 130 69.25 -22.65 97.59
N SER C 131 67.95 -22.92 97.66
CA SER C 131 66.96 -22.23 96.84
C SER C 131 65.61 -22.18 97.55
N VAL C 132 65.04 -20.98 97.63
CA VAL C 132 63.74 -20.73 98.24
C VAL C 132 62.76 -20.31 97.15
N VAL C 133 61.49 -20.73 97.28
CA VAL C 133 60.52 -20.51 96.22
C VAL C 133 59.36 -19.68 96.75
N CYS C 134 59.03 -18.61 96.03
CA CYS C 134 57.77 -17.88 96.19
C CYS C 134 56.80 -18.39 95.14
N LEU C 135 55.54 -18.59 95.54
CA LEU C 135 54.51 -19.17 94.68
C LEU C 135 53.30 -18.25 94.63
N LEU C 136 52.89 -17.88 93.42
CA LEU C 136 51.66 -17.11 93.18
C LEU C 136 50.77 -17.93 92.27
N ASN C 137 49.60 -18.33 92.76
CA ASN C 137 48.70 -19.15 91.97
C ASN C 137 47.40 -18.41 91.68
N ASN C 138 46.87 -18.64 90.47
CA ASN C 138 45.55 -18.19 90.05
C ASN C 138 45.39 -16.68 90.22
N PHE C 139 46.21 -15.94 89.47
CA PHE C 139 46.14 -14.49 89.42
C PHE C 139 45.90 -14.03 87.98
N TYR C 140 45.54 -12.75 87.86
CA TYR C 140 45.34 -12.09 86.58
C TYR C 140 45.49 -10.59 86.75
N PRO C 141 46.33 -9.93 85.94
CA PRO C 141 47.11 -10.51 84.84
C PRO C 141 48.47 -11.06 85.26
N ARG C 142 49.27 -11.48 84.27
CA ARG C 142 50.63 -11.97 84.55
C ARG C 142 51.50 -10.95 85.26
N GLU C 143 51.13 -9.67 85.19
CA GLU C 143 52.00 -8.58 85.63
C GLU C 143 51.93 -8.43 87.14
N ALA C 144 52.93 -8.98 87.83
CA ALA C 144 53.09 -8.83 89.27
C ALA C 144 54.57 -8.78 89.58
N LYS C 145 54.91 -8.28 90.76
CA LYS C 145 56.30 -8.20 91.20
C LYS C 145 56.48 -9.04 92.46
N VAL C 146 57.46 -9.93 92.44
CA VAL C 146 57.82 -10.76 93.57
C VAL C 146 59.25 -10.42 93.95
N GLN C 147 59.41 -9.66 95.03
CA GLN C 147 60.71 -9.28 95.56
C GLN C 147 61.03 -10.12 96.80
N TRP C 148 62.31 -10.11 97.18
CA TRP C 148 62.83 -10.98 98.21
C TRP C 148 63.44 -10.15 99.34
N LYS C 149 63.27 -10.59 100.59
CA LYS C 149 63.71 -9.83 101.77
C LYS C 149 64.49 -10.75 102.73
N VAL C 150 65.78 -10.93 102.47
CA VAL C 150 66.65 -11.65 103.41
C VAL C 150 67.13 -10.64 104.47
N ASP C 151 66.71 -10.86 105.71
CA ASP C 151 66.91 -9.90 106.80
C ASP C 151 66.48 -8.49 106.37
N ASN C 152 65.27 -8.40 105.85
CA ASN C 152 64.64 -7.13 105.47
C ASN C 152 65.51 -6.33 104.49
N ALA C 153 66.27 -7.03 103.65
CA ALA C 153 67.18 -6.41 102.70
C ALA C 153 66.86 -6.92 101.31
N LEU C 154 66.41 -6.02 100.43
CA LEU C 154 66.14 -6.35 99.04
C LEU C 154 67.45 -6.85 98.48
N GLN C 155 67.49 -8.11 98.06
CA GLN C 155 68.66 -8.58 97.32
C GLN C 155 68.53 -8.15 95.88
N SER C 156 69.64 -7.71 95.27
CA SER C 156 69.57 -7.21 93.90
C SER C 156 69.15 -8.19 92.82
N GLY C 157 69.69 -9.41 92.87
CA GLY C 157 69.34 -10.43 91.89
C GLY C 157 69.19 -11.80 92.49
N ASN C 158 69.88 -12.78 91.92
CA ASN C 158 69.91 -14.16 92.43
C ASN C 158 68.54 -14.83 92.42
N SER C 159 67.59 -14.28 91.66
CA SER C 159 66.22 -14.78 91.64
C SER C 159 65.75 -14.89 90.19
N GLN C 160 65.29 -16.08 89.81
CA GLN C 160 64.73 -16.31 88.49
C GLN C 160 63.23 -16.57 88.62
N GLU C 161 62.52 -16.45 87.50
CA GLU C 161 61.06 -16.43 87.54
C GLU C 161 60.49 -17.22 86.37
N SER C 162 59.44 -17.99 86.65
CA SER C 162 58.77 -18.80 85.64
C SER C 162 57.27 -18.65 85.75
N VAL C 163 56.59 -18.40 84.63
CA VAL C 163 55.16 -18.13 84.59
C VAL C 163 54.48 -19.22 83.77
N THR C 164 53.56 -19.94 84.40
CA THR C 164 52.67 -20.85 83.68
C THR C 164 51.84 -20.07 82.67
N GLU C 165 51.55 -20.71 81.55
CA GLU C 165 50.66 -20.10 80.58
C GLU C 165 49.22 -20.17 81.09
N GLN C 166 48.33 -19.52 80.35
CA GLN C 166 46.96 -19.34 80.80
C GLN C 166 46.25 -20.67 80.94
N ASP C 167 45.70 -20.93 82.13
CA ASP C 167 44.89 -22.13 82.34
C ASP C 167 43.73 -22.14 81.36
N SER C 168 43.47 -23.28 80.74
CA SER C 168 42.39 -23.32 79.74
C SER C 168 41.03 -23.11 80.40
N LYS C 169 40.82 -23.67 81.58
CA LYS C 169 39.52 -23.54 82.23
C LYS C 169 39.33 -22.15 82.83
N ASP C 170 40.21 -21.78 83.77
CA ASP C 170 40.06 -20.53 84.50
C ASP C 170 40.66 -19.34 83.77
N SER C 171 41.66 -19.58 82.92
CA SER C 171 42.47 -18.51 82.32
C SER C 171 43.09 -17.63 83.40
N THR C 172 43.60 -18.27 84.44
CA THR C 172 44.36 -17.61 85.48
C THR C 172 45.80 -18.09 85.43
N TYR C 173 46.73 -17.18 85.70
CA TYR C 173 48.15 -17.46 85.58
C TYR C 173 48.73 -17.92 86.91
N SER C 174 49.95 -18.46 86.84
CA SER C 174 50.68 -18.83 88.04
C SER C 174 52.15 -18.51 87.81
N LEU C 175 52.84 -18.15 88.89
CA LEU C 175 54.21 -17.67 88.81
C LEU C 175 55.01 -18.27 89.97
N SER C 176 56.27 -18.56 89.70
CA SER C 176 57.18 -19.08 90.70
C SER C 176 58.48 -18.28 90.64
N SER C 177 58.87 -17.71 91.77
CA SER C 177 60.11 -16.96 91.90
C SER C 177 61.08 -17.81 92.72
N THR C 178 62.13 -18.30 92.07
CA THR C 178 63.11 -19.17 92.70
C THR C 178 64.35 -18.38 93.08
N LEU C 179 64.55 -18.18 94.38
CA LEU C 179 65.81 -17.72 94.92
C LEU C 179 66.85 -18.82 94.98
N THR C 180 67.91 -18.68 94.19
CA THR C 180 69.04 -19.60 94.21
C THR C 180 70.26 -18.83 94.68
N LEU C 181 70.69 -19.10 95.92
CA LEU C 181 71.90 -18.43 96.38
C LEU C 181 73.12 -19.27 95.99
N SER C 182 74.28 -18.62 95.99
CA SER C 182 75.47 -19.26 95.45
C SER C 182 76.33 -19.92 96.53
N LYS C 183 77.06 -19.11 97.29
CA LYS C 183 77.87 -19.60 98.41
C LYS C 183 77.41 -19.09 99.77
N ALA C 184 76.72 -17.93 99.83
CA ALA C 184 76.09 -17.48 101.05
C ALA C 184 74.92 -18.36 101.46
N ASP C 185 74.63 -19.42 100.70
CA ASP C 185 73.70 -20.49 101.10
C ASP C 185 73.72 -20.89 102.57
N TYR C 186 74.93 -21.20 103.04
CA TYR C 186 75.23 -21.57 104.41
C TYR C 186 75.71 -20.36 105.21
N GLU C 187 76.05 -19.25 104.56
CA GLU C 187 76.44 -18.04 105.26
C GLU C 187 75.25 -17.16 105.62
N LYS C 188 74.04 -17.60 105.30
CA LYS C 188 72.84 -16.91 105.76
C LYS C 188 72.14 -17.72 106.86
N HIS C 189 71.40 -18.76 106.46
CA HIS C 189 70.51 -19.48 107.36
C HIS C 189 69.73 -18.49 108.23
N LYS C 190 69.10 -17.54 107.55
CA LYS C 190 68.59 -16.32 108.15
C LYS C 190 67.08 -16.21 107.96
N VAL C 191 66.55 -14.99 108.01
CA VAL C 191 65.13 -14.74 107.84
C VAL C 191 64.85 -14.42 106.37
N TYR C 192 63.75 -14.97 105.84
CA TYR C 192 63.42 -14.86 104.42
C TYR C 192 61.95 -14.52 104.26
N ALA C 193 61.65 -13.74 103.20
CA ALA C 193 60.32 -13.20 102.96
C ALA C 193 60.09 -13.01 101.47
N CYS C 194 58.81 -12.81 101.11
CA CYS C 194 58.35 -12.67 99.72
C CYS C 194 57.43 -11.45 99.59
N GLU C 195 58.02 -10.29 99.26
CA GLU C 195 57.22 -9.12 98.88
C GLU C 195 56.42 -9.42 97.61
N VAL C 196 55.08 -9.47 97.71
CA VAL C 196 54.24 -9.76 96.56
C VAL C 196 53.36 -8.55 96.31
N THR C 197 53.54 -7.94 95.14
CA THR C 197 52.81 -6.74 94.74
C THR C 197 52.07 -7.04 93.44
N HIS C 198 50.75 -7.04 93.50
CA HIS C 198 49.91 -7.33 92.34
C HIS C 198 48.78 -6.32 92.28
N GLN C 199 48.25 -6.11 91.07
CA GLN C 199 47.18 -5.13 90.88
C GLN C 199 45.94 -5.50 91.69
N GLY C 200 45.68 -6.79 91.88
CA GLY C 200 44.56 -7.25 92.67
C GLY C 200 44.76 -7.17 94.17
N LEU C 201 45.81 -6.48 94.62
CA LEU C 201 46.07 -6.30 96.04
C LEU C 201 46.14 -4.81 96.33
N SER C 202 45.27 -4.33 97.22
CA SER C 202 45.31 -2.92 97.60
C SER C 202 46.63 -2.58 98.26
N SER C 203 47.11 -3.46 99.15
CA SER C 203 48.42 -3.35 99.76
C SER C 203 49.21 -4.62 99.52
N PRO C 204 50.52 -4.52 99.32
CA PRO C 204 51.33 -5.72 99.08
C PRO C 204 51.21 -6.72 100.23
N VAL C 205 51.50 -7.98 99.92
CA VAL C 205 51.45 -9.05 100.91
C VAL C 205 52.83 -9.68 100.99
N THR C 206 53.36 -9.80 102.21
CA THR C 206 54.67 -10.40 102.42
C THR C 206 54.52 -11.55 103.40
N LYS C 207 54.95 -12.74 102.99
CA LYS C 207 55.02 -13.91 103.84
C LYS C 207 56.48 -14.21 104.14
N SER C 208 56.73 -14.90 105.24
CA SER C 208 58.11 -15.08 105.69
C SER C 208 58.22 -16.32 106.57
N PHE C 209 59.44 -16.85 106.64
CA PHE C 209 59.71 -17.96 107.55
C PHE C 209 61.07 -17.79 108.18
N ASN C 210 61.38 -18.66 109.13
CA ASN C 210 62.57 -18.55 109.97
C ASN C 210 63.56 -19.67 109.68
N ARG C 211 64.78 -19.48 110.17
CA ARG C 211 65.82 -20.51 110.11
C ARG C 211 65.29 -21.84 110.65
N GLY C 212 65.23 -22.84 109.78
CA GLY C 212 64.68 -24.13 110.14
C GLY C 212 63.39 -24.02 110.92
N GLN D 1 41.61 -45.02 63.91
CA GLN D 1 42.60 -44.11 64.48
C GLN D 1 44.01 -44.68 64.36
N VAL D 2 44.96 -43.83 63.96
CA VAL D 2 46.35 -44.20 63.76
C VAL D 2 47.19 -43.37 64.72
N GLN D 3 48.21 -44.00 65.30
CA GLN D 3 49.05 -43.33 66.29
C GLN D 3 50.49 -43.24 65.80
N LEU D 4 51.11 -42.08 66.05
CA LEU D 4 52.48 -41.80 65.62
C LEU D 4 53.28 -41.39 66.85
N GLN D 5 54.24 -42.22 67.24
CA GLN D 5 55.14 -41.85 68.33
C GLN D 5 56.50 -41.49 67.77
N GLU D 6 57.29 -40.80 68.58
CA GLU D 6 58.52 -40.18 68.11
C GLU D 6 59.66 -40.54 69.05
N SER D 7 60.80 -40.93 68.48
CA SER D 7 61.99 -41.27 69.25
C SER D 7 63.15 -40.42 68.75
N GLY D 8 63.70 -39.61 69.65
CA GLY D 8 64.86 -38.80 69.40
C GLY D 8 65.80 -38.79 70.59
N PRO D 9 67.09 -38.53 70.34
CA PRO D 9 68.09 -38.69 71.41
C PRO D 9 67.99 -37.64 72.51
N GLY D 10 67.52 -36.43 72.19
CA GLY D 10 67.48 -35.37 73.18
C GLY D 10 68.64 -34.42 73.06
N LEU D 11 69.85 -34.96 72.91
CA LEU D 11 71.06 -34.18 72.64
C LEU D 11 71.78 -34.77 71.44
N VAL D 12 72.17 -33.92 70.50
CA VAL D 12 73.02 -34.28 69.38
C VAL D 12 74.20 -33.32 69.35
N LYS D 13 75.41 -33.86 69.27
CA LYS D 13 76.60 -33.03 69.31
C LYS D 13 76.68 -32.15 68.05
N PRO D 14 77.30 -30.97 68.16
CA PRO D 14 77.13 -29.94 67.12
C PRO D 14 77.73 -30.23 65.75
N SER D 15 78.25 -31.43 65.51
CA SER D 15 78.75 -31.79 64.18
C SER D 15 78.45 -33.25 63.89
N GLU D 16 77.27 -33.71 64.30
CA GLU D 16 76.87 -35.10 64.15
C GLU D 16 75.63 -35.19 63.26
N THR D 17 75.26 -36.42 62.93
CA THR D 17 74.11 -36.69 62.06
C THR D 17 72.91 -37.03 62.94
N LEU D 18 71.98 -36.10 63.04
CA LEU D 18 70.73 -36.35 63.74
C LEU D 18 69.99 -37.52 63.10
N SER D 19 69.51 -38.43 63.94
CA SER D 19 68.70 -39.57 63.49
C SER D 19 67.45 -39.63 64.35
N LEU D 20 66.29 -39.47 63.73
CA LEU D 20 65.01 -39.51 64.41
C LEU D 20 64.15 -40.60 63.82
N THR D 21 63.38 -41.29 64.66
CA THR D 21 62.53 -42.37 64.16
C THR D 21 61.10 -42.18 64.65
N CYS D 22 60.17 -42.03 63.70
CA CYS D 22 58.75 -41.99 64.00
C CYS D 22 58.18 -43.39 63.81
N SER D 23 57.60 -43.94 64.86
CA SER D 23 56.97 -45.26 64.86
C SER D 23 55.48 -45.12 64.61
N VAL D 24 54.96 -45.99 63.75
CA VAL D 24 53.60 -45.90 63.22
C VAL D 24 52.83 -47.12 63.68
N SER D 25 51.69 -46.91 64.33
CA SER D 25 50.80 -47.98 64.75
C SER D 25 49.41 -47.75 64.15
N GLY D 26 48.85 -48.79 63.56
CA GLY D 26 47.53 -48.72 62.97
C GLY D 26 47.49 -48.47 61.47
N ALA D 27 48.64 -48.52 60.79
CA ALA D 27 48.66 -48.23 59.37
C ALA D 27 49.91 -48.85 58.75
N SER D 28 49.87 -49.00 57.43
CA SER D 28 51.01 -49.48 56.65
C SER D 28 51.72 -48.28 56.03
N ILE D 29 53.04 -48.24 56.20
CA ILE D 29 53.81 -47.11 55.69
C ILE D 29 53.78 -47.08 54.17
N SER D 30 53.78 -48.24 53.53
CA SER D 30 53.83 -48.35 52.08
C SER D 30 52.61 -47.73 51.40
N SER D 31 51.65 -47.25 52.20
CA SER D 31 50.40 -46.72 51.66
C SER D 31 50.24 -45.23 51.93
N TYR D 32 51.16 -44.60 52.64
CA TYR D 32 51.03 -43.18 52.98
C TYR D 32 52.36 -42.48 52.82
N TYR D 33 52.31 -41.23 52.39
CA TYR D 33 53.45 -40.34 52.54
C TYR D 33 53.60 -39.96 54.02
N TRP D 34 54.83 -39.71 54.42
CA TRP D 34 55.16 -39.40 55.80
C TRP D 34 55.95 -38.11 55.84
N ILE D 35 55.61 -37.28 56.82
CA ILE D 35 56.01 -35.88 56.85
C ILE D 35 56.73 -35.59 58.13
N TRP D 36 57.74 -34.73 58.07
CA TRP D 36 58.41 -34.30 59.34
C TRP D 36 58.15 -32.80 59.53
N ILE D 37 57.97 -32.35 60.78
CA ILE D 37 57.63 -30.91 61.06
C ILE D 37 58.62 -30.44 62.14
N ARG D 38 58.93 -29.14 62.17
CA ARG D 38 59.92 -28.63 63.16
C ARG D 38 59.39 -27.34 63.81
N GLN D 39 59.76 -27.09 65.07
CA GLN D 39 59.35 -25.89 65.80
C GLN D 39 60.50 -25.41 66.70
N PRO D 40 61.20 -24.35 66.32
CA PRO D 40 62.24 -23.80 67.20
C PRO D 40 61.63 -22.94 68.31
N ALA D 41 61.93 -23.29 69.55
CA ALA D 41 61.47 -22.55 70.73
C ALA D 41 59.95 -22.42 70.66
N GLY D 42 59.44 -21.19 70.83
CA GLY D 42 58.00 -20.96 70.68
C GLY D 42 57.74 -20.04 69.50
N LYS D 43 58.44 -20.28 68.38
CA LYS D 43 58.33 -19.38 67.19
C LYS D 43 57.60 -20.34 66.24
N GLY D 44 57.58 -20.01 64.94
CA GLY D 44 56.83 -20.83 63.97
C GLY D 44 57.18 -22.22 63.45
N LEU D 45 56.17 -23.01 63.09
CA LEU D 45 56.39 -24.35 62.56
C LEU D 45 56.96 -24.23 61.15
N GLU D 46 57.54 -25.33 60.67
CA GLU D 46 58.15 -25.40 59.35
C GLU D 46 58.08 -26.83 58.86
N TRP D 47 57.42 -27.04 57.73
CA TRP D 47 57.37 -28.36 57.11
C TRP D 47 58.74 -28.83 56.69
N ILE D 48 59.21 -29.92 57.29
CA ILE D 48 60.52 -30.44 56.93
C ILE D 48 60.44 -31.08 55.53
N GLY D 49 59.69 -32.16 55.43
CA GLY D 49 59.69 -32.85 54.18
C GLY D 49 58.76 -34.07 54.19
N ARG D 50 58.67 -34.71 53.02
CA ARG D 50 57.73 -35.78 52.72
C ARG D 50 58.44 -36.93 52.02
N PHE D 51 58.04 -38.16 52.34
CA PHE D 51 58.67 -39.33 51.75
C PHE D 51 57.62 -40.44 51.61
N TYR D 52 57.80 -41.29 50.60
CA TYR D 52 56.86 -42.38 50.35
C TYR D 52 57.60 -43.58 49.81
N THR D 53 57.03 -44.77 50.05
CA THR D 53 57.70 -46.02 49.75
C THR D 53 57.87 -46.22 48.24
N SER D 54 56.76 -46.24 47.50
CA SER D 54 56.80 -46.36 46.03
C SER D 54 56.54 -45.01 45.38
N GLY D 55 57.27 -43.99 45.81
CA GLY D 55 57.11 -42.65 45.28
C GLY D 55 58.39 -41.85 45.34
N SER D 56 58.30 -40.53 45.17
CA SER D 56 59.46 -39.66 45.13
C SER D 56 59.44 -38.71 46.33
N PRO D 57 60.55 -38.59 47.06
CA PRO D 57 60.58 -37.68 48.20
C PRO D 57 60.80 -36.24 47.77
N ASN D 58 60.35 -35.33 48.63
CA ASN D 58 60.58 -33.90 48.44
C ASN D 58 60.76 -33.27 49.81
N TYR D 59 61.83 -32.50 49.96
CA TYR D 59 62.15 -31.87 51.23
C TYR D 59 62.19 -30.36 51.04
N ASN D 60 62.22 -29.64 52.16
CA ASN D 60 62.38 -28.19 52.14
C ASN D 60 63.56 -27.81 51.25
N PRO D 61 63.36 -26.94 50.25
CA PRO D 61 64.50 -26.39 49.53
C PRO D 61 65.53 -25.78 50.46
N SER D 62 65.09 -25.27 51.61
CA SER D 62 66.02 -24.74 52.61
C SER D 62 66.98 -25.81 53.10
N LEU D 63 66.51 -27.04 53.25
CA LEU D 63 67.31 -28.16 53.78
C LEU D 63 67.15 -29.36 52.83
N ARG D 64 68.08 -29.49 51.88
CA ARG D 64 67.92 -30.50 50.84
C ARG D 64 68.85 -31.70 51.03
N SER D 65 70.16 -31.51 50.85
CA SER D 65 71.09 -32.62 50.92
C SER D 65 71.20 -33.18 52.34
N ARG D 66 71.39 -32.29 53.31
CA ARG D 66 71.50 -32.69 54.71
C ARG D 66 70.40 -33.64 55.12
N VAL D 67 69.22 -33.52 54.54
CA VAL D 67 68.06 -34.32 54.89
C VAL D 67 68.01 -35.55 54.00
N THR D 68 67.95 -36.73 54.61
CA THR D 68 67.58 -37.96 53.93
C THR D 68 66.52 -38.67 54.76
N MET D 69 65.41 -39.02 54.11
CA MET D 69 64.30 -39.70 54.76
C MET D 69 64.23 -41.13 54.28
N SER D 70 64.03 -42.06 55.21
CA SER D 70 64.01 -43.48 54.91
C SER D 70 62.82 -44.14 55.60
N VAL D 71 62.50 -45.36 55.18
CA VAL D 71 61.31 -46.07 55.64
C VAL D 71 61.67 -47.52 55.96
N ASP D 72 61.29 -47.96 57.15
CA ASP D 72 61.34 -49.37 57.56
C ASP D 72 59.90 -49.88 57.55
N THR D 73 59.51 -50.51 56.43
CA THR D 73 58.23 -51.22 56.40
C THR D 73 58.26 -52.45 57.30
N SER D 74 59.45 -52.96 57.63
CA SER D 74 59.58 -54.05 58.57
C SER D 74 59.21 -53.60 59.98
N LYS D 75 59.87 -52.54 60.46
CA LYS D 75 59.64 -52.04 61.81
C LYS D 75 58.43 -51.11 61.92
N ASN D 76 57.77 -50.81 60.80
CA ASN D 76 56.73 -49.79 60.75
C ASN D 76 57.24 -48.48 61.37
N GLN D 77 58.34 -47.98 60.81
CA GLN D 77 58.89 -46.70 61.21
C GLN D 77 59.35 -45.94 59.98
N PHE D 78 59.48 -44.62 60.10
CA PHE D 78 60.23 -43.85 59.13
C PHE D 78 61.21 -42.95 59.85
N SER D 79 62.41 -42.85 59.30
CA SER D 79 63.51 -42.16 59.95
C SER D 79 63.92 -40.94 59.14
N LEU D 80 64.33 -39.91 59.87
CA LEU D 80 64.86 -38.67 59.32
C LEU D 80 66.32 -38.56 59.73
N LYS D 81 67.19 -38.21 58.78
CA LYS D 81 68.62 -38.17 59.05
C LYS D 81 69.20 -36.87 58.50
N LEU D 82 69.78 -36.07 59.39
CA LEU D 82 70.25 -34.72 59.10
C LEU D 82 71.76 -34.67 59.32
N THR D 83 72.51 -34.36 58.27
CA THR D 83 73.96 -34.30 58.38
C THR D 83 74.40 -32.93 58.88
N SER D 84 75.40 -32.94 59.76
CA SER D 84 76.05 -31.73 60.27
C SER D 84 75.04 -30.79 60.92
N VAL D 85 74.45 -31.26 62.03
CA VAL D 85 73.48 -30.45 62.76
C VAL D 85 74.15 -29.17 63.25
N THR D 86 73.33 -28.14 63.47
CA THR D 86 73.81 -26.84 63.92
C THR D 86 73.00 -26.39 65.14
N ALA D 87 73.41 -25.26 65.72
CA ALA D 87 72.65 -24.67 66.83
C ALA D 87 71.29 -24.20 66.35
N ALA D 88 71.21 -23.64 65.13
CA ALA D 88 69.91 -23.29 64.57
C ALA D 88 69.03 -24.52 64.39
N ASP D 89 69.63 -25.69 64.17
CA ASP D 89 68.89 -26.94 64.06
C ASP D 89 68.34 -27.45 65.41
N THR D 90 68.41 -26.64 66.47
CA THR D 90 67.89 -26.99 67.79
C THR D 90 66.41 -26.62 67.84
N ALA D 91 65.54 -27.63 67.95
CA ALA D 91 64.10 -27.37 67.85
C ALA D 91 63.33 -28.61 68.28
N VAL D 92 62.00 -28.48 68.34
CA VAL D 92 61.08 -29.59 68.53
C VAL D 92 60.83 -30.21 67.17
N TYR D 93 60.62 -31.52 67.16
CA TYR D 93 60.31 -32.26 65.95
C TYR D 93 58.95 -32.93 66.09
N TYR D 94 58.18 -32.93 65.00
CA TYR D 94 56.90 -33.62 64.93
C TYR D 94 56.86 -34.44 63.65
N CYS D 95 56.28 -35.64 63.73
CA CYS D 95 56.05 -36.48 62.56
C CYS D 95 54.54 -36.57 62.31
N ALA D 96 54.16 -36.45 61.05
CA ALA D 96 52.76 -36.46 60.66
C ALA D 96 52.54 -37.40 59.48
N ARG D 97 51.30 -37.86 59.32
CA ARG D 97 50.92 -38.71 58.22
C ARG D 97 50.24 -37.87 57.15
N GLU D 98 50.66 -38.05 55.90
CA GLU D 98 49.98 -37.42 54.77
C GLU D 98 48.82 -38.32 54.33
N GLU D 99 47.59 -37.86 54.58
CA GLU D 99 46.41 -38.59 54.19
C GLU D 99 46.30 -38.66 52.66
N HIS D 100 45.34 -39.44 52.19
CA HIS D 100 45.09 -39.56 50.76
C HIS D 100 44.33 -38.33 50.25
N ILE D 101 43.87 -38.42 49.01
CA ILE D 101 43.14 -37.33 48.39
C ILE D 101 41.76 -37.21 49.01
N THR D 102 41.39 -35.99 49.39
CA THR D 102 40.01 -35.63 49.67
C THR D 102 39.64 -34.47 48.75
N PHE D 103 38.36 -34.11 48.77
CA PHE D 103 37.92 -32.99 47.95
C PHE D 103 38.58 -31.68 48.35
N GLY D 104 39.11 -31.60 49.58
CA GLY D 104 39.82 -30.42 50.02
C GLY D 104 41.32 -30.55 49.92
N GLY D 105 41.79 -31.36 48.97
CA GLY D 105 43.20 -31.58 48.84
C GLY D 105 43.71 -32.52 49.93
N VAL D 106 45.03 -32.57 50.02
CA VAL D 106 45.70 -33.47 50.95
C VAL D 106 45.70 -32.86 52.35
N ILE D 107 45.30 -33.67 53.33
CA ILE D 107 45.18 -33.25 54.72
C ILE D 107 46.25 -33.97 55.54
N VAL D 108 46.66 -33.34 56.64
CA VAL D 108 47.51 -33.98 57.65
C VAL D 108 46.73 -33.95 58.97
N ARG D 109 45.92 -34.99 59.18
CA ARG D 109 45.11 -35.08 60.39
C ARG D 109 45.93 -35.55 61.59
N TYR D 110 46.84 -36.49 61.37
CA TYR D 110 47.43 -37.28 62.44
C TYR D 110 48.84 -36.79 62.75
N TRP D 111 49.10 -36.49 64.02
CA TRP D 111 50.26 -35.73 64.44
C TRP D 111 51.03 -36.50 65.50
N GLY D 112 52.35 -36.31 65.52
CA GLY D 112 53.20 -36.95 66.49
C GLY D 112 53.21 -36.23 67.83
N GLN D 113 53.95 -36.83 68.77
CA GLN D 113 53.99 -36.27 70.13
C GLN D 113 54.81 -34.99 70.18
N GLY D 114 55.90 -34.93 69.42
CA GLY D 114 56.85 -33.86 69.55
C GLY D 114 58.00 -34.27 70.45
N THR D 115 59.22 -34.29 69.91
CA THR D 115 60.41 -34.59 70.68
C THR D 115 61.42 -33.46 70.50
N LEU D 116 61.97 -32.98 71.62
CA LEU D 116 62.97 -31.93 71.59
C LEU D 116 64.32 -32.48 71.18
N VAL D 117 64.94 -31.86 70.18
CA VAL D 117 66.33 -32.14 69.82
C VAL D 117 67.18 -30.94 70.19
N THR D 118 68.03 -31.12 71.19
CA THR D 118 69.04 -30.14 71.58
C THR D 118 70.46 -30.37 71.11
N VAL D 119 71.06 -29.35 70.50
CA VAL D 119 72.34 -29.47 69.81
C VAL D 119 73.35 -28.78 70.73
N SER D 120 73.99 -29.56 71.59
CA SER D 120 74.92 -29.03 72.58
C SER D 120 76.12 -29.93 72.82
N SER D 121 77.30 -29.34 73.07
CA SER D 121 78.47 -30.14 73.44
C SER D 121 78.47 -30.71 74.87
N ALA D 122 77.49 -30.34 75.67
CA ALA D 122 77.40 -30.87 77.03
C ALA D 122 76.75 -32.26 77.13
N SER D 123 76.78 -32.80 78.34
CA SER D 123 76.36 -34.18 78.59
C SER D 123 74.94 -34.23 79.12
N THR D 124 74.41 -35.46 79.21
CA THR D 124 73.08 -35.71 79.77
C THR D 124 73.23 -35.83 81.28
N LYS D 125 73.19 -34.69 81.98
CA LYS D 125 73.33 -34.68 83.42
C LYS D 125 71.99 -34.99 84.08
N GLY D 126 72.01 -35.90 85.06
CA GLY D 126 70.80 -36.38 85.69
C GLY D 126 70.28 -35.44 86.76
N PRO D 127 68.97 -35.47 86.98
CA PRO D 127 68.34 -34.52 87.90
C PRO D 127 68.45 -34.96 89.35
N SER D 128 68.29 -33.99 90.24
CA SER D 128 68.21 -34.20 91.68
C SER D 128 66.88 -33.64 92.15
N VAL D 129 66.10 -34.47 92.82
CA VAL D 129 64.76 -34.10 93.28
C VAL D 129 64.82 -33.79 94.76
N PHE D 130 64.21 -32.68 95.15
CA PHE D 130 64.20 -32.24 96.55
C PHE D 130 62.78 -31.84 96.95
N PRO D 131 62.23 -32.43 97.99
CA PRO D 131 60.81 -32.19 98.31
C PRO D 131 60.56 -30.80 98.86
N LEU D 132 59.37 -30.28 98.54
CA LEU D 132 58.89 -28.98 98.98
C LEU D 132 57.79 -29.21 100.01
N ALA D 133 58.20 -29.23 101.28
CA ALA D 133 57.31 -29.37 102.41
C ALA D 133 56.36 -28.17 102.49
N PRO D 134 55.20 -28.33 103.12
CA PRO D 134 54.19 -27.27 103.07
C PRO D 134 54.40 -26.18 104.09
N SER D 135 53.33 -25.42 104.34
CA SER D 135 53.27 -24.46 105.43
C SER D 135 52.41 -25.11 106.51
N SER D 136 53.07 -25.84 107.41
CA SER D 136 52.35 -26.64 108.40
C SER D 136 51.67 -25.76 109.43
N LYS D 137 52.43 -24.90 110.10
CA LYS D 137 51.87 -24.07 111.17
C LYS D 137 50.80 -23.13 110.63
N SER D 138 51.17 -22.29 109.65
CA SER D 138 50.24 -21.35 109.05
C SER D 138 49.19 -22.14 108.27
N THR D 139 47.94 -22.10 108.74
CA THR D 139 46.84 -22.84 108.12
C THR D 139 45.97 -21.86 107.36
N SER D 140 45.97 -21.97 106.03
CA SER D 140 45.07 -21.19 105.19
C SER D 140 43.80 -21.96 104.86
N GLY D 141 43.27 -22.70 105.82
CA GLY D 141 42.05 -23.44 105.58
C GLY D 141 42.31 -24.66 104.75
N GLY D 142 41.59 -24.77 103.62
CA GLY D 142 41.70 -25.96 102.80
C GLY D 142 42.97 -25.98 101.95
N THR D 143 43.52 -24.81 101.64
CA THR D 143 44.66 -24.73 100.73
C THR D 143 45.92 -25.21 101.44
N ALA D 144 46.54 -26.27 100.90
CA ALA D 144 47.82 -26.76 101.40
C ALA D 144 48.67 -27.18 100.21
N ALA D 145 49.77 -26.48 99.97
CA ALA D 145 50.59 -26.72 98.79
C ALA D 145 51.75 -27.66 99.10
N LEU D 146 52.06 -28.54 98.14
CA LEU D 146 53.11 -29.54 98.28
C LEU D 146 53.87 -29.63 96.98
N GLY D 147 55.19 -29.84 97.03
CA GLY D 147 55.87 -29.84 95.75
C GLY D 147 57.17 -30.62 95.71
N CYS D 148 57.85 -30.51 94.57
CA CYS D 148 59.21 -31.02 94.40
C CYS D 148 60.00 -30.13 93.47
N LEU D 149 61.32 -30.12 93.68
CA LEU D 149 62.28 -29.36 92.89
C LEU D 149 63.16 -30.34 92.15
N VAL D 150 63.04 -30.38 90.82
CA VAL D 150 63.87 -31.18 89.94
C VAL D 150 64.95 -30.23 89.41
N LYS D 151 66.17 -30.34 89.93
CA LYS D 151 67.20 -29.36 89.64
C LYS D 151 68.51 -30.04 89.28
N ASP D 152 69.41 -29.26 88.69
CA ASP D 152 70.76 -29.70 88.33
C ASP D 152 70.72 -30.85 87.32
N TYR D 153 70.17 -30.55 86.14
CA TYR D 153 70.11 -31.47 85.03
C TYR D 153 70.34 -30.68 83.75
N PHE D 154 70.95 -31.32 82.75
CA PHE D 154 71.27 -30.51 81.57
C PHE D 154 70.21 -30.59 80.47
N PRO D 155 69.71 -31.77 80.07
CA PRO D 155 68.70 -31.78 79.02
C PRO D 155 67.37 -31.21 79.48
N GLU D 156 66.63 -30.65 78.52
CA GLU D 156 65.34 -30.03 78.85
C GLU D 156 64.26 -31.05 79.21
N PRO D 157 64.01 -32.13 78.42
CA PRO D 157 62.80 -32.93 78.67
C PRO D 157 62.76 -33.59 80.05
N VAL D 158 61.88 -33.07 80.90
CA VAL D 158 61.61 -33.64 82.22
C VAL D 158 60.11 -33.77 82.36
N THR D 159 59.66 -34.88 82.95
CA THR D 159 58.24 -35.13 83.16
C THR D 159 57.99 -35.33 84.64
N VAL D 160 57.05 -34.56 85.19
CA VAL D 160 56.65 -34.66 86.59
C VAL D 160 55.20 -35.15 86.63
N SER D 161 54.98 -36.28 87.29
CA SER D 161 53.64 -36.79 87.55
C SER D 161 53.43 -36.88 89.04
N TRP D 162 52.17 -36.78 89.47
CA TRP D 162 51.81 -36.75 90.87
C TRP D 162 50.99 -37.99 91.21
N ASN D 163 51.45 -38.75 92.19
CA ASN D 163 50.86 -40.04 92.54
C ASN D 163 50.77 -40.94 91.31
N SER D 164 51.81 -40.87 90.48
CA SER D 164 51.85 -41.58 89.20
C SER D 164 50.63 -41.27 88.34
N GLY D 165 50.17 -40.02 88.41
CA GLY D 165 49.07 -39.54 87.60
C GLY D 165 47.74 -39.40 88.32
N ALA D 166 47.64 -39.83 89.58
CA ALA D 166 46.36 -39.80 90.29
C ALA D 166 45.95 -38.38 90.61
N LEU D 167 46.86 -37.58 91.18
CA LEU D 167 46.56 -36.20 91.52
C LEU D 167 46.41 -35.39 90.23
N THR D 168 45.18 -34.95 89.94
CA THR D 168 44.84 -34.44 88.62
C THR D 168 44.48 -32.96 88.58
N SER D 169 44.27 -32.32 89.73
CA SER D 169 43.80 -30.94 89.74
C SER D 169 44.72 -30.09 90.60
N GLY D 170 44.72 -28.78 90.32
CA GLY D 170 45.56 -27.86 91.05
C GLY D 170 47.04 -28.09 90.89
N VAL D 171 47.45 -28.72 89.80
CA VAL D 171 48.86 -28.99 89.54
C VAL D 171 49.41 -27.87 88.69
N HIS D 172 50.49 -27.24 89.16
CA HIS D 172 51.09 -26.10 88.48
C HIS D 172 52.56 -26.36 88.19
N THR D 173 52.86 -27.46 87.49
CA THR D 173 54.23 -27.72 87.06
C THR D 173 54.76 -26.53 86.27
N PHE D 174 55.73 -25.83 86.84
CA PHE D 174 56.21 -24.57 86.30
C PHE D 174 57.19 -24.82 85.16
N PRO D 175 57.53 -23.79 84.39
CA PRO D 175 58.54 -23.97 83.35
C PRO D 175 59.93 -24.13 83.94
N ALA D 176 60.76 -24.91 83.25
CA ALA D 176 62.16 -25.05 83.64
C ALA D 176 62.92 -23.75 83.35
N VAL D 177 63.78 -23.36 84.28
CA VAL D 177 64.49 -22.09 84.20
C VAL D 177 65.99 -22.37 84.23
N LEU D 178 66.73 -21.73 83.32
CA LEU D 178 68.18 -21.88 83.27
C LEU D 178 68.84 -21.12 84.40
N GLN D 179 69.59 -21.83 85.23
CA GLN D 179 70.33 -21.21 86.32
C GLN D 179 71.69 -20.72 85.82
N SER D 180 72.47 -20.12 86.72
CA SER D 180 73.77 -19.60 86.34
C SER D 180 74.78 -20.71 86.02
N SER D 181 74.52 -21.94 86.47
CA SER D 181 75.46 -23.04 86.30
C SER D 181 75.33 -23.73 84.94
N GLY D 182 74.41 -23.28 84.08
CA GLY D 182 74.17 -23.98 82.85
C GLY D 182 73.25 -25.17 82.96
N LEU D 183 72.63 -25.37 84.12
CA LEU D 183 71.67 -26.43 84.36
C LEU D 183 70.29 -25.82 84.54
N TYR D 184 69.28 -26.68 84.62
CA TYR D 184 67.89 -26.24 84.66
C TYR D 184 67.26 -26.62 86.00
N SER D 185 66.51 -25.66 86.56
CA SER D 185 65.70 -25.88 87.74
C SER D 185 64.22 -25.94 87.34
N LEU D 186 63.48 -26.84 87.95
CA LEU D 186 62.10 -27.11 87.56
C LEU D 186 61.27 -27.41 88.80
N SER D 187 60.37 -26.50 89.16
CA SER D 187 59.50 -26.71 90.31
C SER D 187 58.17 -27.28 89.88
N SER D 188 57.59 -28.11 90.75
CA SER D 188 56.25 -28.66 90.53
C SER D 188 55.49 -28.61 91.84
N VAL D 189 54.26 -28.08 91.79
CA VAL D 189 53.47 -27.82 92.98
C VAL D 189 52.03 -28.26 92.75
N VAL D 190 51.41 -28.82 93.79
CA VAL D 190 49.99 -29.13 93.80
C VAL D 190 49.36 -28.56 95.06
N THR D 191 48.21 -27.91 94.89
CA THR D 191 47.38 -27.50 96.02
C THR D 191 46.42 -28.63 96.37
N VAL D 192 46.30 -28.91 97.66
CA VAL D 192 45.61 -30.08 98.17
C VAL D 192 44.81 -29.66 99.40
N PRO D 193 43.62 -30.23 99.63
CA PRO D 193 42.90 -29.94 100.87
C PRO D 193 43.73 -30.32 102.09
N SER D 194 43.60 -29.50 103.15
CA SER D 194 44.32 -29.77 104.38
C SER D 194 43.79 -30.98 105.12
N SER D 195 42.57 -31.41 104.83
CA SER D 195 41.98 -32.56 105.52
C SER D 195 42.48 -33.88 104.93
N SER D 196 42.59 -33.96 103.59
CA SER D 196 43.00 -35.21 102.96
C SER D 196 44.42 -35.61 103.36
N LEU D 197 45.28 -34.62 103.62
CA LEU D 197 46.69 -34.87 103.95
C LEU D 197 46.87 -35.97 105.00
N GLY D 198 45.88 -36.15 105.87
CA GLY D 198 46.01 -37.15 106.91
C GLY D 198 46.27 -38.54 106.36
N THR D 199 45.51 -38.94 105.34
CA THR D 199 45.64 -40.26 104.74
C THR D 199 45.65 -40.17 103.23
N GLN D 200 46.50 -39.29 102.69
CA GLN D 200 46.65 -39.11 101.26
C GLN D 200 48.09 -39.38 100.86
N THR D 201 48.27 -39.96 99.69
CA THR D 201 49.59 -40.16 99.11
C THR D 201 50.00 -38.94 98.30
N TYR D 202 51.29 -38.63 98.32
CA TYR D 202 51.83 -37.43 97.64
C TYR D 202 53.27 -37.73 97.21
N ILE D 203 53.41 -38.54 96.16
CA ILE D 203 54.71 -38.98 95.68
C ILE D 203 54.88 -38.51 94.24
N CYS D 204 55.87 -37.64 94.02
CA CYS D 204 56.19 -37.21 92.66
C CYS D 204 57.05 -38.25 91.96
N ASN D 205 56.71 -38.48 90.69
CA ASN D 205 57.46 -39.36 89.80
C ASN D 205 58.05 -38.49 88.70
N VAL D 206 59.37 -38.39 88.65
CA VAL D 206 60.06 -37.49 87.74
C VAL D 206 60.95 -38.32 86.83
N ASN D 207 60.73 -38.20 85.52
CA ASN D 207 61.42 -39.01 84.52
C ASN D 207 62.13 -38.07 83.55
N HIS D 208 63.41 -37.83 83.81
CA HIS D 208 64.26 -37.08 82.88
C HIS D 208 64.81 -38.07 81.87
N LYS D 209 64.41 -37.92 80.61
CA LYS D 209 64.59 -38.98 79.63
C LYS D 209 66.02 -39.15 79.12
N PRO D 210 66.73 -38.11 78.69
CA PRO D 210 68.09 -38.35 78.16
C PRO D 210 69.04 -38.92 79.19
N SER D 211 68.99 -38.44 80.43
CA SER D 211 69.75 -39.07 81.50
C SER D 211 69.16 -40.42 81.88
N ASN D 212 67.94 -40.73 81.42
CA ASN D 212 67.27 -42.00 81.68
C ASN D 212 67.09 -42.23 83.18
N THR D 213 66.56 -41.21 83.86
CA THR D 213 66.43 -41.23 85.30
C THR D 213 64.97 -41.09 85.71
N LYS D 214 64.56 -41.91 86.69
CA LYS D 214 63.16 -42.00 87.13
C LYS D 214 63.13 -41.93 88.67
N VAL D 215 63.31 -40.73 89.21
CA VAL D 215 63.37 -40.55 90.66
C VAL D 215 62.00 -40.17 91.19
N ASP D 216 61.60 -40.79 92.29
CA ASP D 216 60.29 -40.58 92.88
C ASP D 216 60.48 -40.23 94.35
N LYS D 217 59.80 -39.18 94.81
CA LYS D 217 59.99 -38.74 96.19
C LYS D 217 58.70 -38.26 96.83
N ARG D 218 58.61 -38.49 98.14
CA ARG D 218 57.49 -38.08 98.98
C ARG D 218 57.64 -36.63 99.44
N VAL D 219 56.55 -36.06 99.93
CA VAL D 219 56.49 -34.63 100.28
C VAL D 219 55.79 -34.51 101.62
N GLU D 220 56.53 -34.73 102.73
CA GLU D 220 55.87 -34.88 104.02
C GLU D 220 55.94 -33.57 104.82
N PRO D 221 54.94 -33.32 105.68
CA PRO D 221 54.78 -32.02 106.35
C PRO D 221 55.88 -31.68 107.35
N ALA E 334 32.74 -30.93 17.28
CA ALA E 334 34.16 -31.01 17.62
C ALA E 334 34.98 -31.45 16.42
N GLY E 335 35.80 -32.49 16.61
CA GLY E 335 36.63 -32.99 15.53
C GLY E 335 35.87 -33.78 14.50
N PHE E 336 35.08 -33.10 13.67
CA PHE E 336 34.19 -33.77 12.73
C PHE E 336 35.05 -34.13 11.52
N ILE E 337 34.41 -34.75 10.52
CA ILE E 337 35.06 -35.36 9.38
C ILE E 337 34.40 -34.95 8.09
N GLU E 338 34.96 -35.39 6.97
CA GLU E 338 34.36 -35.26 5.65
C GLU E 338 34.06 -36.61 5.06
N GLY E 339 32.86 -36.77 4.51
CA GLY E 339 32.49 -38.02 3.85
C GLY E 339 31.35 -38.74 4.56
N GLY E 340 30.68 -39.60 3.78
CA GLY E 340 29.60 -40.42 4.30
C GLY E 340 29.60 -41.76 3.61
N TRP E 341 28.98 -42.75 4.27
CA TRP E 341 29.11 -44.16 3.90
C TRP E 341 27.72 -44.77 3.76
N THR E 342 26.99 -44.37 2.72
CA THR E 342 25.66 -44.90 2.46
C THR E 342 25.66 -46.42 2.31
N GLY E 343 26.82 -47.02 2.02
CA GLY E 343 26.87 -48.46 1.84
C GLY E 343 26.89 -49.25 3.13
N MET E 344 27.44 -48.69 4.21
CA MET E 344 27.50 -49.39 5.48
C MET E 344 26.13 -49.33 6.14
N VAL E 345 25.42 -50.45 6.16
CA VAL E 345 24.02 -50.51 6.57
C VAL E 345 23.83 -51.30 7.85
N ASP E 346 24.92 -51.63 8.56
CA ASP E 346 24.85 -52.54 9.70
C ASP E 346 25.36 -51.92 10.99
N GLY E 347 25.51 -50.61 11.05
CA GLY E 347 25.93 -49.97 12.29
C GLY E 347 26.27 -48.50 12.22
N TRP E 348 26.31 -47.84 13.38
CA TRP E 348 26.68 -46.43 13.42
C TRP E 348 28.08 -46.24 12.83
N TYR E 349 29.02 -47.07 13.26
CA TYR E 349 30.43 -46.87 12.94
C TYR E 349 31.01 -48.17 12.41
N GLY E 350 32.14 -48.06 11.72
CA GLY E 350 32.83 -49.24 11.25
C GLY E 350 33.99 -48.89 10.34
N TYR E 351 34.33 -49.85 9.49
CA TYR E 351 35.52 -49.81 8.67
C TYR E 351 35.14 -50.03 7.21
N HIS E 352 36.01 -49.56 6.33
CA HIS E 352 36.03 -49.99 4.94
C HIS E 352 37.40 -50.61 4.67
N HIS E 353 37.42 -51.92 4.48
CA HIS E 353 38.66 -52.64 4.24
C HIS E 353 38.88 -52.85 2.75
N GLN E 354 40.15 -52.87 2.35
CA GLN E 354 40.51 -53.06 0.94
C GLN E 354 41.85 -53.80 0.93
N ASN E 355 41.80 -55.10 0.66
CA ASN E 355 43.00 -55.92 0.61
C ASN E 355 43.03 -56.77 -0.66
N GLU E 356 44.00 -57.69 -0.72
CA GLU E 356 44.10 -58.62 -1.85
C GLU E 356 42.76 -59.30 -2.12
N GLN E 357 42.03 -59.64 -1.06
CA GLN E 357 40.79 -60.38 -1.13
C GLN E 357 39.58 -59.49 -1.41
N GLY E 358 39.80 -58.28 -1.91
CA GLY E 358 38.70 -57.39 -2.23
C GLY E 358 38.48 -56.33 -1.18
N SER E 359 37.36 -55.62 -1.31
CA SER E 359 37.03 -54.54 -0.41
C SER E 359 35.61 -54.71 0.11
N GLY E 360 35.29 -53.93 1.14
CA GLY E 360 33.97 -53.97 1.74
C GLY E 360 33.79 -53.14 3.00
N TYR E 361 32.53 -52.84 3.32
CA TYR E 361 32.17 -52.15 4.55
C TYR E 361 31.88 -53.18 5.65
N ALA E 362 32.12 -52.78 6.89
CA ALA E 362 31.83 -53.66 8.03
C ALA E 362 31.73 -52.83 9.29
N ALA E 363 30.58 -52.88 9.97
CA ALA E 363 30.35 -52.01 11.11
C ALA E 363 31.03 -52.52 12.37
N ASP E 364 31.60 -51.59 13.13
CA ASP E 364 32.18 -51.89 14.44
C ASP E 364 31.04 -52.09 15.43
N LEU E 365 30.78 -53.34 15.81
CA LEU E 365 29.64 -53.63 16.67
C LEU E 365 29.88 -53.16 18.10
N LYS E 366 31.14 -53.08 18.52
CA LYS E 366 31.45 -52.72 19.91
C LYS E 366 31.10 -51.27 20.19
N SER E 367 31.68 -50.34 19.43
CA SER E 367 31.45 -48.92 19.68
C SER E 367 30.03 -48.46 19.39
N THR E 368 29.44 -48.96 18.30
CA THR E 368 28.03 -48.68 18.04
C THR E 368 27.13 -49.24 19.14
N GLN E 369 27.49 -50.40 19.68
CA GLN E 369 26.71 -51.00 20.76
C GLN E 369 26.80 -50.09 21.98
N ASN E 370 28.01 -49.61 22.30
CA ASN E 370 28.17 -48.67 23.41
C ASN E 370 27.36 -47.40 23.17
N ALA E 371 27.41 -46.87 21.95
CA ALA E 371 26.68 -45.63 21.65
C ALA E 371 25.18 -45.85 21.76
N ILE E 372 24.68 -47.01 21.31
CA ILE E 372 23.24 -47.26 21.42
C ILE E 372 22.83 -47.42 22.88
N ASP E 373 23.63 -48.14 23.67
CA ASP E 373 23.39 -48.21 25.11
C ASP E 373 23.29 -46.82 25.71
N GLY E 374 24.28 -45.97 25.42
CA GLY E 374 24.30 -44.64 26.00
C GLY E 374 23.11 -43.80 25.59
N ILE E 375 22.80 -43.78 24.29
CA ILE E 375 21.71 -42.93 23.81
C ILE E 375 20.36 -43.44 24.32
N THR E 376 20.19 -44.75 24.42
CA THR E 376 18.98 -45.31 24.98
C THR E 376 18.80 -44.89 26.43
N ASN E 377 19.85 -45.06 27.24
CA ASN E 377 19.79 -44.68 28.65
C ASN E 377 19.54 -43.18 28.79
N LYS E 378 20.13 -42.39 27.89
CA LYS E 378 19.95 -40.93 27.91
C LYS E 378 18.49 -40.55 27.64
N VAL E 379 17.94 -41.04 26.53
CA VAL E 379 16.54 -40.75 26.20
C VAL E 379 15.63 -41.18 27.33
N ASN E 380 15.87 -42.37 27.90
CA ASN E 380 15.02 -42.86 28.97
C ASN E 380 15.11 -41.99 30.22
N SER E 381 16.31 -41.60 30.61
CA SER E 381 16.44 -40.72 31.77
C SER E 381 15.72 -39.40 31.56
N VAL E 382 15.98 -38.74 30.42
CA VAL E 382 15.38 -37.44 30.13
C VAL E 382 13.86 -37.55 30.15
N ILE E 383 13.30 -38.61 29.55
CA ILE E 383 11.85 -38.74 29.50
C ILE E 383 11.28 -39.11 30.87
N GLU E 384 11.95 -40.03 31.57
CA GLU E 384 11.47 -40.48 32.87
C GLU E 384 11.37 -39.36 33.88
N LYS E 385 12.28 -38.39 33.79
CA LYS E 385 12.19 -37.26 34.72
C LYS E 385 10.88 -36.49 34.54
N MET E 386 10.41 -36.41 33.30
CA MET E 386 9.16 -35.66 33.01
C MET E 386 7.99 -36.39 33.68
N ASN E 387 7.98 -37.73 33.61
CA ASN E 387 6.84 -38.50 34.16
C ASN E 387 6.65 -38.16 35.64
N THR E 388 5.56 -37.45 35.97
CA THR E 388 5.26 -37.11 37.39
C THR E 388 3.75 -37.31 37.50
N GLN E 389 3.08 -36.69 38.48
CA GLN E 389 1.60 -36.79 38.51
C GLN E 389 0.58 -36.05 37.65
N PHE E 390 -0.59 -36.67 37.40
CA PHE E 390 -1.63 -36.02 36.62
C PHE E 390 -2.49 -35.13 37.51
N THR E 391 -3.16 -34.17 36.88
CA THR E 391 -4.03 -33.26 37.62
C THR E 391 -4.93 -32.52 36.63
N ALA E 392 -6.23 -32.57 36.86
CA ALA E 392 -7.18 -31.78 36.08
C ALA E 392 -6.81 -30.30 36.20
N VAL E 393 -6.46 -29.70 35.06
CA VAL E 393 -5.72 -28.44 35.07
C VAL E 393 -6.60 -27.28 35.53
N GLY E 394 -7.67 -27.01 34.79
CA GLY E 394 -8.39 -25.76 34.94
C GLY E 394 -9.25 -25.71 36.19
N LYS E 395 -9.58 -24.48 36.58
CA LYS E 395 -10.50 -24.20 37.68
C LYS E 395 -11.45 -23.09 37.25
N GLU E 396 -12.67 -23.14 37.78
CA GLU E 396 -13.69 -22.14 37.49
C GLU E 396 -14.03 -21.38 38.77
N PHE E 397 -14.01 -20.06 38.70
CA PHE E 397 -14.31 -19.19 39.83
C PHE E 397 -15.46 -18.24 39.45
N ASN E 398 -16.20 -17.78 40.45
CA ASN E 398 -17.41 -17.01 40.20
C ASN E 398 -17.10 -15.52 40.11
N HIS E 399 -18.16 -14.70 40.06
CA HIS E 399 -17.99 -13.26 39.84
C HIS E 399 -17.37 -12.56 41.04
N LEU E 400 -17.57 -13.10 42.25
CA LEU E 400 -16.93 -12.58 43.44
C LEU E 400 -15.60 -13.28 43.73
N GLU E 401 -14.97 -13.87 42.71
CA GLU E 401 -13.70 -14.57 42.85
C GLU E 401 -12.81 -14.35 41.62
N LYS E 402 -12.88 -13.16 41.02
CA LYS E 402 -12.11 -12.88 39.81
C LYS E 402 -10.61 -13.03 40.02
N ARG E 403 -10.14 -12.80 41.25
CA ARG E 403 -8.72 -12.55 41.51
C ARG E 403 -7.95 -13.84 41.73
N ILE E 404 -8.47 -14.70 42.62
CA ILE E 404 -7.99 -16.06 42.72
C ILE E 404 -8.14 -16.79 41.40
N GLU E 405 -9.11 -16.37 40.58
CA GLU E 405 -9.26 -16.93 39.23
C GLU E 405 -8.08 -16.53 38.35
N ASN E 406 -7.71 -15.25 38.37
CA ASN E 406 -6.54 -14.82 37.62
C ASN E 406 -5.27 -15.46 38.16
N LEU E 407 -5.18 -15.63 39.48
CA LEU E 407 -4.03 -16.30 40.07
C LEU E 407 -3.95 -17.76 39.63
N ASN E 408 -5.10 -18.44 39.54
CA ASN E 408 -5.12 -19.83 39.09
C ASN E 408 -4.72 -19.95 37.63
N LYS E 409 -5.25 -19.07 36.78
CA LYS E 409 -4.84 -19.09 35.38
C LYS E 409 -3.36 -18.78 35.24
N LYS E 410 -2.86 -17.83 36.03
CA LYS E 410 -1.44 -17.53 36.06
C LYS E 410 -0.62 -18.76 36.46
N VAL E 411 -1.10 -19.53 37.44
CA VAL E 411 -0.37 -20.70 37.90
C VAL E 411 -0.33 -21.78 36.82
N ASP E 412 -1.51 -22.10 36.26
CA ASP E 412 -1.59 -23.03 35.15
C ASP E 412 -0.63 -22.64 34.03
N ASP E 413 -0.71 -21.38 33.60
CA ASP E 413 0.07 -20.91 32.46
C ASP E 413 1.56 -20.85 32.78
N GLY E 414 1.92 -20.56 34.03
CA GLY E 414 3.32 -20.51 34.39
C GLY E 414 3.95 -21.88 34.44
N PHE E 415 3.23 -22.87 34.99
CA PHE E 415 3.71 -24.24 34.91
C PHE E 415 3.82 -24.68 33.45
N LEU E 416 2.86 -24.25 32.62
CA LEU E 416 2.92 -24.54 31.20
C LEU E 416 4.22 -24.00 30.58
N ASP E 417 4.51 -22.72 30.81
CA ASP E 417 5.76 -22.13 30.31
C ASP E 417 6.99 -22.85 30.83
N ILE E 418 7.01 -23.15 32.13
CA ILE E 418 8.21 -23.74 32.73
C ILE E 418 8.50 -25.09 32.11
N TRP E 419 7.46 -25.92 31.99
CA TRP E 419 7.64 -27.25 31.39
C TRP E 419 7.99 -27.15 29.91
N THR E 420 7.34 -26.22 29.19
CA THR E 420 7.66 -26.02 27.78
C THR E 420 9.12 -25.64 27.59
N TYR E 421 9.58 -24.66 28.38
CA TYR E 421 10.96 -24.19 28.29
C TYR E 421 11.95 -25.28 28.63
N ASN E 422 11.68 -26.05 29.70
CA ASN E 422 12.54 -27.17 30.05
C ASN E 422 12.63 -28.17 28.91
N ALA E 423 11.48 -28.56 28.35
CA ALA E 423 11.47 -29.53 27.25
C ALA E 423 12.24 -28.99 26.04
N GLU E 424 11.96 -27.74 25.64
CA GLU E 424 12.63 -27.14 24.49
C GLU E 424 14.13 -27.15 24.66
N LEU E 425 14.63 -26.63 25.80
CA LEU E 425 16.07 -26.49 25.97
C LEU E 425 16.73 -27.85 26.10
N LEU E 426 16.07 -28.81 26.77
CA LEU E 426 16.67 -30.13 26.88
C LEU E 426 16.77 -30.79 25.51
N VAL E 427 15.72 -30.69 24.70
CA VAL E 427 15.77 -31.16 23.31
C VAL E 427 16.97 -30.56 22.59
N LEU E 428 17.07 -29.23 22.61
CA LEU E 428 18.12 -28.54 21.85
C LEU E 428 19.51 -28.96 22.32
N LEU E 429 19.79 -28.76 23.60
CA LEU E 429 21.11 -29.04 24.16
C LEU E 429 21.47 -30.50 24.03
N GLU E 430 20.49 -31.41 24.15
CA GLU E 430 20.83 -32.83 24.12
C GLU E 430 21.00 -33.33 22.70
N ASN E 431 20.33 -32.73 21.71
CA ASN E 431 20.69 -33.04 20.33
C ASN E 431 22.11 -32.57 20.02
N GLU E 432 22.46 -31.36 20.49
CA GLU E 432 23.84 -30.88 20.41
C GLU E 432 24.81 -31.91 20.99
N ARG E 433 24.60 -32.26 22.27
CA ARG E 433 25.52 -33.16 22.95
C ARG E 433 25.50 -34.55 22.35
N THR E 434 24.40 -34.96 21.73
CA THR E 434 24.33 -36.25 21.07
C THR E 434 25.26 -36.30 19.86
N LEU E 435 25.17 -35.27 19.01
CA LEU E 435 26.09 -35.18 17.88
C LEU E 435 27.55 -35.13 18.37
N ASP E 436 27.79 -34.42 19.47
CA ASP E 436 29.16 -34.35 19.99
C ASP E 436 29.64 -35.70 20.52
N TYR E 437 28.77 -36.42 21.23
CA TYR E 437 29.07 -37.76 21.72
C TYR E 437 29.45 -38.69 20.56
N HIS E 438 28.66 -38.65 19.49
CA HIS E 438 28.97 -39.47 18.32
C HIS E 438 30.31 -39.08 17.69
N ASP E 439 30.58 -37.78 17.59
CA ASP E 439 31.87 -37.33 17.08
C ASP E 439 33.02 -37.90 17.91
N SER E 440 32.88 -37.87 19.24
CA SER E 440 33.91 -38.39 20.11
C SER E 440 34.08 -39.90 19.94
N ASN E 441 32.98 -40.62 19.70
CA ASN E 441 33.11 -42.04 19.41
C ASN E 441 33.93 -42.26 18.15
N VAL E 442 33.68 -41.46 17.11
CA VAL E 442 34.54 -41.47 15.93
C VAL E 442 36.01 -41.37 16.34
N LYS E 443 36.32 -40.30 17.08
CA LYS E 443 37.72 -40.03 17.45
C LYS E 443 38.34 -41.20 18.20
N ASN E 444 37.59 -41.79 19.14
CA ASN E 444 38.10 -42.90 19.92
C ASN E 444 38.42 -44.11 19.05
N LEU E 445 37.51 -44.44 18.13
CA LEU E 445 37.75 -45.58 17.23
C LEU E 445 39.01 -45.35 16.40
N TYR E 446 39.15 -44.13 15.85
CA TYR E 446 40.31 -43.83 15.02
C TYR E 446 41.61 -43.94 15.82
N GLU E 447 41.63 -43.42 17.06
CA GLU E 447 42.85 -43.47 17.85
C GLU E 447 43.19 -44.89 18.28
N LYS E 448 42.17 -45.72 18.57
CA LYS E 448 42.43 -47.14 18.82
C LYS E 448 43.15 -47.78 17.62
N VAL E 449 42.59 -47.59 16.42
CA VAL E 449 43.20 -48.19 15.24
C VAL E 449 44.61 -47.64 15.02
N ARG E 450 44.80 -46.35 15.27
CA ARG E 450 46.13 -45.75 15.10
C ARG E 450 47.14 -46.33 16.07
N SER E 451 46.72 -46.59 17.31
CA SER E 451 47.63 -47.17 18.28
C SER E 451 47.99 -48.60 17.91
N GLN E 452 47.04 -49.36 17.35
CA GLN E 452 47.37 -50.70 16.88
C GLN E 452 48.38 -50.63 15.74
N LEU E 453 48.15 -49.75 14.76
CA LEU E 453 49.02 -49.63 13.59
C LEU E 453 49.89 -48.38 13.73
N LYS E 454 50.85 -48.46 14.66
CA LYS E 454 51.68 -47.30 14.95
C LYS E 454 52.53 -46.91 13.75
N ASN E 455 53.41 -47.83 13.31
CA ASN E 455 54.28 -47.57 12.17
C ASN E 455 54.04 -48.51 10.99
N ASN E 456 53.53 -49.71 11.23
CA ASN E 456 53.31 -50.68 10.15
C ASN E 456 52.45 -50.13 9.03
N ALA E 457 51.64 -49.11 9.30
CA ALA E 457 50.81 -48.47 8.30
C ALA E 457 51.18 -47.00 8.18
N LYS E 458 50.42 -46.26 7.38
CA LYS E 458 50.64 -44.85 7.13
C LYS E 458 49.29 -44.16 7.05
N GLU E 459 49.12 -43.10 7.83
CA GLU E 459 47.88 -42.34 7.82
C GLU E 459 47.69 -41.68 6.45
N ILE E 460 46.60 -42.02 5.76
CA ILE E 460 46.32 -41.37 4.48
C ILE E 460 45.99 -39.90 4.68
N GLY E 461 45.16 -39.60 5.67
CA GLY E 461 44.76 -38.23 5.91
C GLY E 461 43.26 -38.05 5.86
N ASN E 462 42.61 -38.63 4.83
CA ASN E 462 41.16 -38.56 4.71
C ASN E 462 40.44 -39.39 5.75
N GLY E 463 41.17 -40.09 6.62
CA GLY E 463 40.56 -40.96 7.61
C GLY E 463 40.74 -42.44 7.30
N CYS E 464 41.90 -42.80 6.79
CA CYS E 464 42.18 -44.18 6.41
C CYS E 464 43.62 -44.51 6.79
N PHE E 465 44.06 -45.70 6.37
CA PHE E 465 45.43 -46.16 6.56
C PHE E 465 45.84 -46.97 5.35
N GLU E 466 47.05 -46.72 4.84
CA GLU E 466 47.67 -47.58 3.84
C GLU E 466 48.73 -48.45 4.51
N PHE E 467 48.62 -49.76 4.33
CA PHE E 467 49.56 -50.68 4.95
C PHE E 467 50.86 -50.72 4.17
N TYR E 468 51.98 -50.62 4.90
CA TYR E 468 53.28 -50.92 4.31
C TYR E 468 53.51 -52.40 4.15
N HIS E 469 52.57 -53.24 4.60
CA HIS E 469 52.66 -54.69 4.44
C HIS E 469 51.33 -55.19 3.88
N LYS E 470 51.23 -56.51 3.69
CA LYS E 470 49.99 -57.13 3.25
C LYS E 470 49.13 -57.45 4.46
N CYS E 471 47.92 -56.90 4.50
CA CYS E 471 46.94 -57.17 5.55
C CYS E 471 45.80 -57.95 4.91
N ASP E 472 45.83 -59.26 5.06
CA ASP E 472 44.78 -60.13 4.54
C ASP E 472 43.64 -60.20 5.56
N ASN E 473 42.57 -60.93 5.23
CA ASN E 473 41.32 -60.86 5.97
C ASN E 473 41.52 -61.16 7.46
N THR E 474 42.39 -62.12 7.78
CA THR E 474 42.67 -62.42 9.19
C THR E 474 43.33 -61.22 9.86
N CYS E 475 44.27 -60.56 9.18
CA CYS E 475 44.88 -59.34 9.69
C CYS E 475 43.84 -58.25 9.90
N MET E 476 42.96 -58.06 8.92
CA MET E 476 41.88 -57.06 9.05
C MET E 476 41.05 -57.33 10.28
N GLU E 477 40.62 -58.58 10.46
CA GLU E 477 39.79 -58.92 11.62
C GLU E 477 40.55 -58.72 12.92
N SER E 478 41.84 -59.06 12.94
CA SER E 478 42.65 -58.85 14.14
C SER E 478 42.68 -57.38 14.52
N VAL E 479 42.81 -56.50 13.53
CA VAL E 479 42.74 -55.07 13.82
C VAL E 479 41.35 -54.68 14.29
N LYS E 480 40.31 -55.27 13.70
CA LYS E 480 38.95 -54.84 14.01
C LYS E 480 38.53 -55.22 15.43
N ASN E 481 38.96 -56.39 15.92
CA ASN E 481 38.68 -56.76 17.31
C ASN E 481 39.82 -56.45 18.25
N GLY E 482 40.66 -55.48 17.92
CA GLY E 482 41.66 -54.95 18.84
C GLY E 482 42.75 -55.91 19.26
N THR E 483 43.19 -56.79 18.36
CA THR E 483 44.25 -57.75 18.67
C THR E 483 45.30 -57.80 17.57
N TYR E 484 45.56 -56.68 16.92
CA TYR E 484 46.55 -56.66 15.85
C TYR E 484 47.95 -56.94 16.40
N ASP E 485 48.74 -57.64 15.61
CA ASP E 485 50.07 -58.13 16.01
C ASP E 485 51.11 -57.29 15.28
N TYR E 486 51.63 -56.25 15.96
CA TYR E 486 52.61 -55.38 15.32
C TYR E 486 53.93 -56.09 15.02
N PRO E 487 54.54 -56.83 15.96
CA PRO E 487 55.79 -57.54 15.61
C PRO E 487 55.63 -58.55 14.49
N LYS E 488 54.42 -59.05 14.26
CA LYS E 488 54.19 -60.01 13.18
C LYS E 488 54.57 -59.42 11.83
N TYR E 489 54.18 -58.18 11.57
CA TYR E 489 54.42 -57.52 10.29
C TYR E 489 55.44 -56.40 10.39
N SER E 490 56.09 -56.25 11.55
CA SER E 490 57.02 -55.14 11.74
C SER E 490 58.16 -55.19 10.73
N GLU E 491 58.68 -56.39 10.44
CA GLU E 491 59.84 -56.48 9.54
C GLU E 491 59.45 -56.23 8.10
N GLU E 492 58.34 -56.82 7.65
CA GLU E 492 57.83 -56.57 6.30
C GLU E 492 57.56 -55.08 6.11
N ALA E 493 56.88 -54.46 7.08
CA ALA E 493 56.57 -53.05 7.01
C ALA E 493 57.84 -52.21 7.02
N LYS E 494 58.82 -52.58 7.83
CA LYS E 494 60.09 -51.88 7.85
C LYS E 494 60.75 -51.89 6.48
N LEU E 495 60.85 -53.08 5.87
CA LEU E 495 61.48 -53.19 4.57
C LEU E 495 60.77 -52.32 3.53
N ASN E 496 59.44 -52.43 3.44
CA ASN E 496 58.73 -51.67 2.42
C ASN E 496 58.80 -50.16 2.69
N ARG E 497 58.46 -49.76 3.92
CA ARG E 497 58.51 -48.36 4.34
C ARG E 497 59.85 -47.72 4.00
N GLU E 498 60.96 -48.37 4.40
CA GLU E 498 62.27 -47.81 4.13
C GLU E 498 62.65 -47.91 2.66
N GLU E 499 62.09 -48.88 1.93
CA GLU E 499 62.30 -48.92 0.48
C GLU E 499 61.71 -47.69 -0.19
N ILE E 500 60.61 -47.16 0.34
CA ILE E 500 60.05 -45.93 -0.23
C ILE E 500 61.08 -44.80 -0.19
N ASP E 501 61.70 -44.59 0.97
CA ASP E 501 62.71 -43.53 1.10
C ASP E 501 64.12 -44.07 0.88
N ALA F 334 46.70 -22.55 21.55
CA ALA F 334 46.95 -21.41 22.42
C ALA F 334 45.70 -21.03 23.21
N GLY F 335 44.68 -21.89 23.16
CA GLY F 335 43.50 -21.67 23.99
C GLY F 335 43.87 -21.48 25.45
N PHE F 336 44.86 -22.23 25.91
CA PHE F 336 45.56 -21.95 27.15
C PHE F 336 47.05 -22.25 27.00
N ILE F 337 47.42 -22.85 25.86
CA ILE F 337 48.84 -23.18 25.59
C ILE F 337 49.69 -21.92 25.76
N GLU F 338 49.42 -20.89 24.96
CA GLU F 338 50.24 -19.64 25.03
C GLU F 338 49.18 -18.58 24.75
N GLY F 339 49.60 -17.37 24.36
CA GLY F 339 48.65 -16.27 24.14
C GLY F 339 47.99 -15.96 22.81
N GLY F 340 47.14 -14.94 22.76
CA GLY F 340 46.44 -14.61 21.55
C GLY F 340 47.17 -13.56 20.73
N TRP F 341 46.50 -13.09 19.68
CA TRP F 341 47.10 -12.17 18.73
C TRP F 341 46.25 -10.90 18.66
N THR F 342 46.81 -9.79 19.16
CA THR F 342 46.14 -8.50 19.06
C THR F 342 46.27 -7.90 17.66
N GLY F 343 47.30 -8.29 16.91
CA GLY F 343 47.50 -7.76 15.56
C GLY F 343 46.59 -8.33 14.50
N MET F 344 45.92 -9.44 14.78
CA MET F 344 45.00 -10.09 13.84
C MET F 344 43.60 -9.57 14.14
N VAL F 345 43.13 -8.61 13.33
CA VAL F 345 41.90 -7.91 13.63
C VAL F 345 40.84 -8.10 12.54
N ASP F 346 40.97 -9.15 11.72
CA ASP F 346 40.00 -9.43 10.67
C ASP F 346 39.26 -10.75 10.89
N GLY F 347 39.35 -11.32 12.10
CA GLY F 347 38.59 -12.53 12.38
C GLY F 347 38.98 -13.16 13.69
N TRP F 348 38.12 -14.09 14.14
CA TRP F 348 38.37 -14.82 15.38
C TRP F 348 39.64 -15.66 15.28
N TYR F 349 39.78 -16.42 14.20
CA TYR F 349 40.85 -17.40 14.05
C TYR F 349 41.65 -17.07 12.81
N GLY F 350 42.92 -17.44 12.83
CA GLY F 350 43.75 -17.20 11.67
C GLY F 350 45.13 -17.76 11.84
N TYR F 351 46.00 -17.37 10.91
CA TYR F 351 47.36 -17.83 10.82
C TYR F 351 48.30 -16.64 10.96
N HIS F 352 49.51 -16.91 11.44
CA HIS F 352 50.62 -15.96 11.36
C HIS F 352 51.69 -16.59 10.50
N HIS F 353 51.85 -16.08 9.29
CA HIS F 353 52.79 -16.66 8.34
C HIS F 353 54.10 -15.88 8.35
N GLN F 354 55.18 -16.61 8.12
CA GLN F 354 56.55 -16.06 8.12
C GLN F 354 57.33 -16.81 7.06
N ASN F 355 57.60 -16.16 5.93
CA ASN F 355 58.39 -16.74 4.86
C ASN F 355 59.40 -15.71 4.38
N GLU F 356 60.10 -16.04 3.30
CA GLU F 356 61.09 -15.13 2.73
C GLU F 356 60.49 -13.75 2.47
N GLN F 357 59.24 -13.72 2.01
CA GLN F 357 58.56 -12.48 1.67
C GLN F 357 58.00 -11.74 2.88
N GLY F 358 58.40 -12.10 4.09
CA GLY F 358 57.99 -11.38 5.28
C GLY F 358 57.01 -12.17 6.12
N SER F 359 56.38 -11.45 7.05
CA SER F 359 55.47 -12.05 8.02
C SER F 359 54.19 -11.24 8.11
N GLY F 360 53.15 -11.89 8.59
CA GLY F 360 51.88 -11.20 8.76
C GLY F 360 50.79 -12.11 9.31
N TYR F 361 49.73 -11.46 9.79
CA TYR F 361 48.54 -12.13 10.29
C TYR F 361 47.48 -12.22 9.20
N ALA F 362 46.64 -13.25 9.28
CA ALA F 362 45.58 -13.43 8.29
C ALA F 362 44.51 -14.34 8.87
N ALA F 363 43.29 -13.84 8.99
CA ALA F 363 42.23 -14.59 9.63
C ALA F 363 41.68 -15.68 8.71
N ASP F 364 41.33 -16.82 9.29
CA ASP F 364 40.66 -17.90 8.57
C ASP F 364 39.18 -17.58 8.48
N LEU F 365 38.71 -17.17 7.31
CA LEU F 365 37.34 -16.69 7.18
C LEU F 365 36.33 -17.82 7.27
N LYS F 366 36.70 -19.03 6.86
CA LYS F 366 35.75 -20.14 6.85
C LYS F 366 35.36 -20.55 8.27
N SER F 367 36.34 -20.88 9.10
CA SER F 367 36.07 -21.32 10.47
C SER F 367 35.51 -20.18 11.32
N THR F 368 36.07 -18.98 11.17
CA THR F 368 35.51 -17.80 11.85
C THR F 368 34.04 -17.60 11.46
N GLN F 369 33.72 -17.80 10.19
CA GLN F 369 32.35 -17.61 9.72
C GLN F 369 31.42 -18.65 10.34
N ASN F 370 31.85 -19.92 10.35
CA ASN F 370 31.04 -20.95 10.99
C ASN F 370 30.82 -20.64 12.47
N ALA F 371 31.87 -20.16 13.15
CA ALA F 371 31.75 -19.84 14.57
C ALA F 371 30.77 -18.69 14.80
N ILE F 372 30.83 -17.66 13.96
CA ILE F 372 29.88 -16.55 14.08
C ILE F 372 28.46 -17.05 13.87
N ASP F 373 28.25 -17.84 12.81
CA ASP F 373 26.94 -18.42 12.55
C ASP F 373 26.40 -19.15 13.79
N GLY F 374 27.21 -20.05 14.32
CA GLY F 374 26.78 -20.88 15.44
C GLY F 374 26.51 -20.07 16.70
N ILE F 375 27.40 -19.15 17.04
CA ILE F 375 27.23 -18.36 18.26
C ILE F 375 26.03 -17.44 18.13
N THR F 376 25.78 -16.91 16.94
CA THR F 376 24.59 -16.10 16.71
C THR F 376 23.32 -16.91 16.93
N ASN F 377 23.22 -18.07 16.27
CA ASN F 377 22.06 -18.93 16.46
C ASN F 377 21.90 -19.33 17.92
N LYS F 378 23.02 -19.57 18.61
CA LYS F 378 22.99 -19.95 20.02
C LYS F 378 22.43 -18.84 20.90
N VAL F 379 22.97 -17.62 20.76
CA VAL F 379 22.50 -16.50 21.58
C VAL F 379 21.02 -16.24 21.32
N ASN F 380 20.64 -16.19 20.04
CA ASN F 380 19.24 -15.93 19.71
C ASN F 380 18.33 -17.01 20.29
N SER F 381 18.71 -18.29 20.16
CA SER F 381 17.88 -19.36 20.69
C SER F 381 17.75 -19.26 22.20
N VAL F 382 18.87 -19.05 22.90
CA VAL F 382 18.84 -19.03 24.37
C VAL F 382 17.98 -17.87 24.86
N ILE F 383 18.09 -16.71 24.23
CA ILE F 383 17.33 -15.55 24.68
C ILE F 383 15.85 -15.69 24.32
N GLU F 384 15.58 -15.97 23.05
CA GLU F 384 14.21 -15.96 22.52
C GLU F 384 13.35 -17.09 23.08
N LYS F 385 13.95 -18.10 23.70
CA LYS F 385 13.20 -19.21 24.27
C LYS F 385 12.39 -18.83 25.50
N MET F 386 12.44 -17.58 25.96
CA MET F 386 11.79 -17.19 27.22
C MET F 386 10.65 -16.22 26.90
N ASN F 387 9.45 -16.78 26.79
CA ASN F 387 8.23 -16.00 26.61
C ASN F 387 7.27 -16.37 27.73
N THR F 388 6.65 -15.38 28.35
CA THR F 388 5.75 -15.59 29.48
C THR F 388 4.37 -15.04 29.16
N GLN F 389 3.37 -15.60 29.85
CA GLN F 389 1.98 -15.21 29.67
C GLN F 389 1.74 -13.82 30.25
N PHE F 390 0.66 -13.19 29.81
CA PHE F 390 0.31 -11.87 30.30
C PHE F 390 -0.08 -11.93 31.78
N THR F 391 0.61 -11.16 32.60
CA THR F 391 0.36 -11.15 34.04
C THR F 391 0.44 -9.74 34.61
N ALA F 392 -0.64 -9.32 35.28
CA ALA F 392 -0.57 -8.23 36.24
C ALA F 392 -0.19 -8.86 37.58
N VAL F 393 1.06 -8.65 37.99
CA VAL F 393 1.70 -9.55 38.95
C VAL F 393 0.99 -9.53 40.30
N GLY F 394 1.01 -8.38 40.97
CA GLY F 394 0.66 -8.34 42.38
C GLY F 394 -0.81 -8.60 42.65
N LYS F 395 -1.08 -9.04 43.88
CA LYS F 395 -2.42 -9.19 44.41
C LYS F 395 -2.41 -8.79 45.89
N GLU F 396 -3.52 -8.21 46.34
CA GLU F 396 -3.74 -7.90 47.75
C GLU F 396 -5.03 -8.56 48.19
N PHE F 397 -4.96 -9.37 49.24
CA PHE F 397 -6.14 -10.11 49.70
C PHE F 397 -6.52 -9.63 51.10
N ASN F 398 -7.83 -9.67 51.39
CA ASN F 398 -8.35 -9.05 52.59
C ASN F 398 -8.01 -9.88 53.84
N HIS F 399 -8.52 -9.44 54.99
CA HIS F 399 -8.16 -10.07 56.26
C HIS F 399 -8.75 -11.47 56.40
N LEU F 400 -9.77 -11.80 55.62
CA LEU F 400 -10.34 -13.15 55.62
C LEU F 400 -9.81 -14.00 54.47
N GLU F 401 -8.73 -13.55 53.83
CA GLU F 401 -8.13 -14.26 52.70
C GLU F 401 -6.62 -14.31 52.84
N LYS F 402 -6.14 -14.48 54.08
CA LYS F 402 -4.70 -14.45 54.35
C LYS F 402 -4.08 -15.69 53.70
N ARG F 403 -4.79 -16.81 53.72
CA ARG F 403 -4.19 -18.05 53.14
C ARG F 403 -4.16 -17.75 51.63
N ILE F 404 -5.30 -17.34 51.11
CA ILE F 404 -5.35 -16.89 49.67
C ILE F 404 -4.13 -15.95 49.15
N GLU F 405 -3.94 -14.96 50.02
CA GLU F 405 -2.73 -14.10 49.94
C GLU F 405 -1.31 -14.71 49.91
N ASN F 406 -0.93 -15.39 50.99
CA ASN F 406 0.38 -16.03 51.06
C ASN F 406 0.63 -16.91 49.84
N LEU F 407 -0.43 -17.58 49.35
CA LEU F 407 -0.28 -18.43 48.18
C LEU F 407 0.08 -17.61 46.94
N ASN F 408 -0.56 -16.45 46.76
CA ASN F 408 -0.24 -15.61 45.60
C ASN F 408 1.17 -15.04 45.70
N LYS F 409 1.57 -14.58 46.89
CA LYS F 409 2.94 -14.11 47.05
C LYS F 409 3.94 -15.23 46.77
N LYS F 410 3.62 -16.44 47.22
CA LYS F 410 4.46 -17.60 46.93
C LYS F 410 4.54 -17.86 45.43
N VAL F 411 3.44 -17.70 44.71
CA VAL F 411 3.44 -17.96 43.28
C VAL F 411 4.30 -16.92 42.56
N ASP F 412 4.10 -15.65 42.89
CA ASP F 412 4.89 -14.57 42.32
C ASP F 412 6.39 -14.83 42.53
N ASP F 413 6.77 -15.02 43.80
CA ASP F 413 8.18 -15.19 44.12
C ASP F 413 8.74 -16.50 43.58
N GLY F 414 7.89 -17.51 43.39
CA GLY F 414 8.35 -18.77 42.84
C GLY F 414 8.63 -18.70 41.36
N PHE F 415 7.77 -18.00 40.61
CA PHE F 415 8.09 -17.73 39.22
C PHE F 415 9.35 -16.88 39.11
N LEU F 416 9.51 -15.93 40.02
CA LEU F 416 10.76 -15.18 40.11
C LEU F 416 11.95 -16.11 40.24
N ASP F 417 11.94 -16.95 41.28
CA ASP F 417 13.04 -17.88 41.52
C ASP F 417 13.28 -18.79 40.32
N ILE F 418 12.22 -19.25 39.66
CA ILE F 418 12.38 -20.22 38.58
C ILE F 418 13.04 -19.58 37.38
N TRP F 419 12.53 -18.42 36.94
CA TRP F 419 13.14 -17.76 35.79
C TRP F 419 14.55 -17.29 36.10
N THR F 420 14.79 -16.84 37.33
CA THR F 420 16.15 -16.47 37.75
C THR F 420 17.09 -17.66 37.68
N TYR F 421 16.67 -18.79 38.25
CA TYR F 421 17.46 -20.01 38.26
C TYR F 421 17.80 -20.45 36.84
N ASN F 422 16.80 -20.45 35.96
CA ASN F 422 17.03 -20.85 34.57
C ASN F 422 18.02 -19.93 33.88
N ALA F 423 17.81 -18.61 33.99
CA ALA F 423 18.74 -17.66 33.37
C ALA F 423 20.15 -17.83 33.89
N GLU F 424 20.32 -17.90 35.21
CA GLU F 424 21.64 -18.03 35.81
C GLU F 424 22.34 -19.28 35.31
N LEU F 425 21.68 -20.44 35.43
CA LEU F 425 22.30 -21.69 35.05
C LEU F 425 22.67 -21.71 33.57
N LEU F 426 21.75 -21.26 32.71
CA LEU F 426 22.05 -21.31 31.28
C LEU F 426 23.14 -20.32 30.89
N VAL F 427 23.22 -19.16 31.55
CA VAL F 427 24.32 -18.24 31.27
C VAL F 427 25.65 -18.88 31.64
N LEU F 428 25.73 -19.46 32.84
CA LEU F 428 26.97 -20.11 33.27
C LEU F 428 27.36 -21.23 32.32
N LEU F 429 26.44 -22.18 32.10
CA LEU F 429 26.69 -23.33 31.22
C LEU F 429 27.04 -22.90 29.81
N GLU F 430 26.37 -21.89 29.27
CA GLU F 430 26.58 -21.54 27.88
C GLU F 430 27.84 -20.71 27.68
N ASN F 431 28.27 -19.95 28.68
CA ASN F 431 29.59 -19.34 28.61
C ASN F 431 30.68 -20.42 28.63
N GLU F 432 30.53 -21.41 29.52
CA GLU F 432 31.40 -22.57 29.51
C GLU F 432 31.48 -23.20 28.11
N ARG F 433 30.31 -23.57 27.57
CA ARG F 433 30.25 -24.22 26.28
C ARG F 433 30.77 -23.34 25.16
N THR F 434 30.62 -22.02 25.27
CA THR F 434 31.12 -21.11 24.25
C THR F 434 32.64 -21.14 24.21
N LEU F 435 33.28 -21.00 25.38
CA LEU F 435 34.74 -21.11 25.43
C LEU F 435 35.21 -22.45 24.91
N ASP F 436 34.50 -23.54 25.25
CA ASP F 436 34.91 -24.86 24.80
C ASP F 436 34.73 -25.03 23.29
N TYR F 437 33.64 -24.50 22.74
CA TYR F 437 33.43 -24.49 21.30
C TYR F 437 34.57 -23.77 20.58
N HIS F 438 34.99 -22.63 21.12
CA HIS F 438 36.11 -21.91 20.52
C HIS F 438 37.40 -22.72 20.58
N ASP F 439 37.63 -23.39 21.71
CA ASP F 439 38.80 -24.28 21.82
C ASP F 439 38.77 -25.36 20.75
N SER F 440 37.60 -25.99 20.56
CA SER F 440 37.49 -27.07 19.57
C SER F 440 37.70 -26.55 18.15
N ASN F 441 37.24 -25.33 17.86
CA ASN F 441 37.52 -24.74 16.56
C ASN F 441 39.01 -24.54 16.34
N VAL F 442 39.71 -24.02 17.36
CA VAL F 442 41.18 -23.93 17.28
C VAL F 442 41.77 -25.29 16.93
N LYS F 443 41.36 -26.32 17.67
CA LYS F 443 41.92 -27.65 17.47
C LYS F 443 41.68 -28.17 16.06
N ASN F 444 40.48 -27.94 15.53
CA ASN F 444 40.16 -28.43 14.19
C ASN F 444 40.99 -27.71 13.14
N LEU F 445 41.14 -26.39 13.25
CA LEU F 445 41.99 -25.67 12.30
C LEU F 445 43.42 -26.18 12.32
N TYR F 446 43.97 -26.39 13.53
CA TYR F 446 45.33 -26.90 13.64
C TYR F 446 45.46 -28.27 12.99
N GLU F 447 44.51 -29.17 13.24
CA GLU F 447 44.57 -30.50 12.65
C GLU F 447 44.44 -30.47 11.15
N LYS F 448 43.63 -29.55 10.61
CA LYS F 448 43.56 -29.40 9.15
C LYS F 448 44.92 -29.04 8.56
N VAL F 449 45.54 -27.98 9.10
CA VAL F 449 46.86 -27.58 8.59
C VAL F 449 47.87 -28.71 8.76
N ARG F 450 47.75 -29.50 9.84
CA ARG F 450 48.67 -30.62 10.04
C ARG F 450 48.48 -31.69 8.97
N SER F 451 47.23 -32.11 8.74
CA SER F 451 46.97 -33.15 7.75
C SER F 451 47.42 -32.72 6.37
N GLN F 452 47.36 -31.42 6.06
CA GLN F 452 47.90 -30.99 4.77
C GLN F 452 49.40 -31.22 4.68
N LEU F 453 50.14 -30.95 5.76
CA LEU F 453 51.60 -31.02 5.71
C LEU F 453 52.07 -31.98 6.80
N LYS F 454 52.31 -33.24 6.43
CA LYS F 454 52.69 -34.24 7.44
C LYS F 454 54.20 -34.37 7.57
N ASN F 455 54.91 -34.57 6.48
CA ASN F 455 56.36 -34.70 6.51
C ASN F 455 57.06 -33.59 5.75
N ASN F 456 56.33 -32.67 5.11
CA ASN F 456 56.93 -31.50 4.49
C ASN F 456 57.22 -30.39 5.49
N ALA F 457 56.70 -30.50 6.70
CA ALA F 457 56.96 -29.52 7.76
C ALA F 457 57.04 -30.23 9.10
N LYS F 458 57.74 -29.61 10.05
CA LYS F 458 57.91 -30.13 11.39
C LYS F 458 57.17 -29.22 12.37
N GLU F 459 56.42 -29.84 13.29
CA GLU F 459 55.57 -29.09 14.20
C GLU F 459 56.41 -28.37 15.26
N ILE F 460 56.22 -27.05 15.36
CA ILE F 460 56.75 -26.27 16.46
C ILE F 460 55.70 -26.23 17.55
N GLY F 461 56.09 -26.60 18.77
CA GLY F 461 55.19 -26.92 19.88
C GLY F 461 54.18 -25.85 20.23
N ASN F 462 54.35 -24.63 19.74
CA ASN F 462 53.41 -23.54 20.07
C ASN F 462 52.43 -23.29 18.93
N GLY F 463 51.82 -24.36 18.43
CA GLY F 463 50.88 -24.23 17.32
C GLY F 463 51.51 -23.66 16.06
N CYS F 464 52.72 -24.10 15.73
CA CYS F 464 53.41 -23.58 14.57
C CYS F 464 53.94 -24.73 13.72
N PHE F 465 54.41 -24.40 12.52
CA PHE F 465 55.05 -25.37 11.64
C PHE F 465 56.25 -24.72 11.00
N GLU F 466 57.40 -25.40 11.03
CA GLU F 466 58.59 -24.97 10.31
C GLU F 466 58.77 -25.85 9.09
N PHE F 467 58.86 -25.23 7.92
CA PHE F 467 58.92 -25.97 6.67
C PHE F 467 60.32 -26.54 6.44
N TYR F 468 60.38 -27.82 6.06
CA TYR F 468 61.62 -28.34 5.51
C TYR F 468 61.88 -27.82 4.11
N HIS F 469 60.88 -27.21 3.47
CA HIS F 469 61.05 -26.57 2.16
C HIS F 469 60.80 -25.07 2.29
N LYS F 470 60.55 -24.39 1.18
CA LYS F 470 60.22 -22.98 1.17
C LYS F 470 58.76 -22.82 0.78
N CYS F 471 57.98 -22.19 1.64
CA CYS F 471 56.56 -21.95 1.43
C CYS F 471 56.36 -20.47 1.11
N ASP F 472 56.41 -20.15 -0.18
CA ASP F 472 56.21 -18.77 -0.60
C ASP F 472 54.77 -18.34 -0.35
N ASN F 473 54.47 -17.08 -0.69
CA ASN F 473 53.12 -16.56 -0.51
C ASN F 473 52.08 -17.46 -1.18
N THR F 474 52.37 -17.92 -2.40
CA THR F 474 51.45 -18.83 -3.09
C THR F 474 51.26 -20.12 -2.30
N CYS F 475 52.35 -20.70 -1.81
CA CYS F 475 52.26 -21.90 -0.98
C CYS F 475 51.46 -21.64 0.29
N MET F 476 51.72 -20.50 0.95
CA MET F 476 50.98 -20.15 2.16
C MET F 476 49.49 -20.07 1.88
N GLU F 477 49.10 -19.36 0.81
CA GLU F 477 47.71 -19.24 0.45
C GLU F 477 47.09 -20.61 0.14
N SER F 478 47.85 -21.48 -0.52
CA SER F 478 47.34 -22.82 -0.81
C SER F 478 47.10 -23.62 0.46
N VAL F 479 47.97 -23.45 1.47
CA VAL F 479 47.72 -24.05 2.77
C VAL F 479 46.48 -23.45 3.41
N LYS F 480 46.27 -22.14 3.22
CA LYS F 480 45.19 -21.45 3.92
C LYS F 480 43.81 -21.77 3.34
N ASN F 481 43.69 -21.88 2.02
CA ASN F 481 42.41 -22.21 1.41
C ASN F 481 42.24 -23.71 1.17
N GLY F 482 42.98 -24.55 1.88
CA GLY F 482 42.75 -25.98 1.86
C GLY F 482 43.27 -26.73 0.66
N THR F 483 44.23 -26.16 -0.08
CA THR F 483 44.70 -26.77 -1.32
C THR F 483 46.21 -26.87 -1.36
N TYR F 484 46.83 -27.29 -0.26
CA TYR F 484 48.26 -27.50 -0.28
C TYR F 484 48.61 -28.72 -1.13
N ASP F 485 49.73 -28.66 -1.84
CA ASP F 485 50.17 -29.72 -2.72
C ASP F 485 51.36 -30.40 -2.07
N TYR F 486 51.12 -31.57 -1.46
CA TYR F 486 52.21 -32.26 -0.76
C TYR F 486 53.23 -32.85 -1.72
N PRO F 487 52.85 -33.55 -2.80
CA PRO F 487 53.88 -34.05 -3.72
C PRO F 487 54.70 -32.95 -4.38
N LYS F 488 54.13 -31.74 -4.50
CA LYS F 488 54.87 -30.62 -5.10
C LYS F 488 56.17 -30.36 -4.37
N TYR F 489 56.13 -30.33 -3.04
CA TYR F 489 57.30 -30.05 -2.23
C TYR F 489 57.86 -31.27 -1.53
N SER F 490 57.29 -32.45 -1.78
CA SER F 490 57.74 -33.66 -1.09
C SER F 490 59.20 -33.96 -1.39
N GLU F 491 59.64 -33.70 -2.62
CA GLU F 491 61.03 -33.95 -2.99
C GLU F 491 61.99 -33.06 -2.20
N GLU F 492 61.81 -31.74 -2.32
CA GLU F 492 62.68 -30.80 -1.61
C GLU F 492 62.62 -31.01 -0.11
N ALA F 493 61.43 -31.30 0.42
CA ALA F 493 61.29 -31.53 1.85
C ALA F 493 61.99 -32.76 2.38
N LYS F 494 61.91 -33.89 1.66
CA LYS F 494 62.67 -35.07 2.05
C LYS F 494 64.18 -34.86 1.98
N LEU F 495 64.62 -34.13 0.95
CA LEU F 495 66.05 -33.86 0.80
C LEU F 495 66.48 -33.07 2.03
N ASN F 496 65.84 -31.92 2.26
CA ASN F 496 66.23 -31.05 3.37
C ASN F 496 66.02 -31.74 4.72
N ARG F 497 64.97 -32.57 4.82
CA ARG F 497 64.69 -33.28 6.05
C ARG F 497 65.77 -34.31 6.34
N GLU F 498 66.07 -35.17 5.36
CA GLU F 498 67.06 -36.21 5.55
C GLU F 498 68.45 -35.62 5.80
N GLU F 499 68.72 -34.42 5.28
CA GLU F 499 69.98 -33.76 5.60
C GLU F 499 69.97 -33.16 7.00
N ILE F 500 68.89 -32.43 7.33
CA ILE F 500 68.74 -31.84 8.66
C ILE F 500 68.83 -32.93 9.73
N ASP F 501 68.23 -34.09 9.46
CA ASP F 501 68.29 -35.21 10.39
C ASP F 501 69.23 -36.29 9.86
N ASP G 1 32.73 -13.64 -8.08
CA ASP G 1 32.12 -14.94 -7.84
C ASP G 1 30.62 -14.85 -7.55
N ILE G 2 30.21 -13.80 -6.84
CA ILE G 2 28.87 -13.74 -6.27
C ILE G 2 28.13 -12.60 -6.98
N GLN G 3 27.29 -12.95 -7.95
CA GLN G 3 26.55 -11.94 -8.70
C GLN G 3 25.30 -11.51 -7.94
N MET G 4 24.91 -10.25 -8.15
CA MET G 4 23.91 -9.59 -7.32
C MET G 4 22.77 -9.04 -8.16
N THR G 5 21.54 -9.43 -7.83
CA THR G 5 20.34 -8.88 -8.45
C THR G 5 19.60 -8.09 -7.39
N GLN G 6 19.64 -6.76 -7.48
CA GLN G 6 18.96 -5.89 -6.53
C GLN G 6 17.79 -5.28 -7.28
N SER G 7 16.57 -5.70 -6.92
CA SER G 7 15.37 -5.23 -7.58
C SER G 7 14.57 -4.35 -6.63
N PRO G 8 13.95 -3.27 -7.12
CA PRO G 8 13.98 -2.78 -8.51
C PRO G 8 14.89 -1.57 -8.70
N ALA G 9 15.26 -1.28 -9.95
CA ALA G 9 16.27 -0.25 -10.21
C ALA G 9 15.80 1.13 -9.75
N THR G 10 14.53 1.46 -10.00
CA THR G 10 14.02 2.81 -9.76
C THR G 10 12.68 2.74 -9.05
N LEU G 11 12.55 3.50 -7.96
CA LEU G 11 11.30 3.62 -7.23
C LEU G 11 10.96 5.09 -6.98
N SER G 12 9.65 5.36 -6.96
CA SER G 12 9.12 6.64 -6.53
C SER G 12 7.90 6.36 -5.67
N ALA G 13 7.90 6.87 -4.45
CA ALA G 13 6.81 6.62 -3.51
C ALA G 13 6.62 7.85 -2.64
N SER G 14 5.37 8.18 -2.35
CA SER G 14 5.06 9.38 -1.58
C SER G 14 5.57 9.24 -0.15
N VAL G 15 5.53 10.37 0.58
CA VAL G 15 6.06 10.40 1.93
C VAL G 15 5.21 9.52 2.85
N GLY G 16 5.88 8.78 3.73
CA GLY G 16 5.22 7.89 4.65
C GLY G 16 5.00 6.48 4.16
N ASP G 17 5.05 6.27 2.84
CA ASP G 17 4.84 4.94 2.29
C ASP G 17 5.99 4.01 2.66
N ARG G 18 5.64 2.77 3.00
CA ARG G 18 6.66 1.75 3.22
C ARG G 18 7.33 1.40 1.90
N VAL G 19 8.63 1.14 1.96
CA VAL G 19 9.43 0.82 0.77
C VAL G 19 10.18 -0.48 1.04
N SER G 20 10.23 -1.35 0.03
CA SER G 20 10.92 -2.63 0.15
C SER G 20 11.81 -2.84 -1.06
N ILE G 21 13.09 -3.14 -0.81
CA ILE G 21 14.09 -3.40 -1.84
C ILE G 21 14.61 -4.82 -1.65
N THR G 22 14.52 -5.63 -2.69
CA THR G 22 14.95 -7.01 -2.64
C THR G 22 16.36 -7.13 -3.20
N CYS G 23 17.19 -7.95 -2.56
CA CYS G 23 18.60 -8.12 -2.93
C CYS G 23 18.87 -9.62 -3.02
N ARG G 24 18.57 -10.21 -4.19
CA ARG G 24 18.84 -11.61 -4.43
C ARG G 24 20.31 -11.86 -4.74
N ALA G 25 20.81 -12.99 -4.26
CA ALA G 25 22.21 -13.34 -4.33
C ALA G 25 22.40 -14.62 -5.14
N SER G 26 23.64 -14.81 -5.60
CA SER G 26 23.95 -15.97 -6.44
C SER G 26 24.12 -17.24 -5.62
N GLN G 27 24.74 -17.14 -4.44
CA GLN G 27 25.02 -18.32 -3.64
C GLN G 27 24.57 -18.13 -2.20
N SER G 28 24.88 -19.12 -1.35
CA SER G 28 24.56 -19.02 0.07
C SER G 28 25.54 -18.07 0.76
N ILE G 29 25.00 -17.18 1.58
CA ILE G 29 25.79 -16.07 2.13
C ILE G 29 25.40 -15.93 3.60
N SER G 30 24.58 -16.88 4.06
CA SER G 30 24.01 -16.86 5.42
C SER G 30 23.20 -15.57 5.54
N SER G 31 23.50 -14.67 6.47
CA SER G 31 22.83 -13.38 6.53
C SER G 31 23.81 -12.23 6.38
N TRP G 32 24.99 -12.49 5.84
CA TRP G 32 26.10 -11.54 5.84
C TRP G 32 25.96 -10.59 4.66
N LEU G 33 25.08 -9.60 4.83
CA LEU G 33 25.01 -8.50 3.89
C LEU G 33 25.15 -7.19 4.64
N ALA G 34 25.41 -6.15 3.86
CA ALA G 34 25.31 -4.78 4.31
C ALA G 34 24.40 -4.02 3.35
N TRP G 35 23.76 -2.99 3.88
CA TRP G 35 22.90 -2.09 3.14
C TRP G 35 23.44 -0.69 3.30
N TYR G 36 23.71 -0.03 2.18
CA TYR G 36 24.29 1.31 2.14
C TYR G 36 23.34 2.28 1.44
N GLN G 37 23.31 3.50 1.95
CA GLN G 37 22.62 4.62 1.33
C GLN G 37 23.68 5.58 0.79
N GLN G 38 23.83 5.61 -0.53
CA GLN G 38 24.69 6.57 -1.19
C GLN G 38 23.81 7.73 -1.64
N LYS G 39 23.98 8.87 -0.98
CA LYS G 39 23.31 10.09 -1.38
C LYS G 39 24.00 10.67 -2.62
N PRO G 40 23.33 11.55 -3.36
CA PRO G 40 23.91 12.06 -4.62
C PRO G 40 25.25 12.73 -4.40
N GLY G 41 26.27 12.19 -5.06
CA GLY G 41 27.61 12.77 -5.01
C GLY G 41 28.27 12.75 -3.65
N LYS G 42 27.90 11.82 -2.79
CA LYS G 42 28.43 11.74 -1.44
C LYS G 42 28.92 10.32 -1.17
N ALA G 43 29.64 10.17 -0.07
CA ALA G 43 30.08 8.84 0.34
C ALA G 43 28.88 7.99 0.71
N PRO G 44 28.94 6.68 0.46
CA PRO G 44 27.84 5.82 0.90
C PRO G 44 27.84 5.65 2.40
N LYS G 45 26.63 5.67 2.97
CA LYS G 45 26.44 5.58 4.41
C LYS G 45 25.86 4.21 4.74
N LEU G 46 26.59 3.45 5.56
CA LEU G 46 26.18 2.08 5.90
C LEU G 46 24.88 2.13 6.68
N LEU G 47 23.81 1.57 6.10
CA LEU G 47 22.54 1.53 6.80
C LEU G 47 22.47 0.33 7.74
N ILE G 48 22.76 -0.86 7.22
CA ILE G 48 22.56 -2.09 7.99
C ILE G 48 23.72 -3.03 7.75
N TYR G 49 24.16 -3.69 8.81
CA TYR G 49 25.10 -4.80 8.71
C TYR G 49 24.45 -6.02 9.33
N LYS G 50 25.04 -7.19 9.08
CA LYS G 50 24.45 -8.47 9.58
C LYS G 50 23.03 -8.59 9.02
N ALA G 51 22.68 -7.70 8.09
CA ALA G 51 21.34 -7.75 7.44
C ALA G 51 20.23 -7.46 8.45
N SER G 52 20.58 -7.43 9.73
CA SER G 52 19.57 -7.19 10.79
C SER G 52 20.14 -6.40 11.98
N SER G 53 21.26 -5.71 11.73
CA SER G 53 21.92 -4.95 12.83
C SER G 53 21.81 -3.52 12.32
N LEU G 54 20.84 -2.77 12.82
CA LEU G 54 20.72 -1.36 12.47
C LEU G 54 21.88 -0.59 13.07
N GLU G 55 22.74 -0.02 12.22
CA GLU G 55 23.89 0.72 12.71
C GLU G 55 23.44 1.84 13.64
N SER G 56 24.26 2.12 14.65
CA SER G 56 23.90 3.12 15.65
C SER G 56 23.65 4.47 15.01
N GLY G 57 22.57 5.13 15.45
CA GLY G 57 22.20 6.43 14.93
C GLY G 57 21.30 6.40 13.71
N VAL G 58 21.17 5.26 13.03
CA VAL G 58 20.30 5.18 11.85
C VAL G 58 18.85 5.19 12.29
N PRO G 59 17.96 5.92 11.61
CA PRO G 59 16.54 5.92 12.01
C PRO G 59 15.96 4.52 12.05
N SER G 60 15.18 4.25 13.10
CA SER G 60 14.59 2.94 13.31
C SER G 60 13.56 2.55 12.25
N ARG G 61 13.27 3.44 11.29
CA ARG G 61 12.37 3.11 10.20
C ARG G 61 12.98 2.09 9.24
N PHE G 62 14.31 1.95 9.24
CA PHE G 62 14.99 0.99 8.37
C PHE G 62 15.05 -0.37 9.06
N SER G 63 14.77 -1.42 8.29
CA SER G 63 14.78 -2.79 8.79
C SER G 63 15.27 -3.73 7.70
N GLY G 64 16.27 -4.55 8.02
CA GLY G 64 16.79 -5.55 7.11
C GLY G 64 16.30 -6.93 7.53
N SER G 65 15.82 -7.69 6.55
CA SER G 65 15.23 -8.98 6.85
C SER G 65 15.73 -10.02 5.86
N GLY G 66 16.23 -11.14 6.37
CA GLY G 66 16.50 -12.28 5.52
C GLY G 66 17.72 -13.07 5.99
N SER G 67 17.88 -14.23 5.36
CA SER G 67 19.07 -15.06 5.51
C SER G 67 19.16 -15.95 4.28
N GLY G 68 20.37 -16.41 3.99
CA GLY G 68 20.58 -17.28 2.83
C GLY G 68 20.90 -16.47 1.57
N SER G 69 19.95 -16.45 0.63
CA SER G 69 20.13 -15.78 -0.65
C SER G 69 19.18 -14.62 -0.90
N GLU G 70 18.08 -14.50 -0.16
CA GLU G 70 17.12 -13.43 -0.35
C GLU G 70 17.09 -12.53 0.88
N PHE G 71 16.96 -11.22 0.63
CA PHE G 71 17.10 -10.21 1.66
C PHE G 71 16.28 -9.00 1.24
N THR G 72 15.74 -8.29 2.22
CA THR G 72 14.88 -7.13 1.93
C THR G 72 15.19 -5.99 2.88
N LEU G 73 15.41 -4.81 2.29
CA LEU G 73 15.55 -3.56 3.02
C LEU G 73 14.20 -2.85 3.02
N THR G 74 13.65 -2.61 4.21
CA THR G 74 12.30 -2.08 4.37
C THR G 74 12.36 -0.77 5.14
N ILE G 75 11.92 0.31 4.51
CA ILE G 75 11.77 1.60 5.16
C ILE G 75 10.31 1.73 5.59
N SER G 76 10.10 1.89 6.90
CA SER G 76 8.74 1.90 7.43
C SER G 76 8.00 3.17 7.04
N SER G 77 8.64 4.33 7.17
CA SER G 77 8.03 5.60 6.78
C SER G 77 9.06 6.36 5.92
N LEU G 78 8.84 6.36 4.61
CA LEU G 78 9.73 7.05 3.70
C LEU G 78 9.68 8.55 3.95
N GLN G 79 10.84 9.16 4.08
CA GLN G 79 10.98 10.58 4.37
C GLN G 79 11.73 11.29 3.24
N PRO G 80 11.61 12.62 3.15
CA PRO G 80 12.34 13.34 2.08
C PRO G 80 13.83 13.04 2.02
N ASP G 81 14.52 13.08 3.16
CA ASP G 81 15.96 12.85 3.19
C ASP G 81 16.35 11.44 2.76
N ASP G 82 15.40 10.52 2.66
CA ASP G 82 15.69 9.16 2.26
C ASP G 82 15.83 9.00 0.75
N PHE G 83 15.87 10.10 0.01
CA PHE G 83 16.10 10.05 -1.44
C PHE G 83 17.58 9.78 -1.68
N ALA G 84 17.88 8.62 -2.24
CA ALA G 84 19.27 8.23 -2.52
C ALA G 84 19.27 6.95 -3.34
N ILE G 85 20.46 6.41 -3.57
CA ILE G 85 20.64 5.11 -4.21
C ILE G 85 21.05 4.12 -3.14
N TYR G 86 20.36 3.00 -3.06
CA TYR G 86 20.55 2.04 -1.98
C TYR G 86 21.21 0.78 -2.56
N TYR G 87 22.38 0.45 -2.04
CA TYR G 87 23.14 -0.71 -2.47
C TYR G 87 23.12 -1.78 -1.39
N CYS G 88 23.38 -3.01 -1.81
CA CYS G 88 23.54 -4.14 -0.91
C CYS G 88 24.87 -4.82 -1.19
N GLN G 89 25.75 -4.82 -0.19
CA GLN G 89 27.08 -5.43 -0.25
C GLN G 89 27.05 -6.80 0.43
N GLN G 90 28.05 -7.61 0.12
CA GLN G 90 28.19 -8.97 0.64
C GLN G 90 29.61 -9.18 1.13
N TYR G 91 29.74 -9.73 2.34
CA TYR G 91 31.06 -9.92 2.95
C TYR G 91 31.25 -11.36 3.43
N ASN G 92 30.54 -12.32 2.84
CA ASN G 92 30.82 -13.71 3.19
C ASN G 92 32.03 -14.24 2.44
N SER G 93 32.22 -13.83 1.19
CA SER G 93 33.33 -14.32 0.39
C SER G 93 33.84 -13.25 -0.55
N TYR G 94 35.16 -13.16 -0.69
CA TYR G 94 35.78 -12.26 -1.65
C TYR G 94 35.65 -12.85 -3.05
N PRO G 95 35.48 -12.01 -4.08
CA PRO G 95 35.43 -10.55 -3.95
C PRO G 95 34.11 -10.02 -3.40
N TRP G 96 34.19 -9.01 -2.53
CA TRP G 96 32.98 -8.34 -2.08
C TRP G 96 32.26 -7.71 -3.27
N THR G 97 30.95 -7.91 -3.34
CA THR G 97 30.18 -7.49 -4.50
C THR G 97 29.00 -6.64 -4.04
N PHE G 98 28.73 -5.57 -4.77
CA PHE G 98 27.57 -4.73 -4.54
C PHE G 98 26.50 -5.04 -5.56
N GLY G 99 25.26 -4.78 -5.19
CA GLY G 99 24.19 -4.78 -6.16
C GLY G 99 24.31 -3.60 -7.10
N GLN G 100 23.52 -3.65 -8.18
CA GLN G 100 23.48 -2.53 -9.10
C GLN G 100 22.90 -1.28 -8.46
N GLY G 101 22.27 -1.40 -7.31
CA GLY G 101 21.71 -0.24 -6.63
C GLY G 101 20.27 0.02 -7.04
N THR G 102 19.51 0.60 -6.11
CA THR G 102 18.11 0.93 -6.33
C THR G 102 17.92 2.41 -6.04
N LYS G 103 17.39 3.15 -7.01
CA LYS G 103 17.17 4.58 -6.83
C LYS G 103 15.79 4.81 -6.23
N VAL G 104 15.75 5.35 -5.01
CA VAL G 104 14.50 5.63 -4.33
C VAL G 104 14.18 7.11 -4.47
N GLU G 105 13.10 7.41 -5.18
CA GLU G 105 12.60 8.77 -5.33
C GLU G 105 11.27 8.90 -4.58
N ILE G 106 10.65 10.07 -4.64
CA ILE G 106 9.51 10.39 -3.79
C ILE G 106 8.42 11.03 -4.63
N LYS G 107 7.23 10.42 -4.61
CA LYS G 107 6.06 11.00 -5.27
C LYS G 107 5.55 12.19 -4.47
N ARG G 108 5.37 13.33 -5.14
CA ARG G 108 4.90 14.52 -4.47
C ARG G 108 3.92 15.28 -5.36
N THR G 109 3.33 16.32 -4.77
CA THR G 109 2.40 17.18 -5.49
C THR G 109 3.10 17.84 -6.68
N VAL G 110 2.40 17.87 -7.81
CA VAL G 110 2.95 18.47 -9.02
C VAL G 110 3.10 19.97 -8.79
N ALA G 111 4.31 20.47 -9.03
CA ALA G 111 4.65 21.85 -8.74
C ALA G 111 5.16 22.56 -10.00
N ALA G 112 4.68 23.78 -10.21
CA ALA G 112 5.14 24.58 -11.34
C ALA G 112 6.55 25.09 -11.07
N PRO G 113 7.34 25.29 -12.12
CA PRO G 113 8.72 25.78 -11.95
C PRO G 113 8.74 27.30 -11.82
N SER G 114 9.94 27.82 -11.58
CA SER G 114 10.20 29.26 -11.64
C SER G 114 11.27 29.49 -12.70
N VAL G 115 10.93 30.31 -13.71
CA VAL G 115 11.77 30.47 -14.89
C VAL G 115 12.52 31.79 -14.80
N PHE G 116 13.82 31.75 -15.09
CA PHE G 116 14.66 32.94 -15.14
C PHE G 116 15.63 32.81 -16.30
N ILE G 117 15.79 33.87 -17.07
CA ILE G 117 16.69 33.86 -18.22
C ILE G 117 17.92 34.68 -17.90
N PHE G 118 19.08 34.14 -18.27
CA PHE G 118 20.34 34.82 -18.06
C PHE G 118 21.04 35.05 -19.40
N PRO G 119 21.27 36.30 -19.77
CA PRO G 119 21.91 36.61 -21.06
C PRO G 119 23.38 36.23 -21.04
N PRO G 120 24.07 36.26 -22.19
CA PRO G 120 25.46 35.84 -22.21
C PRO G 120 26.37 36.90 -21.60
N SER G 121 27.39 36.43 -20.88
CA SER G 121 28.37 37.34 -20.29
C SER G 121 29.14 38.06 -21.38
N ASP G 122 29.25 39.39 -21.26
CA ASP G 122 29.99 40.18 -22.23
C ASP G 122 31.47 39.79 -22.24
N GLU G 123 31.99 39.44 -21.06
CA GLU G 123 33.33 38.87 -20.99
C GLU G 123 33.47 37.67 -21.91
N GLN G 124 32.46 36.79 -21.91
CA GLN G 124 32.46 35.65 -22.82
C GLN G 124 32.34 36.10 -24.27
N LEU G 125 31.47 37.08 -24.53
CA LEU G 125 31.29 37.55 -25.90
C LEU G 125 32.61 38.07 -26.48
N LYS G 126 33.45 38.67 -25.64
CA LYS G 126 34.77 39.08 -26.10
C LYS G 126 35.60 37.89 -26.56
N SER G 127 35.37 36.71 -26.01
CA SER G 127 36.08 35.50 -26.40
C SER G 127 35.48 34.82 -27.61
N GLY G 128 34.55 35.47 -28.30
CA GLY G 128 34.01 34.95 -29.55
C GLY G 128 32.96 33.88 -29.41
N THR G 129 32.52 33.57 -28.19
CA THR G 129 31.47 32.59 -27.96
C THR G 129 30.32 33.24 -27.19
N ALA G 130 29.18 32.56 -27.17
CA ALA G 130 27.98 33.10 -26.53
C ALA G 130 27.09 31.96 -26.04
N SER G 131 26.48 32.17 -24.88
CA SER G 131 25.61 31.16 -24.28
C SER G 131 24.56 31.85 -23.41
N VAL G 132 23.29 31.50 -23.63
CA VAL G 132 22.17 32.04 -22.86
C VAL G 132 21.55 30.89 -22.08
N VAL G 133 21.10 31.17 -20.85
CA VAL G 133 20.63 30.12 -19.97
C VAL G 133 19.15 30.33 -19.65
N CYS G 134 18.36 29.27 -19.80
CA CYS G 134 17.01 29.20 -19.24
C CYS G 134 17.10 28.40 -17.94
N LEU G 135 16.50 28.91 -16.88
CA LEU G 135 16.57 28.29 -15.56
C LEU G 135 15.16 27.99 -15.05
N LEU G 136 14.93 26.74 -14.66
CA LEU G 136 13.67 26.29 -14.09
C LEU G 136 13.96 25.73 -12.71
N ASN G 137 13.55 26.47 -11.67
CA ASN G 137 13.80 26.07 -10.29
C ASN G 137 12.56 25.46 -9.66
N ASN G 138 12.78 24.40 -8.86
CA ASN G 138 11.80 23.86 -7.93
C ASN G 138 10.47 23.39 -8.52
N PHE G 139 10.59 22.52 -9.53
CA PHE G 139 9.45 21.92 -10.19
C PHE G 139 9.31 20.42 -9.93
N TYR G 140 8.21 19.87 -10.43
CA TYR G 140 7.89 18.45 -10.29
C TYR G 140 6.77 18.06 -11.24
N PRO G 141 6.93 16.98 -12.03
CA PRO G 141 8.11 16.12 -12.06
C PRO G 141 9.23 16.67 -12.93
N ARG G 142 10.30 15.88 -13.12
CA ARG G 142 11.40 16.29 -13.98
C ARG G 142 10.96 16.55 -15.41
N GLU G 143 9.79 16.05 -15.81
CA GLU G 143 9.37 16.03 -17.20
C GLU G 143 8.86 17.40 -17.61
N ALA G 144 9.71 18.16 -18.30
CA ALA G 144 9.33 19.45 -18.88
C ALA G 144 10.13 19.64 -20.16
N LYS G 145 9.68 20.58 -20.99
CA LYS G 145 10.38 20.93 -22.22
C LYS G 145 10.73 22.40 -22.23
N VAL G 146 12.00 22.70 -22.40
CA VAL G 146 12.49 24.06 -22.57
C VAL G 146 13.00 24.19 -24.00
N GLN G 147 12.24 24.87 -24.84
CA GLN G 147 12.61 25.16 -26.20
C GLN G 147 13.06 26.61 -26.32
N TRP G 148 13.71 26.92 -27.43
CA TRP G 148 14.37 28.20 -27.64
C TRP G 148 13.80 28.78 -28.93
N LYS G 149 13.49 30.08 -28.90
CA LYS G 149 12.89 30.78 -30.03
C LYS G 149 13.75 32.03 -30.24
N VAL G 150 14.65 31.95 -31.21
CA VAL G 150 15.45 33.16 -31.58
C VAL G 150 14.81 33.72 -32.85
N ASP G 151 14.72 35.04 -32.96
CA ASP G 151 14.04 35.67 -34.12
C ASP G 151 12.78 34.84 -34.45
N ASN G 152 11.98 34.53 -33.43
CA ASN G 152 10.73 33.77 -33.67
C ASN G 152 11.04 32.55 -34.53
N ALA G 153 12.05 31.76 -34.15
CA ALA G 153 12.36 30.56 -34.91
C ALA G 153 12.97 29.53 -33.96
N LEU G 154 12.30 28.38 -33.83
CA LEU G 154 12.76 27.35 -32.91
C LEU G 154 14.09 26.77 -33.39
N GLN G 155 15.08 26.76 -32.50
CA GLN G 155 16.38 26.18 -32.83
C GLN G 155 16.29 24.66 -32.77
N SER G 156 16.77 24.00 -33.82
CA SER G 156 16.73 22.54 -33.86
C SER G 156 17.54 21.94 -32.71
N GLY G 157 18.78 22.38 -32.54
CA GLY G 157 19.62 21.88 -31.47
C GLY G 157 20.37 22.98 -30.76
N ASN G 158 21.68 22.85 -30.66
CA ASN G 158 22.57 23.85 -30.08
C ASN G 158 22.22 24.16 -28.64
N SER G 159 21.47 23.30 -27.99
CA SER G 159 21.02 23.51 -26.61
C SER G 159 21.24 22.23 -25.82
N GLN G 160 22.01 22.32 -24.75
CA GLN G 160 22.17 21.19 -23.84
C GLN G 160 21.46 21.47 -22.54
N GLU G 161 21.39 20.45 -21.69
CA GLU G 161 20.44 20.46 -20.58
C GLU G 161 21.00 19.70 -19.40
N SER G 162 20.90 20.31 -18.22
CA SER G 162 21.35 19.69 -16.98
C SER G 162 20.24 19.74 -15.94
N VAL G 163 19.95 18.60 -15.33
CA VAL G 163 18.86 18.47 -14.36
C VAL G 163 19.47 18.10 -13.02
N THR G 164 19.22 18.94 -12.01
CA THR G 164 19.62 18.59 -10.65
C THR G 164 18.83 17.36 -10.20
N GLU G 165 19.38 16.64 -9.23
CA GLU G 165 18.66 15.54 -8.64
C GLU G 165 17.72 16.06 -7.54
N GLN G 166 16.90 15.17 -7.00
CA GLN G 166 15.84 15.55 -6.10
C GLN G 166 16.40 16.19 -4.83
N ASP G 167 15.97 17.41 -4.54
CA ASP G 167 16.39 18.08 -3.31
C ASP G 167 16.03 17.22 -2.11
N SER G 168 16.95 17.14 -1.14
CA SER G 168 16.68 16.32 0.04
C SER G 168 15.56 16.91 0.88
N LYS G 169 15.48 18.25 0.95
CA LYS G 169 14.44 18.89 1.74
C LYS G 169 13.12 18.92 0.99
N ASP G 170 13.09 19.61 -0.14
CA ASP G 170 11.85 19.87 -0.86
C ASP G 170 11.48 18.75 -1.83
N SER G 171 12.43 17.93 -2.22
CA SER G 171 12.26 16.97 -3.32
C SER G 171 11.62 17.65 -4.52
N THR G 172 12.20 18.79 -4.89
CA THR G 172 11.83 19.53 -6.08
C THR G 172 13.04 19.64 -7.00
N TYR G 173 12.81 19.51 -8.29
CA TYR G 173 13.87 19.42 -9.28
C TYR G 173 14.22 20.80 -9.84
N SER G 174 15.41 20.90 -10.42
CA SER G 174 15.84 22.13 -11.06
C SER G 174 16.60 21.79 -12.33
N LEU G 175 16.38 22.60 -13.37
CA LEU G 175 16.91 22.32 -14.69
C LEU G 175 17.48 23.61 -15.28
N SER G 176 18.56 23.45 -16.05
CA SER G 176 19.18 24.54 -16.78
C SER G 176 19.35 24.12 -18.22
N SER G 177 18.76 24.90 -19.13
CA SER G 177 18.92 24.69 -20.57
C SER G 177 19.87 25.76 -21.09
N THR G 178 21.04 25.34 -21.54
CA THR G 178 22.10 26.25 -21.98
C THR G 178 22.16 26.22 -23.50
N LEU G 179 21.83 27.36 -24.12
CA LEU G 179 22.09 27.60 -25.53
C LEU G 179 23.52 28.09 -25.73
N THR G 180 24.30 27.32 -26.48
CA THR G 180 25.68 27.67 -26.79
C THR G 180 25.81 27.93 -28.29
N LEU G 181 25.29 29.08 -28.70
CA LEU G 181 25.36 29.52 -30.09
C LEU G 181 26.15 30.83 -30.16
N SER G 182 27.03 30.93 -31.15
CA SER G 182 27.89 32.11 -31.31
C SER G 182 28.03 32.43 -32.80
N LYS G 183 27.20 33.36 -33.27
CA LYS G 183 27.41 33.98 -34.58
C LYS G 183 28.36 35.15 -34.34
N ALA G 184 29.64 34.80 -34.14
CA ALA G 184 30.58 35.68 -33.44
C ALA G 184 29.77 36.00 -32.19
N ASP G 185 29.53 37.28 -31.92
CA ASP G 185 28.61 37.68 -30.86
C ASP G 185 27.13 37.59 -31.21
N TYR G 186 26.66 36.39 -31.51
CA TYR G 186 25.28 36.12 -31.96
C TYR G 186 24.89 37.33 -32.79
N GLU G 187 25.66 37.68 -33.83
CA GLU G 187 25.33 38.88 -34.58
C GLU G 187 24.55 38.26 -35.75
N LYS G 188 23.42 37.68 -35.37
CA LYS G 188 22.40 37.23 -36.31
C LYS G 188 21.21 38.18 -36.33
N HIS G 189 20.39 38.13 -35.27
CA HIS G 189 19.22 39.05 -35.11
C HIS G 189 19.06 39.21 -33.59
N LYS G 190 18.00 39.87 -33.11
CA LYS G 190 17.89 40.12 -31.65
C LYS G 190 16.75 39.71 -30.69
N VAL G 191 15.86 38.78 -31.08
CA VAL G 191 14.81 38.24 -30.19
C VAL G 191 15.01 36.84 -29.59
N TYR G 192 15.06 36.69 -28.26
CA TYR G 192 15.43 35.37 -27.76
C TYR G 192 14.45 34.98 -26.65
N ALA G 193 13.85 33.79 -26.77
CA ALA G 193 12.77 33.36 -25.88
C ALA G 193 12.95 31.93 -25.37
N CYS G 194 12.41 31.68 -24.17
CA CYS G 194 12.45 30.37 -23.50
C CYS G 194 11.03 29.80 -23.43
N GLU G 195 10.63 29.03 -24.45
CA GLU G 195 9.38 28.28 -24.37
C GLU G 195 9.46 27.22 -23.28
N VAL G 196 8.81 27.45 -22.14
CA VAL G 196 8.80 26.51 -21.04
C VAL G 196 7.42 25.86 -20.98
N THR G 197 7.39 24.54 -21.13
CA THR G 197 6.15 23.75 -21.13
C THR G 197 6.28 22.68 -20.07
N HIS G 198 5.45 22.77 -19.03
CA HIS G 198 5.47 21.83 -17.92
C HIS G 198 4.04 21.43 -17.56
N GLN G 199 3.93 20.26 -16.91
CA GLN G 199 2.62 19.75 -16.51
C GLN G 199 1.93 20.68 -15.52
N GLY G 200 2.70 21.40 -14.69
CA GLY G 200 2.14 22.28 -13.69
C GLY G 200 1.75 23.63 -14.28
N LEU G 201 1.75 23.72 -15.60
CA LEU G 201 1.36 24.94 -16.31
C LEU G 201 0.22 24.63 -17.26
N SER G 202 -0.89 25.38 -17.11
CA SER G 202 -2.02 25.20 -18.01
C SER G 202 -1.66 25.60 -19.43
N SER G 203 -0.97 26.74 -19.57
CA SER G 203 -0.46 27.21 -20.84
C SER G 203 1.03 27.47 -20.74
N PRO G 204 1.79 27.20 -21.80
CA PRO G 204 3.25 27.41 -21.74
C PRO G 204 3.59 28.85 -21.43
N VAL G 205 4.75 29.05 -20.80
CA VAL G 205 5.23 30.39 -20.44
C VAL G 205 6.50 30.68 -21.22
N THR G 206 6.57 31.88 -21.78
CA THR G 206 7.72 32.29 -22.60
C THR G 206 8.24 33.61 -22.08
N LYS G 207 9.40 33.58 -21.44
CA LYS G 207 10.13 34.79 -21.11
C LYS G 207 11.14 35.07 -22.23
N SER G 208 11.54 36.33 -22.36
CA SER G 208 12.31 36.72 -23.53
C SER G 208 13.19 37.92 -23.21
N PHE G 209 14.23 38.09 -24.04
CA PHE G 209 15.02 39.32 -23.99
C PHE G 209 15.60 39.61 -25.36
N ASN G 210 16.04 40.85 -25.53
CA ASN G 210 16.64 41.37 -26.77
C ASN G 210 18.06 41.81 -26.48
N ARG G 211 18.76 42.23 -27.53
CA ARG G 211 20.13 42.74 -27.43
C ARG G 211 20.22 43.85 -26.39
N GLY G 212 20.89 43.57 -25.28
CA GLY G 212 21.00 44.53 -24.20
C GLY G 212 19.67 45.10 -23.77
N GLN H 1 36.73 11.23 15.87
CA GLN H 1 36.56 10.95 14.44
C GLN H 1 37.78 10.26 13.84
N VAL H 2 37.53 9.49 12.79
CA VAL H 2 38.56 9.05 11.86
C VAL H 2 38.15 9.54 10.48
N GLN H 3 39.05 10.23 9.80
CA GLN H 3 38.72 10.92 8.56
C GLN H 3 39.66 10.49 7.44
N LEU H 4 39.08 10.21 6.28
CA LEU H 4 39.79 9.65 5.14
C LEU H 4 39.64 10.59 3.96
N GLN H 5 40.74 11.23 3.56
CA GLN H 5 40.74 12.10 2.40
C GLN H 5 41.45 11.42 1.24
N GLU H 6 41.16 11.88 0.03
CA GLU H 6 41.55 11.15 -1.17
C GLU H 6 42.20 12.09 -2.17
N SER H 7 43.38 11.71 -2.66
CA SER H 7 44.12 12.48 -3.65
C SER H 7 44.40 11.60 -4.86
N GLY H 8 43.96 12.06 -6.02
CA GLY H 8 44.22 11.40 -7.28
C GLY H 8 44.44 12.41 -8.38
N PRO H 9 45.55 12.27 -9.11
CA PRO H 9 45.86 13.24 -10.18
C PRO H 9 44.76 13.34 -11.22
N GLY H 10 44.13 12.22 -11.56
CA GLY H 10 43.09 12.23 -12.58
C GLY H 10 43.69 12.35 -13.97
N LEU H 11 42.87 12.08 -14.98
CA LEU H 11 43.28 12.13 -16.38
C LEU H 11 44.59 11.38 -16.59
N VAL H 12 44.55 10.10 -16.20
CA VAL H 12 45.67 9.20 -16.45
C VAL H 12 45.60 8.75 -17.90
N LYS H 13 46.76 8.65 -18.54
CA LYS H 13 46.78 8.33 -19.96
C LYS H 13 46.56 6.83 -20.17
N PRO H 14 45.98 6.44 -21.32
CA PRO H 14 45.39 5.09 -21.44
C PRO H 14 46.32 3.91 -21.26
N SER H 15 47.61 4.11 -21.12
CA SER H 15 48.50 2.96 -20.90
C SER H 15 49.50 3.25 -19.80
N GLU H 16 49.07 3.97 -18.77
CA GLU H 16 49.94 4.40 -17.69
C GLU H 16 49.53 3.74 -16.39
N THR H 17 50.19 4.16 -15.31
CA THR H 17 49.99 3.58 -13.99
C THR H 17 49.28 4.61 -13.11
N LEU H 18 48.05 4.30 -12.72
CA LEU H 18 47.31 5.13 -11.79
C LEU H 18 47.88 4.99 -10.38
N SER H 19 48.08 6.13 -9.71
CA SER H 19 48.58 6.18 -8.34
C SER H 19 47.62 7.02 -7.52
N LEU H 20 46.95 6.39 -6.56
CA LEU H 20 45.96 7.06 -5.71
C LEU H 20 46.40 6.99 -4.27
N THR H 21 46.27 8.10 -3.54
CA THR H 21 46.72 8.14 -2.15
C THR H 21 45.57 8.57 -1.24
N CYS H 22 45.18 7.69 -0.32
CA CYS H 22 44.22 8.01 0.72
C CYS H 22 44.99 8.39 1.98
N SER H 23 44.73 9.60 2.47
CA SER H 23 45.36 10.14 3.68
C SER H 23 44.41 9.96 4.87
N VAL H 24 45.00 9.57 6.00
CA VAL H 24 44.25 9.09 7.16
C VAL H 24 44.55 10.00 8.34
N SER H 25 43.50 10.60 8.91
CA SER H 25 43.64 11.41 10.11
C SER H 25 42.81 10.80 11.23
N GLY H 26 43.37 10.83 12.43
CA GLY H 26 42.67 10.29 13.59
C GLY H 26 42.76 8.79 13.77
N ALA H 27 43.76 8.14 13.15
CA ALA H 27 43.92 6.70 13.29
C ALA H 27 45.33 6.31 12.84
N SER H 28 46.01 5.52 13.67
CA SER H 28 47.26 4.91 13.26
C SER H 28 46.99 3.81 12.26
N ILE H 29 47.47 3.99 11.03
CA ILE H 29 47.18 3.03 9.96
C ILE H 29 47.71 1.63 10.28
N SER H 30 48.81 1.55 11.02
CA SER H 30 49.48 0.27 11.25
C SER H 30 48.60 -0.76 11.95
N SER H 31 47.47 -0.35 12.54
CA SER H 31 46.61 -1.26 13.27
C SER H 31 45.19 -1.33 12.69
N TYR H 32 45.07 -1.10 11.38
CA TYR H 32 43.78 -1.18 10.70
C TYR H 32 44.00 -1.65 9.27
N TYR H 33 43.04 -2.41 8.76
CA TYR H 33 43.00 -2.75 7.35
C TYR H 33 42.40 -1.60 6.55
N TRP H 34 42.81 -1.50 5.30
CA TRP H 34 42.41 -0.38 4.46
C TRP H 34 41.91 -0.92 3.11
N ILE H 35 40.76 -0.41 2.68
CA ILE H 35 40.01 -0.96 1.57
C ILE H 35 39.83 0.10 0.50
N TRP H 36 39.84 -0.36 -0.75
CA TRP H 36 39.58 0.50 -1.90
C TRP H 36 38.39 -0.07 -2.67
N ILE H 37 37.47 0.84 -3.07
CA ILE H 37 36.21 0.52 -3.71
C ILE H 37 36.00 1.55 -4.83
N ARG H 38 35.20 1.20 -5.83
CA ARG H 38 35.10 2.04 -7.01
C ARG H 38 33.69 2.00 -7.58
N GLN H 39 33.34 3.05 -8.36
CA GLN H 39 32.01 3.24 -8.96
C GLN H 39 32.10 3.86 -10.34
N PRO H 40 31.73 3.15 -11.41
CA PRO H 40 31.73 3.75 -12.77
C PRO H 40 30.53 4.66 -13.02
N ALA H 41 30.56 5.83 -12.37
CA ALA H 41 29.53 6.87 -12.50
C ALA H 41 28.20 6.25 -12.10
N GLY H 42 27.20 6.20 -12.98
CA GLY H 42 25.90 5.66 -12.62
C GLY H 42 25.87 4.17 -12.35
N LYS H 43 26.96 3.46 -12.66
CA LYS H 43 27.03 2.03 -12.43
C LYS H 43 27.18 1.74 -10.95
N GLY H 44 27.16 0.45 -10.60
CA GLY H 44 27.23 0.03 -9.22
C GLY H 44 28.63 0.21 -8.62
N LEU H 45 28.77 -0.31 -7.42
CA LEU H 45 30.03 -0.24 -6.67
C LEU H 45 30.79 -1.55 -6.82
N GLU H 46 32.11 -1.45 -6.77
CA GLU H 46 32.99 -2.60 -6.92
C GLU H 46 34.08 -2.56 -5.86
N TRP H 47 34.28 -3.69 -5.18
CA TRP H 47 35.31 -3.81 -4.15
C TRP H 47 36.66 -4.06 -4.83
N ILE H 48 37.57 -3.09 -4.74
CA ILE H 48 38.91 -3.28 -5.31
C ILE H 48 39.74 -4.20 -4.42
N GLY H 49 39.89 -3.86 -3.15
CA GLY H 49 40.62 -4.79 -2.31
C GLY H 49 40.99 -4.26 -0.94
N ARG H 50 41.84 -5.06 -0.27
CA ARG H 50 42.19 -4.99 1.14
C ARG H 50 43.71 -4.98 1.30
N PHE H 51 44.21 -4.19 2.24
CA PHE H 51 45.63 -4.25 2.57
C PHE H 51 45.86 -3.95 4.04
N TYR H 52 46.98 -4.45 4.55
CA TYR H 52 47.34 -4.32 5.96
C TYR H 52 48.86 -4.19 6.06
N THR H 53 49.32 -3.56 7.14
CA THR H 53 50.75 -3.40 7.36
C THR H 53 51.36 -4.70 7.90
N SER H 54 50.73 -5.31 8.90
CA SER H 54 51.16 -6.60 9.41
C SER H 54 50.15 -7.68 9.05
N GLY H 55 49.95 -7.90 7.76
CA GLY H 55 48.98 -8.87 7.30
C GLY H 55 49.22 -9.23 5.85
N SER H 56 48.22 -9.88 5.26
CA SER H 56 48.29 -10.33 3.87
C SER H 56 47.20 -9.66 3.05
N PRO H 57 47.54 -8.97 1.97
CA PRO H 57 46.50 -8.34 1.13
C PRO H 57 45.75 -9.37 0.30
N ASN H 58 44.53 -8.99 -0.09
CA ASN H 58 43.72 -9.76 -1.01
C ASN H 58 43.00 -8.79 -1.94
N TYR H 59 42.98 -9.10 -3.23
CA TYR H 59 42.47 -8.19 -4.23
C TYR H 59 41.38 -8.85 -5.07
N ASN H 60 40.62 -8.01 -5.77
CA ASN H 60 39.58 -8.51 -6.67
C ASN H 60 40.24 -9.20 -7.87
N PRO H 61 39.70 -10.34 -8.31
CA PRO H 61 40.36 -11.07 -9.42
C PRO H 61 40.50 -10.26 -10.70
N SER H 62 39.44 -9.56 -11.11
CA SER H 62 39.50 -8.83 -12.39
C SER H 62 40.61 -7.80 -12.40
N LEU H 63 40.93 -7.22 -11.24
CA LEU H 63 42.00 -6.25 -11.12
C LEU H 63 43.26 -6.83 -10.47
N ARG H 64 43.21 -8.10 -10.02
CA ARG H 64 44.31 -8.71 -9.29
C ARG H 64 45.65 -8.56 -10.00
N SER H 65 45.67 -8.88 -11.30
CA SER H 65 46.93 -8.89 -12.05
C SER H 65 47.62 -7.53 -12.05
N ARG H 66 46.90 -6.44 -11.80
CA ARG H 66 47.43 -5.10 -12.00
C ARG H 66 47.54 -4.26 -10.72
N VAL H 67 46.82 -4.62 -9.66
CA VAL H 67 46.74 -3.78 -8.46
C VAL H 67 47.90 -4.10 -7.53
N THR H 68 48.51 -3.04 -6.98
CA THR H 68 49.40 -3.14 -5.84
C THR H 68 49.00 -2.10 -4.81
N MET H 69 48.89 -2.52 -3.56
CA MET H 69 48.52 -1.65 -2.46
C MET H 69 49.71 -1.48 -1.51
N SER H 70 50.01 -0.24 -1.16
CA SER H 70 51.09 0.04 -0.23
C SER H 70 50.59 0.94 0.90
N VAL H 71 51.34 0.95 1.99
CA VAL H 71 51.01 1.75 3.17
C VAL H 71 52.25 2.51 3.61
N ASP H 72 52.10 3.82 3.79
CA ASP H 72 53.12 4.66 4.40
C ASP H 72 52.63 5.02 5.80
N THR H 73 53.17 4.32 6.80
CA THR H 73 52.88 4.67 8.19
C THR H 73 53.54 5.97 8.61
N SER H 74 54.58 6.38 7.90
CA SER H 74 55.26 7.64 8.21
C SER H 74 54.36 8.84 7.93
N LYS H 75 53.76 8.87 6.73
CA LYS H 75 52.88 9.95 6.32
C LYS H 75 51.42 9.67 6.61
N ASN H 76 51.12 8.51 7.21
CA ASN H 76 49.74 8.05 7.44
C ASN H 76 48.91 8.14 6.16
N GLN H 77 49.31 7.33 5.19
CA GLN H 77 48.57 7.19 3.94
C GLN H 77 48.65 5.74 3.46
N PHE H 78 47.77 5.41 2.52
CA PHE H 78 47.93 4.17 1.76
C PHE H 78 47.54 4.43 0.31
N SER H 79 48.22 3.74 -0.59
CA SER H 79 48.16 4.05 -2.01
C SER H 79 47.80 2.83 -2.83
N LEU H 80 46.92 3.04 -3.80
CA LEU H 80 46.73 2.15 -4.93
C LEU H 80 47.68 2.48 -6.06
N LYS H 81 48.12 1.43 -6.76
CA LYS H 81 48.86 1.59 -8.01
C LYS H 81 48.35 0.53 -8.98
N LEU H 82 47.72 1.00 -10.06
CA LEU H 82 47.08 0.18 -11.08
C LEU H 82 47.83 0.34 -12.39
N THR H 83 48.34 -0.75 -12.93
CA THR H 83 49.14 -0.70 -14.15
C THR H 83 48.25 -0.74 -15.39
N SER H 84 48.64 0.02 -16.41
CA SER H 84 48.00 0.03 -17.73
C SER H 84 46.49 0.28 -17.70
N VAL H 85 46.13 1.42 -17.13
CA VAL H 85 44.72 1.77 -16.94
C VAL H 85 43.94 1.76 -18.25
N THR H 86 42.85 1.01 -18.27
CA THR H 86 42.04 0.95 -19.48
C THR H 86 40.98 2.04 -19.49
N ALA H 87 40.31 2.17 -20.64
CA ALA H 87 39.17 3.08 -20.72
C ALA H 87 38.09 2.70 -19.72
N ALA H 88 37.85 1.40 -19.54
CA ALA H 88 36.88 0.94 -18.56
C ALA H 88 37.26 1.30 -17.13
N ASP H 89 38.54 1.54 -16.87
CA ASP H 89 39.00 1.92 -15.53
C ASP H 89 38.66 3.34 -15.12
N THR H 90 37.96 4.11 -15.94
CA THR H 90 37.56 5.47 -15.59
C THR H 90 36.36 5.40 -14.66
N ALA H 91 36.51 5.93 -13.44
CA ALA H 91 35.42 5.80 -12.46
C ALA H 91 35.78 6.64 -11.25
N VAL H 92 34.88 6.65 -10.27
CA VAL H 92 35.09 7.29 -8.98
C VAL H 92 35.75 6.28 -8.05
N TYR H 93 36.79 6.71 -7.35
CA TYR H 93 37.46 5.86 -6.37
C TYR H 93 37.14 6.37 -4.95
N TYR H 94 36.89 5.41 -4.05
CA TYR H 94 36.67 5.66 -2.63
C TYR H 94 37.62 4.78 -1.83
N CYS H 95 38.11 5.30 -0.71
CA CYS H 95 38.89 4.55 0.26
C CYS H 95 38.14 4.47 1.58
N ALA H 96 38.17 3.30 2.21
CA ALA H 96 37.43 3.04 3.44
C ALA H 96 38.32 2.32 4.44
N ARG H 97 37.95 2.43 5.71
CA ARG H 97 38.65 1.77 6.80
C ARG H 97 37.92 0.49 7.16
N GLU H 98 38.67 -0.62 7.27
CA GLU H 98 38.11 -1.88 7.73
C GLU H 98 38.18 -1.92 9.26
N GLU H 99 37.03 -1.79 9.91
CA GLU H 99 36.97 -1.87 11.36
C GLU H 99 37.38 -3.26 11.82
N HIS H 100 37.49 -3.41 13.13
CA HIS H 100 37.95 -4.68 13.69
C HIS H 100 36.78 -5.66 13.76
N ILE H 101 37.02 -6.80 14.41
CA ILE H 101 36.02 -7.86 14.48
C ILE H 101 34.85 -7.39 15.33
N THR H 102 33.64 -7.53 14.80
CA THR H 102 32.43 -7.34 15.57
C THR H 102 31.61 -8.63 15.54
N PHE H 103 30.60 -8.67 16.41
CA PHE H 103 29.69 -9.82 16.43
C PHE H 103 28.91 -9.95 15.13
N GLY H 104 28.80 -8.86 14.36
CA GLY H 104 28.17 -8.90 13.06
C GLY H 104 29.18 -8.90 11.94
N GLY H 105 30.32 -9.53 12.17
CA GLY H 105 31.37 -9.52 11.18
C GLY H 105 32.06 -8.17 11.09
N VAL H 106 32.97 -8.08 10.13
CA VAL H 106 33.79 -6.89 9.96
C VAL H 106 32.97 -5.81 9.26
N ILE H 107 33.11 -4.58 9.72
CA ILE H 107 32.33 -3.44 9.26
C ILE H 107 33.27 -2.43 8.59
N VAL H 108 32.76 -1.72 7.60
CA VAL H 108 33.40 -0.54 7.04
C VAL H 108 32.48 0.65 7.32
N ARG H 109 32.75 1.33 8.43
CA ARG H 109 31.94 2.49 8.84
C ARG H 109 32.42 3.75 8.14
N TYR H 110 33.73 3.88 7.95
CA TYR H 110 34.35 5.16 7.62
C TYR H 110 34.75 5.19 6.15
N TRP H 111 34.42 6.29 5.48
CA TRP H 111 34.41 6.36 4.04
C TRP H 111 35.11 7.62 3.56
N GLY H 112 35.88 7.49 2.47
CA GLY H 112 36.45 8.65 1.82
C GLY H 112 35.40 9.45 1.07
N GLN H 113 35.82 10.61 0.57
CA GLN H 113 34.89 11.51 -0.10
C GLN H 113 34.71 11.21 -1.58
N GLY H 114 35.62 10.45 -2.19
CA GLY H 114 35.50 10.12 -3.59
C GLY H 114 36.31 11.04 -4.48
N THR H 115 37.14 10.48 -5.35
CA THR H 115 37.83 11.26 -6.36
C THR H 115 37.64 10.62 -7.73
N LEU H 116 37.41 11.45 -8.74
CA LEU H 116 37.21 10.98 -10.09
C LEU H 116 38.55 10.70 -10.76
N VAL H 117 38.67 9.53 -11.38
CA VAL H 117 39.82 9.20 -12.21
C VAL H 117 39.31 8.95 -13.62
N THR H 118 39.75 9.80 -14.54
CA THR H 118 39.38 9.74 -15.94
C THR H 118 40.57 9.20 -16.73
N VAL H 119 40.30 8.32 -17.69
CA VAL H 119 41.34 7.76 -18.52
C VAL H 119 41.15 8.33 -19.93
N SER H 120 41.98 9.32 -20.28
CA SER H 120 41.86 10.00 -21.55
C SER H 120 43.15 10.47 -22.20
N SER H 121 43.24 10.39 -23.53
CA SER H 121 44.36 11.04 -24.24
C SER H 121 44.45 12.60 -24.27
N ALA H 122 43.35 13.23 -23.92
CA ALA H 122 43.28 14.68 -23.80
C ALA H 122 44.03 15.35 -22.64
N SER H 123 43.95 16.68 -22.59
CA SER H 123 44.84 17.47 -21.75
C SER H 123 44.08 18.10 -20.58
N THR H 124 44.82 18.86 -19.77
CA THR H 124 44.30 19.54 -18.58
C THR H 124 43.90 20.97 -18.95
N LYS H 125 42.74 21.09 -19.59
CA LYS H 125 42.27 22.39 -20.05
C LYS H 125 41.58 23.12 -18.91
N GLY H 126 42.09 24.31 -18.58
CA GLY H 126 41.55 25.13 -17.53
C GLY H 126 40.17 25.69 -17.85
N PRO H 127 39.40 26.01 -16.82
CA PRO H 127 38.03 26.46 -17.04
C PRO H 127 37.94 27.94 -17.38
N SER H 128 36.79 28.30 -17.93
CA SER H 128 36.46 29.67 -18.33
C SER H 128 35.20 30.08 -17.59
N VAL H 129 35.31 31.10 -16.74
CA VAL H 129 34.21 31.52 -15.87
C VAL H 129 33.58 32.79 -16.44
N PHE H 130 32.25 32.76 -16.56
CA PHE H 130 31.48 33.89 -17.09
C PHE H 130 30.29 34.12 -16.17
N PRO H 131 30.18 35.27 -15.53
CA PRO H 131 29.11 35.48 -14.56
C PRO H 131 27.74 35.49 -15.22
N LEU H 132 26.72 35.30 -14.39
CA LEU H 132 25.32 35.29 -14.80
C LEU H 132 24.65 36.56 -14.31
N ALA H 133 23.95 37.24 -15.20
CA ALA H 133 23.28 38.50 -14.91
C ALA H 133 22.18 38.29 -13.88
N PRO H 134 21.67 39.34 -13.25
CA PRO H 134 20.60 39.16 -12.27
C PRO H 134 19.29 38.76 -12.94
N SER H 135 18.40 38.16 -12.16
CA SER H 135 17.03 37.96 -12.59
C SER H 135 16.36 39.25 -12.23
N SER H 136 16.81 40.38 -12.78
CA SER H 136 16.16 41.67 -12.54
C SER H 136 15.30 41.76 -13.78
N LYS H 137 15.73 41.14 -14.88
CA LYS H 137 14.91 41.08 -16.08
C LYS H 137 13.60 40.36 -15.81
N SER H 138 13.61 39.38 -14.92
CA SER H 138 12.43 38.60 -14.57
C SER H 138 11.92 39.10 -13.23
N THR H 139 10.92 39.98 -13.27
CA THR H 139 10.26 40.43 -12.04
C THR H 139 9.77 39.23 -11.25
N SER H 140 10.44 38.95 -10.13
CA SER H 140 10.16 37.74 -9.35
C SER H 140 9.96 38.08 -7.89
N GLY H 141 9.48 39.29 -7.60
CA GLY H 141 9.31 39.70 -6.22
C GLY H 141 10.65 39.76 -5.50
N GLY H 142 10.61 39.45 -4.20
CA GLY H 142 11.85 39.42 -3.43
C GLY H 142 12.85 38.42 -3.93
N THR H 143 12.38 37.33 -4.54
CA THR H 143 13.30 36.35 -5.11
C THR H 143 14.07 36.94 -6.29
N ALA H 144 15.37 36.64 -6.33
CA ALA H 144 16.28 37.10 -7.37
C ALA H 144 17.30 35.99 -7.63
N ALA H 145 17.86 35.96 -8.83
CA ALA H 145 18.69 34.84 -9.23
C ALA H 145 20.04 35.33 -9.74
N LEU H 146 21.11 34.70 -9.24
CA LEU H 146 22.47 35.04 -9.66
C LEU H 146 23.22 33.74 -9.90
N GLY H 147 24.37 33.83 -10.54
CA GLY H 147 25.17 32.63 -10.75
C GLY H 147 26.43 32.88 -11.56
N CYS H 148 27.05 31.76 -11.95
CA CYS H 148 28.22 31.77 -12.81
C CYS H 148 28.20 30.57 -13.74
N LEU H 149 29.06 30.63 -14.76
CA LEU H 149 29.10 29.66 -15.86
C LEU H 149 30.55 29.23 -16.07
N VAL H 150 30.85 27.97 -15.77
CA VAL H 150 32.17 27.41 -15.93
C VAL H 150 32.15 26.57 -17.20
N LYS H 151 32.99 26.92 -18.17
CA LYS H 151 32.96 26.25 -19.47
C LYS H 151 34.37 25.88 -19.91
N ASP H 152 34.47 25.19 -21.04
CA ASP H 152 35.73 24.89 -21.72
C ASP H 152 36.75 24.22 -20.78
N TYR H 153 36.41 23.03 -20.29
CA TYR H 153 37.35 22.29 -19.45
C TYR H 153 37.07 20.80 -19.60
N PHE H 154 38.11 20.03 -19.93
CA PHE H 154 37.95 18.61 -20.19
C PHE H 154 37.88 17.76 -18.92
N PRO H 155 38.91 17.72 -18.03
CA PRO H 155 38.78 16.98 -16.77
C PRO H 155 37.52 17.47 -16.03
N GLU H 156 36.65 16.54 -15.61
CA GLU H 156 35.36 16.92 -14.98
C GLU H 156 35.42 17.48 -13.54
N PRO H 157 36.42 17.15 -12.69
CA PRO H 157 36.43 17.58 -11.28
C PRO H 157 36.32 19.11 -11.30
N VAL H 158 35.28 19.67 -10.66
CA VAL H 158 35.15 21.11 -10.56
C VAL H 158 34.35 21.36 -9.29
N THR H 159 34.79 22.34 -8.51
CA THR H 159 34.17 22.68 -7.23
C THR H 159 33.74 24.13 -7.26
N VAL H 160 32.45 24.38 -7.06
CA VAL H 160 31.88 25.72 -6.97
C VAL H 160 31.52 25.99 -5.52
N SER H 161 32.04 27.09 -4.98
CA SER H 161 31.62 27.60 -3.68
C SER H 161 31.21 29.06 -3.84
N TRP H 162 30.43 29.53 -2.87
CA TRP H 162 29.83 30.85 -2.94
C TRP H 162 30.26 31.67 -1.73
N ASN H 163 30.86 32.83 -1.98
CA ASN H 163 31.51 33.64 -0.93
C ASN H 163 32.43 32.77 -0.09
N SER H 164 33.15 31.86 -0.75
CA SER H 164 34.03 30.90 -0.10
C SER H 164 33.31 30.14 1.01
N GLY H 165 32.08 29.70 0.71
CA GLY H 165 31.33 28.85 1.61
C GLY H 165 30.30 29.57 2.48
N ALA H 166 30.30 30.89 2.51
CA ALA H 166 29.34 31.60 3.35
C ALA H 166 27.91 31.44 2.84
N LEU H 167 27.73 31.49 1.52
CA LEU H 167 26.41 31.36 0.90
C LEU H 167 26.05 29.88 0.85
N THR H 168 25.12 29.46 1.71
CA THR H 168 24.84 28.05 1.90
C THR H 168 23.44 27.61 1.47
N SER H 169 22.54 28.53 1.14
CA SER H 169 21.15 28.20 0.91
C SER H 169 20.73 28.61 -0.49
N GLY H 170 19.75 27.88 -1.04
CA GLY H 170 19.21 28.17 -2.35
C GLY H 170 20.20 28.01 -3.49
N VAL H 171 21.20 27.14 -3.33
CA VAL H 171 22.25 26.94 -4.31
C VAL H 171 21.90 25.74 -5.17
N HIS H 172 22.14 25.84 -6.47
CA HIS H 172 21.91 24.75 -7.42
C HIS H 172 23.11 24.64 -8.35
N THR H 173 24.23 24.15 -7.81
CA THR H 173 25.36 23.81 -8.68
C THR H 173 24.94 22.67 -9.59
N PHE H 174 24.69 22.99 -10.86
CA PHE H 174 24.08 22.07 -11.80
C PHE H 174 25.04 20.93 -12.15
N PRO H 175 24.57 19.93 -12.88
CA PRO H 175 25.49 18.94 -13.44
C PRO H 175 26.27 19.51 -14.60
N ALA H 176 27.50 19.02 -14.77
CA ALA H 176 28.31 19.37 -15.92
C ALA H 176 27.82 18.63 -17.16
N VAL H 177 27.77 19.33 -18.28
CA VAL H 177 27.28 18.77 -19.54
C VAL H 177 28.40 18.87 -20.57
N LEU H 178 28.64 17.76 -21.27
CA LEU H 178 29.66 17.72 -22.31
C LEU H 178 29.17 18.49 -23.55
N GLN H 179 29.94 19.48 -23.97
CA GLN H 179 29.61 20.22 -25.18
C GLN H 179 30.15 19.51 -26.40
N SER H 180 29.65 19.93 -27.57
CA SER H 180 30.10 19.37 -28.85
C SER H 180 31.60 19.52 -29.03
N SER H 181 32.22 20.48 -28.35
CA SER H 181 33.65 20.72 -28.42
C SER H 181 34.47 19.66 -27.69
N GLY H 182 33.84 18.68 -27.05
CA GLY H 182 34.55 17.79 -26.17
C GLY H 182 34.93 18.40 -24.84
N LEU H 183 34.38 19.55 -24.52
CA LEU H 183 34.57 20.24 -23.25
C LEU H 183 33.27 20.24 -22.46
N TYR H 184 33.37 20.67 -21.20
CA TYR H 184 32.24 20.64 -20.28
C TYR H 184 31.82 22.05 -19.88
N SER H 185 30.51 22.26 -19.83
CA SER H 185 29.92 23.47 -19.30
C SER H 185 29.10 23.11 -18.06
N LEU H 186 29.09 24.04 -17.10
CA LEU H 186 28.65 23.77 -15.74
C LEU H 186 28.12 25.08 -15.17
N SER H 187 26.81 25.14 -14.95
CA SER H 187 26.18 26.34 -14.42
C SER H 187 26.01 26.21 -12.92
N SER H 188 26.20 27.31 -12.19
CA SER H 188 25.95 27.34 -10.76
C SER H 188 25.10 28.56 -10.44
N VAL H 189 23.99 28.33 -9.71
CA VAL H 189 22.98 29.35 -9.51
C VAL H 189 22.61 29.42 -8.02
N VAL H 190 22.38 30.63 -7.53
CA VAL H 190 21.86 30.87 -6.19
C VAL H 190 20.67 31.81 -6.27
N THR H 191 19.61 31.49 -5.53
CA THR H 191 18.48 32.37 -5.32
C THR H 191 18.69 33.17 -4.04
N VAL H 192 18.33 34.46 -4.11
CA VAL H 192 18.77 35.49 -3.16
C VAL H 192 17.66 36.52 -2.99
N PRO H 193 17.44 37.07 -1.80
CA PRO H 193 16.50 38.20 -1.69
C PRO H 193 16.94 39.37 -2.55
N SER H 194 15.99 39.92 -3.32
CA SER H 194 16.29 41.06 -4.19
C SER H 194 16.73 42.29 -3.40
N SER H 195 16.38 42.36 -2.11
CA SER H 195 16.81 43.48 -1.28
C SER H 195 18.33 43.50 -1.13
N SER H 196 18.92 42.38 -0.74
CA SER H 196 20.35 42.30 -0.45
C SER H 196 21.23 42.60 -1.66
N LEU H 197 20.67 42.56 -2.88
CA LEU H 197 21.44 42.74 -4.11
C LEU H 197 22.33 43.98 -4.08
N GLY H 198 22.06 44.91 -3.18
CA GLY H 198 22.93 46.06 -3.04
C GLY H 198 23.90 45.92 -1.89
N THR H 199 23.40 45.53 -0.72
CA THR H 199 24.22 45.55 0.48
C THR H 199 25.17 44.37 0.58
N GLN H 200 25.02 43.35 -0.27
CA GLN H 200 25.85 42.16 -0.24
C GLN H 200 26.48 41.94 -1.61
N THR H 201 27.68 41.37 -1.59
CA THR H 201 28.41 41.04 -2.81
C THR H 201 28.57 39.53 -2.90
N TYR H 202 28.34 38.97 -4.08
CA TYR H 202 28.21 37.53 -4.29
C TYR H 202 29.36 37.07 -5.18
N ILE H 203 30.31 36.36 -4.60
CA ILE H 203 31.50 35.88 -5.30
C ILE H 203 31.46 34.37 -5.40
N CYS H 204 31.82 33.84 -6.57
CA CYS H 204 32.02 32.42 -6.75
C CYS H 204 33.50 32.10 -6.73
N ASN H 205 33.85 31.04 -6.00
CA ASN H 205 35.19 30.47 -5.96
C ASN H 205 35.13 29.12 -6.65
N VAL H 206 35.77 29.00 -7.80
CA VAL H 206 35.75 27.80 -8.63
C VAL H 206 37.16 27.24 -8.66
N ASN H 207 37.32 25.99 -8.24
CA ASN H 207 38.63 25.36 -8.09
C ASN H 207 38.67 24.07 -8.91
N HIS H 208 39.05 24.20 -10.18
CA HIS H 208 39.21 23.05 -11.07
C HIS H 208 40.57 22.43 -10.79
N LYS H 209 40.57 21.21 -10.21
CA LYS H 209 41.79 20.66 -9.64
C LYS H 209 42.81 20.22 -10.69
N PRO H 210 42.46 19.48 -11.74
CA PRO H 210 43.50 19.04 -12.69
C PRO H 210 44.25 20.19 -13.32
N SER H 211 43.53 21.16 -13.89
CA SER H 211 44.17 22.39 -14.35
C SER H 211 44.76 23.19 -13.20
N ASN H 212 44.45 22.81 -11.95
CA ASN H 212 44.94 23.50 -10.75
C ASN H 212 44.64 24.99 -10.84
N THR H 213 43.43 25.30 -11.31
CA THR H 213 42.99 26.66 -11.52
C THR H 213 41.96 27.02 -10.46
N LYS H 214 42.05 28.25 -9.93
CA LYS H 214 41.21 28.68 -8.82
C LYS H 214 40.70 30.09 -9.12
N VAL H 215 39.72 30.17 -10.01
CA VAL H 215 39.19 31.45 -10.49
C VAL H 215 38.00 31.86 -9.62
N ASP H 216 38.00 33.12 -9.20
CA ASP H 216 36.93 33.66 -8.37
C ASP H 216 36.38 34.89 -9.09
N LYS H 217 35.05 34.96 -9.20
CA LYS H 217 34.45 36.08 -9.91
C LYS H 217 33.20 36.64 -9.25
N ARG H 218 33.00 37.94 -9.45
CA ARG H 218 31.88 38.70 -8.92
C ARG H 218 30.67 38.64 -9.85
N VAL H 219 29.50 38.87 -9.26
CA VAL H 219 28.22 38.79 -9.97
C VAL H 219 27.47 40.08 -9.65
N GLU H 220 27.36 40.97 -10.63
CA GLU H 220 26.84 42.30 -10.36
C GLU H 220 25.56 42.55 -11.16
N PRO H 221 24.58 43.25 -10.56
CA PRO H 221 23.22 43.40 -11.11
C PRO H 221 23.13 44.27 -12.36
N GLY I 1 49.66 -50.69 -1.92
CA GLY I 1 49.41 -51.44 -0.71
C GLY I 1 47.94 -51.49 -0.32
N ASP I 2 47.60 -52.37 0.61
CA ASP I 2 46.22 -52.47 1.07
C ASP I 2 45.84 -51.23 1.87
N THR I 3 44.53 -50.94 1.89
CA THR I 3 44.01 -49.77 2.58
C THR I 3 42.85 -50.17 3.47
N LEU I 4 42.73 -49.46 4.60
CA LEU I 4 41.68 -49.73 5.59
C LEU I 4 41.18 -48.39 6.12
N CYS I 5 39.86 -48.18 6.03
CA CYS I 5 39.25 -46.89 6.30
C CYS I 5 38.31 -46.98 7.50
N ILE I 6 38.02 -45.81 8.08
CA ILE I 6 37.07 -45.67 9.18
C ILE I 6 36.01 -44.65 8.76
N GLY I 7 34.76 -44.97 9.00
CA GLY I 7 33.69 -44.08 8.61
C GLY I 7 32.44 -44.31 9.43
N TYR I 8 31.34 -43.73 8.96
CA TYR I 8 30.08 -43.75 9.69
C TYR I 8 28.91 -43.63 8.72
N HIS I 9 27.70 -43.85 9.26
CA HIS I 9 26.52 -44.11 8.46
C HIS I 9 26.00 -42.86 7.76
N ALA I 10 25.24 -43.11 6.69
CA ALA I 10 24.47 -42.10 5.97
C ALA I 10 23.35 -42.81 5.21
N ASN I 11 22.25 -42.10 5.00
CA ASN I 11 21.07 -42.69 4.35
C ASN I 11 20.31 -41.60 3.62
N ASN I 12 19.07 -41.90 3.22
CA ASN I 12 18.21 -40.94 2.54
C ASN I 12 17.18 -40.29 3.46
N SER I 13 17.38 -40.39 4.78
CA SER I 13 16.44 -39.78 5.71
C SER I 13 16.55 -38.27 5.64
N THR I 14 15.40 -37.60 5.60
CA THR I 14 15.33 -36.15 5.55
C THR I 14 14.92 -35.55 6.89
N ASP I 15 14.96 -36.34 7.97
CA ASP I 15 14.55 -35.85 9.27
C ASP I 15 15.44 -34.70 9.72
N THR I 16 14.84 -33.53 9.92
CA THR I 16 15.54 -32.36 10.40
C THR I 16 15.23 -32.14 11.87
N VAL I 17 16.27 -31.88 12.66
CA VAL I 17 16.13 -31.51 14.07
C VAL I 17 16.88 -30.21 14.27
N ASP I 18 16.57 -29.54 15.38
CA ASP I 18 17.23 -28.30 15.73
C ASP I 18 18.17 -28.54 16.91
N THR I 19 19.25 -27.76 16.94
CA THR I 19 20.16 -27.70 18.07
C THR I 19 20.30 -26.21 18.38
N LEU I 20 20.95 -25.92 19.50
CA LEU I 20 21.15 -24.52 19.88
C LEU I 20 22.10 -23.80 18.94
N LEU I 21 23.14 -24.50 18.48
CA LEU I 21 24.14 -23.91 17.60
C LEU I 21 23.63 -23.84 16.17
N GLU I 22 22.64 -24.68 15.81
CA GLU I 22 22.24 -24.80 14.42
C GLU I 22 20.86 -25.44 14.35
N LYS I 23 20.10 -25.07 13.33
CA LYS I 23 18.73 -25.53 13.18
C LYS I 23 18.53 -26.21 11.83
N ASN I 24 17.45 -26.98 11.73
CA ASN I 24 17.17 -27.82 10.55
C ASN I 24 18.37 -28.70 10.20
N VAL I 25 18.86 -29.41 11.21
CA VAL I 25 19.97 -30.35 11.02
C VAL I 25 19.38 -31.70 10.61
N THR I 26 19.70 -32.13 9.39
CA THR I 26 19.20 -33.39 8.88
C THR I 26 20.03 -34.54 9.44
N VAL I 27 19.36 -35.51 10.06
CA VAL I 27 20.02 -36.59 10.78
C VAL I 27 19.56 -37.94 10.24
N THR I 28 20.38 -38.96 10.51
CA THR I 28 20.08 -40.31 10.06
C THR I 28 18.79 -40.84 10.70
N HIS I 29 18.69 -40.72 12.03
CA HIS I 29 17.60 -41.32 12.78
C HIS I 29 17.16 -40.34 13.86
N SER I 30 15.84 -40.16 13.99
CA SER I 30 15.28 -39.24 14.96
C SER I 30 13.98 -39.81 15.49
N VAL I 31 13.49 -39.22 16.58
CA VAL I 31 12.21 -39.60 17.17
C VAL I 31 11.43 -38.32 17.42
N ASN I 32 10.22 -38.26 16.86
CA ASN I 32 9.30 -37.18 17.17
C ASN I 32 8.60 -37.48 18.47
N LEU I 33 8.81 -36.64 19.48
CA LEU I 33 8.14 -36.79 20.76
C LEU I 33 6.76 -36.17 20.79
N LEU I 34 6.43 -35.31 19.84
CA LEU I 34 5.23 -34.51 19.89
C LEU I 34 4.13 -35.17 19.07
N GLU I 35 3.07 -35.59 19.77
CA GLU I 35 1.85 -36.02 19.09
C GLU I 35 1.00 -34.79 18.77
N ASP I 36 0.60 -34.66 17.50
CA ASP I 36 -0.03 -33.43 17.07
C ASP I 36 -1.28 -33.67 16.22
N LYS I 37 -1.92 -34.82 16.38
CA LYS I 37 -3.16 -35.11 15.66
C LYS I 37 -4.11 -35.89 16.54
N HIS I 38 -5.41 -35.71 16.28
CA HIS I 38 -6.48 -36.36 17.02
C HIS I 38 -7.52 -36.85 16.01
N ASN I 39 -8.38 -37.77 16.45
CA ASN I 39 -9.39 -38.31 15.56
C ASN I 39 -10.66 -37.48 15.51
N GLY I 40 -10.82 -36.51 16.42
CA GLY I 40 -12.00 -35.67 16.43
C GLY I 40 -13.26 -36.40 16.87
N LYS I 41 -13.14 -37.32 17.83
CA LYS I 41 -14.26 -38.13 18.29
C LYS I 41 -14.28 -38.16 19.81
N LEU I 42 -15.41 -37.77 20.39
CA LEU I 42 -15.65 -37.94 21.82
C LEU I 42 -16.07 -39.40 22.05
N CYS I 43 -15.10 -40.28 22.00
CA CYS I 43 -15.38 -41.70 22.07
C CYS I 43 -15.24 -42.21 23.50
N SER I 44 -15.66 -43.46 23.69
CA SER I 44 -15.60 -44.07 25.02
C SER I 44 -14.18 -44.52 25.34
N ILE I 45 -13.85 -44.51 26.65
CA ILE I 45 -12.44 -45.00 27.05
C ILE I 45 -12.44 -46.49 27.15
N ASN I 46 -13.16 -47.08 28.10
CA ASN I 46 -13.12 -48.63 28.13
C ASN I 46 -14.66 -48.98 28.01
N GLY I 47 -15.56 -48.01 28.19
CA GLY I 47 -17.00 -48.27 28.08
C GLY I 47 -17.74 -47.03 27.63
N LYS I 48 -18.92 -47.19 27.04
CA LYS I 48 -19.71 -46.04 26.52
C LYS I 48 -20.26 -45.52 27.85
N GLN I 49 -19.36 -45.22 28.78
CA GLN I 49 -19.79 -44.56 30.04
C GLN I 49 -19.87 -43.05 29.82
N PRO I 50 -19.07 -42.44 28.90
CA PRO I 50 -19.18 -41.03 28.55
C PRO I 50 -20.62 -40.60 28.31
N ILE I 51 -21.06 -39.55 29.01
CA ILE I 51 -22.48 -39.07 28.90
C ILE I 51 -22.41 -37.62 28.42
N SER I 52 -23.41 -37.17 27.66
CA SER I 52 -23.44 -35.77 27.18
C SER I 52 -24.80 -35.17 27.52
N LEU I 53 -24.80 -34.12 28.34
CA LEU I 53 -26.06 -33.39 28.63
C LEU I 53 -26.48 -32.67 27.34
N GLY I 54 -27.63 -33.02 26.76
CA GLY I 54 -28.06 -32.43 25.47
C GLY I 54 -28.13 -30.92 25.36
N ASP I 55 -28.99 -30.27 26.17
CA ASP I 55 -29.15 -28.79 26.11
C ASP I 55 -29.26 -28.34 27.57
N CYS I 56 -28.88 -29.21 28.51
CA CYS I 56 -28.96 -28.87 29.93
C CYS I 56 -27.62 -28.37 30.45
N SER I 57 -27.67 -27.31 31.23
CA SER I 57 -26.53 -26.95 32.06
C SER I 57 -26.35 -27.99 33.15
N PHE I 58 -25.16 -27.97 33.75
CA PHE I 58 -24.89 -28.82 34.90
C PHE I 58 -25.97 -28.66 35.96
N ALA I 59 -26.35 -27.42 36.26
CA ALA I 59 -27.40 -27.16 37.25
C ALA I 59 -28.74 -27.72 36.80
N GLY I 60 -29.08 -27.57 35.52
CA GLY I 60 -30.33 -28.11 35.03
C GLY I 60 -30.40 -29.62 35.10
N TRP I 61 -29.27 -30.28 34.91
CA TRP I 61 -29.22 -31.73 35.06
C TRP I 61 -29.36 -32.14 36.52
N ILE I 62 -28.63 -31.47 37.41
CA ILE I 62 -28.62 -31.87 38.82
C ILE I 62 -29.98 -31.60 39.46
N LEU I 63 -30.59 -30.46 39.15
CA LEU I 63 -31.86 -30.09 39.79
C LEU I 63 -33.05 -30.78 39.14
N GLY I 64 -32.89 -31.34 37.94
CA GLY I 64 -33.96 -32.04 37.28
C GLY I 64 -34.90 -31.14 36.51
N ASN I 65 -34.33 -30.31 35.64
CA ASN I 65 -35.12 -29.45 34.78
C ASN I 65 -36.10 -30.31 33.98
N PRO I 66 -37.39 -29.97 33.93
CA PRO I 66 -38.37 -30.86 33.31
C PRO I 66 -38.08 -31.20 31.86
N MET I 67 -37.35 -30.35 31.14
CA MET I 67 -36.93 -30.67 29.79
C MET I 67 -35.68 -31.55 29.74
N CYS I 68 -35.10 -31.86 30.89
CA CYS I 68 -33.89 -32.68 30.97
C CYS I 68 -34.22 -34.11 31.38
N ASP I 69 -35.29 -34.68 30.82
CA ASP I 69 -35.72 -36.02 31.15
C ASP I 69 -35.03 -37.09 30.32
N ASP I 70 -34.36 -36.72 29.22
CA ASP I 70 -33.50 -37.65 28.53
C ASP I 70 -32.28 -38.03 29.36
N LEU I 71 -32.07 -37.34 30.49
CA LEU I 71 -30.96 -37.60 31.39
C LEU I 71 -31.35 -38.45 32.59
N ILE I 72 -32.64 -38.66 32.83
CA ILE I 72 -33.09 -39.46 33.96
C ILE I 72 -32.69 -40.91 33.74
N GLY I 73 -32.14 -41.53 34.79
CA GLY I 73 -31.70 -42.90 34.74
C GLY I 73 -30.22 -43.08 34.47
N LYS I 74 -29.59 -42.08 33.82
CA LYS I 74 -28.16 -42.15 33.58
C LYS I 74 -27.40 -42.14 34.90
N THR I 75 -26.48 -43.10 35.05
CA THR I 75 -25.79 -43.27 36.33
C THR I 75 -24.28 -43.37 36.16
N SER I 76 -23.82 -43.93 35.06
CA SER I 76 -22.40 -44.25 34.87
C SER I 76 -21.81 -43.41 33.76
N TRP I 77 -20.66 -42.80 34.03
CA TRP I 77 -19.93 -42.03 33.02
C TRP I 77 -18.43 -42.02 33.23
N SER I 78 -17.67 -42.18 32.14
CA SER I 78 -16.24 -41.93 32.20
C SER I 78 -15.97 -40.42 32.24
N TYR I 79 -16.85 -39.63 31.62
CA TYR I 79 -16.79 -38.18 31.66
C TYR I 79 -18.10 -37.59 31.15
N ILE I 80 -18.26 -36.28 31.34
CA ILE I 80 -19.46 -35.56 30.95
C ILE I 80 -19.15 -34.46 29.94
N VAL I 81 -19.99 -34.33 28.93
CA VAL I 81 -19.85 -33.33 27.88
C VAL I 81 -21.05 -32.40 27.92
N GLU I 82 -20.79 -31.10 27.87
CA GLU I 82 -21.83 -30.08 27.90
C GLU I 82 -21.57 -29.09 26.78
N LYS I 83 -22.53 -28.93 25.88
CA LYS I 83 -22.43 -27.86 24.90
C LYS I 83 -22.27 -26.53 25.63
N PRO I 84 -21.29 -25.69 25.23
CA PRO I 84 -20.89 -24.55 26.08
C PRO I 84 -22.04 -23.74 26.64
N ASN I 85 -23.01 -23.35 25.81
CA ASN I 85 -24.14 -22.56 26.27
C ASN I 85 -25.42 -23.38 26.17
N PRO I 86 -25.90 -23.95 27.26
CA PRO I 86 -27.13 -24.74 27.21
C PRO I 86 -28.35 -23.85 27.03
N THR I 87 -29.49 -24.50 26.84
CA THR I 87 -30.79 -23.83 26.88
C THR I 87 -31.51 -24.08 28.20
N ASN I 88 -31.58 -25.34 28.61
CA ASN I 88 -32.16 -25.68 29.91
C ASN I 88 -31.24 -25.20 31.03
N GLY I 89 -31.61 -25.52 32.27
CA GLY I 89 -30.92 -25.05 33.45
C GLY I 89 -31.89 -24.33 34.39
N ILE I 90 -31.44 -23.19 34.91
CA ILE I 90 -32.34 -22.33 35.64
C ILE I 90 -33.47 -22.17 34.64
N CYS I 91 -34.69 -22.43 35.07
CA CYS I 91 -35.85 -22.17 34.22
C CYS I 91 -36.51 -21.02 34.97
N TYR I 92 -37.06 -21.30 36.15
CA TYR I 92 -37.43 -20.22 37.03
C TYR I 92 -36.11 -19.65 37.54
N PRO I 93 -35.82 -18.37 37.35
CA PRO I 93 -34.45 -17.89 37.51
C PRO I 93 -33.94 -18.01 38.94
N GLY I 94 -32.63 -18.21 39.05
CA GLY I 94 -32.00 -18.34 40.35
C GLY I 94 -30.57 -18.82 40.19
N THR I 95 -30.00 -19.24 41.32
CA THR I 95 -28.63 -19.73 41.35
C THR I 95 -28.57 -21.00 42.19
N LEU I 96 -27.54 -21.80 41.92
CA LEU I 96 -27.16 -22.92 42.77
C LEU I 96 -25.89 -22.52 43.51
N GLU I 97 -26.00 -22.27 44.81
CA GLU I 97 -24.82 -21.92 45.59
C GLU I 97 -23.77 -23.00 45.44
N ASP I 98 -22.52 -22.56 45.25
CA ASP I 98 -21.37 -23.47 45.16
C ASP I 98 -21.51 -24.43 43.98
N GLU I 99 -22.19 -23.99 42.92
CA GLU I 99 -22.22 -24.77 41.68
C GLU I 99 -20.81 -25.11 41.21
N GLU I 100 -19.85 -24.23 41.46
CA GLU I 100 -18.48 -24.47 41.02
C GLU I 100 -17.79 -25.51 41.90
N GLU I 101 -17.97 -25.44 43.23
CA GLU I 101 -17.48 -26.52 44.07
C GLU I 101 -18.10 -27.84 43.67
N LEU I 102 -19.38 -27.82 43.32
CA LEU I 102 -20.07 -29.03 42.89
C LEU I 102 -19.48 -29.57 41.59
N ARG I 103 -19.26 -28.69 40.61
CA ARG I 103 -18.61 -29.08 39.35
C ARG I 103 -17.24 -29.68 39.60
N LEU I 104 -16.45 -29.02 40.44
CA LEU I 104 -15.11 -29.49 40.76
C LEU I 104 -15.15 -30.90 41.35
N LYS I 105 -16.01 -31.11 42.35
CA LYS I 105 -16.14 -32.45 42.91
C LYS I 105 -16.64 -33.45 41.87
N PHE I 106 -17.57 -33.02 41.01
CA PHE I 106 -18.16 -33.91 40.02
C PHE I 106 -17.13 -34.37 39.02
N SER I 107 -16.10 -33.56 38.77
CA SER I 107 -14.97 -34.03 37.96
C SER I 107 -14.46 -35.38 38.49
N GLY I 108 -14.14 -35.44 39.78
CA GLY I 108 -13.70 -36.69 40.37
C GLY I 108 -14.76 -37.78 40.44
N VAL I 109 -16.02 -37.45 40.14
CA VAL I 109 -17.08 -38.44 40.13
C VAL I 109 -16.98 -39.31 38.89
N LEU I 110 -17.39 -40.56 39.02
CA LEU I 110 -17.47 -41.47 37.88
C LEU I 110 -18.83 -42.14 37.76
N GLU I 111 -19.45 -42.59 38.86
CA GLU I 111 -20.79 -43.18 38.80
C GLU I 111 -21.61 -42.83 40.03
N PHE I 112 -22.92 -42.62 39.83
CA PHE I 112 -23.91 -42.52 40.90
C PHE I 112 -25.08 -43.49 40.82
N SER I 113 -26.06 -43.26 41.70
CA SER I 113 -27.40 -43.81 41.58
C SER I 113 -28.36 -42.75 42.11
N LYS I 114 -29.65 -42.94 41.84
CA LYS I 114 -30.65 -41.96 42.24
C LYS I 114 -31.75 -42.64 43.05
N PHE I 115 -32.41 -41.85 43.91
CA PHE I 115 -33.48 -42.40 44.73
C PHE I 115 -34.36 -41.27 45.25
N GLU I 116 -35.47 -41.66 45.89
CA GLU I 116 -36.43 -40.74 46.51
C GLU I 116 -36.21 -40.75 48.01
N ALA I 117 -35.66 -39.66 48.54
CA ALA I 117 -35.36 -39.58 49.97
C ALA I 117 -36.57 -39.11 50.76
N PHE I 118 -37.33 -38.16 50.22
CA PHE I 118 -38.56 -37.68 50.84
C PHE I 118 -39.68 -37.76 49.84
N THR I 119 -40.71 -38.55 50.15
CA THR I 119 -41.87 -38.66 49.29
C THR I 119 -42.54 -37.30 49.13
N SER I 120 -43.01 -37.02 47.92
CA SER I 120 -43.63 -35.73 47.64
C SER I 120 -44.87 -35.51 48.50
N ASN I 121 -45.67 -36.56 48.69
CA ASN I 121 -46.89 -36.49 49.46
C ASN I 121 -46.71 -36.88 50.92
N GLY I 122 -45.46 -36.93 51.39
CA GLY I 122 -45.16 -37.31 52.75
C GLY I 122 -44.94 -36.19 53.73
N TRP I 123 -45.08 -34.95 53.25
CA TRP I 123 -44.79 -33.78 54.13
C TRP I 123 -46.07 -33.28 54.80
N GLY I 124 -46.95 -34.18 55.21
CA GLY I 124 -48.18 -33.77 55.93
C GLY I 124 -49.24 -33.21 55.00
N ALA I 125 -50.20 -32.45 55.54
CA ALA I 125 -51.32 -31.92 54.73
C ALA I 125 -50.85 -30.67 53.97
N VAL I 126 -50.15 -30.86 52.86
CA VAL I 126 -49.62 -29.72 52.05
C VAL I 126 -49.95 -29.98 50.58
N ASN I 127 -50.37 -28.95 49.84
CA ASN I 127 -50.77 -29.15 48.43
C ASN I 127 -49.39 -29.42 47.83
N SER I 128 -49.07 -30.69 47.54
CA SER I 128 -47.79 -30.98 46.85
C SER I 128 -48.32 -31.06 45.43
N GLY I 129 -49.59 -31.41 45.27
CA GLY I 129 -50.15 -31.57 43.91
C GLY I 129 -50.50 -30.24 43.28
N ALA I 130 -49.51 -29.38 43.02
CA ALA I 130 -49.83 -28.03 42.51
C ALA I 130 -48.30 -28.00 42.40
N GLY I 131 -47.70 -26.85 42.07
CA GLY I 131 -46.25 -26.80 41.83
C GLY I 131 -46.07 -26.95 40.33
N VAL I 132 -46.45 -25.93 39.53
CA VAL I 132 -46.19 -25.98 38.06
C VAL I 132 -45.95 -24.53 37.60
N THR I 133 -44.82 -24.27 36.95
CA THR I 133 -44.50 -22.86 36.60
C THR I 133 -44.42 -22.64 35.09
N ALA I 134 -44.85 -21.47 34.62
CA ALA I 134 -44.69 -21.20 33.20
C ALA I 134 -43.22 -21.07 32.81
N ALA I 135 -42.33 -20.93 33.80
CA ALA I 135 -40.91 -20.88 33.50
C ALA I 135 -40.31 -22.26 33.30
N CYS I 136 -40.82 -23.27 34.01
CA CYS I 136 -40.30 -24.63 33.92
C CYS I 136 -41.26 -25.49 33.10
N LYS I 137 -41.34 -25.19 31.81
CA LYS I 137 -42.28 -25.91 30.96
C LYS I 137 -41.80 -27.34 30.69
N PHE I 138 -42.75 -28.27 30.59
CA PHE I 138 -42.47 -29.65 30.25
C PHE I 138 -42.77 -29.95 28.78
N GLY I 139 -43.97 -29.64 28.31
CA GLY I 139 -44.24 -29.58 26.89
C GLY I 139 -44.42 -28.13 26.53
N SER I 140 -45.64 -27.74 26.18
CA SER I 140 -46.07 -26.36 26.31
C SER I 140 -46.90 -26.15 27.57
N SER I 141 -46.80 -27.07 28.53
CA SER I 141 -47.54 -27.03 29.78
C SER I 141 -46.58 -26.77 30.93
N ASN I 142 -47.14 -26.23 32.01
CA ASN I 142 -46.33 -25.83 33.15
C ASN I 142 -45.87 -27.05 33.95
N SER I 143 -44.69 -26.93 34.55
CA SER I 143 -44.09 -27.99 35.34
C SER I 143 -43.03 -27.36 36.24
N PHE I 144 -42.14 -28.19 36.79
CA PHE I 144 -41.14 -27.74 37.75
C PHE I 144 -40.05 -28.80 37.85
N PHE I 145 -38.93 -28.41 38.46
CA PHE I 145 -37.84 -29.35 38.71
C PHE I 145 -38.37 -30.63 39.35
N ARG I 146 -37.85 -31.77 38.91
CA ARG I 146 -38.34 -33.05 39.40
C ARG I 146 -37.71 -33.48 40.71
N ASN I 147 -36.44 -33.16 40.92
CA ASN I 147 -35.74 -33.53 42.15
C ASN I 147 -36.16 -32.68 43.35
N MET I 148 -37.06 -31.72 43.16
CA MET I 148 -37.60 -30.91 44.23
C MET I 148 -39.10 -30.73 44.00
N VAL I 149 -39.83 -30.54 45.11
CA VAL I 149 -41.27 -30.36 45.07
C VAL I 149 -41.60 -28.98 45.62
N TRP I 150 -42.39 -28.21 44.89
CA TRP I 150 -42.76 -26.87 45.32
C TRP I 150 -44.05 -27.01 46.12
N LEU I 151 -43.95 -26.86 47.43
CA LEU I 151 -45.06 -27.08 48.34
C LEU I 151 -45.69 -25.73 48.69
N ILE I 152 -47.02 -25.67 48.63
CA ILE I 152 -47.79 -24.47 48.94
C ILE I 152 -48.85 -24.86 49.97
N HIS I 153 -49.61 -23.87 50.42
CA HIS I 153 -50.65 -24.11 51.41
C HIS I 153 -51.67 -25.10 50.87
N GLN I 154 -52.31 -25.84 51.78
CA GLN I 154 -53.48 -26.65 51.46
C GLN I 154 -54.63 -26.17 52.32
N SER I 155 -55.68 -25.67 51.68
CA SER I 155 -56.90 -25.21 52.35
C SER I 155 -56.62 -24.01 53.27
N GLY I 156 -55.74 -23.12 52.82
CA GLY I 156 -55.56 -21.83 53.47
C GLY I 156 -54.55 -21.79 54.58
N THR I 157 -53.79 -22.86 54.82
CA THR I 157 -52.80 -22.85 55.88
C THR I 157 -51.60 -23.69 55.46
N TYR I 158 -50.41 -23.15 55.70
CA TYR I 158 -49.16 -23.86 55.46
C TYR I 158 -48.44 -24.02 56.79
N PRO I 159 -48.58 -25.16 57.46
CA PRO I 159 -48.02 -25.29 58.82
C PRO I 159 -46.50 -25.39 58.82
N VAL I 160 -45.93 -25.64 59.99
CA VAL I 160 -44.49 -25.84 60.14
C VAL I 160 -44.22 -27.31 59.89
N ILE I 161 -43.67 -27.63 58.72
CA ILE I 161 -43.40 -28.99 58.32
C ILE I 161 -41.95 -29.34 58.61
N LYS I 162 -41.69 -30.64 58.78
CA LYS I 162 -40.41 -31.10 59.27
C LYS I 162 -40.26 -32.59 59.01
N ARG I 163 -39.16 -32.98 58.36
CA ARG I 163 -38.82 -34.38 58.16
C ARG I 163 -37.34 -34.59 58.38
N THR I 164 -36.93 -35.87 58.42
CA THR I 164 -35.55 -36.25 58.69
C THR I 164 -35.20 -37.50 57.89
N PHE I 165 -33.99 -37.50 57.32
CA PHE I 165 -33.47 -38.64 56.58
C PHE I 165 -32.24 -39.17 57.30
N ASN I 166 -32.24 -40.46 57.62
CA ASN I 166 -31.08 -41.17 58.12
C ASN I 166 -30.41 -41.86 56.95
N ASN I 167 -29.12 -41.58 56.74
CA ASN I 167 -28.38 -42.12 55.60
C ASN I 167 -27.88 -43.52 55.97
N THR I 168 -28.77 -44.50 55.82
CA THR I 168 -28.42 -45.90 56.01
C THR I 168 -27.95 -46.57 54.73
N LYS I 169 -27.50 -45.78 53.75
CA LYS I 169 -27.01 -46.32 52.48
C LYS I 169 -25.51 -46.59 52.51
N GLY I 170 -24.82 -46.18 53.57
CA GLY I 170 -23.39 -46.43 53.70
C GLY I 170 -22.51 -45.64 52.76
N ARG I 171 -23.05 -44.63 52.08
CA ARG I 171 -22.28 -43.85 51.12
C ARG I 171 -22.81 -42.43 51.08
N ASP I 172 -21.98 -41.52 50.59
CA ASP I 172 -22.34 -40.11 50.56
C ASP I 172 -23.53 -39.90 49.65
N VAL I 173 -24.44 -39.00 50.05
CA VAL I 173 -25.69 -38.78 49.34
C VAL I 173 -25.83 -37.28 49.07
N LEU I 174 -25.77 -36.90 47.81
CA LEU I 174 -26.01 -35.51 47.42
C LEU I 174 -27.51 -35.24 47.47
N ILE I 175 -27.92 -34.34 48.37
CA ILE I 175 -29.30 -33.89 48.48
C ILE I 175 -29.36 -32.43 48.05
N VAL I 176 -30.35 -32.10 47.23
CA VAL I 176 -30.56 -30.75 46.73
C VAL I 176 -31.93 -30.28 47.18
N TRP I 177 -32.02 -29.01 47.55
CA TRP I 177 -33.29 -28.37 47.84
C TRP I 177 -33.19 -26.92 47.39
N GLY I 178 -34.28 -26.16 47.59
CA GLY I 178 -34.30 -24.79 47.13
C GLY I 178 -35.14 -23.93 48.04
N ILE I 179 -35.03 -22.62 47.84
CA ILE I 179 -35.76 -21.63 48.62
C ILE I 179 -36.23 -20.53 47.68
N HIS I 180 -37.52 -20.23 47.74
CA HIS I 180 -38.17 -19.29 46.86
C HIS I 180 -38.08 -17.87 47.42
N HIS I 181 -37.69 -16.92 46.58
CA HIS I 181 -37.64 -15.51 46.92
C HIS I 181 -38.71 -14.80 46.09
N PRO I 182 -39.92 -14.65 46.62
CA PRO I 182 -41.02 -14.10 45.83
C PRO I 182 -40.76 -12.65 45.43
N ALA I 183 -41.60 -12.17 44.52
CA ALA I 183 -41.50 -10.79 44.04
C ALA I 183 -42.25 -9.82 44.94
N THR I 184 -43.44 -10.20 45.41
CA THR I 184 -44.24 -9.35 46.27
C THR I 184 -44.62 -10.11 47.54
N LEU I 185 -44.88 -9.36 48.61
CA LEU I 185 -45.43 -9.96 49.82
C LEU I 185 -46.74 -10.68 49.52
N LYS I 186 -47.49 -10.21 48.52
CA LYS I 186 -48.74 -10.85 48.15
C LYS I 186 -48.51 -12.26 47.62
N GLU I 187 -47.45 -12.48 46.86
CA GLU I 187 -47.14 -13.82 46.36
C GLU I 187 -46.83 -14.76 47.53
N HIS I 188 -46.08 -14.27 48.52
CA HIS I 188 -45.81 -15.05 49.72
C HIS I 188 -47.10 -15.42 50.44
N GLN I 189 -48.02 -14.45 50.57
CA GLN I 189 -49.28 -14.76 51.24
C GLN I 189 -50.13 -15.75 50.43
N ASP I 190 -50.11 -15.63 49.11
CA ASP I 190 -50.91 -16.52 48.27
C ASP I 190 -50.40 -17.95 48.35
N LEU I 191 -49.09 -18.14 48.38
CA LEU I 191 -48.55 -19.49 48.32
C LEU I 191 -48.38 -20.13 49.70
N TYR I 192 -47.96 -19.36 50.70
CA TYR I 192 -47.62 -19.92 52.01
C TYR I 192 -48.51 -19.41 53.14
N LYS I 193 -49.47 -18.53 52.85
CA LYS I 193 -50.45 -18.06 53.83
C LYS I 193 -49.81 -17.48 55.08
N LYS I 194 -48.76 -16.70 54.88
CA LYS I 194 -48.17 -15.87 55.92
C LYS I 194 -47.32 -14.80 55.26
N ASP I 195 -46.76 -13.91 56.07
CA ASP I 195 -45.98 -12.80 55.54
C ASP I 195 -44.49 -13.10 55.49
N SER I 196 -43.98 -13.88 56.43
CA SER I 196 -42.57 -14.24 56.45
C SER I 196 -42.42 -15.69 56.87
N SER I 197 -41.32 -16.30 56.42
CA SER I 197 -41.11 -17.73 56.63
C SER I 197 -39.62 -18.00 56.82
N TYR I 198 -39.28 -19.27 57.00
CA TYR I 198 -37.89 -19.69 57.16
C TYR I 198 -37.73 -21.10 56.63
N VAL I 199 -36.47 -21.45 56.35
CA VAL I 199 -36.08 -22.80 55.96
C VAL I 199 -34.86 -23.17 56.80
N ALA I 200 -35.06 -23.96 57.84
CA ALA I 200 -34.00 -24.39 58.74
C ALA I 200 -33.56 -25.80 58.37
N VAL I 201 -32.29 -25.96 58.00
CA VAL I 201 -31.74 -27.25 57.66
C VAL I 201 -30.58 -27.55 58.62
N GLY I 202 -30.66 -28.72 59.26
CA GLY I 202 -29.64 -29.08 60.24
C GLY I 202 -29.36 -30.56 60.38
N SER I 203 -28.11 -30.92 60.58
CA SER I 203 -27.72 -32.32 60.73
C SER I 203 -26.78 -32.42 61.93
N GLU I 204 -26.00 -33.51 61.97
CA GLU I 204 -24.89 -33.57 62.92
C GLU I 204 -23.84 -32.52 62.63
N THR I 205 -23.81 -32.00 61.41
CA THR I 205 -22.86 -30.97 60.99
C THR I 205 -23.55 -29.74 60.40
N TYR I 206 -24.61 -29.94 59.63
CA TYR I 206 -25.27 -28.82 58.98
C TYR I 206 -25.99 -27.96 60.00
N ASN I 207 -26.01 -26.65 59.75
CA ASN I 207 -26.50 -25.71 60.74
C ASN I 207 -27.00 -24.43 60.09
N ARG I 208 -27.49 -24.54 58.85
CA ARG I 208 -27.85 -23.30 58.12
C ARG I 208 -29.37 -23.15 57.99
N ARG I 209 -29.91 -22.03 58.47
CA ARG I 209 -31.36 -21.76 58.33
C ARG I 209 -31.48 -20.55 57.39
N PHE I 210 -32.48 -20.52 56.52
CA PHE I 210 -32.55 -19.41 55.54
C PHE I 210 -33.92 -18.74 55.55
N THR I 211 -34.03 -17.56 54.94
CA THR I 211 -35.29 -16.84 54.88
C THR I 211 -35.49 -16.32 53.47
N PRO I 212 -36.74 -16.24 53.01
CA PRO I 212 -36.99 -15.69 51.68
C PRO I 212 -36.64 -14.21 51.62
N GLU I 213 -36.41 -13.75 50.38
CA GLU I 213 -36.03 -12.37 50.10
C GLU I 213 -37.04 -11.78 49.11
N ILE I 214 -37.92 -10.91 49.60
CA ILE I 214 -39.02 -10.37 48.81
C ILE I 214 -38.58 -9.06 48.18
N SER I 215 -38.66 -8.98 46.85
CA SER I 215 -38.40 -7.77 46.09
C SER I 215 -38.72 -8.05 44.64
N THR I 216 -39.36 -7.08 43.98
CA THR I 216 -39.69 -7.20 42.57
C THR I 216 -38.44 -6.95 41.75
N ARG I 217 -38.22 -7.81 40.75
CA ARG I 217 -37.02 -7.83 39.93
C ARG I 217 -37.43 -8.00 38.48
N PRO I 218 -36.56 -7.61 37.54
CA PRO I 218 -36.88 -7.80 36.12
C PRO I 218 -37.17 -9.26 35.80
N ASN I 219 -38.13 -9.47 34.91
CA ASN I 219 -38.57 -10.83 34.58
C ASN I 219 -37.47 -11.61 33.87
N VAL I 220 -37.21 -12.81 34.37
CA VAL I 220 -36.41 -13.81 33.66
C VAL I 220 -37.27 -15.05 33.55
N ASN I 221 -37.52 -15.48 32.30
CA ASN I 221 -38.54 -16.50 32.00
C ASN I 221 -39.92 -16.08 32.50
N GLY I 222 -40.17 -14.76 32.51
CA GLY I 222 -41.46 -14.24 32.92
C GLY I 222 -41.71 -14.19 34.41
N GLN I 223 -40.64 -14.22 35.22
CA GLN I 223 -40.76 -14.32 36.66
C GLN I 223 -39.98 -13.19 37.33
N ALA I 224 -40.64 -12.50 38.26
CA ALA I 224 -40.01 -11.39 38.98
C ALA I 224 -39.36 -11.83 40.28
N GLY I 225 -39.60 -13.06 40.74
CA GLY I 225 -38.90 -13.61 41.89
C GLY I 225 -37.80 -14.56 41.45
N ARG I 226 -37.09 -15.07 42.45
CA ARG I 226 -35.94 -15.94 42.20
C ARG I 226 -36.04 -17.18 43.09
N MET I 227 -35.02 -18.03 42.97
CA MET I 227 -34.94 -19.27 43.75
C MET I 227 -33.48 -19.62 43.96
N THR I 228 -33.04 -19.64 45.22
CA THR I 228 -31.67 -20.03 45.54
C THR I 228 -31.66 -21.50 45.93
N PHE I 229 -30.85 -22.29 45.24
CA PHE I 229 -30.80 -23.74 45.44
C PHE I 229 -29.53 -24.12 46.16
N TYR I 230 -29.64 -25.15 47.00
CA TYR I 230 -28.57 -25.56 47.90
C TYR I 230 -28.38 -27.07 47.79
N TRP I 231 -27.12 -27.49 47.83
CA TRP I 231 -26.76 -28.90 47.78
C TRP I 231 -25.88 -29.23 48.98
N THR I 232 -26.07 -30.42 49.54
CA THR I 232 -25.25 -30.89 50.65
C THR I 232 -25.01 -32.40 50.51
N MET I 233 -23.91 -32.85 51.11
CA MET I 233 -23.50 -34.26 51.06
C MET I 233 -23.76 -34.90 52.40
N VAL I 234 -24.78 -35.76 52.47
CA VAL I 234 -25.10 -36.53 53.66
C VAL I 234 -24.13 -37.71 53.69
N LYS I 235 -23.15 -37.63 54.58
CA LYS I 235 -22.18 -38.70 54.76
C LYS I 235 -22.89 -39.93 55.33
N PRO I 236 -22.27 -41.11 55.25
CA PRO I 236 -22.96 -42.31 55.73
C PRO I 236 -23.28 -42.23 57.22
N GLY I 237 -24.46 -42.73 57.58
CA GLY I 237 -24.98 -42.73 58.94
C GLY I 237 -25.23 -41.34 59.50
N GLU I 238 -25.33 -40.33 58.63
CA GLU I 238 -25.72 -39.00 59.05
C GLU I 238 -27.22 -38.84 58.94
N SER I 239 -27.77 -37.95 59.75
CA SER I 239 -29.20 -37.64 59.77
C SER I 239 -29.39 -36.16 59.51
N ILE I 240 -30.24 -35.84 58.54
CA ILE I 240 -30.51 -34.45 58.17
C ILE I 240 -31.97 -34.14 58.40
N THR I 241 -32.25 -32.98 58.98
CA THR I 241 -33.60 -32.54 59.31
C THR I 241 -33.90 -31.26 58.54
N PHE I 242 -34.97 -31.31 57.74
CA PHE I 242 -35.51 -30.16 57.04
C PHE I 242 -36.74 -29.67 57.79
N GLU I 243 -36.79 -28.37 58.06
CA GLU I 243 -37.88 -27.75 58.81
C GLU I 243 -38.20 -26.43 58.13
N SER I 244 -39.48 -26.10 58.00
CA SER I 244 -39.82 -24.88 57.27
C SER I 244 -41.27 -24.51 57.51
N ASN I 245 -41.56 -23.22 57.32
CA ASN I 245 -42.92 -22.71 57.28
C ASN I 245 -43.13 -21.79 56.09
N GLY I 246 -42.40 -22.03 55.00
CA GLY I 246 -42.66 -21.33 53.76
C GLY I 246 -41.40 -21.17 52.94
N ALA I 247 -41.60 -20.75 51.68
CA ALA I 247 -40.52 -20.50 50.74
C ALA I 247 -39.59 -21.71 50.63
N PHE I 248 -40.17 -22.90 50.63
CA PHE I 248 -39.43 -24.14 50.81
C PHE I 248 -39.64 -25.05 49.61
N LEU I 249 -38.56 -25.34 48.91
CA LEU I 249 -38.56 -26.26 47.77
C LEU I 249 -38.06 -27.60 48.30
N ALA I 250 -39.00 -28.49 48.61
CA ALA I 250 -38.68 -29.71 49.34
C ALA I 250 -37.75 -30.60 48.52
N PRO I 251 -36.69 -31.12 49.12
CA PRO I 251 -35.93 -32.19 48.47
C PRO I 251 -36.81 -33.41 48.28
N ARG I 252 -36.95 -33.86 47.04
CA ARG I 252 -37.64 -35.10 46.75
C ARG I 252 -36.69 -36.23 46.40
N TYR I 253 -35.78 -35.99 45.46
CA TYR I 253 -34.83 -37.01 45.01
C TYR I 253 -33.42 -36.63 45.42
N ALA I 254 -32.60 -37.65 45.63
CA ALA I 254 -31.21 -37.49 46.02
C ALA I 254 -30.36 -38.49 45.24
N PHE I 255 -29.05 -38.29 45.32
CA PHE I 255 -28.07 -39.00 44.48
C PHE I 255 -27.10 -39.73 45.39
N GLU I 256 -27.13 -41.06 45.37
CA GLU I 256 -26.16 -41.85 46.11
C GLU I 256 -24.85 -41.90 45.33
N ILE I 257 -23.75 -41.56 46.02
CA ILE I 257 -22.42 -41.49 45.40
C ILE I 257 -21.84 -42.90 45.39
N VAL I 258 -21.93 -43.58 44.25
CA VAL I 258 -21.55 -44.98 44.13
C VAL I 258 -20.03 -45.10 44.01
N SER I 259 -19.48 -44.64 42.90
CA SER I 259 -18.05 -44.74 42.65
C SER I 259 -17.47 -43.40 42.25
N VAL I 260 -16.30 -43.09 42.81
CA VAL I 260 -15.57 -41.86 42.54
C VAL I 260 -14.33 -42.21 41.73
N GLY I 261 -14.02 -41.41 40.72
CA GLY I 261 -12.90 -41.71 39.86
C GLY I 261 -12.12 -40.49 39.40
N ASN I 262 -11.90 -40.38 38.10
CA ASN I 262 -11.15 -39.27 37.51
C ASN I 262 -11.77 -38.87 36.18
N GLY I 263 -13.07 -38.60 36.18
CA GLY I 263 -13.73 -38.00 35.04
C GLY I 263 -13.52 -36.51 35.02
N LYS I 264 -14.28 -35.85 34.14
CA LYS I 264 -14.24 -34.39 34.02
C LYS I 264 -15.61 -33.91 33.55
N LEU I 265 -15.68 -32.62 33.19
CA LEU I 265 -16.91 -31.96 32.74
C LEU I 265 -16.51 -31.03 31.59
N PHE I 266 -16.44 -31.58 30.38
CA PHE I 266 -16.03 -30.78 29.23
C PHE I 266 -17.14 -29.82 28.82
N ARG I 267 -16.73 -28.69 28.24
CA ARG I 267 -17.60 -27.87 27.41
C ARG I 267 -17.16 -28.04 25.96
N SER I 268 -17.93 -28.81 25.20
CA SER I 268 -17.60 -29.08 23.81
C SER I 268 -18.86 -29.57 23.09
N GLU I 269 -18.80 -29.58 21.76
CA GLU I 269 -19.94 -29.90 20.90
C GLU I 269 -19.52 -30.96 19.88
N LEU I 270 -19.63 -32.23 20.27
CA LEU I 270 -19.26 -33.34 19.38
C LEU I 270 -20.25 -34.48 19.62
N SER I 271 -19.95 -35.64 19.04
CA SER I 271 -20.76 -36.84 19.16
C SER I 271 -19.92 -37.96 19.79
N ILE I 272 -20.49 -39.16 19.81
CA ILE I 272 -19.84 -40.31 20.46
C ILE I 272 -19.88 -41.48 19.50
N GLU I 273 -18.71 -41.86 18.98
CA GLU I 273 -18.55 -43.01 18.10
C GLU I 273 -17.63 -44.01 18.78
N SER I 274 -18.03 -45.28 18.78
CA SER I 274 -17.26 -46.34 19.41
C SER I 274 -15.83 -46.37 18.88
N CYS I 275 -14.87 -46.12 19.76
CA CYS I 275 -13.46 -46.30 19.44
C CYS I 275 -12.66 -46.90 20.58
N ASN I 276 -13.10 -46.80 21.83
CA ASN I 276 -12.41 -47.36 22.99
C ASN I 276 -10.95 -46.89 23.04
N THR I 277 -10.78 -45.58 23.19
CA THR I 277 -9.44 -45.00 23.23
C THR I 277 -8.95 -44.97 24.68
N THR I 278 -7.77 -44.42 24.87
CA THR I 278 -7.16 -44.25 26.18
C THR I 278 -7.07 -42.80 26.63
N CYS I 279 -6.82 -41.88 25.70
CA CYS I 279 -6.59 -40.47 26.01
C CYS I 279 -7.55 -39.63 25.20
N GLN I 280 -8.50 -38.97 25.88
CA GLN I 280 -9.55 -38.22 25.23
C GLN I 280 -9.40 -36.74 25.53
N THR I 281 -9.38 -35.92 24.48
CA THR I 281 -9.41 -34.47 24.64
C THR I 281 -10.77 -33.93 24.22
N PRO I 282 -11.20 -32.79 24.76
CA PRO I 282 -12.45 -32.16 24.29
C PRO I 282 -12.56 -32.03 22.79
N LYS I 283 -11.43 -32.00 22.08
CA LYS I 283 -11.41 -31.89 20.62
C LYS I 283 -11.42 -33.27 19.95
N GLY I 284 -10.57 -34.17 20.40
CA GLY I 284 -10.49 -35.49 19.82
C GLY I 284 -9.75 -36.43 20.73
N ALA I 285 -9.32 -37.57 20.15
CA ALA I 285 -8.71 -38.63 20.95
C ALA I 285 -7.99 -39.52 19.94
N ILE I 286 -6.77 -39.95 20.22
CA ILE I 286 -6.14 -40.98 19.40
C ILE I 286 -5.33 -41.72 20.45
N ASN I 287 -4.64 -42.77 20.03
CA ASN I 287 -3.78 -43.57 20.89
C ASN I 287 -2.32 -43.35 20.49
N THR I 288 -1.45 -43.17 21.48
CA THR I 288 -0.03 -42.95 21.29
C THR I 288 0.62 -42.86 22.66
N SER I 289 1.87 -43.34 22.74
CA SER I 289 2.66 -43.28 23.96
C SER I 289 3.83 -42.31 23.82
N LEU I 290 3.74 -41.36 22.89
CA LEU I 290 4.69 -40.26 22.84
C LEU I 290 4.60 -39.47 24.14
N PRO I 291 5.69 -38.78 24.54
CA PRO I 291 5.66 -38.08 25.83
C PRO I 291 5.01 -36.69 25.80
N PHE I 292 4.68 -36.14 24.63
CA PHE I 292 4.15 -34.78 24.57
C PHE I 292 3.06 -34.65 23.51
N GLN I 293 2.11 -33.77 23.81
CA GLN I 293 1.03 -33.40 22.90
C GLN I 293 0.79 -31.90 22.98
N ASN I 294 0.40 -31.31 21.84
CA ASN I 294 -0.02 -29.93 21.79
C ASN I 294 -1.49 -29.82 21.40
N ILE I 295 -2.27 -30.85 21.71
CA ILE I 295 -3.69 -30.85 21.36
C ILE I 295 -4.49 -30.05 22.39
N HIS I 296 -4.44 -30.48 23.65
CA HIS I 296 -5.27 -29.85 24.67
C HIS I 296 -4.75 -30.17 26.07
N PRO I 297 -4.87 -29.25 27.03
CA PRO I 297 -4.39 -29.53 28.39
C PRO I 297 -5.32 -30.39 29.22
N ILE I 298 -6.63 -30.25 29.02
CA ILE I 298 -7.63 -31.02 29.77
C ILE I 298 -7.70 -32.41 29.15
N THR I 299 -7.13 -33.40 29.83
CA THR I 299 -7.00 -34.75 29.29
C THR I 299 -7.36 -35.78 30.36
N ILE I 300 -8.01 -36.86 29.94
CA ILE I 300 -8.39 -37.96 30.80
C ILE I 300 -7.70 -39.24 30.33
N GLY I 301 -7.16 -39.99 31.27
CA GLY I 301 -6.54 -41.27 30.99
C GLY I 301 -5.03 -41.18 30.91
N LYS I 302 -4.43 -42.30 30.52
CA LYS I 302 -2.99 -42.30 30.25
C LYS I 302 -2.69 -41.36 29.11
N CYS I 303 -2.18 -40.17 29.42
CA CYS I 303 -2.06 -39.13 28.41
C CYS I 303 -0.66 -38.52 28.40
N PRO I 304 -0.16 -38.17 27.22
CA PRO I 304 1.06 -37.36 27.15
C PRO I 304 0.83 -35.95 27.65
N LYS I 305 1.94 -35.28 27.92
CA LYS I 305 1.94 -33.97 28.54
C LYS I 305 1.60 -32.89 27.51
N TYR I 306 0.90 -31.86 27.95
CA TYR I 306 0.50 -30.76 27.07
C TYR I 306 1.57 -29.68 27.11
N VAL I 307 1.97 -29.19 25.92
CA VAL I 307 3.00 -28.18 25.78
C VAL I 307 2.62 -27.24 24.63
N LYS I 308 3.37 -26.14 24.52
CA LYS I 308 3.21 -25.16 23.46
C LYS I 308 4.03 -25.48 22.22
N SER I 309 4.94 -26.45 22.29
CA SER I 309 5.96 -26.61 21.26
C SER I 309 5.36 -26.99 19.92
N THR I 310 6.00 -26.51 18.85
CA THR I 310 5.63 -26.91 17.50
C THR I 310 6.28 -28.24 17.13
N LYS I 311 7.51 -28.48 17.61
CA LYS I 311 8.26 -29.68 17.27
C LYS I 311 9.22 -29.99 18.43
N LEU I 312 9.27 -31.28 18.81
CA LEU I 312 10.23 -31.75 19.81
C LEU I 312 10.95 -33.01 19.32
N ARG I 313 11.17 -33.11 18.01
CA ARG I 313 11.87 -34.26 17.46
C ARG I 313 13.29 -34.34 17.98
N LEU I 314 13.57 -35.35 18.80
CA LEU I 314 14.93 -35.56 19.29
C LEU I 314 15.78 -36.27 18.25
N ALA I 315 17.00 -35.77 18.07
CA ALA I 315 18.00 -36.45 17.24
C ALA I 315 18.51 -37.65 18.01
N THR I 316 18.17 -38.85 17.55
CA THR I 316 18.79 -40.04 18.10
C THR I 316 20.10 -40.36 17.42
N GLY I 317 20.32 -39.84 16.22
CA GLY I 317 21.44 -40.29 15.42
C GLY I 317 22.39 -39.23 14.90
N LEU I 318 23.21 -39.64 13.95
CA LEU I 318 24.20 -38.78 13.31
C LEU I 318 23.60 -37.94 12.20
N ARG I 319 24.34 -36.90 11.82
CA ARG I 319 23.97 -36.05 10.70
C ARG I 319 24.03 -36.85 9.41
N ASN I 320 23.06 -36.62 8.54
CA ASN I 320 23.16 -37.13 7.17
C ASN I 320 24.19 -36.32 6.40
N VAL I 321 25.23 -37.00 5.93
CA VAL I 321 26.18 -36.43 4.99
C VAL I 321 26.28 -37.35 3.78
N PRO I 322 25.65 -36.99 2.67
CA PRO I 322 25.63 -37.88 1.50
C PRO I 322 26.99 -38.03 0.84
N SER I 323 27.90 -38.76 1.49
CA SER I 323 29.24 -39.02 0.97
C SER I 323 29.97 -37.73 0.58
N ASP J 1 28.41 -69.45 20.85
CA ASP J 1 28.99 -68.66 21.93
C ASP J 1 28.04 -68.47 23.10
N ILE J 2 26.78 -68.16 22.80
CA ILE J 2 25.85 -67.65 23.80
C ILE J 2 24.69 -68.64 23.90
N GLN J 3 24.53 -69.24 25.07
CA GLN J 3 23.61 -70.34 25.27
C GLN J 3 22.27 -69.86 25.80
N MET J 4 21.19 -70.45 25.29
CA MET J 4 19.85 -69.92 25.46
C MET J 4 18.95 -70.93 26.17
N THR J 5 18.46 -70.56 27.35
CA THR J 5 17.50 -71.39 28.08
C THR J 5 16.15 -70.69 28.08
N GLN J 6 15.21 -71.24 27.32
CA GLN J 6 13.88 -70.67 27.16
C GLN J 6 12.91 -71.51 27.96
N SER J 7 12.65 -71.11 29.16
CA SER J 7 11.67 -71.95 29.84
C SER J 7 10.30 -71.28 29.82
N PRO J 8 9.22 -72.07 29.88
CA PRO J 8 9.19 -73.53 29.84
C PRO J 8 8.81 -74.09 28.47
N ALA J 9 9.13 -75.36 28.21
CA ALA J 9 8.97 -75.92 26.88
C ALA J 9 7.52 -75.90 26.43
N THR J 10 6.60 -76.37 27.27
CA THR J 10 5.21 -76.53 26.87
C THR J 10 4.30 -75.80 27.86
N LEU J 11 3.35 -75.04 27.32
CA LEU J 11 2.33 -74.37 28.12
C LEU J 11 0.96 -74.54 27.47
N SER J 12 -0.07 -74.48 28.30
CA SER J 12 -1.45 -74.47 27.83
C SER J 12 -2.26 -73.62 28.80
N ALA J 13 -2.82 -72.52 28.31
CA ALA J 13 -3.54 -71.58 29.15
C ALA J 13 -4.84 -71.17 28.48
N SER J 14 -5.85 -70.87 29.30
CA SER J 14 -7.14 -70.48 28.77
C SER J 14 -7.09 -69.08 28.18
N VAL J 15 -8.12 -68.75 27.39
CA VAL J 15 -8.17 -67.46 26.72
C VAL J 15 -8.23 -66.33 27.75
N GLY J 16 -7.53 -65.24 27.47
CA GLY J 16 -7.49 -64.09 28.34
C GLY J 16 -6.45 -64.14 29.44
N ASP J 17 -5.94 -65.32 29.76
CA ASP J 17 -4.94 -65.46 30.81
C ASP J 17 -3.64 -64.79 30.40
N ARG J 18 -2.92 -64.26 31.37
CA ARG J 18 -1.59 -63.73 31.12
C ARG J 18 -0.59 -64.88 30.97
N VAL J 19 0.36 -64.71 30.04
CA VAL J 19 1.36 -65.74 29.76
C VAL J 19 2.74 -65.11 29.84
N SER J 20 3.66 -65.77 30.53
CA SER J 20 5.03 -65.30 30.66
C SER J 20 6.00 -66.39 30.23
N ILE J 21 6.92 -66.04 29.33
CA ILE J 21 7.96 -66.93 28.85
C ILE J 21 9.32 -66.32 29.21
N THR J 22 10.15 -67.09 29.91
CA THR J 22 11.44 -66.60 30.38
C THR J 22 12.54 -67.08 29.44
N CYS J 23 13.49 -66.18 29.13
CA CYS J 23 14.57 -66.47 28.19
C CYS J 23 15.90 -66.04 28.82
N ARG J 24 16.50 -66.96 29.58
CA ARG J 24 17.79 -66.70 30.21
C ARG J 24 18.93 -66.89 29.21
N ALA J 25 19.94 -66.05 29.34
CA ALA J 25 21.10 -66.04 28.46
C ALA J 25 22.34 -66.48 29.21
N SER J 26 23.25 -67.13 28.49
CA SER J 26 24.52 -67.52 29.08
C SER J 26 25.33 -66.29 29.49
N GLN J 27 25.34 -65.27 28.64
CA GLN J 27 26.01 -64.01 28.94
C GLN J 27 25.02 -62.86 28.87
N SER J 28 25.29 -61.81 29.65
CA SER J 28 24.38 -60.69 29.73
C SER J 28 24.40 -59.88 28.45
N ILE J 29 23.26 -59.26 28.14
CA ILE J 29 23.09 -58.45 26.94
C ILE J 29 22.40 -57.15 27.34
N SER J 30 22.84 -56.03 26.75
CA SER J 30 22.24 -54.74 27.04
C SER J 30 20.92 -54.74 26.29
N SER J 31 19.96 -55.54 26.77
CA SER J 31 18.62 -55.63 26.20
C SER J 31 18.55 -55.68 24.66
N TRP J 32 19.43 -56.49 24.07
CA TRP J 32 19.37 -56.75 22.64
C TRP J 32 18.85 -58.16 22.40
N LEU J 33 17.62 -58.39 22.81
CA LEU J 33 16.93 -59.65 22.61
C LEU J 33 15.67 -59.38 21.80
N ALA J 34 15.23 -60.39 21.05
CA ALA J 34 14.00 -60.27 20.29
C ALA J 34 13.16 -61.53 20.43
N TRP J 35 11.86 -61.36 20.22
CA TRP J 35 10.84 -62.38 20.43
C TRP J 35 10.07 -62.58 19.14
N TYR J 36 10.06 -63.82 18.64
CA TYR J 36 9.40 -64.23 17.40
C TYR J 36 8.33 -65.26 17.69
N GLN J 37 7.30 -65.24 16.85
CA GLN J 37 6.18 -66.18 16.89
C GLN J 37 6.15 -66.99 15.60
N GLN J 38 6.30 -68.31 15.71
CA GLN J 38 6.30 -69.21 14.56
C GLN J 38 5.01 -70.01 14.57
N LYS J 39 4.14 -69.72 13.61
CA LYS J 39 2.91 -70.46 13.43
C LYS J 39 3.22 -71.83 12.79
N PRO J 40 2.33 -72.82 12.96
CA PRO J 40 2.59 -74.17 12.43
C PRO J 40 3.02 -74.19 10.98
N GLY J 41 4.24 -74.67 10.72
CA GLY J 41 4.76 -74.77 9.37
C GLY J 41 4.60 -73.48 8.59
N LYS J 42 4.96 -72.37 9.20
CA LYS J 42 4.83 -71.05 8.60
C LYS J 42 6.06 -70.22 8.97
N ALA J 43 6.27 -69.15 8.21
CA ALA J 43 7.44 -68.32 8.44
C ALA J 43 7.40 -67.72 9.84
N PRO J 44 8.47 -67.81 10.61
CA PRO J 44 8.48 -67.17 11.93
C PRO J 44 8.34 -65.67 11.80
N LYS J 45 7.47 -65.11 12.64
CA LYS J 45 7.13 -63.69 12.61
C LYS J 45 7.64 -63.04 13.89
N LEU J 46 8.41 -61.97 13.74
CA LEU J 46 8.94 -61.27 14.91
C LEU J 46 7.82 -60.54 15.64
N LEU J 47 7.87 -60.58 16.97
CA LEU J 47 6.91 -59.87 17.81
C LEU J 47 7.51 -58.60 18.39
N ILE J 48 8.64 -58.71 19.10
CA ILE J 48 9.19 -57.56 19.81
C ILE J 48 10.72 -57.56 19.67
N TYR J 49 11.31 -56.39 19.47
CA TYR J 49 12.79 -56.29 19.38
C TYR J 49 13.30 -55.44 20.53
N LYS J 50 14.61 -55.36 20.71
CA LYS J 50 15.20 -54.49 21.77
C LYS J 50 14.61 -54.86 23.12
N ALA J 51 13.91 -56.00 23.18
CA ALA J 51 13.38 -56.49 24.48
C ALA J 51 12.28 -55.57 24.99
N SER J 52 12.02 -54.45 24.29
CA SER J 52 11.01 -53.48 24.75
C SER J 52 10.32 -52.81 23.57
N SER J 53 10.70 -53.19 22.35
CA SER J 53 10.14 -52.50 21.15
C SER J 53 9.07 -53.38 20.48
N LEU J 54 7.80 -53.08 20.74
CA LEU J 54 6.72 -53.80 20.08
C LEU J 54 6.70 -53.46 18.60
N GLU J 55 6.99 -54.44 17.74
CA GLU J 55 7.03 -54.19 16.31
C GLU J 55 5.71 -53.63 15.81
N SER J 56 5.78 -52.87 14.72
CA SER J 56 4.58 -52.29 14.13
C SER J 56 3.59 -53.38 13.72
N GLY J 57 2.32 -53.14 14.00
CA GLY J 57 1.27 -54.07 13.66
C GLY J 57 1.08 -55.23 14.63
N VAL J 58 1.83 -55.26 15.73
CA VAL J 58 1.71 -56.33 16.71
C VAL J 58 0.72 -55.87 17.79
N PRO J 59 -0.21 -56.73 18.23
CA PRO J 59 -1.15 -56.32 19.28
C PRO J 59 -0.42 -55.94 20.57
N SER J 60 -0.94 -54.92 21.25
CA SER J 60 -0.29 -54.36 22.43
C SER J 60 -0.24 -55.34 23.60
N ARG J 61 -0.97 -56.45 23.54
CA ARG J 61 -0.94 -57.42 24.62
C ARG J 61 0.46 -57.96 24.86
N PHE J 62 1.30 -58.00 23.83
CA PHE J 62 2.67 -58.44 23.96
C PHE J 62 3.52 -57.33 24.57
N SER J 63 4.26 -57.67 25.63
CA SER J 63 5.17 -56.75 26.28
C SER J 63 6.46 -57.50 26.61
N GLY J 64 7.59 -56.95 26.20
CA GLY J 64 8.88 -57.53 26.50
C GLY J 64 9.59 -56.74 27.58
N SER J 65 10.07 -57.44 28.60
CA SER J 65 10.73 -56.80 29.74
C SER J 65 12.05 -57.49 30.02
N GLY J 66 13.14 -56.73 30.03
CA GLY J 66 14.40 -57.32 30.43
C GLY J 66 15.66 -56.66 29.92
N SER J 67 16.72 -56.76 30.71
CA SER J 67 18.07 -56.42 30.30
C SER J 67 19.02 -57.35 31.06
N GLY J 68 20.31 -57.21 30.78
CA GLY J 68 21.28 -58.10 31.39
C GLY J 68 21.15 -59.51 30.84
N SER J 69 20.86 -60.47 31.72
CA SER J 69 20.77 -61.87 31.33
C SER J 69 19.35 -62.42 31.35
N GLU J 70 18.38 -61.69 31.89
CA GLU J 70 17.02 -62.21 32.06
C GLU J 70 16.04 -61.34 31.29
N PHE J 71 15.21 -61.99 30.48
CA PHE J 71 14.16 -61.32 29.73
C PHE J 71 12.89 -62.16 29.79
N THR J 72 11.75 -61.49 29.66
CA THR J 72 10.44 -62.12 29.75
C THR J 72 9.53 -61.55 28.68
N LEU J 73 8.92 -62.46 27.91
CA LEU J 73 7.83 -62.13 27.01
C LEU J 73 6.50 -62.34 27.73
N THR J 74 5.66 -61.32 27.75
CA THR J 74 4.42 -61.35 28.53
C THR J 74 3.26 -60.99 27.63
N ILE J 75 2.37 -61.95 27.42
CA ILE J 75 1.13 -61.74 26.68
C ILE J 75 0.05 -61.42 27.70
N SER J 76 -0.50 -60.20 27.61
CA SER J 76 -1.43 -59.74 28.64
C SER J 76 -2.75 -60.50 28.59
N SER J 77 -3.28 -60.75 27.39
CA SER J 77 -4.50 -61.53 27.23
C SER J 77 -4.29 -62.53 26.11
N LEU J 78 -4.16 -63.81 26.46
CA LEU J 78 -3.94 -64.84 25.44
C LEU J 78 -5.18 -65.00 24.58
N GLN J 79 -4.99 -65.00 23.27
CA GLN J 79 -6.05 -65.10 22.28
C GLN J 79 -5.88 -66.36 21.44
N PRO J 80 -6.92 -66.79 20.72
CA PRO J 80 -6.79 -68.00 19.89
C PRO J 80 -5.60 -67.97 18.94
N ASP J 81 -5.44 -66.87 18.19
CA ASP J 81 -4.40 -66.78 17.18
C ASP J 81 -2.98 -66.82 17.75
N ASP J 82 -2.83 -66.72 19.06
CA ASP J 82 -1.51 -66.70 19.68
C ASP J 82 -0.99 -68.09 20.01
N PHE J 83 -1.57 -69.14 19.43
CA PHE J 83 -1.04 -70.50 19.57
C PHE J 83 0.08 -70.71 18.56
N ALA J 84 1.28 -70.97 19.04
CA ALA J 84 2.45 -71.11 18.17
C ALA J 84 3.65 -71.53 19.02
N ILE J 85 4.82 -71.58 18.38
CA ILE J 85 6.08 -71.74 19.10
C ILE J 85 6.76 -70.37 19.14
N TYR J 86 7.16 -69.94 20.33
CA TYR J 86 7.77 -68.64 20.52
C TYR J 86 9.26 -68.83 20.76
N TYR J 87 10.07 -68.12 19.98
CA TYR J 87 11.52 -68.18 20.14
C TYR J 87 12.08 -66.83 20.54
N CYS J 88 13.21 -66.87 21.25
CA CYS J 88 13.94 -65.67 21.63
C CYS J 88 15.31 -65.70 20.97
N GLN J 89 15.63 -64.66 20.23
CA GLN J 89 16.89 -64.53 19.50
C GLN J 89 17.76 -63.45 20.13
N GLN J 90 19.07 -63.63 20.01
CA GLN J 90 20.05 -62.67 20.50
C GLN J 90 20.96 -62.24 19.37
N TYR J 91 21.02 -60.93 19.15
CA TYR J 91 21.90 -60.30 18.18
C TYR J 91 22.99 -59.48 18.84
N ASN J 92 23.29 -59.75 20.12
CA ASN J 92 24.39 -59.08 20.78
C ASN J 92 25.73 -59.48 20.17
N SER J 93 25.98 -60.78 20.07
CA SER J 93 27.24 -61.29 19.55
C SER J 93 26.99 -62.44 18.59
N TYR J 94 27.78 -62.51 17.51
CA TYR J 94 27.75 -63.66 16.63
C TYR J 94 28.46 -64.84 17.32
N PRO J 95 28.01 -66.07 17.11
CA PRO J 95 26.88 -66.43 16.23
C PRO J 95 25.53 -66.12 16.86
N TRP J 96 24.58 -65.67 16.05
CA TRP J 96 23.24 -65.42 16.55
C TRP J 96 22.61 -66.72 17.02
N THR J 97 22.08 -66.71 18.23
CA THR J 97 21.56 -67.92 18.85
C THR J 97 20.08 -67.73 19.19
N PHE J 98 19.33 -68.83 19.09
CA PHE J 98 17.93 -68.88 19.45
C PHE J 98 17.75 -69.79 20.67
N GLY J 99 16.61 -69.64 21.33
CA GLY J 99 16.22 -70.59 22.34
C GLY J 99 15.59 -71.82 21.74
N GLN J 100 15.48 -72.87 22.55
CA GLN J 100 14.81 -74.08 22.09
C GLN J 100 13.34 -73.84 21.76
N GLY J 101 12.78 -72.71 22.15
CA GLY J 101 11.40 -72.39 21.84
C GLY J 101 10.45 -72.88 22.92
N THR J 102 9.33 -72.18 23.01
CA THR J 102 8.26 -72.53 23.95
C THR J 102 6.95 -72.69 23.18
N LYS J 103 6.30 -73.84 23.32
CA LYS J 103 5.04 -74.10 22.66
C LYS J 103 3.90 -73.63 23.55
N VAL J 104 3.08 -72.71 23.04
CA VAL J 104 2.01 -72.10 23.83
C VAL J 104 0.69 -72.63 23.29
N GLU J 105 0.11 -73.61 23.99
CA GLU J 105 -1.19 -74.16 23.65
C GLU J 105 -2.28 -73.42 24.41
N ILE J 106 -3.54 -73.81 24.19
CA ILE J 106 -4.69 -73.11 24.75
C ILE J 106 -5.60 -74.11 25.45
N LYS J 107 -6.00 -73.79 26.67
CA LYS J 107 -6.94 -74.60 27.44
C LYS J 107 -8.36 -74.16 27.11
N ARG J 108 -9.17 -75.08 26.58
CA ARG J 108 -10.54 -74.73 26.19
C ARG J 108 -11.51 -75.78 26.70
N THR J 109 -12.78 -75.54 26.37
CA THR J 109 -13.86 -76.46 26.73
C THR J 109 -13.69 -77.77 25.99
N VAL J 110 -13.92 -78.87 26.71
CA VAL J 110 -13.81 -80.20 26.12
C VAL J 110 -14.85 -80.33 25.02
N ALA J 111 -14.40 -80.65 23.81
CA ALA J 111 -15.26 -80.69 22.64
C ALA J 111 -15.25 -82.08 22.03
N ALA J 112 -16.44 -82.62 21.76
CA ALA J 112 -16.58 -83.92 21.13
C ALA J 112 -16.21 -83.84 19.65
N PRO J 113 -15.68 -84.91 19.08
CA PRO J 113 -15.29 -84.90 17.66
C PRO J 113 -16.50 -85.16 16.76
N SER J 114 -16.26 -85.09 15.46
CA SER J 114 -17.19 -85.61 14.46
C SER J 114 -16.46 -86.67 13.66
N VAL J 115 -17.05 -87.86 13.57
CA VAL J 115 -16.37 -89.04 13.03
C VAL J 115 -16.85 -89.28 11.61
N PHE J 116 -15.94 -89.75 10.76
CA PHE J 116 -16.24 -90.00 9.36
C PHE J 116 -15.36 -91.15 8.87
N ILE J 117 -15.97 -92.16 8.27
CA ILE J 117 -15.22 -93.30 7.74
C ILE J 117 -15.12 -93.16 6.23
N PHE J 118 -13.93 -93.47 5.71
CA PHE J 118 -13.69 -93.50 4.28
C PHE J 118 -13.23 -94.88 3.88
N PRO J 119 -14.01 -95.59 3.07
CA PRO J 119 -13.61 -96.90 2.56
C PRO J 119 -12.47 -96.74 1.56
N PRO J 120 -11.72 -97.82 1.30
CA PRO J 120 -10.56 -97.69 0.41
C PRO J 120 -10.98 -97.50 -1.05
N SER J 121 -10.04 -96.98 -1.83
CA SER J 121 -10.29 -96.68 -3.23
C SER J 121 -10.08 -97.92 -4.08
N ASP J 122 -11.05 -98.22 -4.96
CA ASP J 122 -10.97 -99.40 -5.80
C ASP J 122 -9.74 -99.37 -6.69
N GLU J 123 -9.38 -98.18 -7.18
CA GLU J 123 -8.15 -98.01 -7.92
C GLU J 123 -6.95 -98.55 -7.16
N GLN J 124 -6.88 -98.24 -5.86
CA GLN J 124 -5.83 -98.80 -5.02
C GLN J 124 -5.95 -100.32 -4.93
N LEU J 125 -7.18 -100.82 -4.73
CA LEU J 125 -7.39 -102.25 -4.61
C LEU J 125 -6.76 -103.01 -5.77
N LYS J 126 -6.93 -102.50 -6.99
CA LYS J 126 -6.34 -103.15 -8.15
C LYS J 126 -4.82 -103.21 -8.07
N SER J 127 -4.18 -102.32 -7.31
CA SER J 127 -2.74 -102.35 -7.11
C SER J 127 -2.32 -103.22 -5.92
N GLY J 128 -3.25 -103.97 -5.34
CA GLY J 128 -2.92 -104.97 -4.34
C GLY J 128 -2.82 -104.47 -2.91
N THR J 129 -3.18 -103.22 -2.63
CA THR J 129 -3.12 -102.67 -1.29
C THR J 129 -4.47 -102.07 -0.92
N ALA J 130 -4.61 -101.68 0.35
CA ALA J 130 -5.90 -101.23 0.84
C ALA J 130 -5.73 -100.44 2.13
N SER J 131 -6.49 -99.35 2.26
CA SER J 131 -6.40 -98.49 3.43
C SER J 131 -7.75 -97.81 3.66
N VAL J 132 -8.25 -97.93 4.89
CA VAL J 132 -9.50 -97.30 5.32
C VAL J 132 -9.14 -96.20 6.31
N VAL J 133 -9.94 -95.14 6.36
CA VAL J 133 -9.61 -94.00 7.22
C VAL J 133 -10.74 -93.72 8.19
N CYS J 134 -10.41 -93.61 9.48
CA CYS J 134 -11.28 -93.01 10.49
C CYS J 134 -10.87 -91.54 10.63
N LEU J 135 -11.86 -90.66 10.74
CA LEU J 135 -11.62 -89.22 10.82
C LEU J 135 -12.35 -88.64 12.02
N LEU J 136 -11.63 -87.88 12.85
CA LEU J 136 -12.19 -87.21 14.01
C LEU J 136 -11.89 -85.72 13.87
N ASN J 137 -12.92 -84.91 13.66
CA ASN J 137 -12.76 -83.49 13.43
C ASN J 137 -13.21 -82.67 14.63
N ASN J 138 -12.44 -81.61 14.92
CA ASN J 138 -12.85 -80.54 15.81
C ASN J 138 -13.17 -81.07 17.21
N PHE J 139 -12.14 -81.62 17.85
CA PHE J 139 -12.28 -82.17 19.20
C PHE J 139 -11.26 -81.53 20.12
N TYR J 140 -11.44 -81.75 21.42
CA TYR J 140 -10.56 -81.25 22.46
C TYR J 140 -10.74 -82.08 23.73
N PRO J 141 -9.65 -82.58 24.34
CA PRO J 141 -8.26 -82.37 23.91
C PRO J 141 -7.80 -83.42 22.89
N ARG J 142 -6.49 -83.41 22.58
CA ARG J 142 -5.93 -84.35 21.63
C ARG J 142 -6.11 -85.80 22.06
N GLU J 143 -6.34 -86.05 23.34
CA GLU J 143 -6.33 -87.40 23.91
C GLU J 143 -7.63 -88.10 23.56
N ALA J 144 -7.62 -88.82 22.44
CA ALA J 144 -8.69 -89.72 22.05
C ALA J 144 -8.08 -91.02 21.57
N LYS J 145 -8.87 -92.08 21.58
CA LYS J 145 -8.42 -93.39 21.12
C LYS J 145 -9.33 -93.86 19.99
N VAL J 146 -8.73 -94.11 18.84
CA VAL J 146 -9.42 -94.63 17.66
C VAL J 146 -8.92 -96.04 17.44
N GLN J 147 -9.83 -97.00 17.56
CA GLN J 147 -9.52 -98.41 17.42
C GLN J 147 -10.37 -98.98 16.29
N TRP J 148 -10.01 -100.18 15.85
CA TRP J 148 -10.50 -100.73 14.60
C TRP J 148 -11.10 -102.10 14.86
N LYS J 149 -12.29 -102.36 14.28
CA LYS J 149 -13.04 -103.58 14.56
C LYS J 149 -13.41 -104.25 13.23
N VAL J 150 -12.52 -105.09 12.71
CA VAL J 150 -12.78 -105.86 11.50
C VAL J 150 -13.46 -107.17 11.88
N ASP J 151 -14.68 -107.38 11.36
CA ASP J 151 -15.54 -108.50 11.76
C ASP J 151 -15.64 -108.58 13.28
N ASN J 152 -15.86 -107.42 13.90
CA ASN J 152 -15.94 -107.30 15.36
C ASN J 152 -14.71 -107.87 16.05
N ALA J 153 -13.59 -107.93 15.33
CA ALA J 153 -12.31 -108.37 15.87
C ALA J 153 -11.35 -107.19 15.83
N LEU J 154 -11.06 -106.62 17.00
CA LEU J 154 -10.09 -105.55 17.11
C LEU J 154 -8.78 -105.97 16.46
N GLN J 155 -8.13 -105.03 15.77
CA GLN J 155 -6.88 -105.34 15.09
C GLN J 155 -5.69 -105.04 15.97
N SER J 156 -4.60 -105.78 15.75
CA SER J 156 -3.41 -105.67 16.58
C SER J 156 -2.70 -104.33 16.37
N GLY J 157 -2.24 -104.10 15.13
CA GLY J 157 -1.58 -102.82 14.81
C GLY J 157 -2.04 -102.32 13.45
N ASN J 158 -1.17 -102.37 12.43
CA ASN J 158 -1.56 -101.99 11.05
C ASN J 158 -2.51 -100.78 11.07
N SER J 159 -2.15 -99.73 11.80
CA SER J 159 -2.98 -98.50 11.87
C SER J 159 -2.16 -97.31 12.37
N GLN J 160 -1.76 -96.42 11.47
CA GLN J 160 -1.01 -95.23 11.86
C GLN J 160 -1.98 -94.08 12.10
N GLU J 161 -1.45 -92.99 12.67
CA GLU J 161 -2.30 -91.96 13.23
C GLU J 161 -1.64 -90.60 13.08
N SER J 162 -2.40 -89.62 12.60
CA SER J 162 -1.90 -88.27 12.40
C SER J 162 -2.85 -87.26 13.05
N VAL J 163 -2.28 -86.32 13.80
CA VAL J 163 -3.07 -85.34 14.54
C VAL J 163 -2.72 -83.95 14.02
N THR J 164 -3.73 -83.23 13.53
CA THR J 164 -3.52 -81.83 13.19
C THR J 164 -3.11 -81.05 14.42
N GLU J 165 -2.48 -79.90 14.18
CA GLU J 165 -2.19 -79.02 15.31
C GLU J 165 -3.40 -78.13 15.59
N GLN J 166 -3.33 -77.39 16.68
CA GLN J 166 -4.48 -76.65 17.18
C GLN J 166 -4.91 -75.59 16.17
N ASP J 167 -6.20 -75.61 15.83
CA ASP J 167 -6.74 -74.64 14.87
C ASP J 167 -6.61 -73.23 15.44
N SER J 168 -6.08 -72.31 14.62
CA SER J 168 -5.90 -70.94 15.08
C SER J 168 -7.23 -70.30 15.49
N LYS J 169 -8.28 -70.55 14.72
CA LYS J 169 -9.58 -69.96 15.03
C LYS J 169 -10.23 -70.66 16.22
N ASP J 170 -10.45 -71.96 16.11
CA ASP J 170 -11.23 -72.70 17.09
C ASP J 170 -10.41 -73.30 18.20
N SER J 171 -9.10 -73.46 18.01
CA SER J 171 -8.25 -74.26 18.88
C SER J 171 -8.88 -75.62 19.14
N THR J 172 -9.29 -76.28 18.07
CA THR J 172 -9.77 -77.64 18.09
C THR J 172 -8.86 -78.50 17.23
N TYR J 173 -8.71 -79.75 17.64
CA TYR J 173 -7.79 -80.69 16.99
C TYR J 173 -8.53 -81.57 15.99
N SER J 174 -7.76 -82.22 15.14
CA SER J 174 -8.32 -83.16 14.19
C SER J 174 -7.34 -84.29 13.99
N LEU J 175 -7.88 -85.50 13.88
CA LEU J 175 -7.10 -86.73 13.90
C LEU J 175 -7.58 -87.65 12.79
N SER J 176 -6.65 -88.41 12.23
CA SER J 176 -6.93 -89.39 11.19
C SER J 176 -6.22 -90.67 11.54
N SER J 177 -6.98 -91.76 11.67
CA SER J 177 -6.43 -93.09 11.89
C SER J 177 -6.54 -93.87 10.60
N THR J 178 -5.40 -94.19 10.00
CA THR J 178 -5.33 -94.89 8.73
C THR J 178 -5.03 -96.35 9.00
N LEU J 179 -6.05 -97.19 8.83
CA LEU J 179 -5.88 -98.65 8.78
C LEU J 179 -5.29 -99.03 7.43
N THR J 180 -4.09 -99.60 7.45
CA THR J 180 -3.37 -99.97 6.23
C THR J 180 -3.06 -101.46 6.26
N LEU J 181 -3.66 -102.20 5.33
CA LEU J 181 -3.39 -103.61 5.12
C LEU J 181 -4.24 -104.11 3.96
N SER J 182 -3.72 -105.11 3.24
CA SER J 182 -4.54 -105.82 2.27
C SER J 182 -4.99 -107.17 2.78
N LYS J 183 -4.07 -107.97 3.31
CA LYS J 183 -4.36 -109.35 3.69
C LYS J 183 -4.97 -110.05 2.48
N ALA J 184 -6.19 -110.56 2.62
CA ALA J 184 -6.92 -111.05 1.46
C ALA J 184 -7.55 -109.89 0.70
N ASP J 185 -6.77 -108.82 0.47
CA ASP J 185 -7.32 -107.54 -0.02
C ASP J 185 -8.58 -107.22 0.78
N TYR J 186 -8.48 -107.36 2.10
CA TYR J 186 -9.59 -107.33 3.05
C TYR J 186 -10.83 -107.93 2.40
N GLU J 187 -10.67 -109.07 1.73
CA GLU J 187 -11.82 -109.79 1.20
C GLU J 187 -12.10 -110.92 2.18
N LYS J 188 -11.12 -111.26 3.03
CA LYS J 188 -11.30 -112.28 4.04
C LYS J 188 -12.43 -111.92 4.99
N HIS J 189 -12.51 -110.65 5.38
CA HIS J 189 -13.52 -110.17 6.32
C HIS J 189 -14.20 -108.95 5.72
N LYS J 190 -15.50 -108.79 6.00
CA LYS J 190 -16.27 -107.71 5.39
C LYS J 190 -16.69 -106.60 6.35
N VAL J 191 -16.83 -106.89 7.65
CA VAL J 191 -17.31 -105.87 8.59
C VAL J 191 -16.15 -104.96 9.00
N TYR J 192 -16.35 -103.64 8.91
CA TYR J 192 -15.34 -102.66 9.30
C TYR J 192 -15.96 -101.61 10.18
N ALA J 193 -15.26 -101.22 11.25
CA ALA J 193 -15.82 -100.32 12.25
C ALA J 193 -14.72 -99.47 12.89
N CYS J 194 -15.12 -98.28 13.34
CA CYS J 194 -14.24 -97.33 14.02
C CYS J 194 -14.73 -97.13 15.46
N GLU J 195 -14.07 -97.79 16.42
CA GLU J 195 -14.29 -97.48 17.83
C GLU J 195 -13.67 -96.14 18.15
N VAL J 196 -14.50 -95.14 18.48
CA VAL J 196 -14.02 -93.81 18.83
C VAL J 196 -14.35 -93.56 20.28
N THR J 197 -13.31 -93.37 21.09
CA THR J 197 -13.44 -93.09 22.52
C THR J 197 -12.75 -91.78 22.82
N HIS J 198 -13.53 -90.79 23.27
CA HIS J 198 -13.00 -89.47 23.56
C HIS J 198 -13.61 -88.94 24.85
N GLN J 199 -12.94 -87.95 25.45
CA GLN J 199 -13.44 -87.38 26.69
C GLN J 199 -14.78 -86.69 26.51
N GLY J 200 -15.07 -86.19 25.31
CA GLY J 200 -16.36 -85.58 25.03
C GLY J 200 -17.49 -86.54 24.80
N LEU J 201 -17.24 -87.85 24.92
CA LEU J 201 -18.24 -88.87 24.67
C LEU J 201 -18.51 -89.64 25.97
N SER J 202 -19.73 -89.52 26.48
CA SER J 202 -20.15 -90.35 27.61
C SER J 202 -19.98 -91.82 27.28
N SER J 203 -20.43 -92.23 26.10
CA SER J 203 -20.26 -93.58 25.60
C SER J 203 -19.52 -93.55 24.26
N PRO J 204 -18.66 -94.53 24.00
CA PRO J 204 -17.94 -94.54 22.71
C PRO J 204 -18.90 -94.61 21.54
N VAL J 205 -18.44 -94.11 20.39
CA VAL J 205 -19.24 -94.11 19.17
C VAL J 205 -18.54 -94.95 18.13
N THR J 206 -19.30 -95.81 17.44
CA THR J 206 -18.74 -96.68 16.41
C THR J 206 -19.54 -96.53 15.15
N LYS J 207 -18.91 -96.02 14.10
CA LYS J 207 -19.45 -96.05 12.76
C LYS J 207 -18.86 -97.24 12.01
N SER J 208 -19.53 -97.65 10.94
CA SER J 208 -19.13 -98.90 10.31
C SER J 208 -19.54 -98.92 8.84
N PHE J 209 -18.87 -99.78 8.09
CA PHE J 209 -19.21 -100.04 6.70
C PHE J 209 -18.78 -101.45 6.34
N ASN J 210 -19.37 -101.96 5.26
CA ASN J 210 -19.10 -103.31 4.78
C ASN J 210 -18.66 -103.25 3.33
N ARG J 211 -18.69 -104.38 2.62
CA ARG J 211 -18.47 -104.37 1.18
C ARG J 211 -19.39 -103.34 0.54
N GLY J 212 -18.83 -102.54 -0.36
CA GLY J 212 -19.52 -101.41 -0.97
C GLY J 212 -20.99 -101.59 -1.24
N GLN K 1 5.88 -54.11 -0.24
CA GLN K 1 6.36 -55.38 0.29
C GLN K 1 7.69 -55.80 -0.32
N VAL K 2 8.54 -56.40 0.50
CA VAL K 2 9.69 -57.17 0.06
C VAL K 2 9.42 -58.63 0.40
N GLN K 3 9.48 -59.50 -0.61
CA GLN K 3 9.07 -60.89 -0.47
C GLN K 3 10.24 -61.81 -0.80
N LEU K 4 10.40 -62.85 0.00
CA LEU K 4 11.52 -63.77 -0.11
C LEU K 4 11.00 -65.17 -0.40
N GLN K 5 11.32 -65.69 -1.58
CA GLN K 5 11.00 -67.07 -1.93
C GLN K 5 12.26 -67.92 -1.91
N GLU K 6 12.08 -69.22 -1.79
CA GLU K 6 13.18 -70.14 -1.57
C GLU K 6 13.09 -71.33 -2.51
N SER K 7 14.21 -71.68 -3.13
CA SER K 7 14.28 -72.82 -4.03
C SER K 7 15.37 -73.77 -3.55
N GLY K 8 14.99 -75.02 -3.32
CA GLY K 8 15.90 -76.07 -2.93
C GLY K 8 15.56 -77.38 -3.61
N PRO K 9 16.55 -78.28 -3.70
CA PRO K 9 16.32 -79.55 -4.41
C PRO K 9 15.37 -80.50 -3.70
N GLY K 10 15.20 -80.37 -2.41
CA GLY K 10 14.40 -81.33 -1.64
C GLY K 10 15.18 -82.54 -1.19
N LEU K 11 15.95 -83.15 -2.09
CA LEU K 11 16.87 -84.22 -1.74
C LEU K 11 18.29 -83.84 -2.15
N VAL K 12 19.23 -84.08 -1.25
CA VAL K 12 20.66 -84.00 -1.54
C VAL K 12 21.30 -85.31 -1.08
N LYS K 13 22.14 -85.90 -1.93
CA LYS K 13 22.75 -87.16 -1.56
C LYS K 13 23.81 -86.92 -0.48
N PRO K 14 24.03 -87.90 0.39
CA PRO K 14 24.80 -87.64 1.63
C PRO K 14 26.16 -87.00 1.45
N SER K 15 26.87 -87.23 0.36
CA SER K 15 28.18 -86.60 0.24
C SER K 15 28.24 -85.66 -0.96
N GLU K 16 27.25 -84.79 -1.10
CA GLU K 16 27.19 -83.83 -2.19
C GLU K 16 27.16 -82.40 -1.64
N THR K 17 26.95 -81.45 -2.55
CA THR K 17 27.02 -80.02 -2.25
C THR K 17 25.62 -79.44 -2.36
N LEU K 18 25.04 -79.06 -1.21
CA LEU K 18 23.73 -78.43 -1.20
C LEU K 18 23.80 -77.02 -1.77
N SER K 19 22.97 -76.74 -2.76
CA SER K 19 22.85 -75.42 -3.35
C SER K 19 21.43 -74.93 -3.15
N LEU K 20 21.27 -73.80 -2.47
CA LEU K 20 19.97 -73.20 -2.22
C LEU K 20 19.95 -71.78 -2.76
N THR K 21 18.82 -71.36 -3.33
CA THR K 21 18.72 -70.02 -3.89
C THR K 21 17.47 -69.32 -3.38
N CYS K 22 17.67 -68.19 -2.69
CA CYS K 22 16.59 -67.31 -2.25
C CYS K 22 16.42 -66.18 -3.24
N SER K 23 15.20 -66.01 -3.75
CA SER K 23 14.85 -65.01 -4.75
C SER K 23 14.06 -63.89 -4.09
N VAL K 24 14.42 -62.65 -4.44
CA VAL K 24 13.84 -61.45 -3.83
C VAL K 24 12.98 -60.73 -4.85
N SER K 25 11.91 -60.10 -4.36
CA SER K 25 10.85 -59.60 -5.22
C SER K 25 11.16 -58.21 -5.75
N GLY K 26 11.25 -57.21 -4.87
CA GLY K 26 11.39 -55.85 -5.32
C GLY K 26 12.40 -55.02 -4.57
N ALA K 27 13.55 -55.62 -4.23
CA ALA K 27 14.59 -54.92 -3.48
C ALA K 27 15.92 -55.07 -4.20
N SER K 28 16.76 -54.05 -4.07
CA SER K 28 18.12 -54.08 -4.58
C SER K 28 18.97 -54.88 -3.60
N ILE K 29 19.18 -56.16 -3.92
CA ILE K 29 19.90 -57.08 -3.05
C ILE K 29 21.31 -56.57 -2.73
N SER K 30 21.86 -55.74 -3.59
CA SER K 30 23.19 -55.18 -3.35
C SER K 30 23.23 -54.31 -2.11
N SER K 31 22.09 -53.83 -1.63
CA SER K 31 22.03 -52.85 -0.54
C SER K 31 21.54 -53.44 0.78
N TYR K 32 21.54 -54.77 0.89
CA TYR K 32 21.08 -55.43 2.10
C TYR K 32 21.96 -56.65 2.38
N TYR K 33 22.22 -56.89 3.67
CA TYR K 33 22.75 -58.18 4.08
C TYR K 33 21.64 -59.22 4.03
N TRP K 34 22.01 -60.44 3.66
CA TRP K 34 21.08 -61.53 3.53
C TRP K 34 21.50 -62.69 4.42
N ILE K 35 20.52 -63.24 5.13
CA ILE K 35 20.75 -64.16 6.23
C ILE K 35 20.10 -65.50 5.88
N TRP K 36 20.77 -66.57 6.26
CA TRP K 36 20.21 -67.90 6.19
C TRP K 36 20.14 -68.49 7.59
N ILE K 37 19.02 -69.17 7.86
CA ILE K 37 18.63 -69.68 9.17
C ILE K 37 17.95 -71.00 8.82
N ARG K 38 17.89 -71.92 9.79
CA ARG K 38 17.47 -73.26 9.51
C ARG K 38 16.89 -73.91 10.74
N GLN K 39 15.99 -74.89 10.55
CA GLN K 39 15.27 -75.54 11.65
C GLN K 39 15.18 -77.05 11.40
N PRO K 40 15.82 -77.88 12.24
CA PRO K 40 15.64 -79.32 12.11
C PRO K 40 14.25 -79.78 12.52
N ALA K 41 13.42 -80.14 11.55
CA ALA K 41 12.05 -80.59 11.80
C ALA K 41 11.31 -79.60 12.71
N GLY K 42 10.86 -80.04 13.89
CA GLY K 42 10.21 -79.15 14.83
C GLY K 42 11.11 -78.71 15.96
N LYS K 43 12.42 -78.77 15.74
CA LYS K 43 13.39 -78.39 16.76
C LYS K 43 13.71 -76.90 16.63
N GLY K 44 14.68 -76.43 17.40
CA GLY K 44 14.98 -75.01 17.45
C GLY K 44 15.59 -74.50 16.17
N LEU K 45 15.81 -73.19 16.14
CA LEU K 45 16.38 -72.50 14.98
C LEU K 45 17.87 -72.27 15.16
N GLU K 46 18.58 -72.17 14.04
CA GLU K 46 20.02 -72.00 14.04
C GLU K 46 20.40 -70.98 12.97
N TRP K 47 21.04 -69.90 13.40
CA TRP K 47 21.53 -68.88 12.47
C TRP K 47 22.68 -69.44 11.65
N ILE K 48 22.47 -69.59 10.34
CA ILE K 48 23.53 -70.06 9.46
C ILE K 48 24.53 -68.94 9.20
N GLY K 49 24.08 -67.82 8.64
CA GLY K 49 25.01 -66.73 8.44
C GLY K 49 24.45 -65.60 7.62
N ARG K 50 25.38 -64.70 7.25
CA ARG K 50 25.11 -63.39 6.68
C ARG K 50 26.10 -63.09 5.58
N PHE K 51 25.61 -62.54 4.47
CA PHE K 51 26.48 -62.12 3.37
C PHE K 51 25.98 -60.81 2.79
N TYR K 52 26.89 -60.06 2.19
CA TYR K 52 26.55 -58.77 1.60
C TYR K 52 27.44 -58.52 0.40
N THR K 53 26.92 -57.73 -0.55
CA THR K 53 27.58 -57.56 -1.85
C THR K 53 28.88 -56.76 -1.70
N SER K 54 28.81 -55.59 -1.07
CA SER K 54 29.99 -54.77 -0.86
C SER K 54 30.38 -54.77 0.61
N GLY K 55 30.49 -55.95 1.20
CA GLY K 55 30.88 -56.09 2.60
C GLY K 55 31.64 -57.38 2.83
N SER K 56 31.70 -57.82 4.08
CA SER K 56 32.37 -59.07 4.43
C SER K 56 31.37 -60.01 5.09
N PRO K 57 31.19 -61.22 4.58
CA PRO K 57 30.24 -62.15 5.20
C PRO K 57 30.74 -62.67 6.53
N ASN K 58 29.84 -63.35 7.24
CA ASN K 58 30.18 -64.02 8.48
C ASN K 58 29.24 -65.20 8.64
N TYR K 59 29.79 -66.37 8.98
CA TYR K 59 29.04 -67.61 9.04
C TYR K 59 29.12 -68.22 10.45
N ASN K 60 28.18 -69.12 10.73
CA ASN K 60 28.18 -69.83 11.99
C ASN K 60 29.39 -70.75 12.07
N PRO K 61 30.03 -70.87 13.25
CA PRO K 61 31.27 -71.65 13.33
C PRO K 61 31.12 -73.12 12.95
N SER K 62 30.03 -73.78 13.37
CA SER K 62 29.90 -75.20 13.12
C SER K 62 29.74 -75.51 11.64
N LEU K 63 29.23 -74.55 10.86
CA LEU K 63 29.08 -74.71 9.42
C LEU K 63 30.11 -73.91 8.63
N ARG K 64 30.93 -73.09 9.29
CA ARG K 64 31.86 -72.18 8.61
C ARG K 64 32.69 -72.89 7.56
N SER K 65 33.36 -73.99 7.94
CA SER K 65 34.27 -74.69 7.04
C SER K 65 33.62 -75.04 5.70
N ARG K 66 32.30 -75.21 5.68
CA ARG K 66 31.62 -75.77 4.52
C ARG K 66 30.73 -74.78 3.79
N VAL K 67 30.43 -73.61 4.36
CA VAL K 67 29.45 -72.68 3.79
C VAL K 67 30.16 -71.66 2.90
N THR K 68 29.58 -71.42 1.73
CA THR K 68 29.91 -70.27 0.89
C THR K 68 28.60 -69.60 0.49
N MET K 69 28.52 -68.30 0.72
CA MET K 69 27.34 -67.52 0.36
C MET K 69 27.69 -66.60 -0.80
N SER K 70 26.83 -66.60 -1.83
CA SER K 70 27.05 -65.77 -3.00
C SER K 70 25.78 -65.01 -3.34
N VAL K 71 25.90 -64.04 -4.23
CA VAL K 71 24.79 -63.16 -4.59
C VAL K 71 24.82 -62.92 -6.09
N ASP K 72 23.67 -63.03 -6.75
CA ASP K 72 23.49 -62.70 -8.15
C ASP K 72 22.64 -61.42 -8.22
N THR K 73 23.31 -60.30 -8.53
CA THR K 73 22.60 -59.05 -8.75
C THR K 73 21.85 -59.06 -10.07
N SER K 74 22.30 -59.88 -11.03
CA SER K 74 21.63 -59.97 -12.32
C SER K 74 20.26 -60.61 -12.18
N LYS K 75 20.19 -61.76 -11.50
CA LYS K 75 18.94 -62.48 -11.30
C LYS K 75 18.19 -62.05 -10.05
N ASN K 76 18.77 -61.17 -9.23
CA ASN K 76 18.24 -60.82 -7.92
C ASN K 76 17.98 -62.07 -7.07
N GLN K 77 19.09 -62.71 -6.69
CA GLN K 77 19.02 -63.87 -5.80
C GLN K 77 20.28 -63.92 -4.94
N PHE K 78 20.23 -64.74 -3.89
CA PHE K 78 21.45 -65.11 -3.19
C PHE K 78 21.40 -66.60 -2.87
N SER K 79 22.57 -67.24 -2.92
CA SER K 79 22.66 -68.69 -2.84
C SER K 79 23.58 -69.13 -1.71
N LEU K 80 23.13 -70.17 -1.00
CA LEU K 80 23.97 -70.99 -0.15
C LEU K 80 24.59 -72.14 -0.94
N LYS K 81 25.84 -72.46 -0.58
CA LYS K 81 26.49 -73.66 -1.06
C LYS K 81 27.20 -74.32 0.10
N LEU K 82 26.70 -75.48 0.52
CA LEU K 82 27.21 -76.26 1.65
C LEU K 82 27.92 -77.50 1.12
N THR K 83 29.18 -77.65 1.47
CA THR K 83 29.95 -78.81 1.07
C THR K 83 29.79 -79.94 2.09
N SER K 84 30.02 -81.16 1.62
CA SER K 84 30.01 -82.35 2.47
C SER K 84 28.80 -82.36 3.39
N VAL K 85 27.62 -82.32 2.78
CA VAL K 85 26.40 -82.40 3.57
C VAL K 85 26.46 -83.67 4.41
N THR K 86 25.82 -83.63 5.57
CA THR K 86 25.61 -84.83 6.38
C THR K 86 24.11 -85.01 6.53
N ALA K 87 23.67 -86.24 6.78
CA ALA K 87 22.23 -86.42 6.88
C ALA K 87 21.66 -85.82 8.16
N ALA K 88 22.49 -85.60 9.18
CA ALA K 88 22.06 -84.77 10.29
C ALA K 88 21.63 -83.35 9.97
N ASP K 89 22.36 -82.67 9.06
CA ASP K 89 21.87 -81.40 8.52
C ASP K 89 20.83 -81.91 7.51
N THR K 90 19.59 -81.97 7.96
CA THR K 90 18.46 -82.40 7.14
C THR K 90 17.42 -81.57 7.88
N ALA K 91 16.91 -80.52 7.24
CA ALA K 91 16.09 -79.56 7.97
C ALA K 91 15.35 -78.65 7.01
N VAL K 92 14.53 -77.77 7.58
CA VAL K 92 13.94 -76.66 6.85
C VAL K 92 14.95 -75.53 6.80
N TYR K 93 15.06 -74.87 5.65
CA TYR K 93 15.86 -73.68 5.51
C TYR K 93 14.94 -72.47 5.33
N TYR K 94 15.39 -71.34 5.87
CA TYR K 94 14.71 -70.06 5.74
C TYR K 94 15.74 -69.01 5.36
N CYS K 95 15.38 -68.10 4.45
CA CYS K 95 16.19 -66.95 4.11
C CYS K 95 15.48 -65.68 4.57
N ALA K 96 16.25 -64.76 5.13
CA ALA K 96 15.71 -63.53 5.70
C ALA K 96 16.54 -62.34 5.24
N ARG K 97 15.92 -61.17 5.27
CA ARG K 97 16.60 -59.93 4.92
C ARG K 97 17.04 -59.21 6.19
N GLU K 98 18.31 -58.83 6.25
CA GLU K 98 18.80 -58.02 7.35
C GLU K 98 18.49 -56.56 7.06
N GLU K 99 17.57 -55.98 7.84
CA GLU K 99 17.15 -54.57 7.62
C GLU K 99 18.30 -53.64 8.01
N HIS K 100 18.11 -52.32 7.82
CA HIS K 100 19.20 -51.35 8.10
C HIS K 100 19.26 -51.03 9.60
N ILE K 101 20.10 -50.04 9.96
CA ILE K 101 20.25 -49.65 11.35
C ILE K 101 18.96 -48.97 11.80
N THR K 102 18.43 -49.40 12.94
CA THR K 102 17.38 -48.69 13.64
C THR K 102 17.86 -48.45 15.07
N PHE K 103 17.02 -47.78 15.88
CA PHE K 103 17.42 -47.50 17.25
C PHE K 103 17.53 -48.77 18.10
N GLY K 104 16.89 -49.86 17.69
CA GLY K 104 16.92 -51.08 18.46
C GLY K 104 17.84 -52.14 17.87
N GLY K 105 18.93 -51.69 17.26
CA GLY K 105 19.81 -52.58 16.56
C GLY K 105 19.22 -53.04 15.24
N VAL K 106 19.88 -54.02 14.66
CA VAL K 106 19.48 -54.50 13.34
C VAL K 106 18.34 -55.49 13.47
N ILE K 107 17.40 -55.44 12.53
CA ILE K 107 16.16 -56.20 12.58
C ILE K 107 16.10 -57.12 11.36
N VAL K 108 15.44 -58.27 11.53
CA VAL K 108 15.09 -59.12 10.40
C VAL K 108 13.57 -59.22 10.30
N ARG K 109 12.96 -58.21 9.67
CA ARG K 109 11.48 -58.18 9.56
C ARG K 109 11.00 -59.16 8.50
N TYR K 110 11.73 -59.27 7.37
CA TYR K 110 11.25 -60.13 6.26
C TYR K 110 11.73 -61.57 6.43
N TRP K 111 10.97 -62.54 5.93
CA TRP K 111 11.28 -63.94 6.12
C TRP K 111 10.88 -64.73 4.88
N GLY K 112 11.67 -65.76 4.57
CA GLY K 112 11.33 -66.64 3.48
C GLY K 112 10.23 -67.60 3.88
N GLN K 113 9.90 -68.49 2.94
CA GLN K 113 8.80 -69.41 3.12
C GLN K 113 9.23 -70.74 3.73
N GLY K 114 10.52 -71.05 3.73
CA GLY K 114 10.98 -72.32 4.25
C GLY K 114 10.92 -73.41 3.20
N THR K 115 12.04 -74.07 2.95
CA THR K 115 12.04 -75.24 2.07
C THR K 115 12.72 -76.40 2.79
N LEU K 116 12.11 -77.57 2.70
CA LEU K 116 12.70 -78.77 3.27
C LEU K 116 13.84 -79.27 2.39
N VAL K 117 15.01 -79.44 2.99
CA VAL K 117 16.12 -80.14 2.37
C VAL K 117 16.39 -81.36 3.23
N THR K 118 16.15 -82.54 2.66
CA THR K 118 16.42 -83.81 3.31
C THR K 118 17.55 -84.51 2.57
N VAL K 119 18.47 -85.09 3.33
CA VAL K 119 19.69 -85.65 2.79
C VAL K 119 19.58 -87.18 2.89
N SER K 120 19.33 -87.83 1.77
CA SER K 120 19.08 -89.27 1.74
C SER K 120 19.61 -89.92 0.48
N SER K 121 20.03 -91.18 0.54
CA SER K 121 20.40 -91.93 -0.66
C SER K 121 19.23 -92.46 -1.50
N ALA K 122 17.99 -92.20 -1.10
CA ALA K 122 16.84 -92.62 -1.87
C ALA K 122 16.47 -91.64 -2.99
N SER K 123 15.45 -92.01 -3.77
CA SER K 123 15.16 -91.36 -5.04
C SER K 123 13.97 -90.41 -4.90
N THR K 124 13.52 -89.88 -6.05
CA THR K 124 12.38 -88.97 -6.14
C THR K 124 11.19 -89.80 -6.59
N LYS K 125 10.51 -90.44 -5.64
CA LYS K 125 9.39 -91.31 -5.94
C LYS K 125 8.09 -90.52 -5.88
N GLY K 126 7.38 -90.49 -7.01
CA GLY K 126 6.17 -89.71 -7.14
C GLY K 126 5.02 -90.21 -6.30
N PRO K 127 4.08 -89.33 -6.01
CA PRO K 127 2.94 -89.70 -5.17
C PRO K 127 1.87 -90.45 -5.95
N SER K 128 1.13 -91.29 -5.21
CA SER K 128 -0.07 -91.93 -5.72
C SER K 128 -1.27 -91.30 -5.01
N VAL K 129 -2.24 -90.83 -5.80
CA VAL K 129 -3.38 -90.09 -5.29
C VAL K 129 -4.62 -90.96 -5.42
N PHE K 130 -5.40 -91.05 -4.34
CA PHE K 130 -6.62 -91.86 -4.33
C PHE K 130 -7.73 -91.13 -3.59
N PRO K 131 -8.92 -91.03 -4.16
CA PRO K 131 -9.97 -90.18 -3.58
C PRO K 131 -10.66 -90.85 -2.41
N LEU K 132 -11.02 -90.05 -1.41
CA LEU K 132 -11.79 -90.46 -0.24
C LEU K 132 -13.23 -90.03 -0.44
N ALA K 133 -14.04 -90.96 -0.97
CA ALA K 133 -15.44 -90.74 -1.21
C ALA K 133 -16.19 -90.55 0.10
N PRO K 134 -17.36 -89.91 0.06
CA PRO K 134 -18.14 -89.75 1.29
C PRO K 134 -18.97 -90.99 1.57
N SER K 135 -19.88 -90.86 2.52
CA SER K 135 -20.73 -91.96 2.95
C SER K 135 -22.15 -91.68 2.50
N SER K 136 -22.60 -92.36 1.44
CA SER K 136 -24.01 -92.32 1.09
C SER K 136 -24.85 -92.93 2.19
N LYS K 137 -24.32 -93.95 2.87
CA LYS K 137 -25.03 -94.58 3.98
C LYS K 137 -25.06 -93.69 5.21
N SER K 138 -24.21 -92.68 5.30
CA SER K 138 -24.35 -91.73 6.38
C SER K 138 -25.58 -90.84 6.19
N THR K 139 -25.81 -89.99 7.19
CA THR K 139 -27.05 -89.20 7.24
C THR K 139 -27.32 -88.44 5.95
N SER K 140 -26.25 -88.15 5.19
CA SER K 140 -26.41 -87.33 3.96
C SER K 140 -27.08 -86.01 4.34
N GLY K 141 -26.94 -85.59 5.60
CA GLY K 141 -27.54 -84.33 6.07
C GLY K 141 -26.49 -83.40 6.64
N GLY K 142 -26.26 -82.26 5.99
CA GLY K 142 -25.27 -81.28 6.48
C GLY K 142 -23.86 -81.84 6.52
N THR K 143 -23.36 -82.19 7.70
CA THR K 143 -21.96 -82.67 7.83
C THR K 143 -21.65 -83.71 6.75
N ALA K 144 -20.65 -83.45 5.91
CA ALA K 144 -20.23 -84.43 4.88
C ALA K 144 -18.71 -84.30 4.70
N ALA K 145 -17.98 -85.42 4.83
CA ALA K 145 -16.50 -85.35 4.76
C ALA K 145 -16.00 -85.88 3.42
N LEU K 146 -15.02 -85.19 2.82
CA LEU K 146 -14.45 -85.59 1.53
C LEU K 146 -12.94 -85.57 1.65
N GLY K 147 -12.26 -86.40 0.87
CA GLY K 147 -10.82 -86.39 1.08
C GLY K 147 -9.98 -86.86 -0.08
N CYS K 148 -8.67 -86.86 0.16
CA CYS K 148 -7.67 -87.24 -0.82
C CYS K 148 -6.49 -87.87 -0.08
N LEU K 149 -6.01 -89.02 -0.57
CA LEU K 149 -4.89 -89.71 0.03
C LEU K 149 -3.71 -89.70 -0.93
N VAL K 150 -2.59 -89.16 -0.47
CA VAL K 150 -1.32 -89.19 -1.18
C VAL K 150 -0.49 -90.23 -0.45
N LYS K 151 -0.63 -91.50 -0.87
CA LYS K 151 -0.28 -92.62 0.00
C LYS K 151 1.22 -92.92 0.03
N ASP K 152 1.95 -92.62 -1.05
CA ASP K 152 3.35 -93.03 -1.11
C ASP K 152 4.17 -91.99 -1.87
N TYR K 153 5.12 -91.37 -1.18
CA TYR K 153 6.03 -90.37 -1.81
C TYR K 153 7.22 -90.19 -0.88
N PHE K 154 8.41 -89.91 -1.43
CA PHE K 154 9.60 -89.86 -0.54
C PHE K 154 10.30 -88.64 0.09
N PRO K 155 10.46 -87.50 -0.62
CA PRO K 155 11.15 -86.37 0.01
C PRO K 155 9.86 -85.83 0.61
N GLU K 156 9.93 -85.18 1.78
CA GLU K 156 8.68 -84.77 2.48
C GLU K 156 7.86 -83.67 1.81
N PRO K 157 8.43 -82.56 1.29
CA PRO K 157 7.61 -81.45 0.77
C PRO K 157 6.51 -81.86 -0.19
N VAL K 158 5.25 -81.58 0.17
CA VAL K 158 4.09 -81.82 -0.69
C VAL K 158 3.08 -80.72 -0.47
N THR K 159 2.53 -80.17 -1.55
CA THR K 159 1.47 -79.17 -1.47
C THR K 159 0.12 -79.77 -1.84
N VAL K 160 -0.90 -79.39 -1.08
CA VAL K 160 -2.28 -79.85 -1.26
C VAL K 160 -3.18 -78.62 -1.33
N SER K 161 -4.05 -78.58 -2.34
CA SER K 161 -5.05 -77.53 -2.47
C SER K 161 -6.37 -78.15 -2.88
N TRP K 162 -7.44 -77.36 -2.75
CA TRP K 162 -8.79 -77.84 -3.03
C TRP K 162 -9.48 -76.87 -3.98
N ASN K 163 -9.96 -77.39 -5.11
CA ASN K 163 -10.49 -76.56 -6.20
C ASN K 163 -9.50 -75.46 -6.58
N SER K 164 -8.20 -75.77 -6.49
CA SER K 164 -7.12 -74.82 -6.75
C SER K 164 -7.23 -73.57 -5.87
N GLY K 165 -7.51 -73.78 -4.59
CA GLY K 165 -7.52 -72.72 -3.60
C GLY K 165 -8.88 -72.17 -3.24
N ALA K 166 -9.92 -72.49 -4.02
CA ALA K 166 -11.25 -71.92 -3.76
C ALA K 166 -11.82 -72.41 -2.44
N LEU K 167 -11.82 -73.73 -2.23
CA LEU K 167 -12.32 -74.29 -0.98
C LEU K 167 -11.37 -73.93 0.16
N THR K 168 -11.84 -73.06 1.06
CA THR K 168 -10.97 -72.38 2.01
C THR K 168 -11.30 -72.67 3.48
N SER K 169 -12.39 -73.36 3.77
CA SER K 169 -12.84 -73.54 5.15
C SER K 169 -13.06 -75.02 5.44
N GLY K 170 -12.84 -75.38 6.70
CA GLY K 170 -13.03 -76.76 7.13
C GLY K 170 -12.07 -77.75 6.53
N VAL K 171 -10.85 -77.33 6.22
CA VAL K 171 -9.85 -78.17 5.58
C VAL K 171 -8.82 -78.60 6.62
N HIS K 172 -8.49 -79.91 6.64
CA HIS K 172 -7.53 -80.46 7.60
C HIS K 172 -6.52 -81.32 6.83
N THR K 173 -5.60 -80.67 6.12
CA THR K 173 -4.48 -81.38 5.51
C THR K 173 -3.59 -81.91 6.63
N PHE K 174 -3.68 -83.21 6.89
CA PHE K 174 -3.05 -83.83 8.05
C PHE K 174 -1.54 -83.82 7.91
N PRO K 175 -0.82 -84.15 8.98
CA PRO K 175 0.64 -84.32 8.85
C PRO K 175 0.98 -85.57 8.06
N ALA K 176 2.18 -85.55 7.46
CA ALA K 176 2.67 -86.72 6.77
C ALA K 176 3.09 -87.79 7.78
N VAL K 177 2.77 -89.05 7.48
CA VAL K 177 3.10 -90.18 8.33
C VAL K 177 4.01 -91.11 7.56
N LEU K 178 5.17 -91.42 8.13
CA LEU K 178 6.08 -92.38 7.53
C LEU K 178 5.53 -93.79 7.70
N GLN K 179 5.46 -94.52 6.59
CA GLN K 179 5.01 -95.91 6.63
C GLN K 179 6.23 -96.84 6.74
N SER K 180 5.95 -98.08 7.14
CA SER K 180 7.01 -99.07 7.26
C SER K 180 7.75 -99.28 5.95
N SER K 181 7.11 -98.97 4.81
CA SER K 181 7.76 -99.07 3.52
C SER K 181 8.81 -98.00 3.28
N GLY K 182 8.96 -97.04 4.19
CA GLY K 182 9.84 -95.91 3.95
C GLY K 182 9.23 -94.81 3.12
N LEU K 183 7.93 -94.89 2.85
CA LEU K 183 7.20 -93.87 2.10
C LEU K 183 6.25 -93.14 3.04
N TYR K 184 5.73 -92.01 2.57
CA TYR K 184 4.88 -91.15 3.37
C TYR K 184 3.45 -91.18 2.87
N SER K 185 2.52 -91.41 3.77
CA SER K 185 1.09 -91.27 3.50
C SER K 185 0.63 -89.92 4.02
N LEU K 186 -0.26 -89.27 3.26
CA LEU K 186 -0.69 -87.91 3.56
C LEU K 186 -2.16 -87.78 3.23
N SER K 187 -3.00 -87.71 4.26
CA SER K 187 -4.42 -87.51 4.07
C SER K 187 -4.76 -86.02 4.10
N SER K 188 -5.77 -85.65 3.30
CA SER K 188 -6.29 -84.29 3.33
C SER K 188 -7.81 -84.37 3.26
N VAL K 189 -8.49 -83.62 4.12
CA VAL K 189 -9.93 -83.75 4.30
C VAL K 189 -10.57 -82.38 4.30
N VAL K 190 -11.81 -82.31 3.81
CA VAL K 190 -12.63 -81.10 3.85
C VAL K 190 -14.04 -81.48 4.32
N THR K 191 -14.59 -80.69 5.24
CA THR K 191 -15.98 -80.82 5.65
C THR K 191 -16.85 -79.84 4.86
N VAL K 192 -17.99 -80.33 4.40
CA VAL K 192 -18.83 -79.65 3.42
C VAL K 192 -20.30 -79.94 3.73
N PRO K 193 -21.22 -79.03 3.47
CA PRO K 193 -22.65 -79.37 3.52
C PRO K 193 -22.99 -80.47 2.53
N SER K 194 -23.88 -81.37 2.94
CA SER K 194 -24.27 -82.48 2.06
C SER K 194 -25.22 -82.05 0.95
N SER K 195 -25.88 -80.89 1.10
CA SER K 195 -26.71 -80.40 0.03
C SER K 195 -25.91 -80.17 -1.24
N SER K 196 -24.75 -79.51 -1.11
CA SER K 196 -23.89 -79.19 -2.24
C SER K 196 -23.10 -80.39 -2.76
N LEU K 197 -23.28 -81.58 -2.20
CA LEU K 197 -22.57 -82.76 -2.70
C LEU K 197 -22.95 -83.09 -4.14
N GLY K 198 -24.01 -82.51 -4.67
CA GLY K 198 -24.38 -82.75 -6.05
C GLY K 198 -24.02 -81.61 -6.98
N THR K 199 -24.52 -80.41 -6.66
CA THR K 199 -24.32 -79.26 -7.54
C THR K 199 -22.85 -78.85 -7.63
N GLN K 200 -22.10 -79.03 -6.55
CA GLN K 200 -20.70 -78.62 -6.52
C GLN K 200 -19.79 -79.80 -6.80
N THR K 201 -18.67 -79.53 -7.47
CA THR K 201 -17.63 -80.51 -7.72
C THR K 201 -16.38 -80.14 -6.95
N TYR K 202 -15.74 -81.14 -6.33
CA TYR K 202 -14.62 -80.93 -5.42
C TYR K 202 -13.40 -81.66 -5.97
N ILE K 203 -12.32 -80.92 -6.20
CA ILE K 203 -11.11 -81.45 -6.80
C ILE K 203 -9.94 -81.15 -5.87
N CYS K 204 -9.11 -82.16 -5.63
CA CYS K 204 -7.87 -81.98 -4.87
C CYS K 204 -6.70 -81.90 -5.83
N ASN K 205 -5.90 -80.84 -5.70
CA ASN K 205 -4.73 -80.59 -6.52
C ASN K 205 -3.50 -80.83 -5.65
N VAL K 206 -2.71 -81.84 -6.00
CA VAL K 206 -1.56 -82.25 -5.20
C VAL K 206 -0.31 -82.08 -6.05
N ASN K 207 0.65 -81.32 -5.53
CA ASN K 207 1.92 -81.06 -6.22
C ASN K 207 3.07 -81.49 -5.31
N HIS K 208 3.71 -82.59 -5.68
CA HIS K 208 4.93 -83.06 -5.04
C HIS K 208 6.09 -82.45 -5.84
N LYS K 209 6.85 -81.54 -5.21
CA LYS K 209 7.78 -80.72 -5.98
C LYS K 209 8.95 -81.49 -6.58
N PRO K 210 9.75 -82.22 -5.79
CA PRO K 210 10.96 -82.82 -6.40
C PRO K 210 10.68 -83.99 -7.33
N SER K 211 9.60 -84.74 -7.13
CA SER K 211 9.16 -85.64 -8.19
C SER K 211 8.54 -84.86 -9.35
N ASN K 212 8.25 -83.58 -9.14
CA ASN K 212 7.66 -82.71 -10.16
C ASN K 212 6.34 -83.28 -10.67
N THR K 213 5.48 -83.65 -9.73
CA THR K 213 4.21 -84.30 -10.04
C THR K 213 3.07 -83.39 -9.61
N LYS K 214 2.08 -83.23 -10.50
CA LYS K 214 0.93 -82.35 -10.24
C LYS K 214 -0.34 -83.13 -10.57
N VAL K 215 -0.71 -84.06 -9.69
CA VAL K 215 -1.87 -84.91 -9.93
C VAL K 215 -3.08 -84.27 -9.26
N ASP K 216 -4.20 -84.22 -9.99
CA ASP K 216 -5.42 -83.62 -9.50
C ASP K 216 -6.53 -84.63 -9.67
N LYS K 217 -7.33 -84.84 -8.63
CA LYS K 217 -8.38 -85.85 -8.71
C LYS K 217 -9.74 -85.48 -8.13
N ARG K 218 -10.78 -86.03 -8.76
CA ARG K 218 -12.14 -85.89 -8.27
C ARG K 218 -12.50 -86.65 -7.02
N VAL K 219 -13.57 -86.24 -6.35
CA VAL K 219 -14.06 -86.90 -5.15
C VAL K 219 -15.57 -86.89 -5.28
N GLU K 220 -16.16 -88.05 -5.60
CA GLU K 220 -17.59 -88.13 -5.87
C GLU K 220 -18.26 -89.13 -4.93
N PRO K 221 -19.56 -88.97 -4.64
CA PRO K 221 -20.25 -89.83 -3.68
C PRO K 221 -20.38 -91.29 -4.12
N ALA L 334 -33.84 19.71 -17.08
CA ALA L 334 -33.97 19.49 -15.65
C ALA L 334 -35.37 18.98 -15.30
N GLY L 335 -35.94 19.50 -14.23
CA GLY L 335 -37.22 19.01 -13.74
C GLY L 335 -38.34 19.40 -14.68
N PHE L 336 -39.15 18.41 -15.09
CA PHE L 336 -40.31 18.65 -15.95
C PHE L 336 -41.21 17.41 -15.87
N ILE L 337 -42.34 17.57 -15.18
CA ILE L 337 -43.32 16.49 -15.12
C ILE L 337 -43.77 16.18 -16.54
N GLU L 338 -43.86 14.89 -16.85
CA GLU L 338 -43.75 14.46 -18.24
C GLU L 338 -45.08 14.37 -18.97
N GLY L 339 -46.16 14.92 -18.44
CA GLY L 339 -47.41 14.87 -19.17
C GLY L 339 -47.47 15.94 -20.25
N GLY L 340 -47.59 15.52 -21.51
CA GLY L 340 -47.74 16.43 -22.62
C GLY L 340 -49.17 16.47 -23.13
N TRP L 341 -49.61 17.65 -23.59
CA TRP L 341 -51.01 17.87 -23.94
C TRP L 341 -51.17 17.95 -25.45
N THR L 342 -51.63 16.84 -26.04
CA THR L 342 -52.00 16.85 -27.45
C THR L 342 -53.19 17.77 -27.70
N GLY L 343 -54.07 17.93 -26.72
CA GLY L 343 -55.25 18.75 -26.89
C GLY L 343 -54.97 20.23 -26.99
N MET L 344 -53.83 20.69 -26.51
CA MET L 344 -53.45 22.10 -26.58
C MET L 344 -52.75 22.34 -27.91
N VAL L 345 -53.41 23.06 -28.82
CA VAL L 345 -52.95 23.22 -30.19
C VAL L 345 -52.70 24.67 -30.54
N ASP L 346 -52.70 25.57 -29.56
CA ASP L 346 -52.59 27.00 -29.83
C ASP L 346 -51.34 27.63 -29.20
N GLY L 347 -50.38 26.82 -28.77
CA GLY L 347 -49.14 27.37 -28.26
C GLY L 347 -48.28 26.31 -27.61
N TRP L 348 -47.03 26.70 -27.37
CA TRP L 348 -46.08 25.78 -26.74
C TRP L 348 -46.44 25.52 -25.28
N TYR L 349 -46.85 26.57 -24.56
CA TYR L 349 -47.05 26.51 -23.13
C TYR L 349 -48.44 27.04 -22.80
N GLY L 350 -49.07 26.47 -21.79
CA GLY L 350 -50.39 26.95 -21.43
C GLY L 350 -50.92 26.28 -20.18
N TYR L 351 -52.21 26.49 -19.97
CA TYR L 351 -52.93 26.04 -18.80
C TYR L 351 -54.04 25.09 -19.22
N HIS L 352 -54.44 24.23 -18.30
CA HIS L 352 -55.66 23.44 -18.41
C HIS L 352 -56.55 23.81 -17.23
N HIS L 353 -57.57 24.63 -17.48
CA HIS L 353 -58.42 25.11 -16.40
C HIS L 353 -59.63 24.19 -16.24
N GLN L 354 -60.07 24.02 -15.00
CA GLN L 354 -61.21 23.18 -14.64
C GLN L 354 -61.94 23.86 -13.50
N ASN L 355 -63.12 24.41 -13.79
CA ASN L 355 -63.94 25.07 -12.78
C ASN L 355 -65.39 24.69 -13.03
N GLU L 356 -66.30 25.31 -12.27
CA GLU L 356 -67.72 25.01 -12.41
C GLU L 356 -68.21 25.26 -13.83
N GLN L 357 -67.65 26.25 -14.52
CA GLN L 357 -68.05 26.57 -15.88
C GLN L 357 -67.42 25.67 -16.92
N GLY L 358 -66.71 24.61 -16.52
CA GLY L 358 -66.17 23.64 -17.44
C GLY L 358 -64.65 23.62 -17.41
N SER L 359 -64.08 22.95 -18.40
CA SER L 359 -62.64 22.75 -18.49
C SER L 359 -62.17 23.00 -19.91
N GLY L 360 -60.89 23.30 -20.05
CA GLY L 360 -60.34 23.56 -21.36
C GLY L 360 -58.87 23.91 -21.32
N TYR L 361 -58.24 23.79 -22.48
CA TYR L 361 -56.85 24.17 -22.70
C TYR L 361 -56.77 25.62 -23.17
N ALA L 362 -55.70 26.31 -22.77
CA ALA L 362 -55.52 27.70 -23.18
C ALA L 362 -54.03 28.03 -23.09
N ALA L 363 -53.40 28.31 -24.22
CA ALA L 363 -51.96 28.53 -24.25
C ALA L 363 -51.60 29.90 -23.70
N ASP L 364 -50.48 29.96 -22.97
CA ASP L 364 -49.93 31.22 -22.49
C ASP L 364 -49.22 31.90 -23.65
N LEU L 365 -49.86 32.90 -24.24
CA LEU L 365 -49.31 33.55 -25.41
C LEU L 365 -48.03 34.30 -25.10
N LYS L 366 -47.84 34.73 -23.84
CA LYS L 366 -46.68 35.54 -23.49
C LYS L 366 -45.39 34.72 -23.51
N SER L 367 -45.34 33.65 -22.72
CA SER L 367 -44.12 32.85 -22.64
C SER L 367 -43.87 32.10 -23.95
N THR L 368 -44.93 31.57 -24.56
CA THR L 368 -44.80 30.96 -25.88
C THR L 368 -44.27 31.95 -26.91
N GLN L 369 -44.75 33.20 -26.85
CA GLN L 369 -44.30 34.23 -27.78
C GLN L 369 -42.81 34.51 -27.60
N ASN L 370 -42.38 34.68 -26.34
CA ASN L 370 -40.96 34.87 -26.06
C ASN L 370 -40.14 33.70 -26.56
N ALA L 371 -40.62 32.47 -26.34
CA ALA L 371 -39.89 31.29 -26.78
C ALA L 371 -39.74 31.26 -28.29
N ILE L 372 -40.81 31.60 -29.03
CA ILE L 372 -40.73 31.56 -30.48
C ILE L 372 -39.77 32.64 -30.98
N ASP L 373 -39.86 33.85 -30.44
CA ASP L 373 -38.91 34.90 -30.81
C ASP L 373 -37.48 34.44 -30.60
N GLY L 374 -37.19 33.93 -29.40
CA GLY L 374 -35.82 33.51 -29.09
C GLY L 374 -35.32 32.41 -30.01
N ILE L 375 -36.13 31.36 -30.20
CA ILE L 375 -35.68 30.23 -31.00
C ILE L 375 -35.55 30.61 -32.46
N THR L 376 -36.46 31.45 -32.97
CA THR L 376 -36.34 31.93 -34.34
C THR L 376 -35.05 32.70 -34.55
N ASN L 377 -34.78 33.67 -33.67
CA ASN L 377 -33.54 34.43 -33.79
C ASN L 377 -32.31 33.53 -33.66
N LYS L 378 -32.39 32.54 -32.77
CA LYS L 378 -31.27 31.61 -32.57
C LYS L 378 -30.99 30.80 -33.81
N VAL L 379 -32.03 30.17 -34.37
CA VAL L 379 -31.87 29.37 -35.59
C VAL L 379 -31.32 30.22 -36.71
N ASN L 380 -31.92 31.40 -36.93
CA ASN L 380 -31.47 32.25 -38.02
C ASN L 380 -30.03 32.70 -37.84
N SER L 381 -29.65 33.09 -36.61
CA SER L 381 -28.27 33.51 -36.36
C SER L 381 -27.31 32.36 -36.62
N VAL L 382 -27.61 31.17 -36.11
CA VAL L 382 -26.70 30.04 -36.25
C VAL L 382 -26.52 29.66 -37.72
N ILE L 383 -27.60 29.67 -38.49
CA ILE L 383 -27.48 29.27 -39.89
C ILE L 383 -26.85 30.38 -40.74
N GLU L 384 -27.12 31.65 -40.44
CA GLU L 384 -26.69 32.75 -41.28
C GLU L 384 -25.26 33.19 -41.04
N LYS L 385 -24.68 32.87 -39.88
CA LYS L 385 -23.24 33.00 -39.72
C LYS L 385 -22.51 32.04 -40.65
N MET L 386 -23.21 31.02 -41.15
CA MET L 386 -22.69 30.07 -42.13
C MET L 386 -23.06 30.56 -43.53
N ASN L 387 -22.19 31.39 -44.12
CA ASN L 387 -22.42 31.85 -45.48
C ASN L 387 -21.09 32.38 -46.01
N THR L 388 -20.36 31.54 -46.73
CA THR L 388 -19.04 31.87 -47.26
C THR L 388 -19.11 32.08 -48.76
N GLN L 389 -17.94 32.21 -49.37
CA GLN L 389 -17.80 32.74 -50.72
C GLN L 389 -17.96 31.65 -51.78
N PHE L 390 -18.33 32.11 -52.99
CA PHE L 390 -18.44 31.21 -54.13
C PHE L 390 -17.06 30.65 -54.49
N THR L 391 -17.01 29.37 -54.82
CA THR L 391 -15.73 28.70 -55.05
C THR L 391 -15.89 27.52 -55.99
N ALA L 392 -14.98 27.43 -56.96
CA ALA L 392 -14.74 26.19 -57.70
C ALA L 392 -13.68 25.41 -56.92
N VAL L 393 -14.09 24.28 -56.33
CA VAL L 393 -13.31 23.65 -55.27
C VAL L 393 -11.99 23.11 -55.82
N GLY L 394 -12.06 22.13 -56.71
CA GLY L 394 -10.88 21.38 -57.07
C GLY L 394 -9.89 22.15 -57.91
N LYS L 395 -8.65 21.66 -57.89
CA LYS L 395 -7.57 22.17 -58.72
C LYS L 395 -6.85 20.99 -59.36
N GLU L 396 -6.09 21.27 -60.42
CA GLU L 396 -5.41 20.23 -61.19
C GLU L 396 -3.96 20.63 -61.41
N PHE L 397 -3.04 19.73 -61.04
CA PHE L 397 -1.61 20.05 -61.08
C PHE L 397 -0.85 18.98 -61.85
N ASN L 398 0.10 19.42 -62.67
CA ASN L 398 0.75 18.56 -63.65
C ASN L 398 1.77 17.63 -62.99
N HIS L 399 2.59 16.97 -63.81
CA HIS L 399 3.50 15.93 -63.31
C HIS L 399 4.71 16.50 -62.60
N LEU L 400 5.04 17.77 -62.80
CA LEU L 400 6.09 18.44 -62.04
C LEU L 400 5.51 19.26 -60.88
N GLU L 401 4.28 18.96 -60.48
CA GLU L 401 3.57 19.73 -59.46
C GLU L 401 2.75 18.80 -58.57
N LYS L 402 3.31 17.62 -58.27
CA LYS L 402 2.62 16.64 -57.45
C LYS L 402 2.40 17.14 -56.02
N ARG L 403 3.39 17.86 -55.49
CA ARG L 403 3.38 18.24 -54.07
C ARG L 403 2.33 19.31 -53.79
N ILE L 404 2.25 20.33 -54.64
CA ILE L 404 1.18 21.32 -54.51
C ILE L 404 -0.18 20.72 -54.82
N GLU L 405 -0.22 19.69 -55.66
CA GLU L 405 -1.47 18.97 -55.89
C GLU L 405 -1.98 18.34 -54.60
N ASN L 406 -1.09 17.62 -53.91
CA ASN L 406 -1.47 17.02 -52.63
C ASN L 406 -1.79 18.10 -51.60
N LEU L 407 -1.07 19.22 -51.63
CA LEU L 407 -1.36 20.31 -50.69
C LEU L 407 -2.75 20.89 -50.93
N ASN L 408 -3.12 21.09 -52.20
CA ASN L 408 -4.45 21.64 -52.50
C ASN L 408 -5.54 20.68 -52.10
N LYS L 409 -5.35 19.38 -52.33
CA LYS L 409 -6.35 18.41 -51.88
C LYS L 409 -6.46 18.41 -50.36
N LYS L 410 -5.32 18.48 -49.67
CA LYS L 410 -5.34 18.58 -48.21
C LYS L 410 -6.08 19.82 -47.75
N VAL L 411 -5.92 20.93 -48.46
CA VAL L 411 -6.60 22.17 -48.10
C VAL L 411 -8.11 22.02 -48.26
N ASP L 412 -8.53 21.54 -49.43
CA ASP L 412 -9.96 21.30 -49.68
C ASP L 412 -10.55 20.43 -48.58
N ASP L 413 -9.91 19.31 -48.29
CA ASP L 413 -10.46 18.35 -47.35
C ASP L 413 -10.40 18.87 -45.91
N GLY L 414 -9.39 19.67 -45.58
CA GLY L 414 -9.34 20.25 -44.24
C GLY L 414 -10.43 21.26 -44.01
N PHE L 415 -10.69 22.12 -44.99
CA PHE L 415 -11.83 23.03 -44.89
C PHE L 415 -13.13 22.24 -44.80
N LEU L 416 -13.26 21.16 -45.58
CA LEU L 416 -14.42 20.30 -45.49
C LEU L 416 -14.63 19.80 -44.06
N ASP L 417 -13.58 19.21 -43.48
CA ASP L 417 -13.62 18.74 -42.09
C ASP L 417 -14.04 19.86 -41.14
N ILE L 418 -13.44 21.03 -41.29
CA ILE L 418 -13.66 22.10 -40.32
C ILE L 418 -15.10 22.57 -40.35
N TRP L 419 -15.65 22.81 -41.56
CA TRP L 419 -17.02 23.29 -41.64
C TRP L 419 -18.00 22.21 -41.19
N THR L 420 -17.76 20.95 -41.57
CA THR L 420 -18.62 19.85 -41.11
C THR L 420 -18.62 19.75 -39.58
N TYR L 421 -17.43 19.84 -38.99
CA TYR L 421 -17.27 19.75 -37.55
C TYR L 421 -18.02 20.86 -36.83
N ASN L 422 -17.80 22.11 -37.26
CA ASN L 422 -18.54 23.23 -36.69
C ASN L 422 -20.04 23.00 -36.81
N ALA L 423 -20.50 22.59 -37.99
CA ALA L 423 -21.92 22.40 -38.21
C ALA L 423 -22.52 21.41 -37.21
N GLU L 424 -21.98 20.20 -37.16
CA GLU L 424 -22.57 19.17 -36.29
C GLU L 424 -22.43 19.51 -34.82
N LEU L 425 -21.28 20.03 -34.39
CA LEU L 425 -21.17 20.42 -32.97
C LEU L 425 -22.21 21.46 -32.61
N LEU L 426 -22.35 22.51 -33.43
CA LEU L 426 -23.33 23.53 -33.11
C LEU L 426 -24.75 22.97 -33.11
N VAL L 427 -25.06 22.08 -34.04
CA VAL L 427 -26.40 21.49 -34.09
C VAL L 427 -26.68 20.70 -32.82
N LEU L 428 -25.76 19.81 -32.42
CA LEU L 428 -25.97 19.00 -31.23
C LEU L 428 -26.11 19.88 -29.99
N LEU L 429 -25.12 20.75 -29.77
CA LEU L 429 -25.12 21.61 -28.59
C LEU L 429 -26.35 22.50 -28.54
N GLU L 430 -26.81 22.99 -29.69
CA GLU L 430 -27.91 23.93 -29.68
C GLU L 430 -29.26 23.24 -29.59
N ASN L 431 -29.37 22.00 -30.07
CA ASN L 431 -30.57 21.21 -29.76
C ASN L 431 -30.66 20.94 -28.27
N GLU L 432 -29.53 20.55 -27.66
CA GLU L 432 -29.44 20.43 -26.22
C GLU L 432 -29.95 21.70 -25.53
N ARG L 433 -29.35 22.84 -25.88
CA ARG L 433 -29.69 24.10 -25.23
C ARG L 433 -31.11 24.54 -25.53
N THR L 434 -31.66 24.17 -26.69
CA THR L 434 -33.04 24.50 -27.00
C THR L 434 -34.00 23.75 -26.08
N LEU L 435 -33.80 22.44 -25.94
CA LEU L 435 -34.63 21.68 -25.00
C LEU L 435 -34.49 22.24 -23.58
N ASP L 436 -33.27 22.65 -23.21
CA ASP L 436 -33.07 23.20 -21.87
C ASP L 436 -33.79 24.53 -21.68
N TYR L 437 -33.69 25.43 -22.66
CA TYR L 437 -34.43 26.69 -22.65
C TYR L 437 -35.92 26.44 -22.49
N HIS L 438 -36.44 25.44 -23.20
CA HIS L 438 -37.84 25.11 -23.08
C HIS L 438 -38.21 24.66 -21.66
N ASP L 439 -37.38 23.77 -21.09
CA ASP L 439 -37.59 23.34 -19.71
C ASP L 439 -37.61 24.52 -18.75
N SER L 440 -36.73 25.49 -18.97
CA SER L 440 -36.66 26.65 -18.09
C SER L 440 -37.93 27.51 -18.22
N ASN L 441 -38.45 27.65 -19.44
CA ASN L 441 -39.72 28.36 -19.60
C ASN L 441 -40.84 27.65 -18.84
N VAL L 442 -40.86 26.32 -18.90
CA VAL L 442 -41.83 25.55 -18.10
C VAL L 442 -41.73 25.93 -16.63
N LYS L 443 -40.53 25.81 -16.07
CA LYS L 443 -40.33 26.12 -14.64
C LYS L 443 -40.74 27.54 -14.32
N ASN L 444 -40.42 28.49 -15.18
CA ASN L 444 -40.75 29.90 -14.94
C ASN L 444 -42.26 30.10 -14.85
N LEU L 445 -43.00 29.54 -15.80
CA LEU L 445 -44.45 29.66 -15.78
C LEU L 445 -45.03 29.05 -14.50
N TYR L 446 -44.56 27.86 -14.15
CA TYR L 446 -45.04 27.20 -12.93
C TYR L 446 -44.78 28.06 -11.70
N GLU L 447 -43.58 28.61 -11.58
CA GLU L 447 -43.23 29.41 -10.42
C GLU L 447 -44.05 30.69 -10.35
N LYS L 448 -44.34 31.30 -11.51
CA LYS L 448 -45.17 32.49 -11.52
C LYS L 448 -46.56 32.19 -10.98
N VAL L 449 -47.17 31.11 -11.46
CA VAL L 449 -48.51 30.75 -10.97
C VAL L 449 -48.49 30.45 -9.48
N ARG L 450 -47.45 29.72 -9.03
CA ARG L 450 -47.35 29.41 -7.61
C ARG L 450 -47.22 30.68 -6.77
N SER L 451 -46.41 31.64 -7.23
CA SER L 451 -46.24 32.87 -6.45
C SER L 451 -47.52 33.69 -6.42
N GLN L 452 -48.31 33.67 -7.50
CA GLN L 452 -49.59 34.37 -7.47
C GLN L 452 -50.54 33.73 -6.45
N LEU L 453 -50.67 32.41 -6.49
CA LEU L 453 -51.71 31.77 -5.67
C LEU L 453 -51.25 31.59 -4.21
N LYS L 454 -50.04 31.09 -3.99
CA LYS L 454 -49.46 30.84 -2.65
C LYS L 454 -50.42 29.94 -1.86
N ASN L 455 -50.71 30.27 -0.60
CA ASN L 455 -51.55 29.42 0.25
C ASN L 455 -52.99 29.38 -0.19
N ASN L 456 -53.42 30.27 -1.09
CA ASN L 456 -54.81 30.27 -1.53
C ASN L 456 -55.19 28.96 -2.23
N ALA L 457 -54.22 28.11 -2.55
CA ALA L 457 -54.47 26.83 -3.17
C ALA L 457 -53.47 25.82 -2.61
N LYS L 458 -53.45 24.64 -3.21
CA LYS L 458 -52.58 23.54 -2.80
C LYS L 458 -51.91 22.93 -4.02
N GLU L 459 -50.59 22.79 -3.97
CA GLU L 459 -49.82 22.20 -5.05
C GLU L 459 -49.93 20.68 -4.99
N ILE L 460 -50.18 20.04 -6.12
CA ILE L 460 -50.42 18.61 -6.16
C ILE L 460 -49.45 18.00 -7.16
N GLY L 461 -48.42 18.76 -7.52
CA GLY L 461 -47.54 18.28 -8.56
C GLY L 461 -48.24 18.29 -9.91
N ASN L 462 -47.62 17.61 -10.87
CA ASN L 462 -48.10 17.55 -12.25
C ASN L 462 -48.32 18.94 -12.86
N GLY L 463 -47.58 19.94 -12.40
CA GLY L 463 -47.90 21.32 -12.76
C GLY L 463 -49.33 21.71 -12.46
N CYS L 464 -49.92 21.16 -11.40
CA CYS L 464 -51.33 21.29 -11.13
C CYS L 464 -51.56 21.93 -9.76
N PHE L 465 -52.65 22.68 -9.66
CA PHE L 465 -53.02 23.36 -8.43
C PHE L 465 -54.49 23.09 -8.15
N GLU L 466 -54.85 22.96 -6.89
CA GLU L 466 -56.24 22.84 -6.48
C GLU L 466 -56.58 23.98 -5.53
N PHE L 467 -57.52 24.82 -5.93
CA PHE L 467 -57.89 25.96 -5.11
C PHE L 467 -58.63 25.53 -3.86
N TYR L 468 -58.30 26.14 -2.73
CA TYR L 468 -59.13 26.02 -1.53
C TYR L 468 -60.38 26.89 -1.63
N HIS L 469 -60.41 27.84 -2.56
CA HIS L 469 -61.54 28.70 -2.83
C HIS L 469 -62.17 28.32 -4.17
N LYS L 470 -63.14 29.11 -4.61
CA LYS L 470 -63.84 28.87 -5.87
C LYS L 470 -63.37 29.89 -6.90
N CYS L 471 -62.47 29.46 -7.78
CA CYS L 471 -61.89 30.30 -8.82
C CYS L 471 -62.76 30.19 -10.08
N ASP L 472 -63.46 31.27 -10.42
CA ASP L 472 -64.35 31.29 -11.57
C ASP L 472 -63.55 31.68 -12.82
N ASN L 473 -64.26 31.92 -13.93
CA ASN L 473 -63.59 32.25 -15.18
C ASN L 473 -62.83 33.57 -15.08
N THR L 474 -63.42 34.57 -14.43
CA THR L 474 -62.72 35.84 -14.23
C THR L 474 -61.45 35.64 -13.41
N CYS L 475 -61.53 34.82 -12.36
CA CYS L 475 -60.36 34.49 -11.56
C CYS L 475 -59.30 33.76 -12.40
N MET L 476 -59.73 32.78 -13.19
CA MET L 476 -58.81 32.05 -14.05
C MET L 476 -58.09 33.00 -15.00
N GLU L 477 -58.84 33.91 -15.63
CA GLU L 477 -58.25 34.87 -16.56
C GLU L 477 -57.27 35.79 -15.84
N SER L 478 -57.63 36.26 -14.64
CA SER L 478 -56.71 37.10 -13.87
C SER L 478 -55.42 36.37 -13.55
N VAL L 479 -55.50 35.05 -13.30
CA VAL L 479 -54.28 34.26 -13.11
C VAL L 479 -53.49 34.16 -14.41
N LYS L 480 -54.19 34.03 -15.55
CA LYS L 480 -53.47 33.82 -16.81
C LYS L 480 -52.75 35.08 -17.28
N ASN L 481 -53.38 36.25 -17.17
CA ASN L 481 -52.73 37.49 -17.57
C ASN L 481 -52.03 38.18 -16.40
N GLY L 482 -51.61 37.41 -15.40
CA GLY L 482 -50.72 37.91 -14.36
C GLY L 482 -51.30 38.93 -13.40
N THR L 483 -52.56 38.79 -13.02
CA THR L 483 -53.22 39.77 -12.18
C THR L 483 -54.13 39.10 -11.15
N TYR L 484 -53.70 37.98 -10.58
CA TYR L 484 -54.53 37.31 -9.59
C TYR L 484 -54.58 38.13 -8.31
N ASP L 485 -55.74 38.14 -7.66
CA ASP L 485 -56.01 38.96 -6.48
C ASP L 485 -56.07 38.02 -5.28
N TYR L 486 -54.95 37.94 -4.54
CA TYR L 486 -54.92 37.05 -3.38
C TYR L 486 -55.89 37.49 -2.28
N PRO L 487 -55.93 38.77 -1.85
CA PRO L 487 -56.91 39.12 -0.82
C PRO L 487 -58.35 38.89 -1.22
N LYS L 488 -58.65 38.92 -2.53
CA LYS L 488 -60.00 38.67 -3.02
C LYS L 488 -60.53 37.32 -2.52
N TYR L 489 -59.69 36.29 -2.59
CA TYR L 489 -60.08 34.93 -2.23
C TYR L 489 -59.47 34.48 -0.91
N SER L 490 -58.69 35.33 -0.24
CA SER L 490 -57.98 34.92 0.96
C SER L 490 -58.95 34.48 2.04
N GLU L 491 -60.05 35.20 2.21
CA GLU L 491 -61.04 34.86 3.25
C GLU L 491 -61.62 33.46 3.00
N GLU L 492 -62.18 33.26 1.81
CA GLU L 492 -62.88 32.01 1.50
C GLU L 492 -61.91 30.83 1.52
N ALA L 493 -60.74 30.99 0.90
CA ALA L 493 -59.76 29.92 0.89
C ALA L 493 -59.23 29.65 2.30
N LYS L 494 -59.06 30.69 3.12
CA LYS L 494 -58.67 30.49 4.50
C LYS L 494 -59.69 29.65 5.25
N LEU L 495 -60.98 29.96 5.08
CA LEU L 495 -62.01 29.19 5.75
C LEU L 495 -61.96 27.72 5.34
N ASN L 496 -61.98 27.44 4.04
CA ASN L 496 -61.98 26.05 3.59
C ASN L 496 -60.71 25.32 4.01
N ARG L 497 -59.56 25.99 3.85
CA ARG L 497 -58.26 25.41 4.22
C ARG L 497 -58.24 25.03 5.69
N GLU L 498 -58.62 25.96 6.56
CA GLU L 498 -58.71 25.64 7.99
C GLU L 498 -59.68 24.50 8.25
N GLU L 499 -60.75 24.41 7.45
CA GLU L 499 -61.70 23.31 7.63
C GLU L 499 -61.06 21.96 7.36
N ILE L 500 -60.16 21.88 6.38
CA ILE L 500 -59.50 20.60 6.11
C ILE L 500 -58.79 20.06 7.35
N ASP L 501 -58.26 20.93 8.19
CA ASP L 501 -57.58 20.51 9.42
C ASP L 501 -58.47 19.66 10.32
N GLY M 1 -62.77 21.37 -4.88
CA GLY M 1 -62.58 22.67 -5.47
C GLY M 1 -62.10 22.63 -6.90
N ASP M 2 -62.08 23.79 -7.55
CA ASP M 2 -61.63 23.87 -8.94
C ASP M 2 -60.13 23.61 -9.03
N THR M 3 -59.68 23.23 -10.22
CA THR M 3 -58.29 22.88 -10.46
C THR M 3 -57.77 23.59 -11.71
N LEU M 4 -56.50 23.97 -11.67
CA LEU M 4 -55.82 24.60 -12.80
C LEU M 4 -54.43 24.00 -12.93
N CYS M 5 -54.11 23.48 -14.11
CA CYS M 5 -52.87 22.78 -14.35
C CYS M 5 -52.02 23.51 -15.38
N ILE M 6 -50.75 23.10 -15.48
CA ILE M 6 -49.79 23.71 -16.39
C ILE M 6 -49.11 22.59 -17.16
N GLY M 7 -49.00 22.75 -18.48
CA GLY M 7 -48.44 21.72 -19.32
C GLY M 7 -47.95 22.30 -20.63
N TYR M 8 -47.60 21.39 -21.54
CA TYR M 8 -46.97 21.76 -22.80
C TYR M 8 -47.55 20.90 -23.92
N HIS M 9 -47.23 21.29 -25.15
CA HIS M 9 -47.82 20.67 -26.32
C HIS M 9 -47.25 19.27 -26.55
N ALA M 10 -48.08 18.41 -27.13
CA ALA M 10 -47.66 17.09 -27.59
C ALA M 10 -48.31 16.82 -28.93
N ASN M 11 -47.63 16.04 -29.76
CA ASN M 11 -48.19 15.62 -31.03
C ASN M 11 -47.62 14.35 -31.64
N ASN M 12 -48.13 13.96 -32.81
CA ASN M 12 -47.69 12.69 -33.46
C ASN M 12 -46.59 13.00 -34.49
N SER M 13 -45.47 13.59 -34.04
CA SER M 13 -44.33 13.84 -34.96
C SER M 13 -43.19 12.88 -34.65
N THR M 14 -42.66 12.20 -35.67
CA THR M 14 -41.59 11.18 -35.45
C THR M 14 -40.21 11.83 -35.62
N ASP M 15 -40.13 13.16 -35.47
CA ASP M 15 -38.83 13.82 -35.56
C ASP M 15 -37.86 13.24 -34.55
N THR M 16 -36.82 12.58 -35.03
CA THR M 16 -35.78 11.99 -34.20
C THR M 16 -34.52 12.84 -34.41
N VAL M 17 -34.37 13.85 -33.57
CA VAL M 17 -33.24 14.76 -33.66
C VAL M 17 -32.15 14.29 -32.70
N ASP M 18 -30.95 14.81 -32.89
CA ASP M 18 -29.80 14.45 -32.08
C ASP M 18 -29.35 15.63 -31.23
N THR M 19 -29.06 15.36 -29.97
CA THR M 19 -28.43 16.33 -29.08
C THR M 19 -27.16 15.72 -28.51
N LEU M 20 -26.37 16.55 -27.83
CA LEU M 20 -25.08 16.08 -27.32
C LEU M 20 -25.27 15.02 -26.25
N LEU M 21 -26.27 15.20 -25.38
CA LEU M 21 -26.52 14.22 -24.32
C LEU M 21 -27.29 13.01 -24.82
N GLU M 22 -28.08 13.17 -25.87
CA GLU M 22 -29.01 12.12 -26.28
C GLU M 22 -29.34 12.30 -27.75
N LYS M 23 -29.49 11.18 -28.45
CA LYS M 23 -29.77 11.19 -29.89
C LYS M 23 -31.05 10.43 -30.17
N ASN M 24 -31.65 10.73 -31.32
CA ASN M 24 -32.99 10.27 -31.69
C ASN M 24 -34.01 10.66 -30.62
N VAL M 25 -34.05 11.96 -30.34
CA VAL M 25 -34.99 12.53 -29.39
C VAL M 25 -36.27 12.87 -30.13
N THR M 26 -37.39 12.31 -29.68
CA THR M 26 -38.69 12.56 -30.32
C THR M 26 -39.19 13.91 -29.86
N VAL M 27 -39.20 14.89 -30.76
CA VAL M 27 -39.64 16.23 -30.47
C VAL M 27 -40.96 16.53 -31.19
N THR M 28 -41.56 17.67 -30.86
CA THR M 28 -42.82 18.06 -31.48
C THR M 28 -42.60 18.73 -32.83
N HIS M 29 -41.54 19.51 -32.99
CA HIS M 29 -41.27 20.22 -34.22
C HIS M 29 -39.77 20.32 -34.43
N SER M 30 -39.34 20.15 -35.68
CA SER M 30 -37.94 20.28 -36.07
C SER M 30 -37.90 20.67 -37.53
N VAL M 31 -36.68 20.85 -38.05
CA VAL M 31 -36.48 21.18 -39.45
C VAL M 31 -35.29 20.39 -39.99
N ASN M 32 -35.47 19.76 -41.15
CA ASN M 32 -34.38 19.10 -41.84
C ASN M 32 -33.64 20.13 -42.69
N LEU M 33 -32.38 20.39 -42.36
CA LEU M 33 -31.57 21.37 -43.08
C LEU M 33 -30.79 20.76 -44.22
N LEU M 34 -30.86 19.45 -44.38
CA LEU M 34 -29.99 18.70 -45.30
C LEU M 34 -30.84 18.20 -46.46
N GLU M 35 -30.46 18.57 -47.69
CA GLU M 35 -31.01 17.93 -48.87
C GLU M 35 -30.15 16.71 -49.19
N ASP M 36 -30.77 15.53 -49.17
CA ASP M 36 -30.03 14.30 -49.42
C ASP M 36 -30.49 13.66 -50.73
N LYS M 37 -31.05 14.46 -51.63
CA LYS M 37 -31.57 13.97 -52.90
C LYS M 37 -31.18 14.94 -53.99
N HIS M 38 -31.21 14.44 -55.22
CA HIS M 38 -30.89 15.23 -56.40
C HIS M 38 -31.78 14.80 -57.54
N ASN M 39 -32.13 15.74 -58.41
CA ASN M 39 -32.66 15.34 -59.70
C ASN M 39 -31.59 14.37 -60.15
N GLY M 40 -31.96 13.11 -60.41
CA GLY M 40 -30.97 12.09 -60.71
C GLY M 40 -30.41 12.36 -62.09
N LYS M 41 -31.23 12.93 -62.96
CA LYS M 41 -30.80 13.29 -64.30
C LYS M 41 -29.96 14.57 -64.27
N LEU M 42 -29.07 14.70 -65.23
CA LEU M 42 -28.30 15.94 -65.37
C LEU M 42 -29.16 16.99 -66.05
N CYS M 43 -28.86 18.26 -65.78
CA CYS M 43 -29.75 19.32 -66.22
C CYS M 43 -28.88 20.33 -66.98
N SER M 44 -29.54 21.39 -67.37
CA SER M 44 -28.77 22.51 -67.95
C SER M 44 -29.45 23.76 -67.39
N ILE M 45 -28.79 24.50 -66.49
CA ILE M 45 -29.43 25.59 -65.81
C ILE M 45 -30.33 26.87 -66.04
N ASN M 46 -29.82 27.83 -66.82
CA ASN M 46 -30.57 29.03 -67.11
C ASN M 46 -30.27 28.85 -68.58
N GLY M 47 -29.07 28.36 -68.90
CA GLY M 47 -28.72 28.22 -70.33
C GLY M 47 -28.92 26.77 -70.69
N LYS M 48 -30.02 26.45 -71.37
CA LYS M 48 -30.36 25.03 -71.67
C LYS M 48 -29.41 24.47 -72.73
N GLN M 49 -28.47 25.28 -73.20
CA GLN M 49 -27.47 24.80 -74.20
C GLN M 49 -26.08 24.82 -73.59
N PRO M 50 -25.73 23.93 -72.64
CA PRO M 50 -24.44 23.87 -71.98
C PRO M 50 -23.77 23.02 -73.07
N ILE M 51 -22.45 22.82 -73.00
CA ILE M 51 -21.77 22.08 -74.05
C ILE M 51 -21.17 20.78 -73.55
N SER M 52 -21.32 19.74 -74.34
CA SER M 52 -20.71 18.44 -74.09
C SER M 52 -19.52 18.27 -75.03
N LEU M 53 -18.42 17.76 -74.49
CA LEU M 53 -17.27 17.45 -75.33
C LEU M 53 -17.39 16.07 -75.98
N GLY M 54 -18.28 15.22 -75.47
CA GLY M 54 -18.44 13.90 -76.04
C GLY M 54 -17.20 13.07 -75.82
N ASP M 55 -16.68 12.51 -76.91
CA ASP M 55 -15.44 11.73 -76.88
C ASP M 55 -14.23 12.57 -77.24
N CYS M 56 -14.17 13.80 -76.73
CA CYS M 56 -13.01 14.67 -76.87
C CYS M 56 -12.55 15.14 -75.50
N SER M 57 -11.25 15.05 -75.25
CA SER M 57 -10.69 15.68 -74.06
C SER M 57 -10.69 17.19 -74.24
N PHE M 58 -10.37 17.89 -73.15
CA PHE M 58 -10.26 19.34 -73.18
C PHE M 58 -9.23 19.78 -74.22
N ALA M 59 -8.05 19.13 -74.20
CA ALA M 59 -7.00 19.47 -75.15
C ALA M 59 -7.44 19.18 -76.59
N GLY M 60 -8.08 18.03 -76.82
CA GLY M 60 -8.54 17.71 -78.15
C GLY M 60 -9.56 18.68 -78.69
N TRP M 61 -10.41 19.23 -77.81
CA TRP M 61 -11.39 20.21 -78.25
C TRP M 61 -10.74 21.55 -78.53
N ILE M 62 -9.79 21.98 -77.69
CA ILE M 62 -9.19 23.29 -77.86
C ILE M 62 -8.28 23.31 -79.08
N LEU M 63 -7.52 22.24 -79.28
CA LEU M 63 -6.53 22.18 -80.35
C LEU M 63 -7.13 21.89 -81.71
N GLY M 64 -8.34 21.35 -81.76
CA GLY M 64 -9.00 21.09 -83.03
C GLY M 64 -8.77 19.69 -83.56
N ASN M 65 -8.90 18.69 -82.68
CA ASN M 65 -8.81 17.30 -83.09
C ASN M 65 -9.80 17.03 -84.22
N PRO M 66 -9.35 16.51 -85.38
CA PRO M 66 -10.25 16.38 -86.52
C PRO M 66 -11.48 15.52 -86.27
N MET M 67 -11.45 14.62 -85.30
CA MET M 67 -12.69 13.93 -84.91
C MET M 67 -13.55 14.74 -83.97
N CYS M 68 -13.15 15.97 -83.64
CA CYS M 68 -13.90 16.83 -82.73
C CYS M 68 -14.58 17.98 -83.48
N ASP M 69 -14.98 17.74 -84.73
CA ASP M 69 -15.70 18.75 -85.49
C ASP M 69 -17.17 18.87 -85.07
N ASP M 70 -17.70 17.88 -84.36
CA ASP M 70 -19.00 18.05 -83.73
C ASP M 70 -18.98 19.14 -82.67
N LEU M 71 -17.78 19.50 -82.19
CA LEU M 71 -17.61 20.54 -81.18
C LEU M 71 -17.34 21.91 -81.78
N ILE M 72 -16.89 21.97 -83.04
CA ILE M 72 -16.52 23.24 -83.64
C ILE M 72 -17.74 24.14 -83.73
N GLY M 73 -17.64 25.35 -83.17
CA GLY M 73 -18.69 26.32 -83.17
C GLY M 73 -19.46 26.41 -81.86
N LYS M 74 -19.47 25.33 -81.08
CA LYS M 74 -20.20 25.31 -79.81
C LYS M 74 -19.66 26.38 -78.88
N THR M 75 -20.51 27.35 -78.54
CA THR M 75 -20.17 28.40 -77.61
C THR M 75 -21.41 28.74 -76.79
N SER M 76 -21.27 29.72 -75.89
CA SER M 76 -22.35 30.20 -75.03
C SER M 76 -22.92 29.08 -74.17
N TRP M 77 -22.10 28.64 -73.22
CA TRP M 77 -22.44 27.54 -72.33
C TRP M 77 -22.65 28.06 -70.92
N SER M 78 -23.29 27.22 -70.11
CA SER M 78 -23.36 27.42 -68.67
C SER M 78 -22.25 26.66 -67.95
N TYR M 79 -22.07 25.39 -68.31
CA TYR M 79 -20.93 24.59 -67.90
C TYR M 79 -20.72 23.56 -69.00
N ILE M 80 -19.71 22.71 -68.83
CA ILE M 80 -19.37 21.72 -69.85
C ILE M 80 -18.97 20.38 -69.24
N VAL M 81 -19.35 19.30 -69.93
CA VAL M 81 -19.19 17.93 -69.46
C VAL M 81 -18.06 17.39 -70.33
N GLU M 82 -17.10 16.70 -69.71
CA GLU M 82 -16.06 15.97 -70.44
C GLU M 82 -16.04 14.55 -69.80
N LYS M 83 -16.65 13.64 -70.53
CA LYS M 83 -16.95 12.27 -70.12
C LYS M 83 -15.63 11.53 -69.92
N PRO M 84 -15.39 10.95 -68.73
CA PRO M 84 -14.05 10.45 -68.40
C PRO M 84 -13.47 9.55 -69.47
N ASN M 85 -12.19 9.79 -69.77
CA ASN M 85 -11.41 9.03 -70.75
C ASN M 85 -12.04 9.07 -72.13
N PRO M 86 -12.00 10.23 -72.81
CA PRO M 86 -12.54 10.28 -74.18
C PRO M 86 -11.68 9.51 -75.18
N THR M 87 -12.13 9.43 -76.42
CA THR M 87 -11.42 8.70 -77.46
C THR M 87 -10.61 9.61 -78.39
N ASN M 88 -10.83 10.92 -78.34
CA ASN M 88 -10.16 11.86 -79.24
C ASN M 88 -9.50 12.95 -78.40
N GLY M 89 -8.17 12.89 -78.29
CA GLY M 89 -7.44 13.92 -77.57
C GLY M 89 -6.37 14.55 -78.44
N ILE M 90 -5.14 14.60 -77.93
CA ILE M 90 -4.01 15.04 -78.74
C ILE M 90 -3.54 13.83 -79.55
N CYS M 91 -4.04 13.72 -80.78
CA CYS M 91 -3.84 12.51 -81.56
C CYS M 91 -2.37 12.28 -81.86
N TYR M 92 -1.72 13.24 -82.49
CA TYR M 92 -0.26 13.15 -82.58
C TYR M 92 0.28 13.31 -81.17
N PRO M 93 0.91 12.27 -80.60
CA PRO M 93 1.15 12.25 -79.15
C PRO M 93 1.97 13.44 -78.69
N GLY M 94 1.64 13.94 -77.50
CA GLY M 94 2.29 15.11 -76.96
C GLY M 94 1.49 15.66 -75.79
N THR M 95 1.84 16.88 -75.41
CA THR M 95 1.21 17.55 -74.29
C THR M 95 0.86 18.98 -74.66
N LEU M 96 -0.15 19.52 -73.97
CA LEU M 96 -0.47 20.94 -73.98
C LEU M 96 -0.03 21.49 -72.62
N GLU M 97 1.09 22.22 -72.62
CA GLU M 97 1.61 22.73 -71.35
C GLU M 97 0.59 23.62 -70.67
N ASP M 98 0.41 23.41 -69.37
CA ASP M 98 -0.52 24.19 -68.56
C ASP M 98 -1.94 24.08 -69.09
N GLU M 99 -2.27 22.90 -69.66
CA GLU M 99 -3.67 22.56 -69.93
C GLU M 99 -4.51 22.74 -68.69
N GLU M 100 -3.90 22.64 -67.51
CA GLU M 100 -4.61 22.73 -66.25
C GLU M 100 -4.88 24.17 -65.85
N GLU M 101 -3.91 25.08 -66.08
CA GLU M 101 -4.20 26.50 -65.96
C GLU M 101 -5.35 26.89 -66.86
N LEU M 102 -5.31 26.44 -68.12
CA LEU M 102 -6.37 26.77 -69.06
C LEU M 102 -7.68 26.10 -68.68
N ARG M 103 -7.62 24.94 -68.02
CA ARG M 103 -8.83 24.24 -67.59
C ARG M 103 -9.49 24.98 -66.42
N LEU M 104 -8.69 25.42 -65.44
CA LEU M 104 -9.21 26.26 -64.37
C LEU M 104 -9.74 27.58 -64.93
N LYS M 105 -8.92 28.29 -65.70
CA LYS M 105 -9.30 29.46 -66.47
C LYS M 105 -10.64 29.32 -67.18
N PHE M 106 -10.86 28.16 -67.78
CA PHE M 106 -12.04 27.92 -68.58
C PHE M 106 -13.13 27.52 -67.61
N SER M 107 -12.75 27.09 -66.40
CA SER M 107 -13.68 27.16 -65.27
C SER M 107 -14.36 28.55 -65.16
N GLY M 108 -13.65 29.57 -65.64
CA GLY M 108 -14.19 30.90 -65.82
C GLY M 108 -14.58 31.46 -67.16
N VAL M 109 -14.65 30.64 -68.22
CA VAL M 109 -15.05 31.11 -69.54
C VAL M 109 -16.48 30.65 -69.81
N LEU M 110 -17.28 31.51 -70.44
CA LEU M 110 -18.69 31.20 -70.66
C LEU M 110 -19.12 31.31 -72.13
N GLU M 111 -18.60 32.30 -72.87
CA GLU M 111 -18.79 32.38 -74.31
C GLU M 111 -17.48 32.79 -74.97
N PHE M 112 -17.39 32.50 -76.27
CA PHE M 112 -16.20 32.83 -77.04
C PHE M 112 -16.58 32.89 -78.51
N SER M 113 -15.58 33.18 -79.35
CA SER M 113 -15.76 33.27 -80.80
C SER M 113 -14.47 32.80 -81.46
N LYS M 114 -14.57 31.74 -82.27
CA LYS M 114 -13.42 31.28 -83.05
C LYS M 114 -13.21 32.14 -84.30
N PHE M 115 -11.95 32.48 -84.56
CA PHE M 115 -11.62 33.22 -85.78
C PHE M 115 -10.27 32.74 -86.30
N GLU M 116 -9.97 33.11 -87.53
CA GLU M 116 -8.71 32.78 -88.17
C GLU M 116 -7.74 33.94 -87.96
N ALA M 117 -6.74 33.73 -87.10
CA ALA M 117 -5.78 34.78 -86.77
C ALA M 117 -4.62 34.83 -87.76
N PHE M 118 -4.15 33.69 -88.24
CA PHE M 118 -3.13 33.61 -89.28
C PHE M 118 -3.61 32.64 -90.34
N THR M 119 -3.78 33.15 -91.57
CA THR M 119 -4.17 32.29 -92.68
C THR M 119 -3.11 31.22 -92.90
N SER M 120 -3.57 30.01 -93.24
CA SER M 120 -2.64 28.89 -93.41
C SER M 120 -1.64 29.15 -94.53
N ASN M 121 -2.04 29.92 -95.54
CA ASN M 121 -1.19 30.18 -96.70
C ASN M 121 -0.44 31.51 -96.59
N GLY M 122 -0.44 32.15 -95.43
CA GLY M 122 0.14 33.48 -95.31
C GLY M 122 1.51 33.54 -94.67
N TRP M 123 2.20 32.41 -94.57
CA TRP M 123 3.51 32.33 -93.90
C TRP M 123 4.59 32.06 -94.94
N GLY M 124 5.05 33.12 -95.59
CA GLY M 124 6.09 32.96 -96.63
C GLY M 124 5.68 31.94 -97.69
N ALA M 125 4.40 31.53 -97.68
CA ALA M 125 3.87 30.59 -98.69
C ALA M 125 4.73 29.31 -98.76
N VAL M 126 5.03 28.70 -97.61
CA VAL M 126 5.77 27.39 -97.61
C VAL M 126 4.73 26.27 -97.76
N ASN M 127 5.18 25.02 -97.91
CA ASN M 127 4.21 23.89 -97.96
C ASN M 127 3.43 24.11 -96.66
N SER M 128 2.14 24.39 -96.81
CA SER M 128 1.23 24.59 -95.66
C SER M 128 0.15 23.52 -95.71
N GLY M 129 -0.29 23.15 -96.92
CA GLY M 129 -1.30 22.08 -97.07
C GLY M 129 -0.67 20.73 -96.75
N ALA M 130 0.58 20.75 -96.28
CA ALA M 130 1.27 19.50 -95.91
C ALA M 130 0.90 19.12 -94.47
N GLY M 131 -0.07 19.82 -93.89
CA GLY M 131 -0.52 19.51 -92.51
C GLY M 131 -1.38 18.26 -92.50
N VAL M 132 -0.76 17.09 -92.58
CA VAL M 132 -1.50 15.79 -92.52
C VAL M 132 -0.79 14.90 -91.51
N THR M 133 -1.47 13.88 -90.97
CA THR M 133 -0.84 13.07 -89.94
C THR M 133 -1.48 11.69 -89.92
N ALA M 134 -0.65 10.65 -89.99
CA ALA M 134 -1.16 9.28 -90.02
C ALA M 134 -2.15 9.01 -88.88
N ALA M 135 -1.80 9.46 -87.68
CA ALA M 135 -2.67 9.25 -86.53
C ALA M 135 -3.99 10.00 -86.69
N CYS M 136 -3.92 11.30 -86.95
CA CYS M 136 -5.12 12.12 -87.08
C CYS M 136 -5.92 11.68 -88.32
N LYS M 137 -7.23 11.49 -88.15
CA LYS M 137 -8.05 10.93 -89.23
C LYS M 137 -9.45 11.56 -89.12
N PHE M 138 -9.65 12.65 -89.87
CA PHE M 138 -10.99 13.23 -89.96
C PHE M 138 -11.95 12.27 -90.64
N GLY M 139 -11.61 11.82 -91.84
CA GLY M 139 -12.30 10.72 -92.48
C GLY M 139 -11.63 9.40 -92.18
N SER M 140 -11.83 8.44 -93.08
CA SER M 140 -11.10 7.17 -92.97
C SER M 140 -9.64 7.31 -93.34
N SER M 141 -9.23 8.45 -93.89
CA SER M 141 -7.85 8.71 -94.29
C SER M 141 -7.19 9.66 -93.29
N ASN M 142 -5.92 9.95 -93.53
CA ASN M 142 -5.12 10.74 -92.62
C ASN M 142 -5.59 12.19 -92.60
N SER M 143 -5.25 12.91 -91.52
CA SER M 143 -5.66 14.31 -91.37
C SER M 143 -4.74 14.98 -90.33
N PHE M 144 -5.21 16.08 -89.75
CA PHE M 144 -4.42 16.85 -88.78
C PHE M 144 -5.34 17.84 -88.08
N PHE M 145 -4.88 18.35 -86.93
CA PHE M 145 -5.64 19.33 -86.16
C PHE M 145 -6.05 20.54 -87.00
N ARG M 146 -7.34 20.86 -86.93
CA ARG M 146 -7.90 21.91 -87.79
C ARG M 146 -7.41 23.29 -87.37
N ASN M 147 -7.22 23.53 -86.07
CA ASN M 147 -6.79 24.84 -85.62
C ASN M 147 -5.35 25.15 -86.01
N MET M 148 -4.46 24.17 -85.93
CA MET M 148 -3.04 24.42 -86.20
C MET M 148 -2.66 23.93 -87.59
N VAL M 149 -1.44 24.26 -88.00
CA VAL M 149 -0.97 23.88 -89.33
C VAL M 149 0.46 23.35 -89.22
N TRP M 150 0.71 22.17 -89.79
CA TRP M 150 2.03 21.54 -89.77
C TRP M 150 2.77 21.98 -91.02
N LEU M 151 3.52 23.07 -90.91
CA LEU M 151 4.25 23.62 -92.04
C LEU M 151 5.49 22.81 -92.38
N ILE M 152 5.76 22.68 -93.68
CA ILE M 152 6.83 21.84 -94.21
C ILE M 152 7.48 22.60 -95.37
N HIS M 153 8.74 22.26 -95.65
CA HIS M 153 9.54 22.92 -96.66
C HIS M 153 8.80 23.05 -97.99
N GLN M 154 9.12 24.12 -98.73
CA GLN M 154 8.63 24.32 -100.09
C GLN M 154 9.77 24.10 -101.07
N SER M 155 9.68 23.02 -101.85
CA SER M 155 10.59 22.76 -102.96
C SER M 155 12.04 22.69 -102.50
N GLY M 156 12.26 22.11 -101.32
CA GLY M 156 13.59 21.85 -100.83
C GLY M 156 14.19 22.88 -99.89
N THR M 157 13.41 23.88 -99.47
CA THR M 157 13.92 24.85 -98.51
C THR M 157 12.77 25.33 -97.64
N TYR M 158 13.00 25.37 -96.32
CA TYR M 158 12.03 25.91 -95.38
C TYR M 158 12.64 27.17 -94.76
N PRO M 159 12.39 28.34 -95.32
CA PRO M 159 13.02 29.57 -94.82
C PRO M 159 12.56 29.99 -93.44
N VAL M 160 13.09 31.11 -92.97
CA VAL M 160 12.69 31.69 -91.67
C VAL M 160 11.43 32.50 -91.88
N ILE M 161 10.30 31.99 -91.41
CA ILE M 161 9.02 32.65 -91.61
C ILE M 161 8.62 33.38 -90.32
N LYS M 162 7.74 34.37 -90.47
CA LYS M 162 7.44 35.31 -89.39
C LYS M 162 6.17 36.10 -89.66
N ARG M 163 5.26 36.13 -88.68
CA ARG M 163 4.04 36.93 -88.78
C ARG M 163 3.66 37.51 -87.43
N THR M 164 2.94 38.64 -87.46
CA THR M 164 2.54 39.35 -86.25
C THR M 164 1.04 39.60 -86.27
N PHE M 165 0.41 39.44 -85.11
CA PHE M 165 -1.01 39.71 -84.92
C PHE M 165 -1.19 40.84 -83.93
N ASN M 166 -1.94 41.86 -84.33
CA ASN M 166 -2.41 42.93 -83.45
C ASN M 166 -3.82 42.58 -82.99
N ASN M 167 -4.04 42.62 -81.67
CA ASN M 167 -5.36 42.32 -81.11
C ASN M 167 -6.17 43.60 -81.02
N THR M 168 -6.75 43.99 -82.15
CA THR M 168 -7.65 45.13 -82.20
C THR M 168 -9.09 44.76 -81.88
N LYS M 169 -9.32 43.57 -81.33
CA LYS M 169 -10.66 43.15 -80.95
C LYS M 169 -11.11 43.73 -79.61
N GLY M 170 -10.16 44.14 -78.76
CA GLY M 170 -10.50 44.70 -77.48
C GLY M 170 -10.78 43.69 -76.39
N ARG M 171 -10.45 42.42 -76.60
CA ARG M 171 -10.72 41.39 -75.61
C ARG M 171 -9.64 40.32 -75.70
N ASP M 172 -9.52 39.53 -74.63
CA ASP M 172 -8.49 38.49 -74.56
C ASP M 172 -8.70 37.46 -75.66
N VAL M 173 -7.61 37.10 -76.33
CA VAL M 173 -7.62 36.13 -77.41
C VAL M 173 -6.70 34.99 -77.01
N LEU M 174 -7.26 33.79 -76.84
CA LEU M 174 -6.46 32.60 -76.62
C LEU M 174 -5.90 32.13 -77.95
N ILE M 175 -4.58 32.12 -78.06
CA ILE M 175 -3.88 31.61 -79.24
C ILE M 175 -3.13 30.35 -78.85
N VAL M 176 -3.30 29.30 -79.66
CA VAL M 176 -2.64 28.01 -79.46
C VAL M 176 -1.74 27.74 -80.65
N TRP M 177 -0.59 27.15 -80.37
CA TRP M 177 0.33 26.69 -81.41
C TRP M 177 1.07 25.47 -80.88
N GLY M 178 2.04 24.98 -81.65
CA GLY M 178 2.73 23.77 -81.25
C GLY M 178 4.11 23.66 -81.87
N ILE M 179 4.87 22.71 -81.36
CA ILE M 179 6.25 22.48 -81.77
C ILE M 179 6.47 20.99 -81.95
N HIS M 180 7.02 20.61 -83.09
CA HIS M 180 7.27 19.21 -83.42
C HIS M 180 8.62 18.77 -82.86
N HIS M 181 8.64 17.63 -82.18
CA HIS M 181 9.87 16.99 -81.73
C HIS M 181 10.03 15.71 -82.53
N PRO M 182 10.72 15.74 -83.66
CA PRO M 182 10.85 14.54 -84.48
C PRO M 182 11.68 13.46 -83.79
N ALA M 183 11.56 12.25 -84.31
CA ALA M 183 12.28 11.13 -83.73
C ALA M 183 13.68 10.99 -84.32
N THR M 184 13.80 11.15 -85.63
CA THR M 184 15.08 11.07 -86.32
C THR M 184 15.49 12.44 -86.82
N LEU M 185 16.79 12.70 -86.81
CA LEU M 185 17.32 13.87 -87.51
C LEU M 185 16.95 13.84 -88.98
N LYS M 186 16.80 12.64 -89.54
CA LYS M 186 16.36 12.51 -90.92
C LYS M 186 14.94 13.04 -91.10
N GLU M 187 14.08 12.86 -90.10
CA GLU M 187 12.73 13.42 -90.19
C GLU M 187 12.77 14.94 -90.20
N HIS M 188 13.62 15.54 -89.35
CA HIS M 188 13.78 16.99 -89.34
C HIS M 188 14.29 17.49 -90.68
N GLN M 189 15.22 16.75 -91.30
CA GLN M 189 15.70 17.14 -92.62
C GLN M 189 14.61 16.99 -93.68
N ASP M 190 13.82 15.92 -93.60
CA ASP M 190 12.80 15.67 -94.61
C ASP M 190 11.70 16.73 -94.54
N LEU M 191 11.40 17.23 -93.35
CA LEU M 191 10.27 18.14 -93.21
C LEU M 191 10.69 19.60 -93.24
N TYR M 192 11.86 19.94 -92.74
CA TYR M 192 12.28 21.33 -92.62
C TYR M 192 13.59 21.62 -93.35
N LYS M 193 14.16 20.63 -94.03
CA LYS M 193 15.36 20.81 -94.86
C LYS M 193 16.54 21.38 -94.08
N LYS M 194 16.55 21.15 -92.76
CA LYS M 194 17.62 21.63 -91.90
C LYS M 194 17.85 20.60 -90.80
N ASP M 195 18.96 20.75 -90.08
CA ASP M 195 19.26 19.84 -88.98
C ASP M 195 18.65 20.27 -87.67
N SER M 196 18.64 21.58 -87.39
CA SER M 196 18.11 22.11 -86.14
C SER M 196 17.34 23.40 -86.44
N SER M 197 16.48 23.77 -85.52
CA SER M 197 15.62 24.94 -85.71
C SER M 197 15.26 25.55 -84.37
N TYR M 198 14.46 26.61 -84.41
CA TYR M 198 14.07 27.36 -83.22
C TYR M 198 12.67 27.92 -83.42
N VAL M 199 11.96 28.13 -82.31
CA VAL M 199 10.60 28.67 -82.31
C VAL M 199 10.63 29.92 -81.44
N ALA M 200 10.64 31.09 -82.06
CA ALA M 200 10.78 32.36 -81.36
C ALA M 200 9.43 33.08 -81.37
N VAL M 201 8.81 33.19 -80.20
CA VAL M 201 7.52 33.85 -80.04
C VAL M 201 7.69 35.01 -79.08
N GLY M 202 7.31 36.21 -79.51
CA GLY M 202 7.50 37.39 -78.70
C GLY M 202 6.40 38.43 -78.78
N SER M 203 6.00 38.97 -77.63
CA SER M 203 5.01 40.04 -77.57
C SER M 203 5.48 41.06 -76.54
N GLU M 204 4.58 41.98 -76.19
CA GLU M 204 4.87 42.88 -75.07
C GLU M 204 4.99 42.10 -73.77
N THR M 205 4.27 40.99 -73.65
CA THR M 205 4.29 40.13 -72.48
C THR M 205 5.08 38.85 -72.70
N TYR M 206 5.00 38.27 -73.89
CA TYR M 206 5.56 36.97 -74.20
C TYR M 206 6.94 37.12 -74.81
N ASN M 207 7.82 36.14 -74.54
CA ASN M 207 9.16 36.10 -75.12
C ASN M 207 9.84 34.76 -74.83
N ARG M 208 9.89 33.88 -75.83
CA ARG M 208 10.45 32.55 -75.65
C ARG M 208 11.10 32.09 -76.95
N ARG M 209 12.18 31.33 -76.82
CA ARG M 209 12.84 30.67 -77.95
C ARG M 209 12.93 29.17 -77.63
N PHE M 210 11.97 28.40 -78.12
CA PHE M 210 12.00 26.96 -78.00
C PHE M 210 12.88 26.35 -79.09
N THR M 211 13.09 25.04 -78.98
CA THR M 211 13.80 24.26 -79.99
C THR M 211 13.18 22.88 -80.05
N PRO M 212 13.18 22.23 -81.21
CA PRO M 212 12.75 20.83 -81.27
C PRO M 212 13.71 19.93 -80.51
N GLU M 213 13.22 18.75 -80.15
CA GLU M 213 13.96 17.81 -79.31
C GLU M 213 13.87 16.43 -79.96
N ILE M 214 14.95 16.03 -80.63
CA ILE M 214 14.97 14.83 -81.47
C ILE M 214 15.35 13.65 -80.59
N SER M 215 14.47 12.65 -80.51
CA SER M 215 14.67 11.34 -79.94
C SER M 215 13.71 10.28 -80.40
N THR M 216 14.22 9.10 -80.77
CA THR M 216 13.37 8.03 -81.22
C THR M 216 12.63 7.56 -79.99
N ARG M 217 11.31 7.57 -80.06
CA ARG M 217 10.46 7.22 -78.96
C ARG M 217 9.48 6.14 -79.38
N PRO M 218 9.03 5.32 -78.45
CA PRO M 218 8.06 4.27 -78.80
C PRO M 218 6.81 4.86 -79.41
N ASN M 219 6.19 4.10 -80.29
CA ASN M 219 5.10 4.62 -81.10
C ASN M 219 3.82 4.77 -80.27
N VAL M 220 3.27 5.99 -80.30
CA VAL M 220 1.93 6.27 -79.80
C VAL M 220 1.13 6.78 -80.98
N ASN M 221 0.05 6.08 -81.31
CA ASN M 221 -0.71 6.33 -82.54
C ASN M 221 0.16 6.16 -83.78
N GLY M 222 1.17 5.30 -83.69
CA GLY M 222 2.06 5.05 -84.81
C GLY M 222 3.11 6.11 -85.05
N GLN M 223 3.43 6.91 -84.04
CA GLN M 223 4.37 8.02 -84.21
C GLN M 223 5.48 7.89 -83.17
N ALA M 224 6.72 7.95 -83.64
CA ALA M 224 7.89 7.95 -82.77
C ALA M 224 8.29 9.34 -82.32
N GLY M 225 7.70 10.39 -82.89
CA GLY M 225 7.94 11.75 -82.46
C GLY M 225 6.79 12.28 -81.61
N ARG M 226 6.98 13.51 -81.12
CA ARG M 226 5.97 14.13 -80.26
C ARG M 226 5.69 15.57 -80.66
N MET M 227 4.84 16.23 -79.89
CA MET M 227 4.40 17.58 -80.23
C MET M 227 4.02 18.29 -78.93
N THR M 228 4.79 19.32 -78.58
CA THR M 228 4.51 20.12 -77.38
C THR M 228 3.69 21.33 -77.80
N PHE M 229 2.51 21.48 -77.21
CA PHE M 229 1.57 22.52 -77.58
C PHE M 229 1.51 23.60 -76.52
N TYR M 230 1.26 24.83 -76.98
CA TYR M 230 1.39 26.02 -76.16
C TYR M 230 0.17 26.91 -76.38
N TRP M 231 -0.21 27.62 -75.33
CA TRP M 231 -1.31 28.57 -75.40
C TRP M 231 -0.90 29.85 -74.68
N THR M 232 -1.38 30.98 -75.20
CA THR M 232 -1.13 32.26 -74.56
C THR M 232 -2.36 33.14 -74.73
N MET M 233 -2.42 34.17 -73.88
CA MET M 233 -3.55 35.09 -73.81
C MET M 233 -3.09 36.45 -74.35
N VAL M 234 -3.34 36.69 -75.63
CA VAL M 234 -3.12 38.01 -76.21
C VAL M 234 -4.15 38.96 -75.62
N LYS M 235 -3.71 39.81 -74.70
CA LYS M 235 -4.57 40.79 -74.07
C LYS M 235 -4.93 41.88 -75.09
N PRO M 236 -5.97 42.66 -74.83
CA PRO M 236 -6.43 43.62 -75.86
C PRO M 236 -5.34 44.61 -76.23
N GLY M 237 -5.16 44.79 -77.54
CA GLY M 237 -4.19 45.70 -78.15
C GLY M 237 -2.74 45.24 -77.97
N GLU M 238 -2.52 43.97 -77.68
CA GLU M 238 -1.18 43.42 -77.73
C GLU M 238 -0.83 42.99 -79.15
N SER M 239 0.46 42.95 -79.43
CA SER M 239 1.00 42.48 -80.70
C SER M 239 1.93 41.32 -80.42
N ILE M 240 1.66 40.18 -81.05
CA ILE M 240 2.44 38.97 -80.83
C ILE M 240 3.06 38.53 -82.16
N THR M 241 4.31 38.07 -82.11
CA THR M 241 5.09 37.74 -83.30
C THR M 241 5.57 36.29 -83.20
N PHE M 242 5.37 35.55 -84.29
CA PHE M 242 5.84 34.17 -84.42
C PHE M 242 6.90 34.14 -85.51
N GLU M 243 8.05 33.51 -85.20
CA GLU M 243 9.15 33.44 -86.15
C GLU M 243 9.87 32.12 -85.95
N SER M 244 10.02 31.34 -87.03
CA SER M 244 10.65 30.04 -86.87
C SER M 244 11.21 29.55 -88.19
N ASN M 245 12.09 28.54 -88.09
CA ASN M 245 12.68 27.84 -89.23
C ASN M 245 12.52 26.34 -89.12
N GLY M 246 11.54 25.88 -88.35
CA GLY M 246 11.28 24.45 -88.24
C GLY M 246 10.44 24.15 -87.02
N ALA M 247 9.87 22.95 -87.03
CA ALA M 247 9.04 22.45 -85.92
C ALA M 247 8.00 23.50 -85.51
N PHE M 248 7.26 23.99 -86.50
CA PHE M 248 6.37 25.13 -86.33
C PHE M 248 4.95 24.70 -86.68
N LEU M 249 4.21 24.25 -85.67
CA LEU M 249 2.77 24.01 -85.81
C LEU M 249 2.07 25.37 -85.75
N ALA M 250 2.18 26.08 -86.87
CA ALA M 250 1.79 27.48 -86.92
C ALA M 250 0.35 27.66 -86.50
N PRO M 251 0.06 28.70 -85.70
CA PRO M 251 -1.33 28.93 -85.29
C PRO M 251 -2.16 29.43 -86.45
N ARG M 252 -3.36 28.88 -86.56
CA ARG M 252 -4.34 29.34 -87.55
C ARG M 252 -5.59 29.93 -86.90
N TYR M 253 -6.23 29.20 -86.00
CA TYR M 253 -7.44 29.66 -85.37
C TYR M 253 -7.21 29.99 -83.89
N ALA M 254 -7.91 31.03 -83.43
CA ALA M 254 -7.82 31.53 -82.07
C ALA M 254 -9.22 31.78 -81.53
N PHE M 255 -9.28 32.02 -80.22
CA PHE M 255 -10.53 32.05 -79.46
C PHE M 255 -10.67 33.38 -78.75
N GLU M 256 -11.54 34.26 -79.23
CA GLU M 256 -11.87 35.50 -78.54
C GLU M 256 -12.83 35.17 -77.40
N ILE M 257 -12.36 35.28 -76.16
CA ILE M 257 -13.24 35.00 -75.02
C ILE M 257 -14.20 36.18 -74.87
N VAL M 258 -15.49 35.91 -75.10
CA VAL M 258 -16.50 36.96 -75.09
C VAL M 258 -17.05 37.17 -73.68
N SER M 259 -17.42 36.08 -73.01
CA SER M 259 -18.02 36.13 -71.69
C SER M 259 -17.15 35.36 -70.70
N VAL M 260 -16.89 35.97 -69.55
CA VAL M 260 -16.07 35.38 -68.51
C VAL M 260 -16.88 35.32 -67.21
N GLY M 261 -17.11 34.10 -66.73
CA GLY M 261 -17.88 33.82 -65.54
C GLY M 261 -17.76 32.34 -65.23
N ASN M 262 -18.26 31.93 -64.06
CA ASN M 262 -18.08 30.53 -63.61
C ASN M 262 -18.59 29.53 -64.66
N GLY M 263 -17.67 28.82 -65.32
CA GLY M 263 -18.04 27.77 -66.25
C GLY M 263 -17.16 26.72 -65.63
N LYS M 264 -17.73 25.64 -65.11
CA LYS M 264 -16.93 24.63 -64.32
C LYS M 264 -16.95 23.47 -65.35
N LEU M 265 -16.02 22.51 -65.17
CA LEU M 265 -15.92 21.35 -66.09
C LEU M 265 -16.25 20.07 -65.32
N PHE M 266 -17.29 19.35 -65.75
CA PHE M 266 -17.71 18.12 -65.10
C PHE M 266 -17.10 16.87 -65.71
N ARG M 267 -16.39 16.09 -64.90
CA ARG M 267 -16.05 14.72 -65.25
C ARG M 267 -17.26 13.80 -65.06
N SER M 268 -18.20 13.91 -65.99
CA SER M 268 -19.54 13.35 -65.82
C SER M 268 -20.06 12.59 -67.03
N GLU M 269 -21.02 11.68 -66.76
CA GLU M 269 -21.57 10.77 -67.76
C GLU M 269 -23.09 10.77 -67.63
N LEU M 270 -23.74 11.84 -68.08
CA LEU M 270 -25.19 11.91 -68.03
C LEU M 270 -25.72 12.64 -69.26
N SER M 271 -26.91 12.22 -69.70
CA SER M 271 -27.54 12.85 -70.84
C SER M 271 -27.97 14.27 -70.50
N ILE M 272 -27.75 15.19 -71.45
CA ILE M 272 -28.34 16.52 -71.32
C ILE M 272 -29.80 16.09 -71.29
N GLU M 273 -30.54 16.55 -70.29
CA GLU M 273 -31.97 16.30 -70.26
C GLU M 273 -32.43 17.73 -70.03
N SER M 274 -33.61 17.94 -69.46
CA SER M 274 -34.33 19.20 -69.63
C SER M 274 -34.70 19.80 -68.27
N CYS M 275 -33.83 20.64 -67.73
CA CYS M 275 -34.13 21.23 -66.43
C CYS M 275 -34.63 22.66 -66.56
N ASN M 276 -33.79 23.56 -67.11
CA ASN M 276 -33.94 25.00 -66.92
C ASN M 276 -34.29 25.30 -65.47
N THR M 277 -33.75 24.49 -64.55
CA THR M 277 -33.91 24.68 -63.11
C THR M 277 -32.62 25.21 -62.51
N THR M 278 -32.64 25.56 -61.23
CA THR M 278 -31.59 26.38 -60.65
C THR M 278 -30.19 25.93 -60.21
N CYS M 279 -29.99 24.66 -59.87
CA CYS M 279 -28.72 24.27 -59.24
C CYS M 279 -28.27 22.90 -59.73
N GLN M 280 -27.04 22.82 -60.22
CA GLN M 280 -26.51 21.65 -60.92
C GLN M 280 -25.31 21.05 -60.19
N THR M 281 -25.31 19.72 -60.10
CA THR M 281 -24.18 18.92 -59.65
C THR M 281 -23.98 17.78 -60.63
N PRO M 282 -22.73 17.38 -60.90
CA PRO M 282 -22.49 16.26 -61.83
C PRO M 282 -23.30 15.01 -61.52
N LYS M 283 -23.58 14.73 -60.24
CA LYS M 283 -24.50 13.65 -59.92
C LYS M 283 -25.90 13.94 -60.46
N GLY M 284 -26.34 15.18 -60.32
CA GLY M 284 -27.63 15.60 -60.82
C GLY M 284 -28.06 16.96 -60.30
N ALA M 285 -29.00 17.60 -60.98
CA ALA M 285 -29.47 18.92 -60.55
C ALA M 285 -30.17 18.81 -59.19
N ILE M 286 -30.22 19.94 -58.49
CA ILE M 286 -30.84 20.03 -57.17
C ILE M 286 -31.63 21.33 -57.08
N ASN M 287 -32.72 21.29 -56.33
CA ASN M 287 -33.65 22.42 -56.24
C ASN M 287 -34.11 22.58 -54.80
N THR M 288 -33.56 23.57 -54.09
CA THR M 288 -34.04 23.93 -52.76
C THR M 288 -33.34 25.21 -52.34
N SER M 289 -33.82 25.78 -51.24
CA SER M 289 -33.13 26.84 -50.52
C SER M 289 -32.70 26.40 -49.13
N LEU M 290 -32.73 25.09 -48.86
CA LEU M 290 -32.12 24.54 -47.65
C LEU M 290 -30.63 24.90 -47.61
N PRO M 291 -30.02 24.88 -46.43
CA PRO M 291 -28.63 25.39 -46.33
C PRO M 291 -27.52 24.37 -46.60
N PHE M 292 -27.80 23.07 -46.52
CA PHE M 292 -26.74 22.06 -46.61
C PHE M 292 -27.26 20.82 -47.33
N GLN M 293 -26.34 20.00 -47.83
CA GLN M 293 -26.72 18.92 -48.73
C GLN M 293 -25.56 17.97 -49.03
N ASN M 294 -25.84 16.66 -49.07
CA ASN M 294 -24.77 15.67 -49.37
C ASN M 294 -24.75 15.37 -50.87
N ILE M 295 -24.18 16.26 -51.68
CA ILE M 295 -24.20 16.06 -53.18
C ILE M 295 -22.79 16.38 -53.66
N HIS M 296 -22.61 16.50 -54.99
CA HIS M 296 -21.25 16.72 -55.59
C HIS M 296 -20.52 18.02 -55.23
N PRO M 297 -19.36 17.95 -54.55
CA PRO M 297 -18.65 19.18 -54.12
C PRO M 297 -18.65 20.31 -55.13
N ILE M 298 -18.56 19.95 -56.41
CA ILE M 298 -18.63 20.91 -57.50
C ILE M 298 -20.08 21.39 -57.64
N THR M 299 -20.29 22.70 -57.56
CA THR M 299 -21.62 23.28 -57.55
C THR M 299 -21.67 24.57 -58.35
N ILE M 300 -22.79 24.77 -59.04
CA ILE M 300 -23.06 26.01 -59.78
C ILE M 300 -24.51 26.40 -59.50
N GLY M 301 -24.70 27.62 -58.99
CA GLY M 301 -26.02 28.20 -58.86
C GLY M 301 -26.32 28.64 -57.44
N LYS M 302 -27.61 28.68 -57.12
CA LYS M 302 -28.09 29.03 -55.79
C LYS M 302 -27.86 27.76 -54.97
N CYS M 303 -26.69 27.64 -54.38
CA CYS M 303 -26.39 26.27 -54.02
C CYS M 303 -26.24 26.27 -52.51
N PRO M 304 -26.79 25.25 -51.86
CA PRO M 304 -26.44 25.00 -50.46
C PRO M 304 -25.03 24.45 -50.34
N LYS M 305 -24.48 24.57 -49.14
CA LYS M 305 -23.10 24.15 -48.89
C LYS M 305 -23.00 22.64 -48.83
N TYR M 306 -21.93 22.10 -49.41
CA TYR M 306 -21.63 20.68 -49.31
C TYR M 306 -20.97 20.36 -47.98
N VAL M 307 -21.38 19.23 -47.38
CA VAL M 307 -20.87 18.78 -46.10
C VAL M 307 -20.80 17.25 -46.11
N LYS M 308 -20.27 16.68 -45.03
CA LYS M 308 -20.16 15.23 -44.88
C LYS M 308 -21.36 14.62 -44.16
N SER M 309 -22.15 15.42 -43.46
CA SER M 309 -23.11 14.88 -42.52
C SER M 309 -24.24 14.12 -43.22
N THR M 310 -24.85 13.19 -42.47
CA THR M 310 -25.93 12.36 -42.98
C THR M 310 -27.31 12.79 -42.51
N LYS M 311 -27.40 13.48 -41.38
CA LYS M 311 -28.69 13.93 -40.84
C LYS M 311 -28.52 15.31 -40.22
N LEU M 312 -29.41 16.23 -40.56
CA LEU M 312 -29.42 17.58 -40.02
C LEU M 312 -30.78 17.94 -39.47
N ARG M 313 -31.46 16.99 -38.84
CA ARG M 313 -32.73 17.29 -38.18
C ARG M 313 -32.43 18.17 -36.97
N LEU M 314 -32.65 19.48 -37.12
CA LEU M 314 -32.39 20.45 -36.08
C LEU M 314 -33.68 20.70 -35.29
N ALA M 315 -33.58 20.61 -33.97
CA ALA M 315 -34.74 20.73 -33.09
C ALA M 315 -35.16 22.19 -32.99
N THR M 316 -36.34 22.51 -33.53
CA THR M 316 -36.94 23.81 -33.31
C THR M 316 -37.89 23.82 -32.12
N GLY M 317 -38.27 22.66 -31.61
CA GLY M 317 -39.33 22.63 -30.63
C GLY M 317 -39.16 21.71 -29.44
N LEU M 318 -40.27 21.45 -28.77
CA LEU M 318 -40.31 20.66 -27.54
C LEU M 318 -40.28 19.17 -27.81
N ARG M 319 -39.76 18.43 -26.83
CA ARG M 319 -39.86 16.99 -26.85
C ARG M 319 -41.29 16.48 -26.90
N ASN M 320 -41.52 15.47 -27.72
CA ASN M 320 -42.84 14.87 -27.84
C ASN M 320 -43.10 13.84 -26.74
N VAL M 321 -44.04 14.15 -25.86
CA VAL M 321 -44.46 13.17 -24.84
C VAL M 321 -45.97 13.09 -24.73
N PRO M 322 -46.59 12.10 -25.35
CA PRO M 322 -48.04 11.93 -25.24
C PRO M 322 -48.45 11.27 -23.92
N SER M 323 -49.63 11.64 -23.46
CA SER M 323 -50.28 11.03 -22.29
C SER M 323 -49.38 10.98 -21.06
N ASP N 1 -57.35 47.01 -30.12
CA ASP N 1 -56.13 47.30 -29.39
C ASP N 1 -55.03 47.89 -30.28
N ILE N 2 -54.90 47.36 -31.49
CA ILE N 2 -53.73 47.59 -32.32
C ILE N 2 -54.23 48.16 -33.66
N GLN N 3 -54.28 49.47 -33.77
CA GLN N 3 -54.77 50.12 -34.98
C GLN N 3 -53.77 49.96 -36.12
N MET N 4 -54.28 49.95 -37.35
CA MET N 4 -53.52 49.56 -38.52
C MET N 4 -53.55 50.64 -39.59
N THR N 5 -52.37 51.10 -39.99
CA THR N 5 -52.21 52.05 -41.10
C THR N 5 -51.59 51.28 -42.26
N GLN N 6 -52.35 51.13 -43.35
CA GLN N 6 -51.85 50.44 -44.53
C GLN N 6 -51.81 51.44 -45.67
N SER N 7 -50.59 51.84 -46.05
CA SER N 7 -50.46 52.80 -47.13
C SER N 7 -49.84 52.14 -48.36
N PRO N 8 -50.31 52.48 -49.57
CA PRO N 8 -51.40 53.43 -49.84
C PRO N 8 -52.71 52.74 -50.25
N ALA N 9 -53.82 53.47 -50.13
CA ALA N 9 -55.14 52.88 -50.35
C ALA N 9 -55.28 52.30 -51.76
N THR N 10 -54.79 53.01 -52.77
CA THR N 10 -54.99 52.60 -54.15
C THR N 10 -53.70 52.76 -54.94
N LEU N 11 -53.38 51.75 -55.75
CA LEU N 11 -52.25 51.79 -56.66
C LEU N 11 -52.67 51.37 -58.06
N SER N 12 -51.88 51.80 -59.04
CA SER N 12 -52.04 51.37 -60.43
C SER N 12 -50.66 51.35 -61.04
N ALA N 13 -50.10 50.16 -61.25
CA ALA N 13 -48.76 49.99 -61.80
C ALA N 13 -48.81 49.03 -62.97
N SER N 14 -47.91 49.25 -63.93
CA SER N 14 -47.89 48.41 -65.13
C SER N 14 -47.28 47.04 -64.83
N VAL N 15 -47.46 46.11 -65.77
CA VAL N 15 -46.99 44.75 -65.59
C VAL N 15 -45.46 44.74 -65.51
N GLY N 16 -44.95 43.92 -64.59
CA GLY N 16 -43.52 43.79 -64.39
C GLY N 16 -42.92 44.76 -63.40
N ASP N 17 -43.60 45.87 -63.12
CA ASP N 17 -43.09 46.85 -62.17
C ASP N 17 -43.12 46.30 -60.75
N ARG N 18 -42.17 46.74 -59.93
CA ARG N 18 -42.15 46.36 -58.53
C ARG N 18 -43.17 47.18 -57.75
N VAL N 19 -43.81 46.54 -56.78
CA VAL N 19 -44.86 47.16 -55.98
C VAL N 19 -44.51 46.97 -54.51
N SER N 20 -44.72 48.02 -53.70
CA SER N 20 -44.42 47.96 -52.28
C SER N 20 -45.59 48.53 -51.50
N ILE N 21 -46.11 47.76 -50.55
CA ILE N 21 -47.21 48.15 -49.68
C ILE N 21 -46.69 48.19 -48.25
N THR N 22 -46.89 49.32 -47.56
CA THR N 22 -46.36 49.50 -46.22
C THR N 22 -47.48 49.36 -45.20
N CYS N 23 -47.18 48.72 -44.06
CA CYS N 23 -48.16 48.37 -43.05
C CYS N 23 -47.62 48.78 -41.68
N ARG N 24 -47.86 50.04 -41.32
CA ARG N 24 -47.53 50.55 -39.99
C ARG N 24 -48.53 50.05 -38.95
N ALA N 25 -48.01 49.73 -37.77
CA ALA N 25 -48.80 49.25 -36.65
C ALA N 25 -48.76 50.27 -35.52
N SER N 26 -49.70 50.11 -34.57
CA SER N 26 -49.75 51.01 -33.43
C SER N 26 -48.70 50.67 -32.37
N GLN N 27 -48.36 49.39 -32.24
CA GLN N 27 -47.40 48.92 -31.25
C GLN N 27 -46.41 47.97 -31.94
N SER N 28 -45.44 47.48 -31.17
CA SER N 28 -44.50 46.50 -31.68
C SER N 28 -45.19 45.15 -31.82
N ILE N 29 -45.24 44.64 -33.05
CA ILE N 29 -45.84 43.33 -33.29
C ILE N 29 -44.85 42.20 -33.06
N SER N 30 -43.57 42.51 -32.87
CA SER N 30 -42.52 41.51 -32.71
C SER N 30 -42.48 40.54 -33.89
N SER N 31 -42.76 41.06 -35.09
CA SER N 31 -42.72 40.30 -36.34
C SER N 31 -43.73 39.17 -36.36
N TRP N 32 -45.01 39.51 -36.20
CA TRP N 32 -46.10 38.53 -36.22
C TRP N 32 -47.25 39.07 -37.07
N LEU N 33 -46.96 39.37 -38.33
CA LEU N 33 -47.97 39.81 -39.26
C LEU N 33 -48.26 38.74 -40.30
N ALA N 34 -49.33 39.01 -41.05
CA ALA N 34 -49.69 38.22 -42.21
C ALA N 34 -50.08 39.17 -43.33
N TRP N 35 -49.96 38.68 -44.56
CA TRP N 35 -50.33 39.42 -45.76
C TRP N 35 -51.28 38.56 -46.56
N TYR N 36 -52.46 39.10 -46.85
CA TYR N 36 -53.53 38.43 -47.57
C TYR N 36 -53.83 39.17 -48.87
N GLN N 37 -54.13 38.40 -49.92
CA GLN N 37 -54.59 38.93 -51.19
C GLN N 37 -56.02 38.44 -51.38
N GLN N 38 -57.00 39.32 -51.16
CA GLN N 38 -58.38 38.95 -51.45
C GLN N 38 -58.71 39.43 -52.87
N LYS N 39 -59.03 38.47 -53.73
CA LYS N 39 -59.51 38.76 -55.04
C LYS N 39 -60.97 39.19 -54.94
N PRO N 40 -61.48 39.92 -55.93
CA PRO N 40 -62.83 40.51 -55.79
C PRO N 40 -63.91 39.53 -55.41
N GLY N 41 -64.58 39.80 -54.29
CA GLY N 41 -65.75 39.04 -53.90
C GLY N 41 -65.50 37.59 -53.56
N LYS N 42 -64.26 37.23 -53.24
CA LYS N 42 -63.90 35.87 -52.87
C LYS N 42 -63.16 35.88 -51.55
N ALA N 43 -62.73 34.70 -51.12
CA ALA N 43 -62.06 34.57 -49.83
C ALA N 43 -60.66 35.17 -49.89
N PRO N 44 -60.15 35.65 -48.76
CA PRO N 44 -58.76 36.10 -48.72
C PRO N 44 -57.82 34.91 -48.77
N LYS N 45 -56.75 35.04 -49.57
CA LYS N 45 -55.75 34.00 -49.73
C LYS N 45 -54.44 34.49 -49.11
N LEU N 46 -53.98 33.77 -48.10
CA LEU N 46 -52.83 34.19 -47.31
C LEU N 46 -51.57 34.21 -48.18
N LEU N 47 -50.96 35.38 -48.31
CA LEU N 47 -49.73 35.48 -49.08
C LEU N 47 -48.51 35.19 -48.23
N ILE N 48 -48.39 35.81 -47.07
CA ILE N 48 -47.18 35.72 -46.27
C ILE N 48 -47.54 35.65 -44.79
N TYR N 49 -46.84 34.78 -44.05
CA TYR N 49 -46.93 34.77 -42.61
C TYR N 49 -45.53 34.98 -42.04
N LYS N 50 -45.45 35.06 -40.73
CA LYS N 50 -44.22 35.37 -40.00
C LYS N 50 -43.59 36.69 -40.46
N ALA N 51 -44.32 37.49 -41.24
CA ALA N 51 -43.86 38.72 -41.87
C ALA N 51 -42.70 38.49 -42.84
N SER N 52 -42.27 37.25 -42.98
CA SER N 52 -41.17 36.93 -43.86
C SER N 52 -41.27 35.54 -44.48
N SER N 53 -42.30 34.76 -44.19
CA SER N 53 -42.42 33.38 -44.66
C SER N 53 -43.43 33.33 -45.80
N LEU N 54 -42.97 32.92 -46.97
CA LEU N 54 -43.84 32.80 -48.14
C LEU N 54 -44.58 31.47 -48.08
N GLU N 55 -45.91 31.52 -48.09
CA GLU N 55 -46.70 30.30 -48.02
C GLU N 55 -46.42 29.41 -49.23
N SER N 56 -46.50 28.10 -49.01
CA SER N 56 -46.30 27.14 -50.08
C SER N 56 -47.31 27.36 -51.20
N GLY N 57 -46.83 27.35 -52.44
CA GLY N 57 -47.68 27.59 -53.58
C GLY N 57 -47.90 29.05 -53.95
N VAL N 58 -47.18 29.98 -53.31
CA VAL N 58 -47.30 31.39 -53.63
C VAL N 58 -46.13 31.74 -54.54
N PRO N 59 -46.33 32.53 -55.59
CA PRO N 59 -45.21 32.89 -56.47
C PRO N 59 -44.12 33.63 -55.69
N SER N 60 -42.86 33.27 -55.98
CA SER N 60 -41.70 33.84 -55.29
C SER N 60 -41.53 35.34 -55.54
N ARG N 61 -42.37 35.95 -56.37
CA ARG N 61 -42.32 37.41 -56.55
C ARG N 61 -42.76 38.17 -55.30
N PHE N 62 -43.53 37.53 -54.43
CA PHE N 62 -44.00 38.16 -53.20
C PHE N 62 -42.96 37.99 -52.09
N SER N 63 -42.54 39.10 -51.50
CA SER N 63 -41.58 39.09 -50.39
C SER N 63 -42.11 39.96 -49.27
N GLY N 64 -41.94 39.50 -48.04
CA GLY N 64 -42.38 40.27 -46.89
C GLY N 64 -41.21 40.66 -46.01
N SER N 65 -41.08 41.94 -45.67
CA SER N 65 -39.90 42.40 -44.94
C SER N 65 -40.31 43.31 -43.80
N GLY N 66 -39.71 43.12 -42.63
CA GLY N 66 -39.95 44.04 -41.53
C GLY N 66 -40.00 43.38 -40.17
N SER N 67 -40.20 44.22 -39.15
CA SER N 67 -40.23 43.76 -37.76
C SER N 67 -40.43 45.01 -36.89
N GLY N 68 -40.89 44.78 -35.67
CA GLY N 68 -41.23 45.89 -34.81
C GLY N 68 -42.57 46.48 -35.18
N SER N 69 -42.56 47.69 -35.75
CA SER N 69 -43.79 48.37 -36.16
C SER N 69 -43.86 48.65 -37.65
N GLU N 70 -42.87 48.26 -38.44
CA GLU N 70 -42.90 48.52 -39.87
C GLU N 70 -42.69 47.23 -40.66
N PHE N 71 -43.47 47.11 -41.73
CA PHE N 71 -43.55 45.91 -42.55
C PHE N 71 -43.92 46.34 -43.96
N THR N 72 -43.46 45.57 -44.94
CA THR N 72 -43.67 45.91 -46.34
C THR N 72 -43.82 44.66 -47.17
N LEU N 73 -44.86 44.64 -48.01
CA LEU N 73 -45.12 43.59 -48.98
C LEU N 73 -44.62 44.06 -50.34
N THR N 74 -43.62 43.37 -50.88
CA THR N 74 -42.99 43.76 -52.14
C THR N 74 -43.25 42.67 -53.18
N ILE N 75 -43.97 43.04 -54.23
CA ILE N 75 -44.14 42.19 -55.40
C ILE N 75 -43.06 42.54 -56.41
N SER N 76 -42.27 41.55 -56.82
CA SER N 76 -41.10 41.82 -57.65
C SER N 76 -41.51 42.15 -59.09
N SER N 77 -42.38 41.35 -59.69
CA SER N 77 -42.86 41.59 -61.05
C SER N 77 -44.38 41.50 -61.04
N LEU N 78 -45.05 42.65 -61.15
CA LEU N 78 -46.50 42.69 -61.09
C LEU N 78 -47.09 42.02 -62.33
N GLN N 79 -47.96 41.04 -62.11
CA GLN N 79 -48.60 40.27 -63.15
C GLN N 79 -50.09 40.59 -63.24
N PRO N 80 -50.74 40.28 -64.37
CA PRO N 80 -52.18 40.52 -64.48
C PRO N 80 -53.01 39.95 -63.34
N ASP N 81 -52.75 38.70 -62.95
CA ASP N 81 -53.55 38.03 -61.94
C ASP N 81 -53.38 38.64 -60.55
N ASP N 82 -52.38 39.49 -60.35
CA ASP N 82 -52.13 40.07 -59.04
C ASP N 82 -53.02 41.29 -58.74
N PHE N 83 -54.10 41.48 -59.50
CA PHE N 83 -55.06 42.54 -59.24
C PHE N 83 -55.99 42.11 -58.12
N ALA N 84 -55.91 42.79 -56.98
CA ALA N 84 -56.75 42.45 -55.83
C ALA N 84 -56.57 43.51 -54.75
N ILE N 85 -57.21 43.26 -53.60
CA ILE N 85 -57.04 44.09 -52.42
C ILE N 85 -56.16 43.33 -51.43
N TYR N 86 -55.13 43.99 -50.93
CA TYR N 86 -54.10 43.37 -50.11
C TYR N 86 -54.21 43.90 -48.69
N TYR N 87 -54.39 43.00 -47.73
CA TYR N 87 -54.55 43.33 -46.33
C TYR N 87 -53.36 42.82 -45.53
N CYS N 88 -53.11 43.46 -44.39
CA CYS N 88 -52.09 43.02 -43.47
C CYS N 88 -52.73 42.74 -42.11
N GLN N 89 -52.63 41.49 -41.67
CA GLN N 89 -53.13 41.00 -40.40
C GLN N 89 -52.11 41.08 -39.28
N GLN N 90 -52.62 41.27 -38.06
CA GLN N 90 -51.84 41.18 -36.83
C GLN N 90 -52.30 40.03 -35.96
N TYR N 91 -51.38 39.15 -35.61
CA TYR N 91 -51.65 38.05 -34.68
C TYR N 91 -50.74 38.10 -33.46
N ASN N 92 -50.21 39.28 -33.15
CA ASN N 92 -49.43 39.44 -31.92
C ASN N 92 -50.33 39.42 -30.69
N SER N 93 -51.47 40.09 -30.76
CA SER N 93 -52.37 40.19 -29.61
C SER N 93 -53.80 40.32 -30.08
N TYR N 94 -54.72 39.80 -29.27
CA TYR N 94 -56.14 39.95 -29.55
C TYR N 94 -56.62 41.32 -29.09
N PRO N 95 -57.57 41.94 -29.81
CA PRO N 95 -58.19 41.37 -31.01
C PRO N 95 -57.30 41.50 -32.26
N TRP N 96 -57.28 40.45 -33.07
CA TRP N 96 -56.55 40.49 -34.33
C TRP N 96 -57.12 41.58 -35.23
N THR N 97 -56.32 42.59 -35.52
CA THR N 97 -56.76 43.76 -36.27
C THR N 97 -56.10 43.80 -37.64
N PHE N 98 -56.81 44.37 -38.60
CA PHE N 98 -56.45 44.35 -40.00
C PHE N 98 -56.29 45.76 -40.55
N GLY N 99 -55.43 45.90 -41.55
CA GLY N 99 -55.33 47.15 -42.25
C GLY N 99 -56.53 47.41 -43.15
N GLN N 100 -56.73 48.67 -43.51
CA GLN N 100 -57.86 49.06 -44.33
C GLN N 100 -57.71 48.52 -45.75
N GLY N 101 -56.59 47.87 -46.03
CA GLY N 101 -56.41 47.27 -47.34
C GLY N 101 -55.88 48.25 -48.35
N THR N 102 -55.10 47.71 -49.30
CA THR N 102 -54.53 48.48 -50.38
C THR N 102 -54.96 47.86 -51.70
N LYS N 103 -55.53 48.67 -52.59
CA LYS N 103 -56.05 48.17 -53.85
C LYS N 103 -54.98 48.30 -54.92
N VAL N 104 -54.55 47.17 -55.49
CA VAL N 104 -53.50 47.19 -56.51
C VAL N 104 -54.16 47.00 -57.87
N GLU N 105 -54.14 48.04 -58.69
CA GLU N 105 -54.62 47.98 -60.07
C GLU N 105 -53.44 47.96 -61.02
N ILE N 106 -53.73 47.75 -62.30
CA ILE N 106 -52.68 47.52 -63.30
C ILE N 106 -52.85 48.53 -64.42
N LYS N 107 -51.86 49.40 -64.56
CA LYS N 107 -51.83 50.36 -65.66
C LYS N 107 -51.53 49.64 -66.98
N ARG N 108 -52.39 49.85 -67.98
CA ARG N 108 -52.23 49.18 -69.27
C ARG N 108 -52.52 50.16 -70.39
N THR N 109 -52.37 49.67 -71.63
CA THR N 109 -52.62 50.48 -72.80
C THR N 109 -54.09 50.88 -72.86
N VAL N 110 -54.33 52.13 -73.26
CA VAL N 110 -55.70 52.63 -73.36
C VAL N 110 -56.44 51.85 -74.43
N ALA N 111 -57.57 51.27 -74.06
CA ALA N 111 -58.34 50.39 -74.94
C ALA N 111 -59.75 50.95 -75.12
N ALA N 112 -60.19 51.00 -76.37
CA ALA N 112 -61.54 51.42 -76.67
C ALA N 112 -62.53 50.35 -76.24
N PRO N 113 -63.78 50.73 -75.95
CA PRO N 113 -64.80 49.74 -75.59
C PRO N 113 -65.51 49.19 -76.82
N SER N 114 -66.35 48.18 -76.57
CA SER N 114 -67.31 47.70 -77.56
C SER N 114 -68.71 47.96 -77.01
N VAL N 115 -69.52 48.67 -77.79
CA VAL N 115 -70.81 49.19 -77.32
C VAL N 115 -71.94 48.37 -77.93
N PHE N 116 -72.86 47.93 -77.08
CA PHE N 116 -74.06 47.23 -77.51
C PHE N 116 -75.27 47.78 -76.76
N ILE N 117 -76.35 48.06 -77.49
CA ILE N 117 -77.58 48.58 -76.90
C ILE N 117 -78.64 47.49 -76.91
N PHE N 118 -79.34 47.32 -75.80
CA PHE N 118 -80.39 46.34 -75.64
C PHE N 118 -81.71 47.06 -75.37
N PRO N 119 -82.70 46.89 -76.24
CA PRO N 119 -84.01 47.50 -76.03
C PRO N 119 -84.75 46.80 -74.89
N PRO N 120 -85.82 47.41 -74.37
CA PRO N 120 -86.50 46.79 -73.23
C PRO N 120 -87.24 45.53 -73.64
N SER N 121 -87.25 44.56 -72.72
CA SER N 121 -88.01 43.34 -72.95
C SER N 121 -89.50 43.62 -72.92
N ASP N 122 -90.24 42.97 -73.82
CA ASP N 122 -91.68 43.16 -73.86
C ASP N 122 -92.36 42.55 -72.64
N GLU N 123 -91.82 41.44 -72.14
CA GLU N 123 -92.30 40.87 -70.89
C GLU N 123 -92.28 41.91 -69.77
N GLN N 124 -91.26 42.75 -69.75
CA GLN N 124 -91.18 43.81 -68.74
C GLN N 124 -92.15 44.95 -69.06
N LEU N 125 -92.28 45.32 -70.34
CA LEU N 125 -93.23 46.37 -70.70
C LEU N 125 -94.65 46.02 -70.30
N LYS N 126 -94.99 44.73 -70.32
CA LYS N 126 -96.32 44.33 -69.85
C LYS N 126 -96.51 44.65 -68.37
N SER N 127 -95.45 44.52 -67.56
CA SER N 127 -95.52 44.81 -66.13
C SER N 127 -95.50 46.30 -65.82
N GLY N 128 -95.61 47.16 -66.83
CA GLY N 128 -95.67 48.59 -66.61
C GLY N 128 -94.35 49.25 -66.30
N THR N 129 -93.23 48.57 -66.54
CA THR N 129 -91.91 49.16 -66.37
C THR N 129 -91.10 48.98 -67.65
N ALA N 130 -90.03 49.76 -67.77
CA ALA N 130 -89.22 49.76 -68.98
C ALA N 130 -87.79 50.12 -68.63
N SER N 131 -86.85 49.48 -69.31
CA SER N 131 -85.42 49.71 -69.06
C SER N 131 -84.62 49.32 -70.29
N VAL N 132 -83.77 50.24 -70.75
CA VAL N 132 -82.88 50.03 -71.88
C VAL N 132 -81.46 50.02 -71.36
N VAL N 133 -80.60 49.17 -71.95
CA VAL N 133 -79.25 48.98 -71.43
C VAL N 133 -78.24 49.34 -72.51
N CYS N 134 -77.15 50.00 -72.12
CA CYS N 134 -76.02 50.23 -73.01
C CYS N 134 -74.75 49.70 -72.36
N LEU N 135 -74.01 48.92 -73.14
CA LEU N 135 -72.94 48.05 -72.65
C LEU N 135 -71.62 48.44 -73.30
N LEU N 136 -70.60 48.68 -72.47
CA LEU N 136 -69.25 48.97 -72.92
C LEU N 136 -68.34 47.85 -72.41
N ASN N 137 -67.79 47.05 -73.32
CA ASN N 137 -66.99 45.88 -72.87
C ASN N 137 -65.52 46.02 -73.27
N ASN N 138 -64.61 45.57 -72.40
CA ASN N 138 -63.15 45.58 -72.72
C ASN N 138 -62.65 46.99 -73.04
N PHE N 139 -62.62 47.88 -72.05
CA PHE N 139 -62.05 49.20 -72.27
C PHE N 139 -61.06 49.53 -71.16
N TYR N 140 -60.32 50.62 -71.37
CA TYR N 140 -59.35 51.13 -70.41
C TYR N 140 -59.04 52.59 -70.74
N PRO N 141 -59.02 53.49 -69.74
CA PRO N 141 -59.31 53.18 -68.34
C PRO N 141 -60.81 53.20 -68.04
N ARG N 142 -61.17 53.12 -66.76
CA ARG N 142 -62.57 53.16 -66.36
C ARG N 142 -63.26 54.46 -66.77
N GLU N 143 -62.49 55.48 -67.12
CA GLU N 143 -63.01 56.84 -67.30
C GLU N 143 -63.64 56.96 -68.69
N ALA N 144 -64.95 56.72 -68.74
CA ALA N 144 -65.74 56.93 -69.95
C ALA N 144 -67.10 57.47 -69.53
N LYS N 145 -67.79 58.12 -70.46
CA LYS N 145 -69.10 58.68 -70.17
C LYS N 145 -70.13 58.14 -71.17
N VAL N 146 -71.24 57.65 -70.63
CA VAL N 146 -72.35 57.12 -71.40
C VAL N 146 -73.55 58.01 -71.10
N GLN N 147 -73.93 58.85 -72.06
CA GLN N 147 -75.10 59.70 -71.94
C GLN N 147 -76.24 59.16 -72.79
N TRP N 148 -77.43 59.59 -72.47
CA TRP N 148 -78.67 59.06 -73.04
C TRP N 148 -79.40 60.18 -73.77
N LYS N 149 -79.87 59.91 -74.98
CA LYS N 149 -80.57 60.92 -75.78
C LYS N 149 -81.86 60.28 -76.30
N VAL N 150 -82.95 60.52 -75.58
CA VAL N 150 -84.28 60.11 -76.01
C VAL N 150 -84.92 61.26 -76.75
N ASP N 151 -85.30 61.03 -78.02
CA ASP N 151 -85.70 62.09 -78.93
C ASP N 151 -84.67 63.21 -78.95
N ASN N 152 -83.40 62.82 -79.04
CA ASN N 152 -82.26 63.75 -79.06
C ASN N 152 -82.29 64.73 -77.90
N ALA N 153 -82.85 64.29 -76.77
CA ALA N 153 -82.92 65.10 -75.55
C ALA N 153 -82.15 64.39 -74.46
N LEU N 154 -81.06 65.01 -74.00
CA LEU N 154 -80.24 64.40 -72.96
C LEU N 154 -81.03 64.29 -71.67
N GLN N 155 -81.26 63.06 -71.22
CA GLN N 155 -81.94 62.86 -69.95
C GLN N 155 -81.03 63.27 -68.81
N SER N 156 -81.54 64.14 -67.94
CA SER N 156 -80.74 64.61 -66.81
C SER N 156 -80.30 63.47 -65.92
N GLY N 157 -81.24 62.60 -65.55
CA GLY N 157 -80.91 61.47 -64.70
C GLY N 157 -81.56 60.19 -65.16
N ASN N 158 -82.23 59.50 -64.24
CA ASN N 158 -83.01 58.29 -64.51
C ASN N 158 -82.15 57.13 -65.00
N SER N 159 -80.84 57.22 -64.84
CA SER N 159 -79.92 56.21 -65.36
C SER N 159 -78.90 55.85 -64.28
N GLN N 160 -78.79 54.56 -63.98
CA GLN N 160 -77.74 54.10 -63.07
C GLN N 160 -76.64 53.40 -63.86
N GLU N 161 -75.52 53.14 -63.19
CA GLU N 161 -74.32 52.72 -63.88
C GLU N 161 -73.53 51.76 -63.00
N SER N 162 -73.14 50.62 -63.57
CA SER N 162 -72.37 49.61 -62.85
C SER N 162 -71.10 49.30 -63.63
N VAL N 163 -69.96 49.27 -62.93
CA VAL N 163 -68.66 49.06 -63.56
C VAL N 163 -68.08 47.77 -63.00
N THR N 164 -67.75 46.83 -63.89
CA THR N 164 -67.03 45.64 -63.48
C THR N 164 -65.64 46.00 -63.00
N GLU N 165 -65.07 45.15 -62.16
CA GLU N 165 -63.70 45.39 -61.75
C GLU N 165 -62.77 44.81 -62.81
N GLN N 166 -61.49 45.15 -62.68
CA GLN N 166 -60.51 44.84 -63.72
C GLN N 166 -60.41 43.33 -63.89
N ASP N 167 -60.61 42.87 -65.13
CA ASP N 167 -60.48 41.46 -65.43
C ASP N 167 -59.09 40.95 -65.09
N SER N 168 -59.02 39.76 -64.49
CA SER N 168 -57.72 39.27 -64.03
C SER N 168 -56.78 38.97 -65.19
N LYS N 169 -57.33 38.61 -66.35
CA LYS N 169 -56.52 38.20 -67.49
C LYS N 169 -56.18 39.37 -68.41
N ASP N 170 -57.20 40.11 -68.87
CA ASP N 170 -56.98 41.25 -69.75
C ASP N 170 -56.73 42.56 -69.03
N SER N 171 -57.20 42.69 -67.79
CA SER N 171 -57.23 43.97 -67.09
C SER N 171 -57.95 45.03 -67.90
N THR N 172 -59.05 44.63 -68.52
CA THR N 172 -59.95 45.53 -69.22
C THR N 172 -61.29 45.62 -68.49
N TYR N 173 -61.87 46.82 -68.48
CA TYR N 173 -63.06 47.10 -67.70
C TYR N 173 -64.33 46.95 -68.54
N SER N 174 -65.45 46.79 -67.85
CA SER N 174 -66.75 46.71 -68.52
C SER N 174 -67.78 47.48 -67.71
N LEU N 175 -68.58 48.27 -68.41
CA LEU N 175 -69.55 49.17 -67.81
C LEU N 175 -70.92 48.94 -68.43
N SER N 176 -71.95 49.12 -67.61
CA SER N 176 -73.34 49.00 -68.06
C SER N 176 -74.11 50.20 -67.53
N SER N 177 -74.69 50.98 -68.44
CA SER N 177 -75.58 52.07 -68.09
C SER N 177 -77.02 51.61 -68.34
N THR N 178 -77.81 51.58 -67.28
CA THR N 178 -79.18 51.10 -67.33
C THR N 178 -80.12 52.28 -67.15
N LEU N 179 -80.92 52.56 -68.17
CA LEU N 179 -81.99 53.55 -68.11
C LEU N 179 -83.29 52.87 -67.72
N THR N 180 -83.83 53.23 -66.56
CA THR N 180 -85.08 52.68 -66.05
C THR N 180 -86.11 53.80 -65.98
N LEU N 181 -87.05 53.79 -66.92
CA LEU N 181 -88.10 54.82 -67.02
C LEU N 181 -89.40 54.14 -67.43
N SER N 182 -90.15 53.66 -66.45
CA SER N 182 -91.44 53.05 -66.73
C SER N 182 -92.41 54.06 -67.33
N LYS N 183 -92.29 55.32 -66.91
CA LYS N 183 -93.26 56.37 -67.37
C LYS N 183 -93.53 56.26 -68.87
N ALA N 184 -94.80 56.13 -69.25
CA ALA N 184 -95.18 56.06 -70.67
C ALA N 184 -94.40 54.98 -71.41
N ASP N 185 -93.73 54.10 -70.66
CA ASP N 185 -92.87 53.10 -71.33
C ASP N 185 -91.95 53.98 -72.18
N TYR N 186 -91.99 53.83 -73.50
CA TYR N 186 -91.22 54.70 -74.41
C TYR N 186 -92.15 54.99 -75.58
N GLU N 187 -93.23 55.72 -75.32
CA GLU N 187 -94.25 55.91 -76.38
C GLU N 187 -94.09 57.25 -77.10
N LYS N 188 -94.43 58.36 -76.44
CA LYS N 188 -94.43 59.66 -77.13
C LYS N 188 -93.11 59.87 -77.85
N HIS N 189 -92.04 59.24 -77.39
CA HIS N 189 -90.71 59.41 -77.96
C HIS N 189 -90.23 58.11 -78.65
N LYS N 190 -89.73 58.24 -79.87
CA LYS N 190 -89.30 57.08 -80.66
C LYS N 190 -87.79 56.94 -80.76
N VAL N 191 -87.05 58.04 -80.64
CA VAL N 191 -85.60 58.01 -80.76
C VAL N 191 -85.00 57.60 -79.42
N TYR N 192 -84.13 56.59 -79.43
CA TYR N 192 -83.45 56.16 -78.21
C TYR N 192 -81.98 55.96 -78.55
N ALA N 193 -81.11 56.88 -78.11
CA ALA N 193 -79.70 56.84 -78.48
C ALA N 193 -78.82 56.85 -77.24
N CYS N 194 -77.63 56.27 -77.38
CA CYS N 194 -76.61 56.26 -76.33
C CYS N 194 -75.34 56.95 -76.84
N GLU N 195 -75.17 58.21 -76.48
CA GLU N 195 -73.92 58.89 -76.77
C GLU N 195 -72.81 58.35 -75.87
N VAL N 196 -71.63 58.12 -76.45
CA VAL N 196 -70.53 57.50 -75.74
C VAL N 196 -69.25 58.25 -76.06
N THR N 197 -68.54 58.67 -75.00
CA THR N 197 -67.29 59.41 -75.10
C THR N 197 -66.23 58.73 -74.23
N HIS N 198 -65.05 58.50 -74.81
CA HIS N 198 -63.95 57.85 -74.11
C HIS N 198 -62.64 58.33 -74.70
N GLN N 199 -61.57 58.20 -73.92
CA GLN N 199 -60.24 58.57 -74.40
C GLN N 199 -59.88 57.80 -75.67
N GLY N 200 -60.18 56.50 -75.70
CA GLY N 200 -59.91 55.73 -76.91
C GLY N 200 -60.78 56.11 -78.08
N LEU N 201 -61.92 56.74 -77.82
CA LEU N 201 -62.84 57.16 -78.88
C LEU N 201 -62.39 58.51 -79.41
N SER N 202 -61.62 58.50 -80.51
CA SER N 202 -61.26 59.76 -81.16
C SER N 202 -62.51 60.51 -81.60
N SER N 203 -63.51 59.79 -82.08
CA SER N 203 -64.80 60.36 -82.44
C SER N 203 -65.87 59.77 -81.53
N PRO N 204 -66.55 60.58 -80.72
CA PRO N 204 -67.61 60.05 -79.85
C PRO N 204 -68.68 59.35 -80.67
N VAL N 205 -69.04 58.13 -80.24
CA VAL N 205 -69.91 57.29 -81.05
C VAL N 205 -71.26 57.19 -80.37
N THR N 206 -72.32 57.15 -81.17
CA THR N 206 -73.69 57.12 -80.66
C THR N 206 -74.51 56.13 -81.47
N LYS N 207 -74.72 54.95 -80.91
CA LYS N 207 -75.65 53.97 -81.46
C LYS N 207 -77.06 54.29 -80.95
N SER N 208 -78.07 53.72 -81.63
CA SER N 208 -79.44 54.11 -81.34
C SER N 208 -80.41 53.07 -81.90
N PHE N 209 -81.66 53.18 -81.44
CA PHE N 209 -82.75 52.38 -81.97
C PHE N 209 -84.06 53.15 -81.83
N ASN N 210 -85.03 52.77 -82.67
CA ASN N 210 -86.38 53.29 -82.66
C ASN N 210 -87.31 52.26 -82.03
N ARG N 211 -88.44 52.75 -81.50
CA ARG N 211 -89.43 51.87 -80.88
C ARG N 211 -89.84 50.75 -81.84
N GLY N 212 -89.87 49.54 -81.30
CA GLY N 212 -90.29 48.37 -82.05
C GLY N 212 -89.47 48.14 -83.30
N GLN O 1 -57.49 18.77 -48.63
CA GLN O 1 -58.16 20.04 -48.37
C GLN O 1 -59.32 19.88 -47.39
N VAL O 2 -59.46 20.85 -46.50
CA VAL O 2 -60.63 20.98 -45.63
C VAL O 2 -61.47 22.13 -46.19
N GLN O 3 -62.79 21.97 -46.15
CA GLN O 3 -63.68 22.93 -46.78
C GLN O 3 -64.67 23.49 -45.75
N LEU O 4 -64.88 24.81 -45.81
CA LEU O 4 -65.73 25.52 -44.86
C LEU O 4 -66.80 26.27 -45.65
N GLN O 5 -68.04 25.79 -45.54
CA GLN O 5 -69.16 26.47 -46.18
C GLN O 5 -69.96 27.24 -45.13
N GLU O 6 -70.75 28.20 -45.59
CA GLU O 6 -71.37 29.16 -44.68
C GLU O 6 -72.83 29.30 -45.08
N SER O 7 -73.71 29.31 -44.09
CA SER O 7 -75.13 29.53 -44.29
C SER O 7 -75.54 30.62 -43.33
N GLY O 8 -76.06 31.72 -43.89
CA GLY O 8 -76.62 32.81 -43.13
C GLY O 8 -77.99 33.11 -43.69
N PRO O 9 -78.84 33.76 -42.90
CA PRO O 9 -80.23 33.99 -43.32
C PRO O 9 -80.39 35.02 -44.42
N GLY O 10 -79.45 35.95 -44.58
CA GLY O 10 -79.57 36.99 -45.59
C GLY O 10 -80.16 38.29 -45.10
N LEU O 11 -81.32 38.23 -44.45
CA LEU O 11 -81.91 39.36 -43.75
C LEU O 11 -82.24 38.96 -42.32
N VAL O 12 -81.91 39.87 -41.39
CA VAL O 12 -82.33 39.75 -40.00
C VAL O 12 -82.80 41.11 -39.51
N LYS O 13 -83.99 41.15 -38.91
CA LYS O 13 -84.61 42.44 -38.52
C LYS O 13 -83.67 43.30 -37.66
N PRO O 14 -83.84 44.63 -37.66
CA PRO O 14 -82.97 45.53 -36.88
C PRO O 14 -83.00 45.27 -35.37
N SER O 15 -83.79 44.30 -34.93
CA SER O 15 -83.82 43.95 -33.49
C SER O 15 -84.00 42.45 -33.31
N GLU O 16 -82.99 41.66 -33.69
CA GLU O 16 -83.11 40.19 -33.60
C GLU O 16 -81.77 39.56 -33.24
N THR O 17 -81.69 38.22 -33.25
CA THR O 17 -80.46 37.53 -32.94
C THR O 17 -80.24 36.74 -34.23
N LEU O 18 -79.30 37.21 -35.05
CA LEU O 18 -78.88 36.38 -36.21
C LEU O 18 -78.15 35.17 -35.70
N SER O 19 -78.36 34.02 -36.34
CA SER O 19 -77.59 32.82 -36.09
C SER O 19 -76.95 32.44 -37.42
N LEU O 20 -75.64 32.22 -37.40
CA LEU O 20 -74.90 31.80 -38.59
C LEU O 20 -74.22 30.47 -38.33
N THR O 21 -74.20 29.60 -39.33
CA THR O 21 -73.62 28.28 -39.15
C THR O 21 -72.58 28.00 -40.24
N CYS O 22 -71.35 27.73 -39.82
CA CYS O 22 -70.29 27.28 -40.72
C CYS O 22 -70.20 25.77 -40.65
N SER O 23 -70.31 25.13 -41.81
CA SER O 23 -70.26 23.68 -41.96
C SER O 23 -68.88 23.25 -42.41
N VAL O 24 -68.36 22.21 -41.78
CA VAL O 24 -66.96 21.80 -41.91
C VAL O 24 -66.92 20.42 -42.55
N SER O 25 -66.21 20.29 -43.67
CA SER O 25 -65.98 18.99 -44.28
C SER O 25 -64.48 18.73 -44.36
N GLY O 26 -64.09 17.49 -44.10
CA GLY O 26 -62.69 17.12 -44.14
C GLY O 26 -61.93 17.35 -42.86
N ALA O 27 -62.60 17.68 -41.76
CA ALA O 27 -61.91 17.94 -40.51
C ALA O 27 -62.86 17.70 -39.35
N SER O 28 -62.30 17.30 -38.21
CA SER O 28 -63.05 17.19 -36.97
C SER O 28 -62.91 18.48 -36.19
N ILE O 29 -64.03 19.07 -35.78
CA ILE O 29 -64.00 20.34 -35.06
C ILE O 29 -63.26 20.20 -33.73
N SER O 30 -63.37 19.04 -33.08
CA SER O 30 -62.74 18.83 -31.78
C SER O 30 -61.24 19.11 -31.79
N SER O 31 -60.60 19.08 -32.96
CA SER O 31 -59.15 19.24 -33.06
C SER O 31 -58.72 20.68 -33.30
N TYR O 32 -59.38 21.40 -34.20
CA TYR O 32 -58.98 22.75 -34.56
C TYR O 32 -59.88 23.77 -33.89
N TYR O 33 -59.31 24.94 -33.62
CA TYR O 33 -60.10 26.09 -33.23
C TYR O 33 -60.82 26.65 -34.45
N TRP O 34 -61.88 27.41 -34.20
CA TRP O 34 -62.71 27.92 -35.29
C TRP O 34 -62.94 29.41 -35.11
N ILE O 35 -62.70 30.17 -36.18
CA ILE O 35 -62.62 31.62 -36.15
C ILE O 35 -63.71 32.18 -37.06
N TRP O 36 -64.19 33.37 -36.73
CA TRP O 36 -65.12 34.11 -37.56
C TRP O 36 -64.59 35.51 -37.71
N ILE O 37 -64.81 36.07 -38.91
CA ILE O 37 -64.31 37.37 -39.34
C ILE O 37 -65.32 38.03 -40.27
N ARG O 38 -65.46 39.35 -40.17
CA ARG O 38 -66.51 40.08 -40.88
C ARG O 38 -65.89 41.25 -41.63
N GLN O 39 -66.55 41.67 -42.72
CA GLN O 39 -66.10 42.81 -43.52
C GLN O 39 -67.29 43.63 -43.99
N PRO O 40 -67.37 44.91 -43.62
CA PRO O 40 -68.46 45.75 -44.13
C PRO O 40 -68.10 46.38 -45.46
N ALA O 41 -69.08 46.40 -46.37
CA ALA O 41 -68.95 47.01 -47.69
C ALA O 41 -67.62 46.67 -48.34
N GLY O 42 -66.93 47.67 -48.86
CA GLY O 42 -65.58 47.48 -49.37
C GLY O 42 -64.52 47.85 -48.37
N LYS O 43 -64.90 47.90 -47.08
CA LYS O 43 -64.01 48.33 -46.02
C LYS O 43 -63.13 47.15 -45.58
N GLY O 44 -62.46 47.30 -44.44
CA GLY O 44 -61.61 46.26 -43.91
C GLY O 44 -62.39 45.18 -43.21
N LEU O 45 -61.67 44.34 -42.49
CA LEU O 45 -62.25 43.21 -41.78
C LEU O 45 -62.12 43.38 -40.27
N GLU O 46 -62.81 42.49 -39.55
CA GLU O 46 -62.81 42.52 -38.09
C GLU O 46 -62.71 41.12 -37.48
N TRP O 47 -61.78 40.94 -36.55
CA TRP O 47 -61.61 39.66 -35.86
C TRP O 47 -62.75 39.44 -34.87
N ILE O 48 -63.81 38.73 -35.28
CA ILE O 48 -64.90 38.69 -34.32
C ILE O 48 -64.62 37.63 -33.26
N GLY O 49 -63.97 36.53 -33.61
CA GLY O 49 -63.39 35.74 -32.54
C GLY O 49 -63.18 34.27 -32.86
N ARG O 50 -62.93 33.52 -31.78
CA ARG O 50 -62.37 32.18 -31.80
C ARG O 50 -63.06 31.31 -30.76
N PHE O 51 -63.25 30.03 -31.08
CA PHE O 51 -63.85 29.10 -30.14
C PHE O 51 -63.24 27.72 -30.33
N TYR O 52 -63.33 26.91 -29.28
CA TYR O 52 -62.77 25.57 -29.25
C TYR O 52 -63.67 24.66 -28.43
N THR O 53 -63.65 23.37 -28.76
CA THR O 53 -64.49 22.40 -28.04
C THR O 53 -63.91 22.10 -26.67
N SER O 54 -62.62 21.75 -26.60
CA SER O 54 -61.93 21.54 -25.33
C SER O 54 -60.96 22.71 -25.11
N GLY O 55 -61.53 23.90 -24.97
CA GLY O 55 -60.73 25.09 -24.79
C GLY O 55 -61.56 26.24 -24.29
N SER O 56 -60.99 27.44 -24.41
CA SER O 56 -61.62 28.65 -23.91
C SER O 56 -61.78 29.66 -25.04
N PRO O 57 -62.99 30.15 -25.28
CA PRO O 57 -63.19 31.13 -26.34
C PRO O 57 -62.71 32.52 -25.95
N ASN O 58 -62.44 33.32 -26.96
CA ASN O 58 -62.12 34.73 -26.77
C ASN O 58 -62.73 35.50 -27.94
N TYR O 59 -63.30 36.67 -27.63
CA TYR O 59 -64.04 37.43 -28.63
C TYR O 59 -63.50 38.86 -28.68
N ASN O 60 -63.86 39.54 -29.77
CA ASN O 60 -63.50 40.94 -29.91
C ASN O 60 -64.27 41.77 -28.88
N PRO O 61 -63.65 42.79 -28.28
CA PRO O 61 -64.34 43.57 -27.24
C PRO O 61 -65.64 44.22 -27.71
N SER O 62 -65.62 44.90 -28.86
CA SER O 62 -66.79 45.66 -29.30
C SER O 62 -68.01 44.77 -29.49
N LEU O 63 -67.81 43.48 -29.77
CA LEU O 63 -68.90 42.54 -29.92
C LEU O 63 -68.98 41.55 -28.77
N ARG O 64 -68.04 41.62 -27.81
CA ARG O 64 -67.97 40.66 -26.72
C ARG O 64 -69.31 40.51 -25.99
N SER O 65 -69.98 41.63 -25.73
CA SER O 65 -71.20 41.60 -24.93
C SER O 65 -72.31 40.80 -25.59
N ARG O 66 -72.23 40.57 -26.91
CA ARG O 66 -73.35 40.02 -27.65
C ARG O 66 -73.07 38.68 -28.32
N VAL O 67 -71.81 38.30 -28.50
CA VAL O 67 -71.46 37.11 -29.28
C VAL O 67 -71.45 35.88 -28.38
N THR O 68 -72.09 34.82 -28.87
CA THR O 68 -71.94 33.48 -28.29
C THR O 68 -71.60 32.51 -29.42
N MET O 69 -70.52 31.76 -29.24
CA MET O 69 -70.03 30.83 -30.24
C MET O 69 -70.25 29.40 -29.75
N SER O 70 -70.82 28.55 -30.60
CA SER O 70 -71.10 27.17 -30.21
C SER O 70 -70.59 26.22 -31.28
N VAL O 71 -70.48 24.94 -30.90
CA VAL O 71 -69.94 23.89 -31.75
C VAL O 71 -70.82 22.66 -31.68
N ASP O 72 -71.27 22.19 -32.84
CA ASP O 72 -71.93 20.89 -32.97
C ASP O 72 -70.91 19.92 -33.55
N THR O 73 -70.35 19.06 -32.68
CA THR O 73 -69.55 17.93 -33.12
C THR O 73 -70.40 16.87 -33.82
N SER O 74 -71.69 16.84 -33.52
CA SER O 74 -72.60 15.95 -34.24
C SER O 74 -72.66 16.32 -35.71
N LYS O 75 -73.09 17.54 -36.01
CA LYS O 75 -73.33 17.98 -37.38
C LYS O 75 -72.07 18.57 -38.05
N ASN O 76 -70.93 18.55 -37.35
CA ASN O 76 -69.69 19.16 -37.85
C ASN O 76 -69.91 20.61 -38.28
N GLN O 77 -70.39 21.42 -37.33
CA GLN O 77 -70.63 22.83 -37.60
C GLN O 77 -70.24 23.66 -36.39
N PHE O 78 -70.04 24.94 -36.62
CA PHE O 78 -69.94 25.87 -35.50
C PHE O 78 -70.70 27.13 -35.85
N SER O 79 -71.35 27.71 -34.85
CA SER O 79 -72.34 28.74 -35.07
C SER O 79 -72.05 29.99 -34.26
N LEU O 80 -72.30 31.14 -34.89
CA LEU O 80 -72.37 32.44 -34.24
C LEU O 80 -73.80 32.73 -33.84
N LYS O 81 -73.96 33.36 -32.68
CA LYS O 81 -75.25 33.92 -32.27
C LYS O 81 -74.99 35.31 -31.68
N LEU O 82 -75.47 36.33 -32.37
CA LEU O 82 -75.24 37.73 -32.03
C LEU O 82 -76.57 38.36 -31.63
N THR O 83 -76.64 38.90 -30.42
CA THR O 83 -77.88 39.49 -29.91
C THR O 83 -78.00 40.94 -30.35
N SER O 84 -79.26 41.38 -30.46
CA SER O 84 -79.61 42.78 -30.75
C SER O 84 -78.86 43.41 -31.93
N VAL O 85 -79.12 42.85 -33.10
CA VAL O 85 -78.33 43.21 -34.28
C VAL O 85 -78.64 44.61 -34.75
N THR O 86 -77.61 45.44 -34.88
CA THR O 86 -77.79 46.82 -35.26
C THR O 86 -77.58 46.98 -36.76
N ALA O 87 -77.76 48.21 -37.24
CA ALA O 87 -77.56 48.47 -38.66
C ALA O 87 -76.09 48.34 -39.04
N ALA O 88 -75.19 48.76 -38.16
CA ALA O 88 -73.76 48.61 -38.41
C ALA O 88 -73.36 47.15 -38.63
N ASP O 89 -74.18 46.21 -38.16
CA ASP O 89 -73.87 44.79 -38.33
C ASP O 89 -74.00 44.32 -39.77
N THR O 90 -74.60 45.10 -40.65
CA THR O 90 -74.73 44.68 -42.05
C THR O 90 -73.37 44.52 -42.72
N ALA O 91 -72.99 43.29 -43.03
CA ALA O 91 -71.64 43.04 -43.56
C ALA O 91 -71.56 41.61 -44.08
N VAL O 92 -70.38 41.26 -44.61
CA VAL O 92 -70.06 39.90 -45.02
C VAL O 92 -69.41 39.25 -43.81
N TYR O 93 -69.74 37.98 -43.57
CA TYR O 93 -69.13 37.15 -42.56
C TYR O 93 -68.37 36.03 -43.25
N TYR O 94 -67.22 35.66 -42.69
CA TYR O 94 -66.41 34.55 -43.15
C TYR O 94 -66.07 33.69 -41.94
N CYS O 95 -66.01 32.38 -42.14
CA CYS O 95 -65.56 31.44 -41.12
C CYS O 95 -64.26 30.81 -41.58
N ALA O 96 -63.31 30.68 -40.66
CA ALA O 96 -61.99 30.15 -40.97
C ALA O 96 -61.57 29.15 -39.91
N ARG O 97 -60.59 28.32 -40.27
CA ARG O 97 -60.05 27.31 -39.37
C ARG O 97 -58.73 27.80 -38.80
N GLU O 98 -58.56 27.69 -37.48
CA GLU O 98 -57.30 28.02 -36.84
C GLU O 98 -56.38 26.81 -36.87
N GLU O 99 -55.34 26.87 -37.70
CA GLU O 99 -54.38 25.78 -37.78
C GLU O 99 -53.68 25.59 -36.42
N HIS O 100 -52.90 24.52 -36.32
CA HIS O 100 -52.19 24.22 -35.09
C HIS O 100 -50.92 25.07 -35.00
N ILE O 101 -50.07 24.73 -34.02
CA ILE O 101 -48.85 25.48 -33.80
C ILE O 101 -47.88 25.23 -34.95
N THR O 102 -47.36 26.31 -35.51
CA THR O 102 -46.24 26.25 -36.45
C THR O 102 -45.11 27.12 -35.90
N PHE O 103 -43.93 26.99 -36.51
CA PHE O 103 -42.81 27.83 -36.11
C PHE O 103 -43.07 29.30 -36.42
N GLY O 104 -43.98 29.58 -37.35
CA GLY O 104 -44.39 30.95 -37.62
C GLY O 104 -45.69 31.30 -36.91
N GLY O 105 -45.91 30.67 -35.77
CA GLY O 105 -47.12 30.91 -35.03
C GLY O 105 -48.32 30.21 -35.66
N VAL O 106 -49.49 30.57 -35.15
CA VAL O 106 -50.74 29.99 -35.61
C VAL O 106 -51.18 30.70 -36.89
N ILE O 107 -51.54 29.91 -37.91
CA ILE O 107 -51.90 30.46 -39.22
C ILE O 107 -53.28 29.97 -39.62
N VAL O 108 -53.73 30.39 -40.81
CA VAL O 108 -54.98 29.94 -41.39
C VAL O 108 -54.74 29.65 -42.87
N ARG O 109 -55.44 28.66 -43.39
CA ARG O 109 -55.35 28.27 -44.78
C ARG O 109 -56.52 28.90 -45.55
N TYR O 110 -56.71 28.49 -46.79
CA TYR O 110 -57.90 28.83 -47.58
C TYR O 110 -59.15 28.24 -46.92
N TRP O 111 -60.07 29.09 -46.45
CA TRP O 111 -61.17 28.56 -45.64
C TRP O 111 -62.58 28.88 -46.10
N GLY O 112 -63.20 29.92 -45.53
CA GLY O 112 -64.58 30.23 -45.82
C GLY O 112 -64.78 30.89 -47.17
N GLN O 113 -66.05 31.05 -47.53
CA GLN O 113 -66.42 31.73 -48.77
C GLN O 113 -67.00 33.11 -48.51
N GLY O 114 -67.92 33.24 -47.57
CA GLY O 114 -68.54 34.54 -47.31
C GLY O 114 -70.03 34.47 -47.54
N THR O 115 -70.78 34.94 -46.54
CA THR O 115 -72.22 35.11 -46.67
C THR O 115 -72.60 36.50 -46.19
N LEU O 116 -73.48 37.16 -46.94
CA LEU O 116 -73.93 38.49 -46.60
C LEU O 116 -75.05 38.44 -45.58
N VAL O 117 -74.90 39.21 -44.50
CA VAL O 117 -75.99 39.44 -43.57
C VAL O 117 -76.30 40.93 -43.55
N THR O 118 -77.51 41.28 -43.94
CA THR O 118 -77.99 42.64 -43.98
C THR O 118 -79.15 42.80 -43.01
N VAL O 119 -79.10 43.88 -42.24
CA VAL O 119 -80.04 44.11 -41.13
C VAL O 119 -81.03 45.15 -41.59
N SER O 120 -82.23 44.71 -41.97
CA SER O 120 -83.27 45.60 -42.46
C SER O 120 -84.64 45.12 -42.04
N SER O 121 -85.60 46.03 -41.85
CA SER O 121 -86.99 45.63 -41.65
C SER O 121 -87.77 45.28 -42.91
N ALA O 122 -87.11 45.28 -44.06
CA ALA O 122 -87.76 44.94 -45.32
C ALA O 122 -87.91 43.43 -45.50
N SER O 123 -88.63 43.04 -46.56
CA SER O 123 -88.99 41.66 -46.81
C SER O 123 -88.02 41.01 -47.79
N THR O 124 -88.19 39.71 -47.99
CA THR O 124 -87.46 38.94 -48.99
C THR O 124 -88.40 38.70 -50.17
N LYS O 125 -88.34 39.56 -51.17
CA LYS O 125 -89.22 39.46 -52.33
C LYS O 125 -88.42 38.99 -53.55
N GLY O 126 -89.04 38.14 -54.36
CA GLY O 126 -88.36 37.44 -55.43
C GLY O 126 -87.96 38.32 -56.59
N PRO O 127 -86.93 37.89 -57.32
CA PRO O 127 -86.48 38.65 -58.48
C PRO O 127 -87.33 38.37 -59.71
N SER O 128 -87.39 39.36 -60.59
CA SER O 128 -87.98 39.23 -61.91
C SER O 128 -86.87 39.29 -62.94
N VAL O 129 -86.81 38.27 -63.79
CA VAL O 129 -85.77 38.15 -64.81
C VAL O 129 -86.36 38.55 -66.15
N PHE O 130 -85.61 39.36 -66.90
CA PHE O 130 -86.05 39.83 -68.21
C PHE O 130 -84.90 39.67 -69.21
N PRO O 131 -85.11 38.99 -70.32
CA PRO O 131 -83.99 38.69 -71.23
C PRO O 131 -83.53 39.91 -72.03
N LEU O 132 -82.21 39.98 -72.22
CA LEU O 132 -81.55 41.02 -73.01
C LEU O 132 -81.26 40.43 -74.39
N ALA O 133 -82.18 40.66 -75.33
CA ALA O 133 -82.04 40.26 -76.71
C ALA O 133 -80.89 41.03 -77.36
N PRO O 134 -80.30 40.47 -78.42
CA PRO O 134 -79.13 41.11 -79.03
C PRO O 134 -79.50 42.15 -80.06
N SER O 135 -78.48 42.80 -80.62
CA SER O 135 -78.66 43.61 -81.83
C SER O 135 -78.76 42.64 -82.99
N SER O 136 -79.98 42.15 -83.24
CA SER O 136 -80.20 41.12 -84.26
C SER O 136 -79.74 41.57 -85.64
N LYS O 137 -80.02 42.82 -86.00
CA LYS O 137 -79.54 43.34 -87.27
C LYS O 137 -78.11 43.83 -87.16
N SER O 138 -77.77 44.51 -86.06
CA SER O 138 -76.44 45.05 -85.87
C SER O 138 -75.49 44.01 -85.29
N THR O 139 -75.39 42.84 -85.94
CA THR O 139 -74.38 41.86 -85.56
C THR O 139 -73.02 42.32 -86.05
N SER O 140 -72.16 42.74 -85.11
CA SER O 140 -70.82 43.22 -85.43
C SER O 140 -69.90 42.01 -85.52
N GLY O 141 -69.65 41.54 -86.73
CA GLY O 141 -68.77 40.41 -86.93
C GLY O 141 -69.22 39.22 -86.11
N GLY O 142 -68.26 38.57 -85.45
CA GLY O 142 -68.62 37.53 -84.50
C GLY O 142 -69.28 38.07 -83.25
N THR O 143 -68.83 39.24 -82.79
CA THR O 143 -69.31 39.82 -81.53
C THR O 143 -70.84 39.91 -81.51
N ALA O 144 -71.43 39.35 -80.45
CA ALA O 144 -72.87 39.38 -80.27
C ALA O 144 -73.15 39.24 -78.77
N ALA O 145 -73.74 40.27 -78.17
CA ALA O 145 -73.93 40.32 -76.73
C ALA O 145 -75.36 39.91 -76.37
N LEU O 146 -75.48 39.02 -75.39
CA LEU O 146 -76.76 38.53 -74.90
C LEU O 146 -76.79 38.71 -73.39
N GLY O 147 -77.98 38.77 -72.81
CA GLY O 147 -77.96 38.90 -71.36
C GLY O 147 -79.29 38.64 -70.67
N CYS O 148 -79.30 38.92 -69.37
CA CYS O 148 -80.51 38.91 -68.55
C CYS O 148 -80.43 39.96 -67.47
N LEU O 149 -81.57 40.59 -67.20
CA LEU O 149 -81.74 41.60 -66.16
C LEU O 149 -82.52 40.97 -65.01
N VAL O 150 -81.83 40.76 -63.89
CA VAL O 150 -82.46 40.32 -62.64
C VAL O 150 -82.76 41.59 -61.87
N LYS O 151 -84.01 42.03 -61.90
CA LYS O 151 -84.41 43.27 -61.24
C LYS O 151 -85.54 42.99 -60.27
N ASP O 152 -85.89 44.02 -59.48
CA ASP O 152 -87.01 43.95 -58.55
C ASP O 152 -86.79 42.83 -57.52
N TYR O 153 -85.78 43.04 -56.69
CA TYR O 153 -85.52 42.15 -55.56
C TYR O 153 -84.87 42.96 -54.43
N PHE O 154 -85.26 42.64 -53.20
CA PHE O 154 -84.81 43.42 -52.04
C PHE O 154 -83.50 42.88 -51.46
N PRO O 155 -83.40 41.60 -51.06
CA PRO O 155 -82.13 41.12 -50.51
C PRO O 155 -81.07 41.00 -51.58
N GLU O 156 -79.81 41.01 -51.14
CA GLU O 156 -78.68 41.18 -52.05
C GLU O 156 -78.15 39.90 -52.70
N PRO O 157 -77.91 38.80 -51.96
CA PRO O 157 -77.22 37.66 -52.58
C PRO O 157 -77.96 37.04 -53.76
N VAL O 158 -77.39 37.21 -54.96
CA VAL O 158 -77.97 36.72 -56.20
C VAL O 158 -76.87 36.05 -57.01
N THR O 159 -77.16 34.89 -57.59
CA THR O 159 -76.21 34.17 -58.42
C THR O 159 -76.76 34.03 -59.83
N VAL O 160 -75.89 34.29 -60.81
CA VAL O 160 -76.22 34.14 -62.23
C VAL O 160 -75.24 33.14 -62.83
N SER O 161 -75.79 32.07 -63.43
CA SER O 161 -75.00 31.13 -64.21
C SER O 161 -75.56 31.05 -65.61
N TRP O 162 -74.73 30.55 -66.54
CA TRP O 162 -75.07 30.52 -67.95
C TRP O 162 -75.04 29.08 -68.43
N ASN O 163 -76.14 28.62 -69.02
CA ASN O 163 -76.31 27.22 -69.41
C ASN O 163 -75.96 26.27 -68.27
N SER O 164 -76.33 26.67 -67.05
CA SER O 164 -75.99 25.94 -65.83
C SER O 164 -74.49 25.68 -65.75
N GLY O 165 -73.70 26.70 -66.06
CA GLY O 165 -72.26 26.65 -65.92
C GLY O 165 -71.49 26.30 -67.19
N ALA O 166 -72.17 25.95 -68.27
CA ALA O 166 -71.46 25.52 -69.48
C ALA O 166 -70.77 26.71 -70.15
N LEU O 167 -71.40 27.88 -70.14
CA LEU O 167 -70.87 29.07 -70.80
C LEU O 167 -69.92 29.75 -69.83
N THR O 168 -68.62 29.72 -70.16
CA THR O 168 -67.59 30.03 -69.18
C THR O 168 -66.75 31.26 -69.50
N SER O 169 -66.82 31.82 -70.71
CA SER O 169 -65.93 32.89 -71.10
C SER O 169 -66.72 34.11 -71.56
N GLY O 170 -66.08 35.28 -71.50
CA GLY O 170 -66.70 36.51 -71.94
C GLY O 170 -67.93 36.89 -71.14
N VAL O 171 -68.03 36.45 -69.90
CA VAL O 171 -69.18 36.72 -69.05
C VAL O 171 -68.86 37.92 -68.16
N HIS O 172 -69.84 38.84 -68.05
CA HIS O 172 -69.69 40.03 -67.21
C HIS O 172 -70.96 40.21 -66.38
N THR O 173 -71.12 39.37 -65.36
CA THR O 173 -72.20 39.56 -64.39
C THR O 173 -71.89 40.82 -63.58
N PHE O 174 -72.61 41.90 -63.90
CA PHE O 174 -72.30 43.23 -63.38
C PHE O 174 -72.55 43.32 -61.88
N PRO O 175 -72.17 44.42 -61.24
CA PRO O 175 -72.57 44.63 -59.85
C PRO O 175 -74.05 44.99 -59.74
N ALA O 176 -74.66 44.55 -58.65
CA ALA O 176 -76.03 44.95 -58.36
C ALA O 176 -76.07 46.43 -58.02
N VAL O 177 -77.08 47.12 -58.56
CA VAL O 177 -77.24 48.56 -58.38
C VAL O 177 -78.55 48.81 -57.66
N LEU O 178 -78.50 49.62 -56.61
CA LEU O 178 -79.71 50.01 -55.90
C LEU O 178 -80.51 51.02 -56.73
N GLN O 179 -81.79 50.72 -56.96
CA GLN O 179 -82.66 51.61 -57.69
C GLN O 179 -83.38 52.56 -56.73
N SER O 180 -84.05 53.56 -57.31
CA SER O 180 -84.77 54.54 -56.49
C SER O 180 -85.88 53.90 -55.67
N SER O 181 -86.30 52.70 -56.04
CA SER O 181 -87.38 51.98 -55.35
C SER O 181 -86.91 51.19 -54.14
N GLY O 182 -85.64 51.30 -53.77
CA GLY O 182 -85.10 50.45 -52.74
C GLY O 182 -84.80 49.03 -53.19
N LEU O 183 -84.97 48.74 -54.47
CA LEU O 183 -84.68 47.44 -55.05
C LEU O 183 -83.32 47.45 -55.73
N TYR O 184 -82.89 46.28 -56.17
CA TYR O 184 -81.61 46.11 -56.83
C TYR O 184 -81.82 45.63 -58.26
N SER O 185 -81.15 46.28 -59.19
CA SER O 185 -81.09 45.84 -60.58
C SER O 185 -79.72 45.23 -60.83
N LEU O 186 -79.70 44.08 -61.52
CA LEU O 186 -78.46 43.33 -61.69
C LEU O 186 -78.45 42.78 -63.12
N SER O 187 -77.54 43.27 -63.94
CA SER O 187 -77.42 42.86 -65.33
C SER O 187 -76.33 41.80 -65.48
N SER O 188 -76.55 40.84 -66.37
CA SER O 188 -75.56 39.82 -66.68
C SER O 188 -75.47 39.66 -68.20
N VAL O 189 -74.25 39.73 -68.73
CA VAL O 189 -74.03 39.81 -70.17
C VAL O 189 -72.92 38.82 -70.57
N VAL O 190 -73.10 38.19 -71.73
CA VAL O 190 -72.07 37.36 -72.35
C VAL O 190 -71.91 37.76 -73.81
N THR O 191 -70.65 37.87 -74.25
CA THR O 191 -70.33 38.05 -75.66
C THR O 191 -70.11 36.69 -76.31
N VAL O 192 -70.59 36.56 -77.55
CA VAL O 192 -70.77 35.28 -78.21
C VAL O 192 -70.49 35.43 -79.71
N PRO O 193 -69.93 34.43 -80.38
CA PRO O 193 -69.84 34.49 -81.85
C PRO O 193 -71.22 34.57 -82.48
N SER O 194 -71.34 35.41 -83.53
CA SER O 194 -72.63 35.62 -84.18
C SER O 194 -73.10 34.40 -84.95
N SER O 195 -72.20 33.50 -85.33
CA SER O 195 -72.61 32.28 -86.01
C SER O 195 -73.47 31.41 -85.09
N SER O 196 -72.88 30.98 -83.97
CA SER O 196 -73.57 30.10 -83.02
C SER O 196 -74.91 30.66 -82.54
N LEU O 197 -75.18 31.95 -82.77
CA LEU O 197 -76.50 32.50 -82.45
C LEU O 197 -77.62 31.66 -83.05
N GLY O 198 -77.37 31.03 -84.19
CA GLY O 198 -78.36 30.10 -84.70
C GLY O 198 -78.17 28.74 -84.07
N THR O 199 -76.92 28.29 -84.04
CA THR O 199 -76.61 26.93 -83.63
C THR O 199 -76.37 26.78 -82.13
N GLN O 200 -76.81 27.73 -81.30
CA GLN O 200 -76.69 27.57 -79.86
C GLN O 200 -77.79 28.35 -79.16
N THR O 201 -78.15 27.88 -77.97
CA THR O 201 -79.18 28.51 -77.13
C THR O 201 -78.60 28.85 -75.78
N TYR O 202 -78.96 30.02 -75.28
CA TYR O 202 -78.28 30.64 -74.16
C TYR O 202 -79.29 30.85 -73.05
N ILE O 203 -79.12 30.12 -71.95
CA ILE O 203 -80.06 30.11 -70.83
C ILE O 203 -79.34 30.59 -69.58
N CYS O 204 -79.91 31.58 -68.90
CA CYS O 204 -79.45 31.96 -67.57
C CYS O 204 -80.22 31.20 -66.51
N ASN O 205 -79.48 30.78 -65.48
CA ASN O 205 -80.03 30.20 -64.26
C ASN O 205 -79.71 31.17 -63.14
N VAL O 206 -80.74 31.81 -62.58
CA VAL O 206 -80.56 32.84 -61.57
C VAL O 206 -81.18 32.35 -60.27
N ASN O 207 -80.37 32.32 -59.22
CA ASN O 207 -80.77 31.85 -57.90
C ASN O 207 -80.61 33.00 -56.92
N HIS O 208 -81.74 33.55 -56.48
CA HIS O 208 -81.77 34.53 -55.40
C HIS O 208 -82.10 33.76 -54.12
N LYS O 209 -81.12 33.68 -53.22
CA LYS O 209 -81.21 32.71 -52.13
C LYS O 209 -82.23 33.10 -51.06
N PRO O 210 -82.26 34.34 -50.55
CA PRO O 210 -83.27 34.66 -49.52
C PRO O 210 -84.69 34.45 -50.01
N SER O 211 -85.05 34.99 -51.19
CA SER O 211 -86.34 34.70 -51.77
C SER O 211 -86.49 33.24 -52.14
N ASN O 212 -85.40 32.47 -52.18
CA ASN O 212 -85.41 31.05 -52.52
C ASN O 212 -86.00 30.85 -53.92
N THR O 213 -85.53 31.66 -54.86
CA THR O 213 -86.08 31.69 -56.21
C THR O 213 -85.01 31.24 -57.20
N LYS O 214 -85.39 30.34 -58.11
CA LYS O 214 -84.47 29.76 -59.09
C LYS O 214 -85.08 29.90 -60.49
N VAL O 215 -85.07 31.12 -61.03
CA VAL O 215 -85.70 31.35 -62.32
C VAL O 215 -84.68 31.20 -63.43
N ASP O 216 -85.05 30.51 -64.49
CA ASP O 216 -84.17 30.24 -65.61
C ASP O 216 -84.86 30.74 -66.87
N LYS O 217 -84.13 31.51 -67.69
CA LYS O 217 -84.75 32.09 -68.88
C LYS O 217 -83.93 32.10 -70.16
N ARG O 218 -84.65 32.02 -71.27
CA ARG O 218 -84.07 32.11 -72.62
C ARG O 218 -83.68 33.48 -73.11
N VAL O 219 -82.79 33.53 -74.11
CA VAL O 219 -82.31 34.79 -74.65
C VAL O 219 -82.29 34.64 -76.16
N GLU O 220 -83.33 35.12 -76.85
CA GLU O 220 -83.49 34.89 -78.27
C GLU O 220 -83.48 36.20 -79.04
N PRO O 221 -83.02 36.20 -80.31
CA PRO O 221 -82.88 37.42 -81.11
C PRO O 221 -84.22 38.12 -81.39
N ALA P 334 -22.29 24.01 -6.43
CA ALA P 334 -23.54 23.65 -7.08
C ALA P 334 -24.63 24.62 -6.69
N GLY P 335 -25.88 24.18 -6.85
CA GLY P 335 -27.01 24.92 -6.35
C GLY P 335 -27.41 24.38 -4.99
N PHE P 336 -26.43 23.84 -4.28
CA PHE P 336 -26.61 23.21 -2.98
C PHE P 336 -25.74 23.76 -1.83
N ILE P 337 -25.72 23.03 -0.72
CA ILE P 337 -24.91 23.33 0.44
C ILE P 337 -23.77 22.40 0.87
N GLU P 338 -22.67 22.55 0.15
CA GLU P 338 -21.33 22.10 0.59
C GLU P 338 -21.50 20.67 1.08
N GLY P 339 -22.20 19.85 0.31
CA GLY P 339 -22.42 18.48 0.76
C GLY P 339 -21.66 17.51 -0.11
N GLY P 340 -20.59 16.93 0.40
CA GLY P 340 -19.87 15.93 -0.36
C GLY P 340 -19.59 14.74 0.54
N TRP P 341 -20.09 13.57 0.17
CA TRP P 341 -20.04 12.39 1.05
C TRP P 341 -18.94 11.46 0.58
N THR P 342 -17.83 11.44 1.32
CA THR P 342 -16.75 10.52 1.00
C THR P 342 -17.12 9.07 1.29
N GLY P 343 -18.16 8.85 2.10
CA GLY P 343 -18.54 7.49 2.47
C GLY P 343 -19.44 6.78 1.49
N MET P 344 -20.15 7.52 0.64
CA MET P 344 -21.01 6.92 -0.37
C MET P 344 -20.14 6.58 -1.57
N VAL P 345 -19.80 5.29 -1.70
CA VAL P 345 -18.86 4.83 -2.71
C VAL P 345 -19.55 4.05 -3.82
N ASP P 346 -20.88 4.12 -3.92
CA ASP P 346 -21.63 3.30 -4.85
C ASP P 346 -22.43 4.10 -5.87
N GLY P 347 -22.24 5.41 -5.96
CA GLY P 347 -22.91 6.18 -6.99
C GLY P 347 -22.62 7.66 -6.87
N TRP P 348 -22.96 8.37 -7.95
CA TRP P 348 -22.78 9.81 -7.99
C TRP P 348 -23.69 10.48 -6.96
N TYR P 349 -24.96 10.10 -6.95
CA TYR P 349 -25.98 10.73 -6.13
C TYR P 349 -26.58 9.69 -5.19
N GLY P 350 -27.24 10.16 -4.14
CA GLY P 350 -27.90 9.24 -3.24
C GLY P 350 -28.43 9.93 -2.01
N TYR P 351 -28.57 9.14 -0.96
CA TYR P 351 -29.25 9.52 0.27
C TYR P 351 -28.41 9.06 1.46
N HIS P 352 -28.58 9.75 2.58
CA HIS P 352 -28.09 9.28 3.87
C HIS P 352 -29.30 9.14 4.79
N HIS P 353 -29.66 7.91 5.10
CA HIS P 353 -30.84 7.66 5.92
C HIS P 353 -30.44 7.44 7.37
N GLN P 354 -31.30 7.90 8.27
CA GLN P 354 -31.10 7.76 9.71
C GLN P 354 -32.47 7.53 10.34
N ASN P 355 -32.75 6.28 10.71
CA ASN P 355 -34.00 5.95 11.39
C ASN P 355 -33.75 5.05 12.60
N GLU P 356 -34.83 4.52 13.18
CA GLU P 356 -34.69 3.64 14.33
C GLU P 356 -33.75 2.48 14.05
N GLN P 357 -33.75 1.99 12.81
CA GLN P 357 -32.94 0.85 12.41
C GLN P 357 -31.51 1.22 12.04
N GLY P 358 -31.08 2.44 12.32
CA GLY P 358 -29.71 2.85 12.09
C GLY P 358 -29.59 3.85 10.96
N SER P 359 -28.35 4.08 10.55
CA SER P 359 -28.05 5.05 9.51
C SER P 359 -27.16 4.41 8.44
N GLY P 360 -27.12 5.05 7.29
CA GLY P 360 -26.30 4.54 6.21
C GLY P 360 -26.41 5.38 4.95
N TYR P 361 -25.39 5.22 4.09
CA TYR P 361 -25.36 5.84 2.77
C TYR P 361 -25.93 4.87 1.74
N ALA P 362 -26.63 5.41 0.76
CA ALA P 362 -27.23 4.58 -0.29
C ALA P 362 -27.40 5.41 -1.54
N ALA P 363 -26.72 5.02 -2.62
CA ALA P 363 -26.73 5.81 -3.84
C ALA P 363 -28.03 5.62 -4.63
N ASP P 364 -28.52 6.72 -5.20
CA ASP P 364 -29.68 6.67 -6.10
C ASP P 364 -29.21 6.17 -7.46
N LEU P 365 -29.39 4.87 -7.71
CA LEU P 365 -28.90 4.29 -8.95
C LEU P 365 -29.61 4.85 -10.18
N LYS P 366 -30.81 5.41 -10.02
CA LYS P 366 -31.59 5.86 -11.17
C LYS P 366 -31.01 7.15 -11.75
N SER P 367 -30.91 8.20 -10.93
CA SER P 367 -30.36 9.47 -11.42
C SER P 367 -28.89 9.39 -11.82
N THR P 368 -28.09 8.67 -11.02
CA THR P 368 -26.71 8.41 -11.40
C THR P 368 -26.61 7.64 -12.72
N GLN P 369 -27.56 6.73 -12.95
CA GLN P 369 -27.56 5.94 -14.17
C GLN P 369 -27.80 6.89 -15.34
N ASN P 370 -28.83 7.74 -15.21
CA ASN P 370 -29.12 8.71 -16.26
C ASN P 370 -27.92 9.61 -16.51
N ALA P 371 -27.25 10.05 -15.44
CA ALA P 371 -26.09 10.91 -15.60
C ALA P 371 -24.95 10.20 -16.32
N ILE P 372 -24.67 8.95 -15.95
CA ILE P 372 -23.61 8.20 -16.62
C ILE P 372 -23.94 8.02 -18.10
N ASP P 373 -25.21 7.73 -18.42
CA ASP P 373 -25.60 7.57 -19.82
C ASP P 373 -25.40 8.85 -20.59
N GLY P 374 -25.87 9.98 -20.05
CA GLY P 374 -25.72 11.25 -20.75
C GLY P 374 -24.27 11.62 -20.97
N ILE P 375 -23.45 11.49 -19.92
CA ILE P 375 -22.05 11.87 -20.04
C ILE P 375 -21.32 10.94 -21.00
N THR P 376 -21.69 9.66 -21.03
CA THR P 376 -21.07 8.73 -21.97
C THR P 376 -21.38 9.11 -23.40
N ASN P 377 -22.67 9.34 -23.69
CA ASN P 377 -23.05 9.76 -25.04
C ASN P 377 -22.37 11.06 -25.43
N LYS P 378 -22.23 11.99 -24.48
CA LYS P 378 -21.58 13.27 -24.75
C LYS P 378 -20.11 13.09 -25.11
N VAL P 379 -19.36 12.40 -24.25
CA VAL P 379 -17.94 12.17 -24.49
C VAL P 379 -17.74 11.44 -25.81
N ASN P 380 -18.61 10.45 -26.11
CA ASN P 380 -18.47 9.70 -27.35
C ASN P 380 -18.76 10.57 -28.56
N SER P 381 -19.73 11.49 -28.46
CA SER P 381 -19.99 12.40 -29.57
C SER P 381 -18.76 13.27 -29.84
N VAL P 382 -18.14 13.79 -28.78
CA VAL P 382 -16.91 14.58 -28.97
C VAL P 382 -15.82 13.73 -29.60
N ILE P 383 -15.63 12.50 -29.10
CA ILE P 383 -14.60 11.62 -29.61
C ILE P 383 -14.79 11.36 -31.10
N GLU P 384 -16.01 10.95 -31.47
CA GLU P 384 -16.27 10.59 -32.86
C GLU P 384 -16.13 11.79 -33.79
N LYS P 385 -16.70 12.94 -33.40
CA LYS P 385 -16.55 14.13 -34.23
C LYS P 385 -15.08 14.54 -34.35
N MET P 386 -14.27 14.23 -33.35
CA MET P 386 -12.83 14.47 -33.39
C MET P 386 -12.14 13.28 -34.06
N ASN P 387 -12.39 13.14 -35.37
CA ASN P 387 -11.78 12.07 -36.15
C ASN P 387 -11.39 12.66 -37.52
N THR P 388 -10.45 13.59 -37.49
CA THR P 388 -9.90 14.19 -38.70
C THR P 388 -8.78 13.32 -39.25
N GLN P 389 -8.76 13.18 -40.58
CA GLN P 389 -7.82 12.27 -41.24
C GLN P 389 -7.32 12.89 -42.54
N PHE P 390 -6.03 12.68 -42.82
CA PHE P 390 -5.40 13.17 -44.04
C PHE P 390 -4.27 12.21 -44.42
N THR P 391 -3.61 12.52 -45.54
CA THR P 391 -2.47 11.74 -45.99
C THR P 391 -1.21 12.38 -45.42
N ALA P 392 -0.04 11.94 -45.88
CA ALA P 392 1.23 12.53 -45.45
C ALA P 392 1.15 14.03 -45.28
N VAL P 393 1.43 14.49 -44.07
CA VAL P 393 1.17 15.89 -43.73
C VAL P 393 2.19 16.80 -44.39
N GLY P 394 3.48 16.55 -44.16
CA GLY P 394 4.51 17.44 -44.63
C GLY P 394 4.77 17.31 -46.12
N LYS P 395 5.43 18.33 -46.66
CA LYS P 395 5.79 18.39 -48.08
C LYS P 395 7.20 18.96 -48.21
N GLU P 396 7.80 18.73 -49.38
CA GLU P 396 9.13 19.24 -49.69
C GLU P 396 9.07 20.03 -51.00
N PHE P 397 9.49 21.29 -50.95
CA PHE P 397 9.48 22.17 -52.11
C PHE P 397 10.87 22.76 -52.33
N ASN P 398 11.24 22.92 -53.60
CA ASN P 398 12.60 23.28 -53.97
C ASN P 398 12.82 24.78 -53.92
N HIS P 399 14.04 25.21 -54.28
CA HIS P 399 14.43 26.61 -54.18
C HIS P 399 13.62 27.50 -55.11
N LEU P 400 13.04 26.94 -56.17
CA LEU P 400 12.16 27.68 -57.07
C LEU P 400 10.69 27.53 -56.68
N GLU P 401 10.42 27.03 -55.46
CA GLU P 401 9.07 26.80 -54.97
C GLU P 401 8.91 27.22 -53.52
N LYS P 402 9.62 28.27 -53.11
CA LYS P 402 9.50 28.81 -51.76
C LYS P 402 8.07 29.24 -51.45
N ARG P 403 7.36 29.68 -52.48
CA ARG P 403 6.05 30.30 -52.36
C ARG P 403 5.02 29.29 -51.84
N ILE P 404 4.79 28.23 -52.63
CA ILE P 404 3.97 27.10 -52.21
C ILE P 404 4.52 26.41 -50.97
N GLU P 405 5.83 26.48 -50.73
CA GLU P 405 6.39 25.84 -49.54
C GLU P 405 5.89 26.53 -48.26
N ASN P 406 6.01 27.85 -48.21
CA ASN P 406 5.45 28.59 -47.09
C ASN P 406 3.94 28.46 -47.03
N LEU P 407 3.27 28.38 -48.17
CA LEU P 407 1.82 28.16 -48.16
C LEU P 407 1.48 26.83 -47.49
N ASN P 408 2.23 25.77 -47.80
CA ASN P 408 1.93 24.45 -47.23
C ASN P 408 2.22 24.41 -45.75
N LYS P 409 3.32 25.03 -45.31
CA LYS P 409 3.57 25.09 -43.87
C LYS P 409 2.48 25.89 -43.16
N LYS P 410 2.03 26.99 -43.78
CA LYS P 410 0.91 27.75 -43.24
C LYS P 410 -0.34 26.89 -43.12
N VAL P 411 -0.58 26.04 -44.11
CA VAL P 411 -1.78 25.20 -44.09
C VAL P 411 -1.71 24.17 -42.97
N ASP P 412 -0.57 23.48 -42.86
CA ASP P 412 -0.37 22.52 -41.78
C ASP P 412 -0.56 23.19 -40.42
N ASP P 413 0.08 24.34 -40.23
CA ASP P 413 0.00 25.03 -38.95
C ASP P 413 -1.40 25.57 -38.69
N GLY P 414 -2.13 25.94 -39.73
CA GLY P 414 -3.48 26.43 -39.55
C GLY P 414 -4.45 25.34 -39.15
N PHE P 415 -4.34 24.17 -39.78
CA PHE P 415 -5.16 23.05 -39.34
C PHE P 415 -4.80 22.62 -37.92
N LEU P 416 -3.50 22.64 -37.59
CA LEU P 416 -3.07 22.44 -36.20
C LEU P 416 -3.79 23.41 -35.27
N ASP P 417 -3.71 24.71 -35.58
CA ASP P 417 -4.30 25.74 -34.74
C ASP P 417 -5.81 25.55 -34.60
N ILE P 418 -6.47 25.16 -35.69
CA ILE P 418 -7.92 25.05 -35.67
C ILE P 418 -8.36 23.87 -34.82
N TRP P 419 -7.74 22.71 -34.99
CA TRP P 419 -8.08 21.57 -34.15
C TRP P 419 -7.73 21.85 -32.70
N THR P 420 -6.62 22.57 -32.46
CA THR P 420 -6.24 22.95 -31.11
C THR P 420 -7.30 23.84 -30.47
N TYR P 421 -7.67 24.92 -31.16
CA TYR P 421 -8.67 25.86 -30.69
C TYR P 421 -9.99 25.16 -30.39
N ASN P 422 -10.44 24.30 -31.31
CA ASN P 422 -11.69 23.57 -31.10
C ASN P 422 -11.62 22.68 -29.87
N ALA P 423 -10.54 21.90 -29.75
CA ALA P 423 -10.38 21.04 -28.58
C ALA P 423 -10.39 21.86 -27.29
N GLU P 424 -9.63 22.96 -27.26
CA GLU P 424 -9.53 23.78 -26.05
C GLU P 424 -10.90 24.32 -25.64
N LEU P 425 -11.58 24.99 -26.56
CA LEU P 425 -12.87 25.60 -26.22
C LEU P 425 -13.88 24.54 -25.85
N LEU P 426 -13.93 23.41 -26.58
CA LEU P 426 -14.89 22.38 -26.24
C LEU P 426 -14.62 21.81 -24.87
N VAL P 427 -13.35 21.54 -24.53
CA VAL P 427 -13.04 21.02 -23.21
C VAL P 427 -13.50 21.99 -22.13
N LEU P 428 -13.17 23.27 -22.28
CA LEU P 428 -13.56 24.27 -21.27
C LEU P 428 -15.08 24.33 -21.13
N LEU P 429 -15.76 24.61 -22.25
CA LEU P 429 -17.21 24.78 -22.25
C LEU P 429 -17.92 23.54 -21.71
N GLU P 430 -17.43 22.35 -22.08
CA GLU P 430 -18.13 21.14 -21.73
C GLU P 430 -17.84 20.69 -20.31
N ASN P 431 -16.66 21.01 -19.76
CA ASN P 431 -16.47 20.85 -18.32
C ASN P 431 -17.45 21.73 -17.55
N GLU P 432 -17.58 22.99 -17.98
CA GLU P 432 -18.55 23.89 -17.37
C GLU P 432 -19.95 23.28 -17.41
N ARG P 433 -20.40 22.90 -18.62
CA ARG P 433 -21.74 22.35 -18.78
C ARG P 433 -21.92 21.03 -18.05
N THR P 434 -20.86 20.23 -17.93
CA THR P 434 -20.93 18.96 -17.23
C THR P 434 -21.20 19.19 -15.75
N LEU P 435 -20.43 20.09 -15.13
CA LEU P 435 -20.65 20.41 -13.72
C LEU P 435 -22.05 21.00 -13.52
N ASP P 436 -22.52 21.81 -14.47
CA ASP P 436 -23.87 22.38 -14.35
C ASP P 436 -24.94 21.30 -14.46
N TYR P 437 -24.77 20.36 -15.41
CA TYR P 437 -25.67 19.23 -15.56
C TYR P 437 -25.76 18.43 -14.26
N HIS P 438 -24.62 18.17 -13.63
CA HIS P 438 -24.64 17.42 -12.38
C HIS P 438 -25.31 18.20 -11.27
N ASP P 439 -25.09 19.52 -11.22
CA ASP P 439 -25.82 20.36 -10.28
C ASP P 439 -27.33 20.24 -10.46
N SER P 440 -27.78 20.27 -11.72
CA SER P 440 -29.21 20.13 -11.99
C SER P 440 -29.74 18.76 -11.57
N ASN P 441 -28.93 17.72 -11.72
CA ASN P 441 -29.35 16.40 -11.23
C ASN P 441 -29.55 16.42 -9.71
N VAL P 442 -28.60 17.02 -8.99
CA VAL P 442 -28.77 17.23 -7.55
C VAL P 442 -30.12 17.88 -7.27
N LYS P 443 -30.37 19.00 -7.95
CA LYS P 443 -31.57 19.79 -7.69
C LYS P 443 -32.84 18.98 -7.94
N ASN P 444 -32.87 18.22 -9.03
CA ASN P 444 -34.05 17.43 -9.37
C ASN P 444 -34.30 16.34 -8.34
N LEU P 445 -33.24 15.65 -7.90
CA LEU P 445 -33.41 14.63 -6.86
C LEU P 445 -34.00 15.24 -5.59
N TYR P 446 -33.45 16.39 -5.16
CA TYR P 446 -33.96 17.04 -3.96
C TYR P 446 -35.42 17.44 -4.11
N GLU P 447 -35.78 18.02 -5.26
CA GLU P 447 -37.16 18.45 -5.47
C GLU P 447 -38.11 17.26 -5.52
N LYS P 448 -37.68 16.12 -6.06
CA LYS P 448 -38.53 14.94 -6.04
C LYS P 448 -38.80 14.48 -4.61
N VAL P 449 -37.75 14.39 -3.79
CA VAL P 449 -37.96 13.96 -2.41
C VAL P 449 -38.85 14.96 -1.66
N ARG P 450 -38.68 16.26 -1.94
CA ARG P 450 -39.48 17.28 -1.26
C ARG P 450 -40.95 17.18 -1.65
N SER P 451 -41.23 17.13 -2.96
CA SER P 451 -42.61 16.97 -3.42
C SER P 451 -43.21 15.66 -2.96
N GLN P 452 -42.36 14.68 -2.62
CA GLN P 452 -42.87 13.40 -2.15
C GLN P 452 -43.26 13.45 -0.68
N LEU P 453 -42.48 14.15 0.14
CA LEU P 453 -42.77 14.18 1.57
C LEU P 453 -43.75 15.29 1.98
N LYS P 454 -43.59 16.49 1.43
CA LYS P 454 -44.48 17.64 1.69
C LYS P 454 -44.50 17.91 3.19
N ASN P 455 -45.68 18.06 3.82
CA ASN P 455 -45.80 18.46 5.21
C ASN P 455 -45.40 17.36 6.19
N ASN P 456 -45.11 16.16 5.71
CA ASN P 456 -44.77 15.06 6.60
C ASN P 456 -43.32 15.11 7.10
N ALA P 457 -42.56 16.13 6.72
CA ALA P 457 -41.17 16.24 7.13
C ALA P 457 -40.69 17.67 6.94
N LYS P 458 -40.03 18.22 7.97
CA LYS P 458 -39.42 19.53 7.84
C LYS P 458 -38.27 19.51 6.85
N GLU P 459 -38.07 20.63 6.17
CA GLU P 459 -36.86 20.88 5.40
C GLU P 459 -35.89 21.60 6.32
N ILE P 460 -34.97 20.86 6.95
CA ILE P 460 -33.92 21.55 7.69
C ILE P 460 -33.03 22.28 6.69
N GLY P 461 -32.54 23.45 7.10
CA GLY P 461 -31.98 24.45 6.20
C GLY P 461 -30.89 23.98 5.27
N ASN P 462 -30.22 22.87 5.56
CA ASN P 462 -29.02 22.51 4.83
C ASN P 462 -29.26 21.40 3.80
N GLY P 463 -30.51 21.13 3.45
CA GLY P 463 -30.77 20.08 2.48
C GLY P 463 -30.90 18.69 3.08
N CYS P 464 -31.64 18.58 4.17
CA CYS P 464 -32.02 17.29 4.71
C CYS P 464 -33.52 17.28 4.96
N PHE P 465 -34.02 16.27 5.67
CA PHE P 465 -35.45 16.18 5.95
C PHE P 465 -35.64 15.49 7.29
N GLU P 466 -36.25 16.18 8.25
CA GLU P 466 -36.61 15.57 9.53
C GLU P 466 -38.10 15.25 9.52
N PHE P 467 -38.43 13.97 9.58
CA PHE P 467 -39.83 13.55 9.57
C PHE P 467 -40.53 13.96 10.85
N TYR P 468 -41.77 14.42 10.72
CA TYR P 468 -42.65 14.54 11.89
C TYR P 468 -43.10 13.18 12.39
N HIS P 469 -42.93 12.13 11.61
CA HIS P 469 -43.38 10.79 11.93
C HIS P 469 -42.18 9.83 11.94
N LYS P 470 -42.48 8.55 12.18
CA LYS P 470 -41.48 7.50 12.10
C LYS P 470 -41.43 6.96 10.68
N CYS P 471 -40.24 6.98 10.08
CA CYS P 471 -40.02 6.49 8.72
C CYS P 471 -39.03 5.33 8.79
N ASP P 472 -39.56 4.12 8.86
CA ASP P 472 -38.74 2.92 8.98
C ASP P 472 -38.06 2.61 7.65
N ASN P 473 -37.37 1.47 7.60
CA ASN P 473 -36.65 1.06 6.40
C ASN P 473 -37.59 0.97 5.20
N THR P 474 -38.78 0.37 5.38
CA THR P 474 -39.73 0.29 4.29
C THR P 474 -40.16 1.67 3.82
N CYS P 475 -40.36 2.59 4.77
CA CYS P 475 -40.69 3.98 4.39
C CYS P 475 -39.54 4.62 3.63
N MET P 476 -38.31 4.46 4.11
CA MET P 476 -37.14 5.00 3.41
C MET P 476 -37.07 4.47 2.00
N GLU P 477 -37.25 3.16 1.82
CA GLU P 477 -37.16 2.56 0.49
C GLU P 477 -38.29 3.02 -0.41
N SER P 478 -39.49 3.23 0.15
CA SER P 478 -40.59 3.74 -0.65
C SER P 478 -40.31 5.18 -1.10
N VAL P 479 -39.65 5.97 -0.26
CA VAL P 479 -39.23 7.30 -0.70
C VAL P 479 -38.16 7.20 -1.79
N LYS P 480 -37.23 6.25 -1.64
CA LYS P 480 -36.10 6.19 -2.57
C LYS P 480 -36.52 5.73 -3.97
N ASN P 481 -37.53 4.86 -4.07
CA ASN P 481 -38.05 4.43 -5.36
C ASN P 481 -39.34 5.16 -5.74
N GLY P 482 -39.60 6.32 -5.14
CA GLY P 482 -40.68 7.19 -5.56
C GLY P 482 -42.09 6.67 -5.34
N THR P 483 -42.33 5.98 -4.22
CA THR P 483 -43.66 5.46 -3.90
C THR P 483 -44.03 5.72 -2.46
N TYR P 484 -43.55 6.83 -1.88
CA TYR P 484 -43.94 7.19 -0.53
C TYR P 484 -45.43 7.51 -0.46
N ASP P 485 -46.03 7.17 0.67
CA ASP P 485 -47.48 7.29 0.86
C ASP P 485 -47.70 8.42 1.86
N TYR P 486 -47.97 9.63 1.33
CA TYR P 486 -48.19 10.78 2.21
C TYR P 486 -49.41 10.62 3.11
N PRO P 487 -50.60 10.20 2.61
CA PRO P 487 -51.72 9.98 3.54
C PRO P 487 -51.45 8.90 4.58
N LYS P 488 -50.54 7.96 4.32
CA LYS P 488 -50.22 6.93 5.30
C LYS P 488 -49.73 7.54 6.61
N TYR P 489 -48.85 8.54 6.52
CA TYR P 489 -48.26 9.17 7.69
C TYR P 489 -48.80 10.57 7.93
N SER P 490 -49.81 10.98 7.16
CA SER P 490 -50.32 12.34 7.29
C SER P 490 -50.89 12.60 8.67
N GLU P 491 -51.56 11.61 9.27
CA GLU P 491 -52.17 11.82 10.59
C GLU P 491 -51.11 11.94 11.69
N GLU P 492 -50.17 11.00 11.73
CA GLU P 492 -49.09 11.07 12.71
C GLU P 492 -48.29 12.36 12.55
N ALA P 493 -47.99 12.74 11.30
CA ALA P 493 -47.24 13.96 11.06
C ALA P 493 -48.04 15.18 11.46
N LYS P 494 -49.34 15.19 11.19
CA LYS P 494 -50.19 16.30 11.61
C LYS P 494 -50.15 16.47 13.12
N LEU P 495 -50.36 15.38 13.85
CA LEU P 495 -50.35 15.44 15.31
C LEU P 495 -49.00 15.98 15.81
N ASN P 496 -47.90 15.33 15.40
CA ASN P 496 -46.59 15.72 15.91
C ASN P 496 -46.23 17.14 15.51
N ARG P 497 -46.49 17.51 14.26
CA ARG P 497 -46.21 18.85 13.76
C ARG P 497 -46.98 19.90 14.55
N GLU P 498 -48.31 19.77 14.61
CA GLU P 498 -49.12 20.77 15.30
C GLU P 498 -48.83 20.84 16.79
N GLU P 499 -48.30 19.76 17.40
CA GLU P 499 -47.84 19.87 18.77
C GLU P 499 -46.51 20.62 18.83
N ILE P 500 -45.58 20.31 17.91
CA ILE P 500 -44.30 20.99 17.85
C ILE P 500 -44.50 22.51 17.85
N ASP P 501 -45.54 22.98 17.18
CA ASP P 501 -45.91 24.39 17.21
C ASP P 501 -46.39 24.78 18.60
N GLY Q 1 -38.24 13.36 14.78
CA GLY Q 1 -38.24 11.93 14.56
C GLY Q 1 -37.07 11.44 13.72
N ASP Q 2 -37.36 10.58 12.74
CA ASP Q 2 -36.32 10.04 11.89
C ASP Q 2 -35.83 11.09 10.89
N THR Q 3 -34.67 10.84 10.30
CA THR Q 3 -34.00 11.80 9.44
C THR Q 3 -33.56 11.12 8.14
N LEU Q 4 -33.72 11.84 7.04
CA LEU Q 4 -33.25 11.41 5.73
C LEU Q 4 -32.61 12.59 5.02
N CYS Q 5 -31.37 12.41 4.55
CA CYS Q 5 -30.60 13.48 3.93
C CYS Q 5 -30.31 13.17 2.47
N ILE Q 6 -29.97 14.23 1.73
CA ILE Q 6 -29.65 14.14 0.31
C ILE Q 6 -28.27 14.76 0.10
N GLY Q 7 -27.43 14.06 -0.63
CA GLY Q 7 -26.08 14.52 -0.90
C GLY Q 7 -25.53 13.86 -2.15
N TYR Q 8 -24.22 14.03 -2.34
CA TYR Q 8 -23.57 13.56 -3.55
C TYR Q 8 -22.15 13.11 -3.26
N HIS Q 9 -21.57 12.43 -4.24
CA HIS Q 9 -20.33 11.69 -4.05
C HIS Q 9 -19.14 12.59 -3.77
N ALA Q 10 -18.20 12.05 -2.99
CA ALA Q 10 -16.87 12.60 -2.80
C ALA Q 10 -15.91 11.45 -2.62
N ASN Q 11 -14.65 11.66 -3.00
CA ASN Q 11 -13.63 10.64 -2.85
C ASN Q 11 -12.30 11.33 -2.57
N ASN Q 12 -11.20 10.60 -2.73
CA ASN Q 12 -9.87 11.14 -2.46
C ASN Q 12 -9.14 11.59 -3.72
N SER Q 13 -9.82 11.63 -4.87
CA SER Q 13 -9.18 12.04 -6.10
C SER Q 13 -8.83 13.52 -6.07
N THR Q 14 -7.61 13.84 -6.52
CA THR Q 14 -7.15 15.21 -6.62
C THR Q 14 -7.05 15.68 -8.08
N ASP Q 15 -7.77 15.01 -8.98
CA ASP Q 15 -7.76 15.37 -10.38
C ASP Q 15 -8.37 16.75 -10.58
N THR Q 16 -7.63 17.65 -11.20
CA THR Q 16 -8.07 19.02 -11.43
C THR Q 16 -8.26 19.28 -12.92
N VAL Q 17 -9.37 19.93 -13.26
CA VAL Q 17 -9.69 20.28 -14.64
C VAL Q 17 -9.93 21.78 -14.73
N ASP Q 18 -9.94 22.28 -15.96
CA ASP Q 18 -10.18 23.69 -16.24
C ASP Q 18 -11.55 23.84 -16.91
N THR Q 19 -12.26 24.90 -16.53
CA THR Q 19 -13.49 25.31 -17.19
C THR Q 19 -13.34 26.76 -17.66
N LEU Q 20 -14.37 27.25 -18.35
CA LEU Q 20 -14.35 28.61 -18.85
C LEU Q 20 -14.38 29.63 -17.71
N LEU Q 21 -15.12 29.35 -16.64
CA LEU Q 21 -15.21 30.25 -15.50
C LEU Q 21 -14.12 30.06 -14.48
N GLU Q 22 -13.64 28.83 -14.30
CA GLU Q 22 -12.80 28.51 -13.16
C GLU Q 22 -11.80 27.43 -13.55
N LYS Q 23 -10.56 27.57 -13.10
CA LYS Q 23 -9.49 26.63 -13.39
C LYS Q 23 -9.10 25.87 -12.14
N ASN Q 24 -8.33 24.81 -12.34
CA ASN Q 24 -7.89 23.91 -11.28
C ASN Q 24 -9.07 23.40 -10.46
N VAL Q 25 -10.10 22.93 -11.17
CA VAL Q 25 -11.33 22.47 -10.55
C VAL Q 25 -11.15 21.00 -10.16
N THR Q 26 -11.07 20.73 -8.87
CA THR Q 26 -10.89 19.38 -8.37
C THR Q 26 -12.18 18.60 -8.51
N VAL Q 27 -12.16 17.53 -9.31
CA VAL Q 27 -13.35 16.74 -9.59
C VAL Q 27 -13.11 15.30 -9.14
N THR Q 28 -14.23 14.60 -8.87
CA THR Q 28 -14.15 13.22 -8.38
C THR Q 28 -13.62 12.29 -9.46
N HIS Q 29 -14.01 12.49 -10.71
CA HIS Q 29 -13.66 11.59 -11.80
C HIS Q 29 -13.43 12.40 -13.06
N SER Q 30 -12.36 12.08 -13.77
CA SER Q 30 -11.97 12.84 -14.96
C SER Q 30 -11.02 11.97 -15.79
N VAL Q 31 -10.78 12.41 -17.02
CA VAL Q 31 -9.88 11.67 -17.91
C VAL Q 31 -9.11 12.76 -18.65
N ASN Q 32 -7.79 12.79 -18.48
CA ASN Q 32 -6.98 13.75 -19.25
C ASN Q 32 -6.80 13.14 -20.63
N LEU Q 33 -7.31 13.82 -21.65
CA LEU Q 33 -7.33 13.28 -22.99
C LEU Q 33 -5.98 13.35 -23.71
N LEU Q 34 -5.02 14.09 -23.17
CA LEU Q 34 -3.69 14.16 -23.76
C LEU Q 34 -2.81 13.00 -23.30
N GLU Q 35 -1.63 12.92 -23.92
CA GLU Q 35 -0.64 11.90 -23.62
C GLU Q 35 0.72 12.49 -23.98
N ASP Q 36 1.42 13.01 -22.98
CA ASP Q 36 2.75 13.58 -23.19
C ASP Q 36 3.84 12.55 -22.91
N LYS Q 37 3.69 11.39 -23.55
CA LYS Q 37 4.60 10.27 -23.37
C LYS Q 37 4.74 9.53 -24.70
N HIS Q 38 5.93 8.97 -24.90
CA HIS Q 38 6.25 8.17 -26.07
C HIS Q 38 7.15 7.04 -25.61
N ASN Q 39 7.60 6.21 -26.56
CA ASN Q 39 8.56 5.20 -26.17
C ASN Q 39 9.93 5.84 -26.06
N GLY Q 40 10.82 5.17 -25.31
CA GLY Q 40 12.11 5.77 -25.00
C GLY Q 40 12.93 6.08 -26.23
N LYS Q 41 12.99 5.15 -27.18
CA LYS Q 41 13.74 5.34 -28.41
C LYS Q 41 12.89 4.97 -29.62
N LEU Q 42 13.52 4.93 -30.79
CA LEU Q 42 12.79 4.63 -32.05
C LEU Q 42 12.55 3.12 -32.15
N CYS Q 43 11.57 2.60 -31.41
CA CYS Q 43 11.22 1.17 -31.56
C CYS Q 43 10.57 0.96 -32.93
N SER Q 44 10.64 -0.25 -33.48
CA SER Q 44 10.12 -0.51 -34.85
C SER Q 44 8.60 -0.70 -34.81
N ILE Q 45 7.99 -1.01 -35.96
CA ILE Q 45 6.50 -1.11 -36.04
C ILE Q 45 6.02 -2.57 -36.14
N ASN Q 46 4.83 -2.87 -35.60
CA ASN Q 46 4.27 -4.21 -35.76
C ASN Q 46 4.42 -4.68 -37.21
N GLY Q 47 4.71 -5.96 -37.37
CA GLY Q 47 4.85 -6.53 -38.69
C GLY Q 47 6.25 -6.42 -39.25
N LYS Q 48 6.69 -5.20 -39.55
CA LYS Q 48 7.96 -4.99 -40.22
C LYS Q 48 8.70 -3.82 -39.58
N GLN Q 49 10.02 -3.87 -39.69
CA GLN Q 49 10.93 -2.86 -39.18
C GLN Q 49 11.33 -1.91 -40.29
N PRO Q 50 11.98 -0.78 -39.97
CA PRO Q 50 12.46 0.11 -41.03
C PRO Q 50 13.79 -0.33 -41.62
N ILE Q 51 14.36 0.54 -42.44
CA ILE Q 51 15.75 0.44 -42.86
C ILE Q 51 16.38 1.82 -42.71
N SER Q 52 17.58 1.86 -42.14
CA SER Q 52 18.31 3.11 -41.98
C SER Q 52 19.23 3.30 -43.17
N LEU Q 53 19.30 4.54 -43.66
CA LEU Q 53 20.30 4.88 -44.66
C LEU Q 53 21.65 5.19 -44.04
N GLY Q 54 21.72 5.33 -42.72
CA GLY Q 54 22.99 5.56 -42.06
C GLY Q 54 23.61 6.88 -42.50
N ASP Q 55 24.85 6.81 -42.94
CA ASP Q 55 25.57 7.98 -43.46
C ASP Q 55 25.41 8.13 -44.97
N CYS Q 56 24.25 7.78 -45.49
CA CYS Q 56 23.90 8.03 -46.89
C CYS Q 56 22.70 8.96 -46.94
N SER Q 57 22.81 10.02 -47.76
CA SER Q 57 21.63 10.79 -48.08
C SER Q 57 20.68 9.94 -48.90
N PHE Q 58 19.44 10.41 -48.98
CA PHE Q 58 18.49 9.83 -49.92
C PHE Q 58 19.07 9.75 -51.33
N ALA Q 59 19.76 10.81 -51.75
CA ALA Q 59 20.31 10.87 -53.11
C ALA Q 59 21.34 9.77 -53.34
N GLY Q 60 22.31 9.64 -52.44
CA GLY Q 60 23.34 8.63 -52.62
C GLY Q 60 22.82 7.21 -52.45
N TRP Q 61 21.76 7.04 -51.67
CA TRP Q 61 21.12 5.72 -51.59
C TRP Q 61 20.46 5.37 -52.91
N ILE Q 62 19.78 6.34 -53.54
CA ILE Q 62 19.07 6.04 -54.78
C ILE Q 62 20.05 5.85 -55.94
N LEU Q 63 21.06 6.72 -56.03
CA LEU Q 63 22.00 6.66 -57.15
C LEU Q 63 23.05 5.57 -56.96
N GLY Q 64 23.27 5.10 -55.74
CA GLY Q 64 24.22 4.03 -55.50
C GLY Q 64 25.63 4.52 -55.25
N ASN Q 65 25.78 5.48 -54.33
CA ASN Q 65 27.09 5.97 -53.94
C ASN Q 65 27.95 4.79 -53.50
N PRO Q 66 29.20 4.68 -53.98
CA PRO Q 66 29.97 3.44 -53.78
C PRO Q 66 30.19 3.07 -52.32
N MET Q 67 30.10 4.02 -51.39
CA MET Q 67 30.24 3.72 -49.98
C MET Q 67 28.90 3.45 -49.31
N CYS Q 68 27.82 3.36 -50.08
CA CYS Q 68 26.50 3.00 -49.57
C CYS Q 68 26.14 1.56 -49.91
N ASP Q 69 27.13 0.66 -49.81
CA ASP Q 69 26.91 -0.74 -50.14
C ASP Q 69 26.25 -1.52 -49.02
N ASP Q 70 26.29 -1.00 -47.78
CA ASP Q 70 25.53 -1.62 -46.70
C ASP Q 70 24.03 -1.53 -46.95
N LEU Q 71 23.59 -0.57 -47.74
CA LEU Q 71 22.18 -0.46 -48.10
C LEU Q 71 21.77 -1.44 -49.19
N ILE Q 72 22.72 -1.91 -49.99
CA ILE Q 72 22.44 -2.92 -51.01
C ILE Q 72 22.00 -4.21 -50.32
N GLY Q 73 20.72 -4.56 -50.48
CA GLY Q 73 20.16 -5.70 -49.79
C GLY Q 73 19.35 -5.30 -48.58
N LYS Q 74 18.62 -4.19 -48.71
CA LYS Q 74 17.87 -3.57 -47.61
C LYS Q 74 16.69 -2.79 -48.23
N THR Q 75 15.75 -3.53 -48.82
CA THR Q 75 14.72 -2.91 -49.66
C THR Q 75 13.34 -2.81 -49.00
N SER Q 76 12.94 -3.82 -48.22
CA SER Q 76 11.62 -3.80 -47.58
C SER Q 76 11.73 -3.14 -46.20
N TRP Q 77 10.68 -2.44 -45.81
CA TRP Q 77 10.75 -1.64 -44.58
C TRP Q 77 9.36 -1.27 -44.09
N SER Q 78 9.35 -0.52 -42.98
CA SER Q 78 8.17 0.15 -42.43
C SER Q 78 8.26 1.67 -42.51
N TYR Q 79 9.46 2.24 -42.35
CA TYR Q 79 9.78 3.58 -42.83
C TYR Q 79 11.26 3.60 -43.18
N ILE Q 80 11.80 4.80 -43.38
CA ILE Q 80 13.21 4.98 -43.72
C ILE Q 80 13.84 5.96 -42.74
N VAL Q 81 14.96 5.57 -42.16
CA VAL Q 81 15.73 6.41 -41.26
C VAL Q 81 16.83 7.09 -42.05
N GLU Q 82 17.01 8.39 -41.82
CA GLU Q 82 18.09 9.16 -42.40
C GLU Q 82 18.62 10.08 -41.32
N LYS Q 83 19.81 10.58 -41.53
CA LYS Q 83 20.35 11.58 -40.63
C LYS Q 83 20.19 12.95 -41.25
N PRO Q 84 20.18 14.01 -40.42
CA PRO Q 84 20.28 15.36 -40.99
C PRO Q 84 21.60 15.60 -41.70
N ASN Q 85 22.68 14.94 -41.28
CA ASN Q 85 24.00 15.12 -41.87
C ASN Q 85 24.67 13.76 -42.09
N PRO Q 86 24.17 12.97 -43.03
CA PRO Q 86 24.95 11.82 -43.49
C PRO Q 86 26.20 12.28 -44.20
N THR Q 87 27.18 11.38 -44.31
CA THR Q 87 28.45 11.73 -44.99
C THR Q 87 28.34 11.32 -46.46
N ASN Q 88 28.23 10.01 -46.72
CA ASN Q 88 28.05 9.53 -48.10
C ASN Q 88 26.68 10.00 -48.60
N GLY Q 89 26.45 9.99 -49.91
CA GLY Q 89 25.19 10.53 -50.44
C GLY Q 89 25.17 12.03 -50.32
N ILE Q 90 25.34 12.57 -49.11
CA ILE Q 90 25.42 14.05 -48.93
C ILE Q 90 26.53 14.56 -49.85
N CYS Q 91 27.60 13.78 -50.04
CA CYS Q 91 28.61 14.14 -51.02
C CYS Q 91 27.93 14.49 -52.33
N TYR Q 92 28.25 15.67 -52.86
CA TYR Q 92 27.58 16.16 -54.05
C TYR Q 92 28.54 16.23 -55.23
N PRO Q 93 28.84 15.10 -55.88
CA PRO Q 93 29.50 15.19 -57.19
C PRO Q 93 28.64 15.93 -58.19
N GLY Q 94 27.34 15.78 -58.07
CA GLY Q 94 26.39 16.54 -58.86
C GLY Q 94 25.01 16.46 -58.24
N THR Q 95 24.17 17.42 -58.61
CA THR Q 95 22.86 17.56 -57.99
C THR Q 95 21.81 16.75 -58.76
N LEU Q 96 20.59 16.75 -58.24
CA LEU Q 96 19.48 15.98 -58.76
C LEU Q 96 18.29 16.90 -59.00
N GLU Q 97 17.59 16.71 -60.13
CA GLU Q 97 16.33 17.39 -60.33
C GLU Q 97 15.22 16.67 -59.59
N ASP Q 98 14.31 17.45 -59.00
CA ASP Q 98 13.07 16.93 -58.42
C ASP Q 98 13.36 15.88 -57.36
N GLU Q 99 14.45 16.06 -56.63
CA GLU Q 99 14.77 15.28 -55.44
C GLU Q 99 13.57 15.16 -54.51
N GLU Q 100 12.74 16.19 -54.51
CA GLU Q 100 11.70 16.35 -53.51
C GLU Q 100 10.41 15.65 -53.92
N GLU Q 101 9.96 15.86 -55.17
CA GLU Q 101 8.88 15.07 -55.72
C GLU Q 101 9.13 13.61 -55.40
N LEU Q 102 10.38 13.19 -55.62
CA LEU Q 102 10.75 11.80 -55.49
C LEU Q 102 10.74 11.36 -54.03
N ARG Q 103 11.22 12.20 -53.11
CA ARG Q 103 11.12 11.86 -51.69
C ARG Q 103 9.67 11.68 -51.26
N LEU Q 104 8.79 12.59 -51.70
CA LEU Q 104 7.38 12.47 -51.33
C LEU Q 104 6.75 11.23 -51.97
N LYS Q 105 7.23 10.83 -53.15
CA LYS Q 105 6.70 9.62 -53.77
C LYS Q 105 7.18 8.36 -53.05
N PHE Q 106 8.41 8.37 -52.52
CA PHE Q 106 8.86 7.24 -51.70
C PHE Q 106 8.21 7.23 -50.34
N SER Q 107 7.64 8.34 -49.89
CA SER Q 107 6.73 8.25 -48.75
C SER Q 107 5.60 7.27 -49.05
N GLY Q 108 5.17 7.18 -50.31
CA GLY Q 108 4.13 6.25 -50.69
C GLY Q 108 4.62 4.85 -50.96
N VAL Q 109 5.86 4.70 -51.43
CA VAL Q 109 6.44 3.39 -51.63
C VAL Q 109 6.51 2.67 -50.27
N LEU Q 110 6.68 1.35 -50.32
CA LEU Q 110 6.89 0.56 -49.10
C LEU Q 110 7.93 -0.52 -49.34
N GLU Q 111 7.77 -1.28 -50.42
CA GLU Q 111 8.70 -2.35 -50.77
C GLU Q 111 8.93 -2.32 -52.27
N PHE Q 112 10.17 -2.54 -52.69
CA PHE Q 112 10.54 -2.41 -54.09
C PHE Q 112 11.64 -3.42 -54.39
N SER Q 113 12.38 -3.19 -55.47
CA SER Q 113 13.42 -4.11 -55.92
C SER Q 113 14.49 -3.31 -56.66
N LYS Q 114 15.39 -4.02 -57.34
CA LYS Q 114 16.40 -3.41 -58.18
C LYS Q 114 16.89 -4.44 -59.19
N PHE Q 115 16.99 -4.02 -60.46
CA PHE Q 115 17.41 -4.93 -61.53
C PHE Q 115 18.26 -4.15 -62.52
N GLU Q 116 18.95 -4.90 -63.37
CA GLU Q 116 19.81 -4.31 -64.41
C GLU Q 116 18.98 -4.12 -65.67
N ALA Q 117 18.58 -2.88 -65.95
CA ALA Q 117 17.75 -2.60 -67.12
C ALA Q 117 18.60 -2.48 -68.39
N PHE Q 118 19.75 -1.82 -68.30
CA PHE Q 118 20.70 -1.76 -69.40
C PHE Q 118 22.04 -2.27 -68.89
N THR Q 119 22.58 -3.29 -69.55
CA THR Q 119 23.91 -3.76 -69.23
C THR Q 119 24.92 -2.65 -69.46
N SER Q 120 25.70 -2.35 -68.43
CA SER Q 120 26.88 -1.51 -68.62
C SER Q 120 27.74 -2.04 -69.75
N ASN Q 121 27.63 -3.33 -70.04
CA ASN Q 121 28.45 -4.01 -71.03
C ASN Q 121 27.88 -3.81 -72.43
N GLY Q 122 27.78 -2.55 -72.83
CA GLY Q 122 27.82 -2.20 -74.23
C GLY Q 122 29.28 -2.01 -74.57
N TRP Q 123 29.90 -3.06 -75.12
CA TRP Q 123 31.34 -2.99 -75.46
C TRP Q 123 31.50 -2.44 -76.88
N GLY Q 124 30.53 -1.64 -77.35
CA GLY Q 124 30.55 -1.17 -78.75
C GLY Q 124 31.04 0.23 -79.05
N ALA Q 125 32.29 0.38 -79.48
CA ALA Q 125 32.84 1.70 -79.90
C ALA Q 125 32.63 2.67 -78.72
N VAL Q 126 32.56 2.15 -77.49
CA VAL Q 126 32.45 3.02 -76.33
C VAL Q 126 33.24 2.17 -75.34
N ASN Q 127 34.00 2.81 -74.47
CA ASN Q 127 34.76 2.10 -73.46
C ASN Q 127 33.93 2.02 -72.18
N SER Q 128 33.58 0.80 -71.76
CA SER Q 128 32.87 0.60 -70.51
C SER Q 128 33.97 0.69 -69.45
N GLY Q 129 34.39 1.93 -69.17
CA GLY Q 129 35.43 2.15 -68.15
C GLY Q 129 34.83 2.71 -66.88
N ALA Q 130 33.63 3.30 -66.97
CA ALA Q 130 32.90 3.80 -65.77
C ALA Q 130 33.60 5.04 -65.18
N GLY Q 131 34.67 5.53 -65.82
CA GLY Q 131 35.34 6.75 -65.35
C GLY Q 131 35.48 6.85 -63.84
N VAL Q 132 36.07 5.82 -63.21
CA VAL Q 132 36.30 5.85 -61.73
C VAL Q 132 36.95 7.19 -61.33
N THR Q 133 36.41 7.84 -60.30
CA THR Q 133 36.92 9.12 -59.85
C THR Q 133 37.23 9.07 -58.36
N ALA Q 134 37.97 10.08 -57.91
CA ALA Q 134 38.33 10.27 -56.51
C ALA Q 134 37.28 11.04 -55.72
N ALA Q 135 36.27 11.59 -56.39
CA ALA Q 135 35.15 12.21 -55.67
C ALA Q 135 34.22 11.16 -55.09
N CYS Q 136 34.06 10.03 -55.78
CA CYS Q 136 33.22 8.92 -55.31
C CYS Q 136 34.15 7.74 -55.05
N LYS Q 137 34.80 7.74 -53.89
CA LYS Q 137 35.74 6.69 -53.55
C LYS Q 137 35.02 5.45 -53.05
N PHE Q 138 35.55 4.28 -53.40
CA PHE Q 138 35.14 3.01 -52.84
C PHE Q 138 36.28 2.56 -51.93
N GLY Q 139 36.14 2.84 -50.63
CA GLY Q 139 37.26 2.70 -49.73
C GLY Q 139 38.22 3.85 -49.92
N SER Q 140 39.46 3.55 -50.29
CA SER Q 140 40.44 4.57 -50.67
C SER Q 140 40.78 4.52 -52.16
N SER Q 141 40.03 3.75 -52.94
CA SER Q 141 40.24 3.63 -54.37
C SER Q 141 39.10 4.31 -55.13
N ASN Q 142 39.41 4.79 -56.32
CA ASN Q 142 38.45 5.57 -57.10
C ASN Q 142 37.30 4.70 -57.59
N SER Q 143 36.12 5.30 -57.69
CA SER Q 143 34.93 4.55 -58.10
C SER Q 143 33.86 5.53 -58.59
N PHE Q 144 32.61 5.06 -58.65
CA PHE Q 144 31.49 5.84 -59.15
C PHE Q 144 30.20 5.18 -58.71
N PHE Q 145 29.09 5.93 -58.85
CA PHE Q 145 27.77 5.42 -58.52
C PHE Q 145 27.52 4.08 -59.21
N ARG Q 146 27.01 3.11 -58.45
CA ARG Q 146 26.90 1.75 -58.95
C ARG Q 146 25.71 1.58 -59.89
N ASN Q 147 24.60 2.26 -59.61
CA ASN Q 147 23.45 2.22 -60.51
C ASN Q 147 23.69 2.99 -61.80
N MET Q 148 24.88 3.57 -61.98
CA MET Q 148 25.20 4.40 -63.11
C MET Q 148 26.52 3.95 -63.74
N VAL Q 149 26.72 4.32 -65.00
CA VAL Q 149 27.90 3.90 -65.75
C VAL Q 149 28.44 5.08 -66.54
N TRP Q 150 29.65 5.52 -66.24
CA TRP Q 150 30.23 6.69 -66.91
C TRP Q 150 30.93 6.22 -68.17
N LEU Q 151 30.26 6.42 -69.32
CA LEU Q 151 30.77 5.96 -70.60
C LEU Q 151 31.70 7.00 -71.22
N ILE Q 152 32.88 6.56 -71.64
CA ILE Q 152 33.87 7.41 -72.30
C ILE Q 152 34.27 6.75 -73.61
N HIS Q 153 35.03 7.49 -74.41
CA HIS Q 153 35.38 7.09 -75.76
C HIS Q 153 36.07 5.72 -75.79
N GLN Q 154 35.89 5.00 -76.88
CA GLN Q 154 36.63 3.78 -77.17
C GLN Q 154 37.60 4.07 -78.31
N SER Q 155 38.89 4.10 -77.98
CA SER Q 155 39.96 4.17 -78.98
C SER Q 155 39.83 5.41 -79.86
N GLY Q 156 39.54 6.56 -79.23
CA GLY Q 156 39.56 7.83 -79.91
C GLY Q 156 38.24 8.30 -80.50
N THR Q 157 37.15 7.58 -80.28
CA THR Q 157 35.86 7.99 -80.82
C THR Q 157 34.74 7.54 -79.89
N TYR Q 158 33.79 8.44 -79.65
CA TYR Q 158 32.60 8.14 -78.86
C TYR Q 158 31.39 8.37 -79.76
N PRO Q 159 30.85 7.33 -80.39
CA PRO Q 159 29.80 7.53 -81.39
C PRO Q 159 28.43 7.74 -80.78
N VAL Q 160 27.41 7.74 -81.63
CA VAL Q 160 26.02 7.91 -81.20
C VAL Q 160 25.50 6.57 -80.69
N ILE Q 161 25.34 6.45 -79.38
CA ILE Q 161 24.85 5.23 -78.77
C ILE Q 161 23.38 5.41 -78.43
N LYS Q 162 22.68 4.28 -78.34
CA LYS Q 162 21.22 4.28 -78.25
C LYS Q 162 20.68 2.91 -77.85
N ARG Q 163 19.86 2.87 -76.80
CA ARG Q 163 19.23 1.63 -76.36
C ARG Q 163 17.80 1.92 -75.90
N THR Q 164 17.00 0.86 -75.84
CA THR Q 164 15.59 0.98 -75.47
C THR Q 164 15.20 -0.14 -74.52
N PHE Q 165 14.39 0.21 -73.52
CA PHE Q 165 13.88 -0.71 -72.52
C PHE Q 165 12.36 -0.78 -72.63
N ASN Q 166 11.83 -1.97 -72.93
CA ASN Q 166 10.41 -2.26 -72.83
C ASN Q 166 10.11 -2.66 -71.39
N ASN Q 167 9.17 -1.98 -70.75
CA ASN Q 167 8.80 -2.32 -69.37
C ASN Q 167 7.69 -3.38 -69.41
N THR Q 168 8.13 -4.64 -69.56
CA THR Q 168 7.23 -5.78 -69.50
C THR Q 168 7.11 -6.36 -68.09
N LYS Q 169 7.45 -5.58 -67.08
CA LYS Q 169 7.34 -6.01 -65.68
C LYS Q 169 5.96 -5.75 -65.09
N GLY Q 170 5.15 -4.92 -65.74
CA GLY Q 170 3.81 -4.64 -65.26
C GLY Q 170 3.71 -3.69 -64.09
N ARG Q 171 4.80 -3.01 -63.74
CA ARG Q 171 4.78 -2.12 -62.59
C ARG Q 171 5.77 -0.98 -62.83
N ASP Q 172 5.52 0.15 -62.16
CA ASP Q 172 6.34 1.34 -62.34
C ASP Q 172 7.76 0.97 -61.92
N VAL Q 173 8.73 1.39 -62.72
CA VAL Q 173 10.14 1.10 -62.48
C VAL Q 173 10.83 2.45 -62.54
N LEU Q 174 11.46 2.85 -61.45
CA LEU Q 174 12.22 4.09 -61.38
C LEU Q 174 13.56 3.89 -62.08
N ILE Q 175 13.80 4.65 -63.14
CA ILE Q 175 15.09 4.65 -63.84
C ILE Q 175 15.78 5.98 -63.55
N VAL Q 176 17.05 5.89 -63.14
CA VAL Q 176 17.88 7.05 -62.86
C VAL Q 176 19.01 7.10 -63.88
N TRP Q 177 19.30 8.30 -64.37
CA TRP Q 177 20.47 8.51 -65.22
C TRP Q 177 21.07 9.87 -64.84
N GLY Q 178 22.07 10.30 -65.60
CA GLY Q 178 22.76 11.54 -65.26
C GLY Q 178 23.49 12.10 -66.46
N ILE Q 179 23.95 13.34 -66.32
CA ILE Q 179 24.60 14.06 -67.41
C ILE Q 179 25.75 14.89 -66.84
N HIS Q 180 26.90 14.81 -67.49
CA HIS Q 180 28.13 15.44 -67.01
C HIS Q 180 28.26 16.84 -67.59
N HIS Q 181 28.59 17.82 -66.73
CA HIS Q 181 28.87 19.19 -67.13
C HIS Q 181 30.37 19.43 -66.90
N PRO Q 182 31.21 19.20 -67.91
CA PRO Q 182 32.66 19.29 -67.69
C PRO Q 182 33.10 20.69 -67.31
N ALA Q 183 34.25 20.76 -66.64
CA ALA Q 183 34.81 22.04 -66.24
C ALA Q 183 35.45 22.77 -67.42
N THR Q 184 36.15 22.04 -68.27
CA THR Q 184 36.81 22.62 -69.44
C THR Q 184 36.38 21.87 -70.69
N LEU Q 185 36.44 22.57 -71.82
CA LEU Q 185 36.27 21.92 -73.11
C LEU Q 185 37.26 20.78 -73.29
N LYS Q 186 38.45 20.90 -72.69
CA LYS Q 186 39.46 19.86 -72.79
C LYS Q 186 39.00 18.57 -72.12
N GLU Q 187 38.29 18.67 -71.00
CA GLU Q 187 37.77 17.48 -70.34
C GLU Q 187 36.73 16.78 -71.23
N HIS Q 188 35.85 17.57 -71.85
CA HIS Q 188 34.87 17.01 -72.79
C HIS Q 188 35.57 16.30 -73.94
N GLN Q 189 36.64 16.89 -74.47
CA GLN Q 189 37.36 16.22 -75.56
C GLN Q 189 38.05 14.95 -75.08
N ASP Q 190 38.65 14.99 -73.88
CA ASP Q 190 39.34 13.82 -73.35
C ASP Q 190 38.38 12.66 -73.13
N LEU Q 191 37.16 12.95 -72.70
CA LEU Q 191 36.23 11.89 -72.34
C LEU Q 191 35.34 11.43 -73.49
N TYR Q 192 34.93 12.34 -74.37
CA TYR Q 192 33.93 12.04 -75.38
C TYR Q 192 34.40 12.34 -76.80
N LYS Q 193 35.66 12.76 -76.98
CA LYS Q 193 36.27 12.97 -78.30
C LYS Q 193 35.39 13.84 -79.21
N LYS Q 194 34.83 14.90 -78.64
CA LYS Q 194 34.17 15.95 -79.41
C LYS Q 194 33.99 17.16 -78.50
N ASP Q 195 33.59 18.28 -79.11
CA ASP Q 195 33.49 19.52 -78.35
C ASP Q 195 32.13 19.66 -77.67
N SER Q 196 31.06 19.21 -78.33
CA SER Q 196 29.72 19.34 -77.78
C SER Q 196 28.96 18.05 -78.02
N SER Q 197 27.99 17.78 -77.14
CA SER Q 197 27.26 16.51 -77.16
C SER Q 197 25.84 16.75 -76.67
N TYR Q 198 25.05 15.68 -76.68
CA TYR Q 198 23.67 15.75 -76.25
C TYR Q 198 23.28 14.44 -75.56
N VAL Q 199 22.18 14.50 -74.82
CA VAL Q 199 21.53 13.32 -74.23
C VAL Q 199 20.05 13.44 -74.54
N ALA Q 200 19.58 12.66 -75.49
CA ALA Q 200 18.17 12.65 -75.91
C ALA Q 200 17.50 11.42 -75.32
N VAL Q 201 16.61 11.64 -74.36
CA VAL Q 201 15.88 10.57 -73.70
C VAL Q 201 14.42 10.70 -74.08
N GLY Q 202 13.78 9.57 -74.41
CA GLY Q 202 12.39 9.65 -74.89
C GLY Q 202 11.61 8.36 -74.66
N SER Q 203 10.48 8.45 -73.95
CA SER Q 203 9.61 7.27 -73.77
C SER Q 203 8.30 7.75 -74.43
N GLU Q 204 7.18 7.13 -74.10
CA GLU Q 204 5.88 7.60 -74.63
C GLU Q 204 5.46 9.04 -74.33
N THR Q 205 6.04 9.66 -73.31
CA THR Q 205 5.58 11.00 -72.91
C THR Q 205 6.72 11.88 -72.36
N TYR Q 206 7.86 11.93 -73.08
CA TYR Q 206 8.85 12.97 -72.79
C TYR Q 206 9.94 13.03 -73.85
N ASN Q 207 10.33 14.26 -74.20
CA ASN Q 207 11.41 14.44 -75.21
C ASN Q 207 12.48 15.27 -74.50
N ARG Q 208 12.59 15.11 -73.18
CA ARG Q 208 13.57 15.90 -72.38
C ARG Q 208 14.84 15.65 -73.19
N ARG Q 209 15.49 16.71 -73.66
CA ARG Q 209 16.79 16.56 -74.36
C ARG Q 209 17.71 17.42 -73.51
N PHE Q 210 18.98 17.05 -73.40
CA PHE Q 210 19.88 17.79 -72.53
C PHE Q 210 21.24 17.88 -73.21
N THR Q 211 22.05 18.82 -72.73
CA THR Q 211 23.39 19.06 -73.22
C THR Q 211 24.29 19.42 -72.05
N PRO Q 212 25.58 19.11 -72.13
CA PRO Q 212 26.50 19.55 -71.09
C PRO Q 212 26.68 21.06 -71.11
N GLU Q 213 27.03 21.61 -69.95
CA GLU Q 213 27.28 23.04 -69.78
C GLU Q 213 28.69 23.20 -69.22
N ILE Q 214 29.60 23.70 -70.05
CA ILE Q 214 31.02 23.71 -69.73
C ILE Q 214 31.38 25.04 -69.08
N SER Q 215 31.92 24.98 -67.86
CA SER Q 215 32.43 26.12 -67.13
C SER Q 215 33.13 25.62 -65.88
N THR Q 216 34.23 26.28 -65.52
CA THR Q 216 34.99 25.92 -64.34
C THR Q 216 34.35 26.48 -63.07
N ARG Q 217 34.29 25.66 -62.04
CA ARG Q 217 33.73 26.02 -60.75
C ARG Q 217 34.74 25.90 -59.63
N PRO Q 218 34.44 26.45 -58.46
CA PRO Q 218 35.22 26.09 -57.27
C PRO Q 218 35.01 24.62 -57.02
N ASN Q 219 36.04 23.97 -56.50
CA ASN Q 219 36.05 22.52 -56.38
C ASN Q 219 35.14 22.04 -55.25
N VAL Q 220 34.40 20.98 -55.54
CA VAL Q 220 33.64 20.22 -54.55
C VAL Q 220 34.03 18.77 -54.71
N ASN Q 221 34.58 18.17 -53.66
CA ASN Q 221 35.20 16.84 -53.72
C ASN Q 221 36.33 16.80 -54.74
N GLY Q 222 36.94 17.95 -54.99
CA GLY Q 222 38.05 18.03 -55.94
C GLY Q 222 37.65 18.07 -57.39
N GLN Q 223 36.39 18.40 -57.70
CA GLN Q 223 35.90 18.42 -59.08
C GLN Q 223 35.40 19.81 -59.42
N ALA Q 224 35.94 20.39 -60.48
CA ALA Q 224 35.43 21.67 -60.98
C ALA Q 224 34.25 21.50 -61.91
N GLY Q 225 34.06 20.30 -62.47
CA GLY Q 225 32.87 19.99 -63.22
C GLY Q 225 31.73 19.57 -62.32
N ARG Q 226 30.57 19.33 -62.92
CA ARG Q 226 29.38 18.99 -62.16
C ARG Q 226 28.60 17.89 -62.88
N MET Q 227 27.44 17.55 -62.32
CA MET Q 227 26.62 16.46 -62.84
C MET Q 227 25.17 16.74 -62.47
N THR Q 228 24.27 16.65 -63.45
CA THR Q 228 22.84 16.76 -63.18
C THR Q 228 22.20 15.40 -63.42
N PHE Q 229 21.63 14.83 -62.38
CA PHE Q 229 20.98 13.53 -62.46
C PHE Q 229 19.49 13.69 -62.68
N TYR Q 230 18.89 12.65 -63.23
CA TYR Q 230 17.49 12.66 -63.63
C TYR Q 230 16.88 11.31 -63.26
N TRP Q 231 15.57 11.32 -63.02
CA TRP Q 231 14.85 10.11 -62.68
C TRP Q 231 13.47 10.16 -63.33
N THR Q 232 13.00 9.00 -63.79
CA THR Q 232 11.64 8.89 -64.33
C THR Q 232 11.02 7.58 -63.87
N MET Q 233 9.69 7.53 -63.99
CA MET Q 233 8.89 6.36 -63.65
C MET Q 233 8.36 5.77 -64.95
N VAL Q 234 9.06 4.78 -65.48
CA VAL Q 234 8.59 4.04 -66.65
C VAL Q 234 7.35 3.25 -66.22
N LYS Q 235 6.19 3.66 -66.71
CA LYS Q 235 4.94 3.00 -66.35
C LYS Q 235 4.85 1.65 -67.06
N PRO Q 236 3.95 0.78 -66.62
CA PRO Q 236 3.82 -0.56 -67.25
C PRO Q 236 3.57 -0.43 -68.75
N GLY Q 237 4.23 -1.32 -69.51
CA GLY Q 237 4.14 -1.41 -70.97
C GLY Q 237 4.68 -0.17 -71.67
N GLU Q 238 5.27 0.76 -70.92
CA GLU Q 238 6.01 1.85 -71.54
C GLU Q 238 7.39 1.36 -71.93
N SER Q 239 7.97 2.00 -72.94
CA SER Q 239 9.35 1.77 -73.29
C SER Q 239 10.05 3.12 -73.43
N ILE Q 240 11.35 3.09 -73.11
CA ILE Q 240 12.20 4.28 -73.07
C ILE Q 240 13.43 4.08 -73.95
N THR Q 241 13.81 5.12 -74.67
CA THR Q 241 15.01 5.11 -75.49
C THR Q 241 15.98 6.19 -75.00
N PHE Q 242 17.22 5.77 -74.75
CA PHE Q 242 18.31 6.67 -74.40
C PHE Q 242 19.26 6.76 -75.60
N GLU Q 243 19.57 7.99 -76.01
CA GLU Q 243 20.43 8.25 -77.15
C GLU Q 243 21.41 9.35 -76.77
N SER Q 244 22.65 9.24 -77.21
CA SER Q 244 23.63 10.25 -76.80
C SER Q 244 24.89 10.14 -77.64
N ASN Q 245 25.70 11.22 -77.59
CA ASN Q 245 27.03 11.23 -78.15
C ASN Q 245 28.02 11.95 -77.22
N GLY Q 246 27.76 11.92 -75.93
CA GLY Q 246 28.72 12.43 -74.96
C GLY Q 246 28.02 12.92 -73.71
N ALA Q 247 28.84 13.16 -72.68
CA ALA Q 247 28.37 13.65 -71.38
C ALA Q 247 27.22 12.80 -70.84
N PHE Q 248 27.28 11.50 -71.12
CA PHE Q 248 26.16 10.59 -70.90
C PHE Q 248 26.53 9.59 -69.81
N LEU Q 249 25.91 9.75 -68.65
CA LEU Q 249 25.96 8.73 -67.60
C LEU Q 249 24.85 7.72 -67.89
N ALA Q 250 25.26 6.53 -68.30
CA ALA Q 250 24.31 5.51 -68.73
C ALA Q 250 23.56 4.93 -67.53
N PRO Q 251 22.24 4.82 -67.61
CA PRO Q 251 21.50 4.05 -66.59
C PRO Q 251 21.86 2.58 -66.69
N ARG Q 252 22.18 1.98 -65.54
CA ARG Q 252 22.45 0.55 -65.46
C ARG Q 252 21.39 -0.20 -64.65
N TYR Q 253 21.13 0.25 -63.42
CA TYR Q 253 20.16 -0.39 -62.55
C TYR Q 253 18.94 0.50 -62.37
N ALA Q 254 17.78 -0.15 -62.28
CA ALA Q 254 16.50 0.52 -62.04
C ALA Q 254 15.80 -0.18 -60.88
N PHE Q 255 14.73 0.45 -60.40
CA PHE Q 255 14.03 0.00 -59.20
C PHE Q 255 12.56 -0.26 -59.52
N GLU Q 256 12.16 -1.52 -59.51
CA GLU Q 256 10.77 -1.89 -59.76
C GLU Q 256 9.99 -1.78 -58.45
N ILE Q 257 9.22 -0.71 -58.31
CA ILE Q 257 8.46 -0.50 -57.07
C ILE Q 257 7.40 -1.59 -56.96
N VAL Q 258 7.49 -2.39 -55.90
CA VAL Q 258 6.64 -3.56 -55.72
C VAL Q 258 5.41 -3.20 -54.90
N SER Q 259 5.62 -2.62 -53.73
CA SER Q 259 4.55 -2.35 -52.78
C SER Q 259 4.46 -0.86 -52.49
N VAL Q 260 3.25 -0.31 -52.58
CA VAL Q 260 2.96 1.08 -52.24
C VAL Q 260 2.07 1.09 -51.01
N GLY Q 261 2.35 2.00 -50.08
CA GLY Q 261 1.58 2.09 -48.86
C GLY Q 261 1.88 3.30 -48.00
N ASN Q 262 1.68 3.17 -46.70
CA ASN Q 262 1.95 4.26 -45.75
C ASN Q 262 3.37 4.13 -45.23
N GLY Q 263 4.27 4.94 -45.79
CA GLY Q 263 5.64 5.01 -45.31
C GLY Q 263 6.08 6.46 -45.22
N LYS Q 264 7.27 6.65 -44.66
CA LYS Q 264 7.78 8.01 -44.44
C LYS Q 264 9.30 8.01 -44.56
N LEU Q 265 9.89 9.18 -44.30
CA LEU Q 265 11.33 9.41 -44.40
C LEU Q 265 11.73 10.33 -43.25
N PHE Q 266 12.18 9.75 -42.15
CA PHE Q 266 12.53 10.54 -40.97
C PHE Q 266 13.99 10.95 -41.06
N ARG Q 267 14.27 12.22 -40.78
CA ARG Q 267 15.64 12.68 -40.59
C ARG Q 267 16.02 12.60 -39.11
N SER Q 268 15.99 11.36 -38.60
CA SER Q 268 16.08 11.10 -37.17
C SER Q 268 17.48 10.63 -36.79
N GLU Q 269 17.93 11.04 -35.61
CA GLU Q 269 19.23 10.64 -35.08
C GLU Q 269 19.04 9.70 -33.88
N LEU Q 270 18.41 8.55 -34.11
CA LEU Q 270 18.12 7.61 -33.04
C LEU Q 270 18.31 6.19 -33.56
N SER Q 271 18.54 5.28 -32.63
CA SER Q 271 18.79 3.88 -32.95
C SER Q 271 17.48 3.10 -33.03
N ILE Q 272 17.36 2.25 -34.05
CA ILE Q 272 16.17 1.44 -34.25
C ILE Q 272 16.24 0.22 -33.33
N GLU Q 273 15.17 0.01 -32.56
CA GLU Q 273 15.06 -1.12 -31.65
C GLU Q 273 13.98 -2.09 -32.09
N SER Q 274 14.18 -3.36 -31.69
CA SER Q 274 13.44 -4.49 -32.21
C SER Q 274 11.97 -4.47 -31.79
N CYS Q 275 11.65 -3.84 -30.66
CA CYS Q 275 10.27 -3.79 -30.22
C CYS Q 275 9.42 -3.05 -31.25
N ASN Q 276 8.14 -3.42 -31.32
CA ASN Q 276 7.26 -3.03 -32.41
C ASN Q 276 5.94 -2.52 -31.86
N THR Q 277 5.67 -1.23 -32.07
CA THR Q 277 4.37 -0.63 -31.81
C THR Q 277 3.95 0.20 -33.04
N THR Q 278 2.76 0.77 -33.00
CA THR Q 278 2.03 1.10 -34.23
C THR Q 278 2.02 2.59 -34.59
N CYS Q 279 2.87 3.43 -33.97
CA CYS Q 279 2.71 4.86 -34.20
C CYS Q 279 4.05 5.60 -34.21
N GLN Q 280 4.84 5.40 -35.27
CA GLN Q 280 6.20 5.94 -35.34
C GLN Q 280 6.24 7.41 -35.73
N THR Q 281 6.78 8.22 -34.83
CA THR Q 281 7.17 9.60 -35.09
C THR Q 281 8.70 9.67 -35.17
N PRO Q 282 9.30 10.84 -35.41
CA PRO Q 282 10.76 10.96 -35.25
C PRO Q 282 11.30 10.64 -33.85
N LYS Q 283 10.44 10.53 -32.83
CA LYS Q 283 10.88 10.00 -31.54
C LYS Q 283 10.60 8.50 -31.38
N GLY Q 284 9.59 7.99 -32.07
CA GLY Q 284 9.34 6.56 -32.03
C GLY Q 284 7.88 6.20 -32.13
N ALA Q 285 7.63 4.90 -32.10
CA ALA Q 285 6.27 4.38 -32.15
C ALA Q 285 5.63 4.40 -30.78
N ILE Q 286 4.32 4.59 -30.75
CA ILE Q 286 3.56 4.74 -29.52
C ILE Q 286 2.41 3.75 -29.52
N ASN Q 287 2.11 3.20 -28.34
CA ASN Q 287 1.24 2.04 -28.17
C ASN Q 287 -0.19 2.39 -27.79
N THR Q 288 -0.54 3.67 -27.75
CA THR Q 288 -1.76 4.14 -27.10
C THR Q 288 -2.96 4.08 -28.04
N SER Q 289 -4.11 4.62 -27.55
CA SER Q 289 -5.30 4.74 -28.38
C SER Q 289 -6.19 5.92 -27.97
N LEU Q 290 -5.63 6.89 -27.24
CA LEU Q 290 -6.40 8.11 -26.91
C LEU Q 290 -6.43 8.99 -28.16
N PRO Q 291 -7.02 10.20 -28.16
CA PRO Q 291 -7.13 10.99 -29.40
C PRO Q 291 -5.90 11.90 -29.58
N PHE Q 292 -5.38 12.53 -28.52
CA PHE Q 292 -4.36 13.52 -28.69
C PHE Q 292 -3.02 13.21 -27.98
N GLN Q 293 -1.96 13.84 -28.48
CA GLN Q 293 -0.62 13.77 -27.92
C GLN Q 293 0.03 15.13 -28.10
N ASN Q 294 1.30 15.22 -27.73
CA ASN Q 294 2.13 16.38 -28.05
C ASN Q 294 3.57 16.03 -28.40
N ILE Q 295 3.84 14.77 -28.71
CA ILE Q 295 5.21 14.32 -28.98
C ILE Q 295 5.72 14.77 -30.35
N HIS Q 296 4.89 14.60 -31.38
CA HIS Q 296 5.36 14.92 -32.73
C HIS Q 296 4.25 15.30 -33.68
N PRO Q 297 4.54 16.17 -34.65
CA PRO Q 297 3.56 16.49 -35.69
C PRO Q 297 3.50 15.63 -36.93
N ILE Q 298 4.48 14.76 -37.18
CA ILE Q 298 4.44 13.91 -38.36
C ILE Q 298 3.46 12.78 -38.01
N THR Q 299 2.17 13.06 -38.20
CA THR Q 299 1.12 12.10 -37.78
C THR Q 299 1.29 10.74 -38.46
N ILE Q 300 1.37 9.67 -37.65
CA ILE Q 300 1.52 8.30 -38.19
C ILE Q 300 0.15 7.78 -38.62
N GLY Q 301 0.09 6.55 -39.15
CA GLY Q 301 -1.18 6.01 -39.67
C GLY Q 301 -2.32 5.93 -38.66
N LYS Q 302 -3.42 6.64 -38.92
CA LYS Q 302 -4.62 6.54 -38.05
C LYS Q 302 -4.17 6.47 -36.59
N CYS Q 303 -3.11 7.19 -36.22
CA CYS Q 303 -2.70 7.24 -34.83
C CYS Q 303 -3.24 8.48 -34.14
N PRO Q 304 -3.16 8.54 -32.81
CA PRO Q 304 -3.59 9.76 -32.11
C PRO Q 304 -2.87 10.99 -32.62
N LYS Q 305 -3.61 12.08 -32.76
CA LYS Q 305 -3.04 13.30 -33.32
C LYS Q 305 -2.23 14.02 -32.25
N TYR Q 306 -1.57 15.10 -32.67
CA TYR Q 306 -0.80 15.99 -31.82
C TYR Q 306 -1.46 17.36 -31.77
N VAL Q 307 -1.26 18.06 -30.65
CA VAL Q 307 -1.82 19.39 -30.41
C VAL Q 307 -0.75 20.22 -29.72
N LYS Q 308 -0.95 21.54 -29.73
CA LYS Q 308 -0.06 22.47 -29.02
C LYS Q 308 -0.34 22.53 -27.53
N SER Q 309 -1.36 21.83 -27.03
CA SER Q 309 -1.79 21.96 -25.64
C SER Q 309 -0.83 21.22 -24.71
N THR Q 310 -0.85 21.65 -23.44
CA THR Q 310 -0.12 20.98 -22.38
C THR Q 310 -1.00 20.17 -21.45
N LYS Q 311 -2.30 20.51 -21.35
CA LYS Q 311 -3.22 19.74 -20.53
C LYS Q 311 -4.62 19.84 -21.11
N LEU Q 312 -5.28 18.69 -21.28
CA LEU Q 312 -6.67 18.63 -21.71
C LEU Q 312 -7.45 17.61 -20.89
N ARG Q 313 -7.26 17.62 -19.58
CA ARG Q 313 -8.01 16.71 -18.73
C ARG Q 313 -9.47 17.14 -18.71
N LEU Q 314 -10.33 16.29 -19.26
CA LEU Q 314 -11.75 16.57 -19.41
C LEU Q 314 -12.48 16.03 -18.18
N ALA Q 315 -13.39 16.85 -17.64
CA ALA Q 315 -14.12 16.51 -16.43
C ALA Q 315 -15.29 15.59 -16.78
N THR Q 316 -15.24 14.35 -16.31
CA THR Q 316 -16.32 13.41 -16.53
C THR Q 316 -17.40 13.47 -15.45
N GLY Q 317 -17.11 14.10 -14.32
CA GLY Q 317 -18.02 14.05 -13.18
C GLY Q 317 -17.93 15.23 -12.24
N LEU Q 318 -18.37 15.00 -11.00
CA LEU Q 318 -18.63 16.01 -9.99
C LEU Q 318 -17.35 16.55 -9.35
N ARG Q 319 -17.47 17.79 -8.87
CA ARG Q 319 -16.42 18.40 -8.06
C ARG Q 319 -16.29 17.64 -6.74
N ASN Q 320 -15.04 17.42 -6.33
CA ASN Q 320 -14.78 16.72 -5.07
C ASN Q 320 -14.95 17.71 -3.92
N VAL Q 321 -15.96 17.49 -3.10
CA VAL Q 321 -16.25 18.33 -1.94
C VAL Q 321 -16.08 17.48 -0.69
N PRO Q 322 -14.92 17.54 -0.04
CA PRO Q 322 -14.72 16.75 1.18
C PRO Q 322 -15.57 17.26 2.35
N SER Q 323 -16.64 16.52 2.66
CA SER Q 323 -17.57 16.81 3.76
C SER Q 323 -17.68 18.27 4.17
N ASP R 1 -36.28 -10.31 -13.21
CA ASP R 1 -36.77 -9.19 -14.00
C ASP R 1 -36.29 -9.23 -15.44
N ILE R 2 -35.06 -9.67 -15.63
CA ILE R 2 -34.35 -9.50 -16.90
C ILE R 2 -33.99 -10.88 -17.42
N GLN R 3 -34.73 -11.38 -18.40
CA GLN R 3 -34.40 -12.65 -19.03
C GLN R 3 -33.30 -12.47 -20.07
N MET R 4 -32.34 -13.39 -20.09
CA MET R 4 -31.14 -13.27 -20.91
C MET R 4 -31.09 -14.45 -21.87
N THR R 5 -31.25 -14.19 -23.17
CA THR R 5 -31.12 -15.21 -24.20
C THR R 5 -29.71 -15.14 -24.77
N GLN R 6 -28.94 -16.21 -24.58
CA GLN R 6 -27.55 -16.26 -25.03
C GLN R 6 -27.43 -17.31 -26.13
N SER R 7 -27.40 -16.84 -27.38
CA SER R 7 -27.24 -17.70 -28.54
C SER R 7 -25.82 -17.62 -29.09
N PRO R 8 -25.21 -18.77 -29.43
CA PRO R 8 -25.80 -20.10 -29.31
C PRO R 8 -25.28 -20.88 -28.11
N ALA R 9 -25.94 -22.00 -27.78
CA ALA R 9 -25.58 -22.74 -26.58
C ALA R 9 -24.22 -23.43 -26.71
N THR R 10 -23.90 -23.93 -27.90
CA THR R 10 -22.70 -24.72 -28.11
C THR R 10 -22.02 -24.30 -29.40
N LEU R 11 -20.73 -23.96 -29.32
CA LEU R 11 -19.91 -23.67 -30.49
C LEU R 11 -18.61 -24.45 -30.45
N SER R 12 -18.15 -24.79 -31.65
CA SER R 12 -16.80 -25.27 -31.90
C SER R 12 -16.28 -24.55 -33.13
N ALA R 13 -15.02 -24.15 -33.11
CA ALA R 13 -14.44 -23.42 -34.25
C ALA R 13 -12.93 -23.45 -34.13
N SER R 14 -12.26 -23.43 -35.28
CA SER R 14 -10.83 -23.70 -35.36
C SER R 14 -10.00 -22.50 -34.88
N VAL R 15 -8.78 -22.81 -34.42
CA VAL R 15 -7.88 -21.78 -33.90
C VAL R 15 -7.62 -20.73 -34.97
N GLY R 16 -7.74 -19.46 -34.57
CA GLY R 16 -7.54 -18.34 -35.46
C GLY R 16 -8.82 -17.71 -35.97
N ASP R 17 -9.93 -18.45 -35.98
CA ASP R 17 -11.19 -17.92 -36.48
C ASP R 17 -11.75 -16.86 -35.52
N ARG R 18 -12.63 -16.02 -36.06
CA ARG R 18 -13.40 -15.11 -35.23
C ARG R 18 -14.64 -15.82 -34.69
N VAL R 19 -15.06 -15.43 -33.49
CA VAL R 19 -16.23 -16.03 -32.85
C VAL R 19 -17.15 -14.91 -32.37
N SER R 20 -18.47 -15.10 -32.56
CA SER R 20 -19.45 -14.10 -32.16
C SER R 20 -20.54 -14.76 -31.33
N ILE R 21 -20.75 -14.24 -30.13
CA ILE R 21 -21.77 -14.73 -29.20
C ILE R 21 -22.75 -13.60 -28.92
N THR R 22 -24.04 -13.88 -29.05
CA THR R 22 -25.07 -12.86 -28.88
C THR R 22 -25.84 -13.11 -27.60
N CYS R 23 -26.09 -12.04 -26.85
CA CYS R 23 -26.93 -12.07 -25.66
C CYS R 23 -27.97 -10.96 -25.83
N ARG R 24 -29.20 -11.38 -26.08
CA ARG R 24 -30.33 -10.48 -26.16
C ARG R 24 -30.98 -10.40 -24.78
N ALA R 25 -31.33 -9.18 -24.39
CA ALA R 25 -31.91 -8.93 -23.07
C ALA R 25 -33.42 -8.76 -23.19
N SER R 26 -34.11 -9.07 -22.10
CA SER R 26 -35.56 -8.86 -22.07
C SER R 26 -35.89 -7.38 -21.98
N GLN R 27 -35.00 -6.57 -21.43
CA GLN R 27 -35.26 -5.14 -21.26
C GLN R 27 -34.15 -4.33 -21.93
N SER R 28 -34.36 -3.01 -21.95
CA SER R 28 -33.88 -2.18 -23.05
C SER R 28 -32.46 -1.64 -22.89
N ILE R 29 -31.95 -1.43 -21.69
CA ILE R 29 -30.69 -0.72 -21.52
C ILE R 29 -29.81 -1.44 -20.51
N SER R 30 -28.55 -1.67 -20.89
CA SER R 30 -27.49 -2.00 -19.95
C SER R 30 -26.52 -0.82 -19.89
N SER R 31 -26.25 -0.33 -18.69
CA SER R 31 -25.36 0.81 -18.51
C SER R 31 -24.32 0.57 -17.43
N TRP R 32 -24.07 -0.71 -17.13
CA TRP R 32 -23.08 -1.07 -16.09
C TRP R 32 -21.95 -1.92 -16.68
N LEU R 33 -22.11 -3.25 -16.72
CA LEU R 33 -20.97 -4.15 -17.18
C LEU R 33 -21.52 -5.12 -18.21
N ALA R 34 -20.67 -6.03 -18.69
CA ALA R 34 -21.11 -6.96 -19.79
C ALA R 34 -20.99 -8.45 -19.59
N TRP R 35 -19.80 -9.03 -19.82
CA TRP R 35 -19.72 -10.51 -19.83
C TRP R 35 -18.61 -11.15 -18.99
N TYR R 36 -18.65 -12.49 -18.88
CA TYR R 36 -17.63 -13.30 -18.22
C TYR R 36 -17.19 -14.56 -18.97
N GLN R 37 -16.00 -15.06 -18.60
CA GLN R 37 -15.45 -16.31 -19.13
C GLN R 37 -15.31 -17.41 -18.07
N GLN R 38 -16.08 -18.49 -18.23
CA GLN R 38 -16.00 -19.63 -17.32
C GLN R 38 -14.64 -20.32 -17.22
N LYS R 39 -14.04 -20.28 -16.03
CA LYS R 39 -12.72 -20.88 -15.80
C LYS R 39 -12.74 -21.75 -14.56
N PRO R 40 -12.57 -23.07 -14.68
CA PRO R 40 -12.65 -23.94 -13.49
C PRO R 40 -11.51 -23.66 -12.52
N GLY R 41 -11.86 -23.52 -11.24
CA GLY R 41 -10.91 -23.15 -10.22
C GLY R 41 -10.40 -21.72 -10.32
N LYS R 42 -10.70 -21.05 -11.43
CA LYS R 42 -10.27 -19.64 -11.62
C LYS R 42 -11.52 -18.77 -11.66
N ALA R 43 -12.71 -19.38 -11.55
CA ALA R 43 -13.99 -18.63 -11.54
C ALA R 43 -14.29 -18.07 -12.94
N PRO R 44 -15.54 -17.67 -13.23
CA PRO R 44 -15.86 -17.05 -14.52
C PRO R 44 -15.14 -15.69 -14.56
N LYS R 45 -13.87 -15.67 -14.97
CA LYS R 45 -13.10 -14.41 -14.96
C LYS R 45 -13.91 -13.32 -15.67
N LEU R 46 -14.18 -12.22 -14.98
CA LEU R 46 -14.89 -11.09 -15.64
C LEU R 46 -14.18 -10.83 -16.97
N LEU R 47 -14.96 -10.63 -18.04
CA LEU R 47 -14.34 -10.47 -19.35
C LEU R 47 -14.35 -9.02 -19.83
N ILE R 48 -15.51 -8.38 -19.83
CA ILE R 48 -15.59 -7.03 -20.33
C ILE R 48 -16.68 -6.30 -19.57
N TYR R 49 -16.41 -5.06 -19.21
CA TYR R 49 -17.34 -4.21 -18.48
C TYR R 49 -17.85 -3.12 -19.41
N LYS R 50 -18.88 -2.40 -18.96
CA LYS R 50 -19.44 -1.28 -19.78
C LYS R 50 -20.01 -1.81 -21.10
N ALA R 51 -19.88 -3.13 -21.34
CA ALA R 51 -20.37 -3.75 -22.59
C ALA R 51 -19.47 -3.32 -23.76
N SER R 52 -18.47 -2.48 -23.48
CA SER R 52 -17.53 -2.04 -24.54
C SER R 52 -16.19 -1.70 -23.92
N SER R 53 -15.93 -2.18 -22.69
CA SER R 53 -14.68 -1.80 -22.00
C SER R 53 -13.84 -3.03 -21.64
N LEU R 54 -12.65 -3.15 -22.23
CA LEU R 54 -11.74 -4.24 -21.92
C LEU R 54 -10.93 -3.92 -20.66
N GLU R 55 -10.62 -4.94 -19.86
CA GLU R 55 -9.99 -4.77 -18.55
C GLU R 55 -8.52 -5.20 -18.63
N SER R 56 -7.67 -4.28 -19.09
CA SER R 56 -6.23 -4.57 -19.22
C SER R 56 -6.01 -5.93 -19.90
N GLY R 57 -7.02 -6.37 -20.65
CA GLY R 57 -6.91 -7.66 -21.35
C GLY R 57 -6.25 -7.48 -22.71
N VAL R 58 -4.92 -7.40 -22.73
CA VAL R 58 -4.17 -7.18 -24.00
C VAL R 58 -4.87 -7.98 -25.11
N PRO R 59 -5.19 -9.27 -24.95
CA PRO R 59 -5.94 -10.02 -25.96
C PRO R 59 -7.04 -9.01 -26.32
N SER R 60 -7.16 -8.67 -27.60
CA SER R 60 -8.28 -7.78 -28.03
C SER R 60 -9.15 -8.86 -28.68
N ARG R 61 -8.61 -10.07 -28.78
CA ARG R 61 -9.42 -11.18 -29.33
C ARG R 61 -10.73 -11.23 -28.59
N PHE R 62 -10.70 -11.14 -27.28
CA PHE R 62 -11.93 -11.07 -26.51
C PHE R 62 -12.35 -9.60 -26.55
N SER R 63 -13.53 -9.34 -27.15
CA SER R 63 -13.93 -7.95 -27.40
C SER R 63 -15.45 -7.88 -27.52
N GLY R 64 -16.11 -7.43 -26.46
CA GLY R 64 -17.54 -7.27 -26.52
C GLY R 64 -17.96 -5.95 -27.13
N SER R 65 -19.13 -5.96 -27.75
CA SER R 65 -19.71 -4.76 -28.36
C SER R 65 -21.22 -4.94 -28.28
N GLY R 66 -21.88 -4.09 -27.52
CA GLY R 66 -23.30 -4.29 -27.28
C GLY R 66 -23.97 -3.01 -26.84
N SER R 67 -25.21 -2.86 -27.28
CA SER R 67 -26.00 -1.69 -26.90
C SER R 67 -27.47 -2.10 -26.87
N GLY R 68 -28.29 -1.22 -26.31
CA GLY R 68 -29.68 -1.54 -26.12
C GLY R 68 -29.81 -2.80 -25.30
N SER R 69 -30.51 -3.79 -25.87
CA SER R 69 -30.63 -5.11 -25.25
C SER R 69 -29.76 -6.16 -25.93
N GLU R 70 -29.10 -5.82 -27.03
CA GLU R 70 -28.35 -6.78 -27.83
C GLU R 70 -26.86 -6.54 -27.60
N PHE R 71 -26.18 -7.55 -27.05
CA PHE R 71 -24.75 -7.45 -26.77
C PHE R 71 -24.05 -8.63 -27.40
N THR R 72 -23.04 -8.38 -28.24
CA THR R 72 -22.35 -9.46 -28.93
C THR R 72 -20.86 -9.39 -28.58
N LEU R 73 -20.37 -10.45 -27.94
CA LEU R 73 -18.92 -10.62 -27.82
C LEU R 73 -18.36 -11.13 -29.13
N THR R 74 -17.18 -10.64 -29.48
CA THR R 74 -16.42 -11.13 -30.61
C THR R 74 -15.07 -11.62 -30.13
N ILE R 75 -14.47 -12.48 -30.94
CA ILE R 75 -13.13 -13.02 -30.71
C ILE R 75 -12.40 -12.91 -32.03
N SER R 76 -11.46 -11.96 -32.12
CA SER R 76 -10.81 -11.61 -33.38
C SER R 76 -9.97 -12.76 -33.92
N SER R 77 -9.54 -13.67 -33.06
CA SER R 77 -8.90 -14.90 -33.50
C SER R 77 -8.93 -15.88 -32.33
N LEU R 78 -9.36 -17.11 -32.61
CA LEU R 78 -9.38 -18.13 -31.58
C LEU R 78 -7.97 -18.53 -31.18
N GLN R 79 -7.76 -18.64 -29.87
CA GLN R 79 -6.53 -19.19 -29.32
C GLN R 79 -6.83 -20.52 -28.64
N PRO R 80 -5.82 -21.37 -28.50
CA PRO R 80 -6.02 -22.63 -27.78
C PRO R 80 -6.59 -22.46 -26.38
N ASP R 81 -6.28 -21.35 -25.70
CA ASP R 81 -6.78 -21.12 -24.36
C ASP R 81 -8.24 -20.67 -24.36
N ASP R 82 -8.76 -20.23 -25.51
CA ASP R 82 -10.09 -19.64 -25.57
C ASP R 82 -11.20 -20.61 -25.21
N PHE R 83 -10.90 -21.91 -25.28
CA PHE R 83 -11.91 -22.95 -24.94
C PHE R 83 -12.44 -22.66 -23.53
N ALA R 84 -13.72 -22.27 -23.43
CA ALA R 84 -14.32 -21.97 -22.11
C ALA R 84 -15.83 -21.73 -22.26
N ILE R 85 -16.52 -21.41 -21.17
CA ILE R 85 -17.98 -21.09 -21.23
C ILE R 85 -18.11 -19.57 -21.08
N TYR R 86 -19.16 -18.96 -21.63
CA TYR R 86 -19.24 -17.47 -21.60
C TYR R 86 -20.63 -17.01 -21.14
N TYR R 87 -20.67 -16.12 -20.14
CA TYR R 87 -21.93 -15.69 -19.57
C TYR R 87 -22.09 -14.17 -19.71
N CYS R 88 -23.34 -13.71 -19.76
CA CYS R 88 -23.64 -12.29 -19.89
C CYS R 88 -24.46 -11.82 -18.69
N GLN R 89 -23.84 -11.04 -17.81
CA GLN R 89 -24.58 -10.33 -16.78
C GLN R 89 -25.09 -9.00 -17.29
N GLN R 90 -26.08 -8.47 -16.58
CA GLN R 90 -26.51 -7.09 -16.74
C GLN R 90 -26.75 -6.51 -15.35
N TYR R 91 -25.96 -5.50 -15.00
CA TYR R 91 -26.09 -4.86 -13.70
C TYR R 91 -26.99 -3.64 -13.73
N ASN R 92 -27.55 -3.30 -14.89
CA ASN R 92 -28.35 -2.08 -15.01
C ASN R 92 -29.45 -2.03 -13.97
N SER R 93 -29.98 -3.19 -13.58
CA SER R 93 -30.98 -3.27 -12.52
C SER R 93 -30.90 -4.66 -11.90
N TYR R 94 -31.74 -4.87 -10.87
CA TYR R 94 -31.88 -6.02 -10.00
C TYR R 94 -33.09 -6.85 -10.43
N PRO R 95 -33.04 -8.18 -10.29
CA PRO R 95 -31.86 -8.94 -9.87
C PRO R 95 -30.87 -9.12 -11.00
N TRP R 96 -29.59 -9.19 -10.66
CA TRP R 96 -28.55 -9.38 -11.65
C TRP R 96 -28.70 -10.75 -12.31
N THR R 97 -28.91 -10.76 -13.63
CA THR R 97 -29.21 -11.99 -14.35
C THR R 97 -28.12 -12.33 -15.35
N PHE R 98 -27.91 -13.63 -15.53
CA PHE R 98 -26.91 -14.18 -16.43
C PHE R 98 -27.58 -14.76 -17.66
N GLY R 99 -26.80 -14.91 -18.72
CA GLY R 99 -27.21 -15.78 -19.80
C GLY R 99 -26.98 -17.24 -19.45
N GLN R 100 -27.61 -18.13 -20.22
CA GLN R 100 -27.38 -19.55 -20.02
C GLN R 100 -25.95 -19.97 -20.30
N GLY R 101 -25.16 -19.10 -20.92
CA GLY R 101 -23.77 -19.40 -21.21
C GLY R 101 -23.61 -20.11 -22.55
N THR R 102 -22.40 -19.97 -23.10
CA THR R 102 -22.02 -20.65 -24.33
C THR R 102 -20.86 -21.59 -24.05
N LYS R 103 -20.90 -22.77 -24.66
CA LYS R 103 -19.89 -23.80 -24.51
C LYS R 103 -19.00 -23.75 -25.75
N VAL R 104 -18.02 -22.86 -25.74
CA VAL R 104 -17.17 -22.65 -26.91
C VAL R 104 -16.01 -23.65 -26.86
N GLU R 105 -16.07 -24.64 -27.75
CA GLU R 105 -15.00 -25.60 -28.01
C GLU R 105 -14.21 -25.14 -29.24
N ILE R 106 -13.32 -26.01 -29.72
CA ILE R 106 -12.41 -25.67 -30.81
C ILE R 106 -12.49 -26.78 -31.87
N LYS R 107 -12.84 -26.41 -33.10
CA LYS R 107 -12.82 -27.41 -34.21
C LYS R 107 -11.36 -27.82 -34.45
N ARG R 108 -11.12 -29.08 -34.85
CA ARG R 108 -9.72 -29.57 -35.02
C ARG R 108 -9.70 -30.75 -35.99
N THR R 109 -8.49 -31.23 -36.36
CA THR R 109 -8.37 -32.42 -37.24
C THR R 109 -8.57 -33.68 -36.42
N VAL R 110 -8.78 -34.82 -37.09
CA VAL R 110 -9.07 -36.08 -36.36
C VAL R 110 -7.79 -36.64 -35.73
N ALA R 111 -7.72 -36.70 -34.40
CA ALA R 111 -6.59 -37.28 -33.69
C ALA R 111 -6.99 -38.61 -33.07
N ALA R 112 -5.99 -39.55 -32.98
CA ALA R 112 -6.13 -40.93 -32.53
C ALA R 112 -5.92 -41.04 -31.02
N PRO R 113 -6.59 -42.00 -30.38
CA PRO R 113 -6.46 -42.15 -28.93
C PRO R 113 -5.28 -43.01 -28.52
N SER R 114 -4.78 -42.74 -27.32
CA SER R 114 -3.72 -43.54 -26.69
C SER R 114 -4.41 -44.48 -25.71
N VAL R 115 -4.51 -45.75 -26.09
CA VAL R 115 -5.21 -46.75 -25.29
C VAL R 115 -4.27 -47.25 -24.20
N PHE R 116 -4.77 -47.30 -22.97
CA PHE R 116 -3.96 -47.78 -21.86
C PHE R 116 -4.86 -48.49 -20.85
N ILE R 117 -4.42 -49.66 -20.39
CA ILE R 117 -5.18 -50.44 -19.42
C ILE R 117 -4.38 -50.45 -18.12
N PHE R 118 -5.08 -50.73 -17.02
CA PHE R 118 -4.45 -50.77 -15.72
C PHE R 118 -5.01 -51.97 -14.96
N PRO R 119 -4.16 -52.76 -14.30
CA PRO R 119 -4.67 -53.93 -13.59
C PRO R 119 -5.46 -53.51 -12.36
N PRO R 120 -6.36 -54.35 -11.87
CA PRO R 120 -7.06 -54.04 -10.62
C PRO R 120 -6.11 -54.15 -9.43
N SER R 121 -5.92 -53.02 -8.74
CA SER R 121 -5.02 -52.99 -7.59
C SER R 121 -5.44 -54.00 -6.54
N ASP R 122 -4.46 -54.47 -5.77
CA ASP R 122 -4.73 -55.50 -4.77
C ASP R 122 -5.30 -54.92 -3.49
N GLU R 123 -4.99 -53.65 -3.18
CA GLU R 123 -5.62 -53.00 -2.04
C GLU R 123 -7.13 -52.90 -2.24
N GLN R 124 -7.58 -52.79 -3.48
CA GLN R 124 -9.01 -52.75 -3.75
C GLN R 124 -9.63 -54.13 -3.69
N LEU R 125 -8.88 -55.17 -4.08
CA LEU R 125 -9.34 -56.54 -3.83
C LEU R 125 -9.41 -56.83 -2.34
N LYS R 126 -8.60 -56.14 -1.53
CA LYS R 126 -8.74 -56.23 -0.09
C LYS R 126 -10.06 -55.65 0.38
N SER R 127 -10.62 -54.69 -0.37
CA SER R 127 -11.92 -54.13 -0.09
C SER R 127 -13.04 -54.84 -0.84
N GLY R 128 -12.74 -55.97 -1.49
CA GLY R 128 -13.75 -56.73 -2.20
C GLY R 128 -14.24 -56.10 -3.49
N THR R 129 -13.45 -55.21 -4.08
CA THR R 129 -13.86 -54.45 -5.25
C THR R 129 -12.74 -54.43 -6.28
N ALA R 130 -13.12 -54.39 -7.57
CA ALA R 130 -12.14 -54.46 -8.67
C ALA R 130 -12.72 -53.72 -9.88
N SER R 131 -12.67 -52.40 -9.83
CA SER R 131 -13.29 -51.53 -10.84
C SER R 131 -12.22 -50.62 -11.42
N VAL R 132 -11.46 -51.11 -12.39
CA VAL R 132 -10.32 -50.38 -12.91
C VAL R 132 -10.69 -49.75 -14.25
N VAL R 133 -9.86 -48.79 -14.69
CA VAL R 133 -10.13 -47.93 -15.84
C VAL R 133 -9.39 -48.46 -17.07
N CYS R 134 -9.99 -48.28 -18.24
CA CYS R 134 -9.33 -48.45 -19.53
C CYS R 134 -9.35 -47.11 -20.25
N LEU R 135 -8.18 -46.66 -20.67
CA LEU R 135 -7.93 -45.25 -20.97
C LEU R 135 -7.94 -44.95 -22.47
N LEU R 136 -8.29 -43.70 -22.78
CA LEU R 136 -8.06 -43.10 -24.10
C LEU R 136 -7.68 -41.64 -23.88
N ASN R 137 -6.67 -41.17 -24.60
CA ASN R 137 -6.20 -39.79 -24.41
C ASN R 137 -5.93 -39.10 -25.75
N ASN R 138 -6.06 -37.78 -25.72
CA ASN R 138 -5.63 -36.86 -26.78
C ASN R 138 -6.11 -37.32 -28.16
N PHE R 139 -7.42 -37.45 -28.31
CA PHE R 139 -8.01 -37.90 -29.56
C PHE R 139 -9.15 -36.96 -29.94
N TYR R 140 -9.18 -36.56 -31.21
CA TYR R 140 -10.26 -35.75 -31.76
C TYR R 140 -10.95 -36.53 -32.87
N PRO R 141 -12.29 -36.56 -32.90
CA PRO R 141 -13.18 -35.96 -31.91
C PRO R 141 -13.49 -36.91 -30.75
N ARG R 142 -14.45 -36.53 -29.90
CA ARG R 142 -14.79 -37.38 -28.76
C ARG R 142 -15.37 -38.72 -29.19
N GLU R 143 -15.90 -38.81 -30.41
CA GLU R 143 -16.42 -40.05 -30.95
C GLU R 143 -15.32 -41.07 -30.66
N ALA R 144 -15.67 -42.15 -29.96
CA ALA R 144 -14.70 -43.16 -29.53
C ALA R 144 -15.45 -44.25 -28.80
N LYS R 145 -14.93 -45.48 -28.89
CA LYS R 145 -15.63 -46.64 -28.33
C LYS R 145 -14.64 -47.58 -27.65
N VAL R 146 -14.96 -47.99 -26.43
CA VAL R 146 -14.17 -48.92 -25.64
C VAL R 146 -15.06 -50.08 -25.22
N GLN R 147 -14.83 -51.26 -25.79
CA GLN R 147 -15.49 -52.50 -25.42
C GLN R 147 -14.53 -53.39 -24.64
N TRP R 148 -15.09 -54.40 -23.98
CA TRP R 148 -14.34 -55.26 -23.08
C TRP R 148 -14.59 -56.71 -23.48
N LYS R 149 -13.51 -57.45 -23.75
CA LYS R 149 -13.61 -58.80 -24.31
C LYS R 149 -13.34 -59.82 -23.21
N VAL R 150 -14.39 -60.52 -22.81
CA VAL R 150 -14.31 -61.62 -21.84
C VAL R 150 -14.04 -62.91 -22.60
N ASP R 151 -15.03 -63.38 -23.35
CA ASP R 151 -14.88 -64.35 -24.41
C ASP R 151 -15.04 -63.56 -25.71
N ASN R 152 -15.37 -64.26 -26.80
CA ASN R 152 -15.64 -63.55 -28.08
C ASN R 152 -16.65 -62.44 -27.82
N ALA R 153 -16.50 -61.28 -28.48
CA ALA R 153 -17.41 -60.14 -28.27
C ALA R 153 -17.33 -59.66 -26.82
N LEU R 154 -18.48 -59.50 -26.14
CA LEU R 154 -18.48 -58.95 -24.77
C LEU R 154 -19.34 -59.83 -23.84
N GLN R 155 -19.28 -59.58 -22.53
CA GLN R 155 -20.14 -60.30 -21.58
C GLN R 155 -21.39 -59.52 -21.20
N SER R 156 -21.22 -58.28 -20.76
CA SER R 156 -22.33 -57.42 -20.40
C SER R 156 -21.88 -55.97 -20.49
N GLY R 157 -22.85 -55.10 -20.72
CA GLY R 157 -22.57 -53.67 -20.84
C GLY R 157 -22.53 -52.97 -19.49
N ASN R 158 -21.58 -53.35 -18.64
CA ASN R 158 -21.46 -52.77 -17.31
C ASN R 158 -20.13 -52.05 -17.15
N SER R 159 -19.93 -50.98 -17.93
CA SER R 159 -18.68 -50.22 -17.90
C SER R 159 -19.01 -48.75 -18.06
N GLN R 160 -19.03 -48.01 -16.95
CA GLN R 160 -19.23 -46.56 -16.97
C GLN R 160 -18.07 -45.89 -17.68
N GLU R 161 -18.14 -44.58 -17.90
CA GLU R 161 -17.09 -43.87 -18.62
C GLU R 161 -16.93 -42.46 -18.05
N SER R 162 -15.89 -41.77 -18.51
CA SER R 162 -15.53 -40.45 -18.01
C SER R 162 -15.04 -39.58 -19.16
N VAL R 163 -15.16 -38.26 -18.98
CA VAL R 163 -15.12 -37.29 -20.07
C VAL R 163 -14.23 -36.12 -19.68
N THR R 164 -12.98 -36.10 -20.16
CA THR R 164 -12.21 -34.87 -20.09
C THR R 164 -12.55 -33.97 -21.28
N GLU R 165 -12.09 -32.73 -21.20
CA GLU R 165 -12.49 -31.68 -22.12
C GLU R 165 -11.25 -31.04 -22.75
N GLN R 166 -11.47 -30.12 -23.69
CA GLN R 166 -10.38 -29.49 -24.42
C GLN R 166 -9.53 -28.60 -23.51
N ASP R 167 -8.50 -28.00 -24.07
CA ASP R 167 -7.64 -27.03 -23.39
C ASP R 167 -6.62 -26.55 -24.40
N SER R 168 -5.67 -25.75 -23.93
CA SER R 168 -4.60 -25.26 -24.79
C SER R 168 -3.71 -26.37 -25.35
N LYS R 169 -3.56 -26.40 -26.68
CA LYS R 169 -2.68 -27.32 -27.39
C LYS R 169 -3.15 -28.76 -27.24
N ASP R 170 -4.46 -28.96 -27.07
CA ASP R 170 -5.06 -30.30 -26.91
C ASP R 170 -4.24 -30.98 -25.82
N SER R 171 -4.31 -30.42 -24.62
CA SER R 171 -3.59 -31.04 -23.46
C SER R 171 -4.48 -32.05 -22.74
N THR R 172 -5.82 -31.94 -22.88
CA THR R 172 -6.70 -32.84 -22.09
C THR R 172 -7.78 -33.51 -22.95
N TYR R 173 -8.17 -32.91 -24.08
CA TYR R 173 -9.28 -33.48 -24.89
C TYR R 173 -9.08 -34.99 -24.85
N SER R 174 -10.02 -35.73 -24.26
CA SER R 174 -9.87 -37.17 -24.09
C SER R 174 -11.08 -37.73 -23.35
N LEU R 175 -11.18 -39.06 -23.37
CA LEU R 175 -12.28 -39.78 -22.73
C LEU R 175 -11.75 -41.12 -22.25
N SER R 176 -12.30 -41.65 -21.17
CA SER R 176 -11.87 -42.95 -20.66
C SER R 176 -13.09 -43.80 -20.33
N SER R 177 -12.83 -45.08 -20.06
CA SER R 177 -13.87 -46.06 -19.78
C SER R 177 -13.46 -46.88 -18.56
N THR R 178 -14.31 -46.90 -17.54
CA THR R 178 -14.10 -47.62 -16.30
C THR R 178 -15.12 -48.76 -16.22
N LEU R 179 -14.64 -50.00 -16.33
CA LEU R 179 -15.52 -51.17 -16.23
C LEU R 179 -16.12 -51.28 -14.83
N THR R 180 -17.39 -50.92 -14.70
CA THR R 180 -18.07 -50.95 -13.41
C THR R 180 -18.11 -52.37 -12.85
N LEU R 181 -17.34 -52.63 -11.81
CA LEU R 181 -17.19 -53.98 -11.28
C LEU R 181 -16.82 -53.91 -9.80
N SER R 182 -17.59 -54.59 -8.94
CA SER R 182 -17.27 -54.65 -7.52
C SER R 182 -16.93 -56.08 -7.12
N LYS R 183 -17.94 -56.93 -6.95
CA LYS R 183 -17.71 -58.36 -6.63
C LYS R 183 -18.34 -59.35 -7.61
N ALA R 184 -17.51 -60.08 -8.38
CA ALA R 184 -18.03 -61.07 -9.36
C ALA R 184 -16.94 -62.02 -9.87
N TYR R 186 -17.23 -63.54 -13.23
CA TYR R 186 -15.89 -63.79 -12.65
C TYR R 186 -14.81 -63.30 -13.62
N GLU R 187 -13.77 -62.66 -13.10
CA GLU R 187 -12.68 -62.13 -13.97
C GLU R 187 -11.93 -63.29 -14.61
N LYS R 188 -12.18 -64.51 -14.14
CA LYS R 188 -11.44 -65.70 -14.66
C LYS R 188 -11.60 -65.76 -16.18
N HIS R 189 -12.84 -65.69 -16.67
CA HIS R 189 -13.08 -65.84 -18.14
C HIS R 189 -12.47 -64.64 -18.88
N LYS R 190 -12.37 -63.49 -18.21
CA LYS R 190 -11.89 -62.26 -18.88
C LYS R 190 -10.40 -62.38 -19.22
N VAL R 191 -10.05 -62.32 -20.51
CA VAL R 191 -8.64 -62.32 -20.88
C VAL R 191 -8.16 -60.88 -20.96
N TYR R 192 -9.03 -59.91 -20.64
CA TYR R 192 -8.66 -58.50 -20.46
C TYR R 192 -8.22 -57.77 -21.73
N ALA R 193 -9.10 -57.79 -22.74
CA ALA R 193 -8.85 -57.10 -24.01
C ALA R 193 -9.81 -55.93 -24.20
N CYS R 194 -9.26 -54.71 -24.16
CA CYS R 194 -10.01 -53.52 -24.53
C CYS R 194 -10.05 -53.41 -26.05
N GLU R 195 -11.21 -53.68 -26.62
CA GLU R 195 -11.49 -53.47 -28.03
C GLU R 195 -11.82 -52.01 -28.24
N VAL R 196 -10.88 -51.25 -28.80
CA VAL R 196 -11.03 -49.81 -28.96
C VAL R 196 -11.19 -49.49 -30.43
N THR R 197 -12.23 -48.71 -30.75
CA THR R 197 -12.50 -48.26 -32.10
C THR R 197 -12.66 -46.75 -32.12
N HIS R 198 -12.00 -46.09 -33.07
CA HIS R 198 -12.06 -44.65 -33.20
C HIS R 198 -11.87 -44.29 -34.67
N GLN R 199 -12.31 -43.09 -35.04
CA GLN R 199 -12.28 -42.68 -36.44
C GLN R 199 -10.85 -42.72 -37.00
N GLY R 200 -9.89 -42.17 -36.25
CA GLY R 200 -8.51 -42.17 -36.72
C GLY R 200 -7.85 -43.54 -36.70
N LEU R 201 -8.37 -44.47 -35.90
CA LEU R 201 -7.81 -45.81 -35.86
C LEU R 201 -8.21 -46.59 -37.10
N SER R 202 -7.22 -47.00 -37.89
CA SER R 202 -7.49 -47.76 -39.11
C SER R 202 -8.05 -49.14 -38.77
N SER R 203 -7.31 -49.90 -37.96
CA SER R 203 -7.75 -51.22 -37.52
C SER R 203 -8.07 -51.16 -36.03
N PRO R 204 -9.29 -51.55 -35.62
CA PRO R 204 -9.65 -51.52 -34.19
C PRO R 204 -8.63 -52.22 -33.31
N VAL R 205 -8.05 -51.52 -32.34
CA VAL R 205 -6.95 -52.07 -31.56
C VAL R 205 -7.51 -52.68 -30.28
N THR R 206 -7.16 -53.93 -30.02
CA THR R 206 -7.60 -54.63 -28.82
C THR R 206 -6.42 -54.71 -27.88
N LYS R 207 -6.14 -53.58 -27.23
CA LYS R 207 -5.03 -53.57 -26.27
C LYS R 207 -5.38 -54.49 -25.10
N SER R 208 -4.45 -55.35 -24.73
CA SER R 208 -4.79 -56.43 -23.80
C SER R 208 -3.65 -56.69 -22.83
N PHE R 209 -3.99 -57.44 -21.78
CA PHE R 209 -3.05 -57.81 -20.73
C PHE R 209 -3.67 -58.96 -19.92
N ASN R 210 -2.90 -59.46 -18.95
CA ASN R 210 -3.35 -60.52 -18.05
C ASN R 210 -2.96 -60.18 -16.62
N ARG R 211 -3.56 -60.90 -15.68
CA ARG R 211 -3.24 -60.76 -14.25
C ARG R 211 -1.75 -60.87 -14.00
N GLY R 212 -1.13 -59.76 -13.59
CA GLY R 212 0.29 -59.78 -13.29
C GLY R 212 0.97 -58.42 -13.41
N GLN S 1 -2.65 -6.73 -6.92
CA GLN S 1 -3.66 -7.78 -6.76
C GLN S 1 -4.31 -7.75 -5.38
N VAL S 2 -5.61 -8.03 -5.35
CA VAL S 2 -6.35 -8.29 -4.12
C VAL S 2 -6.89 -9.71 -4.24
N GLN S 3 -6.55 -10.56 -3.27
CA GLN S 3 -6.81 -11.99 -3.38
C GLN S 3 -7.92 -12.40 -2.43
N LEU S 4 -8.84 -13.21 -2.95
CA LEU S 4 -10.03 -13.64 -2.21
C LEU S 4 -10.08 -15.16 -2.24
N GLN S 5 -9.90 -15.77 -1.08
CA GLN S 5 -10.07 -17.22 -0.96
C GLN S 5 -11.38 -17.52 -0.24
N GLU S 6 -11.79 -18.79 -0.29
CA GLU S 6 -13.11 -19.17 0.19
C GLU S 6 -13.06 -20.39 1.09
N SER S 7 -13.81 -20.33 2.18
CA SER S 7 -13.95 -21.46 3.10
C SER S 7 -15.40 -21.87 3.24
N GLY S 8 -15.70 -23.09 2.80
CA GLY S 8 -16.99 -23.71 2.97
C GLY S 8 -16.87 -25.12 3.50
N PRO S 9 -17.90 -25.59 4.19
CA PRO S 9 -17.84 -26.94 4.77
C PRO S 9 -17.93 -28.04 3.74
N GLY S 10 -18.65 -27.82 2.64
CA GLY S 10 -18.81 -28.82 1.60
C GLY S 10 -19.93 -29.80 1.84
N LEU S 11 -20.40 -29.95 3.07
CA LEU S 11 -21.44 -30.92 3.40
C LEU S 11 -22.29 -30.35 4.54
N VAL S 12 -23.35 -29.63 4.16
CA VAL S 12 -24.30 -29.07 5.12
C VAL S 12 -25.54 -29.95 5.14
N LYS S 13 -25.94 -30.38 6.33
CA LYS S 13 -27.09 -31.25 6.46
C LYS S 13 -28.36 -30.50 6.05
N PRO S 14 -29.38 -31.22 5.55
CA PRO S 14 -30.48 -30.56 4.83
C PRO S 14 -31.31 -29.58 5.65
N SER S 15 -31.13 -29.49 6.96
CA SER S 15 -31.89 -28.56 7.78
C SER S 15 -30.98 -27.79 8.72
N GLU S 16 -29.85 -27.31 8.21
CA GLU S 16 -28.85 -26.62 9.01
C GLU S 16 -28.58 -25.23 8.43
N THR S 17 -27.70 -24.49 9.11
CA THR S 17 -27.35 -23.14 8.73
C THR S 17 -25.98 -23.14 8.08
N LEU S 18 -25.95 -22.97 6.75
CA LEU S 18 -24.70 -22.82 6.03
C LEU S 18 -23.95 -21.57 6.47
N SER S 19 -22.68 -21.74 6.82
CA SER S 19 -21.80 -20.62 7.14
C SER S 19 -20.59 -20.69 6.21
N LEU S 20 -20.40 -19.62 5.43
CA LEU S 20 -19.29 -19.54 4.49
C LEU S 20 -18.30 -18.44 4.82
N THR S 21 -17.01 -18.73 4.73
CA THR S 21 -15.99 -17.68 4.90
C THR S 21 -15.08 -17.27 3.76
N CYS S 22 -15.25 -16.03 3.29
CA CYS S 22 -14.41 -15.47 2.25
C CYS S 22 -13.31 -14.65 2.92
N SER S 23 -12.07 -15.11 2.76
CA SER S 23 -10.90 -14.47 3.33
C SER S 23 -10.28 -13.51 2.32
N VAL S 24 -9.89 -12.34 2.81
CA VAL S 24 -9.47 -11.21 1.99
C VAL S 24 -8.01 -10.91 2.29
N SER S 25 -7.20 -10.72 1.25
CA SER S 25 -5.80 -10.34 1.43
C SER S 25 -5.45 -9.23 0.46
N GLY S 26 -4.87 -8.15 0.98
CA GLY S 26 -4.44 -7.04 0.18
C GLY S 26 -5.37 -5.85 0.13
N ALA S 27 -6.39 -5.80 0.98
CA ALA S 27 -7.35 -4.71 0.94
C ALA S 27 -8.04 -4.61 2.29
N SER S 28 -8.57 -3.41 2.57
CA SER S 28 -9.32 -3.16 3.80
C SER S 28 -10.80 -3.38 3.49
N ILE S 29 -11.39 -4.38 4.15
CA ILE S 29 -12.80 -4.73 3.91
C ILE S 29 -13.72 -3.57 4.27
N SER S 30 -13.34 -2.76 5.25
CA SER S 30 -14.19 -1.66 5.69
C SER S 30 -14.45 -0.62 4.60
N SER S 31 -13.73 -0.69 3.47
CA SER S 31 -13.87 0.30 2.41
C SER S 31 -14.55 -0.24 1.16
N TYR S 32 -14.83 -1.54 1.08
CA TYR S 32 -15.44 -2.12 -0.10
C TYR S 32 -16.72 -2.88 0.27
N TYR S 33 -17.67 -2.87 -0.65
CA TYR S 33 -18.78 -3.82 -0.59
C TYR S 33 -18.29 -5.20 -1.02
N TRP S 34 -18.93 -6.24 -0.47
CA TRP S 34 -18.54 -7.61 -0.72
C TRP S 34 -19.75 -8.41 -1.15
N ILE S 35 -19.58 -9.22 -2.19
CA ILE S 35 -20.67 -9.84 -2.91
C ILE S 35 -20.48 -11.35 -2.91
N TRP S 36 -21.61 -12.07 -2.85
CA TRP S 36 -21.60 -13.52 -2.95
C TRP S 36 -22.45 -13.98 -4.12
N ILE S 37 -22.04 -15.11 -4.72
CA ILE S 37 -22.66 -15.64 -5.93
C ILE S 37 -22.62 -17.17 -5.83
N ARG S 38 -23.53 -17.83 -6.53
CA ARG S 38 -23.46 -19.28 -6.61
C ARG S 38 -23.77 -19.75 -8.01
N GLN S 39 -23.37 -20.99 -8.28
CA GLN S 39 -23.56 -21.65 -9.56
C GLN S 39 -24.09 -23.04 -9.25
N PRO S 40 -25.42 -23.23 -9.27
CA PRO S 40 -25.98 -24.55 -9.02
C PRO S 40 -25.70 -25.50 -10.19
N ALA S 41 -24.73 -26.38 -9.98
CA ALA S 41 -24.19 -27.24 -11.04
C ALA S 41 -23.78 -26.34 -12.20
N GLY S 42 -24.22 -26.61 -13.43
CA GLY S 42 -23.87 -25.82 -14.59
C GLY S 42 -24.89 -24.80 -15.01
N LYS S 43 -26.04 -24.73 -14.33
CA LYS S 43 -27.04 -23.74 -14.63
C LYS S 43 -26.49 -22.34 -14.33
N GLY S 44 -27.23 -21.33 -14.79
CA GLY S 44 -26.75 -19.97 -14.67
C GLY S 44 -26.53 -19.55 -13.23
N LEU S 45 -25.58 -18.65 -13.03
CA LEU S 45 -25.25 -18.19 -11.69
C LEU S 45 -26.37 -17.30 -11.15
N GLU S 46 -26.30 -17.00 -9.85
CA GLU S 46 -27.33 -16.22 -9.17
C GLU S 46 -26.68 -15.31 -8.15
N TRP S 47 -26.70 -14.00 -8.42
CA TRP S 47 -26.25 -12.99 -7.47
C TRP S 47 -26.94 -13.15 -6.12
N ILE S 48 -26.18 -13.54 -5.10
CA ILE S 48 -26.72 -13.68 -3.76
C ILE S 48 -26.99 -12.29 -3.17
N GLY S 49 -25.93 -11.53 -2.93
CA GLY S 49 -26.12 -10.20 -2.39
C GLY S 49 -24.79 -9.52 -2.11
N ARG S 50 -24.91 -8.34 -1.50
CA ARG S 50 -23.78 -7.47 -1.21
C ARG S 50 -23.95 -6.88 0.18
N PHE S 51 -22.82 -6.66 0.86
CA PHE S 51 -22.81 -6.15 2.22
C PHE S 51 -21.61 -5.23 2.40
N TYR S 52 -21.76 -4.24 3.29
CA TYR S 52 -20.71 -3.26 3.51
C TYR S 52 -20.70 -2.85 4.98
N THR S 53 -19.53 -2.36 5.42
CA THR S 53 -19.31 -2.10 6.83
C THR S 53 -20.08 -0.86 7.30
N SER S 54 -19.94 0.26 6.59
CA SER S 54 -20.65 1.47 6.96
C SER S 54 -21.70 1.83 5.90
N GLY S 55 -22.54 0.88 5.56
CA GLY S 55 -23.58 1.08 4.57
C GLY S 55 -24.77 0.20 4.86
N SER S 56 -25.45 -0.25 3.81
CA SER S 56 -26.65 -1.06 3.95
C SER S 56 -26.56 -2.26 3.04
N PRO S 57 -26.83 -3.47 3.53
CA PRO S 57 -26.79 -4.64 2.66
C PRO S 57 -28.07 -4.79 1.84
N ASN S 58 -27.92 -5.48 0.71
CA ASN S 58 -29.04 -5.79 -0.16
C ASN S 58 -28.85 -7.19 -0.72
N TYR S 59 -29.92 -7.98 -0.74
CA TYR S 59 -29.84 -9.39 -1.06
C TYR S 59 -30.84 -9.76 -2.15
N ASN S 60 -30.63 -10.91 -2.76
CA ASN S 60 -31.53 -11.43 -3.78
C ASN S 60 -32.86 -11.83 -3.14
N PRO S 61 -34.00 -11.45 -3.74
CA PRO S 61 -35.31 -11.79 -3.15
C PRO S 61 -35.53 -13.26 -2.82
N SER S 62 -35.15 -14.19 -3.71
CA SER S 62 -35.41 -15.61 -3.45
C SER S 62 -34.67 -16.13 -2.22
N LEU S 63 -33.77 -15.34 -1.65
CA LEU S 63 -32.98 -15.71 -0.49
C LEU S 63 -33.04 -14.72 0.67
N ARG S 64 -33.64 -13.54 0.48
CA ARG S 64 -33.66 -12.49 1.50
C ARG S 64 -34.03 -13.01 2.89
N SER S 65 -35.09 -13.81 2.96
CA SER S 65 -35.62 -14.27 4.25
C SER S 65 -34.59 -15.08 5.04
N ARG S 66 -33.57 -15.64 4.38
CA ARG S 66 -32.68 -16.58 5.04
C ARG S 66 -31.23 -16.10 5.17
N VAL S 67 -30.79 -15.17 4.34
CA VAL S 67 -29.39 -14.78 4.30
C VAL S 67 -29.09 -13.68 5.31
N THR S 68 -27.99 -13.85 6.05
CA THR S 68 -27.42 -12.80 6.87
C THR S 68 -25.94 -12.69 6.53
N MET S 69 -25.52 -11.51 6.10
CA MET S 69 -24.12 -11.25 5.76
C MET S 69 -23.44 -10.49 6.88
N SER S 70 -22.24 -10.92 7.24
CA SER S 70 -21.48 -10.29 8.30
C SER S 70 -20.05 -10.05 7.83
N VAL S 71 -19.35 -9.15 8.51
CA VAL S 71 -17.99 -8.76 8.17
C VAL S 71 -17.14 -8.77 9.44
N ASP S 72 -16.02 -9.51 9.38
CA ASP S 72 -15.02 -9.50 10.44
C ASP S 72 -13.88 -8.61 9.97
N THR S 73 -13.86 -7.37 10.47
CA THR S 73 -12.76 -6.46 10.19
C THR S 73 -11.49 -6.85 10.93
N SER S 74 -11.62 -7.61 12.02
CA SER S 74 -10.43 -8.04 12.76
C SER S 74 -9.70 -9.17 12.02
N LYS S 75 -10.45 -10.12 11.49
CA LYS S 75 -9.86 -11.25 10.77
C LYS S 75 -9.73 -11.00 9.27
N ASN S 76 -10.20 -9.84 8.78
CA ASN S 76 -10.28 -9.56 7.35
C ASN S 76 -11.00 -10.70 6.62
N GLN S 77 -12.27 -10.89 6.98
CA GLN S 77 -13.12 -11.87 6.31
C GLN S 77 -14.54 -11.33 6.21
N PHE S 78 -15.34 -11.97 5.37
CA PHE S 78 -16.77 -11.74 5.43
C PHE S 78 -17.52 -13.05 5.22
N SER S 79 -18.63 -13.20 5.92
CA SER S 79 -19.31 -14.49 6.04
C SER S 79 -20.76 -14.40 5.61
N LEU S 80 -21.20 -15.44 4.91
CA LEU S 80 -22.62 -15.73 4.69
C LEU S 80 -23.13 -16.67 5.76
N LYS S 81 -24.38 -16.46 6.17
CA LYS S 81 -25.07 -17.41 7.03
C LYS S 81 -26.50 -17.57 6.50
N LEU S 82 -26.76 -18.75 5.96
CA LEU S 82 -28.03 -19.13 5.34
C LEU S 82 -28.74 -20.13 6.23
N THR S 83 -30.02 -19.91 6.50
CA THR S 83 -30.80 -20.80 7.35
C THR S 83 -31.56 -21.82 6.51
N SER S 84 -31.75 -23.01 7.09
CA SER S 84 -32.52 -24.09 6.40
C SER S 84 -32.08 -24.26 4.93
N VAL S 85 -30.79 -24.50 4.71
CA VAL S 85 -30.30 -24.75 3.28
C VAL S 85 -31.14 -25.82 2.65
N THR S 86 -31.84 -25.47 1.57
CA THR S 86 -32.76 -26.42 0.90
C THR S 86 -32.30 -27.48 -0.15
N ALA S 87 -31.90 -27.02 -1.33
CA ALA S 87 -31.48 -27.93 -2.36
C ALA S 87 -30.28 -27.17 -2.99
N ALA S 88 -29.07 -27.73 -2.88
CA ALA S 88 -27.88 -27.07 -3.42
C ALA S 88 -27.74 -27.31 -4.92
N ASP S 89 -28.08 -28.51 -5.38
CA ASP S 89 -27.86 -28.93 -6.76
C ASP S 89 -26.38 -28.82 -7.12
N THR S 90 -25.52 -29.18 -6.17
CA THR S 90 -24.06 -29.09 -6.29
C THR S 90 -23.64 -27.70 -6.74
N ALA S 91 -23.91 -26.72 -5.88
CA ALA S 91 -23.66 -25.32 -6.18
C ALA S 91 -22.26 -24.91 -5.74
N VAL S 92 -21.53 -24.27 -6.66
CA VAL S 92 -20.24 -23.67 -6.34
C VAL S 92 -20.51 -22.24 -5.88
N TYR S 93 -20.07 -21.90 -4.67
CA TYR S 93 -20.17 -20.54 -4.17
C TYR S 93 -18.90 -19.77 -4.53
N TYR S 94 -19.08 -18.51 -4.89
CA TYR S 94 -17.99 -17.60 -5.20
C TYR S 94 -18.17 -16.31 -4.39
N CYS S 95 -17.05 -15.72 -3.99
CA CYS S 95 -17.04 -14.42 -3.33
C CYS S 95 -16.28 -13.42 -4.20
N ALA S 96 -16.77 -12.18 -4.25
CA ALA S 96 -16.18 -11.16 -5.10
C ALA S 96 -16.19 -9.82 -4.38
N ARG S 97 -15.29 -8.93 -4.83
CA ARG S 97 -15.17 -7.58 -4.30
C ARG S 97 -15.88 -6.61 -5.22
N GLU S 98 -16.71 -5.74 -4.63
CA GLU S 98 -17.39 -4.70 -5.40
C GLU S 98 -16.48 -3.47 -5.42
N GLU S 99 -15.89 -3.18 -6.58
CA GLU S 99 -15.02 -2.02 -6.72
C GLU S 99 -15.81 -0.73 -6.53
N HIS S 100 -15.09 0.39 -6.48
CA HIS S 100 -15.71 1.68 -6.29
C HIS S 100 -16.31 2.17 -7.60
N ILE S 101 -16.79 3.42 -7.60
CA ILE S 101 -17.38 4.00 -8.80
C ILE S 101 -16.30 4.23 -9.85
N THR S 102 -16.56 3.75 -11.05
CA THR S 102 -15.78 4.10 -12.24
C THR S 102 -16.71 4.76 -13.25
N PHE S 103 -16.14 5.19 -14.37
CA PHE S 103 -16.97 5.76 -15.43
C PHE S 103 -17.82 4.71 -16.11
N GLY S 104 -17.50 3.43 -15.95
CA GLY S 104 -18.31 2.38 -16.50
C GLY S 104 -19.11 1.65 -15.45
N GLY S 105 -19.51 2.36 -14.40
CA GLY S 105 -20.25 1.76 -13.32
C GLY S 105 -19.37 0.95 -12.39
N VAL S 106 -20.03 0.35 -11.41
CA VAL S 106 -19.32 -0.37 -10.36
C VAL S 106 -18.88 -1.75 -10.87
N ILE S 107 -17.60 -2.06 -10.67
CA ILE S 107 -16.98 -3.25 -11.23
C ILE S 107 -16.76 -4.29 -10.13
N VAL S 108 -16.69 -5.55 -10.54
CA VAL S 108 -16.25 -6.64 -9.67
C VAL S 108 -15.12 -7.40 -10.34
N ARG S 109 -13.90 -6.82 -10.31
CA ARG S 109 -12.78 -7.40 -11.02
C ARG S 109 -12.25 -8.66 -10.32
N TYR S 110 -12.35 -8.72 -8.99
CA TYR S 110 -11.61 -9.69 -8.20
C TYR S 110 -12.56 -10.77 -7.69
N TRP S 111 -12.19 -12.02 -7.94
CA TRP S 111 -13.10 -13.16 -7.83
C TRP S 111 -12.50 -14.23 -6.94
N GLY S 112 -13.37 -14.97 -6.26
CA GLY S 112 -12.95 -16.05 -5.40
C GLY S 112 -12.67 -17.33 -6.15
N GLN S 113 -12.16 -18.33 -5.42
CA GLN S 113 -11.76 -19.58 -6.03
C GLN S 113 -12.94 -20.50 -6.31
N GLY S 114 -14.01 -20.40 -5.51
CA GLY S 114 -15.15 -21.27 -5.69
C GLY S 114 -15.10 -22.48 -4.77
N THR S 115 -16.08 -22.61 -3.88
CA THR S 115 -16.18 -23.75 -2.98
C THR S 115 -17.54 -24.40 -3.17
N LEU S 116 -17.53 -25.70 -3.46
CA LEU S 116 -18.77 -26.46 -3.56
C LEU S 116 -19.42 -26.61 -2.19
N VAL S 117 -20.74 -26.38 -2.15
CA VAL S 117 -21.52 -26.68 -0.95
C VAL S 117 -22.62 -27.65 -1.38
N THR S 118 -22.47 -28.92 -1.02
CA THR S 118 -23.46 -29.93 -1.28
C THR S 118 -24.26 -30.20 -0.01
N VAL S 119 -25.55 -30.48 -0.19
CA VAL S 119 -26.50 -30.58 0.91
C VAL S 119 -27.01 -32.02 0.94
N SER S 120 -26.42 -32.83 1.82
CA SER S 120 -26.79 -34.24 1.92
C SER S 120 -26.48 -34.57 3.38
N SER S 121 -27.30 -35.41 4.02
CA SER S 121 -26.97 -35.85 5.39
C SER S 121 -25.99 -37.06 5.48
N ALA S 122 -25.39 -37.37 4.33
CA ALA S 122 -24.46 -38.48 4.24
C ALA S 122 -23.22 -37.92 4.94
N SER S 123 -22.27 -38.81 5.20
CA SER S 123 -21.07 -38.46 5.96
C SER S 123 -19.95 -38.01 5.03
N THR S 124 -18.82 -37.63 5.62
CA THR S 124 -17.60 -37.31 4.87
C THR S 124 -16.72 -38.54 4.92
N LYS S 125 -16.86 -39.40 3.90
CA LYS S 125 -16.13 -40.66 3.84
C LYS S 125 -14.82 -40.47 3.08
N GLY S 126 -13.74 -40.97 3.66
CA GLY S 126 -12.41 -40.78 3.12
C GLY S 126 -12.17 -41.54 1.83
N PRO S 127 -11.22 -41.07 1.03
CA PRO S 127 -10.93 -41.72 -0.24
C PRO S 127 -9.99 -42.90 -0.05
N SER S 128 -10.15 -43.88 -0.93
CA SER S 128 -9.22 -44.99 -1.04
C SER S 128 -8.44 -44.82 -2.33
N VAL S 129 -7.13 -44.65 -2.21
CA VAL S 129 -6.25 -44.46 -3.36
C VAL S 129 -5.69 -45.81 -3.75
N PHE S 130 -5.71 -46.10 -5.05
CA PHE S 130 -5.23 -47.38 -5.57
C PHE S 130 -4.33 -47.10 -6.77
N PRO S 131 -3.09 -47.56 -6.77
CA PRO S 131 -2.18 -47.25 -7.88
C PRO S 131 -2.56 -47.97 -9.16
N LEU S 132 -2.14 -47.38 -10.27
CA LEU S 132 -2.46 -47.83 -11.62
C LEU S 132 -1.15 -48.10 -12.35
N ALA S 133 -0.71 -49.36 -12.27
CA ALA S 133 0.46 -49.85 -12.99
C ALA S 133 0.17 -49.91 -14.49
N PRO S 134 1.20 -49.74 -15.32
CA PRO S 134 0.96 -49.48 -16.74
C PRO S 134 0.41 -50.69 -17.47
N SER S 135 -0.05 -50.44 -18.69
CA SER S 135 -0.36 -51.50 -19.63
C SER S 135 0.98 -52.05 -20.14
N SER S 136 1.62 -52.86 -19.29
CA SER S 136 2.92 -53.42 -19.64
C SER S 136 2.78 -54.44 -20.77
N LYS S 137 1.83 -55.36 -20.64
CA LYS S 137 1.64 -56.39 -21.66
C LYS S 137 1.10 -55.81 -22.96
N SER S 138 0.53 -54.60 -22.93
CA SER S 138 0.11 -53.89 -24.13
C SER S 138 1.22 -52.93 -24.51
N THR S 139 2.05 -53.34 -25.47
CA THR S 139 3.24 -52.57 -25.81
C THR S 139 2.89 -51.38 -26.68
N SER S 140 3.32 -50.18 -26.26
CA SER S 140 3.05 -48.95 -26.99
C SER S 140 4.28 -48.04 -27.01
N GLY S 141 5.48 -48.62 -27.07
CA GLY S 141 6.70 -47.87 -27.25
C GLY S 141 6.96 -46.78 -26.24
N GLY S 142 7.16 -45.54 -26.72
CA GLY S 142 7.42 -44.41 -25.85
C GLY S 142 6.27 -44.01 -24.96
N THR S 143 5.04 -44.28 -25.37
CA THR S 143 3.87 -43.93 -24.56
C THR S 143 3.65 -44.96 -23.45
N ALA S 144 3.59 -44.49 -22.21
CA ALA S 144 3.39 -45.36 -21.06
C ALA S 144 2.61 -44.58 -20.03
N ALA S 145 1.37 -45.00 -19.76
CA ALA S 145 0.48 -44.27 -18.87
C ALA S 145 0.52 -44.88 -17.46
N LEU S 146 0.50 -44.00 -16.46
CA LEU S 146 0.60 -44.39 -15.06
C LEU S 146 -0.42 -43.59 -14.27
N GLY S 147 -1.06 -44.20 -13.28
CA GLY S 147 -2.10 -43.42 -12.64
C GLY S 147 -2.42 -43.81 -11.22
N CYS S 148 -3.51 -43.22 -10.70
CA CYS S 148 -4.10 -43.62 -9.45
C CYS S 148 -5.62 -43.47 -9.52
N LEU S 149 -6.29 -44.15 -8.59
CA LEU S 149 -7.73 -44.20 -8.50
C LEU S 149 -8.14 -43.73 -7.12
N VAL S 150 -8.93 -42.65 -7.07
CA VAL S 150 -9.50 -42.12 -5.84
C VAL S 150 -10.93 -42.63 -5.79
N LYS S 151 -11.15 -43.74 -5.08
CA LYS S 151 -12.44 -44.40 -5.07
C LYS S 151 -13.10 -44.32 -3.70
N ASP S 152 -14.43 -44.46 -3.72
CA ASP S 152 -15.24 -44.51 -2.51
C ASP S 152 -15.13 -43.23 -1.69
N TYR S 153 -15.38 -42.10 -2.35
CA TYR S 153 -15.41 -40.80 -1.67
C TYR S 153 -16.72 -40.11 -2.01
N PHE S 154 -17.53 -39.85 -1.00
CA PHE S 154 -18.83 -39.23 -1.23
C PHE S 154 -18.71 -37.72 -1.40
N PRO S 155 -17.96 -37.00 -0.57
CA PRO S 155 -17.79 -35.57 -0.81
C PRO S 155 -16.99 -35.30 -2.06
N GLU S 156 -17.43 -34.31 -2.83
CA GLU S 156 -16.83 -33.91 -4.10
C GLU S 156 -15.41 -33.33 -4.01
N PRO S 157 -15.07 -32.47 -3.02
CA PRO S 157 -13.76 -31.79 -3.07
C PRO S 157 -12.56 -32.73 -2.98
N VAL S 158 -11.81 -32.81 -4.10
CA VAL S 158 -10.65 -33.67 -4.21
C VAL S 158 -9.63 -32.96 -5.09
N THR S 159 -8.34 -33.17 -4.82
CA THR S 159 -7.27 -32.61 -5.63
C THR S 159 -6.18 -33.67 -5.82
N VAL S 160 -5.87 -33.97 -7.08
CA VAL S 160 -4.81 -34.91 -7.43
C VAL S 160 -3.63 -34.13 -8.00
N SER S 161 -2.45 -34.36 -7.43
CA SER S 161 -1.21 -33.79 -7.95
C SER S 161 -0.22 -34.92 -8.18
N TRP S 162 0.79 -34.64 -9.02
CA TRP S 162 1.76 -35.64 -9.45
C TRP S 162 3.16 -35.17 -9.09
N ASN S 163 3.89 -36.00 -8.34
CA ASN S 163 5.20 -35.63 -7.79
C ASN S 163 5.14 -34.30 -7.04
N SER S 164 4.01 -34.05 -6.37
CA SER S 164 3.76 -32.79 -5.66
C SER S 164 3.94 -31.59 -6.58
N GLY S 165 3.48 -31.71 -7.81
CA GLY S 165 3.44 -30.62 -8.77
C GLY S 165 4.52 -30.67 -9.84
N ALA S 166 5.55 -31.51 -9.67
CA ALA S 166 6.64 -31.52 -10.64
C ALA S 166 6.19 -32.05 -12.00
N LEU S 167 5.43 -33.13 -12.02
CA LEU S 167 4.92 -33.70 -13.26
C LEU S 167 3.86 -32.78 -13.84
N THR S 168 4.19 -32.07 -14.91
CA THR S 168 3.36 -30.99 -15.41
C THR S 168 2.78 -31.21 -16.81
N SER S 169 3.07 -32.34 -17.45
CA SER S 169 2.63 -32.56 -18.82
C SER S 169 1.99 -33.93 -18.98
N GLY S 170 1.03 -34.00 -19.90
CA GLY S 170 0.38 -35.27 -20.21
C GLY S 170 -0.53 -35.79 -19.12
N VAL S 171 -1.08 -34.92 -18.30
CA VAL S 171 -1.91 -35.31 -17.16
C VAL S 171 -3.37 -35.21 -17.56
N HIS S 172 -4.18 -36.20 -17.14
CA HIS S 172 -5.61 -36.24 -17.44
C HIS S 172 -6.37 -36.67 -16.19
N THR S 173 -6.47 -35.76 -15.21
CA THR S 173 -7.30 -36.01 -14.04
C THR S 173 -8.77 -35.97 -14.47
N PHE S 174 -9.41 -37.12 -14.46
CA PHE S 174 -10.72 -37.31 -15.08
C PHE S 174 -11.82 -36.70 -14.21
N PRO S 175 -13.06 -36.71 -14.67
CA PRO S 175 -14.17 -36.31 -13.79
C PRO S 175 -14.54 -37.40 -12.81
N ALA S 176 -15.09 -36.97 -11.68
CA ALA S 176 -15.66 -37.90 -10.72
C ALA S 176 -16.91 -38.53 -11.30
N VAL S 177 -17.00 -39.85 -11.22
CA VAL S 177 -18.17 -40.59 -11.71
C VAL S 177 -18.89 -41.20 -10.51
N LEU S 178 -20.18 -40.91 -10.40
CA LEU S 178 -20.99 -41.52 -9.35
C LEU S 178 -21.17 -43.01 -9.63
N GLN S 179 -20.86 -43.82 -8.64
CA GLN S 179 -21.05 -45.26 -8.74
C GLN S 179 -22.42 -45.65 -8.19
N SER S 180 -22.75 -46.95 -8.33
CA SER S 180 -24.03 -47.44 -7.84
C SER S 180 -24.12 -47.38 -6.33
N SER S 181 -23.00 -47.24 -5.62
CA SER S 181 -22.97 -47.20 -4.17
C SER S 181 -23.22 -45.81 -3.60
N GLY S 182 -23.47 -44.81 -4.44
CA GLY S 182 -23.57 -43.44 -3.98
C GLY S 182 -22.24 -42.77 -3.71
N LEU S 183 -21.13 -43.45 -3.98
CA LEU S 183 -19.79 -42.90 -3.84
C LEU S 183 -19.25 -42.47 -5.21
N TYR S 184 -18.10 -41.82 -5.19
CA TYR S 184 -17.49 -41.30 -6.40
C TYR S 184 -16.16 -42.00 -6.66
N SER S 185 -15.93 -42.34 -7.93
CA SER S 185 -14.64 -42.84 -8.39
C SER S 185 -13.99 -41.78 -9.26
N LEU S 186 -12.67 -41.68 -9.18
CA LEU S 186 -11.96 -40.58 -9.84
C LEU S 186 -10.59 -41.07 -10.29
N SER S 187 -10.41 -41.23 -11.59
CA SER S 187 -9.15 -41.70 -12.13
C SER S 187 -8.25 -40.52 -12.51
N SER S 188 -6.94 -40.71 -12.34
CA SER S 188 -5.97 -39.72 -12.75
C SER S 188 -4.79 -40.43 -13.37
N VAL S 189 -4.34 -39.96 -14.54
CA VAL S 189 -3.30 -40.65 -15.31
C VAL S 189 -2.36 -39.62 -15.94
N VAL S 190 -1.09 -40.00 -16.06
CA VAL S 190 -0.08 -39.24 -16.80
C VAL S 190 0.56 -40.16 -17.83
N THR S 191 0.76 -39.64 -19.04
CA THR S 191 1.52 -40.32 -20.07
C THR S 191 2.99 -39.94 -19.96
N VAL S 192 3.85 -40.93 -20.16
CA VAL S 192 5.26 -40.87 -19.75
C VAL S 192 6.11 -41.66 -20.74
N PRO S 193 7.33 -41.22 -21.06
CA PRO S 193 8.25 -42.08 -21.83
C PRO S 193 8.53 -43.39 -21.11
N SER S 194 8.58 -44.47 -21.89
CA SER S 194 8.82 -45.79 -21.31
C SER S 194 10.25 -45.94 -20.80
N SER S 195 11.19 -45.15 -21.31
CA SER S 195 12.56 -45.22 -20.83
C SER S 195 12.68 -44.74 -19.39
N SER S 196 11.91 -43.69 -19.04
CA SER S 196 12.00 -43.08 -17.72
C SER S 196 11.21 -43.84 -16.66
N LEU S 197 10.55 -44.94 -17.00
CA LEU S 197 9.80 -45.70 -16.02
C LEU S 197 10.69 -46.33 -14.95
N GLY S 198 12.01 -46.32 -15.13
CA GLY S 198 12.92 -46.86 -14.13
C GLY S 198 13.61 -45.80 -13.31
N THR S 199 14.29 -44.86 -13.97
CA THR S 199 15.05 -43.85 -13.26
C THR S 199 14.16 -42.91 -12.46
N GLN S 200 12.95 -42.67 -12.92
CA GLN S 200 12.03 -41.74 -12.27
C GLN S 200 10.97 -42.48 -11.48
N THR S 201 10.55 -41.87 -10.37
CA THR S 201 9.48 -42.39 -9.53
C THR S 201 8.27 -41.47 -9.63
N TYR S 202 7.09 -42.06 -9.74
CA TYR S 202 5.85 -41.33 -10.02
C TYR S 202 4.91 -41.48 -8.83
N ILE S 203 4.71 -40.39 -8.10
CA ILE S 203 3.92 -40.38 -6.88
C ILE S 203 2.72 -39.47 -7.08
N CYS S 204 1.54 -39.93 -6.67
CA CYS S 204 0.34 -39.11 -6.64
C CYS S 204 0.06 -38.66 -5.21
N ASN S 205 -0.30 -37.39 -5.08
CA ASN S 205 -0.73 -36.80 -3.81
C ASN S 205 -2.21 -36.42 -3.95
N VAL S 206 -3.06 -37.04 -3.13
CA VAL S 206 -4.51 -36.88 -3.23
C VAL S 206 -5.02 -36.32 -1.92
N ASN S 207 -5.74 -35.20 -1.99
CA ASN S 207 -6.20 -34.46 -0.82
C ASN S 207 -7.72 -34.31 -0.90
N HIS S 208 -8.43 -35.24 -0.26
CA HIS S 208 -9.87 -35.13 -0.09
C HIS S 208 -10.14 -34.23 1.11
N LYS S 209 -10.63 -33.02 0.85
CA LYS S 209 -10.69 -31.98 1.87
C LYS S 209 -11.76 -32.22 2.94
N PRO S 210 -12.99 -32.63 2.61
CA PRO S 210 -13.97 -32.88 3.68
C PRO S 210 -13.54 -33.99 4.63
N SER S 211 -13.08 -35.12 4.10
CA SER S 211 -12.52 -36.15 4.96
C SER S 211 -11.17 -35.76 5.53
N ASN S 212 -10.59 -34.65 5.09
CA ASN S 212 -9.29 -34.17 5.57
C ASN S 212 -8.23 -35.25 5.42
N THR S 213 -8.21 -35.88 4.26
CA THR S 213 -7.35 -37.02 4.00
C THR S 213 -6.33 -36.66 2.92
N LYS S 214 -5.07 -37.03 3.16
CA LYS S 214 -3.97 -36.70 2.26
C LYS S 214 -3.17 -37.97 1.95
N VAL S 215 -3.73 -38.82 1.10
CA VAL S 215 -3.11 -40.10 0.78
C VAL S 215 -2.22 -39.94 -0.45
N ASP S 216 -1.00 -40.47 -0.36
CA ASP S 216 -0.02 -40.37 -1.44
C ASP S 216 0.46 -41.77 -1.76
N LYS S 217 0.50 -42.11 -3.05
CA LYS S 217 0.90 -43.46 -3.44
C LYS S 217 1.75 -43.45 -4.71
N ARG S 218 2.68 -44.39 -4.77
CA ARG S 218 3.61 -44.54 -5.87
C ARG S 218 3.01 -45.39 -6.98
N VAL S 219 3.62 -45.30 -8.16
CA VAL S 219 3.15 -46.00 -9.36
C VAL S 219 4.39 -46.47 -10.12
N GLU S 220 4.63 -47.77 -10.13
CA GLU S 220 5.82 -48.34 -10.74
C GLU S 220 5.44 -49.47 -11.68
N PRO S 221 6.17 -49.63 -12.79
CA PRO S 221 5.84 -50.61 -13.84
C PRO S 221 5.87 -52.05 -13.37
N GLY T 1 64.37 -21.48 8.82
CA GLY T 1 63.29 -21.93 7.97
C GLY T 1 62.01 -21.17 8.19
N ASP T 2 61.13 -21.22 7.19
CA ASP T 2 59.85 -20.52 7.27
C ASP T 2 58.98 -21.12 8.37
N THR T 3 58.04 -20.32 8.87
CA THR T 3 57.10 -20.74 9.88
C THR T 3 55.69 -20.29 9.51
N LEU T 4 54.71 -21.15 9.78
CA LEU T 4 53.30 -20.85 9.60
C LEU T 4 52.56 -21.29 10.85
N CYS T 5 51.94 -20.33 11.54
CA CYS T 5 51.42 -20.55 12.88
C CYS T 5 49.91 -20.40 12.90
N ILE T 6 49.30 -20.77 14.03
CA ILE T 6 47.85 -20.75 14.19
C ILE T 6 47.54 -20.21 15.59
N GLY T 7 46.57 -19.32 15.67
CA GLY T 7 46.15 -18.75 16.94
C GLY T 7 44.86 -17.99 16.76
N TYR T 8 44.34 -17.50 17.88
CA TYR T 8 43.08 -16.77 17.89
C TYR T 8 43.31 -15.31 18.29
N HIS T 9 42.20 -14.59 18.47
CA HIS T 9 42.20 -13.14 18.53
C HIS T 9 42.28 -12.63 19.97
N ALA T 10 42.90 -11.47 20.12
CA ALA T 10 42.98 -10.78 21.40
C ALA T 10 42.80 -9.28 21.17
N ASN T 11 42.24 -8.61 22.17
CA ASN T 11 42.03 -7.17 22.10
C ASN T 11 42.31 -6.58 23.48
N ASN T 12 41.85 -5.35 23.72
CA ASN T 12 42.01 -4.71 25.01
C ASN T 12 40.73 -4.73 25.84
N SER T 13 39.72 -5.48 25.40
CA SER T 13 38.47 -5.59 26.15
C SER T 13 38.73 -6.21 27.51
N THR T 14 38.04 -5.69 28.54
CA THR T 14 38.13 -6.22 29.89
C THR T 14 36.80 -6.78 30.38
N ASP T 15 35.89 -7.09 29.44
CA ASP T 15 34.59 -7.63 29.80
C ASP T 15 34.75 -8.98 30.49
N THR T 16 34.25 -9.07 31.72
CA THR T 16 34.33 -10.30 32.50
C THR T 16 32.97 -10.97 32.56
N VAL T 17 32.94 -12.28 32.32
CA VAL T 17 31.72 -13.07 32.46
C VAL T 17 32.01 -14.24 33.39
N ASP T 18 30.95 -14.84 33.90
CA ASP T 18 31.04 -15.95 34.83
C ASP T 18 30.66 -17.27 34.14
N THR T 19 31.44 -18.30 34.40
CA THR T 19 31.09 -19.68 34.10
C THR T 19 30.99 -20.43 35.42
N LEU T 20 30.34 -21.59 35.40
CA LEU T 20 30.29 -22.40 36.61
C LEU T 20 31.65 -22.95 37.01
N LEU T 21 32.53 -23.21 36.03
CA LEU T 21 33.88 -23.65 36.37
C LEU T 21 34.76 -22.50 36.83
N GLU T 22 34.48 -21.28 36.36
CA GLU T 22 35.42 -20.19 36.56
C GLU T 22 34.67 -18.87 36.43
N LYS T 23 34.96 -17.95 37.34
CA LYS T 23 34.34 -16.63 37.37
C LYS T 23 35.34 -15.58 36.91
N ASN T 24 34.82 -14.41 36.56
CA ASN T 24 35.63 -13.30 36.06
C ASN T 24 36.55 -13.75 34.92
N VAL T 25 35.96 -14.39 33.93
CA VAL T 25 36.67 -14.81 32.73
C VAL T 25 36.60 -13.66 31.73
N THR T 26 37.75 -13.03 31.46
CA THR T 26 37.79 -11.90 30.54
C THR T 26 37.72 -12.42 29.10
N VAL T 27 36.69 -11.99 28.39
CA VAL T 27 36.45 -12.43 27.02
C VAL T 27 36.64 -11.25 26.07
N THR T 28 36.92 -11.57 24.81
CA THR T 28 37.13 -10.54 23.80
C THR T 28 35.82 -9.81 23.46
N HIS T 29 34.70 -10.51 23.51
CA HIS T 29 33.42 -9.98 23.09
C HIS T 29 32.31 -10.64 23.89
N SER T 30 31.31 -9.86 24.30
CA SER T 30 30.22 -10.35 25.13
C SER T 30 29.02 -9.44 24.92
N VAL T 31 27.90 -9.79 25.57
CA VAL T 31 26.68 -9.00 25.49
C VAL T 31 26.02 -8.99 26.87
N ASN T 32 25.82 -7.81 27.43
CA ASN T 32 25.08 -7.69 28.68
C ASN T 32 23.58 -7.78 28.37
N LEU T 33 22.91 -8.72 29.03
CA LEU T 33 21.48 -8.92 28.83
C LEU T 33 20.63 -8.22 29.88
N LEU T 34 21.27 -7.52 30.83
CA LEU T 34 20.61 -6.98 32.00
C LEU T 34 20.71 -5.47 31.89
N GLU T 35 19.57 -4.80 31.74
CA GLU T 35 19.49 -3.35 31.87
C GLU T 35 19.19 -3.06 33.34
N ASP T 36 20.03 -2.24 33.97
CA ASP T 36 19.90 -1.96 35.40
C ASP T 36 20.10 -0.45 35.56
N LYS T 37 19.29 0.31 34.82
CA LYS T 37 19.40 1.79 34.89
C LYS T 37 18.01 2.42 35.02
N HIS T 38 17.36 2.28 36.19
CA HIS T 38 16.05 2.97 36.38
C HIS T 38 16.65 4.38 36.23
N ASN T 39 16.19 5.14 35.24
CA ASN T 39 16.80 6.46 34.96
C ASN T 39 15.84 7.42 35.68
N GLY T 40 16.34 8.58 36.09
CA GLY T 40 15.50 9.60 36.69
C GLY T 40 14.20 9.73 35.92
N LYS T 41 14.27 9.47 34.60
CA LYS T 41 13.07 9.40 33.78
C LYS T 41 12.10 8.40 34.36
N LEU T 42 11.01 8.94 34.89
CA LEU T 42 9.79 8.19 35.20
C LEU T 42 8.70 9.07 34.63
N CYS T 43 7.99 8.57 33.64
CA CYS T 43 7.13 9.44 32.85
C CYS T 43 6.00 8.51 32.41
N SER T 44 5.20 8.92 31.45
CA SER T 44 4.18 8.01 30.93
C SER T 44 4.84 7.03 29.96
N ILE T 45 4.03 6.21 29.29
CA ILE T 45 4.55 5.26 28.34
C ILE T 45 4.21 5.68 26.92
N ASN T 46 2.93 5.60 26.55
CA ASN T 46 2.52 5.92 25.15
C ASN T 46 1.97 7.35 25.09
N GLY T 47 2.68 8.31 25.68
CA GLY T 47 2.25 9.72 25.62
C GLY T 47 0.83 9.90 26.13
N LYS T 48 0.46 9.13 27.15
CA LYS T 48 -0.91 9.23 27.74
C LYS T 48 -0.89 10.21 28.90
N GLN T 49 -1.98 10.27 29.67
CA GLN T 49 -2.02 11.15 30.87
C GLN T 49 -2.18 10.28 32.11
N PRO T 50 -1.10 9.68 32.65
CA PRO T 50 -1.17 8.87 33.86
C PRO T 50 -1.62 9.73 35.03
N ILE T 51 -2.66 9.27 35.71
CA ILE T 51 -3.36 10.06 36.70
C ILE T 51 -2.91 9.66 38.09
N SER T 52 -2.59 10.64 38.92
CA SER T 52 -2.27 10.43 40.33
C SER T 52 -3.46 10.85 41.18
N LEU T 53 -3.88 9.97 42.08
CA LEU T 53 -4.96 10.31 43.01
C LEU T 53 -4.50 11.23 44.13
N GLY T 54 -3.20 11.45 44.27
CA GLY T 54 -2.72 12.36 45.29
C GLY T 54 -2.95 11.76 46.66
N ASP T 55 -3.70 12.49 47.49
CA ASP T 55 -4.04 12.06 48.85
C ASP T 55 -5.43 11.44 48.92
N CYS T 56 -5.77 10.61 47.93
CA CYS T 56 -7.04 9.89 47.88
C CYS T 56 -6.76 8.42 47.67
N SER T 57 -7.37 7.57 48.50
CA SER T 57 -7.31 6.14 48.28
C SER T 57 -8.20 5.77 47.08
N PHE T 58 -7.98 4.56 46.57
CA PHE T 58 -8.81 4.04 45.49
C PHE T 58 -10.29 4.09 45.88
N ALA T 59 -10.60 3.67 47.11
CA ALA T 59 -11.98 3.75 47.59
C ALA T 59 -12.46 5.19 47.66
N GLY T 60 -11.61 6.10 48.15
CA GLY T 60 -12.00 7.51 48.23
C GLY T 60 -12.26 8.11 46.86
N TRP T 61 -11.48 7.69 45.85
CA TRP T 61 -11.67 8.19 44.50
C TRP T 61 -12.95 7.62 43.88
N ILE T 62 -13.23 6.35 44.11
CA ILE T 62 -14.40 5.72 43.49
C ILE T 62 -15.69 6.18 44.15
N LEU T 63 -15.69 6.28 45.49
CA LEU T 63 -16.92 6.63 46.21
C LEU T 63 -17.27 8.10 46.04
N GLY T 64 -16.29 8.97 45.82
CA GLY T 64 -16.55 10.38 45.66
C GLY T 64 -16.32 11.18 46.92
N ASN T 65 -15.23 10.88 47.63
CA ASN T 65 -14.87 11.60 48.84
C ASN T 65 -14.84 13.09 48.54
N PRO T 66 -15.48 13.93 49.36
CA PRO T 66 -15.63 15.35 49.00
C PRO T 66 -14.31 16.11 48.86
N MET T 67 -13.26 15.70 49.55
CA MET T 67 -11.96 16.33 49.40
C MET T 67 -11.19 15.81 48.21
N CYS T 68 -11.80 14.96 47.39
CA CYS T 68 -11.14 14.41 46.21
C CYS T 68 -11.80 14.94 44.94
N ASP T 69 -12.02 16.25 44.88
CA ASP T 69 -12.62 16.87 43.72
C ASP T 69 -11.59 17.28 42.66
N ASP T 70 -10.30 17.28 43.01
CA ASP T 70 -9.27 17.46 41.99
C ASP T 70 -9.21 16.28 41.03
N LEU T 71 -9.95 15.21 41.30
CA LEU T 71 -9.98 14.02 40.47
C LEU T 71 -11.16 13.98 39.50
N ILE T 72 -12.18 14.81 39.73
CA ILE T 72 -13.34 14.83 38.85
C ILE T 72 -12.94 15.36 37.48
N GLY T 73 -13.34 14.66 36.43
CA GLY T 73 -12.98 15.02 35.08
C GLY T 73 -11.67 14.43 34.61
N LYS T 74 -11.02 13.61 35.43
CA LYS T 74 -9.77 12.94 35.07
C LYS T 74 -10.14 11.60 34.41
N THR T 75 -10.33 11.63 33.09
CA THR T 75 -11.10 10.60 32.41
C THR T 75 -10.28 9.43 31.89
N SER T 76 -9.05 9.65 31.43
CA SER T 76 -8.30 8.60 30.75
C SER T 76 -6.87 8.56 31.26
N TRP T 77 -6.27 7.37 31.20
CA TRP T 77 -4.93 7.19 31.75
C TRP T 77 -4.27 6.00 31.08
N SER T 78 -2.95 5.94 31.20
CA SER T 78 -2.21 4.71 30.93
C SER T 78 -2.04 3.86 32.18
N TYR T 79 -2.04 4.50 33.35
CA TYR T 79 -2.06 3.81 34.64
C TYR T 79 -2.47 4.83 35.71
N ILE T 80 -2.44 4.40 36.97
CA ILE T 80 -2.91 5.22 38.09
C ILE T 80 -1.88 5.14 39.21
N VAL T 81 -1.56 6.30 39.80
CA VAL T 81 -0.56 6.40 40.86
C VAL T 81 -1.27 6.75 42.16
N GLU T 82 -1.02 5.96 43.21
CA GLU T 82 -1.60 6.17 44.52
C GLU T 82 -0.51 6.13 45.57
N LYS T 83 -0.51 7.10 46.49
CA LYS T 83 0.46 7.09 47.57
C LYS T 83 0.17 5.94 48.53
N PRO T 84 1.20 5.41 49.19
CA PRO T 84 0.96 4.41 50.24
C PRO T 84 0.11 4.92 51.38
N ASN T 85 0.12 6.23 51.65
CA ASN T 85 -0.60 6.82 52.77
C ASN T 85 -1.33 8.08 52.31
N PRO T 86 -2.46 7.92 51.64
CA PRO T 86 -3.31 9.08 51.35
C PRO T 86 -4.09 9.51 52.58
N THR T 87 -4.63 10.72 52.51
CA THR T 87 -5.37 11.30 53.63
C THR T 87 -6.87 11.12 53.50
N ASN T 88 -7.40 11.14 52.28
CA ASN T 88 -8.84 11.14 52.04
C ASN T 88 -9.25 9.77 51.47
N GLY T 89 -9.85 8.94 52.31
CA GLY T 89 -10.38 7.67 51.86
C GLY T 89 -11.87 7.56 52.11
N ILE T 90 -12.29 6.42 52.66
CA ILE T 90 -13.67 6.26 53.11
C ILE T 90 -13.83 7.06 54.40
N CYS T 91 -14.30 8.31 54.28
CA CYS T 91 -14.24 9.23 55.41
C CYS T 91 -15.17 8.78 56.55
N TYR T 92 -16.44 8.58 56.25
CA TYR T 92 -17.32 7.95 57.23
C TYR T 92 -16.84 6.52 57.38
N PRO T 93 -16.50 6.07 58.59
CA PRO T 93 -15.78 4.78 58.73
C PRO T 93 -16.57 3.62 58.14
N GLY T 94 -15.89 2.84 57.31
CA GLY T 94 -16.52 1.70 56.69
C GLY T 94 -15.58 1.02 55.72
N THR T 95 -16.16 0.12 54.92
CA THR T 95 -15.41 -0.66 53.95
C THR T 95 -16.13 -0.65 52.61
N LEU T 96 -15.35 -0.92 51.56
CA LEU T 96 -15.89 -1.20 50.23
C LEU T 96 -15.66 -2.68 49.98
N GLU T 97 -16.72 -3.49 50.01
CA GLU T 97 -16.54 -4.91 49.84
C GLU T 97 -16.00 -5.20 48.44
N ASP T 98 -15.12 -6.21 48.37
CA ASP T 98 -14.45 -6.58 47.12
C ASP T 98 -13.69 -5.40 46.54
N GLU T 99 -13.26 -4.49 47.42
CA GLU T 99 -12.34 -3.39 47.11
C GLU T 99 -11.20 -3.86 46.20
N GLU T 100 -10.74 -5.07 46.47
CA GLU T 100 -9.54 -5.61 45.83
C GLU T 100 -9.85 -6.16 44.43
N GLU T 101 -11.01 -6.81 44.27
CA GLU T 101 -11.45 -7.19 42.94
C GLU T 101 -11.52 -5.97 42.04
N LEU T 102 -12.12 -4.89 42.54
CA LEU T 102 -12.24 -3.68 41.75
C LEU T 102 -10.88 -3.06 41.48
N ARG T 103 -9.94 -3.19 42.42
CA ARG T 103 -8.57 -2.74 42.15
C ARG T 103 -7.96 -3.48 40.96
N LEU T 104 -8.11 -4.81 40.93
CA LEU T 104 -7.59 -5.57 39.79
C LEU T 104 -8.32 -5.21 38.50
N LYS T 105 -9.65 -5.07 38.59
CA LYS T 105 -10.44 -4.63 37.44
C LYS T 105 -9.88 -3.33 36.86
N PHE T 106 -9.54 -2.38 37.73
CA PHE T 106 -9.00 -1.11 37.27
C PHE T 106 -7.55 -1.23 36.82
N SER T 107 -6.84 -2.26 37.25
CA SER T 107 -5.66 -2.67 36.50
C SER T 107 -6.03 -3.06 35.08
N GLY T 108 -7.27 -3.49 34.85
CA GLY T 108 -7.69 -3.73 33.48
C GLY T 108 -8.52 -2.67 32.78
N VAL T 109 -8.52 -1.42 33.27
CA VAL T 109 -9.35 -0.35 32.70
C VAL T 109 -8.48 0.89 32.47
N LEU T 110 -8.71 1.56 31.34
CA LEU T 110 -7.91 2.73 30.97
C LEU T 110 -8.72 4.01 30.85
N GLU T 111 -9.85 3.99 30.15
CA GLU T 111 -10.67 5.19 29.97
C GLU T 111 -12.11 4.90 30.34
N PHE T 112 -12.76 5.89 30.93
CA PHE T 112 -14.17 5.76 31.31
C PHE T 112 -14.83 7.13 31.27
N SER T 113 -16.12 7.16 31.61
CA SER T 113 -16.93 8.36 31.67
C SER T 113 -17.91 8.23 32.83
N LYS T 114 -18.03 9.29 33.62
CA LYS T 114 -18.94 9.28 34.76
C LYS T 114 -20.23 9.99 34.39
N PHE T 115 -21.35 9.49 34.92
CA PHE T 115 -22.64 10.10 34.63
C PHE T 115 -23.54 9.99 35.85
N GLU T 116 -24.76 10.48 35.72
CA GLU T 116 -25.76 10.42 36.78
C GLU T 116 -26.76 9.33 36.44
N ALA T 117 -26.74 8.24 37.21
CA ALA T 117 -27.65 7.13 36.98
C ALA T 117 -29.00 7.34 37.65
N PHE T 118 -29.00 7.81 38.90
CA PHE T 118 -30.22 8.11 39.63
C PHE T 118 -30.14 9.53 40.16
N THR T 119 -31.10 10.36 39.77
CA THR T 119 -31.17 11.72 40.29
C THR T 119 -31.36 11.70 41.79
N SER T 120 -30.69 12.64 42.48
CA SER T 120 -30.69 12.63 43.94
C SER T 120 -32.09 12.92 44.51
N ASN T 121 -32.89 13.71 43.81
CA ASN T 121 -34.23 14.05 44.27
C ASN T 121 -35.32 13.20 43.62
N GLY T 122 -35.04 12.57 42.48
CA GLY T 122 -35.98 11.65 41.89
C GLY T 122 -36.25 10.40 42.69
N TRP T 123 -35.59 10.23 43.83
CA TRP T 123 -35.81 9.07 44.70
C TRP T 123 -37.10 9.23 45.50
N GLY T 124 -38.21 9.33 44.78
CA GLY T 124 -39.51 9.42 45.43
C GLY T 124 -39.64 10.66 46.28
N ALA T 125 -40.25 10.48 47.45
CA ALA T 125 -40.54 11.57 48.39
C ALA T 125 -39.86 11.26 49.71
N VAL T 126 -38.56 11.58 49.79
CA VAL T 126 -37.82 11.45 51.08
C VAL T 126 -37.07 12.76 51.28
N ASN T 127 -36.25 12.87 52.33
CA ASN T 127 -35.43 14.10 52.49
C ASN T 127 -34.84 14.09 51.08
N SER T 128 -35.17 15.11 50.28
CA SER T 128 -34.57 15.23 48.93
C SER T 128 -33.22 15.93 49.10
N GLY T 129 -33.20 17.03 49.85
CA GLY T 129 -31.91 17.69 50.15
C GLY T 129 -31.22 16.96 51.27
N ALA T 130 -30.43 15.94 50.94
CA ALA T 130 -29.79 15.10 51.98
C ALA T 130 -29.09 15.97 53.03
N GLY T 131 -29.31 15.66 54.31
CA GLY T 131 -28.62 16.40 55.39
C GLY T 131 -27.31 15.71 55.74
N VAL T 132 -26.19 16.23 55.20
CA VAL T 132 -24.86 15.59 55.42
C VAL T 132 -24.56 15.55 56.92
N THR T 133 -23.88 14.50 57.38
CA THR T 133 -23.63 14.34 58.84
C THR T 133 -22.14 14.55 59.14
N ALA T 134 -21.71 15.81 59.22
CA ALA T 134 -20.32 16.10 59.55
C ALA T 134 -19.37 15.18 58.80
N ALA T 135 -18.34 14.67 59.49
CA ALA T 135 -17.39 13.72 58.90
C ALA T 135 -16.88 14.34 57.60
N CYS T 136 -17.19 13.70 56.48
CA CYS T 136 -16.91 14.28 55.17
C CYS T 136 -17.26 15.75 55.15
N LYS T 137 -16.32 16.59 54.71
CA LYS T 137 -16.55 18.04 54.73
C LYS T 137 -15.78 18.66 53.58
N PHE T 138 -16.51 19.30 52.66
CA PHE T 138 -15.90 20.12 51.60
C PHE T 138 -15.77 21.54 52.14
N GLY T 139 -14.69 21.77 52.88
CA GLY T 139 -14.53 22.99 53.64
C GLY T 139 -15.08 22.84 55.05
N SER T 140 -15.18 23.97 55.74
CA SER T 140 -15.84 23.97 57.05
C SER T 140 -17.25 23.42 56.96
N SER T 141 -17.90 23.64 55.81
CA SER T 141 -19.17 22.99 55.53
C SER T 141 -18.95 21.48 55.46
N ASN T 142 -19.78 20.75 56.17
CA ASN T 142 -19.72 19.29 56.11
C ASN T 142 -20.44 18.78 54.88
N SER T 143 -20.03 17.60 54.43
CA SER T 143 -20.56 17.06 53.18
C SER T 143 -20.51 15.55 53.24
N PHE T 144 -20.49 14.90 52.07
CA PHE T 144 -20.62 13.46 51.97
C PHE T 144 -20.11 13.05 50.59
N PHE T 145 -19.89 11.74 50.42
CA PHE T 145 -19.47 11.20 49.14
C PHE T 145 -20.37 11.72 48.02
N ARG T 146 -19.76 12.03 46.88
CA ARG T 146 -20.51 12.68 45.80
C ARG T 146 -21.23 11.67 44.93
N ASN T 147 -20.68 10.48 44.75
CA ASN T 147 -21.29 9.46 43.92
C ASN T 147 -22.46 8.74 44.60
N MET T 148 -22.81 9.14 45.82
CA MET T 148 -23.90 8.54 46.57
C MET T 148 -24.62 9.61 47.35
N VAL T 149 -25.90 9.38 47.61
CA VAL T 149 -26.76 10.35 48.30
C VAL T 149 -27.37 9.68 49.53
N TRP T 150 -27.27 10.34 50.68
CA TRP T 150 -27.68 9.74 51.95
C TRP T 150 -29.13 10.16 52.25
N LEU T 151 -30.06 9.25 51.97
CA LEU T 151 -31.49 9.54 52.07
C LEU T 151 -31.98 9.28 53.49
N ILE T 152 -32.73 10.23 54.03
CA ILE T 152 -33.38 10.09 55.33
C ILE T 152 -34.86 10.46 55.16
N HIS T 153 -35.62 10.29 56.25
CA HIS T 153 -37.06 10.46 56.21
C HIS T 153 -37.44 11.88 55.77
N GLN T 154 -38.65 12.00 55.21
CA GLN T 154 -39.25 13.30 54.90
C GLN T 154 -40.50 13.46 55.74
N SER T 155 -40.52 14.50 56.57
CA SER T 155 -41.70 14.85 57.38
C SER T 155 -42.14 13.69 58.26
N GLY T 156 -41.17 12.93 58.78
CA GLY T 156 -41.46 11.92 59.78
C GLY T 156 -41.85 10.56 59.25
N THR T 157 -41.41 10.19 58.05
CA THR T 157 -41.65 8.86 57.51
C THR T 157 -40.70 8.64 56.34
N TYR T 158 -40.12 7.44 56.27
CA TYR T 158 -39.24 7.05 55.17
C TYR T 158 -39.87 5.86 54.46
N PRO T 159 -40.50 6.06 53.31
CA PRO T 159 -41.26 4.98 52.67
C PRO T 159 -40.34 4.01 51.94
N VAL T 160 -40.96 2.98 51.37
CA VAL T 160 -40.25 1.96 50.60
C VAL T 160 -40.02 2.52 49.19
N ILE T 161 -38.80 2.97 48.93
CA ILE T 161 -38.46 3.63 47.67
C ILE T 161 -37.85 2.60 46.72
N LYS T 162 -37.91 2.93 45.43
CA LYS T 162 -37.74 1.95 44.36
C LYS T 162 -37.41 2.64 43.05
N ARG T 163 -36.27 2.32 42.44
CA ARG T 163 -35.95 2.79 41.10
C ARG T 163 -35.14 1.73 40.34
N THR T 164 -35.23 1.80 39.01
CA THR T 164 -34.55 0.85 38.13
C THR T 164 -33.81 1.62 37.03
N PHE T 165 -32.57 1.22 36.77
CA PHE T 165 -31.79 1.79 35.67
C PHE T 165 -31.57 0.72 34.61
N ASN T 166 -31.71 1.11 33.35
CA ASN T 166 -31.53 0.20 32.22
C ASN T 166 -30.27 0.64 31.49
N ASN T 167 -29.35 -0.30 31.30
CA ASN T 167 -28.15 -0.06 30.50
C ASN T 167 -28.54 -0.03 29.02
N THR T 168 -29.16 1.08 28.61
CA THR T 168 -29.45 1.28 27.20
C THR T 168 -28.22 1.69 26.40
N LYS T 169 -27.20 2.23 27.07
CA LYS T 169 -25.97 2.61 26.40
C LYS T 169 -25.17 1.41 25.92
N GLY T 170 -25.43 0.23 26.50
CA GLY T 170 -24.79 -0.99 26.05
C GLY T 170 -23.32 -1.08 26.40
N ARG T 171 -22.97 -0.77 27.64
CA ARG T 171 -21.58 -0.81 28.08
C ARG T 171 -21.53 -1.29 29.52
N ASP T 172 -20.30 -1.55 29.99
CA ASP T 172 -20.08 -1.92 31.39
C ASP T 172 -20.18 -0.68 32.26
N VAL T 173 -21.02 -0.72 33.29
CA VAL T 173 -21.19 0.43 34.17
C VAL T 173 -21.05 -0.02 35.63
N LEU T 174 -19.97 0.40 36.27
CA LEU T 174 -19.80 0.23 37.70
C LEU T 174 -20.78 1.14 38.43
N ILE T 175 -21.74 0.54 39.11
CA ILE T 175 -22.62 1.20 40.06
C ILE T 175 -22.04 1.03 41.45
N VAL T 176 -22.06 2.10 42.24
CA VAL T 176 -21.58 2.09 43.62
C VAL T 176 -22.69 2.62 44.51
N TRP T 177 -22.97 1.90 45.60
CA TRP T 177 -23.94 2.33 46.59
C TRP T 177 -23.44 1.94 47.98
N GLY T 178 -24.20 2.29 49.00
CA GLY T 178 -23.76 2.08 50.37
C GLY T 178 -24.92 1.85 51.31
N ILE T 179 -24.60 1.29 52.48
CA ILE T 179 -25.60 0.91 53.46
C ILE T 179 -25.12 1.30 54.85
N HIS T 180 -26.03 1.89 55.62
CA HIS T 180 -25.72 2.44 56.93
C HIS T 180 -25.89 1.38 58.01
N HIS T 181 -24.97 1.38 58.97
CA HIS T 181 -25.02 0.53 60.15
C HIS T 181 -25.03 1.49 61.33
N PRO T 182 -26.22 1.94 61.76
CA PRO T 182 -26.30 3.00 62.76
C PRO T 182 -25.65 2.59 64.08
N ALA T 183 -25.28 3.60 64.86
CA ALA T 183 -24.71 3.37 66.17
C ALA T 183 -25.74 2.74 67.10
N THR T 184 -26.90 3.38 67.22
CA THR T 184 -27.95 2.96 68.12
C THR T 184 -29.25 2.80 67.34
N LEU T 185 -30.19 2.05 67.91
CA LEU T 185 -31.54 2.02 67.37
C LEU T 185 -32.13 3.41 67.29
N LYS T 186 -31.70 4.31 68.18
CA LYS T 186 -32.19 5.69 68.15
C LYS T 186 -31.74 6.42 66.90
N GLU T 187 -30.52 6.17 66.43
CA GLU T 187 -30.07 6.77 65.18
C GLU T 187 -30.89 6.27 64.01
N HIS T 188 -31.15 4.95 63.96
CA HIS T 188 -31.98 4.39 62.91
C HIS T 188 -33.39 4.95 62.95
N GLN T 189 -33.90 5.26 64.14
CA GLN T 189 -35.22 5.87 64.23
C GLN T 189 -35.20 7.33 63.78
N ASP T 190 -34.20 8.09 64.21
CA ASP T 190 -34.10 9.49 63.80
C ASP T 190 -33.86 9.64 62.30
N LEU T 191 -33.32 8.61 61.65
CA LEU T 191 -33.08 8.67 60.21
C LEU T 191 -34.20 8.05 59.38
N TYR T 192 -34.58 6.81 59.67
CA TYR T 192 -35.52 6.07 58.85
C TYR T 192 -36.81 5.74 59.60
N LYS T 193 -37.06 6.40 60.73
CA LYS T 193 -38.28 6.26 61.52
C LYS T 193 -38.40 4.87 62.14
N LYS T 194 -38.30 3.82 61.33
CA LYS T 194 -38.49 2.46 61.80
C LYS T 194 -37.25 2.00 62.58
N ASP T 195 -37.32 0.77 63.09
CA ASP T 195 -36.21 0.17 63.82
C ASP T 195 -35.32 -0.68 62.93
N SER T 196 -35.91 -1.47 62.05
CA SER T 196 -35.18 -2.37 61.16
C SER T 196 -35.53 -2.05 59.72
N SER T 197 -34.52 -2.09 58.85
CA SER T 197 -34.70 -1.75 57.44
C SER T 197 -33.97 -2.77 56.59
N TYR T 198 -34.11 -2.63 55.27
CA TYR T 198 -33.45 -3.52 54.32
C TYR T 198 -33.05 -2.73 53.09
N VAL T 199 -32.13 -3.31 52.31
CA VAL T 199 -31.73 -2.78 51.01
C VAL T 199 -31.82 -3.95 50.04
N ALA T 200 -32.95 -4.05 49.34
CA ALA T 200 -33.19 -5.12 48.36
C ALA T 200 -32.80 -4.62 46.98
N VAL T 201 -31.73 -5.16 46.42
CA VAL T 201 -31.32 -4.83 45.07
C VAL T 201 -31.32 -6.11 44.24
N GLY T 202 -31.79 -6.00 43.00
CA GLY T 202 -31.99 -7.17 42.18
C GLY T 202 -32.01 -6.84 40.71
N SER T 203 -31.60 -7.81 39.90
CA SER T 203 -31.57 -7.62 38.45
C SER T 203 -31.66 -9.00 37.80
N GLU T 204 -31.26 -9.06 36.52
CA GLU T 204 -31.21 -10.33 35.81
C GLU T 204 -30.12 -11.24 36.36
N THR T 205 -29.06 -10.65 36.92
CA THR T 205 -27.92 -11.39 37.45
C THR T 205 -27.78 -11.28 38.97
N TYR T 206 -28.03 -10.10 39.51
CA TYR T 206 -27.73 -9.77 40.89
C TYR T 206 -28.97 -9.92 41.77
N ASN T 207 -28.79 -10.48 42.97
CA ASN T 207 -29.90 -10.83 43.87
C ASN T 207 -29.41 -10.71 45.31
N ARG T 208 -29.63 -9.56 45.96
CA ARG T 208 -29.20 -9.44 47.35
C ARG T 208 -30.11 -8.49 48.13
N ARG T 209 -30.52 -8.90 49.33
CA ARG T 209 -31.15 -8.01 50.31
C ARG T 209 -30.23 -7.89 51.51
N PHE T 210 -29.72 -6.69 51.74
CA PHE T 210 -28.93 -6.40 52.91
C PHE T 210 -29.79 -5.84 54.03
N THR T 211 -29.19 -5.71 55.21
CA THR T 211 -29.80 -5.12 56.39
C THR T 211 -28.73 -4.38 57.16
N PRO T 212 -29.09 -3.30 57.86
CA PRO T 212 -28.11 -2.63 58.73
C PRO T 212 -27.71 -3.50 59.91
N GLU T 213 -26.58 -3.13 60.52
CA GLU T 213 -26.07 -3.82 61.71
C GLU T 213 -25.73 -2.78 62.78
N ILE T 214 -26.73 -2.47 63.61
CA ILE T 214 -26.63 -1.52 64.71
C ILE T 214 -25.89 -2.16 65.89
N SER T 215 -24.70 -1.65 66.19
CA SER T 215 -23.98 -2.08 67.38
C SER T 215 -23.22 -0.90 67.97
N THR T 216 -22.93 -0.99 69.26
CA THR T 216 -22.14 0.05 69.92
C THR T 216 -20.70 -0.05 69.45
N ARG T 217 -20.25 0.95 68.70
CA ARG T 217 -18.92 1.00 68.15
C ARG T 217 -18.32 2.35 68.46
N PRO T 218 -17.07 2.40 68.91
CA PRO T 218 -16.44 3.70 69.20
C PRO T 218 -16.50 4.59 67.97
N ASN T 219 -17.01 5.80 68.15
CA ASN T 219 -17.01 6.77 67.08
C ASN T 219 -15.60 6.93 66.55
N VAL T 220 -15.41 6.59 65.28
CA VAL T 220 -14.08 6.56 64.69
C VAL T 220 -13.73 7.96 64.25
N ASN T 221 -14.33 8.41 63.16
CA ASN T 221 -14.24 9.80 62.71
C ASN T 221 -15.33 10.66 63.34
N GLY T 222 -15.63 10.42 64.60
CA GLY T 222 -16.79 11.01 65.25
C GLY T 222 -18.09 10.28 64.98
N GLN T 223 -18.04 9.17 64.23
CA GLN T 223 -19.24 8.43 63.82
C GLN T 223 -19.17 7.03 64.41
N ALA T 224 -20.11 6.72 65.31
CA ALA T 224 -20.13 5.40 65.91
C ALA T 224 -20.70 4.35 64.96
N GLY T 225 -21.62 4.74 64.08
CA GLY T 225 -22.07 3.84 63.04
C GLY T 225 -21.07 3.65 61.92
N ARG T 226 -21.36 2.71 61.03
CA ARG T 226 -20.50 2.41 59.90
C ARG T 226 -21.25 2.50 58.58
N MET T 227 -20.49 2.41 57.49
CA MET T 227 -21.04 2.42 56.14
C MET T 227 -20.36 1.29 55.37
N THR T 228 -21.13 0.27 55.00
CA THR T 228 -20.60 -0.78 54.13
C THR T 228 -21.00 -0.47 52.70
N PHE T 229 -20.01 -0.34 51.82
CA PHE T 229 -20.22 0.05 50.44
C PHE T 229 -20.12 -1.15 49.51
N TYR T 230 -20.90 -1.11 48.44
CA TYR T 230 -21.06 -2.20 47.51
C TYR T 230 -20.96 -1.67 46.09
N TRP T 231 -20.46 -2.51 45.19
CA TRP T 231 -20.28 -2.13 43.79
C TRP T 231 -20.62 -3.31 42.89
N THR T 232 -21.23 -2.99 41.74
CA THR T 232 -21.51 -4.00 40.74
C THR T 232 -21.20 -3.45 39.35
N MET T 233 -21.06 -4.37 38.41
CA MET T 233 -20.86 -4.02 37.00
C MET T 233 -22.15 -4.38 36.28
N VAL T 234 -22.97 -3.39 35.97
CA VAL T 234 -24.11 -3.65 35.09
C VAL T 234 -23.59 -3.81 33.67
N LYS T 235 -23.80 -5.01 33.14
CA LYS T 235 -23.30 -5.42 31.84
C LYS T 235 -24.21 -4.85 30.75
N PRO T 236 -23.77 -4.85 29.49
CA PRO T 236 -24.59 -4.27 28.41
C PRO T 236 -26.02 -4.80 28.42
N GLY T 237 -26.97 -3.87 28.38
CA GLY T 237 -28.40 -4.16 28.27
C GLY T 237 -28.91 -4.92 29.49
N GLU T 238 -28.81 -4.28 30.65
CA GLU T 238 -29.34 -4.85 31.88
C GLU T 238 -30.18 -3.79 32.60
N SER T 239 -31.07 -4.27 33.46
CA SER T 239 -31.94 -3.42 34.25
C SER T 239 -31.80 -3.81 35.72
N ILE T 240 -31.24 -2.91 36.51
CA ILE T 240 -31.00 -3.16 37.93
C ILE T 240 -31.95 -2.31 38.76
N THR T 241 -32.53 -2.93 39.80
CA THR T 241 -33.56 -2.33 40.62
C THR T 241 -33.05 -2.20 42.05
N PHE T 242 -33.14 -0.98 42.58
CA PHE T 242 -32.81 -0.67 43.96
C PHE T 242 -34.11 -0.39 44.71
N GLU T 243 -34.25 -0.99 45.89
CA GLU T 243 -35.44 -0.92 46.71
C GLU T 243 -34.99 -0.85 48.16
N SER T 244 -35.63 0.00 48.95
CA SER T 244 -35.15 0.12 50.34
C SER T 244 -36.19 0.80 51.21
N ASN T 245 -36.06 0.56 52.52
CA ASN T 245 -36.83 1.28 53.53
C ASN T 245 -35.92 1.72 54.68
N GLY T 246 -34.66 1.98 54.40
CA GLY T 246 -33.76 2.59 55.36
C GLY T 246 -32.34 2.09 55.21
N ALA T 247 -31.43 2.81 55.88
CA ALA T 247 -30.01 2.48 55.90
C ALA T 247 -29.44 2.35 54.49
N PHE T 248 -29.80 3.30 53.63
CA PHE T 248 -29.58 3.18 52.19
C PHE T 248 -28.90 4.44 51.67
N LEU T 249 -27.75 4.26 51.01
CA LEU T 249 -27.11 5.32 50.24
C LEU T 249 -27.47 5.11 48.79
N ALA T 250 -28.27 6.02 48.24
CA ALA T 250 -28.67 5.92 46.86
C ALA T 250 -27.47 6.06 45.94
N PRO T 251 -27.32 5.18 44.95
CA PRO T 251 -26.26 5.36 43.95
C PRO T 251 -26.54 6.56 43.06
N ARG T 252 -25.93 7.70 43.40
CA ARG T 252 -26.17 8.92 42.64
C ARG T 252 -25.45 8.87 41.30
N TYR T 253 -24.12 8.88 41.33
CA TYR T 253 -23.34 8.84 40.11
C TYR T 253 -22.90 7.41 39.78
N ALA T 254 -22.63 7.18 38.51
CA ALA T 254 -22.35 5.87 37.95
C ALA T 254 -21.16 5.97 36.99
N PHE T 255 -20.60 4.82 36.63
CA PHE T 255 -19.32 4.76 35.94
C PHE T 255 -19.47 3.91 34.68
N GLU T 256 -19.40 4.52 33.50
CA GLU T 256 -19.51 3.82 32.22
C GLU T 256 -18.14 3.75 31.57
N ILE T 257 -17.56 2.55 31.50
CA ILE T 257 -16.18 2.41 31.03
C ILE T 257 -16.13 2.52 29.52
N VAL T 258 -15.28 3.40 29.01
CA VAL T 258 -15.18 3.63 27.57
C VAL T 258 -14.13 2.72 26.95
N SER T 259 -12.93 2.66 27.54
CA SER T 259 -11.82 1.88 27.00
C SER T 259 -11.34 0.90 28.07
N VAL T 260 -11.52 -0.39 27.81
CA VAL T 260 -11.08 -1.45 28.72
C VAL T 260 -9.70 -1.88 28.23
N GLY T 261 -8.67 -1.23 28.76
CA GLY T 261 -7.31 -1.49 28.35
C GLY T 261 -6.45 -1.92 29.52
N ASN T 262 -5.45 -2.74 29.24
CA ASN T 262 -4.57 -3.26 30.28
C ASN T 262 -3.68 -2.16 30.84
N GLY T 263 -3.70 -2.01 32.16
CA GLY T 263 -2.85 -1.07 32.87
C GLY T 263 -2.54 -1.60 34.26
N LYS T 264 -2.18 -0.73 35.20
CA LYS T 264 -1.91 -1.16 36.57
C LYS T 264 -2.22 -0.02 37.53
N LEU T 265 -1.93 -0.26 38.81
CA LEU T 265 -2.13 0.70 39.89
C LEU T 265 -0.80 0.87 40.61
N PHE T 266 0.11 1.64 40.00
CA PHE T 266 1.41 1.88 40.60
C PHE T 266 1.27 2.54 41.96
N ARG T 267 1.67 1.82 43.01
CA ARG T 267 1.53 2.28 44.39
C ARG T 267 2.89 2.70 44.91
N SER T 268 3.25 3.95 44.62
CA SER T 268 4.52 4.52 45.06
C SER T 268 4.36 6.03 45.16
N GLU T 269 5.46 6.71 45.50
CA GLU T 269 5.44 8.13 45.80
C GLU T 269 5.83 9.03 44.63
N LEU T 270 6.43 8.48 43.57
CA LEU T 270 6.89 9.32 42.46
C LEU T 270 5.81 10.17 41.80
N SER T 271 6.13 11.43 41.56
CA SER T 271 5.21 12.33 40.85
C SER T 271 4.99 12.09 39.38
N ILE T 272 4.06 12.80 38.77
CA ILE T 272 3.79 12.65 37.35
C ILE T 272 4.68 13.73 36.76
N GLU T 273 5.54 13.32 35.83
CA GLU T 273 6.34 14.24 35.03
C GLU T 273 6.14 13.89 33.57
N SER T 274 6.09 14.91 32.71
CA SER T 274 5.43 14.82 31.40
C SER T 274 6.40 14.30 30.34
N CYS T 275 6.37 12.99 30.11
CA CYS T 275 7.09 12.34 29.02
C CYS T 275 6.54 10.94 28.81
N ASN T 276 7.07 10.27 27.78
CA ASN T 276 6.62 8.95 27.36
C ASN T 276 7.80 8.04 27.07
N THR T 277 7.76 6.83 27.63
CA THR T 277 8.81 5.83 27.50
C THR T 277 8.26 4.59 26.79
N THR T 278 9.07 3.53 26.71
CA THR T 278 8.62 2.26 26.18
C THR T 278 8.31 1.24 27.26
N CYS T 279 8.59 1.56 28.52
CA CYS T 279 8.35 0.64 29.61
C CYS T 279 8.44 1.38 30.94
N GLN T 280 7.43 1.20 31.80
CA GLN T 280 7.36 1.92 33.07
C GLN T 280 7.33 0.97 34.25
N THR T 281 8.16 1.26 35.24
CA THR T 281 8.17 0.65 36.56
C THR T 281 7.68 1.66 37.59
N PRO T 282 7.27 1.20 38.78
CA PRO T 282 6.88 2.15 39.83
C PRO T 282 8.00 3.09 40.26
N LYS T 283 9.26 2.72 40.04
CA LYS T 283 10.39 3.56 40.46
C LYS T 283 11.09 4.28 39.32
N GLY T 284 10.87 3.90 38.06
CA GLY T 284 11.54 4.58 36.97
C GLY T 284 11.25 4.07 35.58
N ALA T 285 11.28 4.98 34.61
CA ALA T 285 11.12 4.61 33.21
C ALA T 285 12.46 4.20 32.61
N ILE T 286 12.37 3.46 31.51
CA ILE T 286 13.50 2.79 30.88
C ILE T 286 13.15 2.52 29.43
N ASN T 287 14.11 2.73 28.53
CA ASN T 287 13.90 2.50 27.11
C ASN T 287 15.00 1.59 26.58
N THR T 288 14.68 0.32 26.40
CA THR T 288 15.65 -0.67 25.93
C THR T 288 14.90 -1.92 25.48
N SER T 289 15.58 -2.71 24.64
CA SER T 289 15.04 -3.98 24.18
C SER T 289 15.88 -5.16 24.64
N LEU T 290 16.73 -4.95 25.66
CA LEU T 290 17.40 -6.05 26.32
C LEU T 290 16.35 -7.01 26.87
N PRO T 291 16.69 -8.29 27.06
CA PRO T 291 15.67 -9.25 27.51
C PRO T 291 15.41 -9.27 29.01
N PHE T 292 16.30 -8.73 29.83
CA PHE T 292 16.18 -8.85 31.28
C PHE T 292 16.34 -7.54 32.01
N GLN T 293 15.63 -7.45 33.14
CA GLN T 293 15.65 -6.36 34.07
C GLN T 293 15.65 -6.73 35.53
N ASN T 294 16.36 -5.95 36.34
CA ASN T 294 16.33 -6.07 37.79
C ASN T 294 15.74 -4.79 38.38
N ILE T 295 14.87 -4.12 37.61
CA ILE T 295 14.34 -2.83 38.01
C ILE T 295 13.17 -3.02 38.99
N HIS T 296 12.12 -3.68 38.54
CA HIS T 296 10.88 -3.84 39.29
C HIS T 296 10.03 -4.93 38.63
N PRO T 297 9.41 -5.82 39.40
CA PRO T 297 8.56 -6.84 38.76
C PRO T 297 7.33 -6.26 38.10
N ILE T 298 6.71 -5.27 38.74
CA ILE T 298 5.48 -4.65 38.24
C ILE T 298 5.89 -3.68 37.13
N THR T 299 5.55 -4.00 35.87
CA THR T 299 5.94 -3.19 34.73
C THR T 299 4.79 -3.09 33.75
N ILE T 300 4.71 -1.97 33.05
CA ILE T 300 3.74 -1.78 31.97
C ILE T 300 4.49 -1.41 30.70
N GLY T 301 4.12 -2.06 29.61
CA GLY T 301 4.64 -1.79 28.29
C GLY T 301 5.30 -3.00 27.69
N LYS T 302 6.01 -2.77 26.58
CA LYS T 302 6.89 -3.78 26.01
C LYS T 302 8.14 -3.82 26.87
N CYS T 303 8.18 -4.76 27.81
CA CYS T 303 9.14 -4.74 28.90
C CYS T 303 9.95 -6.01 28.96
N PRO T 304 11.23 -5.91 29.33
CA PRO T 304 12.03 -7.10 29.59
C PRO T 304 11.64 -7.77 30.90
N LYS T 305 12.14 -9.00 31.06
CA LYS T 305 11.78 -9.83 32.20
C LYS T 305 12.48 -9.35 33.46
N TYR T 306 11.72 -9.29 34.56
CA TYR T 306 12.31 -8.99 35.86
C TYR T 306 12.94 -10.25 36.44
N VAL T 307 14.15 -10.10 36.99
CA VAL T 307 14.90 -11.18 37.60
C VAL T 307 15.59 -10.64 38.85
N LYS T 308 16.24 -11.55 39.58
CA LYS T 308 16.97 -11.20 40.80
C LYS T 308 18.47 -11.05 40.58
N SER T 309 18.95 -11.32 39.37
CA SER T 309 20.38 -11.31 39.12
C SER T 309 20.92 -9.89 39.12
N THR T 310 22.21 -9.77 39.41
CA THR T 310 22.92 -8.50 39.37
C THR T 310 23.79 -8.36 38.13
N LYS T 311 23.98 -9.43 37.37
CA LYS T 311 24.86 -9.40 36.20
C LYS T 311 24.53 -10.59 35.32
N LEU T 312 24.07 -10.33 34.09
CA LEU T 312 23.77 -11.38 33.13
C LEU T 312 24.36 -11.06 31.76
N ARG T 313 25.65 -10.77 31.73
CA ARG T 313 26.33 -10.57 30.45
C ARG T 313 26.79 -11.94 29.97
N LEU T 314 26.44 -12.30 28.75
CA LEU T 314 26.69 -13.62 28.19
C LEU T 314 27.88 -13.52 27.23
N ALA T 315 28.77 -14.51 27.30
CA ALA T 315 29.95 -14.51 26.46
C ALA T 315 29.58 -14.86 25.03
N THR T 316 29.86 -13.94 24.11
CA THR T 316 29.78 -14.22 22.68
C THR T 316 31.12 -14.61 22.09
N GLY T 317 32.21 -14.16 22.70
CA GLY T 317 33.54 -14.43 22.22
C GLY T 317 34.34 -15.33 23.14
N LEU T 318 35.56 -15.61 22.69
CA LEU T 318 36.50 -16.44 23.44
C LEU T 318 37.33 -15.56 24.37
N ARG T 319 38.01 -16.22 25.31
CA ARG T 319 38.85 -15.54 26.30
C ARG T 319 39.82 -14.59 25.62
N ASN T 320 40.07 -13.46 26.28
CA ASN T 320 41.07 -12.50 25.83
C ASN T 320 42.38 -12.79 26.54
N VAL T 321 43.42 -13.10 25.76
CA VAL T 321 44.75 -13.32 26.31
C VAL T 321 45.76 -12.47 25.54
N PRO T 322 46.08 -11.27 26.01
CA PRO T 322 47.09 -10.45 25.33
C PRO T 322 48.48 -11.04 25.50
N SER T 323 49.24 -11.05 24.41
CA SER T 323 50.65 -11.46 24.41
C SER T 323 50.86 -12.89 24.91
N ALA U 334 -33.98 32.82 -17.11
CA ALA U 334 -34.14 31.67 -16.22
C ALA U 334 -34.25 32.12 -14.78
N GLY U 335 -34.89 33.28 -14.55
CA GLY U 335 -35.10 33.77 -13.21
C GLY U 335 -36.08 34.92 -13.13
N PHE U 336 -36.81 35.02 -12.01
CA PHE U 336 -37.85 36.04 -11.87
C PHE U 336 -37.21 37.40 -11.63
N ILE U 337 -36.62 37.94 -12.69
CA ILE U 337 -36.01 39.27 -12.60
C ILE U 337 -37.12 40.32 -12.56
N GLU U 338 -37.15 41.10 -11.47
CA GLU U 338 -38.30 41.97 -11.17
C GLU U 338 -38.11 43.36 -11.76
N GLY U 339 -37.12 44.10 -11.25
CA GLY U 339 -36.81 45.44 -11.70
C GLY U 339 -35.38 45.75 -11.33
N GLY U 340 -34.85 46.79 -11.95
CA GLY U 340 -33.46 47.15 -11.79
C GLY U 340 -33.25 48.21 -10.73
N TRP U 341 -32.05 48.20 -10.15
CA TRP U 341 -31.65 49.15 -9.12
C TRP U 341 -30.54 50.03 -9.66
N THR U 342 -30.79 51.34 -9.71
CA THR U 342 -29.76 52.31 -10.07
C THR U 342 -29.04 52.87 -8.86
N GLY U 343 -29.69 52.88 -7.68
CA GLY U 343 -29.11 53.45 -6.49
C GLY U 343 -28.04 52.60 -5.83
N MET U 344 -28.06 51.28 -6.06
CA MET U 344 -27.05 50.40 -5.49
C MET U 344 -25.81 50.47 -6.38
N VAL U 345 -24.83 51.25 -5.94
CA VAL U 345 -23.68 51.60 -6.76
C VAL U 345 -22.41 50.86 -6.34
N ASP U 346 -22.54 49.85 -5.46
CA ASP U 346 -21.37 49.22 -4.86
C ASP U 346 -21.25 47.73 -5.19
N GLY U 347 -21.98 47.23 -6.16
CA GLY U 347 -21.80 45.85 -6.56
C GLY U 347 -22.92 45.38 -7.45
N TRP U 348 -22.67 44.24 -8.10
CA TRP U 348 -23.64 43.68 -9.03
C TRP U 348 -24.92 43.24 -8.32
N TYR U 349 -24.80 42.69 -7.11
CA TYR U 349 -25.91 42.08 -6.41
C TYR U 349 -25.92 42.59 -4.98
N GLY U 350 -27.10 42.65 -4.38
CA GLY U 350 -27.18 43.10 -3.01
C GLY U 350 -28.59 43.10 -2.47
N TYR U 351 -28.78 43.92 -1.45
CA TYR U 351 -30.00 43.96 -0.66
C TYR U 351 -30.46 45.40 -0.53
N HIS U 352 -31.75 45.57 -0.29
CA HIS U 352 -32.31 46.82 0.20
C HIS U 352 -32.99 46.53 1.53
N HIS U 353 -32.40 47.02 2.61
CA HIS U 353 -32.95 46.82 3.94
C HIS U 353 -33.80 48.00 4.34
N GLN U 354 -34.83 47.73 5.15
CA GLN U 354 -35.74 48.75 5.65
C GLN U 354 -36.21 48.31 7.04
N ASN U 355 -35.60 48.87 8.08
CA ASN U 355 -36.04 48.67 9.44
C ASN U 355 -36.31 50.02 10.09
N GLU U 356 -36.62 50.01 11.38
CA GLU U 356 -36.89 51.24 12.10
C GLU U 356 -35.67 52.15 12.17
N GLN U 357 -34.46 51.59 12.02
CA GLN U 357 -33.23 52.36 11.96
C GLN U 357 -32.96 52.94 10.57
N GLY U 358 -33.91 52.81 9.64
CA GLY U 358 -33.79 53.40 8.33
C GLY U 358 -33.75 52.37 7.24
N SER U 359 -33.50 52.84 6.02
CA SER U 359 -33.45 52.00 4.83
C SER U 359 -32.18 52.30 4.06
N GLY U 360 -31.78 51.37 3.20
CA GLY U 360 -30.59 51.56 2.40
C GLY U 360 -30.29 50.39 1.51
N TYR U 361 -29.48 50.66 0.48
CA TYR U 361 -28.93 49.66 -0.40
C TYR U 361 -27.58 49.19 0.12
N ALA U 362 -27.25 47.93 -0.18
CA ALA U 362 -25.96 47.38 0.25
C ALA U 362 -25.63 46.18 -0.61
N ALA U 363 -24.53 46.24 -1.34
CA ALA U 363 -24.18 45.16 -2.26
C ALA U 363 -23.62 43.95 -1.51
N ASP U 364 -24.02 42.77 -1.96
CA ASP U 364 -23.46 41.52 -1.46
C ASP U 364 -22.09 41.31 -2.09
N LEU U 365 -21.04 41.53 -1.31
CA LEU U 365 -19.69 41.54 -1.87
C LEU U 365 -19.21 40.13 -2.23
N LYS U 366 -19.73 39.10 -1.56
CA LYS U 366 -19.24 37.75 -1.79
C LYS U 366 -19.65 37.23 -3.17
N SER U 367 -20.96 37.24 -3.44
CA SER U 367 -21.45 36.76 -4.72
C SER U 367 -20.99 37.66 -5.86
N THR U 368 -20.97 38.97 -5.64
CA THR U 368 -20.46 39.90 -6.65
C THR U 368 -18.99 39.62 -6.95
N GLN U 369 -18.20 39.38 -5.91
CA GLN U 369 -16.79 39.07 -6.10
C GLN U 369 -16.61 37.78 -6.89
N ASN U 370 -17.40 36.76 -6.55
CA ASN U 370 -17.31 35.49 -7.28
C ASN U 370 -17.69 35.67 -8.74
N ALA U 371 -18.75 36.45 -9.01
CA ALA U 371 -19.16 36.70 -10.38
C ALA U 371 -18.06 37.43 -11.17
N ILE U 372 -17.43 38.42 -10.56
CA ILE U 372 -16.38 39.16 -11.26
C ILE U 372 -15.18 38.26 -11.51
N ASP U 373 -14.79 37.44 -10.53
CA ASP U 373 -13.73 36.45 -10.74
C ASP U 373 -14.04 35.57 -11.94
N GLY U 374 -15.25 35.01 -11.97
CA GLY U 374 -15.61 34.11 -13.04
C GLY U 374 -15.60 34.78 -14.40
N ILE U 375 -16.17 35.99 -14.48
CA ILE U 375 -16.28 36.66 -15.77
C ILE U 375 -14.91 37.11 -16.27
N THR U 376 -14.04 37.56 -15.36
CA THR U 376 -12.67 37.90 -15.74
C THR U 376 -11.96 36.67 -16.30
N ASN U 377 -12.05 35.55 -15.59
CA ASN U 377 -11.38 34.33 -16.07
C ASN U 377 -11.95 33.88 -17.40
N LYS U 378 -13.27 34.04 -17.60
CA LYS U 378 -13.91 33.62 -18.84
C LYS U 378 -13.46 34.50 -20.01
N VAL U 379 -13.50 35.82 -19.84
CA VAL U 379 -13.05 36.72 -20.90
C VAL U 379 -11.59 36.47 -21.24
N ASN U 380 -10.75 36.30 -20.21
CA ASN U 380 -9.34 36.01 -20.45
C ASN U 380 -9.17 34.71 -21.22
N SER U 381 -9.89 33.66 -20.82
CA SER U 381 -9.77 32.38 -21.51
C SER U 381 -10.18 32.51 -22.98
N VAL U 382 -11.33 33.14 -23.23
CA VAL U 382 -11.83 33.26 -24.60
C VAL U 382 -10.87 34.06 -25.47
N ILE U 383 -10.31 35.14 -24.93
CA ILE U 383 -9.43 35.99 -25.73
C ILE U 383 -8.06 35.32 -25.93
N GLU U 384 -7.51 34.71 -24.89
CA GLU U 384 -6.16 34.14 -24.95
C GLU U 384 -6.12 32.80 -25.66
N LYS U 385 -7.25 32.08 -25.73
CA LYS U 385 -7.30 30.87 -26.56
C LYS U 385 -7.05 31.21 -28.01
N MET U 386 -7.42 32.42 -28.44
CA MET U 386 -7.27 32.83 -29.83
C MET U 386 -5.84 33.26 -30.08
N ASN U 387 -5.23 32.70 -31.12
CA ASN U 387 -3.83 32.98 -31.43
C ASN U 387 -3.54 32.51 -32.84
N THR U 388 -2.62 33.22 -33.51
CA THR U 388 -2.26 32.92 -34.89
C THR U 388 -0.81 32.44 -34.98
N GLN U 389 -0.52 31.75 -36.08
CA GLN U 389 0.81 31.20 -36.33
C GLN U 389 1.63 32.17 -37.16
N PHE U 390 2.96 32.11 -36.98
CA PHE U 390 3.87 33.01 -37.70
C PHE U 390 3.75 32.83 -39.20
N THR U 391 3.29 33.87 -39.89
CA THR U 391 3.16 33.86 -41.34
C THR U 391 2.66 35.24 -41.80
N ALA U 392 2.67 35.42 -43.11
CA ALA U 392 2.00 36.52 -43.79
C ALA U 392 0.67 36.02 -44.34
N VAL U 393 0.13 36.69 -45.35
CA VAL U 393 -1.18 36.32 -45.88
C VAL U 393 -1.02 35.72 -47.28
N GLY U 394 -0.83 36.57 -48.28
CA GLY U 394 -0.77 36.08 -49.64
C GLY U 394 0.64 35.79 -50.11
N LYS U 395 0.72 34.99 -51.17
CA LYS U 395 1.98 34.65 -51.81
C LYS U 395 1.90 35.05 -53.28
N GLU U 396 3.03 35.45 -53.84
CA GLU U 396 3.08 35.96 -55.22
C GLU U 396 3.47 34.82 -56.15
N PHE U 397 2.61 34.49 -57.10
CA PHE U 397 2.86 33.41 -58.05
C PHE U 397 2.83 33.95 -59.48
N ASN U 398 3.72 33.41 -60.32
CA ASN U 398 3.86 33.88 -61.69
C ASN U 398 2.72 33.36 -62.57
N HIS U 399 2.81 33.67 -63.87
CA HIS U 399 1.76 33.30 -64.81
C HIS U 399 1.68 31.80 -65.03
N LEU U 400 2.78 31.07 -64.79
CA LEU U 400 2.78 29.62 -64.87
C LEU U 400 2.45 28.96 -63.53
N GLU U 401 1.89 29.72 -62.59
CA GLU U 401 1.53 29.22 -61.27
C GLU U 401 0.19 29.78 -60.83
N LYS U 402 -0.79 29.77 -61.74
CA LYS U 402 -2.10 30.35 -61.44
C LYS U 402 -2.85 29.50 -60.43
N ARG U 403 -2.72 28.18 -60.51
CA ARG U 403 -3.53 27.28 -59.70
C ARG U 403 -3.12 27.33 -58.23
N ILE U 404 -1.81 27.32 -57.95
CA ILE U 404 -1.34 27.48 -56.58
C ILE U 404 -1.61 28.89 -56.06
N GLU U 405 -1.64 29.87 -56.95
CA GLU U 405 -2.03 31.22 -56.54
C GLU U 405 -3.47 31.24 -56.04
N ASN U 406 -4.39 30.62 -56.79
CA ASN U 406 -5.77 30.51 -56.33
C ASN U 406 -5.88 29.66 -55.08
N LEU U 407 -5.08 28.59 -54.98
CA LEU U 407 -5.10 27.76 -53.78
C LEU U 407 -4.65 28.54 -52.55
N ASN U 408 -3.62 29.37 -52.70
CA ASN U 408 -3.14 30.19 -51.59
C ASN U 408 -4.19 31.22 -51.18
N LYS U 409 -4.84 31.86 -52.14
CA LYS U 409 -5.89 32.81 -51.79
C LYS U 409 -7.07 32.11 -51.12
N LYS U 410 -7.41 30.91 -51.60
CA LYS U 410 -8.45 30.11 -50.96
C LYS U 410 -8.08 29.76 -49.53
N VAL U 411 -6.81 29.45 -49.29
CA VAL U 411 -6.34 29.16 -47.94
C VAL U 411 -6.50 30.39 -47.04
N ASP U 412 -6.04 31.55 -47.55
CA ASP U 412 -6.17 32.79 -46.79
C ASP U 412 -7.61 33.05 -46.40
N ASP U 413 -8.51 33.03 -47.39
CA ASP U 413 -9.91 33.34 -47.13
C ASP U 413 -10.58 32.26 -46.28
N GLY U 414 -10.10 31.01 -46.37
CA GLY U 414 -10.66 29.97 -45.53
C GLY U 414 -10.32 30.16 -44.07
N PHE U 415 -9.06 30.47 -43.78
CA PHE U 415 -8.68 30.76 -42.40
C PHE U 415 -9.36 32.04 -41.91
N LEU U 416 -9.52 33.03 -42.79
CA LEU U 416 -10.32 34.21 -42.49
C LEU U 416 -11.72 33.83 -42.02
N ASP U 417 -12.44 33.08 -42.86
CA ASP U 417 -13.80 32.67 -42.54
C ASP U 417 -13.85 31.86 -41.26
N ILE U 418 -12.87 30.98 -41.05
CA ILE U 418 -12.89 30.10 -39.89
C ILE U 418 -12.71 30.89 -38.61
N TRP U 419 -11.71 31.77 -38.56
CA TRP U 419 -11.49 32.55 -37.35
C TRP U 419 -12.63 33.53 -37.10
N THR U 420 -13.13 34.18 -38.16
CA THR U 420 -14.29 35.06 -38.00
C THR U 420 -15.49 34.29 -37.47
N TYR U 421 -15.74 33.09 -38.02
CA TYR U 421 -16.86 32.26 -37.59
C TYR U 421 -16.74 31.89 -36.12
N ASN U 422 -15.55 31.42 -35.72
CA ASN U 422 -15.35 31.02 -34.32
C ASN U 422 -15.52 32.21 -33.38
N ALA U 423 -14.95 33.36 -33.74
CA ALA U 423 -15.10 34.55 -32.91
C ALA U 423 -16.55 34.97 -32.79
N GLU U 424 -17.27 35.08 -33.91
CA GLU U 424 -18.67 35.49 -33.89
C GLU U 424 -19.50 34.54 -33.03
N LEU U 425 -19.39 33.24 -33.28
CA LEU U 425 -20.19 32.26 -32.54
C LEU U 425 -19.85 32.30 -31.06
N LEU U 426 -18.56 32.36 -30.71
CA LEU U 426 -18.18 32.40 -29.31
C LEU U 426 -18.75 33.64 -28.63
N VAL U 427 -18.68 34.79 -29.32
CA VAL U 427 -19.26 36.02 -28.78
C VAL U 427 -20.74 35.84 -28.47
N LEU U 428 -21.50 35.41 -29.48
CA LEU U 428 -22.95 35.25 -29.29
C LEU U 428 -23.26 34.31 -28.13
N LEU U 429 -22.71 33.10 -28.21
CA LEU U 429 -23.03 32.05 -27.24
C LEU U 429 -22.62 32.46 -25.83
N GLU U 430 -21.45 33.09 -25.70
CA GLU U 430 -20.93 33.40 -24.38
C GLU U 430 -21.59 34.64 -23.78
N ASN U 431 -22.06 35.57 -24.60
CA ASN U 431 -22.90 36.65 -24.05
C ASN U 431 -24.22 36.08 -23.52
N GLU U 432 -24.84 35.20 -24.28
CA GLU U 432 -26.02 34.47 -23.79
C GLU U 432 -25.73 33.82 -22.43
N ARG U 433 -24.65 33.03 -22.37
CA ARG U 433 -24.34 32.30 -21.15
C ARG U 433 -23.94 33.23 -20.01
N THR U 434 -23.37 34.41 -20.33
CA THR U 434 -23.04 35.39 -19.30
C THR U 434 -24.29 35.91 -18.62
N LEU U 435 -25.29 36.31 -19.41
CA LEU U 435 -26.54 36.77 -18.83
C LEU U 435 -27.21 35.65 -18.03
N ASP U 436 -27.15 34.42 -18.53
CA ASP U 436 -27.72 33.30 -17.78
C ASP U 436 -26.99 33.07 -16.46
N TYR U 437 -25.65 33.17 -16.47
CA TYR U 437 -24.85 33.05 -15.25
C TYR U 437 -25.25 34.10 -14.22
N HIS U 438 -25.42 35.35 -14.67
CA HIS U 438 -25.87 36.40 -13.78
C HIS U 438 -27.23 36.08 -13.16
N ASP U 439 -28.17 35.61 -14.00
CA ASP U 439 -29.49 35.25 -13.49
C ASP U 439 -29.39 34.14 -12.43
N SER U 440 -28.53 33.16 -12.67
CA SER U 440 -28.35 32.07 -11.71
C SER U 440 -27.80 32.60 -10.39
N ASN U 441 -26.89 33.57 -10.46
CA ASN U 441 -26.39 34.21 -9.24
C ASN U 441 -27.51 34.89 -8.47
N VAL U 442 -28.37 35.63 -9.19
CA VAL U 442 -29.56 36.23 -8.55
C VAL U 442 -30.34 35.16 -7.78
N LYS U 443 -30.67 34.07 -8.48
CA LYS U 443 -31.53 33.03 -7.89
C LYS U 443 -30.87 32.39 -6.68
N ASN U 444 -29.56 32.14 -6.75
CA ASN U 444 -28.87 31.52 -5.63
C ASN U 444 -28.85 32.44 -4.42
N LEU U 445 -28.61 33.73 -4.62
CA LEU U 445 -28.66 34.68 -3.50
C LEU U 445 -30.04 34.67 -2.84
N TYR U 446 -31.10 34.71 -3.68
CA TYR U 446 -32.46 34.66 -3.14
C TYR U 446 -32.69 33.41 -2.33
N GLU U 447 -32.25 32.26 -2.83
CA GLU U 447 -32.48 31.00 -2.13
C GLU U 447 -31.72 30.94 -0.81
N LYS U 448 -30.50 31.51 -0.78
CA LYS U 448 -29.75 31.56 0.47
C LYS U 448 -30.51 32.39 1.52
N VAL U 449 -30.97 33.58 1.11
CA VAL U 449 -31.68 34.44 2.07
C VAL U 449 -32.97 33.77 2.53
N ARG U 450 -33.64 33.05 1.64
CA ARG U 450 -34.86 32.33 2.04
C ARG U 450 -34.54 31.21 3.02
N SER U 451 -33.44 30.48 2.79
CA SER U 451 -33.06 29.40 3.69
C SER U 451 -32.73 29.93 5.09
N GLN U 452 -32.10 31.10 5.17
CA GLN U 452 -31.82 31.67 6.48
C GLN U 452 -33.11 32.07 7.20
N LEU U 453 -33.99 32.80 6.48
CA LEU U 453 -35.28 33.22 7.08
C LEU U 453 -36.34 32.16 6.75
N LYS U 454 -36.14 30.92 7.23
CA LYS U 454 -37.08 29.81 6.92
C LYS U 454 -38.58 30.10 7.05
N ASN U 455 -39.00 30.61 8.22
CA ASN U 455 -40.43 31.00 8.40
C ASN U 455 -40.51 32.27 9.25
N ASN U 456 -39.36 32.85 9.61
CA ASN U 456 -39.34 34.13 10.33
C ASN U 456 -39.75 35.31 9.47
N ALA U 457 -40.02 35.07 8.18
CA ALA U 457 -40.45 36.12 7.27
C ALA U 457 -41.35 35.51 6.19
N LYS U 458 -42.07 36.39 5.51
CA LYS U 458 -42.90 36.03 4.37
C LYS U 458 -42.21 36.40 3.06
N GLU U 459 -42.34 35.51 2.08
CA GLU U 459 -41.97 35.83 0.70
C GLU U 459 -43.03 36.76 0.11
N ILE U 460 -42.64 38.00 -0.23
CA ILE U 460 -43.58 39.01 -0.69
C ILE U 460 -42.96 39.81 -1.84
N GLY U 461 -43.84 40.27 -2.74
CA GLY U 461 -43.39 41.00 -3.89
C GLY U 461 -42.77 40.03 -4.88
N ASN U 462 -41.59 40.38 -5.36
CA ASN U 462 -40.80 39.45 -6.15
C ASN U 462 -39.61 38.98 -5.31
N GLY U 463 -38.60 39.83 -5.18
CA GLY U 463 -37.48 39.49 -4.33
C GLY U 463 -37.54 40.16 -2.98
N CYS U 464 -38.73 40.28 -2.38
CA CYS U 464 -38.83 40.98 -1.11
C CYS U 464 -39.22 40.01 0.00
N PHE U 465 -38.72 40.29 1.19
CA PHE U 465 -39.06 39.53 2.39
C PHE U 465 -39.68 40.50 3.39
N GLU U 466 -40.65 40.00 4.15
CA GLU U 466 -41.27 40.81 5.21
C GLU U 466 -41.17 40.05 6.52
N PHE U 467 -40.43 40.60 7.47
CA PHE U 467 -40.21 39.92 8.74
C PHE U 467 -41.48 39.91 9.58
N TYR U 468 -41.85 38.72 10.06
CA TYR U 468 -42.83 38.61 11.13
C TYR U 468 -42.35 39.37 12.37
N HIS U 469 -41.05 39.29 12.64
CA HIS U 469 -40.42 39.89 13.81
C HIS U 469 -39.86 41.26 13.44
N LYS U 470 -39.05 41.81 14.34
CA LYS U 470 -38.47 43.14 14.19
C LYS U 470 -36.97 42.99 14.00
N CYS U 471 -36.53 42.97 12.75
CA CYS U 471 -35.12 42.81 12.40
C CYS U 471 -34.42 44.15 12.51
N ASP U 472 -33.53 44.28 13.51
CA ASP U 472 -32.75 45.50 13.70
C ASP U 472 -31.51 45.44 12.83
N ASN U 473 -30.57 46.37 13.04
CA ASN U 473 -29.39 46.44 12.18
C ASN U 473 -28.47 45.24 12.40
N THR U 474 -28.35 44.75 13.64
CA THR U 474 -27.56 43.55 13.88
C THR U 474 -28.15 42.36 13.15
N CYS U 475 -29.48 42.21 13.21
CA CYS U 475 -30.15 41.15 12.45
C CYS U 475 -29.93 41.31 10.96
N MET U 476 -30.10 42.53 10.44
CA MET U 476 -29.85 42.79 9.02
C MET U 476 -28.45 42.33 8.62
N GLU U 477 -27.43 42.74 9.36
CA GLU U 477 -26.07 42.36 9.04
C GLU U 477 -25.87 40.85 9.14
N SER U 478 -26.42 40.21 10.18
CA SER U 478 -26.30 38.76 10.32
C SER U 478 -26.92 38.03 9.13
N VAL U 479 -28.00 38.57 8.56
CA VAL U 479 -28.54 38.01 7.33
C VAL U 479 -27.62 38.29 6.15
N LYS U 480 -27.00 39.48 6.12
CA LYS U 480 -26.20 39.87 4.97
C LYS U 480 -24.92 39.05 4.86
N ASN U 481 -24.22 38.84 5.99
CA ASN U 481 -22.97 38.10 5.98
C ASN U 481 -23.15 36.62 6.27
N GLY U 482 -24.34 36.07 6.05
CA GLY U 482 -24.53 34.64 6.09
C GLY U 482 -24.57 34.00 7.46
N THR U 483 -24.94 34.75 8.49
CA THR U 483 -24.94 34.21 9.86
C THR U 483 -26.22 34.54 10.60
N TYR U 484 -27.36 34.63 9.90
CA TYR U 484 -28.61 34.90 10.58
C TYR U 484 -29.00 33.74 11.46
N ASP U 485 -29.46 34.05 12.68
CA ASP U 485 -29.89 33.05 13.65
C ASP U 485 -31.41 33.01 13.66
N TYR U 486 -31.97 31.88 13.24
CA TYR U 486 -33.43 31.69 13.27
C TYR U 486 -33.94 31.62 14.71
N PRO U 487 -33.26 30.94 15.64
CA PRO U 487 -33.73 30.98 17.04
C PRO U 487 -33.80 32.38 17.62
N LYS U 488 -32.83 33.24 17.31
CA LYS U 488 -32.82 34.60 17.85
C LYS U 488 -34.15 35.32 17.62
N TYR U 489 -34.86 34.90 16.57
CA TYR U 489 -36.17 35.53 16.25
C TYR U 489 -37.23 34.45 16.01
N SER U 490 -36.98 33.24 16.52
CA SER U 490 -37.93 32.10 16.30
C SER U 490 -39.33 32.01 16.90
N GLU U 491 -39.46 32.25 18.22
CA GLU U 491 -40.75 32.47 18.84
C GLU U 491 -41.20 33.92 18.69
N GLU U 492 -40.27 34.87 18.82
CA GLU U 492 -40.57 36.28 18.53
C GLU U 492 -41.40 36.42 17.26
N ALA U 493 -40.99 35.73 16.20
CA ALA U 493 -41.80 35.72 14.99
C ALA U 493 -43.03 34.84 15.18
N LYS U 494 -42.81 33.58 15.58
CA LYS U 494 -43.88 32.58 15.66
C LYS U 494 -45.12 33.16 16.33
N LEU U 495 -44.93 33.81 17.48
CA LEU U 495 -46.03 34.42 18.22
C LEU U 495 -46.92 35.27 17.32
N ASN U 496 -46.35 36.33 16.73
CA ASN U 496 -47.14 37.14 15.80
C ASN U 496 -47.42 36.39 14.51
N ARG U 497 -46.53 35.47 14.12
CA ARG U 497 -46.71 34.76 12.86
C ARG U 497 -47.95 33.87 12.92
N GLU U 498 -48.14 33.18 14.05
CA GLU U 498 -49.29 32.32 14.20
C GLU U 498 -50.57 33.11 14.41
N GLU U 499 -50.48 34.27 15.07
CA GLU U 499 -51.64 35.13 15.29
C GLU U 499 -51.62 36.28 14.27
N ILE U 500 -51.96 35.93 13.03
CA ILE U 500 -52.19 36.93 11.99
C ILE U 500 -53.67 36.94 11.68
N ASP U 501 -54.42 37.83 12.33
CA ASP U 501 -55.85 37.91 12.14
C ASP U 501 -56.26 39.28 11.60
N GLY V 1 -44.06 44.94 9.76
CA GLY V 1 -42.77 44.27 9.82
C GLY V 1 -41.73 44.86 8.90
N ASP V 2 -40.46 44.61 9.21
CA ASP V 2 -39.39 45.10 8.37
C ASP V 2 -39.34 44.32 7.05
N THR V 3 -38.72 44.92 6.06
CA THR V 3 -38.61 44.31 4.74
C THR V 3 -37.17 44.31 4.25
N LEU V 4 -36.78 43.22 3.61
CA LEU V 4 -35.47 43.08 2.98
C LEU V 4 -35.67 42.58 1.56
N CYS V 5 -35.23 43.35 0.57
CA CYS V 5 -35.41 43.01 -0.83
C CYS V 5 -34.05 42.80 -1.48
N ILE V 6 -34.02 41.94 -2.49
CA ILE V 6 -32.80 41.57 -3.20
C ILE V 6 -32.87 42.10 -4.62
N GLY V 7 -31.77 42.67 -5.11
CA GLY V 7 -31.78 43.29 -6.42
C GLY V 7 -30.46 43.24 -7.17
N TYR V 8 -30.38 43.98 -8.26
CA TYR V 8 -29.22 43.96 -9.15
C TYR V 8 -29.04 45.34 -9.75
N HIS V 9 -27.84 45.58 -10.29
CA HIS V 9 -27.46 46.92 -10.70
C HIS V 9 -28.18 47.36 -11.97
N ALA V 10 -28.33 48.69 -12.10
CA ALA V 10 -28.78 49.34 -13.31
C ALA V 10 -28.10 50.70 -13.40
N ASN V 11 -27.98 51.21 -14.63
CA ASN V 11 -27.32 52.50 -14.84
C ASN V 11 -27.89 53.12 -16.11
N ASN V 12 -27.18 54.10 -16.67
CA ASN V 12 -27.60 54.76 -17.89
C ASN V 12 -26.86 54.25 -19.12
N SER V 13 -26.14 53.14 -19.00
CA SER V 13 -25.39 52.61 -20.12
C SER V 13 -26.34 52.15 -21.22
N THR V 14 -26.04 52.54 -22.46
CA THR V 14 -26.81 52.13 -23.63
C THR V 14 -26.03 51.16 -24.50
N ASP V 15 -25.00 50.53 -23.96
CA ASP V 15 -24.17 49.60 -24.71
C ASP V 15 -25.00 48.39 -25.14
N THR V 16 -25.10 48.18 -26.44
CA THR V 16 -25.89 47.08 -27.00
C THR V 16 -24.98 45.93 -27.44
N VAL V 17 -25.38 44.71 -27.07
CA VAL V 17 -24.68 43.50 -27.46
C VAL V 17 -25.64 42.51 -28.08
N ASP V 18 -25.09 41.56 -28.84
CA ASP V 18 -25.87 40.54 -29.52
C ASP V 18 -25.59 39.20 -28.85
N THR V 19 -26.65 38.41 -28.67
CA THR V 19 -26.56 37.04 -28.17
C THR V 19 -27.19 36.10 -29.19
N LEU V 20 -27.12 34.80 -28.89
CA LEU V 20 -27.65 33.80 -29.81
C LEU V 20 -29.17 33.90 -29.89
N LEU V 21 -29.84 34.14 -28.76
CA LEU V 21 -31.30 34.22 -28.71
C LEU V 21 -31.85 35.60 -29.03
N GLU V 22 -31.03 36.65 -28.93
CA GLU V 22 -31.59 38.00 -28.94
C GLU V 22 -30.50 39.01 -29.29
N LYS V 23 -30.87 40.01 -30.08
CA LYS V 23 -29.94 41.02 -30.56
C LYS V 23 -30.26 42.39 -29.95
N ASN V 24 -29.26 43.28 -30.03
CA ASN V 24 -29.33 44.62 -29.46
C ASN V 24 -29.80 44.58 -28.00
N VAL V 25 -29.07 43.81 -27.21
CA VAL V 25 -29.37 43.65 -25.78
C VAL V 25 -28.61 44.73 -25.02
N THR V 26 -29.35 45.59 -24.33
CA THR V 26 -28.74 46.67 -23.55
C THR V 26 -28.22 46.11 -22.24
N VAL V 27 -26.91 46.19 -22.04
CA VAL V 27 -26.29 45.67 -20.83
C VAL V 27 -25.64 46.81 -20.06
N THR V 28 -25.37 46.55 -18.77
CA THR V 28 -24.80 47.57 -17.91
C THR V 28 -23.34 47.85 -18.24
N HIS V 29 -22.58 46.79 -18.53
CA HIS V 29 -21.14 46.90 -18.75
C HIS V 29 -20.73 45.94 -19.85
N SER V 30 -19.83 46.38 -20.71
CA SER V 30 -19.40 45.59 -21.86
C SER V 30 -18.04 46.11 -22.31
N VAL V 31 -17.43 45.38 -23.25
CA VAL V 31 -16.13 45.74 -23.79
C VAL V 31 -16.13 45.41 -25.28
N ASN V 32 -15.90 46.43 -26.12
CA ASN V 32 -15.69 46.19 -27.54
C ASN V 32 -14.28 45.66 -27.76
N LEU V 33 -14.16 44.49 -28.36
CA LEU V 33 -12.87 43.95 -28.74
C LEU V 33 -12.45 44.35 -30.15
N LEU V 34 -13.33 44.99 -30.91
CA LEU V 34 -13.08 45.27 -32.32
C LEU V 34 -12.58 46.70 -32.48
N GLU V 35 -11.34 46.84 -32.92
CA GLU V 35 -10.80 48.13 -33.32
C GLU V 35 -11.18 48.41 -34.76
N ASP V 36 -11.90 49.51 -35.00
CA ASP V 36 -12.50 49.77 -36.30
C ASP V 36 -12.16 51.17 -36.80
N LYS V 37 -10.94 51.63 -36.53
CA LYS V 37 -10.51 52.91 -37.08
C LYS V 37 -8.99 52.92 -37.16
N HIS V 38 -8.48 53.72 -38.09
CA HIS V 38 -7.04 53.85 -38.29
C HIS V 38 -6.71 55.30 -38.57
N ASN V 39 -5.51 55.70 -38.16
CA ASN V 39 -4.99 57.02 -38.52
C ASN V 39 -4.46 56.92 -39.94
N GLY V 40 -5.22 57.45 -40.90
CA GLY V 40 -4.88 57.39 -42.31
C GLY V 40 -3.44 57.75 -42.60
N LYS V 41 -2.87 58.61 -41.77
CA LYS V 41 -1.44 58.89 -41.78
C LYS V 41 -0.63 57.62 -41.86
N LEU V 42 0.19 57.50 -42.89
CA LEU V 42 1.02 56.31 -43.11
C LEU V 42 2.27 56.49 -42.25
N CYS V 43 2.12 56.23 -40.95
CA CYS V 43 3.16 56.57 -39.98
C CYS V 43 3.55 55.39 -39.12
N SER V 44 4.84 55.35 -38.76
CA SER V 44 5.35 54.32 -37.81
C SER V 44 6.53 54.95 -37.08
N ILE V 45 6.31 55.50 -35.88
CA ILE V 45 7.43 56.08 -35.09
C ILE V 45 8.43 54.96 -34.80
N ASN V 46 8.03 53.71 -35.07
CA ASN V 46 8.91 52.54 -34.83
C ASN V 46 10.17 52.47 -35.70
N GLY V 47 10.08 52.80 -37.00
CA GLY V 47 11.26 52.64 -37.82
C GLY V 47 11.20 53.39 -39.13
N LYS V 48 12.19 53.16 -39.99
CA LYS V 48 12.27 53.83 -41.28
C LYS V 48 11.61 52.94 -42.33
N GLN V 49 11.11 53.55 -43.40
CA GLN V 49 10.27 52.86 -44.37
C GLN V 49 10.50 53.51 -45.74
N PRO V 50 11.34 52.92 -46.58
CA PRO V 50 11.71 53.57 -47.85
C PRO V 50 10.50 53.69 -48.76
N ILE V 51 10.15 54.95 -49.07
CA ILE V 51 8.99 55.21 -49.97
C ILE V 51 9.43 54.94 -51.41
N SER V 52 9.04 53.79 -51.96
CA SER V 52 9.40 53.55 -53.37
C SER V 52 8.70 54.72 -54.03
N LEU V 53 9.42 55.47 -54.86
CA LEU V 53 8.88 56.74 -55.43
C LEU V 53 8.38 55.63 -56.37
N GLY V 54 7.33 55.88 -57.17
CA GLY V 54 6.89 54.88 -58.16
C GLY V 54 7.89 54.36 -59.17
N ASP V 55 9.01 55.06 -59.34
CA ASP V 55 10.08 54.56 -60.25
C ASP V 55 10.62 53.25 -59.67
N CYS V 56 10.50 53.08 -58.34
CA CYS V 56 11.05 51.93 -57.70
C CYS V 56 9.86 51.06 -57.40
N SER V 57 8.67 51.50 -57.75
CA SER V 57 7.47 50.75 -57.39
C SER V 57 7.55 49.29 -57.83
N PHE V 58 8.34 49.00 -58.87
CA PHE V 58 8.49 47.66 -59.43
C PHE V 58 9.85 47.07 -59.09
N ALA V 59 10.27 47.20 -57.83
CA ALA V 59 11.59 46.73 -57.41
C ALA V 59 12.68 47.32 -58.29
N GLY V 60 12.50 48.59 -58.67
CA GLY V 60 13.54 49.31 -59.37
C GLY V 60 14.72 49.64 -58.49
N TRP V 61 14.53 49.59 -57.16
CA TRP V 61 15.64 49.79 -56.23
C TRP V 61 16.66 48.67 -56.35
N ILE V 62 16.18 47.44 -56.45
CA ILE V 62 17.08 46.31 -56.71
C ILE V 62 17.80 46.52 -58.03
N LEU V 63 17.14 47.16 -59.00
CA LEU V 63 17.76 47.51 -60.26
C LEU V 63 18.53 48.82 -60.11
N GLY V 64 19.14 49.26 -61.21
CA GLY V 64 19.83 50.54 -61.21
C GLY V 64 19.13 51.56 -62.07
N ASN V 65 17.80 51.62 -61.96
CA ASN V 65 16.99 52.51 -62.77
C ASN V 65 17.51 53.95 -62.66
N PRO V 66 17.87 54.59 -63.77
CA PRO V 66 18.31 55.99 -63.67
C PRO V 66 17.31 56.88 -62.96
N MET V 67 16.04 56.79 -63.35
CA MET V 67 14.99 57.51 -62.65
C MET V 67 14.75 57.15 -61.19
N CYS V 68 15.33 56.04 -60.71
CA CYS V 68 15.27 55.70 -59.29
C CYS V 68 16.45 56.25 -58.48
N ASP V 69 17.25 57.14 -59.10
CA ASP V 69 18.41 57.68 -58.40
C ASP V 69 17.87 58.43 -57.19
N ASP V 70 16.62 58.89 -57.25
CA ASP V 70 15.99 59.55 -56.10
C ASP V 70 15.97 58.68 -54.85
N LEU V 71 16.29 57.39 -54.97
CA LEU V 71 16.27 56.42 -53.87
C LEU V 71 17.63 55.74 -53.88
N ILE V 72 18.57 56.26 -53.11
CA ILE V 72 19.93 55.75 -53.07
C ILE V 72 20.47 55.90 -51.66
N GLY V 73 21.22 54.90 -51.20
CA GLY V 73 21.75 54.90 -49.85
C GLY V 73 20.72 54.61 -48.77
N LYS V 74 19.48 54.33 -49.15
CA LYS V 74 18.41 53.98 -48.20
C LYS V 74 18.64 52.55 -47.71
N THR V 75 19.63 52.40 -46.85
CA THR V 75 20.01 51.07 -46.39
C THR V 75 19.35 50.67 -45.08
N SER V 76 18.91 51.62 -44.26
CA SER V 76 18.30 51.31 -42.97
C SER V 76 16.79 51.45 -43.06
N TRP V 77 16.06 50.40 -42.67
CA TRP V 77 14.61 50.44 -42.79
C TRP V 77 13.95 49.30 -42.02
N SER V 78 12.63 49.46 -41.81
CA SER V 78 11.79 48.45 -41.17
C SER V 78 10.99 47.67 -42.20
N TYR V 79 10.20 48.36 -43.03
CA TYR V 79 9.52 47.75 -44.17
C TYR V 79 9.54 48.75 -45.31
N ILE V 80 9.12 48.31 -46.50
CA ILE V 80 9.15 49.14 -47.70
C ILE V 80 7.78 49.15 -48.35
N VAL V 81 7.40 50.29 -48.92
CA VAL V 81 6.09 50.47 -49.56
C VAL V 81 6.19 50.49 -51.08
N GLU V 82 5.12 50.01 -51.75
CA GLU V 82 5.08 49.98 -53.25
C GLU V 82 3.90 50.79 -53.79
N LYS V 83 3.84 51.06 -55.10
CA LYS V 83 2.70 51.78 -55.74
C LYS V 83 2.14 50.88 -56.85
N PRO V 84 0.85 50.48 -56.82
CA PRO V 84 0.33 49.48 -57.77
C PRO V 84 0.09 50.03 -59.17
N ASN V 85 -0.47 51.24 -59.26
CA ASN V 85 -0.64 51.94 -60.53
C ASN V 85 0.60 52.77 -60.86
N PRO V 86 1.12 53.61 -59.94
CA PRO V 86 2.31 54.41 -60.28
C PRO V 86 3.58 53.57 -60.31
N THR V 87 3.74 52.73 -61.32
CA THR V 87 4.92 51.89 -61.48
C THR V 87 5.78 52.46 -62.62
N ASN V 88 6.32 53.66 -62.39
CA ASN V 88 7.12 54.36 -63.39
C ASN V 88 8.52 53.74 -63.45
N GLY V 89 8.56 52.45 -63.77
CA GLY V 89 9.81 51.72 -63.80
C GLY V 89 10.02 50.92 -65.06
N ILE V 90 9.16 51.13 -66.06
CA ILE V 90 9.32 50.48 -67.35
C ILE V 90 10.66 50.86 -67.95
N CYS V 91 11.58 49.90 -68.01
CA CYS V 91 12.89 50.12 -68.59
C CYS V 91 13.06 49.30 -69.86
N TYR V 92 14.30 48.95 -70.21
CA TYR V 92 14.53 48.05 -71.34
C TYR V 92 13.68 46.80 -71.15
N PRO V 93 12.82 46.47 -72.11
CA PRO V 93 11.85 45.39 -71.91
C PRO V 93 12.51 44.09 -71.47
N GLY V 94 12.00 43.52 -70.39
CA GLY V 94 12.55 42.28 -69.88
C GLY V 94 11.95 41.94 -68.54
N THR V 95 12.51 40.89 -67.95
CA THR V 95 12.03 40.36 -66.67
C THR V 95 13.20 40.06 -65.76
N LEU V 96 12.96 40.19 -64.46
CA LEU V 96 13.77 39.51 -63.45
C LEU V 96 13.14 38.15 -63.20
N GLU V 97 13.91 37.08 -63.40
CA GLU V 97 13.40 35.78 -63.02
C GLU V 97 13.35 35.67 -61.51
N ASP V 98 12.43 34.85 -61.02
CA ASP V 98 12.14 34.74 -59.59
C ASP V 98 11.71 36.09 -59.02
N GLU V 99 11.03 36.90 -59.84
CA GLU V 99 10.59 38.22 -59.39
C GLU V 99 9.73 38.08 -58.14
N GLU V 100 8.81 37.13 -58.16
CA GLU V 100 7.91 36.89 -57.03
C GLU V 100 8.68 36.37 -55.83
N GLU V 101 9.52 35.35 -56.05
CA GLU V 101 10.27 34.75 -54.94
C GLU V 101 11.19 35.77 -54.28
N LEU V 102 11.72 36.72 -55.05
CA LEU V 102 12.62 37.71 -54.48
C LEU V 102 11.84 38.78 -53.73
N ARG V 103 10.71 39.22 -54.28
CA ARG V 103 9.82 40.10 -53.51
C ARG V 103 9.35 39.44 -52.23
N LEU V 104 9.32 38.10 -52.22
CA LEU V 104 8.92 37.34 -51.01
C LEU V 104 10.22 37.39 -50.21
N LYS V 105 10.75 38.60 -49.97
CA LYS V 105 11.96 38.75 -49.12
C LYS V 105 11.49 40.06 -48.48
N PHE V 106 10.17 40.25 -48.35
CA PHE V 106 9.62 41.46 -47.69
C PHE V 106 10.14 41.33 -46.26
N SER V 107 9.71 40.29 -45.54
CA SER V 107 10.23 40.00 -44.22
C SER V 107 11.42 39.07 -44.26
N GLY V 108 11.66 38.41 -45.41
CA GLY V 108 12.82 37.55 -45.54
C GLY V 108 14.13 38.27 -45.26
N VAL V 109 14.15 39.59 -45.43
CA VAL V 109 15.27 40.43 -45.03
C VAL V 109 14.75 41.55 -44.15
N LEU V 110 15.66 42.29 -43.52
CA LEU V 110 15.22 43.44 -42.68
C LEU V 110 15.73 44.76 -43.27
N GLU V 111 17.05 44.91 -43.41
CA GLU V 111 17.62 46.21 -43.88
C GLU V 111 19.09 46.08 -44.25
N PHE V 112 19.76 47.21 -44.51
CA PHE V 112 21.21 47.24 -44.81
C PHE V 112 21.91 46.39 -45.89
N SER V 113 21.65 46.47 -47.09
CA SER V 113 22.44 45.88 -48.19
C SER V 113 22.99 46.75 -49.33
N LYS V 114 24.32 46.79 -49.52
CA LYS V 114 24.91 47.58 -50.63
C LYS V 114 26.39 47.26 -50.75
N PHE V 115 26.94 47.28 -51.97
CA PHE V 115 28.35 46.93 -52.18
C PHE V 115 28.69 47.06 -53.66
N GLU V 116 30.01 47.12 -53.96
CA GLU V 116 30.54 47.14 -55.33
C GLU V 116 31.35 45.86 -55.56
N ALA V 117 30.75 44.89 -56.24
CA ALA V 117 31.37 43.58 -56.39
C ALA V 117 32.45 43.59 -57.46
N PHE V 118 32.14 44.13 -58.64
CA PHE V 118 33.06 44.11 -59.77
C PHE V 118 33.19 45.51 -60.34
N THR V 119 34.44 45.98 -60.48
CA THR V 119 34.67 47.28 -61.11
C THR V 119 34.27 47.23 -62.58
N SER V 120 33.68 48.34 -63.04
CA SER V 120 33.13 48.38 -64.39
C SER V 120 34.20 48.28 -65.48
N ASN V 121 35.45 48.63 -65.16
CA ASN V 121 36.49 48.73 -66.16
C ASN V 121 37.48 47.56 -66.13
N GLY V 122 37.36 46.65 -65.17
CA GLY V 122 38.31 45.57 -65.05
C GLY V 122 37.81 44.23 -65.58
N TRP V 123 37.08 44.26 -66.69
CA TRP V 123 36.52 43.05 -67.28
C TRP V 123 37.34 42.51 -68.45
N GLY V 124 38.29 43.28 -68.97
CA GLY V 124 39.10 42.81 -70.07
C GLY V 124 39.10 43.72 -71.28
N ALA V 125 39.54 43.22 -72.43
CA ALA V 125 39.58 44.00 -73.66
C ALA V 125 38.13 44.10 -74.10
N VAL V 126 37.41 45.09 -73.58
CA VAL V 126 35.98 45.22 -73.75
C VAL V 126 35.61 46.66 -73.47
N ASN V 127 34.80 47.26 -74.35
CA ASN V 127 34.27 48.59 -74.08
C ASN V 127 33.39 48.53 -72.84
N SER V 128 33.80 49.27 -71.81
CA SER V 128 32.99 49.29 -70.58
C SER V 128 31.85 50.30 -70.68
N GLY V 129 31.97 51.24 -71.63
CA GLY V 129 30.87 52.20 -71.89
C GLY V 129 29.59 51.46 -72.02
N ALA V 130 28.62 51.72 -71.15
CA ALA V 130 27.32 51.02 -71.18
C ALA V 130 26.67 51.22 -72.56
N GLY V 131 25.85 50.25 -72.98
CA GLY V 131 25.13 50.35 -74.27
C GLY V 131 24.13 51.27 -73.58
N VAL V 132 24.39 52.59 -73.59
CA VAL V 132 23.48 53.60 -72.95
C VAL V 132 22.36 53.26 -73.94
N THR V 133 21.21 52.83 -73.41
CA THR V 133 20.11 52.38 -74.31
C THR V 133 19.08 53.49 -74.10
N ALA V 134 18.56 54.04 -75.20
CA ALA V 134 17.49 55.02 -75.04
C ALA V 134 16.31 54.50 -74.24
N ALA V 135 16.24 53.19 -73.98
CA ALA V 135 15.18 52.66 -73.15
C ALA V 135 15.38 53.02 -71.68
N CYS V 136 16.63 53.09 -71.25
CA CYS V 136 16.98 53.39 -69.86
C CYS V 136 17.65 54.76 -69.75
N LYS V 137 17.09 55.76 -70.42
CA LYS V 137 17.68 57.10 -70.43
C LYS V 137 17.78 57.67 -69.02
N PHE V 138 18.73 58.59 -68.86
CA PHE V 138 18.82 59.43 -67.67
C PHE V 138 18.34 60.82 -68.09
N GLY V 139 17.16 61.21 -67.60
CA GLY V 139 16.53 62.44 -68.02
C GLY V 139 16.23 62.42 -69.51
N SER V 140 16.93 63.26 -70.27
CA SER V 140 16.80 63.29 -71.73
C SER V 140 18.08 62.81 -72.42
N SER V 141 18.90 62.03 -71.72
CA SER V 141 20.10 61.45 -72.29
C SER V 141 20.11 59.96 -72.00
N ASN V 142 20.54 59.17 -72.97
CA ASN V 142 20.59 57.72 -72.81
C ASN V 142 21.45 57.34 -71.61
N SER V 143 20.99 56.35 -70.85
CA SER V 143 21.75 55.81 -69.73
C SER V 143 21.48 54.31 -69.66
N PHE V 144 21.70 53.73 -68.48
CA PHE V 144 21.50 52.30 -68.28
C PHE V 144 21.44 52.03 -66.78
N PHE V 145 21.00 50.81 -66.43
CA PHE V 145 21.01 50.37 -65.04
C PHE V 145 22.38 50.62 -64.41
N ARG V 146 22.37 51.11 -63.17
CA ARG V 146 23.63 51.48 -62.52
C ARG V 146 24.31 50.28 -61.88
N ASN V 147 23.55 49.33 -61.35
CA ASN V 147 24.11 48.16 -60.69
C ASN V 147 24.65 47.13 -61.68
N MET V 148 24.45 47.33 -62.97
CA MET V 148 24.98 46.45 -64.01
C MET V 148 25.65 47.30 -65.09
N VAL V 149 26.60 46.69 -65.77
CA VAL V 149 27.37 47.37 -66.81
C VAL V 149 27.19 46.60 -68.11
N TRP V 150 26.69 47.27 -69.14
CA TRP V 150 26.48 46.64 -70.44
C TRP V 150 27.81 46.67 -71.19
N LEU V 151 28.39 45.50 -71.44
CA LEU V 151 29.70 45.39 -72.06
C LEU V 151 29.54 45.06 -73.54
N ILE V 152 30.24 45.83 -74.39
CA ILE V 152 30.26 45.61 -75.82
C ILE V 152 31.70 45.55 -76.29
N HIS V 153 31.87 45.21 -77.58
CA HIS V 153 33.19 44.97 -78.14
C HIS V 153 34.08 46.19 -78.00
N GLN V 154 35.39 45.93 -77.88
CA GLN V 154 36.41 46.98 -77.91
C GLN V 154 37.23 46.80 -79.17
N SER V 155 37.06 47.71 -80.13
CA SER V 155 37.85 47.74 -81.35
C SER V 155 37.66 46.48 -82.19
N GLY V 156 36.41 46.03 -82.31
CA GLY V 156 36.06 45.00 -83.26
C GLY V 156 36.13 43.58 -82.78
N THR V 157 36.28 43.34 -81.47
CA THR V 157 36.28 41.99 -80.93
C THR V 157 35.82 42.02 -79.48
N TYR V 158 35.07 41.00 -79.08
CA TYR V 158 34.61 40.85 -77.70
C TYR V 158 35.09 39.50 -77.20
N PRO V 159 36.14 39.46 -76.37
CA PRO V 159 36.76 38.18 -76.00
C PRO V 159 35.97 37.47 -74.90
N VAL V 160 36.48 36.32 -74.49
CA VAL V 160 35.89 35.52 -73.42
C VAL V 160 36.38 36.13 -72.10
N ILE V 161 35.53 36.92 -71.47
CA ILE V 161 35.87 37.58 -70.22
C ILE V 161 35.40 36.73 -69.05
N LYS V 162 36.01 36.95 -67.89
CA LYS V 162 35.82 36.09 -66.73
C LYS V 162 36.37 36.73 -65.46
N ARG V 163 35.53 36.83 -64.42
CA ARG V 163 35.98 37.31 -63.12
C ARG V 163 35.33 36.48 -62.01
N THR V 164 35.94 36.56 -60.83
CA THR V 164 35.49 35.80 -59.66
C THR V 164 35.41 36.71 -58.45
N PHE V 165 34.33 36.58 -57.69
CA PHE V 165 34.17 37.29 -56.42
C PHE V 165 34.18 36.29 -55.28
N ASN V 166 35.09 36.50 -54.33
CA ASN V 166 35.17 35.71 -53.10
C ASN V 166 34.51 36.50 -51.98
N ASN V 167 33.40 35.98 -51.45
CA ASN V 167 32.60 36.69 -50.46
C ASN V 167 33.26 36.53 -49.10
N THR V 168 34.21 37.43 -48.79
CA THR V 168 34.85 37.49 -47.49
C THR V 168 34.16 38.47 -46.55
N LYS V 169 32.89 38.81 -46.82
CA LYS V 169 32.13 39.71 -45.96
C LYS V 169 31.42 39.00 -44.83
N GLY V 170 31.29 37.68 -44.90
CA GLY V 170 30.66 36.91 -43.84
C GLY V 170 29.16 36.90 -43.74
N ARG V 171 28.45 37.34 -44.78
CA ARG V 171 27.00 37.36 -44.79
C ARG V 171 26.52 37.37 -46.22
N ASP V 172 25.24 37.11 -46.41
CA ASP V 172 24.68 36.96 -47.75
C ASP V 172 24.78 38.20 -48.64
N VAL V 173 25.34 38.02 -49.83
CA VAL V 173 25.56 39.11 -50.77
C VAL V 173 24.67 38.86 -51.99
N LEU V 174 23.64 39.68 -52.16
CA LEU V 174 22.76 39.57 -53.31
C LEU V 174 23.43 40.23 -54.51
N ILE V 175 23.76 39.42 -55.51
CA ILE V 175 24.37 39.87 -56.75
C ILE V 175 23.35 39.73 -57.86
N VAL V 176 23.27 40.74 -58.72
CA VAL V 176 22.34 40.77 -59.83
C VAL V 176 23.11 41.02 -61.13
N TRP V 177 22.68 40.35 -62.19
CA TRP V 177 23.25 40.54 -63.52
C TRP V 177 22.15 40.29 -64.55
N GLY V 178 22.52 40.22 -65.82
CA GLY V 178 21.53 40.03 -66.86
C GLY V 178 22.13 39.52 -68.15
N ILE V 179 21.23 39.01 -69.00
CA ILE V 179 21.57 38.53 -70.33
C ILE V 179 20.71 39.26 -71.34
N HIS V 180 21.34 39.77 -72.39
CA HIS V 180 20.67 40.52 -73.45
C HIS V 180 20.19 39.56 -74.54
N HIS V 181 18.94 39.74 -74.98
CA HIS V 181 18.36 38.98 -76.09
C HIS V 181 18.18 39.95 -77.25
N PRO V 182 19.15 40.06 -78.16
CA PRO V 182 19.06 41.05 -79.22
C PRO V 182 17.91 40.78 -80.17
N ALA V 183 17.41 41.85 -80.77
CA ALA V 183 16.30 41.73 -81.72
C ALA V 183 16.74 40.98 -82.98
N THR V 184 17.92 41.30 -83.49
CA THR V 184 18.43 40.70 -84.72
C THR V 184 19.82 40.13 -84.49
N LEU V 185 20.22 39.23 -85.38
CA LEU V 185 21.60 38.75 -85.40
C LEU V 185 22.56 39.89 -85.68
N LYS V 186 22.11 40.88 -86.46
CA LYS V 186 22.96 42.03 -86.77
C LYS V 186 23.26 42.84 -85.52
N GLU V 187 22.30 42.96 -84.61
CA GLU V 187 22.55 43.67 -83.35
C GLU V 187 23.58 42.91 -82.52
N HIS V 188 23.47 41.58 -82.47
CA HIS V 188 24.46 40.77 -81.77
C HIS V 188 25.84 40.96 -82.37
N GLN V 189 25.93 41.05 -83.70
CA GLN V 189 27.22 41.28 -84.34
C GLN V 189 27.75 42.69 -84.06
N ASP V 190 26.85 43.68 -84.06
CA ASP V 190 27.26 45.07 -83.84
C ASP V 190 27.77 45.28 -82.42
N LEU V 191 27.21 44.58 -81.44
CA LEU V 191 27.59 44.78 -80.05
C LEU V 191 28.66 43.82 -79.55
N TYR V 192 28.67 42.57 -80.02
CA TYR V 192 29.59 41.57 -79.50
C TYR V 192 30.50 40.98 -80.56
N LYS V 193 30.41 41.45 -81.81
CA LYS V 193 31.31 41.05 -82.89
C LYS V 193 31.30 39.55 -83.14
N LYS V 194 30.19 38.89 -82.79
CA LYS V 194 30.02 37.46 -83.03
C LYS V 194 28.55 37.21 -83.35
N ASP V 195 28.23 35.96 -83.67
CA ASP V 195 26.86 35.58 -83.97
C ASP V 195 26.13 35.01 -82.76
N SER V 196 26.78 34.11 -82.02
CA SER V 196 26.18 33.50 -80.85
C SER V 196 27.14 33.61 -79.68
N SER V 197 26.59 33.56 -78.46
CA SER V 197 27.38 33.79 -77.26
C SER V 197 26.76 33.01 -76.09
N TYR V 198 27.42 33.09 -74.94
CA TYR V 198 26.98 32.42 -73.73
C TYR V 198 27.35 33.24 -72.51
N VAL V 199 26.72 32.91 -71.39
CA VAL V 199 27.04 33.48 -70.08
C VAL V 199 27.04 32.30 -69.10
N ALA V 200 28.23 31.86 -68.70
CA ALA V 200 28.39 30.76 -67.77
C ALA V 200 28.67 31.34 -66.38
N VAL V 201 27.75 31.09 -65.45
CA VAL V 201 27.90 31.51 -64.06
C VAL V 201 27.99 30.25 -63.21
N GLY V 202 29.07 30.18 -62.42
CA GLY V 202 29.32 28.98 -61.61
C GLY V 202 29.97 29.26 -60.27
N SER V 203 29.48 28.60 -59.23
CA SER V 203 30.06 28.70 -57.90
C SER V 203 29.99 27.32 -57.26
N GLU V 204 30.18 27.26 -55.94
CA GLU V 204 30.01 26.00 -55.23
C GLU V 204 28.55 25.54 -55.28
N THR V 205 27.62 26.48 -55.41
CA THR V 205 26.20 26.18 -55.46
C THR V 205 25.57 26.42 -56.81
N TYR V 206 26.03 27.43 -57.55
CA TYR V 206 25.36 27.87 -58.76
C TYR V 206 25.84 27.15 -60.01
N ASN V 207 24.91 26.99 -60.96
CA ASN V 207 25.10 26.15 -62.13
C ASN V 207 24.24 26.59 -63.32
N ARG V 208 24.72 27.60 -64.05
CA ARG V 208 23.99 28.01 -65.25
C ARG V 208 24.92 28.46 -66.35
N ARG V 209 24.53 28.16 -67.59
CA ARG V 209 25.04 28.80 -68.79
C ARG V 209 23.81 29.27 -69.53
N PHE V 210 23.69 30.59 -69.69
CA PHE V 210 22.59 31.17 -70.45
C PHE V 210 23.10 31.47 -71.87
N THR V 211 22.15 31.64 -72.79
CA THR V 211 22.47 32.02 -74.16
C THR V 211 21.42 33.01 -74.63
N PRO V 212 21.80 33.98 -75.45
CA PRO V 212 20.81 34.95 -75.96
C PRO V 212 19.81 34.27 -76.89
N GLU V 213 18.62 34.87 -76.96
CA GLU V 213 17.52 34.38 -77.80
C GLU V 213 17.17 35.49 -78.78
N ILE V 214 17.60 35.36 -80.02
CA ILE V 214 17.46 36.41 -81.03
C ILE V 214 16.12 36.26 -81.73
N SER V 215 15.32 37.32 -81.69
CA SER V 215 14.05 37.43 -82.40
C SER V 215 13.53 38.84 -82.23
N THR V 216 12.80 39.32 -83.22
CA THR V 216 12.22 40.65 -83.19
C THR V 216 10.87 40.60 -82.49
N ARG V 217 10.78 41.26 -81.34
CA ARG V 217 9.55 41.45 -80.60
C ARG V 217 9.03 42.87 -80.81
N PRO V 218 7.73 43.09 -80.60
CA PRO V 218 7.21 44.47 -80.69
C PRO V 218 7.91 45.38 -79.70
N ASN V 219 8.07 46.64 -80.10
CA ASN V 219 8.88 47.58 -79.34
C ASN V 219 8.25 47.88 -77.98
N VAL V 220 9.08 47.85 -76.95
CA VAL V 220 8.75 48.37 -75.63
C VAL V 220 9.83 49.37 -75.28
N ASN V 221 9.45 50.62 -75.02
CA ASN V 221 10.39 51.72 -74.84
C ASN V 221 11.28 51.90 -76.06
N GLY V 222 10.77 51.53 -77.23
CA GLY V 222 11.54 51.67 -78.46
C GLY V 222 12.58 50.61 -78.72
N GLN V 223 12.49 49.47 -78.04
CA GLN V 223 13.45 48.38 -78.20
C GLN V 223 12.73 47.11 -78.62
N ALA V 224 13.20 46.50 -79.71
CA ALA V 224 12.71 45.20 -80.12
C ALA V 224 13.44 44.05 -79.45
N GLY V 225 14.57 44.32 -78.78
CA GLY V 225 15.25 43.31 -77.99
C GLY V 225 14.70 43.21 -76.58
N ARG V 226 15.18 42.21 -75.85
CA ARG V 226 14.74 41.94 -74.48
C ARG V 226 15.96 41.74 -73.59
N MET V 227 15.70 41.59 -72.29
CA MET V 227 16.78 41.47 -71.31
C MET V 227 16.27 40.69 -70.11
N THR V 228 16.85 39.52 -69.86
CA THR V 228 16.46 38.69 -68.72
C THR V 228 17.47 38.89 -67.59
N PHE V 229 16.99 39.32 -66.43
CA PHE V 229 17.85 39.60 -65.30
C PHE V 229 17.80 38.46 -64.27
N TYR V 230 18.90 38.29 -63.56
CA TYR V 230 19.11 37.15 -62.68
C TYR V 230 19.72 37.63 -61.37
N TRP V 231 19.30 37.01 -60.27
CA TRP V 231 19.79 37.35 -58.94
C TRP V 231 20.20 36.08 -58.21
N THR V 232 21.26 36.19 -57.40
CA THR V 232 21.68 35.11 -56.51
C THR V 232 22.14 35.71 -55.20
N MET V 233 22.12 34.90 -54.15
CA MET V 233 22.63 35.30 -52.85
C MET V 233 23.87 34.48 -52.55
N VAL V 234 25.04 35.08 -52.81
CA VAL V 234 26.34 34.49 -52.50
C VAL V 234 26.44 34.38 -50.98
N LYS V 235 26.43 33.15 -50.47
CA LYS V 235 26.62 32.89 -49.06
C LYS V 235 28.06 33.26 -48.66
N PRO V 236 28.36 33.39 -47.37
CA PRO V 236 29.72 33.74 -46.97
C PRO V 236 30.72 32.66 -47.36
N GLY V 237 31.93 33.10 -47.71
CA GLY V 237 33.06 32.27 -48.14
C GLY V 237 32.84 31.64 -49.50
N GLU V 238 31.72 31.93 -50.17
CA GLU V 238 31.48 31.43 -51.51
C GLU V 238 32.20 32.29 -52.53
N SER V 239 32.74 31.65 -53.58
CA SER V 239 33.37 32.34 -54.68
C SER V 239 32.58 32.04 -55.95
N ILE V 240 32.09 33.09 -56.61
CA ILE V 240 31.25 32.97 -57.80
C ILE V 240 32.03 33.46 -59.01
N THR V 241 31.91 32.75 -60.13
CA THR V 241 32.65 33.01 -61.35
C THR V 241 31.68 33.36 -62.46
N PHE V 242 31.86 34.55 -63.03
CA PHE V 242 31.12 35.00 -64.20
C PHE V 242 32.04 34.89 -65.41
N GLU V 243 31.58 34.20 -66.45
CA GLU V 243 32.32 33.98 -67.69
C GLU V 243 31.37 34.24 -68.84
N SER V 244 31.86 34.87 -69.91
CA SER V 244 30.95 35.20 -71.01
C SER V 244 31.73 35.61 -72.25
N ASN V 245 31.06 35.49 -73.39
CA ASN V 245 31.57 36.03 -74.66
C ASN V 245 30.47 36.74 -75.43
N GLY V 246 29.51 37.32 -74.73
CA GLY V 246 28.51 38.17 -75.36
C GLY V 246 27.21 38.17 -74.58
N ALA V 247 26.36 39.13 -74.92
CA ALA V 247 25.02 39.25 -74.35
C ALA V 247 25.05 39.23 -72.83
N PHE V 248 26.00 39.98 -72.25
CA PHE V 248 26.33 39.86 -70.84
C PHE V 248 26.22 41.22 -70.17
N LEU V 249 25.30 41.33 -69.21
CA LEU V 249 25.13 42.54 -68.42
C LEU V 249 25.88 42.31 -67.10
N ALA V 250 27.11 42.81 -67.05
CA ALA V 250 28.01 42.49 -65.95
C ALA V 250 27.46 42.99 -64.63
N PRO V 251 27.53 42.19 -63.57
CA PRO V 251 27.21 42.70 -62.22
C PRO V 251 28.27 43.69 -61.76
N ARG V 252 27.86 44.93 -61.51
CA ARG V 252 28.75 45.93 -60.94
C ARG V 252 28.54 46.12 -59.46
N TYR V 253 27.29 46.37 -59.05
CA TYR V 253 26.96 46.62 -57.65
C TYR V 253 26.25 45.41 -57.05
N ALA V 254 26.51 45.16 -55.78
CA ALA V 254 25.90 44.07 -55.03
C ALA V 254 25.31 44.63 -53.74
N PHE V 255 24.57 43.79 -53.01
CA PHE V 255 23.85 44.21 -51.82
C PHE V 255 24.17 43.27 -50.67
N GLU V 256 24.89 43.76 -49.67
CA GLU V 256 25.32 42.94 -48.53
C GLU V 256 24.24 42.98 -47.46
N ILE V 257 23.37 41.96 -47.44
CA ILE V 257 22.23 41.92 -46.53
C ILE V 257 22.76 41.82 -45.10
N VAL V 258 22.47 42.85 -44.28
CA VAL V 258 23.03 42.93 -42.94
C VAL V 258 22.04 42.47 -41.88
N SER V 259 20.88 43.12 -41.79
CA SER V 259 19.89 42.80 -40.78
C SER V 259 18.73 42.04 -41.42
N VAL V 260 18.16 41.10 -40.66
CA VAL V 260 17.11 40.20 -41.15
C VAL V 260 16.08 40.01 -40.03
N GLY V 261 14.85 40.44 -40.27
CA GLY V 261 13.81 40.33 -39.27
C GLY V 261 12.44 40.61 -39.87
N ASN V 262 11.42 40.50 -39.02
CA ASN V 262 10.04 40.59 -39.47
C ASN V 262 9.74 41.95 -40.10
N GLY V 263 9.06 41.93 -41.23
CA GLY V 263 8.69 43.14 -41.93
C GLY V 263 7.73 42.79 -43.05
N LYS V 264 7.72 43.63 -44.08
CA LYS V 264 6.97 43.33 -45.29
C LYS V 264 7.32 44.36 -46.37
N LEU V 265 6.78 44.14 -47.58
CA LEU V 265 6.74 45.10 -48.68
C LEU V 265 5.30 45.47 -48.99
N PHE V 266 4.86 46.68 -48.58
CA PHE V 266 3.53 47.17 -48.90
C PHE V 266 3.40 47.52 -50.38
N ARG V 267 2.17 47.82 -50.79
CA ARG V 267 1.90 48.31 -52.14
C ARG V 267 0.70 49.27 -52.16
N SER V 268 0.54 50.06 -51.09
CA SER V 268 -0.53 51.04 -51.05
C SER V 268 -0.02 52.41 -51.51
N GLU V 269 -0.92 53.39 -51.56
CA GLU V 269 -0.63 54.72 -52.08
C GLU V 269 -0.82 55.77 -50.98
N LEU V 270 0.25 56.06 -50.25
CA LEU V 270 0.21 57.10 -49.22
C LEU V 270 1.60 57.75 -49.14
N SER V 271 1.88 58.40 -48.00
CA SER V 271 3.14 59.10 -47.80
C SER V 271 3.48 59.09 -46.32
N ILE V 272 4.79 59.13 -46.04
CA ILE V 272 5.28 59.04 -44.67
C ILE V 272 5.21 60.41 -44.02
N GLU V 273 4.41 60.52 -42.95
CA GLU V 273 4.40 61.69 -42.11
C GLU V 273 5.07 61.46 -40.76
N SER V 274 5.37 60.20 -40.46
CA SER V 274 6.09 59.86 -39.19
C SER V 274 5.44 60.40 -37.92
N CYS V 275 4.14 60.15 -37.76
CA CYS V 275 3.43 60.61 -36.54
C CYS V 275 3.57 59.59 -35.40
N ASN V 276 2.89 59.81 -34.28
CA ASN V 276 3.04 58.98 -33.06
C ASN V 276 2.26 57.68 -33.28
N THR V 277 2.80 56.69 -34.00
CA THR V 277 2.12 55.38 -34.06
C THR V 277 3.14 54.24 -34.12
N THR V 278 2.80 53.11 -33.51
CA THR V 278 3.72 51.93 -33.52
C THR V 278 3.00 50.74 -34.16
N CYS V 279 1.75 50.92 -34.57
CA CYS V 279 1.00 49.78 -35.12
C CYS V 279 0.26 50.21 -36.38
N GLN V 280 0.73 49.78 -37.54
CA GLN V 280 0.36 50.40 -38.80
C GLN V 280 -0.02 49.35 -39.84
N THR V 281 -0.95 49.74 -40.72
CA THR V 281 -1.46 48.95 -41.83
C THR V 281 -1.46 49.82 -43.08
N PRO V 282 -1.52 49.20 -44.28
CA PRO V 282 -1.54 50.01 -45.52
C PRO V 282 -2.63 51.08 -45.55
N LYS V 283 -3.77 50.86 -44.90
CA LYS V 283 -4.75 51.93 -44.75
C LYS V 283 -4.24 53.01 -43.81
N GLY V 284 -3.83 52.63 -42.60
CA GLY V 284 -3.32 53.59 -41.65
C GLY V 284 -2.71 52.90 -40.46
N ALA V 285 -2.51 53.67 -39.39
CA ALA V 285 -1.90 53.17 -38.17
C ALA V 285 -2.90 53.24 -37.03
N ILE V 286 -2.71 52.35 -36.03
CA ILE V 286 -3.63 52.22 -34.91
C ILE V 286 -2.84 52.14 -33.62
N ASN V 287 -3.50 52.50 -32.52
CA ASN V 287 -2.94 52.36 -31.17
C ASN V 287 -4.05 51.87 -30.26
N THR V 288 -3.98 50.60 -29.89
CA THR V 288 -4.92 49.98 -28.97
C THR V 288 -4.36 48.63 -28.55
N SER V 289 -5.00 48.02 -27.54
CA SER V 289 -4.64 46.68 -27.09
C SER V 289 -5.79 45.70 -27.30
N LEU V 290 -6.77 46.06 -28.14
CA LEU V 290 -7.89 45.20 -28.42
C LEU V 290 -7.42 43.95 -29.16
N PRO V 291 -8.19 42.86 -29.10
CA PRO V 291 -7.78 41.62 -29.76
C PRO V 291 -8.31 41.41 -31.17
N PHE V 292 -9.04 42.38 -31.73
CA PHE V 292 -9.65 42.12 -33.05
C PHE V 292 -9.58 43.34 -33.95
N GLN V 293 -9.30 43.12 -35.24
CA GLN V 293 -9.18 44.24 -36.21
C GLN V 293 -10.15 44.02 -37.37
N ASN V 294 -10.57 45.09 -38.04
CA ASN V 294 -11.41 44.95 -39.26
C ASN V 294 -10.88 45.94 -40.30
N ILE V 295 -9.61 46.33 -40.16
CA ILE V 295 -9.01 47.35 -41.08
C ILE V 295 -8.22 46.85 -42.29
N HIS V 296 -7.24 45.97 -42.07
CA HIS V 296 -6.38 45.49 -43.20
C HIS V 296 -5.82 44.13 -42.75
N PRO V 297 -6.00 43.06 -43.54
CA PRO V 297 -5.52 41.72 -43.16
C PRO V 297 -4.05 41.51 -42.89
N ILE V 298 -3.18 42.23 -43.58
CA ILE V 298 -1.75 42.15 -43.34
C ILE V 298 -1.38 43.31 -42.44
N THR V 299 -0.61 43.04 -41.39
CA THR V 299 -0.27 44.04 -40.39
C THR V 299 1.24 43.97 -40.22
N ILE V 300 1.72 44.43 -39.06
CA ILE V 300 3.13 44.38 -38.72
C ILE V 300 3.27 44.64 -37.23
N GLY V 301 4.37 44.19 -36.64
CA GLY V 301 4.66 44.31 -35.21
C GLY V 301 3.50 43.65 -34.46
N LYS V 302 2.95 44.26 -33.43
CA LYS V 302 1.80 43.73 -32.71
C LYS V 302 0.53 44.42 -33.22
N CYS V 303 -0.42 43.63 -33.71
CA CYS V 303 -1.67 44.17 -34.23
C CYS V 303 -2.82 43.19 -34.02
N PRO V 304 -4.01 43.70 -33.70
CA PRO V 304 -5.15 42.80 -33.47
C PRO V 304 -5.48 41.96 -34.69
N LYS V 305 -6.16 40.85 -34.45
CA LYS V 305 -6.49 39.89 -35.50
C LYS V 305 -7.52 40.50 -36.44
N TYR V 306 -7.19 40.59 -37.73
CA TYR V 306 -8.10 41.16 -38.70
C TYR V 306 -9.24 40.19 -38.97
N VAL V 307 -10.47 40.66 -38.76
CA VAL V 307 -11.66 39.85 -39.06
C VAL V 307 -12.58 40.67 -39.95
N LYS V 308 -13.78 40.16 -40.19
CA LYS V 308 -14.75 40.78 -41.07
C LYS V 308 -15.97 41.31 -40.31
N SER V 309 -15.94 41.22 -38.98
CA SER V 309 -17.08 41.64 -38.18
C SER V 309 -17.21 43.16 -38.18
N THR V 310 -18.43 43.61 -37.84
CA THR V 310 -18.73 45.03 -37.69
C THR V 310 -18.88 45.47 -36.25
N LYS V 311 -19.36 44.58 -35.37
CA LYS V 311 -19.42 44.84 -33.94
C LYS V 311 -19.00 43.58 -33.21
N LEU V 312 -18.01 43.71 -32.32
CA LEU V 312 -17.53 42.62 -31.47
C LEU V 312 -17.37 43.07 -30.02
N ARG V 313 -18.39 43.75 -29.50
CA ARG V 313 -18.37 44.23 -28.13
C ARG V 313 -19.01 43.12 -27.30
N LEU V 314 -18.18 42.37 -26.58
CA LEU V 314 -18.70 41.35 -25.68
C LEU V 314 -19.42 41.98 -24.50
N ALA V 315 -20.44 41.29 -24.02
CA ALA V 315 -21.13 41.71 -22.81
C ALA V 315 -20.36 41.20 -21.60
N THR V 316 -19.99 42.13 -20.71
CA THR V 316 -19.47 41.75 -19.40
C THR V 316 -20.51 41.88 -18.31
N GLY V 317 -21.62 42.59 -18.57
CA GLY V 317 -22.51 43.04 -17.53
C GLY V 317 -23.95 42.58 -17.69
N LEU V 318 -24.73 42.88 -16.65
CA LEU V 318 -26.16 42.62 -16.62
C LEU V 318 -26.90 43.44 -17.67
N ARG V 319 -28.04 42.91 -18.11
CA ARG V 319 -28.99 43.71 -18.87
C ARG V 319 -29.44 44.90 -18.04
N ASN V 320 -29.34 46.10 -18.60
CA ASN V 320 -29.79 47.29 -17.90
C ASN V 320 -31.32 47.30 -17.84
N VAL V 321 -31.85 47.50 -16.64
CA VAL V 321 -33.29 47.51 -16.41
C VAL V 321 -33.62 48.73 -15.56
N PRO V 322 -34.38 49.70 -16.07
CA PRO V 322 -34.65 50.91 -15.27
C PRO V 322 -35.83 50.77 -14.32
N SER V 323 -36.18 49.54 -13.97
CA SER V 323 -37.29 49.24 -13.07
C SER V 323 -38.62 49.84 -13.56
N ASP W 1 -8.18 43.42 9.18
CA ASP W 1 -8.29 42.02 8.80
C ASP W 1 -7.07 41.53 8.04
N ILE W 2 -6.64 42.32 7.06
CA ILE W 2 -5.69 41.86 6.05
C ILE W 2 -4.48 42.80 6.13
N GLN W 3 -3.41 42.36 6.76
CA GLN W 3 -2.26 43.25 6.93
C GLN W 3 -1.31 43.15 5.73
N MET W 4 -0.52 44.20 5.55
CA MET W 4 0.14 44.49 4.28
C MET W 4 1.65 44.58 4.45
N THR W 5 2.38 43.73 3.74
CA THR W 5 3.84 43.76 3.71
C THR W 5 4.26 44.31 2.35
N GLN W 6 4.72 45.55 2.33
CA GLN W 6 5.14 46.21 1.09
C GLN W 6 6.64 46.40 1.13
N SER W 7 7.36 45.56 0.38
CA SER W 7 8.80 45.68 0.34
C SER W 7 9.27 46.24 -0.99
N PRO W 8 10.36 47.00 -1.01
CA PRO W 8 11.10 47.44 0.18
C PRO W 8 10.75 48.87 0.59
N ALA W 9 11.06 49.25 1.82
CA ALA W 9 10.65 50.56 2.32
C ALA W 9 11.25 51.70 1.50
N THR W 10 12.49 51.53 1.03
CA THR W 10 13.22 52.62 0.41
C THR W 10 14.00 52.13 -0.80
N LEU W 11 13.96 52.92 -1.87
CA LEU W 11 14.69 52.64 -3.10
C LEU W 11 15.29 53.90 -3.68
N SER W 12 16.42 53.74 -4.37
CA SER W 12 17.02 54.81 -5.15
C SER W 12 17.63 54.19 -6.40
N ALA W 13 17.08 54.55 -7.56
CA ALA W 13 17.54 54.01 -8.84
C ALA W 13 17.69 55.13 -9.84
N SER W 14 18.61 54.95 -10.79
CA SER W 14 18.85 55.97 -11.80
C SER W 14 17.75 55.94 -12.86
N VAL W 15 17.77 56.95 -13.73
CA VAL W 15 16.73 57.11 -14.74
C VAL W 15 16.75 55.95 -15.72
N GLY W 16 15.57 55.50 -16.15
CA GLY W 16 15.44 54.45 -17.13
C GLY W 16 15.47 53.05 -16.56
N ASP W 17 16.02 52.86 -15.36
CA ASP W 17 16.08 51.54 -14.75
C ASP W 17 14.68 51.02 -14.47
N ARG W 18 14.51 49.71 -14.64
CA ARG W 18 13.28 49.06 -14.19
C ARG W 18 13.24 49.01 -12.66
N VAL W 19 12.04 49.14 -12.12
CA VAL W 19 11.83 49.14 -10.67
C VAL W 19 10.68 48.21 -10.34
N SER W 20 10.82 47.44 -9.26
CA SER W 20 9.80 46.47 -8.86
C SER W 20 9.53 46.60 -7.37
N ILE W 21 8.26 46.81 -7.02
CA ILE W 21 7.78 46.90 -5.65
C ILE W 21 6.87 45.71 -5.39
N THR W 22 7.15 44.95 -4.34
CA THR W 22 6.40 43.75 -4.02
C THR W 22 5.43 44.04 -2.88
N CYS W 23 4.20 43.55 -3.01
CA CYS W 23 3.12 43.82 -2.06
C CYS W 23 2.46 42.51 -1.66
N ARG W 24 2.98 41.88 -0.61
CA ARG W 24 2.40 40.64 -0.11
C ARG W 24 1.27 40.93 0.86
N ALA W 25 0.20 40.14 0.74
CA ALA W 25 -0.99 40.26 1.55
C ALA W 25 -1.05 39.13 2.56
N SER W 26 -1.74 39.39 3.68
CA SER W 26 -1.89 38.35 4.69
C SER W 26 -2.78 37.21 4.24
N GLN W 27 -3.61 37.43 3.21
CA GLN W 27 -4.57 36.43 2.77
C GLN W 27 -4.65 36.48 1.24
N SER W 28 -5.73 35.93 0.70
CA SER W 28 -5.98 35.90 -0.74
C SER W 28 -6.96 37.00 -1.15
N ILE W 29 -6.72 37.57 -2.32
CA ILE W 29 -7.40 38.77 -2.78
C ILE W 29 -7.76 38.58 -4.25
N SER W 30 -7.74 37.31 -4.69
CA SER W 30 -7.92 36.97 -6.09
C SER W 30 -6.96 37.84 -6.87
N SER W 31 -7.48 38.75 -7.70
CA SER W 31 -6.66 39.74 -8.39
C SER W 31 -7.21 41.14 -8.14
N TRP W 32 -7.44 41.47 -6.87
CA TRP W 32 -8.10 42.73 -6.56
C TRP W 32 -7.27 43.65 -5.69
N LEU W 33 -6.14 44.12 -6.20
CA LEU W 33 -5.41 45.16 -5.50
C LEU W 33 -5.52 46.49 -6.23
N ALA W 34 -4.81 47.47 -5.68
CA ALA W 34 -4.66 48.78 -6.28
C ALA W 34 -3.28 49.30 -5.93
N TRP W 35 -2.82 50.24 -6.73
CA TRP W 35 -1.49 50.84 -6.61
C TRP W 35 -1.62 52.34 -6.79
N TYR W 36 -1.16 53.10 -5.80
CA TYR W 36 -1.28 54.55 -5.73
C TYR W 36 0.09 55.19 -5.67
N GLN W 37 0.22 56.32 -6.33
CA GLN W 37 1.41 57.16 -6.27
C GLN W 37 1.05 58.43 -5.51
N GLN W 38 1.51 58.54 -4.27
CA GLN W 38 1.36 59.77 -3.51
C GLN W 38 2.63 60.60 -3.70
N LYS W 39 2.51 61.67 -4.46
CA LYS W 39 3.58 62.64 -4.60
C LYS W 39 3.69 63.44 -3.31
N PRO W 40 4.81 64.12 -3.09
CA PRO W 40 5.02 64.82 -1.79
C PRO W 40 3.95 65.87 -1.53
N GLY W 41 3.26 65.73 -0.40
CA GLY W 41 2.29 66.72 0.05
C GLY W 41 1.13 66.93 -0.90
N LYS W 42 0.69 65.87 -1.59
CA LYS W 42 -0.40 65.95 -2.54
C LYS W 42 -1.35 64.78 -2.32
N ALA W 43 -2.46 64.80 -3.04
CA ALA W 43 -3.37 63.66 -3.03
C ALA W 43 -2.70 62.45 -3.67
N PRO W 44 -2.94 61.25 -3.17
CA PRO W 44 -2.41 60.06 -3.84
C PRO W 44 -3.12 59.84 -5.16
N LYS W 45 -2.35 59.42 -6.16
CA LYS W 45 -2.83 59.21 -7.53
C LYS W 45 -2.85 57.72 -7.80
N LEU W 46 -4.03 57.19 -8.14
CA LEU W 46 -4.18 55.76 -8.36
C LEU W 46 -3.44 55.36 -9.62
N LEU W 47 -2.50 54.42 -9.49
CA LEU W 47 -1.77 53.95 -10.66
C LEU W 47 -2.49 52.78 -11.33
N ILE W 48 -2.85 51.76 -10.56
CA ILE W 48 -3.35 50.51 -11.13
C ILE W 48 -4.49 49.96 -10.28
N TYR W 49 -5.54 49.50 -10.94
CA TYR W 49 -6.60 48.72 -10.31
C TYR W 49 -6.62 47.32 -10.93
N LYS W 50 -7.40 46.43 -10.32
CA LYS W 50 -7.33 44.99 -10.61
C LYS W 50 -5.95 44.39 -10.37
N ALA W 51 -5.04 45.17 -9.79
CA ALA W 51 -3.64 44.71 -9.60
C ALA W 51 -2.97 44.64 -10.98
N SER W 52 -3.76 44.74 -12.06
CA SER W 52 -3.21 44.67 -13.41
C SER W 52 -3.84 45.58 -14.49
N SER W 53 -4.82 46.40 -14.11
CA SER W 53 -5.54 47.25 -15.09
C SER W 53 -4.91 48.63 -14.93
N LEU W 54 -4.44 49.24 -16.02
CA LEU W 54 -3.83 50.55 -15.95
C LEU W 54 -4.91 51.63 -16.06
N GLU W 55 -4.91 52.57 -15.12
CA GLU W 55 -5.86 53.67 -15.20
C GLU W 55 -5.55 54.55 -16.40
N SER W 56 -6.60 55.15 -16.96
CA SER W 56 -6.42 56.06 -18.09
C SER W 56 -5.52 57.22 -17.70
N GLY W 57 -4.76 57.70 -18.68
CA GLY W 57 -3.85 58.81 -18.44
C GLY W 57 -2.65 58.49 -17.59
N VAL W 58 -2.31 57.21 -17.43
CA VAL W 58 -1.12 56.80 -16.70
C VAL W 58 -0.10 56.30 -17.72
N PRO W 59 1.18 56.66 -17.59
CA PRO W 59 2.17 56.19 -18.57
C PRO W 59 2.25 54.66 -18.62
N SER W 60 2.38 54.13 -19.84
CA SER W 60 2.41 52.69 -20.06
C SER W 60 3.60 52.00 -19.40
N ARG W 61 4.57 52.76 -18.88
CA ARG W 61 5.72 52.16 -18.20
C ARG W 61 5.33 51.45 -16.91
N PHE W 62 4.17 51.77 -16.35
CA PHE W 62 3.69 51.12 -15.13
C PHE W 62 2.94 49.85 -15.49
N SER W 63 3.29 48.73 -14.85
CA SER W 63 2.63 47.47 -15.08
C SER W 63 2.42 46.75 -13.75
N GLY W 64 1.22 46.23 -13.53
CA GLY W 64 0.95 45.49 -12.32
C GLY W 64 0.72 44.02 -12.63
N SER W 65 1.46 43.15 -11.96
CA SER W 65 1.36 41.71 -12.21
C SER W 65 1.06 41.00 -10.90
N GLY W 66 -0.04 40.26 -10.87
CA GLY W 66 -0.31 39.46 -9.68
C GLY W 66 -1.74 39.00 -9.46
N SER W 67 -1.85 37.84 -8.81
CA SER W 67 -3.12 37.36 -8.27
C SER W 67 -2.80 36.47 -7.07
N GLY W 68 -3.76 36.33 -6.19
CA GLY W 68 -3.56 35.54 -4.98
C GLY W 68 -2.97 36.39 -3.84
N SER W 69 -1.71 36.11 -3.48
CA SER W 69 -1.07 36.76 -2.36
C SER W 69 0.17 37.58 -2.73
N GLU W 70 0.70 37.44 -3.94
CA GLU W 70 1.89 38.16 -4.36
C GLU W 70 1.59 39.01 -5.59
N PHE W 71 1.96 40.29 -5.52
CA PHE W 71 1.73 41.23 -6.60
C PHE W 71 2.93 42.16 -6.69
N THR W 72 3.24 42.60 -7.90
CA THR W 72 4.39 43.45 -8.14
C THR W 72 4.02 44.60 -9.06
N LEU W 73 4.33 45.81 -8.59
CA LEU W 73 4.31 47.01 -9.42
C LEU W 73 5.67 47.16 -10.08
N THR W 74 5.69 47.31 -11.40
CA THR W 74 6.94 47.38 -12.14
C THR W 74 6.91 48.61 -13.04
N ILE W 75 7.85 49.52 -12.82
CA ILE W 75 8.06 50.65 -13.71
C ILE W 75 9.13 50.26 -14.72
N SER W 76 8.77 50.29 -16.01
CA SER W 76 9.67 49.80 -17.04
C SER W 76 10.87 50.72 -17.24
N SER W 77 10.63 52.03 -17.23
CA SER W 77 11.71 53.00 -17.34
C SER W 77 11.45 54.10 -16.32
N LEU W 78 12.23 54.12 -15.25
CA LEU W 78 12.05 55.11 -14.19
C LEU W 78 12.35 56.51 -14.73
N GLN W 79 11.43 57.43 -14.48
CA GLN W 79 11.52 58.80 -14.95
C GLN W 79 11.61 59.77 -13.78
N PRO W 80 12.07 61.01 -14.02
CA PRO W 80 12.14 61.99 -12.92
C PRO W 80 10.84 62.16 -12.15
N ASP W 81 9.73 62.34 -12.86
CA ASP W 81 8.44 62.60 -12.23
C ASP W 81 7.97 61.45 -11.34
N ASP W 82 8.59 60.28 -11.44
CA ASP W 82 8.13 59.11 -10.70
C ASP W 82 8.68 59.06 -9.28
N PHE W 83 9.23 60.17 -8.76
CA PHE W 83 9.71 60.24 -7.39
C PHE W 83 8.51 60.47 -6.46
N ALA W 84 8.18 59.47 -5.65
CA ALA W 84 7.03 59.56 -4.75
C ALA W 84 7.05 58.37 -3.80
N ILE W 85 5.99 58.28 -2.99
CA ILE W 85 5.74 57.12 -2.15
C ILE W 85 4.62 56.31 -2.80
N TYR W 86 4.83 55.02 -2.94
CA TYR W 86 3.93 54.14 -3.67
C TYR W 86 3.27 53.19 -2.68
N TYR W 87 1.94 53.22 -2.62
CA TYR W 87 1.19 52.37 -1.71
C TYR W 87 0.39 51.36 -2.50
N CYS W 88 0.13 50.20 -1.87
CA CYS W 88 -0.71 49.16 -2.45
C CYS W 88 -1.93 48.98 -1.56
N GLN W 89 -3.12 49.16 -2.14
CA GLN W 89 -4.39 49.06 -1.45
C GLN W 89 -5.07 47.74 -1.78
N GLN W 90 -6.01 47.33 -0.92
CA GLN W 90 -6.75 46.10 -1.08
C GLN W 90 -8.23 46.36 -0.83
N TYR W 91 -9.05 46.09 -1.84
CA TYR W 91 -10.49 46.21 -1.76
C TYR W 91 -11.26 44.89 -1.83
N ASN W 92 -10.60 43.78 -1.52
CA ASN W 92 -11.32 42.51 -1.41
C ASN W 92 -12.28 42.51 -0.23
N SER W 93 -11.78 42.84 0.95
CA SER W 93 -12.55 42.76 2.18
C SER W 93 -12.34 44.01 3.03
N TYR W 94 -13.42 44.46 3.68
CA TYR W 94 -13.28 45.57 4.61
C TYR W 94 -12.73 45.07 5.95
N PRO W 95 -11.94 45.90 6.66
CA PRO W 95 -11.56 47.26 6.29
C PRO W 95 -10.48 47.32 5.22
N TRP W 96 -10.55 48.33 4.36
CA TRP W 96 -9.54 48.51 3.32
C TRP W 96 -8.21 48.85 3.97
N THR W 97 -7.17 48.10 3.62
CA THR W 97 -5.86 48.23 4.23
C THR W 97 -4.84 48.67 3.18
N PHE W 98 -3.89 49.49 3.60
CA PHE W 98 -2.80 49.93 2.75
C PHE W 98 -1.49 49.33 3.23
N GLY W 99 -0.56 49.18 2.28
CA GLY W 99 0.80 48.88 2.65
C GLY W 99 1.46 50.04 3.34
N GLN W 100 2.58 49.74 4.01
CA GLN W 100 3.37 50.80 4.64
C GLN W 100 3.89 51.82 3.63
N GLY W 101 3.82 51.52 2.35
CA GLY W 101 4.36 52.41 1.34
C GLY W 101 5.82 52.12 1.05
N THR W 102 6.23 52.45 -0.17
CA THR W 102 7.61 52.30 -0.61
C THR W 102 8.06 53.62 -1.20
N LYS W 103 9.18 54.14 -0.71
CA LYS W 103 9.70 55.41 -1.17
C LYS W 103 10.66 55.17 -2.32
N VAL W 104 10.41 55.79 -3.48
CA VAL W 104 11.28 55.61 -4.63
C VAL W 104 12.02 56.93 -4.86
N GLU W 105 13.33 56.91 -4.65
CA GLU W 105 14.20 58.04 -4.96
C GLU W 105 15.00 57.73 -6.22
N ILE W 106 15.72 58.74 -6.71
CA ILE W 106 16.34 58.69 -8.04
C ILE W 106 17.83 58.96 -7.91
N LYS W 107 18.64 57.97 -8.28
CA LYS W 107 20.09 58.15 -8.31
C LYS W 107 20.49 58.98 -9.53
N ARG W 108 21.26 60.04 -9.29
CA ARG W 108 21.63 60.95 -10.35
C ARG W 108 23.08 61.40 -10.20
N THR W 109 23.51 62.24 -11.13
CA THR W 109 24.86 62.78 -11.11
C THR W 109 25.06 63.69 -9.90
N VAL W 110 26.25 63.64 -9.31
CA VAL W 110 26.56 64.47 -8.16
C VAL W 110 26.60 65.93 -8.60
N ALA W 111 25.71 66.73 -8.04
CA ALA W 111 25.55 68.13 -8.43
C ALA W 111 25.97 69.03 -7.28
N ALA W 112 26.77 70.05 -7.59
CA ALA W 112 27.21 71.02 -6.60
C ALA W 112 26.09 72.00 -6.27
N PRO W 113 26.03 72.49 -5.04
CA PRO W 113 24.99 73.44 -4.66
C PRO W 113 25.35 74.86 -5.06
N SER W 114 24.35 75.73 -4.99
CA SER W 114 24.57 77.18 -5.05
C SER W 114 24.19 77.75 -3.70
N VAL W 115 25.10 78.54 -3.11
CA VAL W 115 24.99 78.97 -1.72
C VAL W 115 24.69 80.45 -1.67
N PHE W 116 23.75 80.82 -0.81
CA PHE W 116 23.37 82.22 -0.59
C PHE W 116 23.17 82.45 0.90
N ILE W 117 23.44 83.68 1.34
CA ILE W 117 23.20 84.05 2.73
C ILE W 117 22.26 85.24 2.76
N PHE W 118 21.26 85.17 3.64
CA PHE W 118 20.35 86.26 3.86
C PHE W 118 20.54 86.78 5.29
N PRO W 119 20.93 88.04 5.42
CA PRO W 119 21.14 88.65 6.73
C PRO W 119 19.82 88.82 7.47
N PRO W 120 19.87 89.03 8.79
CA PRO W 120 18.64 89.21 9.56
C PRO W 120 17.88 90.45 9.12
N SER W 121 16.56 90.37 9.25
CA SER W 121 15.70 91.53 8.99
C SER W 121 15.80 92.51 10.15
N ASP W 122 16.09 93.78 9.84
CA ASP W 122 16.14 94.81 10.87
C ASP W 122 14.81 94.93 11.60
N GLU W 123 13.70 94.73 10.88
CA GLU W 123 12.39 94.60 11.51
C GLU W 123 12.42 93.56 12.61
N GLN W 124 12.96 92.38 12.30
CA GLN W 124 13.05 91.31 13.29
C GLN W 124 13.99 91.68 14.42
N LEU W 125 15.10 92.36 14.11
CA LEU W 125 16.04 92.77 15.14
C LEU W 125 15.40 93.71 16.14
N LYS W 126 14.53 94.60 15.67
CA LYS W 126 13.84 95.50 16.60
C LYS W 126 12.91 94.73 17.54
N SER W 127 12.38 93.59 17.10
CA SER W 127 11.59 92.73 17.98
C SER W 127 12.46 91.92 18.95
N GLY W 128 13.77 92.18 18.99
CA GLY W 128 14.66 91.53 19.91
C GLY W 128 15.20 90.19 19.45
N THR W 129 14.73 89.67 18.33
CA THR W 129 15.16 88.37 17.82
C THR W 129 16.06 88.56 16.61
N ALA W 130 16.82 87.52 16.28
CA ALA W 130 17.79 87.60 15.21
C ALA W 130 17.98 86.23 14.59
N SER W 131 18.06 86.19 13.26
CA SER W 131 18.22 84.94 12.54
C SER W 131 18.83 85.22 11.18
N VAL W 132 19.78 84.37 10.77
CA VAL W 132 20.45 84.47 9.48
C VAL W 132 20.37 83.12 8.78
N VAL W 133 20.19 83.14 7.46
CA VAL W 133 19.94 81.90 6.74
C VAL W 133 21.00 81.67 5.68
N CYS W 134 21.58 80.47 5.66
CA CYS W 134 22.32 80.00 4.52
C CYS W 134 21.45 79.03 3.71
N LEU W 135 21.67 79.05 2.40
CA LEU W 135 20.80 78.39 1.43
C LEU W 135 21.67 77.64 0.43
N LEU W 136 21.37 76.35 0.25
CA LEU W 136 22.05 75.48 -0.69
C LEU W 136 21.01 74.97 -1.68
N ASN W 137 21.07 75.43 -2.92
CA ASN W 137 20.09 75.07 -3.95
C ASN W 137 20.68 74.07 -4.94
N ASN W 138 19.83 73.13 -5.36
CA ASN W 138 20.09 72.25 -6.49
C ASN W 138 21.43 71.53 -6.33
N PHE W 139 21.50 70.71 -5.28
CA PHE W 139 22.64 69.85 -5.04
C PHE W 139 22.19 68.39 -5.02
N TYR W 140 23.16 67.49 -5.15
CA TYR W 140 22.96 66.07 -5.11
C TYR W 140 24.27 65.49 -4.63
N PRO W 141 24.28 64.63 -3.59
CA PRO W 141 23.12 64.11 -2.85
C PRO W 141 22.71 64.99 -1.67
N ARG W 142 21.79 64.47 -0.84
CA ARG W 142 21.26 65.27 0.27
C ARG W 142 22.34 65.70 1.24
N GLU W 143 23.09 64.73 1.78
CA GLU W 143 23.94 65.02 2.93
C GLU W 143 25.12 65.90 2.51
N ALA W 144 25.15 67.12 3.05
CA ALA W 144 26.29 68.00 3.06
C ALA W 144 26.40 68.58 4.47
N LYS W 145 27.43 69.38 4.72
CA LYS W 145 27.52 70.11 5.98
C LYS W 145 27.44 71.60 5.74
N VAL W 146 26.65 72.26 6.57
CA VAL W 146 26.60 73.72 6.64
C VAL W 146 26.93 74.08 8.08
N GLN W 147 28.16 74.52 8.31
CA GLN W 147 28.57 75.01 9.62
C GLN W 147 28.62 76.53 9.60
N TRP W 148 28.61 77.12 10.80
CA TRP W 148 28.50 78.55 10.97
C TRP W 148 29.76 79.09 11.63
N LYS W 149 30.21 80.30 11.22
CA LYS W 149 31.46 80.89 11.70
C LYS W 149 31.25 82.36 12.06
N VAL W 150 30.76 82.60 13.27
CA VAL W 150 30.70 83.96 13.81
C VAL W 150 32.05 84.30 14.43
N ASP W 151 32.67 85.38 13.93
CA ASP W 151 34.02 85.78 14.34
C ASP W 151 35.00 84.61 14.20
N ASN W 152 34.83 83.84 13.12
CA ASN W 152 35.64 82.67 12.83
C ASN W 152 35.64 81.66 13.97
N ALA W 153 34.55 81.61 14.72
CA ALA W 153 34.36 80.66 15.81
C ALA W 153 33.14 79.82 15.51
N LEU W 154 33.33 78.51 15.39
CA LEU W 154 32.25 77.61 15.00
C LEU W 154 31.18 77.58 16.09
N GLN W 155 29.96 77.98 15.74
CA GLN W 155 28.83 77.86 16.66
C GLN W 155 28.45 76.40 16.81
N SER W 156 28.52 75.91 18.04
CA SER W 156 28.29 74.50 18.30
C SER W 156 26.86 74.11 17.94
N GLY W 157 25.88 74.94 18.30
CA GLY W 157 24.50 74.67 17.97
C GLY W 157 23.77 75.90 17.44
N ASN W 158 22.57 76.12 17.93
CA ASN W 158 21.76 77.31 17.64
C ASN W 158 21.34 77.39 16.18
N SER W 159 21.37 76.27 15.46
CA SER W 159 21.11 76.25 14.03
C SER W 159 20.22 75.06 13.70
N GLN W 160 19.02 75.31 13.22
CA GLN W 160 18.21 74.21 12.68
C GLN W 160 18.38 74.15 11.17
N GLU W 161 17.86 73.08 10.59
CA GLU W 161 18.18 72.75 9.21
C GLU W 161 17.01 72.04 8.56
N SER W 162 16.65 72.47 7.35
CA SER W 162 15.55 71.89 6.60
C SER W 162 16.03 71.47 5.22
N VAL W 163 15.51 70.35 4.72
CA VAL W 163 15.94 69.77 3.45
C VAL W 163 14.69 69.55 2.59
N THR W 164 14.66 70.17 1.42
CA THR W 164 13.58 69.90 0.48
C THR W 164 13.65 68.45 0.02
N GLU W 165 12.51 67.93 -0.41
CA GLU W 165 12.52 66.62 -1.02
C GLU W 165 12.94 66.72 -2.49
N GLN W 166 13.13 65.57 -3.11
CA GLN W 166 13.68 65.52 -4.46
C GLN W 166 12.76 66.24 -5.44
N ASP W 167 13.29 67.27 -6.08
CA ASP W 167 12.54 67.97 -7.11
C ASP W 167 12.08 66.99 -8.17
N SER W 168 10.83 67.13 -8.62
CA SER W 168 10.32 66.19 -9.62
C SER W 168 11.05 66.35 -10.94
N LYS W 169 11.36 67.58 -11.34
CA LYS W 169 12.02 67.83 -12.61
C LYS W 169 13.50 67.47 -12.53
N ASP W 170 14.27 68.23 -11.74
CA ASP W 170 15.70 68.06 -11.72
C ASP W 170 16.17 66.93 -10.81
N SER W 171 15.33 66.50 -9.86
CA SER W 171 15.74 65.62 -8.76
C SER W 171 17.03 66.13 -8.11
N THR W 172 17.02 67.42 -7.79
CA THR W 172 18.08 68.06 -7.03
C THR W 172 17.48 68.60 -5.74
N TYR W 173 18.21 68.44 -4.66
CA TYR W 173 17.73 68.81 -3.34
C TYR W 173 18.04 70.27 -3.01
N SER W 174 17.42 70.76 -1.95
CA SER W 174 17.67 72.12 -1.49
C SER W 174 17.57 72.14 0.02
N LEU W 175 18.51 72.84 0.65
CA LEU W 175 18.66 72.88 2.09
C LEU W 175 18.75 74.32 2.55
N SER W 176 18.19 74.57 3.73
CA SER W 176 18.30 75.87 4.38
C SER W 176 18.74 75.65 5.83
N SER W 177 19.84 76.28 6.20
CA SER W 177 20.31 76.28 7.59
C SER W 177 19.98 77.63 8.20
N THR W 178 19.16 77.61 9.24
CA THR W 178 18.69 78.82 9.90
C THR W 178 19.39 78.93 11.26
N LEU W 179 20.21 79.96 11.41
CA LEU W 179 20.86 80.28 12.67
C LEU W 179 19.97 81.28 13.42
N THR W 180 19.50 80.87 14.59
CA THR W 180 18.71 81.72 15.49
C THR W 180 19.54 81.92 16.75
N LEU W 181 20.09 83.14 16.91
CA LEU W 181 20.83 83.51 18.15
C LEU W 181 20.31 84.88 18.59
N SER W 182 19.15 84.92 19.25
CA SER W 182 18.54 86.22 19.65
C SER W 182 19.20 86.37 21.02
N LYS W 183 20.53 86.46 21.04
CA LYS W 183 21.26 86.73 22.31
C LYS W 183 21.70 88.19 22.22
N ALA W 184 20.76 89.13 22.38
CA ALA W 184 21.06 90.56 22.20
C ALA W 184 21.46 90.80 20.74
N ASP W 185 21.15 89.85 19.85
CA ASP W 185 21.55 89.97 18.43
C ASP W 185 23.08 89.91 18.37
N TYR W 186 23.74 89.89 19.53
CA TYR W 186 25.21 89.70 19.58
C TYR W 186 25.93 90.40 18.41
N GLU W 187 25.50 91.60 18.03
CA GLU W 187 26.24 92.35 16.98
C GLU W 187 27.69 92.51 17.44
N LYS W 188 27.97 92.20 18.71
CA LYS W 188 29.29 92.30 19.27
C LYS W 188 30.20 91.83 18.15
N HIS W 189 29.90 90.68 17.54
CA HIS W 189 30.62 90.16 16.39
C HIS W 189 30.46 90.78 15.01
N LYS W 190 31.57 91.01 14.32
CA LYS W 190 31.57 91.70 13.03
C LYS W 190 31.83 90.70 11.90
N VAL W 191 31.53 89.42 12.14
CA VAL W 191 31.75 88.37 11.17
C VAL W 191 30.58 87.39 11.21
N TYR W 192 30.06 87.04 10.04
CA TYR W 192 29.10 85.95 9.91
C TYR W 192 29.45 85.17 8.64
N ALA W 193 29.78 83.89 8.80
CA ALA W 193 30.15 83.06 7.66
C ALA W 193 29.55 81.68 7.83
N CYS W 194 29.40 80.96 6.72
CA CYS W 194 28.97 79.57 6.82
C CYS W 194 29.77 78.69 5.86
N GLU W 195 30.49 77.73 6.44
CA GLU W 195 31.22 76.70 5.71
C GLU W 195 30.23 75.75 5.06
N VAL W 196 30.20 75.73 3.74
CA VAL W 196 29.42 74.76 2.98
C VAL W 196 30.38 73.73 2.42
N THR W 197 30.23 72.49 2.88
CA THR W 197 31.10 71.38 2.48
C THR W 197 30.21 70.30 1.88
N HIS W 198 30.40 70.04 0.59
CA HIS W 198 29.60 69.06 -0.13
C HIS W 198 30.52 68.19 -0.97
N GLN W 199 30.01 67.01 -1.34
CA GLN W 199 30.78 66.09 -2.16
C GLN W 199 31.17 66.71 -3.50
N GLY W 200 30.30 67.54 -4.06
CA GLY W 200 30.55 68.23 -5.31
C GLY W 200 31.45 69.44 -5.23
N LEU W 201 32.05 69.68 -4.07
CA LEU W 201 33.02 70.75 -3.89
C LEU W 201 34.35 70.14 -3.50
N SER W 202 35.37 70.35 -4.34
CA SER W 202 36.71 69.87 -4.00
C SER W 202 37.22 70.55 -2.73
N SER W 203 36.93 71.84 -2.58
CA SER W 203 37.25 72.59 -1.37
C SER W 203 35.99 73.26 -0.85
N PRO W 204 35.86 73.40 0.47
CA PRO W 204 34.68 74.04 1.03
C PRO W 204 34.51 75.47 0.50
N VAL W 205 33.25 75.89 0.38
CA VAL W 205 32.94 77.27 0.00
C VAL W 205 32.32 77.96 1.19
N THR W 206 32.87 79.12 1.55
CA THR W 206 32.42 79.87 2.72
C THR W 206 32.02 81.27 2.27
N LYS W 207 30.76 81.62 2.51
CA LYS W 207 30.25 82.94 2.24
C LYS W 207 29.96 83.65 3.56
N SER W 208 29.99 84.99 3.52
CA SER W 208 30.11 85.77 4.74
C SER W 208 29.61 87.20 4.52
N PHE W 209 29.38 87.88 5.64
CA PHE W 209 28.94 89.27 5.70
C PHE W 209 29.15 89.78 7.12
N ASN W 210 29.28 91.11 7.27
CA ASN W 210 29.71 91.70 8.53
C ASN W 210 28.59 92.35 9.34
N ARG W 211 28.07 93.49 8.89
CA ARG W 211 26.92 94.09 9.58
C ARG W 211 25.97 94.53 8.48
N GLY W 212 24.89 93.79 8.31
CA GLY W 212 24.03 94.00 7.15
C GLY W 212 24.80 93.71 5.88
N GLN X 1 -15.18 66.84 -14.90
CA GLN X 1 -14.48 66.25 -13.76
C GLN X 1 -15.04 66.78 -12.44
N VAL X 2 -14.94 65.96 -11.39
CA VAL X 2 -15.49 66.27 -10.07
C VAL X 2 -14.35 66.69 -9.17
N GLN X 3 -14.60 67.66 -8.28
CA GLN X 3 -13.54 68.16 -7.42
C GLN X 3 -13.95 68.13 -5.96
N LEU X 4 -13.00 67.75 -5.10
CA LEU X 4 -13.24 67.55 -3.67
C LEU X 4 -12.30 68.45 -2.88
N GLN X 5 -12.87 69.39 -2.12
CA GLN X 5 -12.09 70.20 -1.21
C GLN X 5 -12.41 69.81 0.23
N GLU X 6 -11.51 70.18 1.13
CA GLU X 6 -11.57 69.71 2.52
C GLU X 6 -11.44 70.89 3.47
N SER X 7 -12.25 70.87 4.53
CA SER X 7 -12.25 71.93 5.52
C SER X 7 -12.19 71.33 6.91
N GLY X 8 -11.22 71.79 7.70
CA GLY X 8 -11.02 71.34 9.05
C GLY X 8 -10.48 72.45 9.93
N PRO X 9 -10.54 72.26 11.25
CA PRO X 9 -10.18 73.34 12.17
C PRO X 9 -8.68 73.56 12.31
N GLY X 10 -7.85 72.62 11.88
CA GLY X 10 -6.41 72.75 12.13
C GLY X 10 -5.98 72.33 13.51
N LEU X 11 -6.64 72.83 14.55
CA LEU X 11 -6.42 72.40 15.92
C LEU X 11 -7.73 71.92 16.53
N VAL X 12 -7.67 70.79 17.23
CA VAL X 12 -8.75 70.32 18.09
C VAL X 12 -8.14 69.93 19.42
N LYS X 13 -8.73 70.45 20.50
CA LYS X 13 -8.18 70.18 21.86
C LYS X 13 -8.27 68.67 22.05
N PRO X 14 -7.50 68.02 22.95
CA PRO X 14 -7.69 66.59 23.21
C PRO X 14 -9.09 66.28 23.74
N SER X 15 -9.64 65.11 23.39
CA SER X 15 -10.95 64.67 23.95
C SER X 15 -12.11 65.53 23.46
N GLU X 16 -11.86 66.45 22.52
CA GLU X 16 -12.98 67.24 21.95
C GLU X 16 -13.62 66.42 20.81
N THR X 17 -14.54 67.03 20.05
CA THR X 17 -15.11 66.30 18.92
C THR X 17 -14.61 66.96 17.63
N LEU X 18 -13.86 66.20 16.84
CA LEU X 18 -13.39 66.69 15.55
C LEU X 18 -14.50 66.63 14.52
N SER X 19 -14.73 67.74 13.84
CA SER X 19 -15.70 67.82 12.74
C SER X 19 -14.97 68.27 11.49
N LEU X 20 -15.03 67.44 10.45
CA LEU X 20 -14.42 67.73 9.16
C LEU X 20 -15.50 67.73 8.09
N THR X 21 -15.37 68.63 7.11
CA THR X 21 -16.35 68.71 6.03
C THR X 21 -15.64 68.69 4.69
N CYS X 22 -15.96 67.68 3.88
CA CYS X 22 -15.53 67.61 2.49
C CYS X 22 -16.65 68.17 1.62
N SER X 23 -16.29 69.14 0.77
CA SER X 23 -17.22 69.80 -0.13
C SER X 23 -16.97 69.35 -1.57
N VAL X 24 -18.06 69.12 -2.29
CA VAL X 24 -18.04 68.50 -3.61
C VAL X 24 -18.47 69.52 -4.66
N SER X 25 -17.78 69.52 -5.79
CA SER X 25 -18.16 70.35 -6.92
C SER X 25 -18.30 69.46 -8.15
N GLY X 26 -19.51 69.41 -8.70
CA GLY X 26 -19.78 68.72 -9.95
C GLY X 26 -20.35 67.32 -9.84
N ALA X 27 -21.11 67.02 -8.79
CA ALA X 27 -21.65 65.68 -8.62
C ALA X 27 -22.80 65.70 -7.64
N SER X 28 -23.76 64.80 -7.86
CA SER X 28 -24.86 64.58 -6.92
C SER X 28 -24.38 63.62 -5.84
N ILE X 29 -24.25 64.13 -4.62
CA ILE X 29 -23.71 63.32 -3.52
C ILE X 29 -24.62 62.14 -3.20
N SER X 30 -25.93 62.30 -3.40
CA SER X 30 -26.87 61.22 -3.16
C SER X 30 -26.62 59.99 -4.02
N SER X 31 -25.72 60.07 -4.99
CA SER X 31 -25.48 58.99 -5.94
C SER X 31 -24.14 58.28 -5.74
N TYR X 32 -23.31 58.75 -4.81
CA TYR X 32 -21.99 58.17 -4.59
C TYR X 32 -21.77 57.92 -3.11
N TYR X 33 -21.07 56.82 -2.81
CA TYR X 33 -20.48 56.68 -1.49
C TYR X 33 -19.30 57.62 -1.34
N TRP X 34 -19.04 58.03 -0.11
CA TRP X 34 -17.99 58.97 0.18
C TRP X 34 -16.97 58.45 1.19
N ILE X 35 -15.70 58.64 0.87
CA ILE X 35 -14.61 58.02 1.57
C ILE X 35 -13.71 58.92 2.40
N TRP X 36 -13.40 58.49 3.61
CA TRP X 36 -12.51 59.22 4.49
C TRP X 36 -11.32 58.32 4.79
N ILE X 37 -10.12 58.90 4.63
CA ILE X 37 -8.83 58.20 4.73
C ILE X 37 -7.87 59.13 5.46
N ARG X 38 -6.90 58.55 6.16
CA ARG X 38 -6.01 59.33 7.01
C ARG X 38 -4.55 58.93 6.83
N GLN X 39 -3.65 59.85 7.23
CA GLN X 39 -2.21 59.65 7.16
C GLN X 39 -1.51 60.41 8.29
N PRO X 40 -1.00 59.72 9.34
CA PRO X 40 -0.26 60.41 10.39
C PRO X 40 1.17 60.73 9.92
N ALA X 41 1.58 61.99 10.05
CA ALA X 41 2.95 62.38 9.68
C ALA X 41 3.37 61.75 8.36
N GLY X 42 4.48 61.00 8.37
CA GLY X 42 4.95 60.33 7.14
C GLY X 42 4.62 58.86 7.28
N LYS X 43 3.69 58.52 8.17
CA LYS X 43 3.37 57.11 8.40
C LYS X 43 2.38 56.62 7.35
N GLY X 44 1.91 55.38 7.51
CA GLY X 44 1.07 54.78 6.49
C GLY X 44 -0.34 55.36 6.47
N LEU X 45 -1.02 55.09 5.37
CA LEU X 45 -2.40 55.53 5.19
C LEU X 45 -3.34 54.66 6.02
N GLU X 46 -4.57 55.13 6.16
CA GLU X 46 -5.57 54.36 6.89
C GLU X 46 -6.96 54.73 6.38
N TRP X 47 -7.72 53.71 6.00
CA TRP X 47 -9.10 53.88 5.56
C TRP X 47 -9.99 54.13 6.77
N ILE X 48 -10.53 55.35 6.88
CA ILE X 48 -11.45 55.65 7.98
C ILE X 48 -12.80 54.99 7.73
N GLY X 49 -13.43 55.29 6.61
CA GLY X 49 -14.70 54.64 6.34
C GLY X 49 -15.44 55.24 5.15
N ARG X 50 -16.71 54.82 5.04
CA ARG X 50 -17.57 55.04 3.90
C ARG X 50 -18.99 55.31 4.34
N PHE X 51 -19.66 56.25 3.66
CA PHE X 51 -21.05 56.57 3.96
C PHE X 51 -21.80 56.85 2.67
N TYR X 52 -23.10 56.56 2.69
CA TYR X 52 -23.98 56.77 1.55
C TYR X 52 -25.30 57.38 2.01
N THR X 53 -25.90 58.19 1.14
CA THR X 53 -27.19 58.80 1.44
C THR X 53 -28.28 57.75 1.51
N SER X 54 -28.44 56.97 0.45
CA SER X 54 -29.40 55.87 0.42
C SER X 54 -28.68 54.53 0.54
N GLY X 55 -27.93 54.39 1.61
CA GLY X 55 -27.16 53.18 1.85
C GLY X 55 -26.85 53.02 3.31
N SER X 56 -25.97 52.06 3.60
CA SER X 56 -25.54 51.77 4.95
C SER X 56 -24.05 52.06 5.09
N PRO X 57 -23.65 52.87 6.06
CA PRO X 57 -22.23 53.18 6.23
C PRO X 57 -21.46 52.04 6.89
N ASN X 58 -20.15 52.03 6.65
CA ASN X 58 -19.25 51.08 7.29
C ASN X 58 -17.96 51.80 7.63
N TYR X 59 -17.46 51.57 8.84
CA TYR X 59 -16.31 52.29 9.37
C TYR X 59 -15.22 51.32 9.78
N ASN X 60 -14.00 51.85 9.91
CA ASN X 60 -12.89 51.05 10.38
C ASN X 60 -13.10 50.67 11.86
N PRO X 61 -12.79 49.43 12.24
CA PRO X 61 -13.07 49.02 13.63
C PRO X 61 -12.40 49.88 14.68
N SER X 62 -11.15 50.28 14.49
CA SER X 62 -10.44 51.05 15.50
C SER X 62 -11.10 52.39 15.77
N LEU X 63 -11.70 53.00 14.74
CA LEU X 63 -12.38 54.28 14.89
C LEU X 63 -13.89 54.15 15.01
N ARG X 64 -14.43 52.94 14.86
CA ARG X 64 -15.89 52.74 14.79
C ARG X 64 -16.61 53.40 15.96
N SER X 65 -16.14 53.16 17.18
CA SER X 65 -16.84 53.64 18.38
C SER X 65 -17.02 55.15 18.39
N ARG X 66 -16.22 55.89 17.64
CA ARG X 66 -16.16 57.33 17.75
C ARG X 66 -16.56 58.08 16.49
N VAL X 67 -16.66 57.41 15.35
CA VAL X 67 -16.91 58.07 14.07
C VAL X 67 -18.40 58.08 13.77
N THR X 68 -18.90 59.25 13.35
CA THR X 68 -20.21 59.39 12.73
C THR X 68 -20.04 60.17 11.44
N MET X 69 -20.50 59.60 10.34
CA MET X 69 -20.42 60.22 9.03
C MET X 69 -21.81 60.68 8.61
N SER X 70 -21.92 61.93 8.21
CA SER X 70 -23.19 62.49 7.76
C SER X 70 -23.02 63.19 6.43
N VAL X 71 -24.14 63.54 5.81
CA VAL X 71 -24.16 64.12 4.47
C VAL X 71 -25.19 65.23 4.42
N ASP X 72 -24.79 66.39 3.89
CA ASP X 72 -25.71 67.49 3.58
C ASP X 72 -25.87 67.53 2.07
N THR X 73 -27.00 67.02 1.57
CA THR X 73 -27.36 67.18 0.17
C THR X 73 -27.74 68.61 -0.16
N SER X 74 -28.17 69.39 0.85
CA SER X 74 -28.45 70.80 0.63
C SER X 74 -27.18 71.57 0.27
N LYS X 75 -26.13 71.40 1.06
CA LYS X 75 -24.88 72.12 0.86
C LYS X 75 -23.89 71.36 -0.01
N ASN X 76 -24.24 70.16 -0.47
CA ASN X 76 -23.30 69.27 -1.17
C ASN X 76 -22.00 69.11 -0.39
N GLN X 77 -22.13 68.48 0.78
CA GLN X 77 -20.97 68.18 1.61
C GLN X 77 -21.19 66.86 2.34
N PHE X 78 -20.11 66.32 2.88
CA PHE X 78 -20.24 65.24 3.86
C PHE X 78 -19.20 65.45 4.95
N SER X 79 -19.58 65.09 6.18
CA SER X 79 -18.81 65.46 7.36
C SER X 79 -18.48 64.24 8.21
N LEU X 80 -17.23 64.23 8.70
CA LEU X 80 -16.80 63.38 9.79
C LEU X 80 -17.04 64.05 11.13
N LYS X 81 -17.43 63.25 12.12
CA LYS X 81 -17.45 63.69 13.51
C LYS X 81 -16.86 62.57 14.36
N LEU X 82 -15.69 62.82 14.93
CA LEU X 82 -14.96 61.86 15.76
C LEU X 82 -14.99 62.32 17.20
N THR X 83 -15.37 61.43 18.12
CA THR X 83 -15.51 61.83 19.54
C THR X 83 -14.22 61.51 20.30
N SER X 84 -14.04 62.11 21.48
CA SER X 84 -12.85 61.82 22.33
C SER X 84 -11.59 61.75 21.46
N VAL X 85 -11.23 62.87 20.81
CA VAL X 85 -10.03 62.89 19.92
C VAL X 85 -8.80 62.54 20.75
N THR X 86 -7.80 61.90 20.13
CA THR X 86 -6.58 61.49 20.83
C THR X 86 -5.39 62.16 20.17
N ALA X 87 -4.28 62.21 20.90
CA ALA X 87 -3.05 62.73 20.32
C ALA X 87 -2.72 62.02 19.01
N ALA X 88 -2.86 60.69 18.97
CA ALA X 88 -2.57 59.95 17.75
C ALA X 88 -3.46 60.40 16.59
N ASP X 89 -4.66 60.92 16.87
CA ASP X 89 -5.56 61.34 15.81
C ASP X 89 -5.00 62.49 14.98
N THR X 90 -4.02 63.24 15.48
CA THR X 90 -3.44 64.33 14.69
C THR X 90 -2.77 63.76 13.45
N ALA X 91 -3.21 64.22 12.29
CA ALA X 91 -2.78 63.62 11.02
C ALA X 91 -3.37 64.42 9.87
N VAL X 92 -3.03 64.03 8.66
CA VAL X 92 -3.62 64.57 7.45
C VAL X 92 -4.84 63.75 7.11
N TYR X 93 -5.96 64.41 6.85
CA TYR X 93 -7.17 63.76 6.41
C TYR X 93 -7.36 63.99 4.92
N TYR X 94 -7.91 62.99 4.25
CA TYR X 94 -8.28 63.03 2.84
C TYR X 94 -9.69 62.49 2.68
N CYS X 95 -10.45 63.11 1.78
CA CYS X 95 -11.78 62.64 1.39
C CYS X 95 -11.76 62.25 -0.08
N ALA X 96 -12.36 61.11 -0.40
CA ALA X 96 -12.37 60.60 -1.75
C ALA X 96 -13.78 60.15 -2.13
N ARG X 97 -14.05 60.14 -3.43
CA ARG X 97 -15.33 59.71 -3.96
C ARG X 97 -15.34 58.22 -4.28
N GLU X 98 -16.40 57.53 -3.85
CA GLU X 98 -16.59 56.14 -4.23
C GLU X 98 -17.27 55.94 -5.58
N GLU X 99 -16.48 55.67 -6.61
CA GLU X 99 -16.99 55.51 -7.98
C GLU X 99 -18.00 54.36 -8.00
N HIS X 100 -18.71 54.21 -9.11
CA HIS X 100 -19.66 53.12 -9.24
C HIS X 100 -18.93 51.83 -9.61
N ILE X 101 -19.70 50.81 -9.95
CA ILE X 101 -19.16 49.50 -10.26
C ILE X 101 -18.45 49.56 -11.61
N THR X 102 -17.24 49.01 -11.66
CA THR X 102 -16.54 48.76 -12.91
C THR X 102 -16.21 47.27 -12.96
N PHE X 103 -15.65 46.82 -14.09
CA PHE X 103 -15.25 45.42 -14.18
C PHE X 103 -14.11 45.06 -13.24
N GLY X 104 -13.42 46.05 -12.67
CA GLY X 104 -12.33 45.79 -11.75
C GLY X 104 -12.69 46.03 -10.29
N GLY X 105 -13.96 46.02 -9.98
CA GLY X 105 -14.42 46.39 -8.67
C GLY X 105 -14.66 47.88 -8.59
N VAL X 106 -14.72 48.38 -7.38
CA VAL X 106 -15.03 49.78 -7.14
C VAL X 106 -13.74 50.58 -7.02
N ILE X 107 -13.72 51.75 -7.66
CA ILE X 107 -12.54 52.60 -7.76
C ILE X 107 -12.78 53.89 -6.97
N VAL X 108 -11.69 54.48 -6.48
CA VAL X 108 -11.71 55.83 -5.94
C VAL X 108 -10.75 56.66 -6.78
N ARG X 109 -11.28 57.25 -7.85
CA ARG X 109 -10.46 58.03 -8.77
C ARG X 109 -10.13 59.41 -8.23
N TYR X 110 -11.06 60.02 -7.49
CA TYR X 110 -11.02 61.44 -7.20
C TYR X 110 -10.71 61.64 -5.72
N TRP X 111 -9.80 62.56 -5.44
CA TRP X 111 -9.17 62.66 -4.13
C TRP X 111 -9.20 64.09 -3.63
N GLY X 112 -9.40 64.25 -2.32
CA GLY X 112 -9.37 65.55 -1.70
C GLY X 112 -7.97 66.12 -1.65
N GLN X 113 -7.86 67.29 -1.05
CA GLN X 113 -6.59 68.02 -0.99
C GLN X 113 -5.72 67.60 0.18
N GLY X 114 -6.32 67.15 1.28
CA GLY X 114 -5.56 66.81 2.46
C GLY X 114 -5.47 67.97 3.42
N THR X 115 -6.08 67.85 4.59
CA THR X 115 -6.05 68.90 5.60
C THR X 115 -5.47 68.32 6.88
N LEU X 116 -4.53 69.05 7.49
CA LEU X 116 -3.84 68.56 8.68
C LEU X 116 -4.63 69.00 9.91
N VAL X 117 -5.08 68.03 10.69
CA VAL X 117 -5.75 68.27 11.97
C VAL X 117 -4.73 67.95 13.06
N THR X 118 -4.45 68.95 13.89
CA THR X 118 -3.46 68.82 14.95
C THR X 118 -4.14 68.82 16.31
N VAL X 119 -3.85 67.80 17.11
CA VAL X 119 -4.44 67.64 18.44
C VAL X 119 -3.42 68.17 19.44
N SER X 120 -3.68 69.38 19.95
CA SER X 120 -2.79 70.00 20.93
C SER X 120 -3.50 70.96 21.89
N SER X 121 -3.08 70.98 23.16
CA SER X 121 -3.62 71.98 24.10
C SER X 121 -3.23 73.46 23.89
N ALA X 122 -2.42 73.73 22.87
CA ALA X 122 -2.00 75.08 22.57
C ALA X 122 -2.91 75.91 21.66
N SER X 123 -2.62 77.21 21.59
CA SER X 123 -3.48 78.17 20.91
C SER X 123 -3.06 78.34 19.45
N THR X 124 -3.93 79.00 18.68
CA THR X 124 -3.68 79.34 17.28
C THR X 124 -2.92 80.66 17.24
N LYS X 125 -1.59 80.59 17.17
CA LYS X 125 -0.75 81.78 17.17
C LYS X 125 -0.38 82.18 15.75
N GLY X 126 -0.33 83.48 15.52
CA GLY X 126 -0.13 84.01 14.19
C GLY X 126 1.32 84.11 13.78
N PRO X 127 1.58 84.02 12.49
CA PRO X 127 2.96 84.08 12.00
C PRO X 127 3.48 85.51 11.93
N SER X 128 4.81 85.62 11.89
CA SER X 128 5.50 86.87 11.68
C SER X 128 6.41 86.74 10.47
N VAL X 129 6.26 87.65 9.50
CA VAL X 129 6.96 87.56 8.23
C VAL X 129 8.12 88.54 8.21
N PHE X 130 9.30 88.05 7.82
CA PHE X 130 10.50 88.88 7.73
C PHE X 130 11.13 88.61 6.36
N PRO X 131 11.33 89.64 5.54
CA PRO X 131 11.89 89.42 4.21
C PRO X 131 13.34 88.94 4.27
N LEU X 132 13.72 88.14 3.26
CA LEU X 132 15.09 87.66 3.11
C LEU X 132 15.78 88.54 2.07
N ALA X 133 16.44 89.58 2.55
CA ALA X 133 17.14 90.49 1.67
C ALA X 133 18.21 89.73 0.88
N PRO X 134 18.43 90.08 -0.38
CA PRO X 134 19.36 89.30 -1.19
C PRO X 134 20.81 89.54 -0.79
N SER X 135 21.65 88.57 -1.16
CA SER X 135 23.07 88.83 -1.35
C SER X 135 23.27 89.50 -2.71
N SER X 136 22.58 90.64 -2.87
CA SER X 136 22.66 91.39 -4.13
C SER X 136 24.09 91.81 -4.44
N LYS X 137 24.92 91.96 -3.41
CA LYS X 137 26.33 92.25 -3.61
C LYS X 137 27.03 91.13 -4.37
N SER X 138 26.56 89.88 -4.19
CA SER X 138 27.25 88.72 -4.73
C SER X 138 26.27 87.75 -5.37
N THR X 139 25.32 88.27 -6.15
CA THR X 139 24.46 87.40 -6.94
C THR X 139 25.26 86.82 -8.11
N SER X 140 25.79 85.62 -7.93
CA SER X 140 26.64 85.00 -8.94
C SER X 140 25.91 84.91 -10.27
N GLY X 141 26.55 85.42 -11.32
CA GLY X 141 25.94 85.49 -12.63
C GLY X 141 24.57 86.15 -12.57
N GLY X 142 23.54 85.41 -12.95
CA GLY X 142 22.18 85.90 -12.83
C GLY X 142 21.49 85.33 -11.60
N THR X 143 22.10 84.33 -10.97
CA THR X 143 21.50 83.67 -9.82
C THR X 143 21.31 84.64 -8.66
N ALA X 144 20.07 85.06 -8.42
CA ALA X 144 19.73 86.00 -7.36
C ALA X 144 18.63 85.40 -6.50
N ALA X 145 18.93 85.13 -5.24
CA ALA X 145 17.99 84.45 -4.36
C ALA X 145 17.25 85.47 -3.49
N LEU X 146 15.93 85.27 -3.37
CA LEU X 146 15.08 86.15 -2.58
C LEU X 146 14.09 85.30 -1.80
N GLY X 147 13.81 85.69 -0.56
CA GLY X 147 12.97 84.84 0.26
C GLY X 147 12.13 85.58 1.27
N CYS X 148 11.26 84.80 1.91
CA CYS X 148 10.36 85.25 2.96
C CYS X 148 10.39 84.26 4.12
N LEU X 149 9.99 84.75 5.29
CA LEU X 149 10.13 83.99 6.53
C LEU X 149 8.79 83.95 7.25
N VAL X 150 8.20 82.78 7.38
CA VAL X 150 6.98 82.58 8.13
C VAL X 150 7.42 81.96 9.45
N LYS X 151 7.48 82.77 10.50
CA LYS X 151 8.07 82.33 11.76
C LYS X 151 7.09 82.46 12.92
N ASP X 152 7.29 81.60 13.91
CA ASP X 152 6.65 81.70 15.22
C ASP X 152 5.14 81.48 15.17
N TYR X 153 4.68 80.58 14.30
CA TYR X 153 3.27 80.26 14.14
C TYR X 153 3.05 78.84 14.63
N PHE X 154 2.03 78.64 15.46
CA PHE X 154 1.92 77.31 16.08
C PHE X 154 1.30 76.23 15.19
N PRO X 155 0.07 76.34 14.70
CA PRO X 155 -0.49 75.23 13.91
C PRO X 155 0.19 75.11 12.58
N GLU X 156 0.32 73.86 12.13
CA GLU X 156 1.15 73.53 10.99
C GLU X 156 0.62 74.09 9.68
N PRO X 157 -0.72 74.12 9.44
CA PRO X 157 -1.22 74.72 8.19
C PRO X 157 -0.64 76.09 7.91
N VAL X 158 0.18 76.18 6.86
CA VAL X 158 0.76 77.43 6.38
C VAL X 158 1.09 77.39 4.90
N THR X 159 0.82 78.51 4.22
CA THR X 159 0.97 78.60 2.78
C THR X 159 1.84 79.78 2.42
N VAL X 160 2.49 79.68 1.25
CA VAL X 160 3.33 80.74 0.70
C VAL X 160 3.14 80.78 -0.81
N SER X 161 2.75 81.93 -1.33
CA SER X 161 2.69 82.18 -2.76
C SER X 161 3.55 83.40 -3.09
N TRP X 162 3.90 83.54 -4.36
CA TRP X 162 4.81 84.58 -4.81
C TRP X 162 4.12 85.40 -5.90
N ASN X 163 4.07 86.72 -5.71
CA ASN X 163 3.32 87.62 -6.59
C ASN X 163 1.90 87.12 -6.81
N SER X 164 1.32 86.52 -5.77
CA SER X 164 -0.01 85.91 -5.84
C SER X 164 -0.10 84.88 -6.96
N GLY X 165 0.93 84.05 -7.10
CA GLY X 165 0.93 82.95 -8.03
C GLY X 165 1.62 83.22 -9.35
N ALA X 166 2.03 84.46 -9.61
CA ALA X 166 2.66 84.78 -10.89
C ALA X 166 4.05 84.15 -10.99
N LEU X 167 4.86 84.31 -9.94
CA LEU X 167 6.20 83.75 -9.93
C LEU X 167 6.11 82.24 -9.73
N THR X 168 6.43 81.48 -10.78
CA THR X 168 6.05 80.07 -10.85
C THR X 168 7.21 79.09 -10.90
N SER X 169 8.46 79.55 -11.00
CA SER X 169 9.59 78.64 -11.18
C SER X 169 10.72 79.03 -10.24
N GLY X 170 11.62 78.08 -10.01
CA GLY X 170 12.75 78.30 -9.13
C GLY X 170 12.38 78.57 -7.68
N VAL X 171 11.23 78.07 -7.24
CA VAL X 171 10.72 78.31 -5.90
C VAL X 171 11.00 77.07 -5.04
N HIS X 172 11.39 77.31 -3.78
CA HIS X 172 11.69 76.23 -2.83
C HIS X 172 11.07 76.60 -1.47
N THR X 173 9.76 76.45 -1.36
CA THR X 173 9.09 76.63 -0.07
C THR X 173 9.49 75.45 0.82
N PHE X 174 10.43 75.69 1.73
CA PHE X 174 11.05 74.67 2.55
C PHE X 174 10.04 73.97 3.46
N PRO X 175 10.42 72.88 4.12
CA PRO X 175 9.55 72.33 5.15
C PRO X 175 9.56 73.18 6.40
N ALA X 176 8.48 73.09 7.17
CA ALA X 176 8.39 73.78 8.45
C ALA X 176 9.27 73.05 9.48
N VAL X 177 9.98 73.83 10.29
CA VAL X 177 10.90 73.30 11.30
C VAL X 177 10.40 73.73 12.66
N LEU X 178 10.21 72.77 13.56
CA LEU X 178 9.86 73.08 14.94
C LEU X 178 11.07 73.68 15.65
N GLN X 179 10.87 74.83 16.30
CA GLN X 179 11.90 75.48 17.09
C GLN X 179 11.74 75.09 18.55
N SER X 180 12.79 75.41 19.33
CA SER X 180 12.79 75.04 20.75
C SER X 180 11.64 75.72 21.49
N SER X 181 11.14 76.84 20.97
CA SER X 181 10.04 77.56 21.59
C SER X 181 8.71 76.85 21.44
N GLY X 182 8.65 75.73 20.71
CA GLY X 182 7.39 75.11 20.40
C GLY X 182 6.68 75.72 19.20
N LEU X 183 7.33 76.62 18.47
CA LEU X 183 6.78 77.24 17.28
C LEU X 183 7.51 76.75 16.05
N TYR X 184 6.99 77.10 14.89
CA TYR X 184 7.52 76.64 13.61
C TYR X 184 8.13 77.80 12.83
N SER X 185 9.30 77.56 12.27
CA SER X 185 9.94 78.46 11.33
C SER X 185 9.85 77.86 9.94
N LEU X 186 9.62 78.70 8.94
CA LEU X 186 9.35 78.23 7.59
C LEU X 186 9.92 79.25 6.61
N SER X 187 11.03 78.92 5.98
CA SER X 187 11.62 79.81 5.00
C SER X 187 11.12 79.45 3.60
N SER X 188 11.06 80.46 2.73
CA SER X 188 10.67 80.25 1.34
C SER X 188 11.60 81.08 0.46
N VAL X 189 12.08 80.49 -0.63
CA VAL X 189 13.11 81.10 -1.47
C VAL X 189 12.77 80.90 -2.94
N VAL X 190 13.08 81.91 -3.76
CA VAL X 190 12.99 81.84 -5.21
C VAL X 190 14.31 82.34 -5.80
N THR X 191 14.74 81.69 -6.88
CA THR X 191 15.90 82.13 -7.64
C THR X 191 15.42 82.89 -8.87
N VAL X 192 16.05 84.04 -9.12
CA VAL X 192 15.57 85.05 -10.08
C VAL X 192 16.78 85.63 -10.79
N PRO X 193 16.67 85.96 -12.08
CA PRO X 193 17.77 86.66 -12.76
C PRO X 193 18.13 87.95 -12.05
N SER X 194 19.43 88.28 -12.08
CA SER X 194 19.91 89.47 -11.39
C SER X 194 19.46 90.74 -12.10
N SER X 195 19.17 90.65 -13.39
CA SER X 195 18.78 91.83 -14.15
C SER X 195 17.43 92.37 -13.68
N SER X 196 16.44 91.48 -13.53
CA SER X 196 15.09 91.89 -13.18
C SER X 196 14.97 92.39 -11.74
N LEU X 197 16.04 92.29 -10.95
CA LEU X 197 15.95 92.67 -9.51
C LEU X 197 15.30 94.06 -9.41
N GLY X 198 15.49 94.90 -10.42
CA GLY X 198 14.98 96.28 -10.34
C GLY X 198 13.86 96.52 -11.34
N THR X 199 13.77 95.67 -12.37
CA THR X 199 12.69 95.79 -13.37
C THR X 199 11.45 95.04 -12.86
N GLN X 200 11.51 94.52 -11.63
CA GLN X 200 10.39 93.71 -11.12
C GLN X 200 10.32 93.74 -9.58
N THR X 201 9.11 93.75 -9.01
CA THR X 201 8.93 93.67 -7.58
C THR X 201 8.42 92.28 -7.21
N TYR X 202 8.88 91.78 -6.06
CA TYR X 202 8.61 90.42 -5.64
C TYR X 202 7.93 90.43 -4.29
N ILE X 203 6.75 89.80 -4.21
CA ILE X 203 5.90 89.87 -3.03
C ILE X 203 5.50 88.45 -2.65
N CYS X 204 5.62 88.13 -1.37
CA CYS X 204 5.05 86.90 -0.82
C CYS X 204 3.67 87.17 -0.24
N ASN X 205 2.75 86.26 -0.52
CA ASN X 205 1.44 86.21 0.11
C ASN X 205 1.39 84.94 0.95
N VAL X 206 1.29 85.11 2.26
CA VAL X 206 1.33 84.01 3.21
C VAL X 206 -0.01 83.94 3.93
N ASN X 207 -0.66 82.78 3.88
CA ASN X 207 -2.00 82.59 4.43
C ASN X 207 -1.96 81.43 5.43
N HIS X 208 -1.57 81.75 6.65
CA HIS X 208 -1.64 80.80 7.75
C HIS X 208 -3.11 80.62 8.16
N LYS X 209 -3.70 79.46 7.83
CA LYS X 209 -5.15 79.34 7.92
C LYS X 209 -5.68 79.37 9.35
N PRO X 210 -5.19 78.56 10.30
CA PRO X 210 -5.83 78.56 11.63
C PRO X 210 -5.76 79.90 12.35
N SER X 211 -4.65 80.63 12.24
CA SER X 211 -4.62 81.98 12.77
C SER X 211 -5.41 82.96 11.92
N ASN X 212 -5.86 82.53 10.74
CA ASN X 212 -6.66 83.37 9.84
C ASN X 212 -5.93 84.66 9.49
N THR X 213 -4.65 84.54 9.19
CA THR X 213 -3.78 85.68 8.90
C THR X 213 -3.35 85.63 7.45
N LYS X 214 -3.30 86.80 6.80
CA LYS X 214 -2.96 86.90 5.39
C LYS X 214 -2.00 88.09 5.18
N VAL X 215 -0.84 88.03 5.82
CA VAL X 215 0.16 89.08 5.68
C VAL X 215 0.97 88.86 4.41
N ASP X 216 1.21 89.94 3.67
CA ASP X 216 1.96 89.91 2.43
C ASP X 216 3.11 90.90 2.54
N LYS X 217 4.30 90.51 2.07
CA LYS X 217 5.44 91.41 2.19
C LYS X 217 6.36 91.47 0.99
N ARG X 218 6.97 92.64 0.80
CA ARG X 218 7.97 92.89 -0.21
C ARG X 218 9.35 92.36 0.14
N VAL X 219 10.17 92.14 -0.89
CA VAL X 219 11.56 91.72 -0.72
C VAL X 219 12.39 92.59 -1.63
N GLU X 220 13.19 93.48 -1.06
CA GLU X 220 13.89 94.50 -1.80
C GLU X 220 15.40 94.42 -1.56
N PRO X 221 16.22 94.76 -2.57
CA PRO X 221 17.68 94.60 -2.48
C PRO X 221 18.34 95.52 -1.45
C1 NAG Y . -6.06 -46.83 15.61
C2 NAG Y . -4.58 -46.45 15.45
C3 NAG Y . -4.01 -47.10 14.18
C4 NAG Y . -4.29 -48.60 14.18
C5 NAG Y . -5.77 -48.85 14.39
C6 NAG Y . -6.14 -50.32 14.48
C7 NAG Y . -3.27 -44.38 15.64
C8 NAG Y . -3.30 -42.89 15.55
N2 NAG Y . -4.43 -45.01 15.39
O3 NAG Y . -2.61 -46.86 14.12
O4 NAG Y . -3.92 -49.17 12.92
O5 NAG Y . -6.20 -48.24 15.61
O6 NAG Y . -7.55 -50.50 14.39
O7 NAG Y . -2.25 -45.00 15.93
C1 NAG Y . -2.62 -49.79 12.93
C2 NAG Y . -2.70 -51.19 12.34
C3 NAG Y . -1.31 -51.82 12.18
C4 NAG Y . -0.37 -50.88 11.44
C5 NAG Y . -0.35 -49.52 12.13
C6 NAG Y . 0.49 -48.50 11.39
C7 NAG Y . -3.32 -52.44 14.37
C8 NAG Y . -4.34 -53.35 15.00
N2 NAG Y . -3.57 -52.07 13.12
O3 NAG Y . -1.41 -53.06 11.49
O4 NAG Y . 0.94 -51.43 11.40
O5 NAG Y . -1.69 -49.00 12.19
O6 NAG Y . 0.68 -47.33 12.17
O7 NAG Y . -2.33 -52.06 14.99
C1 NAG Z . -50.27 15.48 -37.33
C2 NAG Z . -48.79 15.22 -37.60
C3 NAG Z . -48.59 14.71 -39.02
C4 NAG Z . -49.54 13.54 -39.33
C5 NAG Z . -50.97 13.87 -38.91
C6 NAG Z . -51.89 12.67 -39.02
C7 NAG Z . -47.20 16.61 -36.33
C8 NAG Z . -46.46 17.91 -36.28
N2 NAG Z . -48.01 16.42 -37.39
O3 NAG Z . -47.24 14.28 -39.17
O4 NAG Z . -49.52 13.28 -40.72
O5 NAG Z . -51.01 14.30 -37.55
O6 NAG Z . -53.23 13.02 -38.70
O7 NAG Z . -47.10 15.76 -35.44
C1 NAG Z . -49.44 14.48 -41.52
C2 NAG Z . -48.72 14.14 -42.84
C3 NAG Z . -48.78 15.32 -43.83
C4 NAG Z . -50.18 15.90 -43.93
C5 NAG Z . -50.66 16.24 -42.53
C6 NAG Z . -52.03 16.86 -42.46
C7 NAG Z . -46.96 12.66 -41.96
C8 NAG Z . -45.48 12.45 -41.80
N2 NAG Z . -47.34 13.77 -42.60
O3 NAG Z . -48.36 14.88 -45.12
O4 NAG Z . -50.16 17.07 -44.74
O5 NAG Z . -50.71 15.02 -41.77
O6 NAG Z . -53.03 16.01 -43.03
O7 NAG Z . -47.77 11.86 -41.50
C1 BMA Z . -51.15 17.02 -45.81
C2 BMA Z . -50.40 16.95 -47.16
C3 BMA Z . -51.43 17.00 -48.29
C4 BMA Z . -52.54 15.93 -48.10
C5 BMA Z . -53.14 15.99 -46.67
C6 BMA Z . -54.14 14.88 -46.38
O2 BMA Z . -49.70 15.73 -47.30
O3 BMA Z . -50.83 16.83 -49.57
O4 BMA Z . -53.58 16.13 -49.04
O5 BMA Z . -52.05 15.90 -45.71
O6 BMA Z . -53.46 13.63 -46.46
C1 NAG AA . 37.51 -1.72 24.15
C2 NAG AA . 37.65 -1.06 25.52
C3 NAG AA . 37.53 0.46 25.38
C4 NAG AA . 38.49 0.98 24.32
C5 NAG AA . 38.36 0.20 23.02
C6 NAG AA . 39.41 0.56 21.99
C7 NAG AA . 36.97 -2.37 27.48
C8 NAG AA . 35.83 -2.80 28.34
N2 NAG AA . 36.66 -1.57 26.45
O3 NAG AA . 37.80 1.07 26.64
O4 NAG AA . 38.25 2.37 24.10
O5 NAG AA . 38.49 -1.21 23.27
O6 NAG AA . 40.72 0.47 22.53
O7 NAG AA . 38.12 -2.74 27.69
C1 NAG AA . 36.98 2.59 23.44
C2 NAG AA . 36.18 3.68 24.17
C3 NAG AA . 34.89 4.01 23.40
C4 NAG AA . 35.22 4.36 21.96
C5 NAG AA . 36.00 3.20 21.33
C6 NAG AA . 36.41 3.47 19.90
C7 NAG AA . 36.36 3.88 26.61
C8 NAG AA . 37.29 5.04 26.35
N2 NAG AA . 35.86 3.27 25.52
O3 NAG AA . 34.22 5.08 24.05
O4 NAG AA . 34.03 4.60 21.20
O5 NAG AA . 37.21 2.99 22.07
O6 NAG AA . 37.41 4.49 19.83
O7 NAG AA . 36.08 3.53 27.75
C1 BMA AA . 33.70 6.01 21.19
C2 BMA AA . 34.96 6.88 20.93
C3 BMA AA . 34.57 8.36 20.95
C4 BMA AA . 33.40 8.63 19.99
C5 BMA AA . 32.22 7.67 20.26
C6 BMA AA . 31.09 7.81 19.26
O2 BMA AA . 35.52 6.62 19.66
O3 BMA AA . 35.67 9.20 20.64
O4 BMA AA . 32.95 9.97 20.14
O5 BMA AA . 32.71 6.30 20.20
O6 BMA AA . 30.70 9.18 19.21
C1 NAG BA . -37.11 -4.81 28.71
C2 NAG BA . -36.05 -3.88 29.25
C3 NAG BA . -35.97 -2.64 28.34
C4 NAG BA . -36.72 -2.75 27.00
C5 NAG BA . -38.14 -3.31 27.15
C6 NAG BA . -38.45 -4.29 26.05
C7 NAG BA . -36.40 -4.25 31.69
C8 NAG BA . -36.76 -3.59 32.97
N2 NAG BA . -36.36 -3.45 30.61
O3 NAG BA . -34.61 -2.26 28.14
O4 NAG BA . -36.77 -1.41 26.53
O5 NAG BA . -38.27 -4.06 28.36
O6 NAG BA . -39.38 -3.73 25.13
O7 NAG BA . -36.27 -5.43 31.63
C1 NAG BA . -36.32 -1.22 25.14
C2 NAG BA . -35.23 -2.28 24.63
C3 NAG BA . -35.30 -2.57 23.10
C4 NAG BA . -36.68 -2.40 22.49
C5 NAG BA . -37.25 -1.12 23.04
C6 NAG BA . -38.61 -0.73 22.50
C7 NAG BA . -32.99 -2.47 25.72
C8 NAG BA . -31.70 -1.77 25.97
N2 NAG BA . -33.89 -1.79 24.99
O3 NAG BA . -34.87 -3.90 22.86
O4 NAG BA . -36.52 -2.31 21.08
O5 NAG BA . -37.47 -1.36 24.42
O6 NAG BA . -38.56 -0.24 21.18
O7 NAG BA . -33.22 -3.59 26.14
C1 BMA BA . -37.44 -3.14 20.33
C2 BMA BA . -36.94 -4.63 20.12
C3 BMA BA . -38.19 -5.59 19.99
C4 BMA BA . -39.43 -4.90 19.42
C5 BMA BA . -39.76 -3.56 20.14
C6 BMA BA . -41.06 -3.66 20.96
O2 BMA BA . -36.21 -5.06 21.31
O3 BMA BA . -38.50 -6.26 21.28
O4 BMA BA . -39.29 -4.75 17.96
O5 BMA BA . -38.73 -3.19 20.98
O6 BMA BA . -41.52 -5.02 20.96
C1 NAG CA . 13.77 7.77 23.71
C2 NAG CA . 15.29 8.00 23.84
C3 NAG CA . 15.74 9.13 22.92
C4 NAG CA . 15.28 8.88 21.49
C5 NAG CA . 13.77 8.63 21.45
C6 NAG CA . 13.25 8.26 20.08
C7 NAG CA . 16.88 8.03 25.73
C8 NAG CA . 17.05 8.39 27.18
N2 NAG CA . 15.66 8.28 25.21
O3 NAG CA . 17.16 9.22 22.95
O4 NAG CA . 15.57 10.00 20.65
O5 NAG CA . 13.43 7.54 22.33
O6 NAG CA . 13.81 7.03 19.63
O7 NAG CA . 17.79 7.57 25.06
C1 NAG CA . 16.77 9.82 19.86
C2 NAG CA . 16.58 10.44 18.47
C3 NAG CA . 17.87 10.35 17.65
C4 NAG CA . 19.08 10.86 18.42
C5 NAG CA . 19.13 10.27 19.83
C6 NAG CA . 20.19 10.90 20.71
C7 NAG CA . 15.42 8.57 17.32
C8 NAG CA . 14.19 8.17 16.59
N2 NAG CA . 15.46 9.84 17.75
O3 NAG CA . 17.74 11.09 16.44
O4 NAG CA . 20.23 10.39 17.73
O5 NAG CA . 17.88 10.45 20.51
O6 NAG CA . 20.29 10.26 21.98
O7 NAG CA . 16.34 7.77 17.53
C1 BMA CA . 21.19 11.38 17.31
C2 BMA CA . 21.10 11.53 15.78
C3 BMA CA . 22.23 12.44 15.31
C4 BMA CA . 22.20 13.80 16.05
C5 BMA CA . 22.04 13.64 17.61
C6 BMA CA . 21.74 14.93 18.30
O2 BMA CA . 19.90 12.21 15.43
O3 BMA CA . 22.20 12.65 13.89
O4 BMA CA . 23.38 14.55 15.76
O5 BMA CA . 20.98 12.69 17.94
O6 BMA CA . 21.29 14.62 19.58
C1 NAG DA . -1.26 57.49 -28.73
C2 NAG DA . -2.75 57.75 -28.66
C3 NAG DA . -3.02 59.11 -28.00
C4 NAG DA . -2.33 59.18 -26.64
C5 NAG DA . -0.85 58.82 -26.77
C6 NAG DA . -0.15 58.71 -25.44
C7 NAG DA . -4.25 56.80 -30.36
C8 NAG DA . -4.74 56.89 -31.78
N2 NAG DA . -3.34 57.71 -30.00
O3 NAG DA . -4.42 59.29 -27.86
O4 NAG DA . -2.45 60.47 -26.08
O5 NAG DA . -0.71 57.54 -27.41
O6 NAG DA . -0.82 57.83 -24.55
O7 NAG DA . -4.66 55.94 -29.59
C1 NAG DA . -3.23 60.41 -24.87
C2 NAG DA . -2.82 61.56 -23.94
C3 NAG DA . -3.71 61.59 -22.70
C4 NAG DA . -5.18 61.59 -23.09
C5 NAG DA . -5.47 60.42 -24.02
C6 NAG DA . -6.90 60.38 -24.51
C7 NAG DA . -0.70 62.42 -23.03
C8 NAG DA . 0.73 62.10 -22.68
N2 NAG DA . -1.42 61.42 -23.56
O3 NAG DA . -3.44 62.76 -21.94
O4 NAG DA . -6.00 61.47 -21.93
O5 NAG DA . -4.63 60.52 -25.18
O6 NAG DA . -7.80 60.17 -23.43
O7 NAG DA . -1.19 63.53 -22.82
C1 NAG EA . -23.70 58.48 -20.24
C2 NAG EA . -22.61 59.29 -20.92
C3 NAG EA . -21.29 59.14 -20.15
C4 NAG EA . -21.49 59.52 -18.69
C5 NAG EA . -22.67 58.74 -18.09
C6 NAG EA . -23.03 59.21 -16.70
C7 NAG EA . -22.03 57.72 -22.75
C8 NAG EA . -21.92 57.57 -24.23
N2 NAG EA . -22.44 58.92 -22.32
O3 NAG EA . -20.30 59.98 -20.75
O4 NAG EA . -20.31 59.17 -17.97
O5 NAG EA . -23.85 58.92 -18.89
O6 NAG EA . -22.94 60.62 -16.58
O7 NAG EA . -21.76 56.81 -21.98
C1 NAG EA . -19.54 60.33 -17.59
C2 NAG EA . -18.17 60.19 -18.23
C3 NAG EA . -17.27 61.35 -17.79
C4 NAG EA . -17.93 62.68 -18.14
C5 NAG EA . -19.36 62.74 -17.59
C6 NAG EA . -20.12 63.95 -18.09
C7 NAG EA . -17.43 58.32 -16.77
C8 NAG EA . -16.75 56.98 -16.77
N2 NAG EA . -17.54 58.90 -17.97
O3 NAG EA . -16.00 61.23 -18.44
O4 NAG EA . -17.18 63.76 -17.60
O5 NAG EA . -20.13 61.58 -17.98
O6 NAG EA . -19.70 65.13 -17.43
O7 NAG EA . -17.84 58.84 -15.74
C1 BMA EA . -16.32 64.38 -18.59
C2 BMA EA . -16.65 65.91 -18.69
C3 BMA EA . -15.63 66.62 -19.60
C4 BMA EA . -14.20 66.28 -19.20
C5 BMA EA . -14.01 64.76 -19.17
C6 BMA EA . -12.62 64.34 -18.71
O2 BMA EA . -16.59 66.53 -17.43
O3 BMA EA . -15.82 68.03 -19.60
O4 BMA EA . -13.28 66.85 -20.13
O5 BMA EA . -14.95 64.20 -18.24
O6 BMA EA . -11.65 64.81 -19.64
C1 NAG FA . -3.57 22.75 -6.54
C2 NAG FA . -2.78 24.01 -6.22
C3 NAG FA . -1.54 23.66 -5.40
C4 NAG FA . -1.92 22.85 -4.16
C5 NAG FA . -2.73 21.63 -4.58
C6 NAG FA . -3.23 20.81 -3.41
C7 NAG FA . -3.25 25.44 -8.15
C8 NAG FA . -2.68 26.07 -9.39
N2 NAG FA . -2.40 24.69 -7.43
O3 NAG FA . -0.87 24.85 -5.00
O4 NAG FA . -0.76 22.42 -3.46
O5 NAG FA . -3.89 22.05 -5.32
O6 NAG FA . -4.06 21.57 -2.56
O7 NAG FA . -4.42 25.59 -7.82
#